data_8VSV
#
_entry.id   8VSV
#
loop_
_entity.id
_entity.type
_entity.pdbx_description
1 polymer 'IgG EEEV-373 Heavy chain'
2 polymer 'IgG EEEV-373 Light chain.'
3 polymer 'Spike glycoprotein E1'
4 polymer 'E2 glycoprotein'
5 branched beta-D-mannopyranose-(1-4)-2-acetamido-2-deoxy-beta-D-glucopyranose-(1-4)-2-acetamido-2-deoxy-beta-D-glucopyranose
6 non-polymer 2-acetamido-2-deoxy-beta-D-glucopyranose
#
loop_
_entity_poly.entity_id
_entity_poly.type
_entity_poly.pdbx_seq_one_letter_code
_entity_poly.pdbx_strand_id
1 'polypeptide(L)'
;QVQLVESGGGVVQPGRSLRLSCAASGFTFSSHVMYWVRQAPGKGLEWVAVITYDGGNKYYADSVRGRLTISRDNSKNTLY
LQMNSLRAEDTAVYYCASPRGDSGSYYDIDYFDYWGQGTLVTVSSASTKGPSVFPLAPSSKSTSGGTAALGCLVKDYFPE
PVTVSWNSGALTSGVHTFPAVLQSSGLYSLSSVVTVPSSSLGTQTYICNVNHKPSNTKVDKKVEPKSC
;
1,3
2 'polypeptide(L)'
;DIQMTQSPSAMSASVGDRVTITCRASQGISNYLAWFQQKPGKVPKRLIYAASSLQSGVPSRFSGSGSGTEFTLTISSLQP
EDFATYYCLQHNTSPSPFGQGTKVEIKRTVAAPSVFIFPPSDEQLKSGTASVVCLLNNFYPREAKVQWKVDNALQSGNSQ
ESVTEQDSKDSTYSLSSTLTLSKADYEKHKLYACEVTHQGLSSPVTKSFNRGEC
;
2,4
3 'polypeptide(L)'
;YEHTAVMPNKVGIPYKALVERPGYAPVHLQIQLVNTRIIPSTNLEYITCKYKTKVPSPVVKCCGATQCTSKPHPDYQCQV
FTGVYPFMWGGAYCFCDTENTQMSEAYVERSEECSIDHAKAYKVHTGTVQAMVNITYGSVSWRSADVYVNGETPAKIGDA
KLIIGPLSSAWSPFDNKVVVYGHEVYNYDFPEYGTGKAGSFGDLQSRTSTSNDLYANTNLKLQRPQAGIVHTPFTQAPSG
FERWKRDKGAPLNDVAPFGCSIALEPLRAENCAVGSIPISIDIPDAAFTRISETPTVSDLECKITECTYASDFGGIATVA
YKSSKAGNCPIHSPSGVAVIKENDVTLAESGSFTFHFSTANIHPAFKLQVCTSAVTCKGDCKPPKDHIVDYPAQHTESFT
;
A,B,C,D,E,F
4 'polypeptide(L)'
;DLDTHFTQYKLARPYIADCPNCGHSRCDSPIAIEEVRGDAHAGVIRIQTSAMFGLKTDGVDLAYMSFMNGKTQKSIKIDN
LHVRTSAPCSLVSHHGYYILAQCPPGDTVTVGFHDGPNRHTCTVAHKVEFRPVGREKYRHPPEHGVELPCNRYTHKRADQ
GHYVEMHQPGLVADHSLLSIHSAKVKITVPSGAQVKYYCKCPDVREGITSSDHTTTCTDVKQCRAYLIDNKKWVYNSGRL
PRGEGDTFKGKLHVPFVPVKAKCIATLAPEPLVEHKHRTLILHLHPDHPTLLTTRSLGSDANPTRQWIERPTTVNFTVTG
EGLEYTWGNHPPKRVWAQ
;
a,b,c,d,e,f
#
loop_
_chem_comp.id
_chem_comp.type
_chem_comp.name
_chem_comp.formula
BMA D-saccharide, beta linking beta-D-mannopyranose 'C6 H12 O6'
NAG D-saccharide, beta linking 2-acetamido-2-deoxy-beta-D-glucopyranose 'C8 H15 N O6'
#
# COMPACT_ATOMS: atom_id res chain seq x y z
N GLN A 1 53.07 -49.50 -13.05
CA GLN A 1 54.17 -48.59 -12.68
C GLN A 1 53.74 -47.64 -11.57
N VAL A 2 54.58 -47.43 -10.56
CA VAL A 2 54.35 -46.43 -9.51
C VAL A 2 54.38 -45.01 -10.09
N GLN A 3 53.34 -44.23 -9.83
CA GLN A 3 53.26 -42.82 -10.19
C GLN A 3 52.79 -41.96 -9.00
N LEU A 4 53.35 -40.76 -8.93
CA LEU A 4 52.92 -39.68 -8.04
C LEU A 4 52.75 -38.41 -8.90
N VAL A 5 51.65 -37.68 -8.74
CA VAL A 5 51.30 -36.53 -9.59
C VAL A 5 50.85 -35.36 -8.72
N GLU A 6 51.72 -34.37 -8.55
CA GLU A 6 51.39 -33.16 -7.78
C GLU A 6 50.51 -32.19 -8.57
N SER A 7 49.65 -31.47 -7.86
CA SER A 7 48.76 -30.46 -8.42
C SER A 7 48.37 -29.42 -7.36
N GLY A 8 47.83 -28.28 -7.80
CA GLY A 8 47.44 -27.18 -6.92
C GLY A 8 48.51 -26.10 -6.70
N GLY A 9 49.73 -26.28 -7.22
CA GLY A 9 50.74 -25.21 -7.24
C GLY A 9 50.32 -24.03 -8.14
N GLY A 10 50.91 -22.86 -7.91
CA GLY A 10 50.59 -21.62 -8.61
C GLY A 10 51.12 -20.39 -7.90
N VAL A 11 50.64 -19.24 -8.34
CA VAL A 11 50.98 -17.95 -7.73
C VAL A 11 50.00 -17.64 -6.60
N VAL A 12 50.51 -17.30 -5.43
CA VAL A 12 49.73 -16.93 -4.26
C VAL A 12 50.34 -15.71 -3.59
N GLN A 13 49.51 -14.84 -3.05
CA GLN A 13 49.99 -13.67 -2.31
C GLN A 13 50.52 -14.07 -0.93
N PRO A 14 51.52 -13.34 -0.41
CA PRO A 14 51.96 -13.51 0.98
C PRO A 14 50.80 -13.42 1.97
N GLY A 15 50.84 -14.23 3.02
CA GLY A 15 49.79 -14.32 4.03
C GLY A 15 48.57 -15.15 3.63
N ARG A 16 48.39 -15.45 2.35
CA ARG A 16 47.30 -16.29 1.85
C ARG A 16 47.57 -17.78 2.12
N SER A 17 46.59 -18.57 1.76
CA SER A 17 46.63 -20.02 1.89
C SER A 17 46.57 -20.70 0.51
N LEU A 18 47.21 -21.84 0.40
CA LEU A 18 47.17 -22.70 -0.77
C LEU A 18 47.13 -24.16 -0.32
N ARG A 19 46.44 -25.04 -1.05
CA ARG A 19 46.41 -26.48 -0.78
C ARG A 19 47.02 -27.23 -1.96
N LEU A 20 48.14 -27.90 -1.73
CA LEU A 20 48.70 -28.85 -2.70
C LEU A 20 48.03 -30.20 -2.55
N SER A 21 47.92 -30.93 -3.66
CA SER A 21 47.48 -32.33 -3.71
C SER A 21 48.52 -33.18 -4.42
N CYS A 22 48.59 -34.47 -4.09
CA CYS A 22 49.38 -35.46 -4.81
C CYS A 22 48.59 -36.76 -4.96
N ALA A 23 48.13 -37.05 -6.18
CA ALA A 23 47.48 -38.31 -6.50
C ALA A 23 48.52 -39.42 -6.71
N ALA A 24 48.26 -40.60 -6.12
CA ALA A 24 49.15 -41.75 -6.16
C ALA A 24 48.50 -42.93 -6.91
N SER A 25 49.31 -43.70 -7.65
CA SER A 25 48.87 -44.91 -8.36
C SER A 25 50.01 -45.92 -8.55
N GLY A 26 49.65 -47.17 -8.82
CA GLY A 26 50.60 -48.27 -9.03
C GLY A 26 51.15 -48.93 -7.76
N PHE A 27 50.68 -48.52 -6.58
CA PHE A 27 51.03 -49.12 -5.29
C PHE A 27 49.89 -48.96 -4.28
N THR A 28 49.96 -49.69 -3.16
CA THR A 28 48.94 -49.66 -2.11
C THR A 28 49.12 -48.42 -1.21
N PHE A 29 48.68 -47.25 -1.69
CA PHE A 29 48.90 -45.95 -1.03
C PHE A 29 48.61 -45.96 0.47
N SER A 30 47.47 -46.55 0.87
CA SER A 30 46.99 -46.63 2.25
C SER A 30 47.89 -47.40 3.22
N SER A 31 48.93 -48.07 2.72
CA SER A 31 49.86 -48.87 3.53
C SER A 31 51.22 -48.20 3.75
N HIS A 32 51.53 -47.08 3.07
CA HIS A 32 52.87 -46.49 3.09
C HIS A 32 52.94 -45.05 3.58
N VAL A 33 54.07 -44.74 4.22
CA VAL A 33 54.46 -43.39 4.65
C VAL A 33 54.61 -42.48 3.43
N MET A 34 54.15 -41.23 3.56
CA MET A 34 54.25 -40.21 2.51
C MET A 34 54.96 -38.96 3.01
N TYR A 35 55.71 -38.31 2.14
CA TYR A 35 56.58 -37.19 2.47
C TYR A 35 56.43 -36.03 1.47
N TRP A 36 56.55 -34.80 1.97
CA TRP A 36 56.79 -33.61 1.14
C TRP A 36 58.24 -33.14 1.29
N VAL A 37 58.87 -32.84 0.16
CA VAL A 37 60.19 -32.21 0.05
C VAL A 37 60.04 -31.00 -0.87
N ARG A 38 60.67 -29.87 -0.55
CA ARG A 38 60.67 -28.70 -1.43
C ARG A 38 62.07 -28.32 -1.90
N GLN A 39 62.15 -27.61 -3.02
CA GLN A 39 63.40 -27.07 -3.54
C GLN A 39 63.17 -25.64 -4.04
N ALA A 40 63.69 -24.66 -3.31
CA ALA A 40 63.65 -23.29 -3.78
C ALA A 40 64.49 -23.14 -5.05
N PRO A 41 64.15 -22.20 -5.96
CA PRO A 41 64.88 -22.00 -7.20
C PRO A 41 66.39 -21.80 -6.94
N GLY A 42 67.20 -22.63 -7.58
CA GLY A 42 68.66 -22.59 -7.45
C GLY A 42 69.22 -23.00 -6.07
N LYS A 43 68.41 -23.54 -5.16
CA LYS A 43 68.84 -24.03 -3.83
C LYS A 43 68.87 -25.55 -3.74
N GLY A 44 69.42 -26.08 -2.64
CA GLY A 44 69.37 -27.50 -2.31
C GLY A 44 67.98 -27.98 -1.88
N LEU A 45 67.83 -29.30 -1.75
CA LEU A 45 66.60 -29.93 -1.24
C LEU A 45 66.34 -29.56 0.23
N GLU A 46 65.08 -29.33 0.58
CA GLU A 46 64.62 -29.13 1.97
C GLU A 46 63.49 -30.11 2.31
N TRP A 47 63.68 -30.92 3.34
CA TRP A 47 62.64 -31.81 3.85
C TRP A 47 61.54 -30.98 4.53
N VAL A 48 60.27 -31.16 4.13
CA VAL A 48 59.16 -30.32 4.64
C VAL A 48 58.40 -31.03 5.74
N ALA A 49 57.89 -32.22 5.44
CA ALA A 49 56.99 -32.96 6.32
C ALA A 49 56.90 -34.45 5.97
N VAL A 50 56.37 -35.23 6.91
CA VAL A 50 56.01 -36.65 6.76
C VAL A 50 54.67 -36.95 7.44
N ILE A 51 53.93 -37.91 6.88
CA ILE A 51 52.71 -38.46 7.46
C ILE A 51 52.70 -39.98 7.37
N THR A 52 52.26 -40.62 8.45
CA THR A 52 52.13 -42.08 8.58
C THR A 52 51.04 -42.65 7.67
N TYR A 53 51.04 -43.97 7.47
CA TYR A 53 50.06 -44.69 6.65
C TYR A 53 48.61 -44.40 7.08
N ASP A 54 48.37 -44.29 8.39
CA ASP A 54 47.05 -43.99 8.96
C ASP A 54 46.81 -42.50 9.22
N GLY A 55 47.82 -41.63 9.10
CA GLY A 55 47.64 -40.22 9.41
C GLY A 55 47.72 -39.86 10.88
N GLY A 56 47.97 -40.83 11.75
CA GLY A 56 47.94 -40.67 13.20
C GLY A 56 49.11 -39.88 13.76
N ASN A 57 50.27 -39.87 13.09
CA ASN A 57 51.39 -38.99 13.40
C ASN A 57 51.84 -38.19 12.17
N LYS A 58 52.28 -36.96 12.44
CA LYS A 58 52.63 -35.92 11.47
C LYS A 58 53.80 -35.13 12.00
N TYR A 59 54.83 -34.93 11.18
CA TYR A 59 56.03 -34.18 11.60
C TYR A 59 56.40 -33.16 10.53
N TYR A 60 57.07 -32.10 10.96
CA TYR A 60 57.31 -30.90 10.15
C TYR A 60 58.69 -30.31 10.43
N ALA A 61 59.33 -29.74 9.41
CA ALA A 61 60.52 -28.94 9.63
C ALA A 61 60.18 -27.69 10.45
N ASP A 62 61.10 -27.24 11.31
CA ASP A 62 60.86 -26.05 12.15
C ASP A 62 60.59 -24.79 11.32
N SER A 63 61.10 -24.72 10.08
CA SER A 63 60.83 -23.60 9.17
C SER A 63 59.37 -23.49 8.73
N VAL A 64 58.61 -24.59 8.83
CA VAL A 64 57.22 -24.66 8.35
C VAL A 64 56.21 -24.98 9.45
N ARG A 65 56.68 -25.38 10.64
CA ARG A 65 55.84 -25.78 11.77
C ARG A 65 54.84 -24.68 12.14
N GLY A 66 53.58 -25.05 12.32
CA GLY A 66 52.46 -24.14 12.61
C GLY A 66 51.85 -23.45 11.40
N ARG A 67 52.51 -23.46 10.23
CA ARG A 67 52.01 -22.84 9.00
C ARG A 67 51.57 -23.87 7.96
N LEU A 68 52.31 -24.97 7.86
CA LEU A 68 51.97 -26.06 6.94
C LEU A 68 51.34 -27.22 7.70
N THR A 69 50.37 -27.87 7.09
CA THR A 69 49.70 -29.05 7.64
C THR A 69 49.64 -30.15 6.59
N ILE A 70 50.30 -31.28 6.86
CA ILE A 70 50.22 -32.46 6.03
C ILE A 70 48.98 -33.26 6.42
N SER A 71 48.27 -33.79 5.44
CA SER A 71 47.13 -34.69 5.63
C SER A 71 47.04 -35.68 4.47
N ARG A 72 46.20 -36.70 4.59
CA ARG A 72 45.95 -37.68 3.53
C ARG A 72 44.51 -38.15 3.53
N ASP A 73 44.07 -38.65 2.39
CA ASP A 73 42.82 -39.38 2.23
C ASP A 73 43.12 -40.71 1.53
N ASN A 74 43.28 -41.75 2.35
CA ASN A 74 43.57 -43.11 1.89
C ASN A 74 42.48 -43.65 0.95
N SER A 75 41.24 -43.18 1.09
CA SER A 75 40.16 -43.63 0.19
C SER A 75 40.31 -43.07 -1.22
N LYS A 76 40.99 -41.93 -1.36
CA LYS A 76 41.23 -41.26 -2.65
C LYS A 76 42.67 -41.39 -3.13
N ASN A 77 43.51 -42.20 -2.47
CA ASN A 77 44.94 -42.33 -2.77
C ASN A 77 45.64 -40.96 -2.90
N THR A 78 45.24 -39.99 -2.07
CA THR A 78 45.66 -38.59 -2.22
C THR A 78 46.32 -38.05 -0.96
N LEU A 79 47.51 -37.47 -1.11
CA LEU A 79 48.23 -36.72 -0.09
C LEU A 79 47.95 -35.21 -0.23
N TYR A 80 47.87 -34.47 0.88
CA TYR A 80 47.65 -33.03 0.86
C TYR A 80 48.71 -32.29 1.70
N LEU A 81 49.00 -31.06 1.27
CA LEU A 81 49.74 -30.10 2.06
C LEU A 81 48.94 -28.81 2.10
N GLN A 82 48.29 -28.54 3.21
CA GLN A 82 47.65 -27.25 3.47
C GLN A 82 48.72 -26.27 3.93
N MET A 83 48.88 -25.20 3.18
CA MET A 83 49.84 -24.14 3.46
C MET A 83 49.07 -22.88 3.84
N ASN A 84 49.30 -22.37 5.05
CA ASN A 84 48.70 -21.15 5.55
C ASN A 84 49.80 -20.11 5.86
N SER A 85 49.44 -18.85 5.85
CA SER A 85 50.36 -17.75 6.17
C SER A 85 51.68 -17.85 5.36
N LEU A 86 51.53 -18.06 4.06
CA LEU A 86 52.65 -18.25 3.15
C LEU A 86 53.56 -17.01 3.12
N ARG A 87 54.85 -17.26 2.99
CA ARG A 87 55.92 -16.26 2.93
C ARG A 87 56.68 -16.39 1.62
N ALA A 88 57.41 -15.36 1.27
CA ALA A 88 58.24 -15.39 0.07
C ALA A 88 59.26 -16.55 0.10
N GLU A 89 59.75 -16.89 1.30
CA GLU A 89 60.68 -18.01 1.51
C GLU A 89 60.07 -19.38 1.19
N ASP A 90 58.75 -19.49 1.15
CA ASP A 90 58.06 -20.73 0.80
C ASP A 90 57.98 -20.95 -0.72
N THR A 91 58.47 -20.02 -1.52
CA THR A 91 58.56 -20.17 -2.97
C THR A 91 59.52 -21.31 -3.31
N ALA A 92 58.97 -22.40 -3.83
CA ALA A 92 59.71 -23.60 -4.15
C ALA A 92 58.92 -24.53 -5.08
N VAL A 93 59.62 -25.45 -5.73
CA VAL A 93 58.99 -26.64 -6.28
C VAL A 93 58.75 -27.61 -5.12
N TYR A 94 57.52 -28.06 -4.92
CA TYR A 94 57.15 -29.04 -3.89
C TYR A 94 56.99 -30.41 -4.57
N TYR A 95 57.74 -31.38 -4.09
CA TYR A 95 57.75 -32.77 -4.54
C TYR A 95 57.08 -33.66 -3.51
N CYS A 96 56.14 -34.47 -3.99
CA CYS A 96 55.54 -35.58 -3.26
C CYS A 96 56.41 -36.82 -3.43
N ALA A 97 56.72 -37.51 -2.34
CA ALA A 97 57.59 -38.69 -2.37
C ALA A 97 57.16 -39.74 -1.33
N SER A 98 57.61 -40.98 -1.51
CA SER A 98 57.40 -42.09 -0.60
C SER A 98 58.68 -42.93 -0.53
N PRO A 99 58.86 -43.76 0.50
CA PRO A 99 59.90 -44.76 0.53
C PRO A 99 59.60 -45.86 -0.52
N ARG A 100 60.46 -46.87 -0.59
CA ARG A 100 60.15 -48.10 -1.33
C ARG A 100 58.80 -48.66 -0.85
N GLY A 101 58.05 -49.29 -1.76
CA GLY A 101 56.66 -49.73 -1.52
C GLY A 101 56.51 -50.92 -0.56
N ASP A 102 56.97 -50.79 0.68
CA ASP A 102 56.83 -51.77 1.76
C ASP A 102 56.48 -51.07 3.09
N SER A 103 55.63 -51.69 3.91
CA SER A 103 54.83 -51.00 4.95
C SER A 103 55.42 -51.04 6.37
N GLY A 104 54.84 -50.24 7.25
CA GLY A 104 55.15 -50.16 8.68
C GLY A 104 54.21 -49.21 9.42
N SER A 105 54.16 -49.28 10.75
CA SER A 105 53.28 -48.45 11.58
C SER A 105 53.92 -47.09 11.93
N TYR A 106 55.04 -47.11 12.65
CA TYR A 106 55.83 -45.92 13.03
C TYR A 106 57.32 -46.19 12.90
N TYR A 107 57.69 -46.75 11.75
CA TYR A 107 59.04 -47.16 11.39
C TYR A 107 59.25 -46.99 9.87
N ASP A 108 60.45 -46.59 9.47
CA ASP A 108 60.88 -46.48 8.07
C ASP A 108 62.42 -46.45 8.02
N ILE A 109 63.02 -47.24 7.12
CA ILE A 109 64.45 -47.15 6.76
C ILE A 109 64.68 -47.14 5.24
N ASP A 110 63.62 -47.02 4.43
CA ASP A 110 63.75 -46.90 2.95
C ASP A 110 63.32 -45.49 2.53
N TYR A 111 63.82 -44.44 3.18
CA TYR A 111 63.35 -43.05 2.94
C TYR A 111 63.55 -42.53 1.51
N PHE A 112 62.48 -42.17 0.80
CA PHE A 112 62.55 -41.48 -0.54
C PHE A 112 63.06 -42.37 -1.69
N ASP A 113 62.24 -43.27 -2.23
CA ASP A 113 62.57 -44.01 -3.48
C ASP A 113 61.71 -43.56 -4.68
N TYR A 114 60.41 -43.34 -4.50
CA TYR A 114 59.43 -42.98 -5.53
C TYR A 114 58.96 -41.54 -5.31
N TRP A 115 58.93 -40.73 -6.36
CA TRP A 115 58.65 -39.29 -6.31
C TRP A 115 57.77 -38.83 -7.47
N GLY A 116 57.08 -37.71 -7.32
CA GLY A 116 56.41 -36.99 -8.42
C GLY A 116 57.31 -35.97 -9.13
N GLN A 117 56.81 -35.37 -10.21
CA GLN A 117 57.56 -34.40 -11.02
C GLN A 117 57.69 -33.01 -10.36
N GLY A 118 56.95 -32.77 -9.29
CA GLY A 118 56.94 -31.53 -8.52
C GLY A 118 55.99 -30.47 -9.05
N THR A 119 55.49 -29.60 -8.16
CA THR A 119 54.62 -28.47 -8.52
C THR A 119 55.18 -27.17 -7.93
N LEU A 120 55.24 -26.11 -8.74
CA LEU A 120 55.83 -24.83 -8.36
C LEU A 120 54.82 -23.99 -7.58
N VAL A 121 55.21 -23.56 -6.40
CA VAL A 121 54.49 -22.56 -5.60
C VAL A 121 55.31 -21.28 -5.60
N THR A 122 54.72 -20.20 -6.07
CA THR A 122 55.34 -18.88 -6.07
C THR A 122 54.57 -17.96 -5.13
N VAL A 123 55.19 -17.53 -4.06
CA VAL A 123 54.60 -16.61 -3.09
C VAL A 123 55.07 -15.20 -3.40
N SER A 124 54.19 -14.41 -4.00
CA SER A 124 54.49 -13.04 -4.41
C SER A 124 53.23 -12.18 -4.43
N SER A 125 53.39 -10.90 -4.14
CA SER A 125 52.33 -9.90 -4.29
C SER A 125 52.21 -9.37 -5.72
N ALA A 126 53.14 -9.73 -6.59
CA ALA A 126 53.12 -9.28 -7.98
C ALA A 126 51.93 -9.88 -8.74
N SER A 127 51.36 -9.08 -9.62
CA SER A 127 50.33 -9.52 -10.58
C SER A 127 50.98 -9.98 -11.89
N THR A 128 50.24 -10.76 -12.67
CA THR A 128 50.68 -11.15 -14.01
C THR A 128 50.97 -9.92 -14.86
N LYS A 129 52.19 -9.85 -15.38
CA LYS A 129 52.66 -8.74 -16.23
C LYS A 129 53.51 -9.30 -17.36
N GLY A 130 53.24 -8.85 -18.59
CA GLY A 130 54.07 -9.17 -19.73
C GLY A 130 55.41 -8.44 -19.70
N PRO A 131 56.47 -9.01 -20.27
CA PRO A 131 57.79 -8.38 -20.31
C PRO A 131 57.84 -7.17 -21.24
N SER A 132 58.72 -6.26 -20.90
CA SER A 132 59.25 -5.29 -21.85
C SER A 132 60.53 -5.87 -22.46
N VAL A 133 60.64 -5.87 -23.76
CA VAL A 133 61.81 -6.42 -24.47
C VAL A 133 62.62 -5.29 -25.08
N PHE A 134 63.85 -5.14 -24.65
CA PHE A 134 64.79 -4.12 -25.11
C PHE A 134 65.97 -4.76 -25.84
N PRO A 135 66.44 -4.15 -26.93
CA PRO A 135 67.61 -4.67 -27.64
C PRO A 135 68.90 -4.41 -26.84
N LEU A 136 69.78 -5.40 -26.81
CA LEU A 136 71.19 -5.26 -26.46
C LEU A 136 71.96 -5.15 -27.77
N ALA A 137 72.10 -3.93 -28.26
CA ALA A 137 72.64 -3.68 -29.58
C ALA A 137 74.14 -4.02 -29.67
N PRO A 138 74.57 -4.70 -30.74
CA PRO A 138 75.99 -4.90 -30.96
C PRO A 138 76.68 -3.56 -31.25
N SER A 139 77.88 -3.42 -30.72
CA SER A 139 78.68 -2.22 -30.90
C SER A 139 80.16 -2.57 -30.92
N SER A 140 81.01 -1.59 -31.19
CA SER A 140 82.45 -1.75 -31.04
C SER A 140 82.88 -2.18 -29.63
N LYS A 141 82.09 -1.84 -28.63
CA LYS A 141 82.30 -2.23 -27.23
C LYS A 141 81.83 -3.65 -26.91
N SER A 142 80.99 -4.23 -27.75
CA SER A 142 80.54 -5.61 -27.68
C SER A 142 81.17 -6.49 -28.76
N THR A 143 82.31 -6.11 -29.27
CA THR A 143 83.08 -6.88 -30.26
C THR A 143 84.44 -7.27 -29.69
N SER A 144 84.82 -8.54 -29.88
CA SER A 144 86.09 -9.09 -29.46
C SER A 144 86.57 -10.14 -30.46
N GLY A 145 87.79 -9.98 -31.00
CA GLY A 145 88.41 -10.98 -31.87
C GLY A 145 87.59 -11.38 -33.10
N GLY A 146 86.88 -10.46 -33.73
CA GLY A 146 86.03 -10.74 -34.89
C GLY A 146 84.65 -11.31 -34.56
N THR A 147 84.35 -11.48 -33.30
CA THR A 147 83.05 -11.90 -32.79
C THR A 147 82.33 -10.73 -32.14
N ALA A 148 81.09 -10.52 -32.50
CA ALA A 148 80.21 -9.56 -31.86
C ALA A 148 79.21 -10.27 -30.97
N ALA A 149 78.87 -9.67 -29.86
CA ALA A 149 77.76 -10.08 -29.03
C ALA A 149 76.58 -9.12 -29.19
N LEU A 150 75.39 -9.69 -29.26
CA LEU A 150 74.12 -8.96 -29.24
C LEU A 150 73.11 -9.75 -28.42
N GLY A 151 72.01 -9.12 -28.04
CA GLY A 151 71.02 -9.78 -27.20
C GLY A 151 69.71 -9.05 -27.07
N CYS A 152 68.86 -9.58 -26.23
CA CYS A 152 67.62 -8.97 -25.79
C CYS A 152 67.54 -9.02 -24.26
N LEU A 153 67.22 -7.88 -23.66
CA LEU A 153 66.86 -7.78 -22.25
C LEU A 153 65.34 -7.93 -22.12
N VAL A 154 64.90 -8.98 -21.43
CA VAL A 154 63.50 -9.28 -21.17
C VAL A 154 63.20 -8.89 -19.73
N LYS A 155 62.61 -7.72 -19.53
CA LYS A 155 62.54 -7.06 -18.23
C LYS A 155 61.11 -6.92 -17.71
N ASP A 156 60.96 -7.01 -16.40
CA ASP A 156 59.76 -6.69 -15.65
C ASP A 156 58.53 -7.55 -16.03
N TYR A 157 58.66 -8.87 -15.93
CA TYR A 157 57.57 -9.80 -16.14
C TYR A 157 57.27 -10.64 -14.89
N PHE A 158 56.05 -11.15 -14.82
CA PHE A 158 55.63 -12.05 -13.77
C PHE A 158 54.40 -12.86 -14.22
N PRO A 159 54.27 -14.15 -13.84
CA PRO A 159 55.28 -14.99 -13.22
C PRO A 159 56.29 -15.53 -14.24
N GLU A 160 57.21 -16.35 -13.79
CA GLU A 160 57.95 -17.26 -14.68
C GLU A 160 57.00 -18.28 -15.35
N PRO A 161 57.34 -18.86 -16.50
CA PRO A 161 58.55 -18.64 -17.30
C PRO A 161 58.32 -17.75 -18.52
N VAL A 162 59.41 -17.20 -19.06
CA VAL A 162 59.49 -16.75 -20.46
C VAL A 162 60.33 -17.72 -21.28
N THR A 163 60.03 -17.79 -22.57
CA THR A 163 60.89 -18.48 -23.53
C THR A 163 61.46 -17.49 -24.52
N VAL A 164 62.73 -17.62 -24.83
CA VAL A 164 63.41 -16.78 -25.82
C VAL A 164 64.03 -17.69 -26.88
N SER A 165 63.75 -17.40 -28.15
CA SER A 165 64.44 -17.99 -29.29
C SER A 165 65.03 -16.90 -30.17
N TRP A 166 65.93 -17.25 -31.06
CA TRP A 166 66.54 -16.34 -32.02
C TRP A 166 66.23 -16.78 -33.44
N ASN A 167 65.83 -15.84 -34.29
CA ASN A 167 65.42 -16.07 -35.68
C ASN A 167 64.44 -17.25 -35.81
N SER A 168 63.40 -17.23 -34.98
CA SER A 168 62.38 -18.27 -34.91
C SER A 168 62.93 -19.69 -34.65
N GLY A 169 64.06 -19.79 -33.92
CA GLY A 169 64.74 -21.05 -33.60
C GLY A 169 65.82 -21.47 -34.60
N ALA A 170 66.00 -20.73 -35.70
CA ALA A 170 67.04 -21.03 -36.69
C ALA A 170 68.46 -20.75 -36.15
N LEU A 171 68.61 -19.79 -35.25
CA LEU A 171 69.87 -19.48 -34.58
C LEU A 171 69.89 -20.10 -33.18
N THR A 172 70.75 -21.09 -32.99
CA THR A 172 70.93 -21.79 -31.71
C THR A 172 72.38 -21.81 -31.25
N SER A 173 73.33 -21.77 -32.16
CA SER A 173 74.76 -21.76 -31.84
C SER A 173 75.16 -20.43 -31.19
N GLY A 174 75.89 -20.51 -30.07
CA GLY A 174 76.36 -19.33 -29.35
C GLY A 174 75.28 -18.57 -28.57
N VAL A 175 74.08 -19.10 -28.48
CA VAL A 175 72.98 -18.50 -27.71
C VAL A 175 73.12 -18.88 -26.24
N HIS A 176 73.07 -17.90 -25.36
CA HIS A 176 72.95 -18.07 -23.91
C HIS A 176 71.73 -17.29 -23.42
N THR A 177 70.69 -18.00 -22.99
CA THR A 177 69.57 -17.41 -22.26
C THR A 177 69.82 -17.63 -20.78
N PHE A 178 70.05 -16.55 -20.06
CA PHE A 178 70.37 -16.61 -18.65
C PHE A 178 69.15 -16.97 -17.80
N PRO A 179 69.33 -17.63 -16.66
CA PRO A 179 68.30 -17.76 -15.65
C PRO A 179 67.75 -16.39 -15.25
N ALA A 180 66.45 -16.31 -15.05
CA ALA A 180 65.82 -15.07 -14.59
C ALA A 180 66.28 -14.70 -13.19
N VAL A 181 66.43 -13.39 -12.95
CA VAL A 181 66.64 -12.83 -11.61
C VAL A 181 65.35 -12.19 -11.13
N LEU A 182 65.03 -12.39 -9.85
CA LEU A 182 63.94 -11.69 -9.21
C LEU A 182 64.44 -10.33 -8.73
N GLN A 183 63.89 -9.27 -9.32
CA GLN A 183 64.23 -7.90 -8.95
C GLN A 183 63.55 -7.50 -7.63
N SER A 184 64.03 -6.45 -6.99
CA SER A 184 63.43 -5.90 -5.77
C SER A 184 61.97 -5.44 -5.94
N SER A 185 61.55 -5.18 -7.18
CA SER A 185 60.16 -4.89 -7.54
C SER A 185 59.23 -6.11 -7.44
N GLY A 186 59.77 -7.33 -7.27
CA GLY A 186 59.01 -8.58 -7.34
C GLY A 186 58.76 -9.09 -8.76
N LEU A 187 59.30 -8.40 -9.77
CA LEU A 187 59.22 -8.80 -11.17
C LEU A 187 60.52 -9.48 -11.61
N TYR A 188 60.40 -10.43 -12.52
CA TYR A 188 61.56 -11.11 -13.08
C TYR A 188 62.19 -10.32 -14.22
N SER A 189 63.47 -10.53 -14.41
CA SER A 189 64.23 -10.03 -15.56
C SER A 189 65.26 -11.05 -16.00
N LEU A 190 65.41 -11.23 -17.29
CA LEU A 190 66.49 -12.04 -17.85
C LEU A 190 67.06 -11.40 -19.11
N SER A 191 68.26 -11.81 -19.48
CA SER A 191 68.84 -11.51 -20.78
C SER A 191 69.04 -12.78 -21.58
N SER A 192 68.86 -12.68 -22.89
CA SER A 192 69.32 -13.69 -23.83
C SER A 192 70.34 -13.03 -24.75
N VAL A 193 71.49 -13.64 -24.90
CA VAL A 193 72.58 -13.12 -25.73
C VAL A 193 73.00 -14.16 -26.75
N VAL A 194 73.58 -13.70 -27.84
CA VAL A 194 74.18 -14.55 -28.87
C VAL A 194 75.46 -13.91 -29.38
N THR A 195 76.46 -14.74 -29.60
CA THR A 195 77.69 -14.33 -30.27
C THR A 195 77.63 -14.71 -31.74
N VAL A 196 77.96 -13.76 -32.59
CA VAL A 196 77.90 -13.90 -34.06
C VAL A 196 79.17 -13.30 -34.68
N PRO A 197 79.54 -13.70 -35.90
CA PRO A 197 80.65 -13.06 -36.61
C PRO A 197 80.37 -11.57 -36.81
N SER A 198 81.32 -10.70 -36.49
CA SER A 198 81.17 -9.24 -36.67
C SER A 198 80.85 -8.87 -38.12
N SER A 199 81.38 -9.62 -39.10
CA SER A 199 81.12 -9.44 -40.53
C SER A 199 79.66 -9.66 -40.93
N SER A 200 78.88 -10.40 -40.13
CA SER A 200 77.47 -10.69 -40.42
C SER A 200 76.51 -9.57 -40.01
N LEU A 201 76.95 -8.61 -39.20
CA LEU A 201 76.07 -7.58 -38.63
C LEU A 201 75.39 -6.69 -39.68
N GLY A 202 76.01 -6.50 -40.81
CA GLY A 202 75.45 -5.70 -41.91
C GLY A 202 74.54 -6.47 -42.87
N THR A 203 74.57 -7.79 -42.85
CA THR A 203 73.90 -8.64 -43.85
C THR A 203 72.84 -9.56 -43.24
N GLN A 204 73.07 -10.08 -42.03
CA GLN A 204 72.15 -10.97 -41.35
C GLN A 204 71.24 -10.20 -40.39
N THR A 205 69.95 -10.47 -40.46
CA THR A 205 68.99 -9.94 -39.48
C THR A 205 68.94 -10.84 -38.26
N TYR A 206 68.98 -10.24 -37.08
CA TYR A 206 68.84 -10.95 -35.81
C TYR A 206 67.57 -10.49 -35.09
N ILE A 207 66.68 -11.43 -34.80
CA ILE A 207 65.41 -11.19 -34.14
C ILE A 207 65.33 -12.13 -32.93
N CYS A 208 65.11 -11.59 -31.75
CA CYS A 208 64.75 -12.40 -30.59
C CYS A 208 63.23 -12.55 -30.51
N ASN A 209 62.75 -13.79 -30.36
CA ASN A 209 61.34 -14.11 -30.21
C ASN A 209 61.08 -14.41 -28.73
N VAL A 210 60.39 -13.52 -28.06
CA VAL A 210 60.08 -13.65 -26.64
C VAL A 210 58.61 -14.06 -26.50
N ASN A 211 58.34 -15.12 -25.73
CA ASN A 211 56.99 -15.58 -25.46
C ASN A 211 56.78 -15.75 -23.96
N HIS A 212 55.82 -15.00 -23.42
CA HIS A 212 55.38 -15.09 -22.02
C HIS A 212 53.94 -15.60 -21.98
N LYS A 213 53.77 -16.91 -21.93
CA LYS A 213 52.45 -17.55 -21.94
C LYS A 213 51.49 -17.05 -20.84
N PRO A 214 51.92 -16.81 -19.59
CA PRO A 214 51.01 -16.36 -18.54
C PRO A 214 50.28 -15.05 -18.82
N SER A 215 50.89 -14.15 -19.56
CA SER A 215 50.29 -12.88 -19.99
C SER A 215 49.85 -12.87 -21.46
N ASN A 216 49.94 -13.99 -22.16
CA ASN A 216 49.71 -14.10 -23.61
C ASN A 216 50.54 -13.11 -24.45
N THR A 217 51.72 -12.73 -23.98
CA THR A 217 52.58 -11.75 -24.65
C THR A 217 53.58 -12.47 -25.55
N LYS A 218 53.58 -12.11 -26.84
CA LYS A 218 54.62 -12.47 -27.80
C LYS A 218 55.23 -11.21 -28.37
N VAL A 219 56.55 -11.12 -28.36
CA VAL A 219 57.29 -9.98 -28.89
C VAL A 219 58.43 -10.49 -29.75
N ASP A 220 58.49 -10.03 -30.99
CA ASP A 220 59.63 -10.23 -31.87
C ASP A 220 60.40 -8.91 -31.95
N LYS A 221 61.62 -8.89 -31.44
CA LYS A 221 62.45 -7.68 -31.39
C LYS A 221 63.65 -7.84 -32.30
N LYS A 222 63.74 -6.99 -33.33
CA LYS A 222 64.91 -6.89 -34.18
C LYS A 222 66.03 -6.18 -33.42
N VAL A 223 67.22 -6.76 -33.43
CA VAL A 223 68.41 -6.22 -32.78
C VAL A 223 69.39 -5.79 -33.86
N GLU A 224 69.60 -4.48 -33.96
CA GLU A 224 70.47 -3.87 -34.97
C GLU A 224 71.58 -3.07 -34.28
N PRO A 225 72.72 -2.88 -34.94
CA PRO A 225 73.74 -1.95 -34.48
C PRO A 225 73.12 -0.56 -34.30
N LYS A 226 73.51 0.13 -33.24
CA LYS A 226 73.04 1.49 -33.03
C LYS A 226 73.64 2.37 -34.12
N SER A 227 72.80 2.99 -34.95
CA SER A 227 73.25 4.01 -35.90
C SER A 227 73.73 5.22 -35.11
N CYS A 228 74.95 5.63 -35.35
CA CYS A 228 75.48 6.90 -34.91
C CYS A 228 74.98 8.03 -35.80
N ASP B 1 67.96 -29.41 16.52
CA ASP B 1 67.73 -30.41 15.44
C ASP B 1 69.04 -30.98 14.92
N ILE B 2 69.00 -32.11 14.22
CA ILE B 2 70.16 -32.57 13.43
C ILE B 2 70.38 -31.59 12.25
N GLN B 3 71.63 -31.34 11.90
CA GLN B 3 72.09 -30.64 10.70
C GLN B 3 73.06 -31.56 9.95
N MET B 4 72.97 -31.57 8.63
CA MET B 4 73.87 -32.34 7.76
C MET B 4 74.80 -31.38 7.03
N THR B 5 76.11 -31.56 7.17
CA THR B 5 77.12 -30.71 6.53
C THR B 5 77.85 -31.49 5.44
N GLN B 6 77.78 -31.04 4.19
CA GLN B 6 78.51 -31.65 3.08
C GLN B 6 79.78 -30.88 2.75
N SER B 7 80.87 -31.61 2.48
CA SER B 7 82.12 -31.07 1.98
C SER B 7 82.67 -31.90 0.81
N PRO B 8 83.08 -31.25 -0.30
CA PRO B 8 82.96 -29.81 -0.57
C PRO B 8 81.55 -29.39 -1.01
N SER B 9 81.25 -28.08 -1.09
CA SER B 9 80.00 -27.57 -1.66
C SER B 9 79.93 -27.70 -3.18
N ALA B 10 81.09 -27.61 -3.82
CA ALA B 10 81.28 -27.85 -5.23
C ALA B 10 82.67 -28.43 -5.48
N MET B 11 82.81 -29.21 -6.52
CA MET B 11 84.10 -29.74 -6.96
C MET B 11 84.14 -29.94 -8.48
N SER B 12 85.32 -29.80 -9.03
CA SER B 12 85.59 -30.04 -10.44
C SER B 12 86.36 -31.34 -10.59
N ALA B 13 85.90 -32.23 -11.47
CA ALA B 13 86.54 -33.50 -11.73
C ALA B 13 86.48 -33.86 -13.22
N SER B 14 87.41 -34.71 -13.65
CA SER B 14 87.46 -35.23 -15.02
C SER B 14 86.79 -36.60 -15.10
N VAL B 15 86.37 -36.98 -16.29
CA VAL B 15 85.92 -38.36 -16.53
C VAL B 15 87.05 -39.33 -16.20
N GLY B 16 86.72 -40.39 -15.46
CA GLY B 16 87.67 -41.38 -14.96
C GLY B 16 88.20 -41.07 -13.55
N ASP B 17 88.05 -39.85 -13.05
CA ASP B 17 88.53 -39.48 -11.73
C ASP B 17 87.76 -40.22 -10.62
N ARG B 18 88.45 -40.44 -9.51
CA ARG B 18 87.82 -40.87 -8.27
C ARG B 18 87.33 -39.65 -7.51
N VAL B 19 86.03 -39.57 -7.29
CA VAL B 19 85.38 -38.49 -6.56
C VAL B 19 84.99 -38.98 -5.17
N THR B 20 85.29 -38.19 -4.13
CA THR B 20 84.97 -38.50 -2.73
C THR B 20 84.21 -37.34 -2.11
N ILE B 21 82.94 -37.54 -1.75
CA ILE B 21 82.08 -36.52 -1.13
C ILE B 21 81.82 -36.91 0.33
N THR B 22 82.08 -35.99 1.26
CA THR B 22 81.91 -36.24 2.70
C THR B 22 80.67 -35.55 3.23
N CYS B 23 79.93 -36.24 4.10
CA CYS B 23 78.77 -35.71 4.80
C CYS B 23 78.96 -35.96 6.30
N ARG B 24 78.73 -34.92 7.12
CA ARG B 24 78.86 -34.96 8.57
C ARG B 24 77.54 -34.60 9.25
N ALA B 25 77.02 -35.48 10.09
CA ALA B 25 75.86 -35.20 10.93
C ALA B 25 76.27 -34.46 12.21
N SER B 26 75.48 -33.49 12.67
CA SER B 26 75.74 -32.79 13.93
C SER B 26 75.55 -33.66 15.19
N GLN B 27 74.84 -34.79 15.01
CA GLN B 27 74.65 -35.77 16.12
C GLN B 27 74.68 -37.19 15.51
N GLY B 28 74.99 -38.23 16.29
CA GLY B 28 75.09 -39.60 15.77
C GLY B 28 73.78 -40.06 15.11
N ILE B 29 73.87 -40.69 13.94
CA ILE B 29 72.72 -41.22 13.17
C ILE B 29 72.91 -42.71 12.79
N SER B 30 73.80 -43.40 13.52
CA SER B 30 74.21 -44.80 13.34
C SER B 30 74.62 -45.13 11.91
N ASN B 31 73.76 -45.77 11.11
CA ASN B 31 73.96 -45.93 9.67
C ASN B 31 72.68 -45.62 8.85
N TYR B 32 71.68 -45.00 9.46
CA TYR B 32 70.41 -44.67 8.80
C TYR B 32 70.57 -43.38 8.00
N LEU B 33 71.30 -43.49 6.87
CA LEU B 33 71.64 -42.43 5.93
C LEU B 33 71.58 -42.93 4.48
N ALA B 34 71.24 -42.03 3.56
CA ALA B 34 71.11 -42.30 2.14
C ALA B 34 71.71 -41.17 1.27
N TRP B 35 72.04 -41.49 0.02
CA TRP B 35 72.63 -40.57 -0.95
C TRP B 35 71.79 -40.46 -2.23
N PHE B 36 71.64 -39.25 -2.74
CA PHE B 36 70.76 -38.92 -3.87
C PHE B 36 71.50 -38.12 -4.95
N GLN B 37 71.36 -38.50 -6.21
CA GLN B 37 71.85 -37.73 -7.36
C GLN B 37 70.71 -36.94 -7.99
N GLN B 38 70.89 -35.63 -8.20
CA GLN B 38 69.96 -34.79 -8.94
C GLN B 38 70.66 -34.13 -10.13
N LYS B 39 70.19 -34.38 -11.36
CA LYS B 39 70.61 -33.67 -12.57
C LYS B 39 69.77 -32.38 -12.76
N PRO B 40 70.31 -31.33 -13.40
CA PRO B 40 69.57 -30.08 -13.61
C PRO B 40 68.17 -30.27 -14.20
N GLY B 41 67.16 -29.68 -13.54
CA GLY B 41 65.75 -29.78 -13.92
C GLY B 41 65.05 -31.12 -13.60
N LYS B 42 65.77 -32.17 -13.17
CA LYS B 42 65.21 -33.49 -12.86
C LYS B 42 64.87 -33.68 -11.38
N VAL B 43 64.05 -34.68 -11.10
CA VAL B 43 63.82 -35.20 -9.73
C VAL B 43 65.10 -35.85 -9.19
N PRO B 44 65.36 -35.81 -7.88
CA PRO B 44 66.41 -36.61 -7.26
C PRO B 44 66.20 -38.12 -7.50
N LYS B 45 67.29 -38.88 -7.59
CA LYS B 45 67.30 -40.35 -7.66
C LYS B 45 68.20 -40.92 -6.55
N ARG B 46 67.71 -41.87 -5.75
CA ARG B 46 68.50 -42.47 -4.67
C ARG B 46 69.57 -43.42 -5.23
N LEU B 47 70.81 -43.29 -4.75
CA LEU B 47 71.93 -44.16 -5.15
C LEU B 47 72.32 -45.18 -4.08
N ILE B 48 72.31 -44.80 -2.81
CA ILE B 48 72.76 -45.64 -1.68
C ILE B 48 71.82 -45.43 -0.50
N TYR B 49 71.61 -46.47 0.32
CA TYR B 49 70.90 -46.41 1.59
C TYR B 49 71.64 -47.22 2.67
N ALA B 50 71.22 -47.10 3.94
CA ALA B 50 71.87 -47.73 5.09
C ALA B 50 73.39 -47.43 5.22
N ALA B 51 73.83 -46.27 4.68
CA ALA B 51 75.22 -45.83 4.53
C ALA B 51 76.17 -46.71 3.68
N SER B 52 75.69 -47.81 3.07
CA SER B 52 76.53 -48.64 2.17
C SER B 52 75.76 -49.56 1.22
N SER B 53 74.46 -49.78 1.40
CA SER B 53 73.64 -50.60 0.50
C SER B 53 73.42 -49.86 -0.82
N LEU B 54 74.05 -50.33 -1.89
CA LEU B 54 73.88 -49.80 -3.24
C LEU B 54 72.45 -50.07 -3.73
N GLN B 55 71.76 -49.04 -4.22
CA GLN B 55 70.39 -49.16 -4.74
C GLN B 55 70.34 -50.12 -5.93
N SER B 56 69.30 -50.96 -6.02
CA SER B 56 69.14 -51.89 -7.13
C SER B 56 69.05 -51.14 -8.48
N GLY B 57 69.81 -51.58 -9.48
CA GLY B 57 69.93 -50.92 -10.79
C GLY B 57 70.93 -49.77 -10.87
N VAL B 58 71.51 -49.31 -9.75
CA VAL B 58 72.54 -48.25 -9.77
C VAL B 58 73.92 -48.84 -10.08
N PRO B 59 74.75 -48.19 -10.91
CA PRO B 59 76.08 -48.69 -11.29
C PRO B 59 77.01 -49.03 -10.12
N SER B 60 77.76 -50.13 -10.25
CA SER B 60 78.71 -50.62 -9.24
C SER B 60 79.87 -49.66 -8.92
N ARG B 61 80.09 -48.64 -9.75
CA ARG B 61 81.09 -47.58 -9.50
C ARG B 61 80.77 -46.69 -8.29
N PHE B 62 79.51 -46.63 -7.86
CA PHE B 62 79.10 -45.93 -6.65
C PHE B 62 79.31 -46.81 -5.40
N SER B 63 79.84 -46.22 -4.33
CA SER B 63 80.11 -46.91 -3.06
C SER B 63 80.00 -45.94 -1.88
N GLY B 64 79.69 -46.46 -0.69
CA GLY B 64 79.45 -45.65 0.52
C GLY B 64 80.20 -46.19 1.73
N SER B 65 80.58 -45.29 2.64
CA SER B 65 81.35 -45.63 3.85
C SER B 65 81.08 -44.69 5.02
N GLY B 66 81.38 -45.15 6.24
CA GLY B 66 81.21 -44.39 7.49
C GLY B 66 80.09 -44.89 8.41
N SER B 67 80.04 -44.37 9.62
CA SER B 67 79.03 -44.65 10.66
C SER B 67 79.03 -43.55 11.74
N GLY B 68 77.98 -43.46 12.56
CA GLY B 68 77.92 -42.48 13.65
C GLY B 68 77.67 -41.06 13.14
N THR B 69 78.72 -40.26 12.98
CA THR B 69 78.63 -38.85 12.55
C THR B 69 79.26 -38.56 11.18
N GLU B 70 80.17 -39.38 10.66
CA GLU B 70 80.92 -39.09 9.42
C GLU B 70 80.72 -40.16 8.35
N PHE B 71 80.30 -39.72 7.17
CA PHE B 71 79.83 -40.55 6.07
C PHE B 71 80.39 -40.07 4.74
N THR B 72 80.40 -40.94 3.74
CA THR B 72 81.00 -40.64 2.43
C THR B 72 80.28 -41.33 1.28
N LEU B 73 80.23 -40.66 0.14
CA LEU B 73 79.96 -41.24 -1.18
C LEU B 73 81.25 -41.23 -2.00
N THR B 74 81.67 -42.40 -2.49
CA THR B 74 82.83 -42.54 -3.38
C THR B 74 82.38 -43.04 -4.75
N ILE B 75 82.65 -42.25 -5.79
CA ILE B 75 82.50 -42.67 -7.19
C ILE B 75 83.90 -43.08 -7.63
N SER B 76 84.09 -44.36 -7.95
CA SER B 76 85.39 -44.95 -8.22
C SER B 76 86.00 -44.49 -9.55
N SER B 77 85.17 -44.28 -10.57
CA SER B 77 85.55 -43.77 -11.88
C SER B 77 84.38 -42.95 -12.43
N LEU B 78 84.51 -41.63 -12.38
CA LEU B 78 83.46 -40.69 -12.75
C LEU B 78 83.10 -40.77 -14.24
N GLN B 79 81.85 -41.02 -14.56
CA GLN B 79 81.34 -41.10 -15.93
C GLN B 79 80.68 -39.78 -16.34
N PRO B 80 80.53 -39.50 -17.65
CA PRO B 80 79.88 -38.30 -18.16
C PRO B 80 78.44 -38.07 -17.65
N GLU B 81 77.68 -39.14 -17.38
CA GLU B 81 76.33 -39.01 -16.81
C GLU B 81 76.34 -38.69 -15.29
N ASP B 82 77.49 -38.77 -14.62
CA ASP B 82 77.62 -38.54 -13.17
C ASP B 82 77.79 -37.07 -12.78
N PHE B 83 77.94 -36.14 -13.74
CA PHE B 83 78.05 -34.71 -13.45
C PHE B 83 76.67 -34.14 -13.05
N ALA B 84 76.49 -33.90 -11.76
CA ALA B 84 75.22 -33.69 -11.09
C ALA B 84 75.43 -33.10 -9.69
N THR B 85 74.35 -32.79 -8.98
CA THR B 85 74.40 -32.45 -7.55
C THR B 85 74.08 -33.68 -6.70
N TYR B 86 74.93 -33.96 -5.72
CA TYR B 86 74.79 -35.10 -4.80
C TYR B 86 74.41 -34.64 -3.40
N TYR B 87 73.32 -35.19 -2.85
CA TYR B 87 72.84 -34.90 -1.51
C TYR B 87 72.99 -36.10 -0.59
N CYS B 88 73.49 -35.91 0.63
CA CYS B 88 73.22 -36.84 1.72
C CYS B 88 71.89 -36.52 2.42
N LEU B 89 71.26 -37.54 3.00
CA LEU B 89 70.08 -37.44 3.85
C LEU B 89 70.27 -38.35 5.06
N GLN B 90 70.03 -37.84 6.27
CA GLN B 90 69.84 -38.71 7.43
C GLN B 90 68.37 -39.13 7.52
N HIS B 91 68.12 -40.41 7.78
CA HIS B 91 66.77 -40.94 7.94
C HIS B 91 66.58 -41.67 9.28
N ASN B 92 67.47 -41.43 10.24
CA ASN B 92 67.36 -41.94 11.60
C ASN B 92 66.21 -41.27 12.39
N THR B 93 65.98 -39.97 12.18
CA THR B 93 64.99 -39.17 12.93
C THR B 93 64.13 -38.34 12.00
N SER B 94 62.92 -37.97 12.43
CA SER B 94 62.12 -36.93 11.78
C SER B 94 62.11 -35.65 12.66
N PRO B 95 62.37 -34.44 12.14
CA PRO B 95 62.68 -34.08 10.74
C PRO B 95 63.96 -34.72 10.17
N SER B 96 63.95 -35.06 8.88
CA SER B 96 65.06 -35.74 8.18
C SER B 96 65.74 -34.78 7.19
N PRO B 97 66.66 -33.91 7.63
CA PRO B 97 67.29 -32.93 6.77
C PRO B 97 68.23 -33.57 5.75
N PHE B 98 68.21 -33.02 4.54
CA PHE B 98 69.25 -33.18 3.54
C PHE B 98 70.48 -32.32 3.89
N GLY B 99 71.65 -32.72 3.39
CA GLY B 99 72.81 -31.83 3.29
C GLY B 99 72.58 -30.69 2.29
N GLN B 100 73.51 -29.74 2.23
CA GLN B 100 73.44 -28.59 1.31
C GLN B 100 73.54 -29.01 -0.17
N GLY B 101 74.00 -30.24 -0.44
CA GLY B 101 74.33 -30.73 -1.77
C GLY B 101 75.77 -30.40 -2.18
N THR B 102 76.43 -31.34 -2.85
CA THR B 102 77.75 -31.17 -3.45
C THR B 102 77.60 -31.21 -4.96
N LYS B 103 77.92 -30.12 -5.65
CA LYS B 103 77.88 -30.06 -7.11
C LYS B 103 79.17 -30.59 -7.72
N VAL B 104 79.09 -31.67 -8.50
CA VAL B 104 80.22 -32.19 -9.28
C VAL B 104 80.13 -31.65 -10.70
N GLU B 105 81.06 -30.77 -11.07
CA GLU B 105 81.14 -30.18 -12.41
C GLU B 105 82.30 -30.78 -13.22
N ILE B 106 82.25 -30.60 -14.54
CA ILE B 106 83.29 -31.04 -15.46
C ILE B 106 84.50 -30.09 -15.33
N LYS B 107 85.64 -30.66 -14.99
CA LYS B 107 86.91 -29.93 -15.01
C LYS B 107 87.38 -29.78 -16.45
N ARG B 108 87.72 -28.55 -16.81
CA ARG B 108 88.36 -28.22 -18.07
C ARG B 108 89.56 -27.30 -17.84
N THR B 109 90.27 -26.97 -18.91
CA THR B 109 91.31 -25.93 -18.88
C THR B 109 90.70 -24.56 -18.56
N VAL B 110 91.47 -23.71 -17.90
CA VAL B 110 91.08 -22.33 -17.65
C VAL B 110 90.78 -21.63 -18.97
N ALA B 111 89.66 -20.94 -19.04
CA ALA B 111 89.25 -20.12 -20.16
C ALA B 111 88.90 -18.72 -19.66
N ALA B 112 89.55 -17.71 -20.22
CA ALA B 112 89.25 -16.33 -19.89
C ALA B 112 87.90 -15.92 -20.48
N PRO B 113 87.09 -15.13 -19.75
CA PRO B 113 85.84 -14.62 -20.30
C PRO B 113 86.09 -13.64 -21.43
N SER B 114 85.27 -13.73 -22.47
CA SER B 114 85.09 -12.63 -23.41
C SER B 114 84.11 -11.63 -22.80
N VAL B 115 84.57 -10.41 -22.57
CA VAL B 115 83.77 -9.38 -21.87
C VAL B 115 83.16 -8.41 -22.87
N PHE B 116 81.86 -8.19 -22.76
CA PHE B 116 81.08 -7.28 -23.57
C PHE B 116 80.25 -6.36 -22.66
N ILE B 117 80.04 -5.13 -23.06
CA ILE B 117 79.19 -4.17 -22.34
C ILE B 117 78.12 -3.61 -23.29
N PHE B 118 76.88 -3.54 -22.80
CA PHE B 118 75.74 -3.03 -23.54
C PHE B 118 75.17 -1.82 -22.82
N PRO B 119 75.16 -0.64 -23.48
CA PRO B 119 74.43 0.53 -22.97
C PRO B 119 72.92 0.26 -22.91
N PRO B 120 72.17 1.03 -22.11
CA PRO B 120 70.72 0.97 -22.13
C PRO B 120 70.18 1.41 -23.51
N SER B 121 69.11 0.76 -23.96
CA SER B 121 68.44 1.13 -25.19
C SER B 121 67.66 2.44 -25.04
N ASP B 122 67.53 3.20 -26.11
CA ASP B 122 66.74 4.44 -26.10
C ASP B 122 65.27 4.19 -25.77
N GLU B 123 64.74 3.01 -26.14
CA GLU B 123 63.40 2.57 -25.79
C GLU B 123 63.25 2.40 -24.27
N GLN B 124 64.25 1.80 -23.61
CA GLN B 124 64.23 1.66 -22.15
C GLN B 124 64.34 3.03 -21.46
N LEU B 125 65.17 3.88 -21.95
CA LEU B 125 65.34 5.23 -21.39
C LEU B 125 64.03 6.03 -21.44
N LYS B 126 63.21 5.85 -22.46
CA LYS B 126 61.87 6.47 -22.51
C LYS B 126 60.95 6.00 -21.37
N SER B 127 61.16 4.81 -20.83
CA SER B 127 60.40 4.27 -19.70
C SER B 127 60.89 4.78 -18.33
N GLY B 128 61.96 5.54 -18.27
CA GLY B 128 62.50 6.13 -17.06
C GLY B 128 63.51 5.28 -16.28
N THR B 129 63.89 4.13 -16.83
CA THR B 129 64.89 3.24 -16.23
C THR B 129 66.03 2.97 -17.22
N ALA B 130 67.22 2.81 -16.71
CA ALA B 130 68.40 2.44 -17.49
C ALA B 130 68.99 1.13 -16.96
N SER B 131 69.10 0.12 -17.80
CA SER B 131 69.83 -1.10 -17.50
C SER B 131 71.08 -1.18 -18.35
N VAL B 132 72.23 -1.26 -17.69
CA VAL B 132 73.52 -1.51 -18.33
C VAL B 132 73.88 -2.96 -18.11
N VAL B 133 74.21 -3.70 -19.17
CA VAL B 133 74.48 -5.13 -19.10
C VAL B 133 75.95 -5.39 -19.40
N CYS B 134 76.62 -6.15 -18.54
CA CYS B 134 77.95 -6.68 -18.77
C CYS B 134 77.85 -8.19 -18.95
N LEU B 135 78.33 -8.69 -20.07
CA LEU B 135 78.36 -10.10 -20.42
C LEU B 135 79.78 -10.63 -20.29
N LEU B 136 79.94 -11.70 -19.51
CA LEU B 136 81.14 -12.54 -19.46
C LEU B 136 80.80 -13.84 -20.18
N ASN B 137 81.39 -14.10 -21.32
CA ASN B 137 81.02 -15.21 -22.17
C ASN B 137 82.09 -16.31 -22.18
N ASN B 138 81.66 -17.56 -22.03
CA ASN B 138 82.44 -18.78 -22.22
C ASN B 138 83.76 -18.83 -21.42
N PHE B 139 83.66 -18.77 -20.10
CA PHE B 139 84.79 -18.81 -19.18
C PHE B 139 84.79 -20.03 -18.27
N TYR B 140 85.94 -20.37 -17.74
CA TYR B 140 86.13 -21.42 -16.72
C TYR B 140 87.37 -21.12 -15.89
N PRO B 141 87.38 -21.30 -14.55
CA PRO B 141 86.30 -21.80 -13.71
C PRO B 141 85.15 -20.79 -13.53
N ARG B 142 84.12 -21.18 -12.77
CA ARG B 142 82.91 -20.38 -12.56
C ARG B 142 83.14 -19.09 -11.75
N GLU B 143 84.15 -19.09 -10.91
CA GLU B 143 84.50 -17.96 -10.06
C GLU B 143 84.97 -16.77 -10.91
N ALA B 144 84.12 -15.75 -10.99
CA ALA B 144 84.41 -14.48 -11.64
C ALA B 144 83.88 -13.33 -10.77
N LYS B 145 84.59 -12.24 -10.73
CA LYS B 145 84.19 -11.01 -10.02
C LYS B 145 83.91 -9.92 -11.02
N VAL B 146 82.71 -9.37 -11.00
CA VAL B 146 82.30 -8.22 -11.79
C VAL B 146 82.15 -7.02 -10.85
N GLN B 147 82.78 -5.90 -11.25
CA GLN B 147 82.71 -4.65 -10.45
C GLN B 147 82.29 -3.48 -11.35
N TRP B 148 81.11 -2.91 -11.10
CA TRP B 148 80.63 -1.75 -11.84
C TRP B 148 81.26 -0.47 -11.31
N LYS B 149 81.73 0.38 -12.21
CA LYS B 149 82.24 1.72 -11.92
C LYS B 149 81.49 2.75 -12.77
N VAL B 150 80.98 3.76 -12.12
CA VAL B 150 80.31 4.87 -12.79
C VAL B 150 81.10 6.14 -12.46
N ASP B 151 81.64 6.81 -13.47
CA ASP B 151 82.61 7.91 -13.31
C ASP B 151 83.74 7.55 -12.31
N ASN B 152 84.27 6.34 -12.42
CA ASN B 152 85.27 5.72 -11.54
C ASN B 152 84.80 5.41 -10.10
N ALA B 153 83.57 5.73 -9.73
CA ALA B 153 83.00 5.36 -8.44
C ALA B 153 82.49 3.91 -8.47
N LEU B 154 82.97 3.08 -7.53
CA LEU B 154 82.52 1.70 -7.38
C LEU B 154 81.03 1.65 -7.00
N GLN B 155 80.27 0.88 -7.74
CA GLN B 155 78.85 0.66 -7.47
C GLN B 155 78.65 -0.54 -6.53
N SER B 156 77.63 -0.47 -5.70
CA SER B 156 77.25 -1.53 -4.78
C SER B 156 75.72 -1.56 -4.61
N GLY B 157 75.16 -2.78 -4.55
CA GLY B 157 73.73 -3.00 -4.27
C GLY B 157 72.76 -2.71 -5.41
N ASN B 158 73.22 -2.20 -6.54
CA ASN B 158 72.38 -1.82 -7.70
C ASN B 158 72.60 -2.71 -8.93
N SER B 159 73.25 -3.87 -8.76
CA SER B 159 73.44 -4.84 -9.82
C SER B 159 72.96 -6.23 -9.41
N GLN B 160 72.53 -7.02 -10.38
CA GLN B 160 72.18 -8.43 -10.21
C GLN B 160 72.92 -9.28 -11.25
N GLU B 161 73.38 -10.45 -10.82
CA GLU B 161 74.10 -11.38 -11.66
C GLU B 161 73.28 -12.66 -11.90
N SER B 162 73.44 -13.20 -13.08
CA SER B 162 72.90 -14.51 -13.45
C SER B 162 73.97 -15.30 -14.19
N VAL B 163 74.08 -16.59 -13.87
CA VAL B 163 75.09 -17.49 -14.44
C VAL B 163 74.39 -18.66 -15.09
N THR B 164 74.79 -19.03 -16.28
CA THR B 164 74.29 -20.23 -16.94
C THR B 164 74.74 -21.50 -16.22
N GLU B 165 74.04 -22.61 -16.44
CA GLU B 165 74.62 -23.93 -16.16
C GLU B 165 75.85 -24.17 -17.07
N GLN B 166 76.67 -25.12 -16.68
CA GLN B 166 77.86 -25.47 -17.44
C GLN B 166 77.47 -25.95 -18.85
N ASP B 167 78.11 -25.39 -19.86
CA ASP B 167 77.79 -25.73 -21.25
C ASP B 167 78.12 -27.20 -21.53
N SER B 168 77.20 -27.86 -22.20
CA SER B 168 77.31 -29.29 -22.46
C SER B 168 78.39 -29.66 -23.49
N LYS B 169 78.87 -28.68 -24.29
CA LYS B 169 79.82 -28.91 -25.38
C LYS B 169 81.23 -28.48 -25.00
N ASP B 170 81.38 -27.27 -24.45
CA ASP B 170 82.69 -26.71 -24.16
C ASP B 170 82.98 -26.62 -22.65
N SER B 171 82.04 -27.01 -21.82
CA SER B 171 82.15 -27.02 -20.35
C SER B 171 82.42 -25.65 -19.72
N THR B 172 82.07 -24.58 -20.42
CA THR B 172 82.24 -23.21 -19.92
C THR B 172 80.99 -22.68 -19.23
N TYR B 173 81.14 -21.56 -18.55
CA TYR B 173 80.05 -20.77 -17.99
C TYR B 173 79.94 -19.44 -18.72
N SER B 174 78.76 -18.85 -18.70
CA SER B 174 78.54 -17.45 -19.06
C SER B 174 77.83 -16.73 -17.93
N LEU B 175 78.15 -15.47 -17.74
CA LEU B 175 77.59 -14.63 -16.68
C LEU B 175 77.07 -13.31 -17.28
N SER B 176 75.88 -12.92 -16.87
CA SER B 176 75.31 -11.60 -17.15
C SER B 176 75.18 -10.83 -15.85
N SER B 177 75.80 -9.65 -15.77
CA SER B 177 75.61 -8.68 -14.69
C SER B 177 74.82 -7.50 -15.23
N THR B 178 73.75 -7.11 -14.57
CA THR B 178 72.89 -5.98 -14.96
C THR B 178 72.92 -4.92 -13.89
N LEU B 179 73.51 -3.78 -14.20
CA LEU B 179 73.44 -2.56 -13.41
C LEU B 179 72.14 -1.82 -13.74
N THR B 180 71.29 -1.57 -12.75
CA THR B 180 70.02 -0.86 -12.94
C THR B 180 70.05 0.47 -12.21
N LEU B 181 69.78 1.55 -12.95
CA LEU B 181 69.73 2.92 -12.47
C LEU B 181 68.42 3.58 -12.89
N SER B 182 68.02 4.63 -12.20
CA SER B 182 67.01 5.52 -12.73
C SER B 182 67.55 6.26 -13.96
N LYS B 183 66.66 6.66 -14.89
CA LYS B 183 67.06 7.51 -16.02
C LYS B 183 67.78 8.77 -15.54
N ALA B 184 67.28 9.40 -14.48
CA ALA B 184 67.86 10.61 -13.92
C ALA B 184 69.29 10.41 -13.44
N ASP B 185 69.58 9.28 -12.75
CA ASP B 185 70.93 8.97 -12.29
C ASP B 185 71.84 8.55 -13.46
N TYR B 186 71.31 7.83 -14.43
CA TYR B 186 72.05 7.49 -15.65
C TYR B 186 72.46 8.73 -16.43
N GLU B 187 71.62 9.76 -16.48
CA GLU B 187 71.92 11.01 -17.19
C GLU B 187 72.88 11.95 -16.44
N LYS B 188 73.08 11.74 -15.13
CA LYS B 188 74.04 12.53 -14.35
C LYS B 188 75.50 12.15 -14.59
N HIS B 189 75.74 10.92 -14.97
CA HIS B 189 77.08 10.37 -15.11
C HIS B 189 77.45 10.18 -16.59
N LYS B 190 78.75 10.02 -16.89
CA LYS B 190 79.23 9.91 -18.25
C LYS B 190 79.92 8.57 -18.54
N LEU B 191 80.88 8.16 -17.73
CA LEU B 191 81.65 6.93 -17.95
C LEU B 191 81.02 5.75 -17.20
N TYR B 192 80.59 4.74 -17.93
CA TYR B 192 80.09 3.48 -17.39
C TYR B 192 81.07 2.37 -17.71
N ALA B 193 81.57 1.66 -16.70
CA ALA B 193 82.58 0.62 -16.83
C ALA B 193 82.22 -0.64 -16.06
N CYS B 194 82.49 -1.78 -16.68
CA CYS B 194 82.43 -3.10 -16.08
C CYS B 194 83.85 -3.66 -16.01
N GLU B 195 84.37 -3.86 -14.79
CA GLU B 195 85.69 -4.43 -14.53
C GLU B 195 85.53 -5.88 -14.10
N VAL B 196 86.18 -6.78 -14.84
CA VAL B 196 86.10 -8.22 -14.64
C VAL B 196 87.42 -8.78 -14.15
N THR B 197 87.38 -9.50 -13.04
CA THR B 197 88.50 -10.27 -12.50
C THR B 197 88.19 -11.76 -12.62
N HIS B 198 89.10 -12.50 -13.23
CA HIS B 198 88.96 -13.94 -13.41
C HIS B 198 90.35 -14.59 -13.48
N GLN B 199 90.46 -15.86 -13.05
CA GLN B 199 91.73 -16.58 -13.02
C GLN B 199 92.42 -16.68 -14.41
N GLY B 200 91.64 -16.72 -15.48
CA GLY B 200 92.17 -16.74 -16.84
C GLY B 200 92.68 -15.39 -17.35
N LEU B 201 92.49 -14.32 -16.59
CA LEU B 201 92.96 -12.98 -16.93
C LEU B 201 94.18 -12.63 -16.09
N SER B 202 95.27 -12.26 -16.74
CA SER B 202 96.49 -11.83 -16.04
C SER B 202 96.32 -10.52 -15.26
N SER B 203 95.40 -9.69 -15.70
CA SER B 203 94.96 -8.47 -15.03
C SER B 203 93.46 -8.26 -15.25
N PRO B 204 92.78 -7.51 -14.38
CA PRO B 204 91.36 -7.21 -14.57
C PRO B 204 91.11 -6.57 -15.95
N VAL B 205 90.09 -7.04 -16.66
CA VAL B 205 89.66 -6.48 -17.94
C VAL B 205 88.50 -5.53 -17.70
N THR B 206 88.65 -4.29 -18.14
CA THR B 206 87.60 -3.28 -18.09
C THR B 206 87.03 -3.03 -19.46
N LYS B 207 85.71 -3.17 -19.61
CA LYS B 207 84.95 -2.67 -20.76
C LYS B 207 84.13 -1.47 -20.34
N SER B 208 84.14 -0.42 -21.13
CA SER B 208 83.47 0.83 -20.80
C SER B 208 82.88 1.52 -22.01
N PHE B 209 81.94 2.42 -21.76
CA PHE B 209 81.44 3.37 -22.76
C PHE B 209 81.16 4.73 -22.09
N ASN B 210 81.18 5.80 -22.88
CA ASN B 210 80.70 7.10 -22.46
C ASN B 210 79.24 7.27 -22.89
N ARG B 211 78.37 7.71 -22.00
CA ARG B 211 76.98 8.00 -22.33
C ARG B 211 76.90 9.05 -23.43
N GLY B 212 76.14 8.74 -24.47
CA GLY B 212 75.95 9.62 -25.63
C GLY B 212 77.02 9.50 -26.71
N GLU B 213 78.10 8.76 -26.49
CA GLU B 213 79.01 8.36 -27.57
C GLU B 213 78.53 7.08 -28.24
N CYS B 214 78.84 6.93 -29.49
CA CYS B 214 78.58 5.75 -30.28
C CYS B 214 79.65 4.66 -30.13
N GLN C 1 18.95 65.62 -26.25
CA GLN C 1 19.57 65.23 -27.51
C GLN C 1 18.87 63.98 -28.03
N VAL C 2 18.60 63.94 -29.34
CA VAL C 2 18.01 62.77 -30.00
C VAL C 2 18.99 61.61 -30.00
N GLN C 3 18.57 60.48 -29.44
CA GLN C 3 19.32 59.22 -29.47
C GLN C 3 18.41 58.08 -29.94
N LEU C 4 18.96 57.21 -30.76
CA LEU C 4 18.42 55.89 -31.06
C LEU C 4 19.48 54.87 -30.62
N VAL C 5 19.08 53.82 -29.90
CA VAL C 5 19.98 52.77 -29.42
C VAL C 5 19.39 51.42 -29.81
N GLU C 6 20.01 50.77 -30.78
CA GLU C 6 19.65 49.41 -31.20
C GLU C 6 20.17 48.37 -30.20
N SER C 7 19.43 47.28 -30.06
CA SER C 7 19.83 46.15 -29.23
C SER C 7 19.15 44.88 -29.75
N GLY C 8 19.58 43.74 -29.23
CA GLY C 8 19.04 42.44 -29.61
C GLY C 8 19.74 41.74 -30.75
N GLY C 9 20.74 42.38 -31.37
CA GLY C 9 21.58 41.70 -32.35
C GLY C 9 22.45 40.61 -31.71
N GLY C 10 23.04 39.80 -32.59
CA GLY C 10 23.87 38.69 -32.15
C GLY C 10 23.96 37.61 -33.21
N VAL C 11 24.47 36.44 -32.79
CA VAL C 11 24.58 35.28 -33.66
C VAL C 11 23.30 34.44 -33.56
N VAL C 12 22.73 34.09 -34.71
CA VAL C 12 21.51 33.27 -34.76
C VAL C 12 21.66 32.25 -35.89
N GLN C 13 21.11 31.05 -35.67
CA GLN C 13 21.15 30.01 -36.70
C GLN C 13 20.14 30.28 -37.81
N PRO C 14 20.45 29.86 -39.05
CA PRO C 14 19.46 29.97 -40.14
C PRO C 14 18.15 29.28 -39.77
N GLY C 15 17.03 29.87 -40.24
CA GLY C 15 15.71 29.39 -39.91
C GLY C 15 15.16 29.84 -38.58
N ARG C 16 16.02 30.28 -37.65
CA ARG C 16 15.60 30.74 -36.34
C ARG C 16 15.02 32.16 -36.42
N SER C 17 14.57 32.64 -35.26
CA SER C 17 14.00 33.97 -35.11
C SER C 17 14.85 34.81 -34.16
N LEU C 18 14.85 36.11 -34.40
CA LEU C 18 15.51 37.10 -33.55
C LEU C 18 14.65 38.35 -33.50
N ARG C 19 14.66 39.04 -32.36
CA ARG C 19 13.92 40.30 -32.22
C ARG C 19 14.87 41.44 -31.90
N LEU C 20 14.95 42.42 -32.79
CA LEU C 20 15.70 43.63 -32.53
C LEU C 20 14.80 44.67 -31.86
N SER C 21 15.42 45.50 -31.01
CA SER C 21 14.76 46.61 -30.35
C SER C 21 15.58 47.88 -30.60
N CYS C 22 14.89 49.01 -30.74
CA CYS C 22 15.50 50.32 -30.85
C CYS C 22 14.84 51.23 -29.83
N ALA C 23 15.59 51.63 -28.82
CA ALA C 23 15.10 52.56 -27.80
C ALA C 23 15.35 53.99 -28.27
N ALA C 24 14.29 54.79 -28.29
CA ALA C 24 14.34 56.17 -28.74
C ALA C 24 14.22 57.14 -27.57
N SER C 25 15.00 58.23 -27.59
CA SER C 25 14.95 59.26 -26.56
C SER C 25 15.27 60.63 -27.15
N GLY C 26 14.87 61.69 -26.43
CA GLY C 26 15.15 63.07 -26.83
C GLY C 26 14.23 63.68 -27.86
N PHE C 27 13.15 62.99 -28.26
CA PHE C 27 12.07 63.54 -29.09
C PHE C 27 10.75 62.82 -28.79
N THR C 28 9.62 63.36 -29.24
CA THR C 28 8.32 62.68 -29.10
C THR C 28 8.21 61.53 -30.09
N PHE C 29 8.74 60.36 -29.70
CA PHE C 29 8.75 59.13 -30.50
C PHE C 29 7.37 58.75 -31.05
N SER C 30 6.38 58.69 -30.15
CA SER C 30 5.01 58.21 -30.52
C SER C 30 4.42 58.93 -31.74
N SER C 31 4.84 60.17 -32.06
CA SER C 31 4.19 61.02 -33.07
C SER C 31 4.99 61.11 -34.38
N HIS C 32 6.02 60.27 -34.55
CA HIS C 32 6.89 60.26 -35.73
C HIS C 32 7.03 58.87 -36.37
N VAL C 33 7.04 58.85 -37.70
CA VAL C 33 7.33 57.66 -38.51
C VAL C 33 8.70 57.10 -38.13
N MET C 34 8.90 55.79 -38.21
CA MET C 34 10.18 55.15 -37.87
C MET C 34 10.56 54.05 -38.85
N TYR C 35 11.87 53.83 -39.03
CA TYR C 35 12.43 53.02 -40.10
C TYR C 35 13.55 52.08 -39.64
N TRP C 36 13.70 50.97 -40.37
CA TRP C 36 14.89 50.12 -40.34
C TRP C 36 15.62 50.15 -41.69
N VAL C 37 16.95 50.28 -41.63
CA VAL C 37 17.87 50.17 -42.77
C VAL C 37 18.99 49.22 -42.36
N ARG C 38 19.41 48.30 -43.23
CA ARG C 38 20.49 47.38 -42.93
C ARG C 38 21.66 47.57 -43.90
N GLN C 39 22.83 47.10 -43.47
CA GLN C 39 24.03 47.15 -44.30
C GLN C 39 24.82 45.87 -44.09
N ALA C 40 24.84 45.02 -45.11
CA ALA C 40 25.66 43.82 -45.08
C ALA C 40 27.15 44.19 -45.11
N PRO C 41 28.01 43.35 -44.47
CA PRO C 41 29.45 43.69 -44.43
C PRO C 41 30.04 43.96 -45.81
N GLY C 42 30.66 45.12 -45.97
CA GLY C 42 31.24 45.54 -47.23
C GLY C 42 30.27 45.86 -48.35
N LYS C 43 28.97 45.94 -48.06
CA LYS C 43 27.94 46.25 -49.05
C LYS C 43 27.32 47.63 -48.78
N GLY C 44 26.45 48.04 -49.69
CA GLY C 44 25.73 49.30 -49.57
C GLY C 44 24.58 49.21 -48.57
N LEU C 45 23.92 50.37 -48.40
CA LEU C 45 22.72 50.50 -47.58
C LEU C 45 21.54 49.79 -48.25
N GLU C 46 20.71 49.10 -47.46
CA GLU C 46 19.47 48.50 -47.94
C GLU C 46 18.32 48.94 -47.03
N TRP C 47 17.26 49.50 -47.60
CA TRP C 47 16.03 49.83 -46.86
C TRP C 47 15.28 48.55 -46.47
N VAL C 48 14.86 48.41 -45.20
CA VAL C 48 14.19 47.19 -44.72
C VAL C 48 12.68 47.39 -44.61
N ALA C 49 12.28 48.36 -43.80
CA ALA C 49 10.88 48.56 -43.41
C ALA C 49 10.63 49.96 -42.83
N VAL C 50 9.34 50.32 -42.75
CA VAL C 50 8.83 51.54 -42.11
C VAL C 50 7.54 51.26 -41.35
N ILE C 51 7.31 52.00 -40.27
CA ILE C 51 6.08 51.98 -39.50
C ILE C 51 5.60 53.40 -39.18
N THR C 52 4.28 53.61 -39.31
CA THR C 52 3.58 54.87 -38.97
C THR C 52 3.67 55.21 -37.49
N TYR C 53 3.39 56.46 -37.14
CA TYR C 53 3.48 56.95 -35.76
C TYR C 53 2.62 56.13 -34.78
N ASP C 54 1.38 55.83 -35.15
CA ASP C 54 0.44 55.03 -34.36
C ASP C 54 0.65 53.51 -34.45
N GLY C 55 1.55 53.03 -35.31
CA GLY C 55 1.70 51.60 -35.60
C GLY C 55 0.61 50.98 -36.49
N GLY C 56 -0.24 51.79 -37.13
CA GLY C 56 -1.37 51.32 -37.95
C GLY C 56 -1.00 50.76 -39.33
N ASN C 57 0.07 51.26 -39.98
CA ASN C 57 0.57 50.73 -41.26
C ASN C 57 2.05 50.36 -41.17
N LYS C 58 2.42 49.26 -41.85
CA LYS C 58 3.72 48.59 -41.81
C LYS C 58 4.10 48.19 -43.24
N TYR C 59 5.25 48.59 -43.74
CA TYR C 59 5.70 48.25 -45.10
C TYR C 59 7.09 47.61 -45.09
N TYR C 60 7.38 46.81 -46.12
CA TYR C 60 8.56 45.94 -46.21
C TYR C 60 9.18 45.91 -47.61
N ALA C 61 10.51 45.86 -47.70
CA ALA C 61 11.18 45.53 -48.95
C ALA C 61 10.81 44.10 -49.38
N ASP C 62 10.77 43.85 -50.68
CA ASP C 62 10.44 42.51 -51.19
C ASP C 62 11.45 41.43 -50.75
N SER C 63 12.71 41.78 -50.46
CA SER C 63 13.69 40.81 -49.96
C SER C 63 13.36 40.30 -48.55
N VAL C 64 12.53 41.01 -47.80
CA VAL C 64 12.21 40.75 -46.37
C VAL C 64 10.71 40.52 -46.09
N ARG C 65 9.83 40.84 -47.04
CA ARG C 65 8.37 40.71 -46.90
C ARG C 65 7.97 39.28 -46.51
N GLY C 66 7.11 39.16 -45.49
CA GLY C 66 6.65 37.89 -44.92
C GLY C 66 7.62 37.22 -43.94
N ARG C 67 8.90 37.64 -43.85
CA ARG C 67 9.85 37.13 -42.87
C ARG C 67 10.15 38.11 -41.76
N LEU C 68 10.23 39.40 -42.07
CA LEU C 68 10.46 40.43 -41.08
C LEU C 68 9.17 41.20 -40.79
N THR C 69 8.86 41.43 -39.52
CA THR C 69 7.69 42.19 -39.05
C THR C 69 8.16 43.37 -38.21
N ILE C 70 7.89 44.59 -38.66
CA ILE C 70 8.18 45.81 -37.89
C ILE C 70 7.03 46.06 -36.92
N SER C 71 7.33 46.49 -35.71
CA SER C 71 6.33 46.85 -34.71
C SER C 71 6.87 47.94 -33.80
N ARG C 72 6.00 48.63 -33.06
CA ARG C 72 6.41 49.67 -32.12
C ARG C 72 5.55 49.65 -30.88
N ASP C 73 6.12 50.16 -29.81
CA ASP C 73 5.41 50.40 -28.55
C ASP C 73 5.67 51.86 -28.19
N ASN C 74 4.71 52.74 -28.48
CA ASN C 74 4.84 54.16 -28.20
C ASN C 74 4.90 54.45 -26.71
N SER C 75 4.29 53.61 -25.88
CA SER C 75 4.35 53.82 -24.44
C SER C 75 5.76 53.63 -23.89
N LYS C 76 6.58 52.82 -24.56
CA LYS C 76 7.95 52.53 -24.16
C LYS C 76 8.99 53.22 -25.04
N ASN C 77 8.55 54.07 -25.97
CA ASN C 77 9.43 54.72 -26.95
C ASN C 77 10.37 53.71 -27.62
N THR C 78 9.82 52.55 -28.00
CA THR C 78 10.65 51.47 -28.54
C THR C 78 10.10 50.95 -29.89
N LEU C 79 10.97 50.95 -30.88
CA LEU C 79 10.74 50.31 -32.17
C LEU C 79 11.27 48.87 -32.12
N TYR C 80 10.67 47.95 -32.86
CA TYR C 80 11.10 46.57 -32.94
C TYR C 80 11.24 46.10 -34.39
N LEU C 81 12.03 45.05 -34.59
CA LEU C 81 12.03 44.27 -35.82
C LEU C 81 12.01 42.79 -35.46
N GLN C 82 10.86 42.15 -35.56
CA GLN C 82 10.78 40.70 -35.42
C GLN C 82 11.25 40.05 -36.72
N MET C 83 12.29 39.25 -36.64
CA MET C 83 12.88 38.57 -37.78
C MET C 83 12.64 37.08 -37.62
N ASN C 84 11.95 36.48 -38.58
CA ASN C 84 11.65 35.05 -38.60
C ASN C 84 12.26 34.42 -39.86
N SER C 85 12.53 33.12 -39.79
CA SER C 85 13.09 32.37 -40.94
C SER C 85 14.32 33.05 -41.54
N LEU C 86 15.24 33.42 -40.64
CA LEU C 86 16.45 34.15 -41.02
C LEU C 86 17.34 33.33 -41.95
N ARG C 87 17.97 34.04 -42.89
CA ARG C 87 18.85 33.48 -43.90
C ARG C 87 20.23 34.11 -43.78
N ALA C 88 21.23 33.45 -44.38
CA ALA C 88 22.59 33.99 -44.36
C ALA C 88 22.64 35.39 -44.97
N GLU C 89 21.81 35.66 -45.99
CA GLU C 89 21.71 36.97 -46.63
C GLU C 89 21.22 38.08 -45.70
N ASP C 90 20.57 37.74 -44.58
CA ASP C 90 20.12 38.71 -43.61
C ASP C 90 21.23 39.16 -42.66
N THR C 91 22.45 38.62 -42.80
CA THR C 91 23.62 39.05 -42.02
C THR C 91 23.96 40.49 -42.36
N ALA C 92 23.77 41.40 -41.40
CA ALA C 92 23.97 42.82 -41.63
C ALA C 92 24.00 43.58 -40.30
N VAL C 93 24.57 44.78 -40.33
CA VAL C 93 24.31 45.76 -39.28
C VAL C 93 22.94 46.37 -39.55
N TYR C 94 22.05 46.30 -38.57
CA TYR C 94 20.71 46.87 -38.65
C TYR C 94 20.69 48.20 -37.92
N TYR C 95 20.36 49.27 -38.64
CA TYR C 95 20.28 50.63 -38.15
C TYR C 95 18.82 51.05 -38.00
N CYS C 96 18.50 51.63 -36.85
CA CYS C 96 17.25 52.33 -36.60
C CYS C 96 17.35 53.80 -37.05
N ALA C 97 16.32 54.31 -37.72
CA ALA C 97 16.37 55.65 -38.31
C ALA C 97 15.02 56.36 -38.25
N SER C 98 15.07 57.69 -38.27
CA SER C 98 13.94 58.58 -37.99
C SER C 98 13.95 59.79 -38.92
N PRO C 99 12.78 60.36 -39.25
CA PRO C 99 12.67 61.73 -39.73
C PRO C 99 13.03 62.73 -38.62
N ARG C 100 12.94 64.02 -38.91
CA ARG C 100 12.95 65.10 -37.91
C ARG C 100 11.81 64.94 -36.90
N GLY C 101 11.84 65.71 -35.82
CA GLY C 101 10.70 65.96 -34.93
C GLY C 101 9.56 66.80 -35.56
N ASP C 102 9.24 66.56 -36.83
CA ASP C 102 8.08 67.08 -37.57
C ASP C 102 7.38 65.92 -38.30
N SER C 103 6.05 65.90 -38.31
CA SER C 103 5.26 64.88 -39.00
C SER C 103 3.92 65.40 -39.53
N GLY C 104 3.43 64.76 -40.59
CA GLY C 104 2.05 64.87 -41.06
C GLY C 104 1.19 63.75 -40.48
N SER C 105 0.41 63.06 -41.32
CA SER C 105 -0.31 61.82 -40.96
C SER C 105 0.38 60.58 -41.57
N TYR C 106 -0.36 59.68 -42.24
CA TYR C 106 0.26 58.66 -43.11
C TYR C 106 0.74 59.26 -44.45
N TYR C 107 0.33 60.48 -44.77
CA TYR C 107 1.02 61.38 -45.68
C TYR C 107 2.53 61.44 -45.36
N ASP C 108 3.39 61.31 -46.37
CA ASP C 108 4.83 61.10 -46.16
C ASP C 108 5.72 62.06 -46.96
N ILE C 109 6.84 62.47 -46.36
CA ILE C 109 7.89 63.32 -46.94
C ILE C 109 9.27 62.90 -46.45
N ASP C 110 9.49 62.74 -45.15
CA ASP C 110 10.82 62.89 -44.54
C ASP C 110 11.53 61.57 -44.19
N TYR C 111 12.82 61.48 -44.52
CA TYR C 111 13.66 60.28 -44.35
C TYR C 111 14.99 60.62 -43.69
N PHE C 112 15.28 59.90 -42.59
CA PHE C 112 16.62 59.72 -42.04
C PHE C 112 17.39 60.99 -41.61
N ASP C 113 16.74 61.89 -40.87
CA ASP C 113 17.43 63.00 -40.19
C ASP C 113 18.21 62.50 -38.96
N TYR C 114 17.77 61.41 -38.32
CA TYR C 114 18.45 60.81 -37.16
C TYR C 114 18.62 59.29 -37.30
N TRP C 115 19.65 58.74 -36.64
CA TRP C 115 20.10 57.36 -36.77
C TRP C 115 20.60 56.79 -35.42
N GLY C 116 20.53 55.47 -35.23
CA GLY C 116 21.27 54.78 -34.17
C GLY C 116 22.62 54.22 -34.64
N GLN C 117 23.41 53.65 -33.73
CA GLN C 117 24.77 53.17 -33.99
C GLN C 117 24.82 51.81 -34.71
N GLY C 118 23.69 51.14 -34.80
CA GLY C 118 23.49 49.85 -35.44
C GLY C 118 23.74 48.67 -34.51
N THR C 119 23.11 47.54 -34.82
CA THR C 119 23.35 46.29 -34.14
C THR C 119 23.62 45.19 -35.17
N LEU C 120 24.70 44.43 -34.96
CA LEU C 120 25.10 43.40 -35.91
C LEU C 120 24.30 42.12 -35.69
N VAL C 121 23.65 41.64 -36.77
CA VAL C 121 22.99 40.34 -36.81
C VAL C 121 23.81 39.44 -37.72
N THR C 122 24.27 38.31 -37.18
CA THR C 122 25.02 37.31 -37.94
C THR C 122 24.19 36.03 -37.99
N VAL C 123 23.76 35.66 -39.20
CA VAL C 123 22.99 34.44 -39.41
C VAL C 123 23.96 33.36 -39.89
N SER C 124 24.27 32.42 -39.00
CA SER C 124 25.22 31.35 -39.28
C SER C 124 24.93 30.13 -38.41
N SER C 125 25.20 28.94 -38.96
CA SER C 125 25.13 27.69 -38.21
C SER C 125 26.42 27.41 -37.42
N ALA C 126 27.45 28.24 -37.60
CA ALA C 126 28.71 28.04 -36.91
C ALA C 126 28.58 28.34 -35.41
N SER C 127 29.30 27.56 -34.59
CA SER C 127 29.42 27.79 -33.16
C SER C 127 30.65 28.65 -32.86
N THR C 128 30.65 29.27 -31.67
CA THR C 128 31.82 30.03 -31.21
C THR C 128 33.06 29.15 -31.22
N LYS C 129 34.09 29.61 -31.93
CA LYS C 129 35.36 28.89 -32.04
C LYS C 129 36.51 29.87 -32.01
N GLY C 130 37.53 29.60 -31.18
CA GLY C 130 38.74 30.40 -31.17
C GLY C 130 39.60 30.16 -32.39
N PRO C 131 40.39 31.18 -32.80
CA PRO C 131 41.25 31.01 -33.99
C PRO C 131 42.45 30.13 -33.73
N SER C 132 42.91 29.50 -34.82
CA SER C 132 44.26 28.96 -34.89
C SER C 132 45.16 30.04 -35.49
N VAL C 133 46.28 30.32 -34.85
CA VAL C 133 47.21 31.36 -35.30
C VAL C 133 48.48 30.70 -35.82
N PHE C 134 48.77 30.93 -37.10
CA PHE C 134 49.93 30.37 -37.78
C PHE C 134 50.88 31.48 -38.22
N PRO C 135 52.20 31.27 -38.11
CA PRO C 135 53.13 32.30 -38.57
C PRO C 135 53.25 32.34 -40.09
N LEU C 136 53.29 33.57 -40.62
CA LEU C 136 53.70 33.84 -41.99
C LEU C 136 55.18 34.26 -41.90
N ALA C 137 56.05 33.26 -41.99
CA ALA C 137 57.47 33.45 -41.72
C ALA C 137 58.15 34.27 -42.80
N PRO C 138 58.99 35.25 -42.44
CA PRO C 138 59.78 35.96 -43.46
C PRO C 138 60.80 35.02 -44.09
N SER C 139 61.02 35.23 -45.40
CA SER C 139 61.92 34.40 -46.17
C SER C 139 62.52 35.25 -47.29
N SER C 140 63.47 34.65 -48.01
CA SER C 140 64.01 35.29 -49.22
C SER C 140 62.91 35.58 -50.24
N LYS C 141 61.82 34.80 -50.23
CA LYS C 141 60.70 34.99 -51.12
C LYS C 141 59.73 36.07 -50.65
N SER C 142 59.83 36.48 -49.37
CA SER C 142 59.07 37.59 -48.82
C SER C 142 59.95 38.81 -48.53
N THR C 143 61.06 38.94 -49.27
CA THR C 143 61.95 40.09 -49.17
C THR C 143 62.01 40.82 -50.51
N SER C 144 61.93 42.16 -50.45
CA SER C 144 62.01 43.02 -51.63
C SER C 144 62.70 44.32 -51.27
N GLY C 145 63.77 44.68 -51.97
CA GLY C 145 64.44 45.97 -51.78
C GLY C 145 64.89 46.29 -50.37
N GLY C 146 65.39 45.30 -49.63
CA GLY C 146 65.81 45.51 -48.26
C GLY C 146 64.71 45.48 -47.22
N THR C 147 63.45 45.30 -47.65
CA THR C 147 62.30 45.17 -46.78
C THR C 147 61.82 43.72 -46.80
N ALA C 148 61.59 43.17 -45.62
CA ALA C 148 60.99 41.86 -45.46
C ALA C 148 59.55 42.01 -44.99
N ALA C 149 58.68 41.12 -45.46
CA ALA C 149 57.33 41.01 -44.96
C ALA C 149 57.19 39.76 -44.10
N LEU C 150 56.48 39.89 -42.98
CA LEU C 150 56.15 38.77 -42.11
C LEU C 150 54.72 38.99 -41.59
N GLY C 151 54.11 37.94 -41.04
CA GLY C 151 52.74 38.10 -40.59
C GLY C 151 52.24 36.94 -39.74
N CYS C 152 50.94 37.01 -39.42
CA CYS C 152 50.20 35.94 -38.78
C CYS C 152 48.91 35.67 -39.52
N LEU C 153 48.67 34.40 -39.82
CA LEU C 153 47.38 33.94 -40.35
C LEU C 153 46.49 33.52 -39.18
N VAL C 154 45.39 34.23 -38.99
CA VAL C 154 44.41 33.98 -37.93
C VAL C 154 43.22 33.26 -38.60
N LYS C 155 43.16 31.94 -38.43
CA LYS C 155 42.29 31.09 -39.24
C LYS C 155 41.25 30.34 -38.40
N ASP C 156 40.05 30.18 -39.00
CA ASP C 156 38.97 29.32 -38.50
C ASP C 156 38.43 29.74 -37.12
N TYR C 157 37.95 30.99 -37.06
CA TYR C 157 37.31 31.50 -35.85
C TYR C 157 35.88 31.97 -36.15
N PHE C 158 35.06 32.02 -35.08
CA PHE C 158 33.67 32.49 -35.17
C PHE C 158 33.18 32.89 -33.78
N PRO C 159 32.41 34.00 -33.65
CA PRO C 159 32.09 35.00 -34.66
C PRO C 159 33.21 36.04 -34.78
N GLU C 160 33.01 37.05 -35.61
CA GLU C 160 33.80 38.27 -35.55
C GLU C 160 33.51 39.00 -34.23
N PRO C 161 34.44 39.87 -33.77
CA PRO C 161 35.76 40.22 -34.32
C PRO C 161 36.94 39.57 -33.61
N VAL C 162 38.08 39.51 -34.31
CA VAL C 162 39.38 39.36 -33.67
C VAL C 162 40.13 40.68 -33.73
N THR C 163 41.00 40.90 -32.74
CA THR C 163 41.95 42.00 -32.77
C THR C 163 43.37 41.45 -32.85
N VAL C 164 44.19 42.06 -33.71
CA VAL C 164 45.60 41.70 -33.85
C VAL C 164 46.45 42.93 -33.60
N SER C 165 47.45 42.80 -32.73
CA SER C 165 48.49 43.80 -32.55
C SER C 165 49.85 43.13 -32.72
N TRP C 166 50.90 43.96 -32.86
CA TRP C 166 52.27 43.49 -33.02
C TRP C 166 53.13 44.05 -31.90
N ASN C 167 53.92 43.16 -31.28
CA ASN C 167 54.79 43.50 -30.13
C ASN C 167 54.04 44.29 -29.06
N SER C 168 52.86 43.76 -28.70
CA SER C 168 51.95 44.36 -27.69
C SER C 168 51.57 45.81 -28.01
N GLY C 169 51.47 46.15 -29.30
CA GLY C 169 51.13 47.49 -29.76
C GLY C 169 52.30 48.42 -30.03
N ALA C 170 53.52 47.99 -29.70
CA ALA C 170 54.71 48.82 -29.94
C ALA C 170 55.04 48.95 -31.43
N LEU C 171 54.70 47.94 -32.23
CA LEU C 171 54.90 47.98 -33.67
C LEU C 171 53.57 48.30 -34.37
N THR C 172 53.48 49.49 -34.98
CA THR C 172 52.29 49.95 -35.69
C THR C 172 52.62 50.37 -37.13
N SER C 173 53.84 50.82 -37.38
CA SER C 173 54.23 51.25 -38.72
C SER C 173 54.35 50.05 -39.67
N GLY C 174 53.77 50.17 -40.87
CA GLY C 174 53.81 49.11 -41.85
C GLY C 174 52.92 47.91 -41.57
N VAL C 175 52.06 47.98 -40.54
CA VAL C 175 51.13 46.89 -40.22
C VAL C 175 49.87 47.03 -41.05
N HIS C 176 49.48 45.94 -41.71
CA HIS C 176 48.18 45.82 -42.37
C HIS C 176 47.47 44.59 -41.83
N THR C 177 46.38 44.81 -41.09
CA THR C 177 45.46 43.74 -40.70
C THR C 177 44.29 43.76 -41.68
N PHE C 178 44.18 42.70 -42.48
CA PHE C 178 43.17 42.63 -43.52
C PHE C 178 41.79 42.37 -42.94
N PRO C 179 40.72 42.86 -43.61
CA PRO C 179 39.37 42.44 -43.25
C PRO C 179 39.24 40.92 -43.34
N ALA C 180 38.47 40.36 -42.40
CA ALA C 180 38.23 38.93 -42.39
C ALA C 180 37.43 38.48 -43.60
N VAL C 181 37.75 37.28 -44.11
CA VAL C 181 36.95 36.62 -45.14
C VAL C 181 36.17 35.47 -44.50
N LEU C 182 34.91 35.34 -44.91
CA LEU C 182 34.10 34.20 -44.51
C LEU C 182 34.40 33.02 -45.43
N GLN C 183 34.97 31.96 -44.87
CA GLN C 183 35.29 30.75 -45.61
C GLN C 183 34.02 29.90 -45.85
N SER C 184 34.11 28.98 -46.81
CA SER C 184 33.00 28.06 -47.11
C SER C 184 32.60 27.21 -45.91
N SER C 185 33.49 27.02 -44.94
CA SER C 185 33.21 26.34 -43.68
C SER C 185 32.28 27.13 -42.75
N GLY C 186 32.00 28.40 -43.06
CA GLY C 186 31.27 29.29 -42.15
C GLY C 186 32.13 29.93 -41.08
N LEU C 187 33.43 29.68 -41.08
CA LEU C 187 34.39 30.27 -40.15
C LEU C 187 35.15 31.40 -40.83
N TYR C 188 35.51 32.41 -40.03
CA TYR C 188 36.28 33.54 -40.54
C TYR C 188 37.78 33.25 -40.55
N SER C 189 38.47 33.93 -41.46
CA SER C 189 39.94 33.90 -41.52
C SER C 189 40.45 35.27 -41.93
N LEU C 190 41.52 35.72 -41.29
CA LEU C 190 42.18 36.94 -41.71
C LEU C 190 43.69 36.79 -41.56
N SER C 191 44.44 37.65 -42.25
CA SER C 191 45.87 37.78 -42.07
C SER C 191 46.21 39.17 -41.55
N SER C 192 47.21 39.24 -40.69
CA SER C 192 47.85 40.50 -40.34
C SER C 192 49.31 40.41 -40.76
N VAL C 193 49.78 41.42 -41.51
CA VAL C 193 51.15 41.43 -42.02
C VAL C 193 51.83 42.74 -41.61
N VAL C 194 53.16 42.70 -41.55
CA VAL C 194 53.96 43.88 -41.28
C VAL C 194 55.22 43.81 -42.15
N THR C 195 55.62 44.95 -42.70
CA THR C 195 56.88 45.11 -43.40
C THR C 195 57.93 45.71 -42.46
N VAL C 196 59.10 45.11 -42.43
CA VAL C 196 60.21 45.49 -41.53
C VAL C 196 61.51 45.46 -42.30
N PRO C 197 62.54 46.20 -41.86
CA PRO C 197 63.85 46.08 -42.52
C PRO C 197 64.40 44.66 -42.43
N SER C 198 64.89 44.14 -43.57
CA SER C 198 65.44 42.78 -43.61
C SER C 198 66.58 42.59 -42.60
N SER C 199 67.37 43.66 -42.36
CA SER C 199 68.47 43.63 -41.39
C SER C 199 68.02 43.40 -39.95
N SER C 200 66.75 43.67 -39.62
CA SER C 200 66.24 43.51 -38.26
C SER C 200 65.81 42.09 -37.92
N LEU C 201 65.69 41.20 -38.92
CA LEU C 201 65.14 39.86 -38.71
C LEU C 201 65.96 39.01 -37.75
N GLY C 202 67.27 39.25 -37.66
CA GLY C 202 68.11 38.50 -36.74
C GLY C 202 68.22 39.07 -35.33
N THR C 203 67.78 40.31 -35.13
CA THR C 203 67.97 41.03 -33.86
C THR C 203 66.67 41.38 -33.17
N GLN C 204 65.63 41.72 -33.92
CA GLN C 204 64.34 42.12 -33.38
C GLN C 204 63.37 40.94 -33.34
N THR C 205 62.71 40.76 -32.19
CA THR C 205 61.65 39.76 -32.06
C THR C 205 60.32 40.35 -32.53
N TYR C 206 59.59 39.58 -33.34
CA TYR C 206 58.26 39.97 -33.81
C TYR C 206 57.23 38.99 -33.26
N ILE C 207 56.25 39.52 -32.53
CA ILE C 207 55.18 38.72 -31.91
C ILE C 207 53.85 39.34 -32.31
N CYS C 208 52.96 38.54 -32.90
CA CYS C 208 51.59 38.99 -33.11
C CYS C 208 50.73 38.56 -31.92
N ASN C 209 49.98 39.52 -31.37
CA ASN C 209 49.08 39.31 -30.25
C ASN C 209 47.65 39.25 -30.81
N VAL C 210 47.06 38.06 -30.79
CA VAL C 210 45.71 37.84 -31.31
C VAL C 210 44.75 37.67 -30.13
N ASN C 211 43.64 38.41 -30.14
CA ASN C 211 42.63 38.34 -29.09
C ASN C 211 41.26 38.16 -29.72
N HIS C 212 40.60 37.03 -29.39
CA HIS C 212 39.24 36.71 -29.81
C HIS C 212 38.36 36.66 -28.55
N LYS C 213 37.78 37.83 -28.21
CA LYS C 213 36.94 37.95 -27.01
C LYS C 213 35.78 36.96 -26.96
N PRO C 214 35.03 36.68 -28.05
CA PRO C 214 33.88 35.76 -27.94
C PRO C 214 34.22 34.36 -27.46
N SER C 215 35.43 33.86 -27.72
CA SER C 215 35.89 32.56 -27.23
C SER C 215 36.89 32.68 -26.07
N ASN C 216 37.13 33.90 -25.57
CA ASN C 216 38.14 34.18 -24.53
C ASN C 216 39.54 33.66 -24.92
N THR C 217 39.85 33.65 -26.23
CA THR C 217 41.13 33.16 -26.72
C THR C 217 42.13 34.30 -26.88
N LYS C 218 43.28 34.19 -26.23
CA LYS C 218 44.43 35.08 -26.48
C LYS C 218 45.62 34.22 -26.88
N VAL C 219 46.27 34.60 -27.98
CA VAL C 219 47.43 33.88 -28.50
C VAL C 219 48.51 34.88 -28.86
N ASP C 220 49.70 34.71 -28.30
CA ASP C 220 50.88 35.46 -28.69
C ASP C 220 51.77 34.51 -29.51
N LYS C 221 51.95 34.84 -30.79
CA LYS C 221 52.70 33.98 -31.70
C LYS C 221 53.97 34.69 -32.16
N LYS C 222 55.12 34.12 -31.80
CA LYS C 222 56.40 34.60 -32.30
C LYS C 222 56.57 34.19 -33.76
N VAL C 223 56.96 35.14 -34.61
CA VAL C 223 57.18 34.91 -36.04
C VAL C 223 58.67 35.04 -36.30
N GLU C 224 59.30 33.94 -36.69
CA GLU C 224 60.73 33.85 -36.94
C GLU C 224 60.99 33.36 -38.36
N PRO C 225 62.14 33.72 -38.95
CA PRO C 225 62.52 33.10 -40.22
C PRO C 225 62.58 31.59 -40.08
N LYS C 226 62.13 30.89 -41.12
CA LYS C 226 62.20 29.44 -41.10
C LYS C 226 63.66 29.02 -41.17
N SER C 227 64.12 28.33 -40.14
CA SER C 227 65.45 27.71 -40.18
C SER C 227 65.47 26.61 -41.22
N CYS C 228 66.41 26.70 -42.14
CA CYS C 228 66.71 25.63 -43.09
C CYS C 228 67.57 24.57 -42.42
N ASP D 1 8.79 48.52 -57.74
CA ASP D 1 9.26 49.76 -57.08
C ASP D 1 10.03 50.65 -58.05
N ILE D 2 10.11 51.95 -57.76
CA ILE D 2 11.06 52.85 -58.41
C ILE D 2 12.45 52.66 -57.77
N GLN D 3 13.44 52.25 -58.55
CA GLN D 3 14.74 51.78 -58.06
C GLN D 3 15.92 52.55 -58.66
N MET D 4 17.03 52.63 -57.91
CA MET D 4 18.08 53.63 -58.10
C MET D 4 19.40 53.03 -58.60
N THR D 5 19.94 53.58 -59.69
CA THR D 5 21.25 53.25 -60.29
C THR D 5 22.20 54.42 -60.11
N GLN D 6 23.27 54.24 -59.34
CA GLN D 6 24.31 55.26 -59.21
C GLN D 6 25.42 55.09 -60.24
N SER D 7 26.02 56.21 -60.64
CA SER D 7 27.16 56.21 -61.53
C SER D 7 28.09 57.37 -61.21
N PRO D 8 29.42 57.12 -61.15
CA PRO D 8 30.09 55.81 -61.21
C PRO D 8 29.93 55.03 -59.90
N SER D 9 30.31 53.76 -59.89
CA SER D 9 30.32 52.97 -58.65
C SER D 9 31.49 53.36 -57.76
N ALA D 10 32.59 53.79 -58.35
CA ALA D 10 33.75 54.31 -57.65
C ALA D 10 34.42 55.36 -58.53
N MET D 11 35.09 56.32 -57.88
CA MET D 11 35.86 57.33 -58.62
C MET D 11 37.02 57.81 -57.76
N SER D 12 38.11 58.19 -58.45
CA SER D 12 39.30 58.74 -57.81
C SER D 12 39.37 60.23 -58.11
N ALA D 13 39.59 61.04 -57.07
CA ALA D 13 39.64 62.49 -57.21
C ALA D 13 40.69 63.07 -56.27
N SER D 14 41.20 64.25 -56.61
CA SER D 14 42.16 64.99 -55.80
C SER D 14 41.44 66.05 -54.97
N VAL D 15 42.10 66.48 -53.87
CA VAL D 15 41.61 67.63 -53.10
C VAL D 15 41.54 68.84 -54.02
N GLY D 16 40.42 69.57 -53.96
CA GLY D 16 40.16 70.70 -54.84
C GLY D 16 39.37 70.36 -56.09
N ASP D 17 39.30 69.09 -56.48
CA ASP D 17 38.59 68.69 -57.69
C ASP D 17 37.08 68.89 -57.54
N ARG D 18 36.43 69.14 -58.68
CA ARG D 18 34.97 69.11 -58.76
C ARG D 18 34.51 67.68 -59.04
N VAL D 19 33.73 67.13 -58.12
CA VAL D 19 33.22 65.77 -58.21
C VAL D 19 31.73 65.82 -58.55
N THR D 20 31.30 64.97 -59.50
CA THR D 20 29.91 64.85 -59.89
C THR D 20 29.50 63.38 -59.84
N ILE D 21 28.43 63.09 -59.11
CA ILE D 21 27.87 61.74 -58.97
C ILE D 21 26.44 61.79 -59.48
N THR D 22 26.06 60.80 -60.29
CA THR D 22 24.71 60.74 -60.88
C THR D 22 23.93 59.58 -60.30
N CYS D 23 22.64 59.77 -60.14
CA CYS D 23 21.71 58.75 -59.71
C CYS D 23 20.52 58.77 -60.66
N ARG D 24 20.14 57.59 -61.14
CA ARG D 24 19.02 57.40 -62.08
C ARG D 24 17.96 56.50 -61.47
N ALA D 25 16.74 57.01 -61.39
CA ALA D 25 15.54 56.25 -61.05
C ALA D 25 15.02 55.49 -62.28
N SER D 26 14.41 54.32 -62.07
CA SER D 26 13.76 53.57 -63.16
C SER D 26 12.51 54.28 -63.72
N GLN D 27 11.80 55.07 -62.91
CA GLN D 27 10.57 55.83 -63.23
C GLN D 27 10.59 57.18 -62.51
N GLY D 28 9.85 58.19 -62.98
CA GLY D 28 10.03 59.58 -62.53
C GLY D 28 9.70 59.81 -61.05
N ILE D 29 10.41 60.73 -60.39
CA ILE D 29 10.26 61.02 -58.93
C ILE D 29 10.10 62.51 -58.59
N SER D 30 9.95 63.38 -59.58
CA SER D 30 9.68 64.82 -59.43
C SER D 30 10.65 65.49 -58.43
N ASN D 31 10.16 66.05 -57.32
CA ASN D 31 11.00 66.72 -56.31
C ASN D 31 11.48 65.81 -55.15
N TYR D 32 11.32 64.48 -55.21
CA TYR D 32 11.53 63.61 -54.03
C TYR D 32 12.81 62.75 -54.10
N LEU D 33 13.99 63.40 -54.06
CA LEU D 33 15.28 62.74 -53.94
C LEU D 33 16.18 63.35 -52.84
N ALA D 34 16.95 62.49 -52.17
CA ALA D 34 17.89 62.82 -51.12
C ALA D 34 19.26 62.13 -51.32
N TRP D 35 20.30 62.66 -50.67
CA TRP D 35 21.69 62.18 -50.75
C TRP D 35 22.30 62.01 -49.34
N PHE D 36 23.14 60.99 -49.17
CA PHE D 36 23.78 60.65 -47.88
C PHE D 36 25.26 60.37 -48.05
N GLN D 37 26.09 60.80 -47.10
CA GLN D 37 27.51 60.50 -47.01
C GLN D 37 27.74 59.48 -45.90
N GLN D 38 28.51 58.43 -46.20
CA GLN D 38 28.93 57.46 -45.19
C GLN D 38 30.43 57.28 -45.22
N LYS D 39 31.08 57.56 -44.09
CA LYS D 39 32.50 57.27 -43.90
C LYS D 39 32.69 55.88 -43.31
N PRO D 40 33.83 55.22 -43.59
CA PRO D 40 34.04 53.86 -43.05
C PRO D 40 33.84 53.77 -41.55
N GLY D 41 33.05 52.78 -41.12
CA GLY D 41 32.72 52.57 -39.72
C GLY D 41 31.84 53.62 -39.08
N LYS D 42 31.22 54.51 -39.85
CA LYS D 42 30.33 55.53 -39.34
C LYS D 42 28.92 55.34 -39.89
N VAL D 43 27.92 55.92 -39.21
CA VAL D 43 26.53 55.96 -39.68
C VAL D 43 26.37 56.98 -40.82
N PRO D 44 25.41 56.81 -41.75
CA PRO D 44 25.15 57.79 -42.80
C PRO D 44 24.79 59.19 -42.25
N LYS D 45 25.24 60.23 -42.95
CA LYS D 45 24.93 61.66 -42.74
C LYS D 45 24.12 62.17 -43.93
N ARG D 46 22.94 62.77 -43.70
CA ARG D 46 22.17 63.38 -44.80
C ARG D 46 22.87 64.63 -45.34
N LEU D 47 22.87 64.79 -46.67
CA LEU D 47 23.45 65.94 -47.37
C LEU D 47 22.39 66.89 -47.93
N ILE D 48 21.49 66.35 -48.73
CA ILE D 48 20.47 67.09 -49.48
C ILE D 48 19.18 66.27 -49.42
N TYR D 49 18.01 66.91 -49.40
CA TYR D 49 16.70 66.27 -49.41
C TYR D 49 15.69 67.09 -50.24
N ALA D 50 14.55 66.49 -50.58
CA ALA D 50 13.50 67.12 -51.36
C ALA D 50 14.02 67.77 -52.67
N ALA D 51 14.86 67.01 -53.38
CA ALA D 51 15.55 67.35 -54.62
C ALA D 51 16.58 68.49 -54.57
N SER D 52 16.49 69.50 -53.70
CA SER D 52 17.61 70.45 -53.62
C SER D 52 17.83 71.12 -52.24
N SER D 53 17.01 70.83 -51.23
CA SER D 53 17.18 71.40 -49.89
C SER D 53 18.44 70.85 -49.23
N LEU D 54 19.43 71.71 -49.01
CA LEU D 54 20.66 71.36 -48.29
C LEU D 54 20.37 71.12 -46.80
N GLN D 55 20.84 70.01 -46.25
CA GLN D 55 20.71 69.72 -44.82
C GLN D 55 21.45 70.78 -43.99
N SER D 56 20.81 71.31 -42.94
CA SER D 56 21.44 72.32 -42.09
C SER D 56 22.74 71.82 -41.47
N GLY D 57 23.79 72.65 -41.48
CA GLY D 57 25.13 72.30 -41.07
C GLY D 57 25.99 71.60 -42.10
N VAL D 58 25.47 71.27 -43.29
CA VAL D 58 26.29 70.72 -44.38
C VAL D 58 27.02 71.86 -45.11
N PRO D 59 28.32 71.75 -45.36
CA PRO D 59 29.08 72.74 -46.12
C PRO D 59 28.49 73.05 -47.50
N SER D 60 28.43 74.33 -47.88
CA SER D 60 27.80 74.80 -49.13
C SER D 60 28.49 74.32 -50.43
N ARG D 61 29.66 73.67 -50.35
CA ARG D 61 30.31 73.02 -51.50
C ARG D 61 29.51 71.84 -52.03
N PHE D 62 28.68 71.23 -51.17
CA PHE D 62 27.70 70.22 -51.54
C PHE D 62 26.50 70.90 -52.20
N SER D 63 26.15 70.43 -53.38
CA SER D 63 25.09 70.98 -54.22
C SER D 63 24.44 69.85 -55.03
N GLY D 64 23.18 70.02 -55.41
CA GLY D 64 22.40 68.96 -56.06
C GLY D 64 21.44 69.51 -57.11
N SER D 65 21.14 68.69 -58.10
CA SER D 65 20.32 69.07 -59.26
C SER D 65 19.63 67.86 -59.89
N GLY D 66 18.58 68.07 -60.67
CA GLY D 66 17.84 67.00 -61.33
C GLY D 66 16.33 67.19 -61.41
N SER D 67 15.69 66.39 -62.25
CA SER D 67 14.24 66.32 -62.45
C SER D 67 13.86 65.03 -63.16
N GLY D 68 12.58 64.65 -63.15
CA GLY D 68 12.12 63.42 -63.81
C GLY D 68 12.76 62.17 -63.20
N THR D 69 13.67 61.53 -63.96
CA THR D 69 14.35 60.27 -63.61
C THR D 69 15.83 60.42 -63.23
N GLU D 70 16.43 61.60 -63.35
CA GLU D 70 17.89 61.82 -63.33
C GLU D 70 18.33 62.93 -62.37
N PHE D 71 19.26 62.61 -61.47
CA PHE D 71 19.67 63.49 -60.38
C PHE D 71 21.16 63.41 -60.12
N THR D 72 21.69 64.47 -59.51
CA THR D 72 23.12 64.71 -59.35
C THR D 72 23.47 65.18 -57.94
N LEU D 73 24.59 64.71 -57.40
CA LEU D 73 25.35 65.39 -56.34
C LEU D 73 26.63 65.99 -56.95
N THR D 74 26.85 67.29 -56.75
CA THR D 74 28.08 67.98 -57.14
C THR D 74 28.80 68.52 -55.91
N ILE D 75 30.07 68.13 -55.73
CA ILE D 75 30.98 68.71 -54.75
C ILE D 75 31.87 69.68 -55.52
N SER D 76 31.75 70.98 -55.23
CA SER D 76 32.39 72.02 -56.05
C SER D 76 33.91 72.02 -55.88
N SER D 77 34.40 71.74 -54.67
CA SER D 77 35.82 71.66 -54.36
C SER D 77 35.99 70.60 -53.26
N LEU D 78 36.48 69.44 -53.67
CA LEU D 78 36.59 68.29 -52.77
C LEU D 78 37.58 68.56 -51.64
N GLN D 79 37.15 68.32 -50.39
CA GLN D 79 38.00 68.47 -49.22
C GLN D 79 38.44 67.10 -48.69
N PRO D 80 39.53 67.05 -47.89
CA PRO D 80 39.99 65.74 -47.38
C PRO D 80 38.94 64.96 -46.60
N GLU D 81 38.01 65.65 -45.93
CA GLU D 81 36.95 64.99 -45.18
C GLU D 81 35.81 64.51 -46.07
N ASP D 82 35.83 64.78 -47.38
CA ASP D 82 34.77 64.37 -48.31
C ASP D 82 35.03 63.00 -48.95
N PHE D 83 36.20 62.39 -48.75
CA PHE D 83 36.47 61.04 -49.23
C PHE D 83 35.63 60.05 -48.42
N ALA D 84 34.60 59.50 -49.08
CA ALA D 84 33.55 58.72 -48.45
C ALA D 84 32.77 57.96 -49.52
N THR D 85 31.80 57.15 -49.08
CA THR D 85 30.82 56.57 -49.99
C THR D 85 29.53 57.40 -49.94
N TYR D 86 29.03 57.78 -51.11
CA TYR D 86 27.81 58.57 -51.24
C TYR D 86 26.69 57.67 -51.75
N TYR D 87 25.50 57.82 -51.14
CA TYR D 87 24.30 57.06 -51.52
C TYR D 87 23.18 58.02 -51.88
N CYS D 88 22.47 57.76 -52.97
CA CYS D 88 21.20 58.43 -53.27
C CYS D 88 20.01 57.64 -52.70
N LEU D 89 18.90 58.35 -52.49
CA LEU D 89 17.65 57.82 -51.97
C LEU D 89 16.49 58.54 -52.66
N GLN D 90 15.68 57.84 -53.44
CA GLN D 90 14.36 58.37 -53.78
C GLN D 90 13.43 58.23 -52.56
N HIS D 91 12.69 59.29 -52.27
CA HIS D 91 11.69 59.31 -51.20
C HIS D 91 10.29 59.64 -51.75
N ASN D 92 10.07 59.39 -53.04
CA ASN D 92 8.76 59.47 -53.67
C ASN D 92 7.85 58.31 -53.27
N THR D 93 8.39 57.12 -53.02
CA THR D 93 7.59 55.92 -52.77
C THR D 93 8.11 55.05 -51.63
N SER D 94 7.24 54.14 -51.21
CA SER D 94 7.56 53.04 -50.29
C SER D 94 7.34 51.70 -51.01
N PRO D 95 8.21 50.68 -50.86
CA PRO D 95 9.53 50.70 -50.21
C PRO D 95 10.52 51.69 -50.83
N SER D 96 11.53 52.18 -50.09
CA SER D 96 12.33 53.34 -50.50
C SER D 96 13.82 53.00 -50.70
N PRO D 97 14.23 52.47 -51.86
CA PRO D 97 15.57 51.90 -52.08
C PRO D 97 16.65 52.95 -52.17
N PHE D 98 17.82 52.61 -51.61
CA PHE D 98 19.05 53.35 -51.82
C PHE D 98 19.71 52.94 -53.14
N GLY D 99 20.51 53.84 -53.72
CA GLY D 99 21.44 53.47 -54.77
C GLY D 99 22.57 52.57 -54.23
N GLN D 100 23.33 51.98 -55.17
CA GLN D 100 24.40 51.05 -54.80
C GLN D 100 25.54 51.72 -54.04
N GLY D 101 25.63 53.04 -54.10
CA GLY D 101 26.71 53.82 -53.52
C GLY D 101 27.78 54.17 -54.56
N THR D 102 28.42 55.32 -54.35
CA THR D 102 29.57 55.77 -55.12
C THR D 102 30.71 56.04 -54.15
N LYS D 103 31.78 55.27 -54.24
CA LYS D 103 32.95 55.48 -53.40
C LYS D 103 33.85 56.52 -54.05
N VAL D 104 34.12 57.61 -53.32
CA VAL D 104 35.08 58.63 -53.73
C VAL D 104 36.36 58.37 -52.96
N GLU D 105 37.42 58.00 -53.67
CA GLU D 105 38.72 57.70 -53.09
C GLU D 105 39.74 58.79 -53.49
N ILE D 106 40.84 58.83 -52.72
CA ILE D 106 41.92 59.78 -52.99
C ILE D 106 42.74 59.31 -54.18
N LYS D 107 42.81 60.15 -55.20
CA LYS D 107 43.67 59.91 -56.35
C LYS D 107 45.12 60.20 -55.99
N ARG D 108 46.00 59.24 -56.30
CA ARG D 108 47.44 59.39 -56.16
C ARG D 108 48.13 58.88 -57.43
N THR D 109 49.45 59.02 -57.46
CA THR D 109 50.26 58.42 -58.53
C THR D 109 50.18 56.90 -58.46
N VAL D 110 50.31 56.27 -59.64
CA VAL D 110 50.37 54.81 -59.72
C VAL D 110 51.53 54.30 -58.88
N ALA D 111 51.26 53.27 -58.07
CA ALA D 111 52.26 52.60 -57.26
C ALA D 111 52.17 51.10 -57.51
N ALA D 112 53.28 50.50 -57.91
CA ALA D 112 53.33 49.05 -58.13
C ALA D 112 53.30 48.31 -56.80
N PRO D 113 52.58 47.18 -56.71
CA PRO D 113 52.60 46.39 -55.47
C PRO D 113 53.95 45.74 -55.23
N SER D 114 54.37 45.75 -53.96
CA SER D 114 55.43 44.85 -53.52
C SER D 114 54.80 43.47 -53.26
N VAL D 115 55.25 42.45 -53.99
CA VAL D 115 54.63 41.12 -53.93
C VAL D 115 55.49 40.19 -53.07
N PHE D 116 54.82 39.54 -52.12
CA PHE D 116 55.43 38.57 -51.21
C PHE D 116 54.61 37.29 -51.21
N ILE D 117 55.26 36.13 -51.05
CA ILE D 117 54.57 34.85 -50.96
C ILE D 117 55.02 34.12 -49.70
N PHE D 118 54.06 33.54 -48.98
CA PHE D 118 54.28 32.82 -47.73
C PHE D 118 53.84 31.38 -47.88
N PRO D 119 54.75 30.40 -47.73
CA PRO D 119 54.35 28.98 -47.66
C PRO D 119 53.54 28.69 -46.42
N PRO D 120 52.78 27.59 -46.42
CA PRO D 120 52.08 27.18 -45.18
C PRO D 120 53.08 26.81 -44.09
N SER D 121 52.71 27.12 -42.85
CA SER D 121 53.54 26.78 -41.69
C SER D 121 53.44 25.28 -41.39
N ASP D 122 54.53 24.74 -40.82
CA ASP D 122 54.55 23.32 -40.45
C ASP D 122 53.47 23.00 -39.39
N GLU D 123 53.16 23.97 -38.53
CA GLU D 123 52.06 23.83 -37.57
C GLU D 123 50.72 23.65 -38.27
N GLN D 124 50.45 24.45 -39.32
CA GLN D 124 49.21 24.30 -40.07
C GLN D 124 49.16 22.96 -40.80
N LEU D 125 50.28 22.54 -41.39
CA LEU D 125 50.32 21.26 -42.08
C LEU D 125 50.00 20.10 -41.15
N LYS D 126 50.39 20.18 -39.88
CA LYS D 126 49.99 19.15 -38.91
C LYS D 126 48.48 19.05 -38.73
N SER D 127 47.73 20.13 -38.96
CA SER D 127 46.27 20.13 -38.85
C SER D 127 45.57 19.61 -40.11
N GLY D 128 46.31 19.26 -41.16
CA GLY D 128 45.74 18.69 -42.38
C GLY D 128 45.34 19.68 -43.46
N THR D 129 45.57 20.97 -43.25
CA THR D 129 45.25 22.01 -44.22
C THR D 129 46.50 22.83 -44.52
N ALA D 130 46.60 23.31 -45.76
CA ALA D 130 47.68 24.18 -46.19
C ALA D 130 47.11 25.48 -46.73
N SER D 131 47.52 26.60 -46.15
CA SER D 131 47.20 27.93 -46.67
C SER D 131 48.47 28.59 -47.20
N VAL D 132 48.46 28.94 -48.48
CA VAL D 132 49.52 29.71 -49.11
C VAL D 132 49.02 31.15 -49.24
N VAL D 133 49.81 32.12 -48.79
CA VAL D 133 49.36 33.52 -48.78
C VAL D 133 50.23 34.33 -49.73
N CYS D 134 49.58 35.10 -50.61
CA CYS D 134 50.24 36.08 -51.46
C CYS D 134 49.83 37.47 -51.00
N LEU D 135 50.82 38.29 -50.68
CA LEU D 135 50.62 39.66 -50.23
C LEU D 135 51.03 40.64 -51.33
N LEU D 136 50.11 41.53 -51.70
CA LEU D 136 50.36 42.69 -52.53
C LEU D 136 50.34 43.91 -51.61
N ASN D 137 51.48 44.56 -51.43
CA ASN D 137 51.60 45.62 -50.42
C ASN D 137 51.78 46.99 -51.07
N ASN D 138 50.99 47.96 -50.58
CA ASN D 138 51.10 49.39 -50.86
C ASN D 138 51.10 49.73 -52.36
N PHE D 139 49.97 49.44 -53.01
CA PHE D 139 49.80 49.69 -54.45
C PHE D 139 48.62 50.63 -54.72
N TYR D 140 48.63 51.23 -55.92
CA TYR D 140 47.56 52.11 -56.40
C TYR D 140 47.58 52.12 -57.93
N PRO D 141 46.42 52.03 -58.62
CA PRO D 141 45.03 51.97 -58.12
C PRO D 141 44.69 50.60 -57.51
N ARG D 142 43.44 50.47 -57.04
CA ARG D 142 42.99 49.29 -56.31
C ARG D 142 42.87 48.06 -57.20
N GLU D 143 42.69 48.25 -58.51
CA GLU D 143 42.53 47.16 -59.46
C GLU D 143 43.83 46.37 -59.59
N ALA D 144 43.81 45.14 -59.06
CA ALA D 144 44.93 44.21 -59.17
C ALA D 144 44.37 42.81 -59.43
N LYS D 145 45.07 42.04 -60.25
CA LYS D 145 44.68 40.66 -60.55
C LYS D 145 45.73 39.70 -59.99
N VAL D 146 45.29 38.78 -59.13
CA VAL D 146 46.15 37.73 -58.58
C VAL D 146 45.73 36.40 -59.19
N GLN D 147 46.68 35.67 -59.75
CA GLN D 147 46.46 34.33 -60.27
C GLN D 147 47.38 33.34 -59.59
N TRP D 148 46.80 32.29 -59.03
CA TRP D 148 47.58 31.21 -58.44
C TRP D 148 47.87 30.13 -59.48
N LYS D 149 49.11 29.68 -59.51
CA LYS D 149 49.55 28.57 -60.36
C LYS D 149 50.23 27.53 -59.49
N VAL D 150 49.81 26.28 -59.61
CA VAL D 150 50.41 25.15 -58.92
C VAL D 150 50.94 24.20 -59.99
N ASP D 151 52.25 23.96 -59.98
CA ASP D 151 52.97 23.26 -61.06
C ASP D 151 52.54 23.76 -62.44
N ASN D 152 52.46 25.09 -62.57
CA ASN D 152 52.06 25.87 -63.76
C ASN D 152 50.57 25.73 -64.13
N ALA D 153 49.79 24.94 -63.38
CA ALA D 153 48.34 24.85 -63.60
C ALA D 153 47.62 26.01 -62.90
N LEU D 154 46.81 26.75 -63.66
CA LEU D 154 46.02 27.85 -63.10
C LEU D 154 44.98 27.34 -62.12
N GLN D 155 44.95 27.94 -60.93
CA GLN D 155 43.98 27.59 -59.89
C GLN D 155 42.73 28.46 -60.01
N SER D 156 41.58 27.87 -59.65
CA SER D 156 40.29 28.56 -59.67
C SER D 156 39.42 28.05 -58.52
N GLY D 157 38.69 28.97 -57.86
CA GLY D 157 37.72 28.63 -56.84
C GLY D 157 38.27 28.24 -55.47
N ASN D 158 39.59 28.15 -55.32
CA ASN D 158 40.23 27.71 -54.08
C ASN D 158 41.03 28.82 -53.40
N SER D 159 40.79 30.08 -53.78
CA SER D 159 41.45 31.22 -53.14
C SER D 159 40.42 32.27 -52.73
N GLN D 160 40.77 33.02 -51.69
CA GLN D 160 39.97 34.17 -51.24
C GLN D 160 40.85 35.40 -51.09
N GLU D 161 40.33 36.56 -51.47
CA GLU D 161 41.05 37.83 -51.42
C GLU D 161 40.43 38.77 -50.39
N SER D 162 41.29 39.55 -49.74
CA SER D 162 40.88 40.62 -48.86
C SER D 162 41.72 41.85 -49.15
N VAL D 163 41.08 43.03 -49.19
CA VAL D 163 41.75 44.29 -49.50
C VAL D 163 41.51 45.26 -48.35
N THR D 164 42.56 45.97 -47.94
CA THR D 164 42.45 47.00 -46.93
C THR D 164 41.67 48.21 -47.48
N GLU D 165 41.15 49.03 -46.56
CA GLU D 165 40.74 50.37 -46.94
C GLU D 165 41.97 51.17 -47.36
N GLN D 166 41.73 52.28 -48.07
CA GLN D 166 42.81 53.13 -48.54
C GLN D 166 43.59 53.70 -47.37
N ASP D 167 44.92 53.60 -47.43
CA ASP D 167 45.76 54.04 -46.33
C ASP D 167 45.67 55.56 -46.15
N SER D 168 45.56 55.99 -44.89
CA SER D 168 45.33 57.40 -44.57
C SER D 168 46.57 58.27 -44.80
N LYS D 169 47.75 57.67 -44.92
CA LYS D 169 49.01 58.41 -45.06
C LYS D 169 49.54 58.43 -46.49
N ASP D 170 49.57 57.27 -47.14
CA ASP D 170 50.15 57.15 -48.48
C ASP D 170 49.11 56.89 -49.56
N SER D 171 47.83 56.76 -49.18
CA SER D 171 46.69 56.56 -50.08
C SER D 171 46.79 55.28 -50.92
N THR D 172 47.55 54.29 -50.45
CA THR D 172 47.67 53.01 -51.15
C THR D 172 46.69 51.97 -50.61
N TYR D 173 46.62 50.85 -51.32
CA TYR D 173 45.89 49.66 -50.92
C TYR D 173 46.87 48.51 -50.68
N SER D 174 46.46 47.57 -49.84
CA SER D 174 47.14 46.28 -49.74
C SER D 174 46.11 45.17 -49.91
N LEU D 175 46.56 44.07 -50.51
CA LEU D 175 45.71 42.92 -50.80
C LEU D 175 46.37 41.64 -50.34
N SER D 176 45.60 40.79 -49.68
CA SER D 176 46.01 39.44 -49.29
C SER D 176 45.15 38.43 -50.06
N SER D 177 45.80 37.55 -50.83
CA SER D 177 45.13 36.41 -51.45
C SER D 177 45.61 35.13 -50.75
N THR D 178 44.66 34.28 -50.34
CA THR D 178 44.97 33.03 -49.62
C THR D 178 44.45 31.86 -50.45
N LEU D 179 45.39 31.07 -50.97
CA LEU D 179 45.11 29.77 -51.58
C LEU D 179 45.01 28.70 -50.49
N THR D 180 43.88 28.00 -50.42
CA THR D 180 43.67 26.96 -49.41
C THR D 180 43.54 25.60 -50.09
N LEU D 181 44.37 24.66 -49.64
CA LEU D 181 44.42 23.29 -50.16
C LEU D 181 44.38 22.31 -48.99
N SER D 182 43.97 21.07 -49.27
CA SER D 182 44.21 20.01 -48.30
C SER D 182 45.71 19.71 -48.22
N LYS D 183 46.15 19.21 -47.05
CA LYS D 183 47.54 18.78 -46.91
C LYS D 183 47.94 17.79 -48.00
N ALA D 184 47.03 16.85 -48.30
CA ALA D 184 47.30 15.82 -49.31
C ALA D 184 47.53 16.43 -50.71
N ASP D 185 46.72 17.42 -51.09
CA ASP D 185 46.90 18.07 -52.38
C ASP D 185 48.13 18.96 -52.39
N TYR D 186 48.41 19.63 -51.26
CA TYR D 186 49.63 20.43 -51.12
C TYR D 186 50.88 19.57 -51.29
N GLU D 187 50.85 18.33 -50.77
CA GLU D 187 52.01 17.44 -50.85
C GLU D 187 52.17 16.77 -52.22
N LYS D 188 51.11 16.76 -53.05
CA LYS D 188 51.22 16.22 -54.42
C LYS D 188 52.00 17.12 -55.38
N HIS D 189 52.03 18.43 -55.15
CA HIS D 189 52.60 19.39 -56.07
C HIS D 189 53.90 19.98 -55.49
N LYS D 190 54.69 20.61 -56.36
CA LYS D 190 55.99 21.13 -55.95
C LYS D 190 56.11 22.63 -56.09
N LEU D 191 55.78 23.20 -57.26
CA LEU D 191 55.93 24.63 -57.51
C LEU D 191 54.63 25.39 -57.21
N TYR D 192 54.69 26.31 -56.25
CA TYR D 192 53.57 27.20 -55.88
C TYR D 192 53.93 28.62 -56.30
N ALA D 193 53.07 29.25 -57.12
CA ALA D 193 53.35 30.56 -57.68
C ALA D 193 52.13 31.47 -57.59
N CYS D 194 52.38 32.73 -57.25
CA CYS D 194 51.41 33.82 -57.27
C CYS D 194 51.85 34.82 -58.34
N GLU D 195 51.03 34.96 -59.39
CA GLU D 195 51.27 35.89 -60.50
C GLU D 195 50.36 37.10 -60.34
N VAL D 196 50.97 38.30 -60.31
CA VAL D 196 50.27 39.54 -60.05
C VAL D 196 50.32 40.44 -61.29
N THR D 197 49.16 40.89 -61.74
CA THR D 197 49.01 41.87 -62.80
C THR D 197 48.46 43.16 -62.21
N HIS D 198 49.14 44.28 -62.48
CA HIS D 198 48.76 45.58 -61.97
C HIS D 198 49.25 46.66 -62.93
N GLN D 199 48.53 47.79 -62.98
CA GLN D 199 48.86 48.89 -63.90
C GLN D 199 50.26 49.44 -63.68
N GLY D 200 50.76 49.42 -62.44
CA GLY D 200 52.12 49.86 -62.13
C GLY D 200 53.23 48.89 -62.50
N LEU D 201 52.87 47.71 -62.99
CA LEU D 201 53.82 46.70 -63.42
C LEU D 201 53.84 46.62 -64.94
N SER D 202 55.03 46.77 -65.54
CA SER D 202 55.20 46.68 -66.99
C SER D 202 54.89 45.28 -67.51
N SER D 203 55.08 44.25 -66.69
CA SER D 203 54.76 42.87 -66.95
C SER D 203 54.29 42.20 -65.67
N PRO D 204 53.52 41.13 -65.76
CA PRO D 204 53.11 40.43 -64.52
C PRO D 204 54.31 39.97 -63.69
N VAL D 205 54.22 40.18 -62.38
CA VAL D 205 55.26 39.76 -61.44
C VAL D 205 54.84 38.44 -60.80
N THR D 206 55.68 37.42 -60.91
CA THR D 206 55.44 36.12 -60.30
C THR D 206 56.39 35.93 -59.11
N LYS D 207 55.81 35.64 -57.95
CA LYS D 207 56.58 35.14 -56.80
C LYS D 207 56.23 33.68 -56.58
N SER D 208 57.25 32.85 -56.33
CA SER D 208 57.03 31.41 -56.23
C SER D 208 58.00 30.78 -55.22
N PHE D 209 57.64 29.58 -54.78
CA PHE D 209 58.51 28.72 -53.99
C PHE D 209 58.28 27.26 -54.38
N ASN D 210 59.32 26.43 -54.16
CA ASN D 210 59.17 24.99 -54.27
C ASN D 210 58.90 24.41 -52.88
N ARG D 211 57.90 23.53 -52.78
CA ARG D 211 57.59 22.86 -51.52
C ARG D 211 58.79 22.06 -51.03
N GLY D 212 59.18 22.28 -49.77
CA GLY D 212 60.32 21.61 -49.17
C GLY D 212 61.66 22.28 -49.37
N GLU D 213 61.74 23.30 -50.22
CA GLU D 213 62.93 24.15 -50.29
C GLU D 213 62.80 25.30 -49.30
N CYS D 214 63.95 25.77 -48.85
CA CYS D 214 64.05 26.88 -47.95
C CYS D 214 64.09 28.24 -48.67
N TYR E 1 -9.87 -112.57 7.13
CA TYR E 1 -8.47 -112.66 7.58
C TYR E 1 -7.86 -111.31 7.95
N GLU E 2 -8.39 -110.17 7.52
CA GLU E 2 -7.92 -108.86 8.01
C GLU E 2 -8.35 -108.65 9.47
N HIS E 3 -7.50 -109.11 10.38
CA HIS E 3 -7.84 -109.04 11.83
C HIS E 3 -7.67 -107.63 12.36
N THR E 4 -8.63 -107.20 13.20
CA THR E 4 -8.58 -105.89 13.83
C THR E 4 -8.94 -106.03 15.31
N ALA E 5 -8.12 -105.47 16.19
CA ALA E 5 -8.33 -105.48 17.62
C ALA E 5 -7.59 -104.31 18.28
N VAL E 6 -7.93 -103.99 19.51
CA VAL E 6 -7.27 -102.92 20.28
C VAL E 6 -6.40 -103.50 21.38
N MET E 7 -5.12 -103.15 21.39
CA MET E 7 -4.15 -103.64 22.37
C MET E 7 -3.62 -102.49 23.25
N PRO E 8 -3.62 -102.61 24.58
CA PRO E 8 -3.14 -101.56 25.46
C PRO E 8 -1.67 -101.24 25.21
N ASN E 9 -1.32 -99.96 25.23
CA ASN E 9 0.03 -99.54 24.89
C ASN E 9 1.02 -99.84 26.03
N LYS E 10 1.74 -100.95 25.94
CA LYS E 10 2.88 -101.26 26.83
C LYS E 10 4.00 -101.89 26.01
N VAL E 11 5.20 -101.86 26.56
CA VAL E 11 6.42 -102.34 25.91
C VAL E 11 6.62 -103.85 26.04
N GLY E 12 6.93 -104.35 27.23
CA GLY E 12 7.43 -105.72 27.40
C GLY E 12 6.39 -106.82 27.26
N ILE E 13 5.10 -106.50 27.05
CA ILE E 13 4.03 -107.51 27.15
C ILE E 13 3.54 -107.89 25.77
N PRO E 14 3.58 -109.18 25.39
CA PRO E 14 3.00 -109.62 24.14
C PRO E 14 1.47 -109.68 24.25
N TYR E 15 0.78 -109.26 23.19
CA TYR E 15 -0.69 -109.29 23.05
C TYR E 15 -1.17 -110.36 22.10
N LYS E 16 -0.76 -111.59 22.41
CA LYS E 16 -1.21 -112.78 21.71
C LYS E 16 -2.73 -112.86 21.67
N ALA E 17 -3.30 -112.79 20.47
CA ALA E 17 -4.72 -113.00 20.23
C ALA E 17 -4.89 -113.97 19.06
N LEU E 18 -6.02 -114.67 19.01
CA LEU E 18 -6.26 -115.75 18.04
C LEU E 18 -7.11 -115.30 16.85
N VAL E 19 -6.59 -115.39 15.61
CA VAL E 19 -7.36 -115.11 14.40
C VAL E 19 -8.14 -116.34 14.03
N GLU E 20 -9.44 -116.31 14.29
CA GLU E 20 -10.36 -117.42 14.02
C GLU E 20 -11.09 -117.20 12.69
N ARG E 21 -10.62 -117.82 11.61
CA ARG E 21 -11.27 -117.83 10.30
C ARG E 21 -12.03 -119.14 10.15
N PRO E 22 -13.33 -119.15 9.88
CA PRO E 22 -14.08 -120.39 9.73
C PRO E 22 -13.60 -121.17 8.51
N GLY E 23 -13.60 -122.50 8.59
CA GLY E 23 -13.20 -123.38 7.51
C GLY E 23 -11.72 -123.67 7.45
N TYR E 24 -10.93 -123.05 8.31
CA TYR E 24 -9.47 -123.18 8.36
C TYR E 24 -9.01 -123.36 9.79
N ALA E 25 -7.82 -123.91 9.99
CA ALA E 25 -7.22 -123.94 11.31
C ALA E 25 -6.99 -122.52 11.83
N PRO E 26 -7.39 -122.18 13.07
CA PRO E 26 -7.07 -120.90 13.68
C PRO E 26 -5.57 -120.64 13.69
N VAL E 27 -5.17 -119.37 13.60
CA VAL E 27 -3.77 -118.95 13.68
C VAL E 27 -3.67 -117.85 14.73
N HIS E 28 -2.66 -117.94 15.61
CA HIS E 28 -2.51 -116.98 16.73
C HIS E 28 -1.40 -115.95 16.44
N LEU E 29 -1.72 -114.67 16.62
CA LEU E 29 -0.75 -113.59 16.49
C LEU E 29 0.08 -113.47 17.75
N GLN E 30 1.16 -112.70 17.66
CA GLN E 30 2.00 -112.42 18.82
C GLN E 30 2.73 -111.09 18.65
N ILE E 31 1.98 -110.00 18.68
CA ILE E 31 2.51 -108.64 18.72
C ILE E 31 3.19 -108.31 20.05
N GLN E 32 4.36 -107.70 19.99
CA GLN E 32 5.05 -107.07 21.14
C GLN E 32 5.74 -105.78 20.69
N LEU E 33 5.64 -104.70 21.45
CA LEU E 33 6.23 -103.42 21.08
C LEU E 33 7.61 -103.25 21.74
N VAL E 34 8.69 -103.39 20.99
CA VAL E 34 10.03 -103.18 21.52
C VAL E 34 10.28 -101.72 21.88
N ASN E 35 9.96 -100.78 20.99
CA ASN E 35 10.15 -99.34 21.20
C ASN E 35 8.90 -98.56 20.79
N THR E 36 8.67 -97.41 21.42
CA THR E 36 7.44 -96.61 21.31
C THR E 36 7.78 -95.13 21.19
N ARG E 37 8.56 -94.75 20.17
CA ARG E 37 9.19 -93.42 20.04
C ARG E 37 8.15 -92.34 19.70
N ILE E 38 7.99 -91.32 20.54
CA ILE E 38 7.01 -90.24 20.34
C ILE E 38 7.46 -89.20 19.29
N ILE E 39 8.75 -88.90 19.19
CA ILE E 39 9.38 -87.98 18.21
C ILE E 39 8.56 -86.71 17.91
N PRO E 40 8.52 -85.70 18.80
CA PRO E 40 7.86 -84.45 18.52
C PRO E 40 8.62 -83.67 17.45
N SER E 41 7.96 -82.74 16.77
CA SER E 41 8.63 -81.78 15.90
C SER E 41 9.63 -80.97 16.69
N THR E 42 10.72 -80.56 16.05
CA THR E 42 11.81 -79.84 16.69
C THR E 42 12.19 -78.64 15.86
N ASN E 43 12.57 -77.56 16.53
CA ASN E 43 13.02 -76.35 15.87
C ASN E 43 13.98 -75.62 16.79
N LEU E 44 15.21 -75.45 16.34
CA LEU E 44 16.23 -74.82 17.17
C LEU E 44 15.98 -73.32 17.25
N GLU E 45 15.94 -72.79 18.49
CA GLU E 45 15.80 -71.35 18.65
C GLU E 45 17.15 -70.67 18.77
N TYR E 46 17.95 -71.05 19.77
CA TYR E 46 19.27 -70.48 19.94
C TYR E 46 20.08 -71.33 20.91
N ILE E 47 21.38 -71.06 20.96
CA ILE E 47 22.31 -71.78 21.81
C ILE E 47 22.86 -70.83 22.86
N THR E 48 22.85 -71.27 24.12
CA THR E 48 23.37 -70.49 25.23
C THR E 48 24.56 -71.19 25.85
N CYS E 49 25.49 -70.39 26.37
CA CYS E 49 26.70 -70.92 26.99
C CYS E 49 27.33 -69.81 27.81
N LYS E 50 28.34 -70.18 28.60
CA LYS E 50 29.10 -69.20 29.35
C LYS E 50 29.87 -68.31 28.40
N TYR E 51 29.91 -67.01 28.70
CA TYR E 51 30.57 -66.05 27.83
C TYR E 51 32.05 -65.93 28.19
N LYS E 52 32.71 -64.96 27.58
CA LYS E 52 34.11 -64.65 27.88
C LYS E 52 34.34 -63.19 27.55
N THR E 53 34.82 -62.42 28.53
CA THR E 53 35.00 -60.98 28.35
C THR E 53 36.39 -60.73 27.78
N LYS E 54 36.47 -60.75 26.46
CA LYS E 54 37.72 -60.48 25.75
C LYS E 54 37.96 -58.99 25.73
N VAL E 55 38.93 -58.52 26.52
CA VAL E 55 39.26 -57.11 26.60
C VAL E 55 40.53 -56.87 25.78
N PRO E 56 40.44 -56.09 24.70
CA PRO E 56 41.67 -55.75 23.96
C PRO E 56 42.55 -54.81 24.76
N SER E 57 43.80 -54.73 24.34
CA SER E 57 44.77 -53.92 25.07
C SER E 57 44.34 -52.45 25.07
N PRO E 58 44.28 -51.77 26.23
CA PRO E 58 43.79 -50.39 26.33
C PRO E 58 44.80 -49.40 25.78
N VAL E 59 44.33 -48.31 25.20
CA VAL E 59 45.20 -47.30 24.60
C VAL E 59 45.34 -46.11 25.53
N VAL E 60 46.59 -45.63 25.70
CA VAL E 60 46.93 -44.51 26.59
C VAL E 60 47.66 -43.43 25.83
N LYS E 61 47.19 -42.19 25.90
CA LYS E 61 47.91 -41.01 25.37
C LYS E 61 48.36 -40.12 26.50
N CYS E 62 49.61 -39.69 26.46
CA CYS E 62 50.17 -38.91 27.55
C CYS E 62 49.49 -37.57 27.77
N CYS E 63 49.21 -36.84 26.71
CA CYS E 63 48.61 -35.53 26.84
C CYS E 63 47.51 -35.36 25.79
N GLY E 64 46.37 -34.83 26.20
CA GLY E 64 45.19 -34.70 25.34
C GLY E 64 44.34 -35.96 25.30
N ALA E 65 43.03 -35.76 25.16
CA ALA E 65 42.02 -36.79 25.20
C ALA E 65 42.05 -37.71 23.97
N THR E 66 41.17 -38.71 23.91
CA THR E 66 41.02 -39.64 22.79
C THR E 66 39.59 -40.14 22.71
N GLN E 67 38.79 -39.57 21.81
CA GLN E 67 37.37 -39.95 21.69
C GLN E 67 37.22 -41.37 21.15
N CYS E 68 36.34 -42.18 21.76
CA CYS E 68 36.07 -43.55 21.30
C CYS E 68 35.02 -43.63 20.19
N THR E 69 35.01 -44.72 19.42
CA THR E 69 34.04 -44.98 18.38
C THR E 69 33.24 -46.23 18.71
N SER E 70 31.98 -46.25 18.26
CA SER E 70 31.08 -47.37 18.53
C SER E 70 31.38 -48.50 17.55
N LYS E 71 32.16 -49.47 18.00
CA LYS E 71 32.46 -50.62 17.17
C LYS E 71 31.22 -51.53 17.06
N PRO E 72 31.11 -52.30 15.97
CA PRO E 72 29.99 -53.22 15.82
C PRO E 72 30.10 -54.49 16.63
N HIS E 73 31.03 -54.58 17.58
CA HIS E 73 31.16 -55.77 18.39
C HIS E 73 29.92 -55.95 19.27
N PRO E 74 29.55 -57.19 19.59
CA PRO E 74 28.40 -57.42 20.48
C PRO E 74 28.71 -56.93 21.89
N ASP E 75 27.81 -56.09 22.41
CA ASP E 75 27.98 -55.47 23.73
C ASP E 75 29.31 -54.74 23.83
N TYR E 76 29.65 -54.00 22.78
CA TYR E 76 30.90 -53.24 22.76
C TYR E 76 30.79 -52.03 23.67
N GLN E 77 31.36 -52.13 24.88
CA GLN E 77 31.30 -51.08 25.87
C GLN E 77 32.64 -50.34 25.86
N CYS E 78 32.62 -49.07 25.47
CA CYS E 78 33.81 -48.23 25.45
C CYS E 78 33.62 -47.05 26.37
N GLN E 79 34.69 -46.64 27.05
CA GLN E 79 34.67 -45.54 27.99
C GLN E 79 36.07 -44.92 28.06
N VAL E 80 36.17 -43.63 28.39
CA VAL E 80 37.45 -42.92 28.54
C VAL E 80 37.65 -42.47 29.98
N PHE E 81 38.85 -42.61 30.50
CA PHE E 81 39.24 -42.20 31.83
C PHE E 81 40.27 -41.09 31.75
N THR E 82 40.19 -40.13 32.65
CA THR E 82 41.08 -38.96 32.70
C THR E 82 41.71 -38.82 34.07
N GLY E 83 42.91 -38.23 34.13
CA GLY E 83 43.61 -38.03 35.39
C GLY E 83 44.34 -39.27 35.90
N VAL E 84 44.39 -40.34 35.11
CA VAL E 84 45.21 -41.51 35.41
C VAL E 84 46.69 -41.17 35.28
N TYR E 85 47.53 -41.69 36.16
CA TYR E 85 48.98 -41.50 36.09
C TYR E 85 49.64 -42.88 36.18
N PRO E 86 49.64 -43.65 35.09
CA PRO E 86 50.00 -45.05 35.18
C PRO E 86 51.50 -45.20 35.37
N PHE E 87 51.92 -45.77 36.49
CA PHE E 87 53.26 -46.34 36.60
C PHE E 87 53.30 -47.67 35.88
N MET E 88 54.43 -48.00 35.24
CA MET E 88 54.59 -49.27 34.56
C MET E 88 56.07 -49.53 34.30
N TRP E 89 56.54 -50.72 34.65
CA TRP E 89 57.86 -51.23 34.32
C TRP E 89 58.94 -50.24 34.76
N GLY E 90 59.60 -49.58 33.83
CA GLY E 90 60.50 -48.48 34.13
C GLY E 90 59.77 -47.20 34.50
N GLY E 91 59.36 -47.08 35.76
CA GLY E 91 58.87 -45.83 36.35
C GLY E 91 57.53 -45.36 35.79
N ALA E 92 57.33 -44.04 35.72
CA ALA E 92 56.11 -43.45 35.22
C ALA E 92 56.01 -43.51 33.69
N TYR E 93 54.80 -43.46 33.15
CA TYR E 93 54.58 -43.47 31.71
C TYR E 93 54.52 -42.07 31.08
N CYS E 94 54.05 -41.06 31.80
CA CYS E 94 53.87 -39.69 31.30
C CYS E 94 53.97 -38.69 32.48
N PHE E 95 54.11 -37.38 32.19
CA PHE E 95 54.08 -36.32 33.23
C PHE E 95 53.00 -35.24 33.05
N CYS E 96 52.14 -35.36 32.04
CA CYS E 96 50.93 -34.53 31.91
C CYS E 96 49.89 -34.91 32.98
N ASP E 97 50.10 -34.49 34.21
CA ASP E 97 49.36 -34.97 35.38
C ASP E 97 47.83 -34.72 35.34
N THR E 98 47.38 -33.75 34.55
CA THR E 98 45.95 -33.52 34.27
C THR E 98 45.53 -33.94 32.85
N GLU E 99 46.41 -33.81 31.85
CA GLU E 99 46.05 -34.11 30.46
C GLU E 99 46.13 -35.60 30.10
N ASN E 100 46.65 -36.44 31.00
CA ASN E 100 46.67 -37.88 30.79
C ASN E 100 45.27 -38.48 30.67
N THR E 101 45.09 -39.35 29.68
CA THR E 101 43.84 -40.08 29.48
C THR E 101 44.12 -41.51 29.04
N GLN E 102 43.25 -42.41 29.48
CA GLN E 102 43.23 -43.82 29.09
C GLN E 102 41.87 -44.15 28.47
N MET E 103 41.83 -44.96 27.42
CA MET E 103 40.57 -45.46 26.87
C MET E 103 40.50 -46.97 27.01
N SER E 104 39.35 -47.47 27.46
CA SER E 104 39.11 -48.89 27.69
C SER E 104 38.08 -49.46 26.72
N GLU E 105 38.33 -50.66 26.21
CA GLU E 105 37.42 -51.34 25.30
C GLU E 105 37.15 -52.74 25.84
N ALA E 106 35.91 -53.19 25.67
CA ALA E 106 35.51 -54.50 26.15
C ALA E 106 34.33 -55.00 25.32
N TYR E 107 34.41 -56.23 24.85
CA TYR E 107 33.34 -56.84 24.09
C TYR E 107 33.16 -58.28 24.55
N VAL E 108 31.95 -58.78 24.43
CA VAL E 108 31.60 -60.12 24.88
C VAL E 108 31.72 -61.08 23.72
N GLU E 109 32.36 -62.22 23.97
CA GLU E 109 32.54 -63.26 22.95
C GLU E 109 32.15 -64.59 23.55
N ARG E 110 31.49 -65.43 22.75
CA ARG E 110 31.14 -66.77 23.19
C ARG E 110 32.40 -67.56 23.51
N SER E 111 32.40 -68.22 24.66
CA SER E 111 33.61 -68.86 25.15
C SER E 111 33.93 -70.10 24.33
N GLU E 112 35.13 -70.64 24.57
CA GLU E 112 35.58 -71.82 23.86
C GLU E 112 34.71 -73.03 24.17
N GLU E 113 34.17 -73.10 25.39
CA GLU E 113 33.34 -74.24 25.77
C GLU E 113 32.01 -74.28 25.04
N CYS E 114 31.63 -73.19 24.36
CA CYS E 114 30.36 -73.18 23.65
C CYS E 114 30.31 -74.25 22.55
N SER E 115 31.48 -74.59 21.99
CA SER E 115 31.51 -75.59 20.93
C SER E 115 31.08 -76.96 21.43
N ILE E 116 31.43 -77.30 22.66
CA ILE E 116 31.18 -78.64 23.21
C ILE E 116 30.07 -78.63 24.24
N ASP E 117 30.16 -77.74 25.24
CA ASP E 117 29.21 -77.70 26.35
C ASP E 117 28.33 -76.47 26.17
N HIS E 118 27.07 -76.69 25.82
CA HIS E 118 26.17 -75.59 25.53
C HIS E 118 24.74 -76.11 25.54
N ALA E 119 23.82 -75.31 26.09
CA ALA E 119 22.41 -75.65 26.06
C ALA E 119 21.85 -75.39 24.66
N LYS E 120 20.63 -75.86 24.40
CA LYS E 120 19.94 -75.69 23.12
C LYS E 120 18.47 -75.51 23.39
N ALA E 121 17.91 -74.33 23.16
CA ALA E 121 16.47 -74.15 23.26
C ALA E 121 15.77 -74.80 22.06
N TYR E 122 14.51 -75.14 22.20
CA TYR E 122 13.74 -75.77 21.15
C TYR E 122 12.27 -75.41 21.30
N LYS E 123 11.56 -75.39 20.18
CA LYS E 123 10.11 -75.32 20.14
C LYS E 123 9.59 -76.59 19.49
N VAL E 124 8.59 -77.20 20.13
CA VAL E 124 8.13 -78.51 19.74
C VAL E 124 6.64 -78.52 19.39
N HIS E 125 6.29 -79.21 18.30
CA HIS E 125 4.93 -79.38 17.87
C HIS E 125 4.51 -80.83 18.09
N THR E 126 3.32 -81.18 17.61
CA THR E 126 2.76 -82.51 17.88
C THR E 126 3.66 -83.61 17.33
N GLY E 127 4.17 -83.45 16.11
CA GLY E 127 5.01 -84.43 15.44
C GLY E 127 4.33 -85.78 15.21
N THR E 128 5.11 -86.81 14.92
CA THR E 128 4.61 -88.13 14.54
C THR E 128 5.36 -89.24 15.24
N VAL E 129 4.60 -90.18 15.81
CA VAL E 129 5.02 -91.28 16.67
C VAL E 129 5.23 -92.55 15.86
N GLN E 130 6.28 -93.30 16.17
CA GLN E 130 6.66 -94.50 15.44
C GLN E 130 7.30 -95.54 16.37
N ALA E 131 7.18 -96.81 16.04
CA ALA E 131 7.43 -97.90 16.97
C ALA E 131 8.16 -99.06 16.31
N MET E 132 8.87 -99.88 17.08
CA MET E 132 9.37 -101.17 16.60
C MET E 132 8.52 -102.27 17.15
N VAL E 133 8.06 -103.19 16.30
CA VAL E 133 7.12 -104.22 16.69
C VAL E 133 7.58 -105.60 16.23
N ASN E 134 7.44 -106.58 17.11
CA ASN E 134 7.74 -107.97 16.86
C ASN E 134 6.41 -108.71 16.64
N ILE E 135 6.29 -109.57 15.61
CA ILE E 135 5.06 -110.34 15.33
C ILE E 135 5.33 -111.81 15.01
N THR E 136 5.76 -112.58 16.01
CA THR E 136 6.14 -114.00 15.87
C THR E 136 4.91 -114.94 15.71
N TYR E 137 4.07 -114.69 14.71
CA TYR E 137 2.83 -115.42 14.45
C TYR E 137 2.98 -116.74 13.68
N GLY E 138 1.94 -117.57 13.69
CA GLY E 138 1.84 -118.77 12.87
C GLY E 138 2.99 -119.73 13.13
N SER E 139 3.82 -119.95 12.10
CA SER E 139 5.10 -120.66 12.22
C SER E 139 6.30 -119.82 11.78
N VAL E 140 6.15 -118.50 11.66
CA VAL E 140 7.15 -117.62 11.04
C VAL E 140 8.29 -117.26 12.01
N SER E 141 7.97 -117.02 13.27
CA SER E 141 8.93 -116.83 14.37
C SER E 141 9.96 -115.69 14.18
N TRP E 142 9.66 -114.69 13.35
CA TRP E 142 10.57 -113.59 13.03
C TRP E 142 9.82 -112.29 12.74
N ARG E 143 10.41 -111.17 13.18
CA ARG E 143 10.07 -109.82 12.71
C ARG E 143 11.14 -108.83 13.12
N SER E 144 11.21 -107.69 12.45
CA SER E 144 12.11 -106.59 12.77
C SER E 144 11.55 -105.23 12.35
N ALA E 145 10.22 -105.13 12.25
CA ALA E 145 9.59 -103.97 11.64
C ALA E 145 9.72 -102.71 12.50
N ASP E 146 9.94 -101.59 11.84
CA ASP E 146 9.91 -100.24 12.39
C ASP E 146 8.80 -99.48 11.65
N VAL E 147 7.78 -99.00 12.36
CA VAL E 147 6.47 -98.66 11.78
C VAL E 147 5.96 -97.34 12.29
N TYR E 148 5.36 -96.53 11.42
CA TYR E 148 4.67 -95.32 11.83
C TYR E 148 3.36 -95.68 12.52
N VAL E 149 2.95 -94.93 13.53
CA VAL E 149 1.68 -95.12 14.23
C VAL E 149 0.56 -94.27 13.60
N ASN E 150 0.83 -93.54 12.52
CA ASN E 150 -0.22 -92.99 11.67
C ASN E 150 -1.05 -94.12 11.05
N GLY E 151 -2.34 -94.21 11.37
CA GLY E 151 -3.21 -95.28 10.87
C GLY E 151 -3.33 -95.33 9.34
N GLU E 152 -2.92 -94.27 8.66
CA GLU E 152 -2.90 -94.18 7.20
C GLU E 152 -1.76 -94.98 6.54
N THR E 153 -0.71 -95.36 7.26
CA THR E 153 0.55 -95.83 6.66
C THR E 153 0.95 -97.21 7.15
N PRO E 154 0.45 -98.29 6.53
CA PRO E 154 0.81 -99.64 6.93
C PRO E 154 2.29 -99.92 6.71
N ALA E 155 2.88 -100.69 7.61
CA ALA E 155 4.19 -101.29 7.40
C ALA E 155 4.05 -102.63 6.71
N LYS E 156 4.99 -102.92 5.83
CA LYS E 156 4.88 -103.93 4.78
C LYS E 156 6.01 -104.97 4.84
N ILE E 157 6.62 -105.13 6.01
CA ILE E 157 7.71 -106.07 6.25
C ILE E 157 7.19 -107.52 6.23
N GLY E 158 8.06 -108.49 5.97
CA GLY E 158 7.70 -109.90 5.88
C GLY E 158 6.57 -110.16 4.88
N ASP E 159 5.72 -111.15 5.15
CA ASP E 159 4.53 -111.39 4.33
C ASP E 159 3.32 -110.61 4.84
N ALA E 160 3.10 -110.55 6.15
CA ALA E 160 1.93 -109.89 6.73
C ALA E 160 2.13 -108.38 6.86
N LYS E 161 1.26 -107.60 6.22
CA LYS E 161 1.20 -106.14 6.40
C LYS E 161 0.43 -105.79 7.67
N LEU E 162 0.70 -104.62 8.27
CA LEU E 162 -0.14 -104.11 9.34
C LEU E 162 -0.24 -102.59 9.40
N ILE E 163 -1.38 -102.14 9.90
CA ILE E 163 -1.67 -100.78 10.33
C ILE E 163 -1.73 -100.80 11.84
N ILE E 164 -1.13 -99.82 12.52
CA ILE E 164 -1.40 -99.61 13.95
C ILE E 164 -1.75 -98.14 14.20
N GLY E 165 -2.47 -97.87 15.29
CA GLY E 165 -2.79 -96.51 15.71
C GLY E 165 -3.88 -95.86 14.85
N PRO E 166 -4.10 -94.54 14.97
CA PRO E 166 -3.28 -93.58 15.74
C PRO E 166 -3.45 -93.73 17.25
N LEU E 167 -2.50 -93.22 18.02
CA LEU E 167 -2.53 -93.32 19.49
C LEU E 167 -3.79 -92.65 20.04
N SER E 168 -4.33 -93.21 21.11
CA SER E 168 -5.55 -92.69 21.73
C SER E 168 -5.30 -91.44 22.56
N SER E 169 -4.15 -91.31 23.17
CA SER E 169 -3.83 -90.18 24.04
C SER E 169 -2.63 -89.43 23.47
N ALA E 170 -2.66 -88.11 23.58
CA ALA E 170 -1.57 -87.26 23.10
C ALA E 170 -0.73 -86.71 24.24
N TRP E 171 -0.56 -87.44 25.34
CA TRP E 171 0.16 -86.93 26.51
C TRP E 171 1.67 -86.96 26.26
N SER E 172 2.12 -86.13 25.32
CA SER E 172 3.54 -86.01 25.10
C SER E 172 4.19 -85.34 26.30
N PRO E 173 5.23 -85.94 26.90
CA PRO E 173 5.82 -85.41 28.12
C PRO E 173 6.40 -84.02 27.97
N PHE E 174 6.82 -83.64 26.76
CA PHE E 174 7.37 -82.32 26.45
C PHE E 174 6.33 -81.22 26.51
N ASP E 175 6.68 -80.11 27.13
CA ASP E 175 5.83 -78.92 27.17
C ASP E 175 6.03 -78.11 25.90
N ASN E 176 5.55 -76.87 25.88
CA ASN E 176 5.69 -76.05 24.68
C ASN E 176 7.15 -75.74 24.37
N LYS E 177 7.93 -75.40 25.40
CA LYS E 177 9.33 -75.05 25.24
C LYS E 177 10.21 -76.07 25.95
N VAL E 178 11.24 -76.52 25.27
CA VAL E 178 12.17 -77.52 25.76
C VAL E 178 13.56 -76.99 25.61
N VAL E 179 14.44 -77.30 26.55
CA VAL E 179 15.86 -77.00 26.46
C VAL E 179 16.62 -78.30 26.68
N VAL E 180 17.58 -78.58 25.83
CA VAL E 180 18.38 -79.80 25.86
C VAL E 180 19.75 -79.45 26.37
N TYR E 181 20.32 -80.31 27.20
CA TYR E 181 21.67 -80.10 27.72
C TYR E 181 22.34 -81.46 27.86
N GLY E 182 23.21 -81.85 26.94
CA GLY E 182 23.95 -83.11 27.09
C GLY E 182 23.03 -84.31 27.05
N HIS E 183 22.95 -85.13 28.09
CA HIS E 183 21.99 -86.23 28.15
C HIS E 183 20.62 -85.86 28.71
N GLU E 184 20.41 -84.62 29.14
CA GLU E 184 19.25 -84.21 29.93
C GLU E 184 18.39 -83.20 29.18
N VAL E 185 17.08 -83.15 29.42
CA VAL E 185 16.18 -82.14 28.82
C VAL E 185 15.21 -81.60 29.87
N TYR E 186 14.66 -80.41 29.66
CA TYR E 186 13.91 -79.70 30.69
C TYR E 186 12.79 -78.92 30.04
N ASN E 187 11.69 -78.78 30.77
CA ASN E 187 10.58 -77.94 30.31
C ASN E 187 10.74 -76.50 30.77
N TYR E 188 11.90 -75.93 30.49
CA TYR E 188 12.15 -74.55 30.84
C TYR E 188 11.52 -73.61 29.82
N ASP E 189 11.18 -72.41 30.27
CA ASP E 189 10.63 -71.37 29.40
C ASP E 189 11.74 -70.37 29.14
N PHE E 190 12.58 -70.67 28.16
CA PHE E 190 13.60 -69.71 27.75
C PHE E 190 12.91 -68.44 27.25
N PRO E 191 13.41 -67.26 27.63
CA PRO E 191 12.63 -66.04 27.41
C PRO E 191 12.30 -65.77 25.94
N GLU E 192 13.33 -65.57 25.11
CA GLU E 192 13.16 -65.29 23.70
C GLU E 192 14.55 -65.12 23.10
N TYR E 193 14.60 -64.94 21.78
CA TYR E 193 15.84 -64.60 21.11
C TYR E 193 16.01 -63.09 21.08
N GLY E 194 17.11 -62.61 21.65
CA GLY E 194 17.42 -61.20 21.67
C GLY E 194 16.87 -60.42 22.85
N THR E 195 16.15 -61.06 23.76
CA THR E 195 15.62 -60.39 24.93
C THR E 195 16.11 -60.99 26.24
N GLY E 196 17.22 -61.72 26.21
CA GLY E 196 17.72 -62.35 27.42
C GLY E 196 18.17 -61.38 28.49
N LYS E 197 17.58 -61.48 29.68
CA LYS E 197 18.00 -60.64 30.78
C LYS E 197 19.34 -61.10 31.33
N ALA E 198 20.15 -60.15 31.78
CA ALA E 198 21.46 -60.47 32.32
C ALA E 198 21.33 -61.30 33.59
N GLY E 199 22.22 -62.27 33.74
CA GLY E 199 22.25 -63.10 34.93
C GLY E 199 21.35 -64.32 34.84
N SER E 200 20.16 -64.14 34.28
CA SER E 200 19.23 -65.25 34.13
C SER E 200 19.65 -66.09 32.93
N PHE E 201 18.85 -67.10 32.60
CA PHE E 201 19.15 -67.93 31.44
C PHE E 201 19.00 -67.12 30.16
N GLY E 202 19.78 -67.50 29.15
CA GLY E 202 19.73 -66.80 27.88
C GLY E 202 20.42 -65.46 27.87
N ASP E 203 21.39 -65.26 28.75
CA ASP E 203 22.17 -64.02 28.71
C ASP E 203 23.02 -63.94 27.44
N LEU E 204 23.53 -65.08 26.99
CA LEU E 204 24.34 -65.17 25.79
C LEU E 204 23.61 -66.06 24.80
N GLN E 205 23.13 -65.47 23.70
CA GLN E 205 22.31 -66.18 22.74
C GLN E 205 22.89 -66.03 21.34
N SER E 206 23.01 -67.14 20.63
CA SER E 206 23.39 -67.14 19.22
C SER E 206 22.50 -68.12 18.47
N ARG E 207 22.21 -67.81 17.21
CA ARG E 207 21.31 -68.65 16.42
C ARG E 207 21.86 -70.05 16.25
N THR E 208 23.17 -70.19 16.12
CA THR E 208 23.81 -71.49 16.08
C THR E 208 25.22 -71.35 16.65
N SER E 209 25.81 -72.50 16.98
CA SER E 209 27.13 -72.49 17.61
C SER E 209 28.17 -71.84 16.70
N THR E 210 28.08 -72.06 15.40
CA THR E 210 29.05 -71.52 14.47
C THR E 210 28.70 -70.13 13.95
N SER E 211 27.59 -69.55 14.41
CA SER E 211 27.20 -68.24 13.92
C SER E 211 28.20 -67.18 14.33
N ASN E 212 28.56 -66.31 13.38
CA ASN E 212 29.47 -65.21 13.68
C ASN E 212 28.81 -64.18 14.59
N ASP E 213 27.53 -63.89 14.34
CA ASP E 213 26.82 -62.90 15.13
C ASP E 213 26.17 -63.55 16.35
N LEU E 214 25.94 -62.74 17.38
CA LEU E 214 25.40 -63.21 18.63
C LEU E 214 24.69 -62.06 19.33
N TYR E 215 24.19 -62.34 20.53
CA TYR E 215 23.47 -61.35 21.33
C TYR E 215 23.89 -61.54 22.78
N ALA E 216 24.44 -60.48 23.38
CA ALA E 216 25.04 -60.55 24.71
C ALA E 216 24.52 -59.39 25.55
N ASN E 217 23.52 -59.65 26.37
CA ASN E 217 23.03 -58.67 27.35
C ASN E 217 23.56 -59.10 28.71
N THR E 218 24.77 -58.66 29.03
CA THR E 218 25.42 -59.04 30.28
C THR E 218 25.58 -57.88 31.25
N ASN E 219 25.02 -56.72 30.93
CA ASN E 219 25.10 -55.54 31.79
C ASN E 219 26.55 -55.21 32.14
N LEU E 220 27.42 -55.26 31.14
CA LEU E 220 28.84 -55.03 31.37
C LEU E 220 29.09 -53.55 31.64
N LYS E 221 29.82 -53.27 32.72
CA LYS E 221 30.15 -51.91 33.12
C LYS E 221 31.65 -51.82 33.37
N LEU E 222 32.30 -50.78 32.86
CA LEU E 222 33.72 -50.53 33.04
C LEU E 222 34.00 -49.74 34.31
N GLN E 223 35.18 -49.91 34.88
CA GLN E 223 35.59 -49.26 36.13
C GLN E 223 36.89 -48.47 35.91
N ARG E 224 37.08 -47.36 36.61
CA ARG E 224 38.33 -46.59 36.56
C ARG E 224 39.49 -47.42 37.15
N PRO E 225 40.64 -47.54 36.46
CA PRO E 225 41.86 -48.07 37.05
C PRO E 225 42.32 -47.28 38.27
N GLN E 226 42.67 -47.96 39.37
CA GLN E 226 43.03 -47.30 40.60
C GLN E 226 44.55 -47.27 40.77
N ALA E 227 45.01 -46.25 41.49
CA ALA E 227 46.41 -46.00 41.86
C ALA E 227 47.38 -45.87 40.67
N GLY E 228 46.87 -45.68 39.45
CA GLY E 228 47.71 -45.57 38.27
C GLY E 228 48.46 -46.88 37.96
N ILE E 229 47.71 -47.90 37.56
CA ILE E 229 48.20 -49.22 37.15
C ILE E 229 47.55 -49.59 35.82
N VAL E 230 48.26 -50.16 34.86
CA VAL E 230 47.71 -50.36 33.52
C VAL E 230 46.89 -51.64 33.48
N HIS E 231 45.56 -51.52 33.51
CA HIS E 231 44.64 -52.65 33.45
C HIS E 231 43.26 -52.10 33.13
N THR E 232 42.31 -52.98 32.87
CA THR E 232 40.94 -52.63 32.52
C THR E 232 39.99 -53.32 33.47
N PRO E 233 39.76 -52.76 34.66
CA PRO E 233 38.83 -53.36 35.59
C PRO E 233 37.41 -53.19 35.05
N PHE E 234 36.63 -54.27 34.99
CA PHE E 234 35.27 -54.25 34.50
C PHE E 234 34.37 -55.02 35.46
N THR E 235 33.15 -54.52 35.66
CA THR E 235 32.16 -55.21 36.47
C THR E 235 31.10 -55.81 35.57
N GLN E 236 30.78 -57.08 35.81
CA GLN E 236 29.86 -57.81 34.96
C GLN E 236 29.08 -58.79 35.81
N ALA E 237 27.83 -59.01 35.45
CA ALA E 237 27.01 -60.00 36.15
C ALA E 237 27.60 -61.38 35.91
N PRO E 238 27.47 -62.29 36.87
CA PRO E 238 27.99 -63.65 36.66
C PRO E 238 27.26 -64.33 35.51
N SER E 239 27.92 -65.33 34.93
CA SER E 239 27.41 -66.00 33.74
C SER E 239 25.99 -66.50 33.94
N GLY E 240 25.10 -66.10 33.04
CA GLY E 240 23.74 -66.60 33.09
C GLY E 240 23.62 -68.09 32.91
N PHE E 241 24.44 -68.66 32.03
CA PHE E 241 24.46 -70.11 31.87
C PHE E 241 25.03 -70.82 33.08
N GLU E 242 25.92 -70.15 33.83
CA GLU E 242 26.38 -70.72 35.10
C GLU E 242 25.22 -70.91 36.06
N ARG E 243 24.34 -69.90 36.15
CA ARG E 243 23.07 -70.12 36.81
C ARG E 243 22.24 -71.10 36.01
N TRP E 244 21.36 -71.81 36.70
CA TRP E 244 20.51 -72.86 36.15
C TRP E 244 21.34 -74.09 35.80
N LYS E 245 22.66 -73.98 35.87
CA LYS E 245 23.47 -75.18 35.80
C LYS E 245 23.66 -75.78 37.18
N ARG E 246 23.55 -74.95 38.22
CA ARG E 246 23.51 -75.42 39.60
C ARG E 246 22.13 -75.30 40.21
N ASP E 247 21.24 -74.47 39.64
CA ASP E 247 19.91 -74.26 40.16
C ASP E 247 18.86 -74.84 39.21
N LYS E 248 19.25 -75.82 38.41
CA LYS E 248 18.30 -76.47 37.51
C LYS E 248 17.25 -77.23 38.32
N GLY E 249 16.08 -77.36 37.73
CA GLY E 249 15.03 -78.20 38.29
C GLY E 249 15.30 -79.66 38.03
N ALA E 250 14.34 -80.49 38.43
CA ALA E 250 14.45 -81.90 38.13
C ALA E 250 14.29 -82.12 36.63
N PRO E 251 15.25 -82.79 35.99
CA PRO E 251 15.17 -82.97 34.54
C PRO E 251 13.94 -83.79 34.14
N LEU E 252 13.40 -83.48 32.97
CA LEU E 252 12.26 -84.19 32.39
C LEU E 252 12.58 -85.66 32.26
N ASN E 253 13.84 -85.95 31.91
CA ASN E 253 14.39 -87.29 31.79
C ASN E 253 14.14 -88.16 33.02
N ASP E 254 13.80 -87.58 34.17
CA ASP E 254 13.62 -88.33 35.41
C ASP E 254 12.31 -88.03 36.12
N VAL E 255 11.44 -87.19 35.56
CA VAL E 255 10.16 -86.88 36.19
C VAL E 255 9.04 -87.04 35.17
N ALA E 256 9.33 -87.53 33.96
CA ALA E 256 8.31 -87.82 33.00
C ALA E 256 7.40 -88.89 33.60
N PRO E 257 6.08 -88.73 33.52
CA PRO E 257 5.14 -89.77 33.98
C PRO E 257 5.08 -90.95 33.03
N PHE E 258 4.37 -92.00 33.44
CA PHE E 258 4.20 -93.22 32.63
C PHE E 258 5.53 -93.91 32.35
N GLY E 259 6.56 -93.59 33.11
CA GLY E 259 7.84 -94.28 32.99
C GLY E 259 8.50 -94.20 31.63
N CYS E 260 8.42 -93.02 31.01
CA CYS E 260 9.04 -92.77 29.72
C CYS E 260 10.51 -92.44 29.92
N SER E 261 11.37 -92.91 29.03
CA SER E 261 12.74 -92.43 28.92
C SER E 261 12.83 -91.35 27.85
N ILE E 262 13.87 -90.53 27.89
CA ILE E 262 14.15 -89.49 26.91
C ILE E 262 15.47 -89.79 26.22
N ALA E 263 15.60 -89.44 24.95
CA ALA E 263 16.85 -89.58 24.19
C ALA E 263 17.01 -88.43 23.20
N LEU E 264 18.25 -88.06 22.91
CA LEU E 264 18.54 -86.86 22.10
C LEU E 264 18.52 -87.06 20.59
N GLU E 265 18.63 -88.28 20.09
CA GLU E 265 19.15 -88.49 18.74
C GLU E 265 18.36 -87.76 17.64
N PRO E 266 17.04 -87.93 17.54
CA PRO E 266 16.14 -86.99 16.89
C PRO E 266 15.43 -86.03 17.86
N LEU E 267 15.75 -86.12 19.16
CA LEU E 267 14.93 -85.80 20.34
C LEU E 267 13.62 -86.61 20.39
N ARG E 268 13.45 -87.43 21.42
CA ARG E 268 12.26 -88.29 21.55
C ARG E 268 11.99 -88.68 22.99
N ALA E 269 10.73 -88.95 23.32
CA ALA E 269 10.37 -89.83 24.43
C ALA E 269 10.16 -91.24 23.91
N GLU E 270 10.42 -92.29 24.68
CA GLU E 270 10.25 -93.67 24.23
C GLU E 270 9.73 -94.60 25.32
N ASN E 271 9.17 -95.78 24.97
CA ASN E 271 8.50 -96.64 25.94
C ASN E 271 7.34 -95.99 26.69
N CYS E 272 6.77 -94.90 26.15
CA CYS E 272 5.81 -94.10 26.89
C CYS E 272 4.42 -94.74 26.96
N ALA E 273 4.26 -95.67 27.90
CA ALA E 273 3.10 -96.53 27.99
C ALA E 273 1.85 -95.81 28.49
N VAL E 274 0.98 -95.40 27.57
CA VAL E 274 -0.29 -94.74 27.85
C VAL E 274 -1.34 -95.07 26.80
N GLY E 275 -2.60 -95.19 27.21
CA GLY E 275 -3.69 -95.43 26.28
C GLY E 275 -3.64 -96.79 25.59
N SER E 276 -4.26 -96.87 24.41
CA SER E 276 -4.43 -98.11 23.65
C SER E 276 -4.17 -97.88 22.17
N ILE E 277 -3.76 -98.92 21.47
CA ILE E 277 -3.46 -98.91 20.05
C ILE E 277 -4.47 -99.80 19.32
N PRO E 278 -5.24 -99.31 18.36
CA PRO E 278 -5.91 -100.18 17.41
C PRO E 278 -4.85 -100.81 16.51
N ILE E 279 -4.70 -102.12 16.56
CA ILE E 279 -3.75 -102.90 15.77
C ILE E 279 -4.54 -103.69 14.74
N SER E 280 -4.22 -103.54 13.46
CA SER E 280 -4.85 -104.30 12.39
C SER E 280 -3.81 -104.94 11.49
N ILE E 281 -3.86 -106.25 11.29
CA ILE E 281 -2.90 -106.97 10.46
C ILE E 281 -3.62 -107.75 9.38
N ASP E 282 -2.92 -108.00 8.28
CA ASP E 282 -3.43 -108.58 7.05
C ASP E 282 -2.75 -109.95 6.82
N ILE E 283 -3.28 -111.02 7.42
CA ILE E 283 -2.58 -112.30 7.34
C ILE E 283 -2.63 -112.87 5.92
N PRO E 284 -1.50 -113.29 5.33
CA PRO E 284 -1.50 -113.89 4.01
C PRO E 284 -2.19 -115.25 4.02
N ASP E 285 -3.01 -115.52 3.00
CA ASP E 285 -3.78 -116.76 2.92
C ASP E 285 -2.91 -118.02 3.01
N ALA E 286 -1.70 -117.98 2.48
CA ALA E 286 -0.77 -119.11 2.48
C ALA E 286 -0.38 -119.59 3.88
N ALA E 287 -0.56 -118.78 4.93
CA ALA E 287 -0.29 -119.21 6.30
C ALA E 287 -1.44 -120.02 6.92
N PHE E 288 -2.66 -119.91 6.40
CA PHE E 288 -3.76 -120.76 6.84
C PHE E 288 -3.64 -122.17 6.29
N THR E 289 -4.16 -123.14 7.02
CA THR E 289 -4.26 -124.54 6.59
C THR E 289 -5.71 -125.01 6.66
N ARG E 290 -6.11 -125.91 5.77
CA ARG E 290 -7.47 -126.44 5.77
C ARG E 290 -7.78 -127.13 7.10
N ILE E 291 -8.98 -126.84 7.63
CA ILE E 291 -9.42 -127.37 8.92
C ILE E 291 -9.49 -128.90 8.95
N SER E 292 -9.56 -129.55 7.78
CA SER E 292 -9.64 -131.01 7.74
C SER E 292 -8.32 -131.67 8.09
N GLU E 293 -7.28 -130.93 8.43
CA GLU E 293 -5.98 -131.49 8.80
C GLU E 293 -5.76 -131.45 10.31
N THR E 294 -5.86 -130.28 10.93
CA THR E 294 -5.61 -130.11 12.37
C THR E 294 -6.67 -130.80 13.22
N PRO E 295 -6.36 -131.17 14.48
CA PRO E 295 -7.33 -131.81 15.36
C PRO E 295 -8.55 -130.94 15.65
N THR E 296 -9.74 -131.53 15.62
CA THR E 296 -10.91 -131.05 16.38
C THR E 296 -10.79 -131.56 17.80
N VAL E 297 -11.29 -130.83 18.80
CA VAL E 297 -11.02 -131.08 20.21
C VAL E 297 -12.27 -130.85 21.07
N SER E 298 -13.34 -131.56 20.72
CA SER E 298 -14.62 -131.53 21.47
C SER E 298 -14.53 -132.25 22.82
N ASP E 299 -15.62 -132.26 23.59
CA ASP E 299 -15.88 -133.14 24.75
C ASP E 299 -14.85 -133.03 25.88
N LEU E 300 -14.16 -131.91 25.98
CA LEU E 300 -13.07 -131.65 26.91
C LEU E 300 -13.52 -131.18 28.30
N GLU E 301 -12.72 -131.46 29.32
CA GLU E 301 -12.91 -131.02 30.71
C GLU E 301 -11.69 -130.23 31.19
N CYS E 302 -11.88 -129.27 32.08
CA CYS E 302 -10.81 -128.42 32.60
C CYS E 302 -10.74 -128.40 34.13
N LYS E 303 -9.55 -128.49 34.70
CA LYS E 303 -9.29 -128.52 36.14
C LYS E 303 -8.04 -127.71 36.43
N ILE E 304 -8.16 -126.60 37.16
CA ILE E 304 -6.99 -125.82 37.59
C ILE E 304 -6.40 -126.41 38.86
N THR E 305 -5.07 -126.33 39.04
CA THR E 305 -4.43 -126.70 40.31
C THR E 305 -4.20 -125.44 41.15
N GLU E 306 -3.11 -125.36 41.93
CA GLU E 306 -2.94 -124.40 43.02
C GLU E 306 -2.61 -122.97 42.52
N CYS E 307 -3.62 -122.27 41.97
CA CYS E 307 -3.52 -120.93 41.41
C CYS E 307 -3.09 -119.86 42.42
N THR E 308 -2.01 -119.13 42.14
CA THR E 308 -1.54 -118.01 42.99
C THR E 308 -2.11 -116.72 42.43
N TYR E 309 -2.24 -115.67 43.24
CA TYR E 309 -2.76 -114.35 42.80
C TYR E 309 -1.57 -113.40 42.56
N ALA E 310 -0.53 -113.89 41.87
CA ALA E 310 0.68 -113.11 41.61
C ALA E 310 0.70 -112.49 40.19
N SER E 311 1.66 -111.62 39.90
CA SER E 311 1.87 -111.09 38.53
C SER E 311 2.78 -111.94 37.65
N ASP E 312 3.54 -112.86 38.20
CA ASP E 312 4.15 -113.93 37.40
C ASP E 312 3.09 -114.97 37.01
N PHE E 313 3.47 -116.01 36.26
CA PHE E 313 2.57 -117.12 35.91
C PHE E 313 2.26 -118.03 37.10
N GLY E 314 1.47 -117.54 38.05
CA GLY E 314 1.09 -118.29 39.24
C GLY E 314 -0.03 -119.29 39.05
N GLY E 315 -0.63 -119.39 37.87
CA GLY E 315 -1.73 -120.31 37.58
C GLY E 315 -1.26 -121.54 36.80
N ILE E 316 -1.67 -122.73 37.21
CA ILE E 316 -1.43 -123.97 36.47
C ILE E 316 -2.75 -124.71 36.31
N ALA E 317 -2.98 -125.28 35.13
CA ALA E 317 -4.22 -125.96 34.80
C ALA E 317 -4.02 -127.14 33.86
N THR E 318 -4.94 -128.10 33.94
CA THR E 318 -4.98 -129.34 33.16
C THR E 318 -6.28 -129.43 32.38
N VAL E 319 -6.21 -130.00 31.17
CA VAL E 319 -7.36 -130.21 30.30
C VAL E 319 -7.38 -131.64 29.78
N ALA E 320 -8.58 -132.23 29.74
CA ALA E 320 -8.83 -133.55 29.19
C ALA E 320 -9.22 -133.49 27.71
N TYR E 321 -8.24 -133.35 26.81
CA TYR E 321 -8.52 -133.19 25.39
C TYR E 321 -9.09 -134.47 24.76
N LYS E 322 -10.15 -134.39 23.95
CA LYS E 322 -10.77 -135.53 23.23
C LYS E 322 -10.53 -135.45 21.72
N SER E 323 -9.26 -135.28 21.33
CA SER E 323 -8.85 -134.99 19.95
C SER E 323 -9.34 -135.98 18.89
N SER E 324 -9.60 -135.50 17.67
CA SER E 324 -9.93 -136.28 16.48
C SER E 324 -8.75 -136.71 15.60
N LYS E 325 -7.53 -136.30 15.90
CA LYS E 325 -6.30 -136.44 15.09
C LYS E 325 -5.09 -136.51 16.05
N ALA E 326 -3.83 -136.58 15.60
CA ALA E 326 -2.75 -136.18 16.49
C ALA E 326 -1.97 -135.01 15.86
N GLY E 327 -1.48 -134.07 16.65
CA GLY E 327 -0.81 -132.87 16.16
C GLY E 327 -0.96 -131.66 17.08
N ASN E 328 -0.52 -130.50 16.62
CA ASN E 328 -0.59 -129.25 17.40
C ASN E 328 -1.97 -128.57 17.30
N CYS E 329 -2.26 -127.72 18.29
CA CYS E 329 -3.52 -127.01 18.40
C CYS E 329 -3.31 -125.68 19.16
N PRO E 330 -3.31 -124.53 18.47
CA PRO E 330 -3.20 -123.23 19.11
C PRO E 330 -4.21 -123.04 20.24
N ILE E 331 -3.77 -122.36 21.29
CA ILE E 331 -4.47 -122.21 22.57
C ILE E 331 -4.48 -120.74 22.98
N HIS E 332 -5.58 -120.25 23.52
CA HIS E 332 -5.77 -118.82 23.79
C HIS E 332 -6.91 -118.59 24.79
N SER E 333 -6.98 -117.43 25.43
CA SER E 333 -8.20 -117.00 26.13
C SER E 333 -8.72 -115.72 25.51
N PRO E 334 -9.91 -115.73 24.87
CA PRO E 334 -10.55 -114.53 24.39
C PRO E 334 -10.81 -113.52 25.49
N SER E 335 -11.11 -113.98 26.70
CA SER E 335 -11.29 -113.06 27.81
C SER E 335 -9.95 -112.51 28.27
N GLY E 336 -9.96 -111.24 28.66
CA GLY E 336 -8.74 -110.59 29.12
C GLY E 336 -8.39 -110.85 30.57
N VAL E 337 -9.24 -111.55 31.32
CA VAL E 337 -8.94 -111.80 32.72
C VAL E 337 -7.83 -112.83 32.87
N ALA E 338 -7.59 -113.63 31.83
CA ALA E 338 -6.55 -114.64 31.84
C ALA E 338 -5.64 -114.48 30.62
N VAL E 339 -4.37 -114.78 30.84
CA VAL E 339 -3.32 -114.72 29.83
C VAL E 339 -2.43 -115.95 29.96
N ILE E 340 -2.09 -116.53 28.82
CA ILE E 340 -1.53 -117.88 28.71
C ILE E 340 -0.05 -117.83 28.39
N LYS E 341 0.79 -118.60 29.11
CA LYS E 341 2.23 -118.66 28.83
C LYS E 341 2.49 -119.27 27.46
N GLU E 342 1.83 -120.39 27.20
CA GLU E 342 2.01 -121.24 26.03
C GLU E 342 1.48 -120.59 24.76
N ASN E 343 2.23 -120.69 23.69
CA ASN E 343 1.78 -120.29 22.36
C ASN E 343 0.94 -121.39 21.68
N ASP E 344 1.19 -122.65 22.02
CA ASP E 344 0.67 -123.82 21.30
C ASP E 344 0.78 -125.07 22.19
N VAL E 345 0.11 -126.17 21.86
CA VAL E 345 0.28 -127.45 22.55
C VAL E 345 0.12 -128.62 21.58
N THR E 346 0.85 -129.71 21.82
CA THR E 346 0.81 -130.91 20.98
C THR E 346 -0.06 -131.99 21.62
N LEU E 347 -1.03 -132.53 20.88
CA LEU E 347 -1.95 -133.55 21.37
C LEU E 347 -1.72 -134.91 20.72
N ALA E 348 -1.56 -135.93 21.55
CA ALA E 348 -1.84 -137.31 21.17
C ALA E 348 -3.36 -137.56 21.06
N GLU E 349 -3.72 -138.76 20.64
CA GLU E 349 -5.09 -139.23 20.49
C GLU E 349 -5.77 -139.23 21.85
N SER E 350 -6.57 -138.20 22.11
CA SER E 350 -7.37 -138.07 23.32
C SER E 350 -6.52 -138.20 24.57
N GLY E 351 -5.49 -137.38 24.64
CA GLY E 351 -4.59 -137.31 25.78
C GLY E 351 -4.97 -136.20 26.73
N SER E 352 -3.99 -135.79 27.54
CA SER E 352 -4.20 -134.70 28.48
C SER E 352 -2.87 -134.00 28.71
N PHE E 353 -2.90 -132.67 28.67
CA PHE E 353 -1.70 -131.87 28.84
C PHE E 353 -2.06 -130.59 29.59
N THR E 354 -1.17 -130.19 30.49
CA THR E 354 -1.25 -128.95 31.26
C THR E 354 -0.82 -127.71 30.49
N PHE E 355 -1.20 -126.52 30.97
CA PHE E 355 -0.62 -125.23 30.56
C PHE E 355 -0.45 -124.31 31.77
N HIS E 356 0.45 -123.32 31.68
CA HIS E 356 0.65 -122.29 32.73
C HIS E 356 -0.12 -121.04 32.31
N PHE E 357 -0.63 -120.27 33.26
CA PHE E 357 -1.29 -118.99 33.04
C PHE E 357 -1.01 -117.99 34.15
N SER E 358 -1.45 -116.75 33.96
CA SER E 358 -1.48 -115.74 35.02
C SER E 358 -2.79 -114.98 34.96
N THR E 359 -3.14 -114.32 36.06
CA THR E 359 -4.42 -113.65 36.21
C THR E 359 -4.33 -112.62 37.33
N ALA E 360 -5.44 -111.99 37.68
CA ALA E 360 -5.52 -111.07 38.80
C ALA E 360 -6.84 -111.16 39.57
N ASN E 361 -7.68 -112.19 39.36
CA ASN E 361 -8.91 -112.29 40.13
C ASN E 361 -8.90 -113.56 40.97
N ILE E 362 -9.62 -113.51 42.09
CA ILE E 362 -9.64 -114.62 43.03
C ILE E 362 -10.27 -115.85 42.39
N HIS E 363 -11.35 -115.67 41.63
CA HIS E 363 -12.10 -116.76 41.02
C HIS E 363 -12.16 -116.52 39.52
N PRO E 364 -11.14 -116.93 38.79
CA PRO E 364 -11.12 -116.67 37.34
C PRO E 364 -12.06 -117.58 36.57
N ALA E 365 -13.18 -117.04 36.13
CA ALA E 365 -14.12 -117.76 35.28
C ALA E 365 -13.89 -117.30 33.84
N PHE E 366 -12.80 -117.80 33.27
CA PHE E 366 -12.40 -117.49 31.91
C PHE E 366 -12.76 -118.63 30.96
N LYS E 367 -13.32 -118.28 29.80
CA LYS E 367 -13.45 -119.20 28.68
C LYS E 367 -12.04 -119.43 28.12
N LEU E 368 -11.48 -120.61 28.36
CA LEU E 368 -10.32 -121.07 27.61
C LEU E 368 -10.78 -121.45 26.21
N GLN E 369 -9.98 -121.11 25.20
CA GLN E 369 -10.20 -121.53 23.83
C GLN E 369 -9.05 -122.38 23.34
N VAL E 370 -9.39 -123.40 22.58
CA VAL E 370 -8.49 -124.29 21.86
C VAL E 370 -9.00 -124.37 20.42
N CYS E 371 -8.22 -124.90 19.50
CA CYS E 371 -8.52 -124.85 18.08
C CYS E 371 -9.96 -125.31 17.76
N THR E 372 -10.84 -124.35 17.43
CA THR E 372 -12.29 -124.55 17.17
C THR E 372 -13.14 -125.10 18.32
N SER E 373 -12.75 -124.95 19.58
CA SER E 373 -13.59 -125.33 20.74
C SER E 373 -13.24 -124.56 22.01
N ALA E 374 -14.13 -124.53 23.00
CA ALA E 374 -13.94 -123.75 24.21
C ALA E 374 -14.45 -124.46 25.47
N VAL E 375 -13.91 -124.11 26.63
CA VAL E 375 -14.24 -124.72 27.93
C VAL E 375 -14.11 -123.70 29.05
N THR E 376 -14.90 -123.82 30.12
CA THR E 376 -14.88 -122.86 31.24
C THR E 376 -13.98 -123.38 32.35
N CYS E 377 -12.77 -122.82 32.47
CA CYS E 377 -11.77 -123.27 33.45
C CYS E 377 -11.93 -122.62 34.83
N LYS E 378 -13.15 -122.50 35.34
CA LYS E 378 -13.41 -121.75 36.56
C LYS E 378 -12.71 -122.41 37.75
N GLY E 379 -12.20 -121.57 38.66
CA GLY E 379 -11.50 -122.08 39.81
C GLY E 379 -11.29 -121.02 40.86
N ASP E 380 -10.36 -121.30 41.77
CA ASP E 380 -10.07 -120.42 42.89
C ASP E 380 -8.57 -120.18 42.99
N CYS E 381 -8.20 -119.03 43.53
CA CYS E 381 -6.81 -118.62 43.65
C CYS E 381 -6.53 -118.14 45.07
N LYS E 382 -5.25 -117.99 45.42
CA LYS E 382 -4.84 -117.61 46.80
C LYS E 382 -3.80 -116.48 46.76
N PRO E 383 -3.85 -115.48 47.66
CA PRO E 383 -2.94 -114.34 47.59
C PRO E 383 -1.46 -114.70 47.57
N PRO E 384 -0.58 -113.85 46.98
CA PRO E 384 0.85 -114.08 46.93
C PRO E 384 1.48 -113.80 48.29
N LYS E 385 2.48 -114.59 48.66
CA LYS E 385 3.04 -114.60 50.01
C LYS E 385 4.02 -113.46 50.27
N ASP E 386 4.39 -112.71 49.24
CA ASP E 386 5.68 -112.02 49.16
C ASP E 386 5.62 -110.77 48.25
N HIS E 387 5.95 -109.58 48.79
CA HIS E 387 5.92 -108.32 48.05
C HIS E 387 7.14 -108.09 47.13
N ILE E 388 8.16 -108.95 47.13
CA ILE E 388 9.39 -108.76 46.36
C ILE E 388 9.20 -109.17 44.87
N VAL E 389 8.78 -108.26 43.98
CA VAL E 389 8.88 -108.48 42.52
C VAL E 389 9.27 -107.18 41.83
N ASP E 390 9.92 -107.30 40.66
CA ASP E 390 10.32 -106.11 39.85
C ASP E 390 9.19 -105.64 38.92
N TYR E 391 8.82 -106.40 37.89
CA TYR E 391 7.82 -105.93 36.88
C TYR E 391 6.67 -106.94 36.71
N PRO E 392 5.47 -106.51 36.23
CA PRO E 392 4.36 -107.41 36.02
C PRO E 392 4.18 -107.92 34.59
N ALA E 393 3.24 -108.85 34.38
CA ALA E 393 2.98 -109.42 33.05
C ALA E 393 1.49 -109.67 32.72
N GLN E 394 0.51 -109.08 33.42
CA GLN E 394 -0.91 -109.39 33.17
C GLN E 394 -1.91 -108.22 33.22
N HIS E 395 -1.61 -107.20 34.02
CA HIS E 395 -2.42 -105.95 34.13
C HIS E 395 -3.84 -106.17 33.59
N THR E 396 -4.69 -106.84 34.37
CA THR E 396 -6.09 -107.07 33.99
C THR E 396 -6.94 -106.80 35.22
N GLU E 397 -6.48 -105.94 36.13
CA GLU E 397 -7.21 -105.76 37.37
C GLU E 397 -8.58 -105.16 37.09
N SER E 398 -9.61 -105.76 37.69
CA SER E 398 -10.98 -105.32 37.51
C SER E 398 -11.75 -105.67 38.78
N PHE E 399 -13.07 -105.66 38.70
CA PHE E 399 -13.90 -106.00 39.85
C PHE E 399 -13.61 -107.43 40.31
N THR E 400 -13.46 -107.59 41.62
CA THR E 400 -13.14 -108.88 42.20
C THR E 400 -13.73 -109.01 43.60
N TYR F 1 19.82 -104.66 122.63
CA TYR F 1 21.15 -104.59 122.05
C TYR F 1 21.10 -104.79 120.54
N GLU F 2 20.17 -105.64 120.09
CA GLU F 2 19.95 -105.86 118.67
C GLU F 2 19.01 -104.77 118.16
N HIS F 3 19.59 -103.70 117.64
CA HIS F 3 18.83 -102.53 117.23
C HIS F 3 18.54 -102.61 115.74
N THR F 4 17.36 -103.10 115.40
CA THR F 4 16.92 -103.09 114.01
C THR F 4 16.35 -101.71 113.66
N ALA F 5 16.70 -101.22 112.47
CA ALA F 5 16.28 -99.88 112.07
C ALA F 5 16.36 -99.75 110.56
N VAL F 6 15.30 -99.19 109.96
CA VAL F 6 15.32 -98.89 108.54
C VAL F 6 16.06 -97.58 108.32
N MET F 7 16.88 -97.54 107.27
CA MET F 7 17.75 -96.40 107.00
C MET F 7 17.57 -95.93 105.57
N PRO F 8 17.36 -94.63 105.34
CA PRO F 8 17.33 -94.13 103.97
C PRO F 8 18.68 -94.34 103.29
N ASN F 9 18.63 -94.60 101.97
CA ASN F 9 19.84 -94.92 101.21
C ASN F 9 20.47 -93.63 100.69
N LYS F 10 21.38 -93.06 101.46
CA LYS F 10 22.14 -91.90 101.05
C LYS F 10 23.60 -92.14 101.38
N VAL F 11 24.50 -91.51 100.62
CA VAL F 11 25.93 -91.76 100.80
C VAL F 11 26.49 -90.87 101.91
N GLY F 12 26.38 -89.56 101.74
CA GLY F 12 26.98 -88.64 102.69
C GLY F 12 26.03 -88.15 103.77
N ILE F 13 25.23 -89.04 104.33
CA ILE F 13 24.29 -88.67 105.38
C ILE F 13 24.44 -89.62 106.56
N PRO F 14 24.68 -89.11 107.77
CA PRO F 14 24.84 -89.98 108.93
C PRO F 14 23.51 -90.54 109.40
N TYR F 15 23.60 -91.51 110.30
CA TYR F 15 22.45 -92.16 110.91
C TYR F 15 22.64 -92.27 112.42
N LYS F 16 22.94 -91.14 113.06
CA LYS F 16 23.27 -91.13 114.48
C LYS F 16 22.00 -91.39 115.31
N ALA F 17 21.65 -92.67 115.41
CA ALA F 17 20.53 -93.07 116.24
C ALA F 17 21.00 -93.39 117.66
N LEU F 18 20.06 -93.68 118.54
CA LEU F 18 20.34 -93.96 119.94
C LEU F 18 19.74 -95.31 120.31
N VAL F 19 20.54 -96.15 120.96
CA VAL F 19 20.09 -97.47 121.39
C VAL F 19 19.40 -97.35 122.74
N GLU F 20 18.15 -97.79 122.80
CA GLU F 20 17.38 -97.76 124.05
C GLU F 20 17.54 -99.07 124.81
N ARG F 21 18.78 -99.36 125.20
CA ARG F 21 19.09 -100.60 125.88
C ARG F 21 18.65 -100.53 127.34
N PRO F 22 17.71 -101.36 127.78
CA PRO F 22 17.28 -101.31 129.18
C PRO F 22 18.37 -101.82 130.11
N GLY F 23 18.39 -101.26 131.32
CA GLY F 23 19.27 -101.69 132.39
C GLY F 23 20.67 -101.12 132.30
N TYR F 24 21.00 -100.46 131.19
CA TYR F 24 22.33 -99.90 130.97
C TYR F 24 22.20 -98.48 130.43
N ALA F 25 23.33 -97.79 130.37
CA ALA F 25 23.35 -96.45 129.80
C ALA F 25 23.14 -96.54 128.29
N PRO F 26 22.22 -95.76 127.74
CA PRO F 26 21.99 -95.80 126.29
C PRO F 26 23.24 -95.39 125.52
N VAL F 27 23.44 -96.04 124.39
CA VAL F 27 24.62 -95.82 123.55
C VAL F 27 24.15 -95.35 122.18
N HIS F 28 24.72 -94.25 121.70
CA HIS F 28 24.40 -93.75 120.38
C HIS F 28 25.07 -94.62 119.31
N LEU F 29 24.45 -94.64 118.14
CA LEU F 29 25.00 -95.30 116.97
C LEU F 29 25.36 -94.23 115.93
N GLN F 30 26.05 -94.64 114.88
CA GLN F 30 26.35 -93.75 113.77
C GLN F 30 26.78 -94.61 112.58
N ILE F 31 26.00 -94.56 111.50
CA ILE F 31 26.24 -95.38 110.32
C ILE F 31 26.33 -94.48 109.10
N GLN F 32 27.33 -94.72 108.26
CA GLN F 32 27.53 -93.95 107.03
C GLN F 32 27.80 -94.93 105.90
N LEU F 33 27.28 -94.62 104.71
CA LEU F 33 27.45 -95.47 103.53
C LEU F 33 28.45 -94.80 102.59
N VAL F 34 29.67 -95.32 102.57
CA VAL F 34 30.67 -94.78 101.65
C VAL F 34 30.33 -95.11 100.20
N ASN F 35 29.99 -96.36 99.91
CA ASN F 35 29.68 -96.78 98.56
C ASN F 35 28.43 -97.64 98.57
N THR F 36 27.74 -97.67 97.42
CA THR F 36 26.54 -98.48 97.24
C THR F 36 26.63 -99.25 95.92
N ARG F 37 27.79 -99.88 95.68
CA ARG F 37 28.08 -100.63 94.46
C ARG F 37 26.97 -101.67 94.21
N ILE F 38 26.46 -101.77 93.00
CA ILE F 38 25.41 -102.72 92.65
C ILE F 38 25.98 -104.00 92.06
N ILE F 39 26.88 -103.87 91.09
CA ILE F 39 27.55 -105.01 90.46
C ILE F 39 26.52 -106.02 89.97
N PRO F 40 25.74 -105.73 88.94
CA PRO F 40 24.82 -106.73 88.40
C PRO F 40 25.58 -107.83 87.67
N SER F 41 25.03 -109.04 87.73
CA SER F 41 25.62 -110.15 86.98
C SER F 41 25.53 -109.87 85.49
N THR F 42 26.59 -110.24 84.76
CA THR F 42 26.70 -109.90 83.35
C THR F 42 27.17 -111.12 82.57
N ASN F 43 26.85 -111.13 81.28
CA ASN F 43 27.27 -112.18 80.38
C ASN F 43 27.60 -111.56 79.03
N LEU F 44 28.85 -111.68 78.61
CA LEU F 44 29.29 -111.11 77.34
C LEU F 44 28.65 -111.87 76.18
N GLU F 45 28.24 -111.13 75.15
CA GLU F 45 27.66 -111.72 73.96
C GLU F 45 28.63 -111.71 72.78
N TYR F 46 29.14 -110.53 72.43
CA TYR F 46 30.09 -110.39 71.34
C TYR F 46 30.70 -109.00 71.40
N ILE F 47 31.76 -108.80 70.64
CA ILE F 47 32.45 -107.51 70.55
C ILE F 47 32.56 -107.12 69.09
N THR F 48 32.30 -105.85 68.81
CA THR F 48 32.33 -105.33 67.44
C THR F 48 33.32 -104.18 67.35
N CYS F 49 33.80 -103.96 66.14
CA CYS F 49 34.83 -102.94 65.88
C CYS F 49 34.92 -102.77 64.36
N LYS F 50 35.73 -101.80 63.95
CA LYS F 50 35.93 -101.58 62.52
C LYS F 50 36.62 -102.79 61.90
N TYR F 51 36.32 -103.03 60.63
CA TYR F 51 36.88 -104.16 59.90
C TYR F 51 37.88 -103.69 58.86
N LYS F 52 38.60 -104.65 58.29
CA LYS F 52 39.57 -104.38 57.24
C LYS F 52 39.41 -105.44 56.16
N THR F 53 39.17 -105.00 54.92
CA THR F 53 38.96 -105.91 53.80
C THR F 53 40.32 -106.39 53.29
N LYS F 54 40.78 -107.49 53.86
CA LYS F 54 42.07 -108.07 53.46
C LYS F 54 41.95 -108.73 52.11
N VAL F 55 42.25 -107.99 51.04
CA VAL F 55 42.10 -108.50 49.69
C VAL F 55 43.42 -109.13 49.24
N PRO F 56 43.45 -110.43 48.98
CA PRO F 56 44.69 -111.07 48.51
C PRO F 56 44.95 -110.74 47.05
N SER F 57 46.10 -111.21 46.58
CA SER F 57 46.50 -110.93 45.20
C SER F 57 45.55 -111.62 44.23
N PRO F 58 45.16 -110.95 43.15
CA PRO F 58 44.26 -111.56 42.18
C PRO F 58 44.96 -112.67 41.40
N VAL F 59 44.15 -113.61 40.91
CA VAL F 59 44.62 -114.69 40.06
C VAL F 59 44.23 -114.36 38.62
N VAL F 60 45.24 -114.26 37.75
CA VAL F 60 45.09 -113.79 36.37
C VAL F 60 45.66 -114.82 35.41
N LYS F 61 44.82 -115.69 34.82
CA LYS F 61 45.29 -116.62 33.79
C LYS F 61 45.27 -115.90 32.45
N CYS F 62 46.38 -115.94 31.73
CA CYS F 62 46.48 -115.15 30.51
C CYS F 62 45.60 -115.65 29.39
N CYS F 63 45.43 -116.96 29.25
CA CYS F 63 44.59 -117.52 28.19
C CYS F 63 43.82 -118.70 28.78
N GLY F 64 42.61 -118.44 29.24
CA GLY F 64 41.79 -119.49 29.81
C GLY F 64 41.04 -119.07 31.06
N ALA F 65 39.90 -119.69 31.31
CA ALA F 65 39.08 -119.36 32.47
C ALA F 65 39.61 -120.09 33.71
N THR F 66 39.05 -119.71 34.86
CA THR F 66 39.45 -120.31 36.14
C THR F 66 38.28 -120.23 37.10
N GLN F 67 37.62 -121.35 37.33
CA GLN F 67 36.51 -121.39 38.27
C GLN F 67 37.00 -121.14 39.69
N CYS F 68 36.24 -120.37 40.45
CA CYS F 68 36.61 -120.08 41.83
C CYS F 68 35.98 -121.10 42.77
N THR F 69 36.54 -121.17 43.98
CA THR F 69 36.10 -122.11 45.00
C THR F 69 35.53 -121.34 46.19
N SER F 70 34.59 -121.98 46.89
CA SER F 70 33.92 -121.37 48.03
C SER F 70 34.78 -121.63 49.27
N LYS F 71 35.72 -120.72 49.53
CA LYS F 71 36.59 -120.85 50.68
C LYS F 71 35.81 -120.54 51.95
N PRO F 72 36.25 -121.09 53.09
CA PRO F 72 35.55 -120.86 54.36
C PRO F 72 35.86 -119.55 55.05
N HIS F 73 36.50 -118.59 54.37
CA HIS F 73 36.74 -117.30 54.99
C HIS F 73 35.42 -116.59 55.25
N PRO F 74 35.37 -115.74 56.29
CA PRO F 74 34.12 -115.03 56.59
C PRO F 74 33.80 -114.03 55.49
N ASP F 75 32.57 -114.10 54.99
CA ASP F 75 32.09 -113.23 53.92
C ASP F 75 33.02 -113.28 52.72
N TYR F 76 33.49 -114.48 52.39
CA TYR F 76 34.42 -114.68 51.29
C TYR F 76 33.70 -114.49 49.97
N GLN F 77 33.87 -113.33 49.36
CA GLN F 77 33.25 -113.02 48.07
C GLN F 77 34.26 -113.23 46.96
N CYS F 78 33.94 -114.12 46.03
CA CYS F 78 34.80 -114.42 44.89
C CYS F 78 33.97 -114.35 43.62
N GLN F 79 34.56 -113.78 42.57
CA GLN F 79 33.89 -113.69 41.28
C GLN F 79 34.93 -113.65 40.19
N VAL F 80 34.65 -114.31 39.09
CA VAL F 80 35.57 -114.38 37.95
C VAL F 80 35.07 -113.45 36.86
N PHE F 81 36.00 -112.71 36.28
CA PHE F 81 35.69 -111.76 35.21
C PHE F 81 36.30 -112.25 33.91
N THR F 82 35.70 -111.82 32.80
CA THR F 82 36.09 -112.29 31.48
C THR F 82 36.36 -111.07 30.58
N GLY F 83 37.22 -111.29 29.59
CA GLY F 83 37.55 -110.24 28.64
C GLY F 83 38.28 -109.08 29.27
N VAL F 84 39.48 -109.30 29.81
CA VAL F 84 40.30 -108.26 30.45
C VAL F 84 41.63 -108.11 29.73
N TYR F 85 42.22 -106.92 29.70
CA TYR F 85 43.51 -106.73 29.03
C TYR F 85 44.49 -105.91 29.88
N PRO F 86 44.97 -106.47 31.00
CA PRO F 86 45.75 -105.72 31.96
C PRO F 86 47.08 -105.25 31.37
N PHE F 87 47.37 -103.97 31.53
CA PHE F 87 48.72 -103.42 31.40
C PHE F 87 49.43 -103.38 32.73
N MET F 88 50.75 -103.38 32.69
CA MET F 88 51.64 -103.03 33.80
C MET F 88 52.83 -102.23 33.24
N TRP F 89 53.68 -101.70 34.11
CA TRP F 89 54.88 -100.94 33.74
C TRP F 89 55.75 -101.61 32.67
N GLY F 90 55.72 -102.94 32.60
CA GLY F 90 56.44 -103.72 31.59
C GLY F 90 55.70 -103.97 30.27
N GLY F 91 54.61 -103.27 30.00
CA GLY F 91 53.78 -103.46 28.81
C GLY F 91 52.52 -104.30 29.07
N ALA F 92 51.81 -104.65 28.01
CA ALA F 92 50.61 -105.49 28.12
C ALA F 92 50.96 -106.87 28.68
N TYR F 93 50.09 -107.42 29.52
CA TYR F 93 50.42 -108.61 30.28
C TYR F 93 50.20 -109.93 29.55
N CYS F 94 49.43 -109.98 28.46
CA CYS F 94 49.14 -111.22 27.72
C CYS F 94 49.05 -110.99 26.21
N PHE F 95 49.18 -112.05 25.40
CA PHE F 95 48.91 -111.98 23.97
C PHE F 95 47.47 -112.32 23.56
N CYS F 96 46.67 -113.04 24.36
CA CYS F 96 45.26 -113.29 24.09
C CYS F 96 44.43 -112.01 24.25
N ASP F 97 43.29 -111.92 23.53
CA ASP F 97 42.44 -110.75 23.58
C ASP F 97 41.09 -111.00 24.25
N THR F 98 40.68 -112.25 24.41
CA THR F 98 39.40 -112.55 25.05
C THR F 98 39.48 -113.65 26.10
N GLU F 99 40.48 -114.53 26.07
CA GLU F 99 40.57 -115.62 27.02
C GLU F 99 41.14 -115.18 28.37
N ASN F 100 41.56 -113.91 28.45
CA ASN F 100 42.13 -113.38 29.71
C ASN F 100 41.03 -113.33 30.76
N THR F 101 41.22 -114.02 31.89
CA THR F 101 40.26 -113.98 32.98
C THR F 101 40.96 -113.65 34.28
N GLN F 102 40.26 -112.92 35.15
CA GLN F 102 40.77 -112.54 36.46
C GLN F 102 39.92 -113.18 37.54
N MET F 103 40.58 -113.82 38.51
CA MET F 103 39.92 -114.45 39.64
C MET F 103 40.22 -113.60 40.88
N SER F 104 39.30 -112.69 41.19
CA SER F 104 39.47 -111.78 42.32
C SER F 104 38.64 -112.25 43.50
N GLU F 105 39.26 -112.30 44.67
CA GLU F 105 38.60 -112.73 45.89
C GLU F 105 38.92 -111.75 47.01
N ALA F 106 38.01 -111.65 47.97
CA ALA F 106 38.20 -110.76 49.10
C ALA F 106 37.34 -111.25 50.26
N TYR F 107 37.85 -111.06 51.48
CA TYR F 107 37.12 -111.44 52.67
C TYR F 107 37.33 -110.39 53.75
N VAL F 108 36.41 -110.33 54.68
CA VAL F 108 36.43 -109.35 55.76
C VAL F 108 37.12 -109.95 56.97
N GLU F 109 38.10 -109.23 57.50
CA GLU F 109 38.83 -109.63 58.69
C GLU F 109 38.89 -108.45 59.64
N ARG F 110 38.75 -108.72 60.94
CA ARG F 110 38.67 -107.64 61.91
C ARG F 110 39.97 -106.83 61.93
N SER F 111 39.83 -105.53 62.07
CA SER F 111 40.97 -104.63 61.96
C SER F 111 41.95 -104.82 63.12
N GLU F 112 43.18 -104.39 62.90
CA GLU F 112 44.19 -104.44 63.94
C GLU F 112 43.80 -103.57 65.13
N GLU F 113 42.99 -102.54 64.89
CA GLU F 113 42.57 -101.64 65.96
C GLU F 113 41.59 -102.29 66.92
N CYS F 114 41.07 -103.47 66.58
CA CYS F 114 40.11 -104.13 67.45
C CYS F 114 40.74 -104.53 68.78
N SER F 115 42.06 -104.66 68.83
CA SER F 115 42.72 -105.11 70.05
C SER F 115 42.59 -104.09 71.18
N ILE F 116 42.45 -102.81 70.85
CA ILE F 116 42.38 -101.75 71.84
C ILE F 116 40.99 -101.12 71.90
N ASP F 117 40.45 -100.73 70.74
CA ASP F 117 39.15 -100.08 70.67
C ASP F 117 38.13 -101.07 70.12
N HIS F 118 37.11 -101.37 70.92
CA HIS F 118 36.09 -102.33 70.54
C HIS F 118 34.90 -102.21 71.48
N ALA F 119 33.70 -102.16 70.92
CA ALA F 119 32.51 -102.17 71.75
C ALA F 119 32.29 -103.55 72.34
N LYS F 120 31.56 -103.58 73.46
CA LYS F 120 31.30 -104.84 74.15
C LYS F 120 29.81 -104.94 74.44
N ALA F 121 29.15 -105.93 73.85
CA ALA F 121 27.76 -106.20 74.18
C ALA F 121 27.68 -106.97 75.49
N TYR F 122 26.63 -106.68 76.26
CA TYR F 122 26.45 -107.33 77.55
C TYR F 122 24.97 -107.50 77.84
N LYS F 123 24.58 -108.71 78.22
CA LYS F 123 23.27 -108.98 78.78
C LYS F 123 23.44 -109.21 80.27
N VAL F 124 22.65 -108.52 81.09
CA VAL F 124 22.87 -108.46 82.52
C VAL F 124 21.69 -109.07 83.25
N HIS F 125 21.92 -109.51 84.48
CA HIS F 125 20.91 -110.02 85.39
C HIS F 125 20.82 -109.12 86.61
N THR F 126 20.02 -109.54 87.59
CA THR F 126 19.80 -108.71 88.77
C THR F 126 21.08 -108.50 89.57
N GLY F 127 21.85 -109.56 89.79
CA GLY F 127 23.08 -109.43 90.54
C GLY F 127 22.83 -109.17 92.02
N THR F 128 23.93 -108.89 92.72
CA THR F 128 23.89 -108.65 94.15
C THR F 128 24.74 -107.43 94.48
N VAL F 129 24.18 -106.53 95.27
CA VAL F 129 24.82 -105.24 95.56
C VAL F 129 25.70 -105.36 96.79
N GLN F 130 26.70 -104.51 96.91
CA GLN F 130 27.62 -104.45 98.05
C GLN F 130 27.78 -103.00 98.49
N ALA F 131 28.21 -102.78 99.72
CA ALA F 131 28.43 -101.45 100.25
C ALA F 131 29.65 -101.41 101.14
N MET F 132 30.29 -100.26 101.25
CA MET F 132 31.29 -100.06 102.30
C MET F 132 30.66 -99.17 103.34
N VAL F 133 30.61 -99.66 104.58
CA VAL F 133 29.99 -98.99 105.71
C VAL F 133 31.04 -98.60 106.72
N ASN F 134 30.91 -97.38 107.21
CA ASN F 134 31.68 -96.87 108.31
C ASN F 134 30.75 -96.60 109.49
N ILE F 135 31.07 -97.17 110.65
CA ILE F 135 30.29 -97.09 111.90
C ILE F 135 31.19 -96.56 112.99
N THR F 136 30.98 -95.34 113.43
CA THR F 136 31.83 -94.68 114.45
C THR F 136 31.06 -94.50 115.74
N TYR F 137 30.39 -95.55 116.15
CA TYR F 137 29.52 -95.58 117.33
C TYR F 137 30.29 -95.60 118.66
N GLY F 138 29.56 -95.40 119.77
CA GLY F 138 30.08 -95.60 121.12
C GLY F 138 31.33 -94.77 121.39
N SER F 139 32.39 -95.44 121.85
CA SER F 139 33.72 -94.84 122.03
C SER F 139 34.78 -95.31 121.03
N VAL F 140 34.51 -96.33 120.19
CA VAL F 140 35.50 -96.85 119.23
C VAL F 140 35.77 -95.92 118.06
N SER F 141 34.78 -95.10 117.68
CA SER F 141 34.89 -94.03 116.67
C SER F 141 35.40 -94.46 115.27
N TRP F 142 35.36 -95.74 114.93
CA TRP F 142 35.89 -96.25 113.67
C TRP F 142 35.18 -97.54 113.24
N ARG F 143 35.05 -97.74 111.92
CA ARG F 143 34.89 -99.04 111.27
C ARG F 143 35.35 -98.93 109.82
N SER F 144 35.69 -100.04 109.16
CA SER F 144 36.00 -100.05 107.72
C SER F 144 35.54 -101.36 107.08
N ALA F 145 34.23 -101.58 107.08
CA ALA F 145 33.64 -102.85 106.67
C ALA F 145 33.07 -102.79 105.26
N ASP F 146 33.41 -103.78 104.44
CA ASP F 146 32.72 -104.05 103.18
C ASP F 146 31.64 -105.11 103.44
N VAL F 147 30.42 -104.87 102.99
CA VAL F 147 29.23 -105.66 103.32
C VAL F 147 28.39 -105.93 102.08
N TYR F 148 27.52 -106.92 102.17
CA TYR F 148 26.55 -107.23 101.14
C TYR F 148 25.17 -106.67 101.50
N VAL F 149 24.16 -106.93 100.67
CA VAL F 149 22.77 -106.52 100.89
C VAL F 149 21.85 -107.69 101.14
N ASN F 150 22.28 -108.92 100.90
CA ASN F 150 21.45 -110.08 101.19
C ASN F 150 21.12 -110.12 102.67
N GLY F 151 19.87 -110.49 102.98
CA GLY F 151 19.42 -110.47 104.35
C GLY F 151 19.89 -111.65 105.18
N GLU F 152 21.06 -112.21 104.90
CA GLU F 152 21.66 -113.29 105.70
C GLU F 152 23.09 -113.00 106.12
N THR F 153 23.92 -112.38 105.28
CA THR F 153 25.36 -112.26 105.55
C THR F 153 25.66 -111.34 106.73
N PRO F 154 26.24 -111.86 107.83
CA PRO F 154 26.72 -111.02 108.92
C PRO F 154 28.04 -110.33 108.55
N ALA F 155 28.29 -109.14 109.08
CA ALA F 155 29.56 -108.40 108.97
C ALA F 155 30.11 -108.04 110.34
N LYS F 156 31.22 -108.65 110.78
CA LYS F 156 31.73 -108.63 112.18
C LYS F 156 33.12 -108.03 112.32
N ILE F 157 33.33 -106.91 111.62
CA ILE F 157 34.57 -106.15 111.68
C ILE F 157 34.75 -105.46 113.05
N GLY F 158 35.96 -105.33 113.56
CA GLY F 158 36.17 -104.87 114.94
C GLY F 158 35.43 -105.78 115.94
N ASP F 159 34.55 -105.19 116.76
CA ASP F 159 33.79 -105.91 117.78
C ASP F 159 32.31 -106.15 117.39
N ALA F 160 31.64 -105.17 116.79
CA ALA F 160 30.23 -105.29 116.42
C ALA F 160 29.99 -106.16 115.18
N LYS F 161 28.82 -106.80 115.15
CA LYS F 161 28.35 -107.59 114.00
C LYS F 161 26.98 -107.10 113.57
N LEU F 162 26.76 -106.99 112.26
CA LEU F 162 25.50 -106.46 111.70
C LEU F 162 25.14 -107.10 110.36
N ILE F 163 23.90 -106.88 109.95
CA ILE F 163 23.31 -107.35 108.71
C ILE F 163 22.54 -106.22 108.04
N ILE F 164 22.67 -106.16 106.71
CA ILE F 164 22.21 -105.08 105.86
C ILE F 164 21.27 -105.63 104.82
N GLY F 165 20.25 -104.85 104.46
CA GLY F 165 19.37 -105.11 103.35
C GLY F 165 18.36 -106.21 103.64
N PRO F 166 17.68 -106.69 102.59
CA PRO F 166 17.81 -106.31 101.16
C PRO F 166 17.20 -104.96 100.82
N LEU F 167 17.59 -104.38 99.70
CA LEU F 167 17.11 -103.07 99.30
C LEU F 167 15.61 -103.11 99.04
N SER F 168 14.96 -101.99 99.37
CA SER F 168 13.51 -101.89 99.15
C SER F 168 13.16 -101.74 97.68
N SER F 169 14.05 -101.19 96.87
CA SER F 169 13.79 -100.96 95.46
C SER F 169 14.70 -101.88 94.64
N ALA F 170 14.10 -102.62 93.71
CA ALA F 170 14.85 -103.41 92.75
C ALA F 170 15.26 -102.61 91.52
N TRP F 171 15.34 -101.29 91.63
CA TRP F 171 15.65 -100.43 90.51
C TRP F 171 17.08 -100.67 90.04
N SER F 172 17.22 -101.00 88.76
CA SER F 172 18.53 -101.16 88.15
C SER F 172 18.65 -100.21 86.96
N PRO F 173 19.57 -99.25 86.97
CA PRO F 173 19.71 -98.36 85.82
C PRO F 173 20.06 -99.09 84.54
N PHE F 174 20.77 -100.22 84.64
CA PHE F 174 21.08 -101.00 83.45
C PHE F 174 19.81 -101.65 82.90
N ASP F 175 19.74 -101.71 81.57
CA ASP F 175 18.66 -102.42 80.91
C ASP F 175 19.06 -103.88 80.74
N ASN F 176 18.21 -104.66 80.06
CA ASN F 176 18.56 -106.06 79.82
C ASN F 176 19.74 -106.18 78.86
N LYS F 177 19.84 -105.27 77.90
CA LYS F 177 20.96 -105.23 76.97
C LYS F 177 21.77 -103.97 77.21
N VAL F 178 23.08 -104.13 77.37
CA VAL F 178 23.99 -103.05 77.68
C VAL F 178 25.19 -103.12 76.76
N VAL F 179 25.59 -101.98 76.21
CA VAL F 179 26.76 -101.88 75.33
C VAL F 179 27.81 -101.01 76.02
N VAL F 180 29.02 -101.54 76.12
CA VAL F 180 30.13 -100.85 76.78
C VAL F 180 31.17 -100.51 75.72
N TYR F 181 31.55 -99.25 75.66
CA TYR F 181 32.51 -98.75 74.67
C TYR F 181 33.71 -98.16 75.41
N GLY F 182 34.68 -99.02 75.73
CA GLY F 182 35.93 -98.56 76.28
C GLY F 182 35.81 -98.05 77.70
N HIS F 183 35.13 -96.92 77.87
CA HIS F 183 34.97 -96.31 79.19
C HIS F 183 33.55 -95.88 79.51
N GLU F 184 32.70 -95.59 78.53
CA GLU F 184 31.34 -95.15 78.76
C GLU F 184 30.37 -96.30 78.48
N VAL F 185 29.21 -96.25 79.12
CA VAL F 185 28.22 -97.31 79.05
C VAL F 185 26.98 -96.77 78.34
N TYR F 186 26.50 -97.49 77.33
CA TYR F 186 25.30 -97.14 76.59
C TYR F 186 24.34 -98.32 76.64
N ASN F 187 23.08 -98.05 76.96
CA ASN F 187 22.06 -99.09 77.00
C ASN F 187 21.41 -99.23 75.63
N TYR F 188 22.27 -99.41 74.62
CA TYR F 188 21.83 -99.63 73.25
C TYR F 188 21.40 -101.09 73.10
N ASP F 189 20.38 -101.30 72.27
CA ASP F 189 19.81 -102.63 72.05
C ASP F 189 20.53 -103.27 70.87
N PHE F 190 21.66 -103.91 71.16
CA PHE F 190 22.32 -104.70 70.13
C PHE F 190 21.41 -105.86 69.72
N PRO F 191 21.27 -106.13 68.43
CA PRO F 191 20.22 -107.06 67.99
C PRO F 191 20.33 -108.47 68.55
N GLU F 192 21.42 -109.16 68.20
CA GLU F 192 21.74 -110.50 68.67
C GLU F 192 23.05 -110.87 67.99
N TYR F 193 23.61 -112.00 68.37
CA TYR F 193 24.81 -112.48 67.70
C TYR F 193 24.46 -113.03 66.32
N GLY F 194 25.34 -112.76 65.36
CA GLY F 194 25.21 -113.34 64.03
C GLY F 194 23.99 -112.88 63.27
N THR F 195 23.49 -111.68 63.52
CA THR F 195 22.32 -111.17 62.81
C THR F 195 22.42 -109.70 62.43
N GLY F 196 23.57 -109.07 62.64
CA GLY F 196 23.71 -107.65 62.38
C GLY F 196 23.49 -107.25 60.93
N LYS F 197 22.67 -106.23 60.72
CA LYS F 197 22.46 -105.69 59.38
C LYS F 197 23.70 -104.93 58.94
N ALA F 198 23.97 -104.99 57.64
CA ALA F 198 25.13 -104.28 57.10
C ALA F 198 24.96 -102.78 57.24
N GLY F 199 26.04 -102.11 57.61
CA GLY F 199 26.02 -100.66 57.74
C GLY F 199 25.59 -100.20 59.12
N SER F 200 24.68 -100.94 59.75
CA SER F 200 24.23 -100.59 61.08
C SER F 200 25.25 -101.05 62.12
N PHE F 201 24.88 -100.93 63.39
CA PHE F 201 25.74 -101.40 64.46
C PHE F 201 25.90 -102.91 64.37
N GLY F 202 27.10 -103.37 64.74
CA GLY F 202 27.37 -104.79 64.73
C GLY F 202 27.38 -105.42 63.34
N ASP F 203 27.89 -104.69 62.34
CA ASP F 203 28.07 -105.29 61.03
C ASP F 203 29.08 -106.43 61.10
N LEU F 204 30.14 -106.25 61.89
CA LEU F 204 31.11 -107.30 62.16
C LEU F 204 30.99 -107.69 63.63
N GLN F 205 30.72 -108.96 63.89
CA GLN F 205 30.49 -109.46 65.24
C GLN F 205 31.44 -110.60 65.53
N SER F 206 32.28 -110.43 66.55
CA SER F 206 33.20 -111.46 67.00
C SER F 206 32.84 -111.91 68.40
N ARG F 207 32.86 -113.22 68.62
CA ARG F 207 32.52 -113.76 69.93
C ARG F 207 33.48 -113.25 71.00
N THR F 208 34.78 -113.26 70.70
CA THR F 208 35.78 -112.73 71.60
C THR F 208 36.98 -112.31 70.77
N SER F 209 37.82 -111.45 71.35
CA SER F 209 39.04 -111.02 70.66
C SER F 209 39.93 -112.22 70.33
N THR F 210 39.91 -113.24 71.16
CA THR F 210 40.69 -114.46 70.88
C THR F 210 40.02 -115.31 69.82
N SER F 211 38.69 -115.29 69.76
CA SER F 211 37.95 -116.17 68.86
C SER F 211 38.32 -115.89 67.40
N ASN F 212 38.63 -116.95 66.66
CA ASN F 212 38.99 -116.80 65.26
C ASN F 212 37.77 -116.54 64.39
N ASP F 213 36.69 -117.27 64.63
CA ASP F 213 35.48 -117.12 63.83
C ASP F 213 34.74 -115.84 64.20
N LEU F 214 34.01 -115.31 63.23
CA LEU F 214 33.22 -114.10 63.45
C LEU F 214 32.08 -114.07 62.44
N TYR F 215 31.30 -112.99 62.48
CA TYR F 215 30.14 -112.82 61.62
C TYR F 215 30.24 -111.45 60.96
N ALA F 216 30.56 -111.45 59.66
CA ALA F 216 30.84 -110.22 58.92
C ALA F 216 29.83 -110.09 57.78
N ASN F 217 28.74 -109.36 58.02
CA ASN F 217 27.77 -109.05 56.99
C ASN F 217 27.99 -107.61 56.57
N THR F 218 28.86 -107.40 55.59
CA THR F 218 29.21 -106.06 55.14
C THR F 218 28.69 -105.74 53.75
N ASN F 219 27.94 -106.66 53.13
CA ASN F 219 27.43 -106.49 51.77
C ASN F 219 28.55 -106.21 50.78
N LEU F 220 29.68 -106.89 50.96
CA LEU F 220 30.82 -106.70 50.08
C LEU F 220 30.56 -107.34 48.72
N LYS F 221 30.79 -106.59 47.65
CA LYS F 221 30.61 -107.09 46.29
C LYS F 221 31.69 -106.51 45.40
N LEU F 222 32.49 -107.38 44.79
CA LEU F 222 33.52 -106.93 43.86
C LEU F 222 32.89 -106.48 42.55
N GLN F 223 33.66 -105.76 41.75
CA GLN F 223 33.22 -105.31 40.45
C GLN F 223 34.40 -105.34 39.48
N ARG F 224 34.07 -105.25 38.19
CA ARG F 224 35.08 -105.43 37.15
C ARG F 224 36.14 -104.33 37.22
N PRO F 225 37.42 -104.66 37.12
CA PRO F 225 38.44 -103.63 36.99
C PRO F 225 38.25 -102.87 35.68
N GLN F 226 38.57 -101.58 35.72
CA GLN F 226 38.28 -100.68 34.62
C GLN F 226 39.53 -100.41 33.79
N ALA F 227 39.35 -100.34 32.48
CA ALA F 227 40.36 -99.98 31.48
C ALA F 227 41.63 -100.85 31.44
N GLY F 228 41.53 -102.11 31.87
CA GLY F 228 42.65 -103.05 31.77
C GLY F 228 43.80 -102.71 32.72
N ILE F 229 43.53 -102.73 34.02
CA ILE F 229 44.50 -102.41 35.08
C ILE F 229 44.41 -103.44 36.21
N VAL F 230 45.54 -103.91 36.73
CA VAL F 230 45.54 -104.95 37.76
C VAL F 230 45.21 -104.37 39.13
N HIS F 231 43.97 -104.54 39.60
CA HIS F 231 43.53 -104.20 40.94
C HIS F 231 42.20 -104.91 41.18
N THR F 232 41.67 -104.73 42.40
CA THR F 232 40.45 -105.42 42.84
C THR F 232 39.46 -104.39 43.36
N PRO F 233 38.73 -103.72 42.46
CA PRO F 233 37.69 -102.78 42.90
C PRO F 233 36.58 -103.53 43.64
N PHE F 234 36.40 -103.18 44.91
CA PHE F 234 35.38 -103.79 45.76
C PHE F 234 34.48 -102.70 46.33
N THR F 235 33.18 -102.91 46.25
CA THR F 235 32.20 -101.97 46.77
C THR F 235 31.51 -102.58 47.99
N GLN F 236 31.56 -101.89 49.11
CA GLN F 236 30.97 -102.37 50.34
C GLN F 236 30.38 -101.20 51.11
N ALA F 237 29.47 -101.50 52.04
CA ALA F 237 28.91 -100.47 52.89
C ALA F 237 30.00 -99.89 53.79
N PRO F 238 29.89 -98.61 54.16
CA PRO F 238 30.86 -98.04 55.09
C PRO F 238 30.82 -98.75 56.43
N SER F 239 31.95 -98.71 57.13
CA SER F 239 32.10 -99.44 58.38
C SER F 239 30.98 -99.10 59.35
N GLY F 240 30.17 -100.10 59.68
CA GLY F 240 29.06 -99.88 60.59
C GLY F 240 29.47 -99.46 61.99
N PHE F 241 30.63 -99.91 62.45
CA PHE F 241 31.13 -99.46 63.74
C PHE F 241 31.57 -98.02 63.72
N GLU F 242 32.06 -97.53 62.57
CA GLU F 242 32.35 -96.11 62.44
C GLU F 242 31.07 -95.29 62.63
N ARG F 243 29.98 -95.74 62.03
CA ARG F 243 28.69 -95.16 62.36
C ARG F 243 28.31 -95.59 63.78
N TRP F 244 27.45 -94.78 64.39
CA TRP F 244 27.02 -94.94 65.78
C TRP F 244 28.15 -94.57 66.73
N LYS F 245 29.35 -94.35 66.21
CA LYS F 245 30.41 -93.77 67.03
C LYS F 245 30.38 -92.25 67.02
N ARG F 246 29.97 -91.66 65.90
CA ARG F 246 29.83 -90.21 65.80
C ARG F 246 28.40 -89.74 65.99
N ASP F 247 27.46 -90.66 66.25
CA ASP F 247 26.07 -90.28 66.50
C ASP F 247 25.45 -91.14 67.59
N LYS F 248 26.25 -91.62 68.53
CA LYS F 248 25.69 -92.37 69.65
C LYS F 248 24.95 -91.42 70.60
N GLY F 249 24.02 -91.99 71.34
CA GLY F 249 23.26 -91.23 72.31
C GLY F 249 24.10 -90.90 73.53
N ALA F 250 23.45 -90.27 74.50
CA ALA F 250 24.12 -89.93 75.73
C ALA F 250 24.49 -91.21 76.49
N PRO F 251 25.69 -91.28 77.06
CA PRO F 251 26.06 -92.46 77.84
C PRO F 251 25.18 -92.62 79.06
N LEU F 252 25.00 -93.88 79.48
CA LEU F 252 24.17 -94.16 80.65
C LEU F 252 24.74 -93.49 81.89
N ASN F 253 26.05 -93.29 81.95
CA ASN F 253 26.67 -92.66 83.10
C ASN F 253 26.37 -91.17 83.13
N ASP F 254 25.66 -90.66 82.12
CA ASP F 254 25.25 -89.27 82.07
C ASP F 254 23.74 -89.09 82.05
N VAL F 255 22.96 -90.17 82.05
CA VAL F 255 21.51 -90.09 82.06
C VAL F 255 20.87 -90.95 83.14
N ALA F 256 21.66 -91.69 83.90
CA ALA F 256 21.10 -92.52 84.96
C ALA F 256 20.59 -91.63 86.09
N PRO F 257 19.32 -91.73 86.48
CA PRO F 257 18.81 -90.89 87.56
C PRO F 257 19.36 -91.32 88.91
N PHE F 258 18.91 -90.66 89.99
CA PHE F 258 19.33 -90.93 91.35
C PHE F 258 20.82 -90.72 91.56
N GLY F 259 21.48 -90.00 90.66
CA GLY F 259 22.89 -89.69 90.80
C GLY F 259 23.81 -90.89 90.83
N CYS F 260 23.59 -91.84 89.94
CA CYS F 260 24.37 -93.07 89.88
C CYS F 260 25.41 -92.97 88.77
N SER F 261 26.64 -93.33 89.09
CA SER F 261 27.74 -93.30 88.15
C SER F 261 28.31 -94.69 87.96
N ILE F 262 28.84 -94.94 86.77
CA ILE F 262 29.36 -96.26 86.41
C ILE F 262 30.86 -96.16 86.19
N ALA F 263 31.48 -97.30 85.90
CA ALA F 263 32.93 -97.35 85.67
C ALA F 263 33.28 -98.58 84.84
N LEU F 264 34.45 -98.51 84.19
CA LEU F 264 34.98 -99.66 83.47
C LEU F 264 35.41 -100.69 84.51
N GLU F 265 34.51 -101.60 84.81
CA GLU F 265 34.54 -102.33 86.06
C GLU F 265 33.57 -103.51 85.98
N PRO F 266 33.37 -104.26 87.08
CA PRO F 266 32.24 -105.19 87.12
C PRO F 266 30.88 -104.52 86.88
N LEU F 267 30.90 -103.22 86.57
CA LEU F 267 29.73 -102.44 86.19
C LEU F 267 28.85 -102.10 87.39
N ARG F 268 29.48 -101.82 88.51
CA ARG F 268 28.77 -101.29 89.66
C ARG F 268 28.24 -99.89 89.35
N ALA F 269 27.08 -99.58 89.91
CA ALA F 269 26.48 -98.24 89.80
C ALA F 269 26.50 -97.63 91.19
N GLU F 270 27.61 -97.00 91.53
CA GLU F 270 27.81 -96.49 92.87
C GLU F 270 26.95 -95.25 93.12
N ASN F 271 26.69 -94.99 94.40
CA ASN F 271 25.94 -93.83 94.86
C ASN F 271 24.54 -93.77 94.28
N CYS F 272 23.95 -94.94 94.00
CA CYS F 272 22.60 -95.01 93.46
C CYS F 272 21.60 -94.85 94.60
N ALA F 273 21.41 -93.59 95.00
CA ALA F 273 20.58 -93.26 96.15
C ALA F 273 19.11 -93.51 95.81
N VAL F 274 18.57 -94.62 96.30
CA VAL F 274 17.17 -94.97 96.09
C VAL F 274 16.78 -96.00 97.14
N GLY F 275 15.54 -95.91 97.62
CA GLY F 275 15.03 -96.88 98.56
C GLY F 275 15.63 -96.73 99.95
N SER F 276 15.43 -97.77 100.76
CA SER F 276 15.92 -97.82 102.12
C SER F 276 16.50 -99.20 102.40
N ILE F 277 17.23 -99.29 103.51
CA ILE F 277 17.91 -100.51 103.92
C ILE F 277 17.42 -100.90 105.31
N PRO F 278 16.89 -102.10 105.50
CA PRO F 278 16.49 -102.54 106.85
C PRO F 278 17.69 -103.00 107.67
N ILE F 279 18.37 -102.07 108.32
CA ILE F 279 19.62 -102.35 109.01
C ILE F 279 19.33 -102.95 110.38
N SER F 280 19.97 -104.07 110.67
CA SER F 280 19.94 -104.68 111.99
C SER F 280 21.37 -104.92 112.45
N ILE F 281 21.68 -104.49 113.67
CA ILE F 281 23.02 -104.55 114.28
C ILE F 281 22.97 -105.15 115.69
N ASP F 282 23.94 -106.01 116.01
CA ASP F 282 24.11 -106.63 117.32
C ASP F 282 25.29 -105.98 118.05
N ILE F 283 25.02 -104.99 118.90
CA ILE F 283 26.06 -104.37 119.71
C ILE F 283 26.53 -105.34 120.79
N PRO F 284 27.84 -105.56 120.97
CA PRO F 284 28.35 -106.38 122.07
C PRO F 284 28.04 -105.72 123.40
N ASP F 285 27.64 -106.51 124.39
CA ASP F 285 27.26 -105.98 125.70
C ASP F 285 28.45 -105.39 126.44
N ALA F 286 29.67 -105.61 125.96
CA ALA F 286 30.85 -105.08 126.63
C ALA F 286 30.83 -103.55 126.66
N ALA F 287 30.43 -102.93 125.55
CA ALA F 287 30.37 -101.47 125.50
C ALA F 287 29.34 -100.90 126.45
N PHE F 288 28.32 -101.67 126.81
CA PHE F 288 27.30 -101.19 127.73
C PHE F 288 27.89 -101.01 129.13
N THR F 289 27.39 -100.01 129.84
CA THR F 289 27.78 -99.72 131.21
C THR F 289 26.54 -99.63 132.09
N ARG F 290 26.73 -99.87 133.39
CA ARG F 290 25.62 -99.84 134.32
C ARG F 290 24.95 -98.46 134.32
N ILE F 291 23.63 -98.47 134.34
CA ILE F 291 22.86 -97.23 134.29
C ILE F 291 23.13 -96.37 135.52
N SER F 292 23.47 -97.01 136.64
CA SER F 292 23.69 -96.30 137.90
C SER F 292 24.94 -95.42 137.89
N GLU F 293 25.66 -95.34 136.77
CA GLU F 293 26.85 -94.53 136.67
C GLU F 293 26.65 -93.22 135.92
N THR F 294 25.65 -93.16 135.03
CA THR F 294 25.41 -91.95 134.28
C THR F 294 24.86 -90.84 135.18
N PRO F 295 25.47 -89.66 135.14
CA PRO F 295 24.96 -88.55 135.96
C PRO F 295 23.55 -88.16 135.56
N THR F 296 22.80 -87.68 136.55
CA THR F 296 21.41 -87.25 136.33
C THR F 296 21.40 -85.79 135.88
N VAL F 297 20.65 -85.52 134.81
CA VAL F 297 20.62 -84.19 134.21
C VAL F 297 19.21 -83.64 134.21
N SER F 298 18.41 -84.01 135.22
CA SER F 298 17.01 -83.60 135.26
C SER F 298 16.88 -82.11 135.58
N ASP F 299 15.65 -81.61 135.44
CA ASP F 299 15.31 -80.21 135.73
C ASP F 299 16.16 -79.25 134.88
N LEU F 300 16.37 -79.59 133.62
CA LEU F 300 17.08 -78.75 132.69
C LEU F 300 16.08 -78.08 131.73
N GLU F 301 16.59 -77.18 130.90
CA GLU F 301 15.76 -76.48 129.93
C GLU F 301 16.56 -76.22 128.67
N CYS F 302 15.85 -76.02 127.57
CA CYS F 302 16.45 -75.82 126.26
C CYS F 302 16.02 -74.47 125.70
N LYS F 303 16.99 -73.72 125.17
CA LYS F 303 16.72 -72.43 124.57
C LYS F 303 17.32 -72.38 123.18
N ILE F 304 16.52 -71.99 122.20
CA ILE F 304 17.01 -71.78 120.85
C ILE F 304 17.82 -70.49 120.80
N THR F 305 18.88 -70.50 120.00
CA THR F 305 19.73 -69.33 119.84
C THR F 305 19.58 -68.70 118.46
N GLU F 306 19.75 -69.48 117.39
CA GLU F 306 19.55 -68.97 116.04
C GLU F 306 19.37 -70.17 115.12
N CYS F 307 18.20 -70.27 114.50
CA CYS F 307 17.91 -71.32 113.54
C CYS F 307 17.76 -70.71 112.15
N THR F 308 18.35 -71.36 111.16
CA THR F 308 18.22 -70.94 109.76
C THR F 308 17.39 -71.97 109.02
N TYR F 309 16.34 -71.52 108.34
CA TYR F 309 15.50 -72.41 107.56
C TYR F 309 16.26 -72.85 106.31
N ALA F 310 17.32 -73.64 106.51
CA ALA F 310 18.22 -74.01 105.42
C ALA F 310 18.57 -75.48 105.46
N SER F 311 19.54 -75.89 104.64
CA SER F 311 19.97 -77.27 104.55
C SER F 311 21.21 -77.57 105.37
N ASP F 312 22.12 -76.62 105.52
CA ASP F 312 23.30 -76.83 106.34
C ASP F 312 22.94 -76.65 107.81
N PHE F 313 23.91 -76.94 108.68
CA PHE F 313 23.70 -76.86 110.12
C PHE F 313 23.66 -75.41 110.58
N GLY F 314 22.59 -74.69 110.24
CA GLY F 314 22.46 -73.31 110.62
C GLY F 314 21.78 -73.13 111.96
N GLY F 315 21.15 -74.19 112.45
CA GLY F 315 20.43 -74.10 113.71
C GLY F 315 21.38 -74.30 114.89
N ILE F 316 21.32 -73.40 115.86
CA ILE F 316 22.09 -73.50 117.09
C ILE F 316 21.15 -73.27 118.27
N ALA F 317 21.54 -73.82 119.42
CA ALA F 317 20.73 -73.71 120.61
C ALA F 317 21.60 -73.98 121.83
N THR F 318 21.25 -73.34 122.95
CA THR F 318 21.96 -73.55 124.20
C THR F 318 21.06 -74.28 125.19
N VAL F 319 21.63 -75.27 125.87
CA VAL F 319 20.91 -76.09 126.84
C VAL F 319 21.45 -75.77 128.22
N ALA F 320 20.54 -75.40 129.14
CA ALA F 320 20.91 -75.12 130.53
C ALA F 320 20.94 -76.43 131.29
N TYR F 321 22.10 -77.08 131.28
CA TYR F 321 22.23 -78.37 131.93
C TYR F 321 22.16 -78.22 133.45
N LYS F 322 21.48 -79.17 134.10
CA LYS F 322 21.40 -79.25 135.56
C LYS F 322 21.82 -80.67 135.95
N SER F 323 23.13 -80.87 136.08
CA SER F 323 23.67 -82.19 136.34
C SER F 323 24.25 -82.27 137.75
N SER F 324 24.61 -83.49 138.14
CA SER F 324 25.21 -83.75 139.44
C SER F 324 26.67 -84.17 139.32
N LYS F 325 26.96 -85.21 138.55
CA LYS F 325 28.31 -85.70 138.36
C LYS F 325 28.84 -85.23 137.01
N ALA F 326 30.04 -85.68 136.65
CA ALA F 326 30.69 -85.30 135.42
C ALA F 326 30.97 -86.54 134.58
N GLY F 327 30.71 -86.45 133.28
CA GLY F 327 30.97 -87.56 132.39
C GLY F 327 30.40 -87.28 131.02
N ASN F 328 30.62 -88.24 130.12
CA ASN F 328 30.13 -88.12 128.76
C ASN F 328 28.61 -88.34 128.72
N CYS F 329 27.99 -87.80 127.68
CA CYS F 329 26.55 -87.91 127.52
C CYS F 329 26.18 -87.86 126.05
N PRO F 330 25.71 -88.96 125.48
CA PRO F 330 25.25 -88.92 124.09
C PRO F 330 24.01 -88.06 123.95
N ILE F 331 23.89 -87.42 122.78
CA ILE F 331 22.76 -86.56 122.47
C ILE F 331 22.17 -87.00 121.13
N HIS F 332 20.84 -87.07 121.09
CA HIS F 332 20.15 -87.53 119.91
C HIS F 332 18.69 -87.09 119.97
N SER F 333 18.14 -86.78 118.81
CA SER F 333 16.72 -86.44 118.70
C SER F 333 15.98 -87.59 118.03
N PRO F 334 15.13 -88.33 118.76
CA PRO F 334 14.40 -89.43 118.11
C PRO F 334 13.53 -88.96 116.96
N SER F 335 12.96 -87.77 117.06
CA SER F 335 12.16 -87.23 115.97
C SER F 335 13.04 -86.88 114.78
N GLY F 336 12.50 -87.08 113.59
CA GLY F 336 13.20 -86.75 112.37
C GLY F 336 13.11 -85.31 111.95
N VAL F 337 12.47 -84.46 112.76
CA VAL F 337 12.30 -83.06 112.39
C VAL F 337 13.66 -82.37 112.27
N ALA F 338 14.55 -82.59 113.23
CA ALA F 338 15.87 -81.96 113.25
C ALA F 338 16.93 -83.03 113.39
N VAL F 339 18.11 -82.75 112.83
CA VAL F 339 19.26 -83.63 112.92
C VAL F 339 20.40 -82.87 113.56
N ILE F 340 21.08 -83.50 114.51
CA ILE F 340 22.11 -82.86 115.32
C ILE F 340 23.47 -83.39 114.87
N LYS F 341 24.32 -82.49 114.41
CA LYS F 341 25.67 -82.89 114.02
C LYS F 341 26.50 -83.27 115.25
N GLU F 342 26.25 -82.61 116.38
CA GLU F 342 26.97 -82.89 117.61
C GLU F 342 26.62 -84.30 118.09
N ASN F 343 27.63 -85.02 118.59
CA ASN F 343 27.45 -86.40 119.00
C ASN F 343 27.59 -86.61 120.51
N ASP F 344 28.67 -86.11 121.11
CA ASP F 344 28.92 -86.31 122.53
C ASP F 344 29.24 -84.98 123.19
N VAL F 345 28.71 -84.82 124.41
CA VAL F 345 28.98 -83.63 125.21
C VAL F 345 29.31 -84.05 126.63
N THR F 346 30.41 -83.52 127.16
CA THR F 346 30.76 -83.76 128.56
C THR F 346 29.96 -82.79 129.44
N LEU F 347 29.51 -83.29 130.59
CA LEU F 347 28.64 -82.53 131.47
C LEU F 347 29.42 -82.02 132.68
N ALA F 348 29.35 -80.72 132.91
CA ALA F 348 29.89 -80.13 134.12
C ALA F 348 28.77 -79.97 135.14
N GLU F 349 29.08 -79.36 136.29
CA GLU F 349 28.05 -79.15 137.30
C GLU F 349 27.21 -77.92 136.97
N SER F 350 26.02 -78.14 136.42
CA SER F 350 25.09 -77.09 136.07
C SER F 350 25.72 -76.09 135.09
N GLY F 351 26.13 -76.62 133.95
CA GLY F 351 26.75 -75.84 132.91
C GLY F 351 25.83 -75.59 131.73
N SER F 352 26.38 -75.00 130.67
CA SER F 352 25.63 -74.72 129.45
C SER F 352 26.58 -74.84 128.28
N PHE F 353 26.16 -75.61 127.27
CA PHE F 353 27.01 -75.90 126.13
C PHE F 353 26.17 -75.83 124.86
N THR F 354 26.61 -75.01 123.92
CA THR F 354 25.90 -74.85 122.66
C THR F 354 26.14 -76.05 121.75
N PHE F 355 25.21 -76.25 120.82
CA PHE F 355 25.33 -77.32 119.84
C PHE F 355 24.70 -76.85 118.54
N HIS F 356 25.12 -77.47 117.44
CA HIS F 356 24.66 -77.12 116.11
C HIS F 356 23.72 -78.20 115.58
N PHE F 357 22.78 -77.79 114.73
CA PHE F 357 21.83 -78.70 114.13
C PHE F 357 21.27 -78.06 112.87
N SER F 358 20.43 -78.81 112.17
CA SER F 358 19.74 -78.29 110.99
C SER F 358 18.31 -78.80 111.01
N THR F 359 17.41 -78.02 110.44
CA THR F 359 15.99 -78.33 110.47
C THR F 359 15.37 -77.86 109.16
N ALA F 360 14.10 -78.23 108.95
CA ALA F 360 13.38 -77.85 107.75
C ALA F 360 12.00 -77.29 108.04
N ASN F 361 11.72 -76.88 109.28
CA ASN F 361 10.42 -76.34 109.65
C ASN F 361 10.58 -74.92 110.16
N ILE F 362 9.58 -74.09 109.86
CA ILE F 362 9.64 -72.68 110.26
C ILE F 362 9.67 -72.56 111.77
N HIS F 363 8.85 -73.34 112.47
CA HIS F 363 8.79 -73.34 113.93
C HIS F 363 9.06 -74.76 114.39
N PRO F 364 10.33 -75.15 114.54
CA PRO F 364 10.66 -76.54 114.87
C PRO F 364 10.32 -76.86 116.33
N ALA F 365 9.44 -77.84 116.51
CA ALA F 365 9.08 -78.35 117.82
C ALA F 365 9.52 -79.82 117.86
N PHE F 366 10.77 -80.03 118.26
CA PHE F 366 11.38 -81.35 118.21
C PHE F 366 11.84 -81.77 119.60
N LYS F 367 11.62 -83.03 119.94
CA LYS F 367 12.10 -83.57 121.20
C LYS F 367 13.61 -83.76 121.15
N LEU F 368 14.26 -83.49 122.28
CA LEU F 368 15.70 -83.67 122.42
C LEU F 368 15.96 -84.61 123.58
N GLN F 369 16.67 -85.70 123.31
CA GLN F 369 16.98 -86.71 124.31
C GLN F 369 18.44 -86.52 124.72
N VAL F 370 18.67 -86.29 126.01
CA VAL F 370 20.01 -86.04 126.52
C VAL F 370 20.33 -87.02 127.63
N CYS F 371 20.97 -88.15 127.26
CA CYS F 371 21.33 -89.22 128.18
C CYS F 371 20.24 -89.50 129.21
N THR F 372 19.07 -89.93 128.73
CA THR F 372 17.89 -90.20 129.56
C THR F 372 17.40 -88.91 130.23
N SER F 373 17.13 -87.91 129.39
CA SER F 373 16.52 -86.67 129.86
C SER F 373 15.89 -85.99 128.67
N ALA F 374 14.57 -85.92 128.65
CA ALA F 374 13.84 -85.37 127.52
C ALA F 374 13.56 -83.89 127.71
N VAL F 375 13.65 -83.14 126.61
CA VAL F 375 13.37 -81.71 126.62
C VAL F 375 13.03 -81.30 125.20
N THR F 376 12.05 -80.41 125.07
CA THR F 376 11.59 -79.95 123.77
C THR F 376 12.17 -78.58 123.48
N CYS F 377 12.86 -78.46 122.35
CA CYS F 377 13.48 -77.18 121.95
C CYS F 377 12.62 -76.52 120.87
N LYS F 378 11.62 -75.77 121.34
CA LYS F 378 10.77 -75.03 120.41
C LYS F 378 11.39 -73.67 120.10
N GLY F 379 11.29 -73.27 118.84
CA GLY F 379 11.88 -72.02 118.42
C GLY F 379 11.40 -71.63 117.04
N ASP F 380 12.12 -70.68 116.45
CA ASP F 380 11.78 -70.15 115.14
C ASP F 380 13.01 -70.15 114.25
N CYS F 381 12.78 -70.22 112.94
CA CYS F 381 13.85 -70.29 111.95
C CYS F 381 13.64 -69.19 110.91
N LYS F 382 14.71 -68.88 110.19
CA LYS F 382 14.69 -67.84 109.18
C LYS F 382 15.31 -68.38 107.89
N PRO F 383 14.63 -68.25 106.76
CA PRO F 383 15.21 -68.77 105.50
C PRO F 383 16.42 -67.95 105.10
N PRO F 384 17.40 -68.57 104.46
CA PRO F 384 18.59 -67.83 104.02
C PRO F 384 18.39 -67.22 102.64
N LYS F 385 19.16 -66.16 102.40
CA LYS F 385 19.17 -65.49 101.11
C LYS F 385 20.27 -65.99 100.18
N ASP F 386 21.39 -66.44 100.74
CA ASP F 386 22.52 -66.95 99.96
C ASP F 386 22.47 -68.48 100.06
N HIS F 387 21.75 -69.10 99.11
CA HIS F 387 21.59 -70.54 99.10
C HIS F 387 22.83 -71.17 98.46
N ILE F 388 23.93 -71.10 99.21
CA ILE F 388 25.22 -71.64 98.76
C ILE F 388 25.86 -72.44 99.89
N VAL F 389 25.68 -73.76 99.85
CA VAL F 389 26.12 -74.67 100.90
C VAL F 389 26.56 -75.97 100.25
N ASP F 390 26.90 -76.95 101.08
CA ASP F 390 27.10 -78.31 100.61
C ASP F 390 25.73 -78.93 100.33
N TYR F 391 25.71 -80.21 99.97
CA TYR F 391 24.43 -80.86 99.71
C TYR F 391 23.66 -81.03 101.02
N PRO F 392 22.33 -80.99 100.95
CA PRO F 392 21.53 -80.97 102.20
C PRO F 392 21.78 -82.17 103.08
N ALA F 393 21.84 -81.91 104.39
CA ALA F 393 22.03 -82.93 105.40
C ALA F 393 20.82 -83.11 106.30
N GLN F 394 19.80 -82.27 106.18
CA GLN F 394 18.62 -82.39 107.01
C GLN F 394 17.75 -83.58 106.60
N HIS F 395 17.66 -83.83 105.29
CA HIS F 395 16.91 -84.95 104.70
C HIS F 395 15.57 -85.16 105.38
N THR F 396 14.86 -84.08 105.67
CA THR F 396 13.63 -84.18 106.44
C THR F 396 12.52 -83.32 105.86
N GLU F 397 12.49 -83.14 104.55
CA GLU F 397 11.46 -82.33 103.93
C GLU F 397 10.09 -82.97 104.13
N SER F 398 9.16 -82.20 104.67
CA SER F 398 7.79 -82.63 104.89
C SER F 398 6.90 -81.40 104.98
N PHE F 399 5.67 -81.61 105.42
CA PHE F 399 4.76 -80.48 105.63
C PHE F 399 5.29 -79.57 106.73
N THR F 400 5.25 -78.27 106.47
CA THR F 400 5.76 -77.29 107.43
C THR F 400 4.73 -76.19 107.69
N TYR G 1 11.58 -5.45 53.74
CA TYR G 1 12.88 -6.12 53.70
C TYR G 1 12.95 -7.22 54.74
N GLU G 2 12.26 -7.03 55.86
CA GLU G 2 12.20 -8.02 56.93
C GLU G 2 11.22 -9.11 56.52
N HIS G 3 11.68 -10.00 55.65
CA HIS G 3 10.84 -11.08 55.14
C HIS G 3 10.93 -12.27 56.09
N THR G 4 9.89 -12.48 56.87
CA THR G 4 9.82 -13.63 57.76
C THR G 4 8.80 -14.63 57.24
N ALA G 5 9.24 -15.87 57.02
CA ALA G 5 8.37 -16.90 56.50
C ALA G 5 8.93 -18.27 56.90
N VAL G 6 8.03 -19.20 57.16
CA VAL G 6 8.42 -20.56 57.53
C VAL G 6 8.63 -21.38 56.25
N MET G 7 9.59 -22.31 56.30
CA MET G 7 9.90 -23.14 55.17
C MET G 7 10.05 -24.58 55.63
N PRO G 8 9.73 -25.58 54.77
CA PRO G 8 9.95 -26.99 55.07
C PRO G 8 11.41 -27.28 55.42
N ASN G 9 11.66 -28.25 56.29
CA ASN G 9 13.02 -28.68 56.60
C ASN G 9 13.40 -29.79 55.62
N LYS G 10 13.59 -29.47 54.34
CA LYS G 10 14.02 -30.46 53.33
C LYS G 10 15.21 -29.93 52.53
N VAL G 11 16.16 -30.80 52.23
CA VAL G 11 17.51 -30.41 51.75
C VAL G 11 17.59 -30.13 50.24
N GLY G 12 16.91 -30.92 49.42
CA GLY G 12 17.07 -30.85 47.96
C GLY G 12 16.15 -29.84 47.26
N ILE G 13 15.16 -29.31 47.96
CA ILE G 13 14.07 -28.52 47.38
C ILE G 13 14.23 -27.04 47.80
N PRO G 14 14.45 -26.11 46.85
CA PRO G 14 14.54 -24.68 47.17
C PRO G 14 13.20 -24.07 47.53
N TYR G 15 13.19 -22.91 48.19
CA TYR G 15 11.97 -22.17 48.53
C TYR G 15 11.94 -20.75 47.94
N LYS G 16 11.70 -20.66 46.63
CA LYS G 16 11.73 -19.42 45.85
C LYS G 16 10.47 -18.59 46.07
N ALA G 17 10.48 -17.82 47.15
CA ALA G 17 9.41 -16.87 47.43
C ALA G 17 9.73 -15.51 46.79
N LEU G 18 8.73 -14.63 46.81
CA LEU G 18 8.83 -13.31 46.21
C LEU G 18 8.49 -12.26 47.26
N VAL G 19 9.43 -11.37 47.55
CA VAL G 19 9.22 -10.33 48.55
C VAL G 19 8.53 -9.15 47.88
N GLU G 20 7.40 -8.72 48.45
CA GLU G 20 6.65 -7.58 47.93
C GLU G 20 6.89 -6.39 48.86
N ARG G 21 7.97 -5.67 48.59
CA ARG G 21 8.28 -4.47 49.35
C ARG G 21 7.50 -3.29 48.81
N PRO G 22 6.67 -2.62 49.62
CA PRO G 22 5.91 -1.47 49.12
C PRO G 22 6.84 -0.36 48.64
N GLY G 23 6.42 0.31 47.57
CA GLY G 23 7.17 1.39 46.98
C GLY G 23 8.31 0.95 46.11
N TYR G 24 8.51 -0.35 45.95
CA TYR G 24 9.60 -0.88 45.15
C TYR G 24 9.12 -2.08 44.36
N ALA G 25 9.79 -2.37 43.26
CA ALA G 25 9.52 -3.56 42.47
C ALA G 25 9.82 -4.82 43.29
N PRO G 26 9.04 -5.89 43.17
CA PRO G 26 9.29 -7.12 43.89
C PRO G 26 10.62 -7.74 43.43
N VAL G 27 11.33 -8.34 44.39
CA VAL G 27 12.64 -8.96 44.21
C VAL G 27 12.47 -10.46 44.40
N HIS G 28 12.80 -11.24 43.38
CA HIS G 28 12.75 -12.69 43.49
C HIS G 28 13.75 -13.18 44.53
N LEU G 29 13.38 -14.17 45.34
CA LEU G 29 14.21 -14.76 46.38
C LEU G 29 14.31 -16.27 46.14
N GLN G 30 15.36 -16.91 46.63
CA GLN G 30 15.58 -18.34 46.48
C GLN G 30 16.54 -18.78 47.58
N ILE G 31 16.06 -19.63 48.48
CA ILE G 31 16.86 -20.13 49.59
C ILE G 31 16.84 -21.65 49.56
N GLN G 32 18.01 -22.27 49.54
CA GLN G 32 18.16 -23.72 49.58
C GLN G 32 19.25 -24.07 50.57
N LEU G 33 18.96 -25.02 51.47
CA LEU G 33 19.91 -25.44 52.49
C LEU G 33 20.51 -26.78 52.08
N VAL G 34 21.83 -26.78 51.86
CA VAL G 34 22.49 -27.99 51.38
C VAL G 34 22.89 -28.91 52.53
N ASN G 35 22.89 -28.42 53.76
CA ASN G 35 23.29 -29.22 54.91
C ASN G 35 22.36 -28.95 56.08
N THR G 36 22.09 -29.97 56.87
CA THR G 36 21.21 -29.86 58.02
C THR G 36 21.84 -30.57 59.21
N ARG G 37 23.11 -30.26 59.48
CA ARG G 37 23.94 -30.84 60.55
C ARG G 37 23.26 -30.70 61.91
N ILE G 38 23.25 -31.76 62.72
CA ILE G 38 22.68 -31.70 64.05
C ILE G 38 23.73 -31.37 65.11
N ILE G 39 24.88 -32.04 65.05
CA ILE G 39 26.00 -31.82 65.95
C ILE G 39 25.54 -31.88 67.41
N PRO G 40 25.21 -33.05 67.95
CA PRO G 40 24.90 -33.14 69.37
C PRO G 40 26.16 -33.16 70.21
N SER G 41 26.04 -32.60 71.41
CA SER G 41 27.16 -32.60 72.34
C SER G 41 27.43 -34.02 72.82
N THR G 42 28.71 -34.34 72.99
CA THR G 42 29.15 -35.68 73.32
C THR G 42 30.02 -35.65 74.57
N ASN G 43 30.16 -36.81 75.19
CA ASN G 43 30.99 -36.97 76.38
C ASN G 43 31.47 -38.40 76.49
N LEU G 44 32.77 -38.62 76.39
CA LEU G 44 33.36 -39.95 76.40
C LEU G 44 33.24 -40.61 77.78
N GLU G 45 32.67 -41.81 77.83
CA GLU G 45 32.59 -42.58 79.06
C GLU G 45 33.81 -43.48 79.27
N TYR G 46 34.11 -44.35 78.30
CA TYR G 46 35.31 -45.18 78.27
C TYR G 46 35.56 -45.73 76.87
N ILE G 47 36.77 -46.24 76.67
CA ILE G 47 37.25 -46.88 75.45
C ILE G 47 37.34 -48.38 75.68
N THR G 48 36.93 -49.17 74.69
CA THR G 48 36.94 -50.64 74.73
C THR G 48 37.73 -51.20 73.56
N CYS G 49 38.46 -52.28 73.76
CA CYS G 49 39.15 -53.02 72.70
C CYS G 49 39.54 -54.42 73.20
N LYS G 50 39.96 -55.31 72.32
CA LYS G 50 40.37 -56.63 72.80
C LYS G 50 41.60 -56.52 73.68
N TYR G 51 41.60 -57.30 74.75
CA TYR G 51 42.71 -57.35 75.68
C TYR G 51 43.94 -58.04 75.07
N LYS G 52 45.05 -58.00 75.79
CA LYS G 52 46.19 -58.89 75.64
C LYS G 52 46.55 -59.46 77.02
N THR G 53 46.58 -60.78 77.17
CA THR G 53 47.03 -61.43 78.41
C THR G 53 48.55 -61.50 78.45
N LYS G 54 49.20 -60.44 78.89
CA LYS G 54 50.65 -60.36 78.96
C LYS G 54 51.19 -61.20 80.10
N VAL G 55 51.66 -62.41 79.83
CA VAL G 55 52.25 -63.28 80.85
C VAL G 55 53.70 -62.91 81.12
N PRO G 56 54.08 -62.53 82.35
CA PRO G 56 55.48 -62.39 82.74
C PRO G 56 56.20 -63.72 82.75
N SER G 57 57.53 -63.69 82.68
CA SER G 57 58.32 -64.90 82.86
C SER G 57 58.06 -65.53 84.23
N PRO G 58 57.69 -66.82 84.28
CA PRO G 58 57.46 -67.53 85.53
C PRO G 58 58.75 -67.66 86.32
N VAL G 59 58.62 -67.78 87.62
CA VAL G 59 59.73 -67.95 88.56
C VAL G 59 59.65 -69.34 89.16
N VAL G 60 60.75 -70.09 89.07
CA VAL G 60 60.82 -71.47 89.52
C VAL G 60 61.87 -71.59 90.61
N LYS G 61 61.46 -71.94 91.82
CA LYS G 61 62.37 -72.20 92.92
C LYS G 61 62.69 -73.70 92.96
N CYS G 62 63.97 -74.03 92.95
CA CYS G 62 64.34 -75.44 92.80
C CYS G 62 64.01 -76.30 93.98
N CYS G 63 64.10 -75.77 95.19
CA CYS G 63 63.75 -76.54 96.39
C CYS G 63 63.14 -75.58 97.40
N GLY G 64 61.83 -75.64 97.55
CA GLY G 64 61.12 -74.81 98.50
C GLY G 64 59.99 -74.02 97.90
N ALA G 65 58.89 -73.89 98.64
CA ALA G 65 57.74 -73.14 98.15
C ALA G 65 58.01 -71.64 98.26
N THR G 66 57.15 -70.85 97.61
CA THR G 66 57.26 -69.40 97.63
C THR G 66 55.85 -68.82 97.50
N GLN G 67 55.35 -68.23 98.58
CA GLN G 67 54.05 -67.59 98.54
C GLN G 67 54.08 -66.39 97.61
N CYS G 68 52.98 -66.17 96.89
CA CYS G 68 52.87 -65.09 95.93
C CYS G 68 52.24 -63.86 96.57
N THR G 69 52.53 -62.70 96.00
CA THR G 69 52.04 -61.43 96.51
C THR G 69 51.09 -60.78 95.51
N SER G 70 50.17 -59.99 96.03
CA SER G 70 49.14 -59.34 95.20
C SER G 70 49.72 -58.05 94.62
N LYS G 71 50.16 -58.12 93.38
CA LYS G 71 50.67 -56.95 92.70
C LYS G 71 49.52 -56.06 92.25
N PRO G 72 49.73 -54.75 92.18
CA PRO G 72 48.64 -53.83 91.82
C PRO G 72 48.25 -53.86 90.35
N HIS G 73 48.79 -54.77 89.55
CA HIS G 73 48.43 -54.83 88.15
C HIS G 73 46.95 -55.19 87.99
N PRO G 74 46.27 -54.72 86.93
CA PRO G 74 44.86 -54.98 86.75
C PRO G 74 44.61 -56.46 86.47
N ASP G 75 43.75 -57.08 87.27
CA ASP G 75 43.40 -58.50 87.18
C ASP G 75 44.64 -59.37 87.30
N TYR G 76 45.53 -58.99 88.22
CA TYR G 76 46.76 -59.74 88.45
C TYR G 76 46.42 -61.08 89.10
N GLN G 77 46.51 -62.15 88.33
CA GLN G 77 46.22 -63.49 88.81
C GLN G 77 47.52 -64.24 89.03
N CYS G 78 47.70 -64.78 90.23
CA CYS G 78 48.91 -65.51 90.57
C CYS G 78 48.54 -66.78 91.33
N GLN G 79 49.25 -67.87 91.02
CA GLN G 79 49.10 -69.12 91.74
C GLN G 79 50.46 -69.79 91.84
N VAL G 80 50.60 -70.68 92.83
CA VAL G 80 51.82 -71.44 93.03
C VAL G 80 51.50 -72.92 92.88
N PHE G 81 52.14 -73.57 91.93
CA PHE G 81 52.03 -75.00 91.70
C PHE G 81 53.20 -75.74 92.37
N THR G 82 52.99 -77.01 92.69
CA THR G 82 53.90 -77.83 93.50
C THR G 82 54.05 -79.20 92.88
N GLY G 83 55.09 -79.95 93.24
CA GLY G 83 55.26 -81.30 92.73
C GLY G 83 55.65 -81.37 91.26
N VAL G 84 56.19 -80.28 90.72
CA VAL G 84 56.63 -80.19 89.32
C VAL G 84 57.97 -80.89 89.12
N TYR G 85 58.41 -81.04 87.88
CA TYR G 85 59.76 -81.55 87.59
C TYR G 85 60.22 -81.07 86.20
N PRO G 86 60.47 -79.77 86.02
CA PRO G 86 60.59 -79.21 84.69
C PRO G 86 61.83 -79.71 83.97
N PHE G 87 61.64 -80.30 82.79
CA PHE G 87 62.72 -80.45 81.83
C PHE G 87 62.82 -79.18 80.99
N MET G 88 64.03 -78.77 80.62
CA MET G 88 64.25 -77.59 79.79
C MET G 88 65.58 -77.69 79.01
N TRP G 89 65.57 -78.41 77.89
CA TRP G 89 66.65 -78.76 76.95
C TRP G 89 67.97 -79.29 77.53
N GLY G 90 68.46 -78.87 78.59
CA GLY G 90 69.64 -79.32 79.32
C GLY G 90 69.31 -80.27 80.48
N GLY G 91 68.33 -81.15 80.29
CA GLY G 91 67.87 -82.08 81.32
C GLY G 91 66.95 -81.43 82.35
N ALA G 92 66.77 -82.10 83.48
CA ALA G 92 65.93 -81.64 84.56
C ALA G 92 66.47 -80.36 85.19
N TYR G 93 65.60 -79.42 85.49
CA TYR G 93 65.99 -78.09 85.94
C TYR G 93 66.33 -78.02 87.43
N CYS G 94 65.84 -78.95 88.25
CA CYS G 94 66.03 -78.98 89.70
C CYS G 94 66.14 -80.44 90.16
N PHE G 95 66.94 -80.75 91.18
CA PHE G 95 67.02 -82.12 91.70
C PHE G 95 65.78 -82.52 92.52
N CYS G 96 65.27 -81.60 93.34
CA CYS G 96 64.12 -81.84 94.25
C CYS G 96 62.91 -82.29 93.43
N ASP G 97 62.19 -83.30 93.92
CA ASP G 97 61.02 -83.84 93.17
C ASP G 97 59.73 -83.24 93.77
N THR G 98 59.77 -82.80 95.03
CA THR G 98 58.57 -82.28 95.66
C THR G 98 58.68 -80.84 96.11
N GLU G 99 59.87 -80.38 96.49
CA GLU G 99 60.04 -79.02 96.97
C GLU G 99 60.09 -77.99 95.85
N ASN G 100 60.27 -78.43 94.61
CA ASN G 100 60.28 -77.51 93.48
C ASN G 100 58.88 -77.00 93.21
N THR G 101 58.73 -75.68 93.18
CA THR G 101 57.43 -75.05 92.96
C THR G 101 57.56 -73.98 91.89
N GLN G 102 56.50 -73.78 91.12
CA GLN G 102 56.43 -72.74 90.11
C GLN G 102 55.33 -71.77 90.48
N MET G 103 55.64 -70.50 90.48
CA MET G 103 54.72 -69.42 90.82
C MET G 103 54.50 -68.58 89.57
N SER G 104 53.64 -69.05 88.69
CA SER G 104 53.26 -68.26 87.52
C SER G 104 52.39 -67.08 87.91
N GLU G 105 52.41 -66.06 87.07
CA GLU G 105 51.54 -64.89 87.20
C GLU G 105 51.08 -64.46 85.82
N ALA G 106 49.95 -63.76 85.74
CA ALA G 106 49.53 -63.12 84.51
C ALA G 106 48.70 -61.88 84.82
N TYR G 107 48.80 -60.86 83.99
CA TYR G 107 47.98 -59.67 84.14
C TYR G 107 47.57 -59.16 82.77
N VAL G 108 46.45 -58.46 82.71
CA VAL G 108 45.84 -58.03 81.45
C VAL G 108 46.23 -56.60 81.13
N GLU G 109 46.61 -56.34 79.89
CA GLU G 109 46.75 -54.98 79.39
C GLU G 109 45.97 -54.82 78.09
N ARG G 110 45.65 -53.59 77.72
CA ARG G 110 45.00 -53.33 76.44
C ARG G 110 45.95 -53.66 75.30
N SER G 111 45.43 -54.32 74.28
CA SER G 111 46.24 -54.78 73.17
C SER G 111 46.85 -53.62 72.40
N GLU G 112 47.88 -53.92 71.64
CA GLU G 112 48.63 -52.89 70.93
C GLU G 112 47.78 -52.14 69.90
N GLU G 113 46.95 -52.89 69.19
CA GLU G 113 45.99 -52.39 68.22
C GLU G 113 44.92 -51.46 68.82
N CYS G 114 44.77 -51.40 70.15
CA CYS G 114 43.80 -50.52 70.79
C CYS G 114 44.05 -49.03 70.53
N SER G 115 45.23 -48.69 70.03
CA SER G 115 45.52 -47.32 69.63
C SER G 115 44.79 -46.93 68.34
N ILE G 116 44.29 -47.89 67.54
CA ILE G 116 43.70 -47.60 66.24
C ILE G 116 42.24 -48.00 66.21
N ASP G 117 41.96 -49.29 66.34
CA ASP G 117 40.59 -49.81 66.32
C ASP G 117 40.15 -50.00 67.77
N HIS G 118 39.12 -49.27 68.18
CA HIS G 118 38.64 -49.30 69.54
C HIS G 118 37.25 -48.71 69.61
N ALA G 119 36.31 -49.45 70.18
CA ALA G 119 34.97 -48.93 70.36
C ALA G 119 34.98 -47.80 71.37
N LYS G 120 34.18 -46.77 71.11
CA LYS G 120 34.10 -45.59 71.95
C LYS G 120 32.67 -45.39 72.38
N ALA G 121 32.44 -45.27 73.69
CA ALA G 121 31.13 -44.98 74.23
C ALA G 121 30.97 -43.48 74.43
N TYR G 122 29.72 -43.04 74.56
CA TYR G 122 29.44 -41.62 74.68
C TYR G 122 28.14 -41.40 75.42
N LYS G 123 27.99 -40.19 75.97
CA LYS G 123 26.72 -39.68 76.46
C LYS G 123 26.42 -38.42 75.66
N VAL G 124 25.14 -38.19 75.39
CA VAL G 124 24.71 -37.12 74.49
C VAL G 124 23.98 -36.05 75.27
N HIS G 125 24.32 -34.78 74.99
CA HIS G 125 23.59 -33.63 75.48
C HIS G 125 22.73 -33.10 74.34
N THR G 126 22.10 -31.94 74.55
CA THR G 126 21.18 -31.40 73.56
C THR G 126 21.88 -31.07 72.24
N GLY G 127 23.04 -30.45 72.31
CA GLY G 127 23.78 -30.08 71.12
C GLY G 127 23.23 -28.82 70.46
N THR G 128 23.91 -28.41 69.39
CA THR G 128 23.57 -27.18 68.68
C THR G 128 23.49 -27.48 67.19
N VAL G 129 22.39 -27.10 66.56
CA VAL G 129 22.17 -27.40 65.14
C VAL G 129 22.96 -26.42 64.28
N GLN G 130 23.24 -26.75 63.03
CA GLN G 130 23.99 -25.90 62.12
C GLN G 130 23.59 -26.19 60.68
N ALA G 131 23.77 -25.27 59.75
CA ALA G 131 23.41 -25.47 58.35
C ALA G 131 24.36 -24.76 57.41
N MET G 132 24.40 -25.21 56.15
CA MET G 132 25.08 -24.49 55.07
C MET G 132 24.02 -24.07 54.07
N VAL G 133 23.91 -22.77 53.82
CA VAL G 133 22.74 -22.18 53.16
C VAL G 133 23.16 -21.41 51.93
N ASN G 134 22.42 -21.59 50.86
CA ASN G 134 22.72 -21.13 49.52
C ASN G 134 21.60 -20.19 49.05
N ILE G 135 21.96 -18.99 48.64
CA ILE G 135 21.05 -17.86 48.45
C ILE G 135 21.23 -17.24 47.07
N THR G 136 20.13 -16.86 46.44
CA THR G 136 20.15 -15.85 45.39
C THR G 136 18.90 -14.99 45.46
N TYR G 137 19.04 -13.72 45.10
CA TYR G 137 17.95 -12.75 45.11
C TYR G 137 18.16 -11.70 44.02
N GLY G 138 17.07 -11.15 43.50
CA GLY G 138 17.12 -10.28 42.32
C GLY G 138 17.80 -11.00 41.16
N SER G 139 18.90 -10.45 40.69
CA SER G 139 19.83 -11.11 39.77
C SER G 139 21.27 -11.10 40.29
N VAL G 140 21.48 -10.84 41.59
CA VAL G 140 22.73 -10.23 42.06
C VAL G 140 23.84 -11.19 42.45
N SER G 141 23.56 -12.46 42.75
CA SER G 141 24.56 -13.34 43.37
C SER G 141 24.21 -14.84 43.33
N TRP G 142 25.18 -15.70 43.65
CA TRP G 142 24.95 -17.09 44.09
C TRP G 142 25.68 -17.39 45.42
N ARG G 143 25.75 -16.40 46.30
CA ARG G 143 26.37 -16.46 47.63
C ARG G 143 25.85 -17.63 48.48
N SER G 144 26.74 -18.29 49.22
CA SER G 144 26.38 -19.33 50.18
C SER G 144 27.30 -19.28 51.40
N ALA G 145 26.80 -19.66 52.57
CA ALA G 145 27.49 -19.46 53.84
C ALA G 145 27.05 -20.45 54.92
N ASP G 146 27.86 -20.58 55.97
CA ASP G 146 27.65 -21.52 57.08
C ASP G 146 27.03 -20.79 58.27
N VAL G 147 25.92 -21.29 58.80
CA VAL G 147 25.03 -20.56 59.72
C VAL G 147 24.50 -21.45 60.84
N TYR G 148 24.16 -20.85 61.97
CA TYR G 148 23.50 -21.54 63.07
C TYR G 148 21.98 -21.49 62.95
N VAL G 149 21.30 -22.36 63.70
CA VAL G 149 19.85 -22.49 63.73
C VAL G 149 19.21 -21.76 64.91
N ASN G 150 19.96 -21.47 65.96
CA ASN G 150 19.39 -20.73 67.08
C ASN G 150 18.87 -19.38 66.60
N GLY G 151 17.70 -19.00 67.10
CA GLY G 151 17.00 -17.85 66.56
C GLY G 151 17.56 -16.52 66.98
N GLU G 152 18.85 -16.45 67.35
CA GLU G 152 19.54 -15.21 67.71
C GLU G 152 20.73 -14.90 66.80
N THR G 153 21.35 -15.87 66.11
CA THR G 153 22.66 -15.64 65.50
C THR G 153 22.51 -15.30 64.02
N PRO G 154 22.86 -14.09 63.57
CA PRO G 154 22.87 -13.76 62.16
C PRO G 154 24.10 -14.29 61.47
N ALA G 155 24.03 -14.38 60.13
CA ALA G 155 25.14 -14.71 59.27
C ALA G 155 25.15 -13.82 58.02
N LYS G 156 26.36 -13.43 57.58
CA LYS G 156 26.59 -12.54 56.45
C LYS G 156 27.70 -13.06 55.53
N ILE G 157 27.40 -13.13 54.24
CA ILE G 157 28.34 -13.01 53.12
C ILE G 157 27.60 -12.13 52.09
N GLY G 158 28.34 -11.26 51.39
CA GLY G 158 27.68 -10.17 50.65
C GLY G 158 26.88 -9.26 51.58
N ASP G 159 25.98 -8.47 51.00
CA ASP G 159 25.24 -7.47 51.77
C ASP G 159 24.03 -8.03 52.52
N ALA G 160 23.45 -9.15 52.06
CA ALA G 160 22.29 -9.75 52.70
C ALA G 160 22.63 -10.41 54.05
N LYS G 161 21.75 -10.24 55.03
CA LYS G 161 21.82 -10.82 56.38
C LYS G 161 20.61 -11.71 56.61
N LEU G 162 20.77 -12.87 57.24
CA LEU G 162 19.64 -13.74 57.59
C LEU G 162 19.80 -14.42 58.94
N ILE G 163 18.66 -14.83 59.51
CA ILE G 163 18.52 -15.58 60.74
C ILE G 163 17.54 -16.69 60.49
N ILE G 164 17.83 -17.92 60.92
CA ILE G 164 16.94 -19.06 60.64
C ILE G 164 16.67 -19.80 61.92
N GLY G 165 15.66 -20.65 61.91
CA GLY G 165 15.42 -21.51 63.05
C GLY G 165 14.82 -20.76 64.22
N PRO G 166 14.72 -21.43 65.37
CA PRO G 166 15.13 -22.81 65.66
C PRO G 166 14.21 -23.84 65.03
N LEU G 167 14.65 -25.08 64.91
CA LEU G 167 13.85 -26.12 64.26
C LEU G 167 12.56 -26.37 65.02
N SER G 168 11.49 -26.63 64.27
CA SER G 168 10.20 -26.89 64.88
C SER G 168 10.16 -28.22 65.61
N SER G 169 11.05 -29.15 65.27
CA SER G 169 11.08 -30.47 65.88
C SER G 169 12.38 -30.64 66.65
N ALA G 170 12.29 -31.10 67.89
CA ALA G 170 13.45 -31.42 68.70
C ALA G 170 13.90 -32.86 68.54
N TRP G 171 13.60 -33.48 67.42
CA TRP G 171 13.91 -34.89 67.21
C TRP G 171 15.41 -35.08 67.05
N SER G 172 16.02 -35.82 67.96
CA SER G 172 17.42 -36.17 67.86
C SER G 172 17.52 -37.66 67.56
N PRO G 173 17.97 -38.05 66.36
CA PRO G 173 18.02 -39.48 66.03
C PRO G 173 18.93 -40.28 66.94
N PHE G 174 19.97 -39.67 67.51
CA PHE G 174 20.81 -40.37 68.46
C PHE G 174 20.04 -40.66 69.74
N ASP G 175 20.25 -41.86 70.28
CA ASP G 175 19.61 -42.25 71.52
C ASP G 175 20.41 -41.67 72.69
N ASN G 176 20.01 -42.00 73.92
CA ASN G 176 20.68 -41.44 75.09
C ASN G 176 22.13 -41.91 75.18
N LYS G 177 22.38 -43.18 74.85
CA LYS G 177 23.73 -43.73 74.87
C LYS G 177 24.07 -44.25 73.47
N VAL G 178 25.26 -43.93 72.99
CA VAL G 178 25.70 -44.33 71.67
C VAL G 178 27.10 -44.90 71.74
N VAL G 179 27.44 -45.72 70.74
CA VAL G 179 28.76 -46.32 70.61
C VAL G 179 29.30 -46.00 69.23
N VAL G 180 30.57 -45.61 69.17
CA VAL G 180 31.22 -45.22 67.93
C VAL G 180 32.33 -46.22 67.62
N TYR G 181 32.34 -46.72 66.40
CA TYR G 181 33.37 -47.65 65.97
C TYR G 181 33.82 -47.26 64.57
N GLY G 182 34.89 -46.46 64.51
CA GLY G 182 35.54 -46.11 63.27
C GLY G 182 34.76 -45.12 62.43
N HIS G 183 33.68 -45.54 61.78
CA HIS G 183 32.79 -44.65 61.05
C HIS G 183 31.32 -45.02 61.19
N GLU G 184 30.99 -46.09 61.91
CA GLU G 184 29.61 -46.51 62.14
C GLU G 184 29.23 -46.23 63.59
N VAL G 185 28.07 -45.62 63.81
CA VAL G 185 27.59 -45.29 65.15
C VAL G 185 26.47 -46.25 65.52
N TYR G 186 26.56 -46.85 66.70
CA TYR G 186 25.55 -47.75 67.22
C TYR G 186 24.99 -47.17 68.51
N ASN G 187 23.67 -47.13 68.61
CA ASN G 187 23.01 -46.66 69.83
C ASN G 187 22.83 -47.81 70.83
N TYR G 188 23.96 -48.48 71.08
CA TYR G 188 24.00 -49.58 72.03
C TYR G 188 24.12 -49.05 73.46
N ASP G 189 23.43 -49.70 74.38
CA ASP G 189 23.46 -49.28 75.78
C ASP G 189 24.62 -50.00 76.48
N PHE G 190 25.80 -49.38 76.44
CA PHE G 190 26.90 -49.82 77.27
C PHE G 190 26.49 -49.72 78.74
N PRO G 191 26.93 -50.63 79.61
CA PRO G 191 26.28 -50.82 80.90
C PRO G 191 26.56 -49.67 81.89
N GLU G 192 27.79 -49.55 82.31
CA GLU G 192 28.34 -48.50 83.18
C GLU G 192 29.86 -48.63 83.07
N TYR G 193 30.63 -47.67 83.57
CA TYR G 193 32.06 -47.91 83.73
C TYR G 193 32.30 -48.97 84.80
N GLY G 194 33.29 -49.83 84.60
CA GLY G 194 33.76 -50.74 85.65
C GLY G 194 32.78 -51.85 86.05
N THR G 195 31.85 -52.22 85.16
CA THR G 195 30.88 -53.31 85.43
C THR G 195 30.78 -54.35 84.30
N GLY G 196 31.59 -54.21 83.24
CA GLY G 196 31.50 -55.12 82.10
C GLY G 196 31.75 -56.56 82.51
N LYS G 197 30.73 -57.41 82.34
CA LYS G 197 30.82 -58.84 82.60
C LYS G 197 31.64 -59.52 81.51
N ALA G 198 32.38 -60.55 81.90
CA ALA G 198 33.33 -61.19 80.99
C ALA G 198 32.62 -61.77 79.77
N GLY G 199 33.28 -61.69 78.63
CA GLY G 199 32.76 -62.26 77.40
C GLY G 199 31.91 -61.29 76.59
N SER G 200 31.09 -60.50 77.27
CA SER G 200 30.20 -59.58 76.58
C SER G 200 30.98 -58.33 76.18
N PHE G 201 30.27 -57.32 75.65
CA PHE G 201 30.86 -56.02 75.33
C PHE G 201 31.46 -55.36 76.56
N GLY G 202 32.47 -54.51 76.37
CA GLY G 202 33.07 -53.77 77.48
C GLY G 202 33.78 -54.65 78.50
N ASP G 203 34.35 -55.80 78.10
CA ASP G 203 35.11 -56.68 78.98
C ASP G 203 36.35 -55.97 79.56
N LEU G 204 37.00 -55.17 78.72
CA LEU G 204 38.07 -54.25 79.08
C LEU G 204 37.61 -52.82 78.84
N GLN G 205 37.68 -51.96 79.85
CA GLN G 205 37.32 -50.55 79.74
C GLN G 205 38.44 -49.67 80.29
N SER G 206 38.88 -48.69 79.52
CA SER G 206 39.86 -47.67 79.95
C SER G 206 39.23 -46.30 79.83
N ARG G 207 39.52 -45.38 80.76
CA ARG G 207 38.88 -44.05 80.75
C ARG G 207 39.35 -43.19 79.59
N THR G 208 40.51 -43.53 79.02
CA THR G 208 41.04 -42.83 77.81
C THR G 208 42.21 -43.66 77.29
N SER G 209 42.60 -43.47 76.02
CA SER G 209 43.68 -44.31 75.42
C SER G 209 44.97 -44.19 76.24
N THR G 210 45.25 -43.01 76.79
CA THR G 210 46.46 -42.77 77.60
C THR G 210 46.27 -43.15 79.06
N SER G 211 45.08 -43.52 79.52
CA SER G 211 44.83 -43.78 80.94
C SER G 211 45.58 -45.02 81.40
N ASN G 212 46.49 -44.87 82.36
CA ASN G 212 47.29 -45.99 82.88
C ASN G 212 46.46 -46.95 83.74
N ASP G 213 45.36 -46.47 84.30
CA ASP G 213 44.38 -47.28 85.02
C ASP G 213 43.31 -47.81 84.07
N LEU G 214 42.79 -49.00 84.34
CA LEU G 214 41.79 -49.69 83.53
C LEU G 214 41.02 -50.71 84.36
N TYR G 215 39.90 -51.17 83.84
CA TYR G 215 39.12 -52.27 84.40
C TYR G 215 39.10 -53.45 83.43
N ALA G 216 39.41 -54.65 83.88
CA ALA G 216 39.41 -55.86 83.08
C ALA G 216 38.87 -57.04 83.89
N ASN G 217 37.60 -57.35 83.74
CA ASN G 217 36.94 -58.50 84.36
C ASN G 217 36.81 -59.56 83.29
N THR G 218 37.84 -60.37 83.12
CA THR G 218 37.91 -61.34 82.02
C THR G 218 38.00 -62.77 82.49
N ASN G 219 37.77 -63.04 83.77
CA ASN G 219 37.74 -64.40 84.31
C ASN G 219 39.06 -65.13 84.06
N LEU G 220 40.18 -64.42 84.09
CA LEU G 220 41.51 -65.00 83.87
C LEU G 220 41.90 -65.85 85.06
N LYS G 221 41.99 -67.18 84.89
CA LYS G 221 42.47 -68.10 85.93
C LYS G 221 43.68 -68.86 85.42
N LEU G 222 44.72 -69.02 86.22
CA LEU G 222 45.88 -69.80 85.79
C LEU G 222 45.61 -71.29 85.89
N GLN G 223 46.39 -72.09 85.17
CA GLN G 223 46.25 -73.52 85.12
C GLN G 223 47.59 -74.20 85.49
N ARG G 224 47.54 -75.41 86.04
CA ARG G 224 48.77 -76.17 86.29
C ARG G 224 49.54 -76.37 84.98
N PRO G 225 50.86 -76.17 84.96
CA PRO G 225 51.68 -76.48 83.80
C PRO G 225 51.67 -77.97 83.48
N GLN G 226 51.50 -78.30 82.19
CA GLN G 226 51.37 -79.74 81.79
C GLN G 226 52.73 -80.44 81.59
N ALA G 227 52.88 -81.66 82.13
CA ALA G 227 54.08 -82.50 81.89
C ALA G 227 55.42 -81.80 82.19
N GLY G 228 55.60 -81.24 83.39
CA GLY G 228 56.92 -80.66 83.74
C GLY G 228 57.53 -79.89 82.59
N ILE G 229 56.73 -79.07 81.90
CA ILE G 229 57.22 -78.21 80.82
C ILE G 229 57.17 -76.77 81.29
N VAL G 230 58.19 -75.96 81.03
CA VAL G 230 58.22 -74.59 81.52
C VAL G 230 57.35 -73.69 80.67
N HIS G 231 56.13 -73.43 81.11
CA HIS G 231 55.19 -72.52 80.44
C HIS G 231 54.11 -72.08 81.41
N THR G 232 53.33 -71.07 81.02
CA THR G 232 52.30 -70.48 81.86
C THR G 232 50.94 -70.59 81.18
N PRO G 233 50.32 -71.76 81.21
CA PRO G 233 49.02 -71.93 80.59
C PRO G 233 47.98 -71.24 81.45
N PHE G 234 47.12 -70.46 80.82
CA PHE G 234 46.05 -69.74 81.49
C PHE G 234 44.71 -70.03 80.82
N THR G 235 43.68 -70.15 81.62
CA THR G 235 42.30 -70.36 81.18
C THR G 235 41.64 -69.01 81.13
N GLN G 236 41.24 -68.59 79.94
CA GLN G 236 40.81 -67.23 79.66
C GLN G 236 39.57 -67.25 78.78
N ALA G 237 38.59 -66.42 79.11
CA ALA G 237 37.39 -66.28 78.30
C ALA G 237 37.74 -65.60 76.99
N PRO G 238 37.00 -65.89 75.91
CA PRO G 238 37.29 -65.25 74.63
C PRO G 238 37.11 -63.74 74.71
N SER G 239 37.85 -63.03 73.86
CA SER G 239 37.87 -61.58 73.91
C SER G 239 36.47 -61.01 73.75
N GLY G 240 36.05 -60.23 74.75
CA GLY G 240 34.72 -59.64 74.73
C GLY G 240 34.49 -58.69 73.58
N PHE G 241 35.50 -57.94 73.17
CA PHE G 241 35.35 -57.04 72.03
C PHE G 241 35.26 -57.80 70.71
N GLU G 242 35.89 -58.97 70.60
CA GLU G 242 35.73 -59.78 69.40
C GLU G 242 34.25 -60.18 69.25
N ARG G 243 33.60 -60.59 70.35
CA ARG G 243 32.16 -60.69 70.32
C ARG G 243 31.56 -59.31 70.15
N TRP G 244 30.40 -59.27 69.50
CA TRP G 244 29.69 -58.03 69.12
C TRP G 244 30.42 -57.35 67.98
N LYS G 245 31.68 -57.72 67.67
CA LYS G 245 32.32 -57.33 66.41
C LYS G 245 31.94 -58.28 65.29
N ARG G 246 31.47 -59.49 65.57
CA ARG G 246 30.90 -60.37 64.52
C ARG G 246 29.38 -60.35 64.43
N ASP G 247 28.69 -59.95 65.48
CA ASP G 247 27.24 -59.99 65.58
C ASP G 247 26.69 -58.66 66.06
N LYS G 248 27.31 -57.56 65.65
CA LYS G 248 26.73 -56.25 65.93
C LYS G 248 25.47 -56.05 65.10
N GLY G 249 24.52 -55.33 65.69
CA GLY G 249 23.28 -55.05 65.00
C GLY G 249 23.47 -54.06 63.87
N ALA G 250 22.38 -53.61 63.29
CA ALA G 250 22.51 -52.65 62.20
C ALA G 250 22.97 -51.30 62.76
N PRO G 251 23.98 -50.67 62.16
CA PRO G 251 24.46 -49.38 62.63
C PRO G 251 23.37 -48.32 62.46
N LEU G 252 23.41 -47.30 63.30
CA LEU G 252 22.38 -46.27 63.32
C LEU G 252 22.31 -45.52 62.00
N ASN G 253 23.42 -45.43 61.25
CA ASN G 253 23.43 -44.80 59.94
C ASN G 253 22.62 -45.57 58.89
N ASP G 254 22.19 -46.79 59.20
CA ASP G 254 21.34 -47.62 58.36
C ASP G 254 19.93 -47.80 58.92
N VAL G 255 19.61 -47.34 60.14
CA VAL G 255 18.27 -47.46 60.70
C VAL G 255 17.70 -46.14 61.15
N ALA G 256 18.42 -45.04 60.99
CA ALA G 256 17.91 -43.74 61.38
C ALA G 256 16.80 -43.31 60.41
N PRO G 257 15.60 -43.00 60.91
CA PRO G 257 14.54 -42.57 60.00
C PRO G 257 14.82 -41.23 59.35
N PHE G 258 13.97 -40.84 58.40
CA PHE G 258 14.07 -39.58 57.69
C PHE G 258 15.35 -39.47 56.86
N GLY G 259 16.08 -40.55 56.64
CA GLY G 259 17.24 -40.60 55.73
C GLY G 259 18.47 -39.80 56.19
N CYS G 260 18.95 -40.03 57.41
CA CYS G 260 20.03 -39.23 57.98
C CYS G 260 21.30 -40.05 58.05
N SER G 261 22.43 -39.36 57.94
CA SER G 261 23.73 -40.01 57.89
C SER G 261 24.69 -39.35 58.87
N ILE G 262 25.69 -40.12 59.30
CA ILE G 262 26.64 -39.68 60.32
C ILE G 262 28.05 -39.71 59.72
N ALA G 263 29.03 -39.26 60.48
CA ALA G 263 30.40 -39.22 59.97
C ALA G 263 31.41 -39.19 61.11
N LEU G 264 32.66 -39.50 60.79
CA LEU G 264 33.78 -39.33 61.70
C LEU G 264 34.06 -37.85 61.86
N GLU G 265 33.39 -37.22 62.81
CA GLU G 265 33.17 -35.79 62.83
C GLU G 265 32.66 -35.42 64.22
N PRO G 266 32.28 -34.16 64.46
CA PRO G 266 31.51 -33.85 65.67
C PRO G 266 30.22 -34.66 65.80
N LEU G 267 29.99 -35.59 64.86
CA LEU G 267 28.96 -36.62 64.97
C LEU G 267 27.56 -36.06 64.71
N ARG G 268 27.46 -35.12 63.77
CA ARG G 268 26.17 -34.62 63.35
C ARG G 268 25.42 -35.70 62.58
N ALA G 269 24.10 -35.51 62.49
CA ALA G 269 23.21 -36.35 61.69
C ALA G 269 22.67 -35.47 60.56
N GLU G 270 23.45 -35.35 59.50
CA GLU G 270 23.14 -34.39 58.45
C GLU G 270 21.94 -34.83 57.62
N ASN G 271 21.26 -33.87 57.02
CA ASN G 271 20.12 -34.10 56.11
C ASN G 271 18.97 -34.81 56.82
N CYS G 272 18.82 -34.59 58.11
CA CYS G 272 17.73 -35.21 58.87
C CYS G 272 16.47 -34.38 58.63
N ALA G 273 15.68 -34.78 57.63
CA ALA G 273 14.53 -34.00 57.20
C ALA G 273 13.35 -34.25 58.14
N VAL G 274 12.99 -33.23 58.90
CA VAL G 274 11.84 -33.29 59.79
C VAL G 274 11.45 -31.87 60.22
N GLY G 275 10.16 -31.61 60.32
CA GLY G 275 9.70 -30.31 60.81
C GLY G 275 9.86 -29.20 59.78
N SER G 276 9.89 -27.98 60.30
CA SER G 276 10.00 -26.78 59.48
C SER G 276 11.02 -25.83 60.08
N ILE G 277 11.45 -24.85 59.28
CA ILE G 277 12.47 -23.89 59.67
C ILE G 277 11.91 -22.48 59.51
N PRO G 278 11.78 -21.70 60.57
CA PRO G 278 11.31 -20.32 60.42
C PRO G 278 12.42 -19.37 59.99
N ILE G 279 12.67 -19.26 58.70
CA ILE G 279 13.75 -18.44 58.18
C ILE G 279 13.30 -16.99 58.10
N SER G 280 14.24 -16.07 58.35
CA SER G 280 14.01 -14.65 58.19
C SER G 280 15.24 -14.02 57.55
N ILE G 281 15.05 -13.09 56.63
CA ILE G 281 16.11 -12.47 55.85
C ILE G 281 15.86 -10.98 55.69
N ASP G 282 16.95 -10.20 55.74
CA ASP G 282 16.85 -8.74 55.54
C ASP G 282 17.59 -8.35 54.26
N ILE G 283 16.90 -8.40 53.11
CA ILE G 283 17.53 -8.06 51.80
C ILE G 283 18.02 -6.60 51.84
N PRO G 284 19.24 -6.28 51.35
CA PRO G 284 19.77 -4.93 51.39
C PRO G 284 18.97 -4.03 50.46
N ASP G 285 18.71 -2.79 50.87
CA ASP G 285 17.88 -1.90 50.08
C ASP G 285 18.52 -1.53 48.75
N ALA G 286 19.84 -1.74 48.60
CA ALA G 286 20.51 -1.40 47.36
C ALA G 286 19.98 -2.24 46.20
N ALA G 287 19.71 -3.52 46.44
CA ALA G 287 19.26 -4.44 45.41
C ALA G 287 17.84 -4.11 44.92
N PHE G 288 17.09 -3.31 45.67
CA PHE G 288 15.74 -2.96 45.26
C PHE G 288 15.76 -1.89 44.16
N THR G 289 14.68 -1.81 43.38
CA THR G 289 14.48 -0.80 42.33
C THR G 289 13.10 -0.18 42.46
N ARG G 290 12.96 1.13 42.20
CA ARG G 290 11.67 1.82 42.38
C ARG G 290 10.63 1.26 41.41
N ILE G 291 9.38 1.21 41.85
CA ILE G 291 8.30 0.62 41.06
C ILE G 291 8.03 1.36 39.75
N SER G 292 8.43 2.63 39.67
CA SER G 292 8.30 3.47 38.47
C SER G 292 9.23 3.10 37.30
N GLU G 293 10.13 2.11 37.43
CA GLU G 293 11.09 1.76 36.37
C GLU G 293 10.84 0.42 35.69
N THR G 294 10.35 -0.57 36.44
CA THR G 294 10.10 -1.90 35.88
C THR G 294 8.92 -1.90 34.91
N PRO G 295 8.91 -2.81 33.92
CA PRO G 295 7.74 -3.03 33.08
C PRO G 295 6.50 -3.31 33.93
N THR G 296 5.39 -2.61 33.69
CA THR G 296 4.06 -3.14 34.02
C THR G 296 3.62 -4.11 32.92
N VAL G 297 2.73 -5.05 33.25
CA VAL G 297 2.20 -6.04 32.31
C VAL G 297 0.68 -6.08 32.38
N SER G 298 0.04 -6.13 31.23
CA SER G 298 -1.40 -5.91 31.06
C SER G 298 -2.01 -6.94 30.11
N ASP G 299 -3.33 -7.09 30.18
CA ASP G 299 -4.17 -7.90 29.27
C ASP G 299 -3.69 -9.34 29.06
N LEU G 300 -2.87 -9.85 29.98
CA LEU G 300 -2.26 -11.17 29.89
C LEU G 300 -3.27 -12.29 30.13
N GLU G 301 -3.01 -13.45 29.54
CA GLU G 301 -3.76 -14.67 29.83
C GLU G 301 -2.84 -15.90 29.82
N CYS G 302 -3.26 -16.97 30.52
CA CYS G 302 -2.47 -18.17 30.67
C CYS G 302 -3.13 -19.33 29.94
N LYS G 303 -2.30 -20.27 29.48
CA LYS G 303 -2.79 -21.44 28.76
C LYS G 303 -1.75 -22.53 28.83
N ILE G 304 -2.05 -23.60 29.55
CA ILE G 304 -1.14 -24.73 29.63
C ILE G 304 -1.30 -25.61 28.39
N THR G 305 -0.25 -26.37 28.07
CA THR G 305 -0.25 -27.23 26.90
C THR G 305 -0.21 -28.70 27.28
N GLU G 306 0.77 -29.13 28.06
CA GLU G 306 0.92 -30.55 28.43
C GLU G 306 1.35 -30.60 29.89
N CYS G 307 0.40 -30.81 30.81
CA CYS G 307 0.75 -30.96 32.24
C CYS G 307 0.82 -32.46 32.59
N THR G 308 1.84 -32.86 33.36
CA THR G 308 1.96 -34.26 33.77
C THR G 308 1.86 -34.34 35.29
N TYR G 309 0.94 -35.09 35.88
CA TYR G 309 0.75 -35.24 37.34
C TYR G 309 1.92 -36.02 37.96
N ALA G 310 3.09 -35.38 38.10
CA ALA G 310 4.37 -36.06 38.29
C ALA G 310 5.33 -35.30 39.21
N SER G 311 6.33 -35.98 39.73
CA SER G 311 7.25 -35.44 40.74
C SER G 311 8.27 -34.44 40.22
N ASP G 312 8.63 -34.52 38.95
CA ASP G 312 9.54 -33.61 38.23
C ASP G 312 8.75 -32.58 37.39
N PHE G 313 9.46 -31.62 36.79
CA PHE G 313 8.89 -30.52 36.00
C PHE G 313 8.29 -30.97 34.66
N GLY G 314 7.12 -31.61 34.70
CA GLY G 314 6.42 -32.08 33.53
C GLY G 314 5.41 -31.11 32.97
N GLY G 315 5.03 -30.09 33.74
CA GLY G 315 4.04 -29.14 33.26
C GLY G 315 4.69 -28.04 32.45
N ILE G 316 4.08 -27.70 31.31
CA ILE G 316 4.54 -26.62 30.45
C ILE G 316 3.35 -25.74 30.12
N ALA G 317 3.52 -24.43 30.30
CA ALA G 317 2.42 -23.49 30.08
C ALA G 317 2.97 -22.24 29.41
N THR G 318 2.23 -21.74 28.43
CA THR G 318 2.62 -20.52 27.73
C THR G 318 1.77 -19.34 28.20
N VAL G 319 2.33 -18.13 28.24
CA VAL G 319 1.62 -16.89 28.63
C VAL G 319 1.79 -15.83 27.54
N ALA G 320 0.79 -14.98 27.33
CA ALA G 320 0.87 -13.82 26.41
C ALA G 320 0.91 -12.50 27.20
N TYR G 321 1.83 -11.59 26.87
CA TYR G 321 2.20 -10.42 27.68
C TYR G 321 2.01 -9.11 26.90
N LYS G 322 1.15 -8.17 27.34
CA LYS G 322 1.22 -6.77 26.88
C LYS G 322 2.05 -5.95 27.88
N SER G 323 3.36 -5.91 27.69
CA SER G 323 4.24 -5.13 28.58
C SER G 323 4.27 -3.64 28.21
N SER G 324 4.59 -2.78 29.17
CA SER G 324 4.89 -1.35 28.97
C SER G 324 6.31 -1.07 28.47
N LYS G 325 7.23 -2.01 28.66
CA LYS G 325 8.68 -1.90 28.46
C LYS G 325 9.27 -3.22 27.99
N ALA G 326 10.49 -3.21 27.46
CA ALA G 326 11.36 -4.38 27.49
C ALA G 326 12.12 -4.49 28.82
N GLY G 327 12.44 -5.71 29.27
CA GLY G 327 13.23 -5.94 30.50
C GLY G 327 12.94 -7.28 31.17
N ASN G 328 13.62 -7.56 32.29
CA ASN G 328 13.31 -8.71 33.14
C ASN G 328 12.01 -8.50 33.93
N CYS G 329 11.41 -9.61 34.35
CA CYS G 329 10.19 -9.68 35.14
C CYS G 329 10.27 -10.92 36.05
N PRO G 330 10.39 -10.73 37.37
CA PRO G 330 10.23 -11.81 38.34
C PRO G 330 8.90 -12.54 38.16
N ILE G 331 8.92 -13.86 38.36
CA ILE G 331 7.73 -14.70 38.30
C ILE G 331 7.72 -15.64 39.51
N HIS G 332 6.58 -15.77 40.18
CA HIS G 332 6.45 -16.64 41.34
C HIS G 332 4.99 -17.04 41.49
N SER G 333 4.76 -18.19 42.10
CA SER G 333 3.41 -18.66 42.40
C SER G 333 3.19 -18.61 43.90
N PRO G 334 2.37 -17.68 44.40
CA PRO G 334 2.15 -17.61 45.85
C PRO G 334 1.53 -18.87 46.43
N SER G 335 0.64 -19.52 45.68
CA SER G 335 0.03 -20.74 46.16
C SER G 335 1.02 -21.90 46.11
N GLY G 336 0.82 -22.90 46.97
CA GLY G 336 1.61 -24.13 46.98
C GLY G 336 1.31 -25.10 45.84
N VAL G 337 0.17 -24.94 45.16
CA VAL G 337 -0.34 -25.88 44.13
C VAL G 337 0.65 -26.18 43.01
N ALA G 338 1.59 -25.29 42.72
CA ALA G 338 2.63 -25.54 41.74
C ALA G 338 3.94 -24.88 42.16
N VAL G 339 5.06 -25.40 41.66
CA VAL G 339 6.37 -24.75 41.78
C VAL G 339 6.95 -24.51 40.41
N ILE G 340 7.58 -23.35 40.24
CA ILE G 340 7.97 -22.85 38.93
C ILE G 340 9.45 -23.15 38.70
N LYS G 341 9.73 -23.81 37.58
CA LYS G 341 11.11 -24.14 37.24
C LYS G 341 11.93 -22.90 36.94
N GLU G 342 11.35 -21.92 36.25
CA GLU G 342 12.07 -20.75 35.78
C GLU G 342 11.94 -19.63 36.81
N ASN G 343 13.08 -19.10 37.26
CA ASN G 343 13.06 -18.08 38.30
C ASN G 343 12.47 -16.76 37.79
N ASP G 344 12.92 -16.29 36.64
CA ASP G 344 12.51 -15.00 36.09
C ASP G 344 12.58 -15.01 34.56
N VAL G 345 11.76 -14.17 33.93
CA VAL G 345 11.52 -14.14 32.47
C VAL G 345 11.85 -12.78 31.88
N THR G 346 12.26 -12.73 30.61
CA THR G 346 12.57 -11.50 29.87
C THR G 346 11.45 -11.15 28.88
N LEU G 347 11.02 -9.89 28.88
CA LEU G 347 9.84 -9.40 28.16
C LEU G 347 10.18 -8.44 27.02
N ALA G 348 9.31 -8.42 26.02
CA ALA G 348 9.21 -7.39 24.99
C ALA G 348 7.74 -7.21 24.59
N GLU G 349 7.38 -6.03 24.07
CA GLU G 349 5.97 -5.65 23.88
C GLU G 349 5.20 -6.65 23.01
N SER G 350 4.00 -7.04 23.46
CA SER G 350 3.07 -7.98 22.81
C SER G 350 3.52 -9.44 22.64
N GLY G 351 4.71 -9.82 23.12
CA GLY G 351 5.20 -11.19 22.98
C GLY G 351 4.46 -12.22 23.83
N SER G 352 4.71 -13.49 23.56
CA SER G 352 4.25 -14.62 24.38
C SER G 352 5.43 -15.52 24.73
N PHE G 353 5.51 -15.94 25.99
CA PHE G 353 6.70 -16.52 26.59
C PHE G 353 6.32 -17.68 27.52
N THR G 354 7.16 -18.70 27.57
CA THR G 354 6.83 -20.02 28.12
C THR G 354 7.71 -20.36 29.30
N PHE G 355 7.15 -21.09 30.26
CA PHE G 355 7.86 -21.55 31.45
C PHE G 355 7.51 -23.02 31.75
N HIS G 356 8.34 -23.66 32.59
CA HIS G 356 8.12 -25.02 33.03
C HIS G 356 7.73 -25.03 34.49
N PHE G 357 6.93 -26.01 34.88
CA PHE G 357 6.48 -26.14 36.25
C PHE G 357 6.14 -27.60 36.54
N SER G 358 5.84 -27.88 37.81
CA SER G 358 5.31 -29.15 38.31
C SER G 358 4.20 -28.93 39.35
N THR G 359 3.37 -29.95 39.58
CA THR G 359 2.24 -29.90 40.49
C THR G 359 1.81 -31.29 40.93
N ALA G 360 1.10 -31.41 42.06
CA ALA G 360 0.53 -32.66 42.52
C ALA G 360 -0.94 -32.88 42.13
N ASN G 361 -1.67 -31.86 41.66
CA ASN G 361 -3.14 -31.94 41.55
C ASN G 361 -3.59 -32.30 40.13
N ILE G 362 -4.67 -33.07 39.99
CA ILE G 362 -5.23 -33.41 38.68
C ILE G 362 -5.66 -32.15 37.93
N HIS G 363 -6.24 -31.19 38.66
CA HIS G 363 -6.71 -29.93 38.07
C HIS G 363 -5.96 -28.80 38.76
N PRO G 364 -4.83 -28.37 38.21
CA PRO G 364 -4.05 -27.30 38.85
C PRO G 364 -4.68 -25.94 38.68
N ALA G 365 -5.08 -25.33 39.79
CA ALA G 365 -5.67 -23.99 39.80
C ALA G 365 -4.77 -23.10 40.66
N PHE G 366 -3.81 -22.46 40.03
CA PHE G 366 -2.85 -21.61 40.72
C PHE G 366 -2.72 -20.29 39.98
N LYS G 367 -2.42 -19.23 40.72
CA LYS G 367 -2.23 -17.91 40.16
C LYS G 367 -0.74 -17.62 39.97
N LEU G 368 -0.44 -16.75 39.01
CA LEU G 368 0.93 -16.41 38.66
C LEU G 368 1.17 -14.94 38.97
N GLN G 369 2.25 -14.67 39.70
CA GLN G 369 2.68 -13.30 40.00
C GLN G 369 3.70 -12.90 38.95
N VAL G 370 3.24 -12.39 37.80
CA VAL G 370 4.12 -11.90 36.72
C VAL G 370 4.51 -10.44 36.97
N CYS G 371 5.51 -10.20 37.81
CA CYS G 371 5.95 -8.86 38.20
C CYS G 371 4.80 -7.87 38.52
N THR G 372 4.07 -8.14 39.61
CA THR G 372 2.94 -7.31 40.09
C THR G 372 1.71 -7.39 39.20
N SER G 373 1.38 -8.58 38.72
CA SER G 373 0.17 -8.87 37.95
C SER G 373 -0.22 -10.34 38.12
N ALA G 374 -1.51 -10.68 38.03
CA ALA G 374 -2.04 -12.00 38.30
C ALA G 374 -2.68 -12.61 37.06
N VAL G 375 -2.67 -13.94 37.02
CA VAL G 375 -3.35 -14.71 35.97
C VAL G 375 -3.51 -16.13 36.47
N THR G 376 -4.60 -16.78 36.08
CA THR G 376 -4.95 -18.12 36.56
C THR G 376 -4.69 -19.14 35.46
N CYS G 377 -3.88 -20.15 35.77
CA CYS G 377 -3.58 -21.21 34.81
C CYS G 377 -4.37 -22.47 35.15
N LYS G 378 -5.60 -22.52 34.64
CA LYS G 378 -6.41 -23.71 34.78
C LYS G 378 -6.06 -24.74 33.71
N GLY G 379 -6.28 -26.01 34.04
CA GLY G 379 -6.01 -27.06 33.08
C GLY G 379 -6.14 -28.43 33.71
N ASP G 380 -5.66 -29.44 32.99
CA ASP G 380 -5.70 -30.82 33.44
C ASP G 380 -4.33 -31.46 33.24
N CYS G 381 -4.09 -32.54 33.97
CA CYS G 381 -2.80 -33.22 33.97
C CYS G 381 -3.02 -34.72 33.83
N LYS G 382 -1.93 -35.43 33.51
CA LYS G 382 -2.02 -36.90 33.32
C LYS G 382 -0.92 -37.59 34.16
N PRO G 383 -1.18 -38.77 34.76
CA PRO G 383 -0.17 -39.49 35.50
C PRO G 383 0.99 -39.94 34.62
N PRO G 384 2.22 -40.02 35.13
CA PRO G 384 3.41 -40.39 34.39
C PRO G 384 3.51 -41.90 34.19
N LYS G 385 4.35 -42.33 33.25
CA LYS G 385 4.53 -43.74 32.91
C LYS G 385 5.54 -44.42 33.84
N ASP G 386 6.74 -43.83 33.89
CA ASP G 386 7.78 -44.33 34.82
C ASP G 386 7.24 -44.06 36.22
N HIS G 387 7.15 -45.09 37.05
CA HIS G 387 6.51 -44.91 38.34
C HIS G 387 7.41 -45.08 39.57
N ILE G 388 8.72 -45.27 39.40
CA ILE G 388 9.73 -44.87 40.38
C ILE G 388 10.86 -44.11 39.68
N VAL G 389 11.38 -43.04 40.27
CA VAL G 389 12.49 -42.25 39.71
C VAL G 389 13.35 -41.69 40.84
N ASP G 390 14.42 -40.98 40.52
CA ASP G 390 15.18 -40.16 41.47
C ASP G 390 14.34 -39.02 42.08
N TYR G 391 14.79 -38.53 43.23
CA TYR G 391 13.94 -37.93 44.26
C TYR G 391 13.25 -36.58 43.91
N PRO G 392 12.07 -36.28 44.50
CA PRO G 392 11.03 -35.40 43.93
C PRO G 392 11.15 -33.93 44.31
N ALA G 393 10.37 -33.04 43.66
CA ALA G 393 10.38 -31.59 43.91
C ALA G 393 9.00 -30.91 44.06
N GLN G 394 7.88 -31.52 43.67
CA GLN G 394 6.58 -30.83 43.65
C GLN G 394 6.00 -30.45 45.02
N HIS G 395 6.32 -31.24 46.06
CA HIS G 395 5.98 -31.02 47.48
C HIS G 395 4.66 -30.25 47.75
N THR G 396 3.52 -30.79 47.32
CA THR G 396 2.20 -30.15 47.51
C THR G 396 1.13 -31.22 47.66
N GLU G 397 1.49 -32.43 48.11
CA GLU G 397 0.47 -33.49 48.18
C GLU G 397 -0.60 -33.19 49.26
N SER G 398 -1.85 -33.05 48.82
CA SER G 398 -3.03 -32.79 49.66
C SER G 398 -4.32 -33.10 48.88
N PHE G 399 -5.47 -33.12 49.55
CA PHE G 399 -6.74 -33.59 49.00
C PHE G 399 -7.08 -33.04 47.61
N THR G 400 -7.52 -33.94 46.72
CA THR G 400 -7.47 -33.80 45.25
C THR G 400 -8.58 -34.60 44.55
N TYR H 1 -47.80 98.84 24.81
CA TYR H 1 -47.14 99.24 23.57
C TYR H 1 -47.33 98.16 22.52
N GLU H 2 -47.16 96.91 22.93
CA GLU H 2 -47.29 95.77 22.03
C GLU H 2 -48.75 95.50 21.71
N HIS H 3 -49.19 95.93 20.54
CA HIS H 3 -50.56 95.69 20.09
C HIS H 3 -50.56 94.41 19.26
N THR H 4 -51.36 93.43 19.69
CA THR H 4 -51.42 92.14 19.00
C THR H 4 -52.83 91.89 18.49
N ALA H 5 -52.92 91.52 17.21
CA ALA H 5 -54.20 91.23 16.58
C ALA H 5 -53.97 90.36 15.36
N VAL H 6 -54.89 89.44 15.11
CA VAL H 6 -54.81 88.58 13.94
C VAL H 6 -55.44 89.29 12.76
N MET H 7 -54.83 89.13 11.58
CA MET H 7 -55.30 89.77 10.37
C MET H 7 -55.37 88.72 9.25
N PRO H 8 -56.41 88.75 8.40
CA PRO H 8 -56.48 87.81 7.29
C PRO H 8 -55.31 88.04 6.34
N ASN H 9 -55.01 87.05 5.52
CA ASN H 9 -53.94 87.14 4.53
C ASN H 9 -54.54 87.66 3.23
N LYS H 10 -54.41 88.95 2.91
CA LYS H 10 -54.81 89.51 1.61
C LYS H 10 -53.74 90.47 1.10
N VAL H 11 -53.68 90.68 -0.21
CA VAL H 11 -52.70 91.62 -0.79
C VAL H 11 -53.16 93.09 -0.72
N GLY H 12 -54.32 93.43 -1.28
CA GLY H 12 -54.70 94.82 -1.48
C GLY H 12 -55.37 95.50 -0.29
N ILE H 13 -55.59 94.77 0.80
CA ILE H 13 -56.57 95.16 1.82
C ILE H 13 -55.91 95.80 3.05
N PRO H 14 -56.29 97.02 3.44
CA PRO H 14 -55.81 97.66 4.65
C PRO H 14 -56.40 96.98 5.87
N TYR H 15 -55.62 96.86 6.94
CA TYR H 15 -56.10 96.37 8.23
C TYR H 15 -55.90 97.35 9.37
N LYS H 16 -56.55 98.51 9.23
CA LYS H 16 -56.52 99.61 10.18
C LYS H 16 -57.20 99.25 11.50
N ALA H 17 -56.41 98.82 12.48
CA ALA H 17 -56.89 98.63 13.83
C ALA H 17 -56.44 99.79 14.71
N LEU H 18 -57.12 99.97 15.84
CA LEU H 18 -56.88 101.09 16.74
C LEU H 18 -56.15 100.60 17.99
N VAL H 19 -55.06 101.29 18.34
CA VAL H 19 -54.34 101.00 19.57
C VAL H 19 -54.94 101.88 20.67
N GLU H 20 -55.71 101.28 21.56
CA GLU H 20 -56.44 102.01 22.58
C GLU H 20 -55.67 101.97 23.90
N ARG H 21 -54.63 102.79 23.95
CA ARG H 21 -53.82 102.90 25.16
C ARG H 21 -54.51 103.82 26.16
N PRO H 22 -54.87 103.34 27.35
CA PRO H 22 -55.54 104.22 28.32
C PRO H 22 -54.63 105.35 28.75
N GLY H 23 -55.25 106.51 28.99
CA GLY H 23 -54.55 107.68 29.45
C GLY H 23 -53.84 108.47 28.36
N TYR H 24 -53.79 107.94 27.14
CA TYR H 24 -53.14 108.60 26.03
C TYR H 24 -54.09 108.69 24.84
N ALA H 25 -53.79 109.62 23.94
CA ALA H 25 -54.58 109.77 22.74
C ALA H 25 -54.44 108.53 21.86
N PRO H 26 -55.53 107.85 21.51
CA PRO H 26 -55.42 106.64 20.71
C PRO H 26 -54.85 106.93 19.33
N VAL H 27 -54.08 105.96 18.81
CA VAL H 27 -53.53 106.02 17.47
C VAL H 27 -53.84 104.70 16.79
N HIS H 28 -54.22 104.76 15.51
CA HIS H 28 -54.66 103.59 14.78
C HIS H 28 -53.60 103.17 13.77
N LEU H 29 -53.44 101.85 13.63
CA LEU H 29 -52.47 101.28 12.72
C LEU H 29 -53.02 101.27 11.30
N GLN H 30 -52.16 100.89 10.35
CA GLN H 30 -52.58 100.70 8.96
C GLN H 30 -51.53 99.82 8.31
N ILE H 31 -51.91 98.60 7.94
CA ILE H 31 -50.99 97.59 7.45
C ILE H 31 -51.44 97.14 6.07
N GLN H 32 -50.51 97.10 5.13
CA GLN H 32 -50.77 96.63 3.77
C GLN H 32 -49.71 95.62 3.40
N LEU H 33 -50.12 94.40 3.05
CA LEU H 33 -49.20 93.34 2.66
C LEU H 33 -49.08 93.34 1.15
N VAL H 34 -48.11 94.10 0.62
CA VAL H 34 -48.01 94.21 -0.83
C VAL H 34 -47.48 92.92 -1.46
N ASN H 35 -46.79 92.08 -0.69
CA ASN H 35 -46.27 90.82 -1.20
C ASN H 35 -46.30 89.77 -0.10
N THR H 36 -46.49 88.52 -0.50
CA THR H 36 -46.52 87.38 0.42
C THR H 36 -45.68 86.24 -0.15
N ARG H 37 -44.47 86.59 -0.61
CA ARG H 37 -43.48 85.66 -1.18
C ARG H 37 -43.35 84.39 -0.32
N ILE H 38 -43.42 83.20 -0.91
CA ILE H 38 -43.27 81.94 -0.21
C ILE H 38 -41.82 81.46 -0.21
N ILE H 39 -41.20 81.44 -1.39
CA ILE H 39 -39.79 81.09 -1.54
C ILE H 39 -39.50 79.74 -0.90
N PRO H 40 -39.98 78.62 -1.45
CA PRO H 40 -39.62 77.32 -0.90
C PRO H 40 -38.17 76.99 -1.16
N SER H 41 -37.56 76.27 -0.22
CA SER H 41 -36.19 75.82 -0.39
C SER H 41 -36.14 74.73 -1.44
N THR H 42 -35.16 74.84 -2.34
CA THR H 42 -35.10 73.94 -3.49
C THR H 42 -33.67 73.81 -3.98
N ASN H 43 -33.43 72.76 -4.77
CA ASN H 43 -32.14 72.53 -5.40
C ASN H 43 -32.37 71.72 -6.66
N LEU H 44 -31.70 72.10 -7.75
CA LEU H 44 -31.90 71.43 -9.02
C LEU H 44 -31.39 70.00 -8.96
N GLU H 45 -32.05 69.11 -9.70
CA GLU H 45 -31.66 67.71 -9.78
C GLU H 45 -30.90 67.40 -11.06
N TYR H 46 -31.43 67.80 -12.21
CA TYR H 46 -30.75 67.65 -13.48
C TYR H 46 -31.41 68.56 -14.49
N ILE H 47 -30.77 68.70 -15.64
CA ILE H 47 -31.26 69.54 -16.73
C ILE H 47 -31.44 68.68 -17.97
N THR H 48 -32.55 68.90 -18.67
CA THR H 48 -32.86 68.16 -19.88
C THR H 48 -33.13 69.13 -21.01
N CYS H 49 -32.84 68.69 -22.23
CA CYS H 49 -33.02 69.50 -23.42
C CYS H 49 -33.01 68.56 -24.63
N LYS H 50 -33.34 69.10 -25.79
CA LYS H 50 -33.31 68.31 -27.01
C LYS H 50 -31.87 67.93 -27.35
N TYR H 51 -31.66 66.67 -27.71
CA TYR H 51 -30.31 66.18 -27.95
C TYR H 51 -29.84 66.54 -29.36
N LYS H 52 -28.71 65.96 -29.75
CA LYS H 52 -28.14 66.17 -31.07
C LYS H 52 -27.28 64.97 -31.40
N THR H 53 -27.72 64.17 -32.37
CA THR H 53 -27.06 62.92 -32.71
C THR H 53 -25.82 63.24 -33.56
N LYS H 54 -24.70 63.40 -32.88
CA LYS H 54 -23.42 63.67 -33.54
C LYS H 54 -22.88 62.36 -34.10
N VAL H 55 -22.72 62.28 -35.42
CA VAL H 55 -22.07 61.14 -36.09
C VAL H 55 -20.73 61.59 -36.65
N PRO H 56 -19.59 61.04 -36.21
CA PRO H 56 -18.31 61.29 -36.83
C PRO H 56 -18.20 60.47 -38.12
N SER H 57 -17.29 60.84 -39.02
CA SER H 57 -17.11 60.13 -40.29
C SER H 57 -16.85 58.63 -40.09
N PRO H 58 -17.52 57.73 -40.83
CA PRO H 58 -17.33 56.30 -40.71
C PRO H 58 -15.99 55.87 -41.30
N VAL H 59 -15.32 54.89 -40.71
CA VAL H 59 -14.09 54.33 -41.30
C VAL H 59 -14.42 53.12 -42.17
N VAL H 60 -13.75 53.02 -43.32
CA VAL H 60 -14.12 52.10 -44.41
C VAL H 60 -12.87 51.35 -44.88
N LYS H 61 -12.54 50.22 -44.24
CA LYS H 61 -11.49 49.33 -44.74
C LYS H 61 -11.98 48.62 -46.00
N CYS H 62 -11.20 48.74 -47.07
CA CYS H 62 -11.56 48.20 -48.37
C CYS H 62 -11.34 46.70 -48.56
N CYS H 63 -10.41 46.09 -47.85
CA CYS H 63 -10.19 44.65 -47.89
C CYS H 63 -9.74 44.19 -46.51
N GLY H 64 -10.68 43.79 -45.66
CA GLY H 64 -10.36 43.32 -44.32
C GLY H 64 -11.26 43.90 -43.24
N ALA H 65 -11.73 43.03 -42.34
CA ALA H 65 -12.61 43.46 -41.27
C ALA H 65 -11.84 44.25 -40.21
N THR H 66 -12.58 45.02 -39.41
CA THR H 66 -11.99 45.82 -38.33
C THR H 66 -12.98 45.86 -37.17
N GLN H 67 -12.62 45.19 -36.07
CA GLN H 67 -13.48 45.21 -34.89
C GLN H 67 -13.50 46.60 -34.28
N CYS H 68 -14.64 46.96 -33.69
CA CYS H 68 -14.79 48.25 -33.05
C CYS H 68 -14.56 48.15 -31.56
N THR H 69 -14.37 49.31 -30.93
CA THR H 69 -14.12 49.40 -29.50
C THR H 69 -15.21 50.23 -28.83
N SER H 70 -15.48 49.92 -27.56
CA SER H 70 -16.53 50.59 -26.81
C SER H 70 -15.96 51.88 -26.23
N LYS H 71 -16.23 53.00 -26.90
CA LYS H 71 -15.83 54.29 -26.40
C LYS H 71 -16.68 54.69 -25.19
N PRO H 72 -16.14 55.55 -24.32
CA PRO H 72 -16.90 55.99 -23.14
C PRO H 72 -17.89 57.12 -23.42
N HIS H 73 -18.21 57.41 -24.67
CA HIS H 73 -19.16 58.47 -24.98
C HIS H 73 -20.56 58.09 -24.51
N PRO H 74 -21.38 59.10 -24.20
CA PRO H 74 -22.77 58.81 -23.80
C PRO H 74 -23.55 58.16 -24.92
N ASP H 75 -24.11 56.99 -24.64
CA ASP H 75 -24.87 56.20 -25.61
C ASP H 75 -24.06 55.95 -26.88
N TYR H 76 -22.78 55.64 -26.72
CA TYR H 76 -21.92 55.31 -27.84
C TYR H 76 -22.34 53.99 -28.45
N GLN H 77 -22.93 54.02 -29.62
CA GLN H 77 -23.28 52.81 -30.35
C GLN H 77 -22.34 52.64 -31.54
N CYS H 78 -21.60 51.54 -31.55
CA CYS H 78 -20.71 51.20 -32.66
C CYS H 78 -21.10 49.83 -33.20
N GLN H 79 -21.12 49.72 -34.53
CA GLN H 79 -21.50 48.47 -35.17
C GLN H 79 -20.86 48.42 -36.54
N VAL H 80 -20.29 47.28 -36.89
CA VAL H 80 -19.60 47.13 -38.17
C VAL H 80 -20.52 46.44 -39.16
N PHE H 81 -20.52 46.90 -40.41
CA PHE H 81 -21.35 46.38 -41.50
C PHE H 81 -20.48 45.87 -42.64
N THR H 82 -20.71 44.65 -43.09
CA THR H 82 -19.93 44.01 -44.14
C THR H 82 -20.73 44.00 -45.44
N GLY H 83 -20.09 43.55 -46.51
CA GLY H 83 -20.72 43.49 -47.81
C GLY H 83 -21.09 44.87 -48.34
N VAL H 84 -20.23 45.85 -48.15
CA VAL H 84 -20.52 47.24 -48.55
C VAL H 84 -19.67 47.61 -49.73
N TYR H 85 -20.27 47.92 -50.87
CA TYR H 85 -19.55 48.32 -52.07
C TYR H 85 -19.88 49.79 -52.40
N PRO H 86 -19.33 50.76 -51.67
CA PRO H 86 -19.73 52.14 -51.85
C PRO H 86 -19.25 52.70 -53.17
N PHE H 87 -20.15 53.25 -53.97
CA PHE H 87 -19.79 54.24 -54.99
C PHE H 87 -19.61 55.60 -54.34
N MET H 88 -18.68 56.44 -54.82
CA MET H 88 -18.38 57.72 -54.13
C MET H 88 -17.92 58.80 -55.12
N TRP H 89 -18.81 59.27 -56.02
CA TRP H 89 -18.53 60.35 -57.01
C TRP H 89 -17.35 60.03 -57.96
N GLY H 90 -16.75 58.84 -57.87
CA GLY H 90 -15.61 58.49 -58.70
C GLY H 90 -15.56 57.01 -59.01
N GLY H 91 -16.72 56.40 -59.18
CA GLY H 91 -16.79 54.97 -59.37
C GLY H 91 -16.73 54.23 -58.04
N ALA H 92 -16.31 52.98 -58.09
CA ALA H 92 -16.17 52.17 -56.90
C ALA H 92 -15.09 52.74 -55.98
N TYR H 93 -15.29 52.58 -54.66
CA TYR H 93 -14.32 52.98 -53.66
C TYR H 93 -13.44 51.82 -53.16
N CYS H 94 -13.92 50.58 -53.19
CA CYS H 94 -13.14 49.41 -52.81
C CYS H 94 -13.05 48.44 -53.98
N PHE H 95 -11.88 47.83 -54.20
CA PHE H 95 -11.70 46.84 -55.25
C PHE H 95 -12.09 45.43 -54.84
N CYS H 96 -11.95 45.07 -53.57
CA CYS H 96 -12.63 43.88 -53.07
C CYS H 96 -14.15 44.07 -53.18
N ASP H 97 -14.87 42.95 -53.21
CA ASP H 97 -16.32 42.90 -53.36
C ASP H 97 -17.03 42.25 -52.19
N THR H 98 -16.33 41.58 -51.30
CA THR H 98 -16.97 40.96 -50.15
C THR H 98 -16.34 41.37 -48.82
N GLU H 99 -15.01 41.46 -48.76
CA GLU H 99 -14.34 41.78 -47.50
C GLU H 99 -14.42 43.26 -47.16
N ASN H 100 -14.86 44.10 -48.08
CA ASN H 100 -15.01 45.52 -47.79
C ASN H 100 -16.08 45.74 -46.73
N THR H 101 -15.74 46.50 -45.70
CA THR H 101 -16.62 46.71 -44.56
C THR H 101 -16.59 48.18 -44.14
N GLN H 102 -17.67 48.65 -43.54
CA GLN H 102 -17.79 49.99 -42.99
C GLN H 102 -18.06 49.88 -41.50
N MET H 103 -17.30 50.57 -40.66
CA MET H 103 -17.66 50.72 -39.24
C MET H 103 -18.46 52.00 -39.07
N SER H 104 -19.67 51.89 -38.54
CA SER H 104 -20.50 53.05 -38.23
C SER H 104 -20.50 53.26 -36.73
N GLU H 105 -20.55 54.51 -36.31
CA GLU H 105 -20.59 54.86 -34.91
C GLU H 105 -21.41 56.15 -34.72
N ALA H 106 -22.03 56.29 -33.56
CA ALA H 106 -22.77 57.49 -33.19
C ALA H 106 -22.72 57.68 -31.68
N TYR H 107 -22.78 58.93 -31.22
CA TYR H 107 -22.93 59.23 -29.81
C TYR H 107 -23.82 60.46 -29.64
N VAL H 108 -24.53 60.50 -28.52
CA VAL H 108 -25.49 61.55 -28.24
C VAL H 108 -24.80 62.70 -27.53
N GLU H 109 -24.99 63.91 -28.06
CA GLU H 109 -24.43 65.12 -27.47
C GLU H 109 -25.53 66.16 -27.30
N ARG H 110 -25.48 66.89 -26.20
CA ARG H 110 -26.48 67.93 -25.96
C ARG H 110 -26.41 69.00 -27.03
N SER H 111 -27.56 69.37 -27.57
CA SER H 111 -27.62 70.36 -28.63
C SER H 111 -27.31 71.75 -28.08
N GLU H 112 -27.06 72.68 -29.01
CA GLU H 112 -26.74 74.05 -28.61
C GLU H 112 -27.89 74.74 -27.91
N GLU H 113 -29.13 74.30 -28.13
CA GLU H 113 -30.28 74.97 -27.53
C GLU H 113 -30.34 74.78 -26.02
N CYS H 114 -29.53 73.89 -25.45
CA CYS H 114 -29.58 73.66 -24.01
C CYS H 114 -29.21 74.91 -23.23
N SER H 115 -28.41 75.80 -23.81
CA SER H 115 -27.96 76.99 -23.09
C SER H 115 -29.10 77.95 -22.79
N ILE H 116 -30.10 78.04 -23.66
CA ILE H 116 -31.17 79.02 -23.53
C ILE H 116 -32.53 78.35 -23.33
N ASP H 117 -32.78 77.21 -23.97
CA ASP H 117 -34.06 76.52 -23.89
C ASP H 117 -33.84 75.14 -23.29
N HIS H 118 -34.24 74.96 -22.04
CA HIS H 118 -34.01 73.70 -21.34
C HIS H 118 -34.86 73.68 -20.08
N ALA H 119 -35.49 72.53 -19.83
CA ALA H 119 -36.23 72.36 -18.59
C ALA H 119 -35.27 72.17 -17.42
N LYS H 120 -35.78 72.38 -16.22
CA LYS H 120 -34.96 72.24 -15.01
C LYS H 120 -35.77 71.55 -13.94
N ALA H 121 -35.39 70.34 -13.59
CA ALA H 121 -36.05 69.63 -12.51
C ALA H 121 -35.66 70.26 -11.17
N TYR H 122 -36.51 70.04 -10.16
CA TYR H 122 -36.25 70.61 -8.86
C TYR H 122 -36.86 69.73 -7.78
N LYS H 123 -36.21 69.70 -6.63
CA LYS H 123 -36.74 69.07 -5.42
C LYS H 123 -37.08 70.18 -4.44
N VAL H 124 -38.34 70.19 -3.98
CA VAL H 124 -38.89 71.32 -3.26
C VAL H 124 -39.20 70.91 -1.83
N HIS H 125 -38.76 71.73 -0.88
CA HIS H 125 -39.08 71.59 0.53
C HIS H 125 -39.86 72.81 1.01
N THR H 126 -40.11 72.86 2.32
CA THR H 126 -41.04 73.86 2.86
C THR H 126 -40.53 75.28 2.65
N GLY H 127 -39.30 75.56 3.06
CA GLY H 127 -38.79 76.91 2.96
C GLY H 127 -39.38 77.83 4.01
N THR H 128 -39.11 79.13 3.88
CA THR H 128 -39.60 80.17 4.81
C THR H 128 -40.25 81.33 4.09
N VAL H 129 -41.47 81.66 4.52
CA VAL H 129 -42.29 82.73 3.93
C VAL H 129 -41.71 84.12 4.21
N GLN H 130 -41.91 85.05 3.30
CA GLN H 130 -41.48 86.44 3.38
C GLN H 130 -42.58 87.37 2.89
N ALA H 131 -42.55 88.64 3.30
CA ALA H 131 -43.54 89.61 2.91
C ALA H 131 -42.93 90.99 2.81
N MET H 132 -43.60 91.88 2.10
CA MET H 132 -43.24 93.29 2.04
C MET H 132 -44.41 94.13 2.57
N VAL H 133 -44.25 94.61 3.81
CA VAL H 133 -45.40 95.28 4.49
C VAL H 133 -45.36 96.81 4.31
N ASN H 134 -46.48 97.47 4.64
CA ASN H 134 -46.57 98.95 4.54
C ASN H 134 -47.37 99.43 5.75
N ILE H 135 -46.79 100.34 6.56
CA ILE H 135 -47.47 100.73 7.80
C ILE H 135 -47.57 102.23 7.97
N THR H 136 -48.47 102.87 7.22
CA THR H 136 -48.65 104.31 7.33
C THR H 136 -49.47 104.63 8.57
N TYR H 137 -48.85 104.36 9.73
CA TYR H 137 -49.53 104.52 11.01
C TYR H 137 -49.27 105.90 11.60
N GLY H 138 -50.14 106.28 12.55
CA GLY H 138 -49.94 107.50 13.30
C GLY H 138 -49.86 108.72 12.39
N SER H 139 -48.83 109.53 12.61
CA SER H 139 -48.55 110.67 11.76
C SER H 139 -47.32 110.46 10.89
N VAL H 140 -46.66 109.31 10.98
CA VAL H 140 -45.50 109.04 10.16
C VAL H 140 -45.88 108.95 8.70
N SER H 141 -46.98 108.26 8.39
CA SER H 141 -47.54 108.11 7.05
C SER H 141 -46.57 107.46 6.07
N TRP H 142 -45.59 106.71 6.56
CA TRP H 142 -44.62 106.10 5.66
C TRP H 142 -43.90 104.91 6.29
N ARG H 143 -43.83 103.81 5.56
CA ARG H 143 -42.96 102.69 5.91
C ARG H 143 -42.90 101.75 4.72
N SER H 144 -41.68 101.39 4.32
CA SER H 144 -41.47 100.40 3.27
C SER H 144 -40.45 99.40 3.80
N ALA H 145 -40.94 98.34 4.45
CA ALA H 145 -40.07 97.38 5.11
C ALA H 145 -40.31 95.99 4.55
N ASP H 146 -39.24 95.21 4.45
CA ASP H 146 -39.25 93.82 3.97
C ASP H 146 -39.07 92.88 5.18
N VAL H 147 -39.94 91.89 5.30
CA VAL H 147 -40.17 91.19 6.56
C VAL H 147 -40.22 89.68 6.38
N TYR H 148 -39.44 88.94 7.16
CA TYR H 148 -39.59 87.49 7.24
C TYR H 148 -40.86 87.14 8.00
N VAL H 149 -41.61 86.14 7.55
CA VAL H 149 -42.86 85.69 8.20
C VAL H 149 -42.56 84.59 9.25
N ASN H 150 -41.30 84.30 9.49
CA ASN H 150 -40.85 83.46 10.60
C ASN H 150 -41.21 84.11 11.95
N GLY H 151 -41.89 83.39 12.84
CA GLY H 151 -42.48 83.94 14.05
C GLY H 151 -41.51 84.60 15.05
N GLU H 152 -40.20 84.37 14.98
CA GLU H 152 -39.24 85.14 15.77
C GLU H 152 -39.00 86.53 15.16
N THR H 153 -38.41 86.59 13.96
CA THR H 153 -37.61 87.72 13.53
C THR H 153 -38.43 88.99 13.33
N PRO H 154 -38.24 90.02 14.14
CA PRO H 154 -38.90 91.30 13.95
C PRO H 154 -38.20 92.10 12.87
N ALA H 155 -38.85 93.16 12.39
CA ALA H 155 -38.28 94.11 11.45
C ALA H 155 -38.10 95.49 12.10
N LYS H 156 -36.98 95.75 12.78
CA LYS H 156 -36.71 97.01 13.50
C LYS H 156 -36.26 98.15 12.59
N ILE H 157 -37.21 98.64 11.79
CA ILE H 157 -37.05 99.60 10.71
C ILE H 157 -37.99 100.77 10.97
N GLY H 158 -37.64 101.94 10.45
CA GLY H 158 -38.42 103.13 10.73
C GLY H 158 -38.32 103.51 12.19
N ASP H 159 -39.41 103.33 12.93
CA ASP H 159 -39.42 103.59 14.36
C ASP H 159 -40.07 102.50 15.19
N ALA H 160 -40.77 101.54 14.57
CA ALA H 160 -41.47 100.50 15.30
C ALA H 160 -40.95 99.13 14.91
N LYS H 161 -41.03 98.18 15.83
CA LYS H 161 -40.75 96.77 15.55
C LYS H 161 -42.06 96.06 15.28
N LEU H 162 -42.14 95.19 14.29
CA LEU H 162 -43.23 94.24 14.18
C LEU H 162 -42.75 92.84 13.85
N ILE H 163 -43.55 91.87 14.29
CA ILE H 163 -43.41 90.45 14.06
C ILE H 163 -44.61 90.00 13.23
N ILE H 164 -44.35 89.34 12.12
CA ILE H 164 -45.37 88.80 11.23
C ILE H 164 -45.34 87.28 11.32
N GLY H 165 -46.50 86.64 11.39
CA GLY H 165 -46.58 85.19 11.23
C GLY H 165 -46.18 84.39 12.46
N PRO H 166 -46.03 83.06 12.34
CA PRO H 166 -46.09 82.30 11.09
C PRO H 166 -47.50 82.23 10.53
N LEU H 167 -47.63 81.87 9.25
CA LEU H 167 -48.94 81.67 8.65
C LEU H 167 -49.71 80.55 9.36
N SER H 168 -51.02 80.71 9.41
CA SER H 168 -51.94 79.73 9.99
C SER H 168 -52.10 78.49 9.12
N SER H 169 -51.70 78.54 7.86
CA SER H 169 -51.80 77.41 6.95
C SER H 169 -50.46 77.26 6.23
N ALA H 170 -49.95 76.02 6.19
CA ALA H 170 -48.70 75.72 5.49
C ALA H 170 -48.94 75.27 4.06
N TRP H 171 -50.01 75.77 3.42
CA TRP H 171 -50.43 75.30 2.10
C TRP H 171 -49.52 75.91 1.02
N SER H 172 -48.40 75.25 0.80
CA SER H 172 -47.53 75.62 -0.31
C SER H 172 -48.07 75.01 -1.60
N PRO H 173 -48.34 75.80 -2.64
CA PRO H 173 -48.86 75.22 -3.89
C PRO H 173 -47.92 74.23 -4.53
N PHE H 174 -46.62 74.37 -4.33
CA PHE H 174 -45.65 73.49 -4.97
C PHE H 174 -45.71 72.09 -4.38
N ASP H 175 -45.40 71.11 -5.21
CA ASP H 175 -45.34 69.72 -4.81
C ASP H 175 -43.89 69.30 -4.61
N ASN H 176 -43.67 67.99 -4.36
CA ASN H 176 -42.32 67.51 -4.14
C ASN H 176 -41.47 67.65 -5.40
N LYS H 177 -42.03 67.32 -6.56
CA LYS H 177 -41.31 67.42 -7.82
C LYS H 177 -41.82 68.63 -8.59
N VAL H 178 -40.90 69.47 -9.07
CA VAL H 178 -41.25 70.69 -9.77
C VAL H 178 -40.36 70.84 -10.99
N VAL H 179 -40.97 71.17 -12.12
CA VAL H 179 -40.25 71.42 -13.37
C VAL H 179 -40.55 72.85 -13.79
N VAL H 180 -39.49 73.61 -14.11
CA VAL H 180 -39.61 74.99 -14.53
C VAL H 180 -38.99 75.13 -15.92
N TYR H 181 -39.67 75.85 -16.80
CA TYR H 181 -39.22 76.00 -18.19
C TYR H 181 -39.41 77.46 -18.60
N GLY H 182 -38.34 78.25 -18.49
CA GLY H 182 -38.34 79.61 -18.99
C GLY H 182 -39.16 80.57 -18.16
N HIS H 183 -40.48 80.42 -18.19
CA HIS H 183 -41.38 81.26 -17.42
C HIS H 183 -42.45 80.50 -16.67
N GLU H 184 -42.80 79.29 -17.10
CA GLU H 184 -43.86 78.51 -16.47
C GLU H 184 -43.25 77.49 -15.52
N VAL H 185 -44.02 77.15 -14.49
CA VAL H 185 -43.65 76.12 -13.52
C VAL H 185 -44.70 75.03 -13.58
N TYR H 186 -44.26 73.78 -13.54
CA TYR H 186 -45.15 72.64 -13.59
C TYR H 186 -44.83 71.70 -12.43
N ASN H 187 -45.87 71.25 -11.73
CA ASN H 187 -45.66 70.26 -10.68
C ASN H 187 -45.65 68.87 -11.30
N TYR H 188 -44.86 68.71 -12.36
CA TYR H 188 -44.67 67.43 -13.01
C TYR H 188 -43.80 66.52 -12.15
N ASP H 189 -43.85 65.23 -12.43
CA ASP H 189 -43.09 64.22 -11.68
C ASP H 189 -42.04 63.63 -12.61
N PHE H 190 -40.90 64.30 -12.70
CA PHE H 190 -39.79 63.75 -13.46
C PHE H 190 -39.27 62.49 -12.77
N PRO H 191 -38.92 61.45 -13.52
CA PRO H 191 -38.67 60.15 -12.89
C PRO H 191 -37.54 60.16 -11.87
N GLU H 192 -36.31 60.43 -12.33
CA GLU H 192 -35.14 60.52 -11.48
C GLU H 192 -33.90 60.81 -12.33
N TYR H 193 -32.76 61.02 -11.70
CA TYR H 193 -31.51 61.11 -12.44
C TYR H 193 -31.00 59.71 -12.76
N GLY H 194 -30.56 59.53 -14.00
CA GLY H 194 -29.97 58.28 -14.42
C GLY H 194 -30.95 57.18 -14.78
N THR H 195 -32.26 57.43 -14.68
CA THR H 195 -33.25 56.42 -14.99
C THR H 195 -34.23 56.85 -16.08
N GLY H 196 -33.93 57.91 -16.83
CA GLY H 196 -34.83 58.40 -17.84
C GLY H 196 -35.07 57.43 -18.96
N LYS H 197 -36.30 56.90 -19.05
CA LYS H 197 -36.64 56.00 -20.13
C LYS H 197 -36.66 56.76 -21.46
N ALA H 198 -36.26 56.07 -22.52
CA ALA H 198 -36.14 56.69 -23.83
C ALA H 198 -37.50 57.15 -24.34
N GLY H 199 -37.49 58.27 -25.05
CA GLY H 199 -38.68 58.82 -25.67
C GLY H 199 -39.49 59.75 -24.81
N SER H 200 -39.72 59.39 -23.56
CA SER H 200 -40.52 60.22 -22.65
C SER H 200 -39.66 61.37 -22.13
N PHE H 201 -40.16 62.07 -21.13
CA PHE H 201 -39.45 63.20 -20.57
C PHE H 201 -38.16 62.74 -19.90
N GLY H 202 -37.16 63.62 -19.91
CA GLY H 202 -35.87 63.27 -19.35
C GLY H 202 -35.12 62.20 -20.09
N ASP H 203 -35.26 62.17 -21.43
CA ASP H 203 -34.49 61.22 -22.22
C ASP H 203 -33.00 61.52 -22.12
N LEU H 204 -32.63 62.79 -22.14
CA LEU H 204 -31.25 63.22 -21.97
C LEU H 204 -31.16 64.02 -20.68
N GLN H 205 -30.30 63.59 -19.77
CA GLN H 205 -30.18 64.19 -18.45
C GLN H 205 -28.73 64.54 -18.18
N SER H 206 -28.46 65.81 -17.93
CA SER H 206 -27.15 66.27 -17.53
C SER H 206 -27.22 66.83 -16.11
N ARG H 207 -26.14 66.66 -15.35
CA ARG H 207 -26.13 67.12 -13.96
C ARG H 207 -26.31 68.63 -13.90
N THR H 208 -25.70 69.35 -14.83
CA THR H 208 -25.91 70.78 -14.97
C THR H 208 -25.58 71.17 -16.41
N SER H 209 -25.73 72.46 -16.70
CA SER H 209 -25.53 72.94 -18.06
C SER H 209 -24.09 72.77 -18.51
N THR H 210 -23.13 72.99 -17.60
CA THR H 210 -21.73 73.00 -18.00
C THR H 210 -21.04 71.65 -17.79
N SER H 211 -21.66 70.74 -17.04
CA SER H 211 -21.02 69.45 -16.73
C SER H 211 -20.77 68.66 -18.01
N ASN H 212 -19.54 68.16 -18.14
CA ASN H 212 -19.21 67.36 -19.32
C ASN H 212 -19.95 66.02 -19.32
N ASP H 213 -20.04 65.38 -18.16
CA ASP H 213 -20.73 64.10 -18.06
C ASP H 213 -22.23 64.29 -18.12
N LEU H 214 -22.89 63.43 -18.90
CA LEU H 214 -24.34 63.44 -19.01
C LEU H 214 -24.84 62.05 -19.32
N TYR H 215 -26.10 61.80 -19.00
CA TYR H 215 -26.73 60.51 -19.21
C TYR H 215 -27.86 60.67 -20.21
N ALA H 216 -27.77 59.95 -21.34
CA ALA H 216 -28.72 60.10 -22.43
C ALA H 216 -29.11 58.72 -22.95
N ASN H 217 -30.21 58.19 -22.43
CA ASN H 217 -30.79 56.95 -22.94
C ASN H 217 -31.80 57.28 -24.02
N THR H 218 -31.35 57.31 -25.27
CA THR H 218 -32.22 57.66 -26.39
C THR H 218 -32.59 56.46 -27.25
N ASN H 219 -32.20 55.25 -26.86
CA ASN H 219 -32.49 54.04 -27.63
C ASN H 219 -31.99 54.18 -29.06
N LEU H 220 -30.76 54.66 -29.21
CA LEU H 220 -30.19 54.88 -30.53
C LEU H 220 -29.82 53.55 -31.16
N LYS H 221 -30.16 53.31 -32.42
CA LYS H 221 -29.83 52.07 -33.15
C LYS H 221 -29.28 52.41 -34.53
N LEU H 222 -28.16 51.81 -34.91
CA LEU H 222 -27.58 51.97 -36.25
C LEU H 222 -28.20 50.99 -37.24
N GLN H 223 -27.90 51.17 -38.54
CA GLN H 223 -28.32 50.19 -39.58
C GLN H 223 -27.34 50.30 -40.77
N ARG H 224 -27.18 49.21 -41.55
CA ARG H 224 -26.20 49.19 -42.65
C ARG H 224 -26.61 50.14 -43.77
N PRO H 225 -25.65 50.84 -44.40
CA PRO H 225 -25.94 51.80 -45.45
C PRO H 225 -26.47 51.09 -46.69
N GLN H 226 -27.67 51.44 -47.12
CA GLN H 226 -28.36 50.74 -48.21
C GLN H 226 -27.62 50.90 -49.54
N ALA H 227 -27.57 49.83 -50.33
CA ALA H 227 -27.12 49.78 -51.72
C ALA H 227 -25.72 50.38 -52.03
N GLY H 228 -24.88 50.59 -51.02
CA GLY H 228 -23.53 51.10 -51.23
C GLY H 228 -23.48 52.58 -51.58
N ILE H 229 -23.76 53.43 -50.61
CA ILE H 229 -23.40 54.85 -50.60
C ILE H 229 -22.74 55.17 -49.25
N VAL H 230 -21.76 56.06 -49.20
CA VAL H 230 -21.02 56.32 -47.96
C VAL H 230 -21.82 57.24 -47.04
N HIS H 231 -22.62 56.64 -46.13
CA HIS H 231 -23.45 57.41 -45.15
C HIS H 231 -23.74 56.55 -43.92
N THR H 232 -23.97 57.15 -42.74
CA THR H 232 -24.26 56.44 -41.49
C THR H 232 -25.72 56.64 -41.09
N PRO H 233 -26.65 55.83 -41.58
CA PRO H 233 -28.04 55.97 -41.20
C PRO H 233 -28.28 55.40 -39.81
N PHE H 234 -29.17 56.02 -39.06
CA PHE H 234 -29.53 55.61 -37.71
C PHE H 234 -31.01 55.81 -37.45
N THR H 235 -31.55 55.05 -36.51
CA THR H 235 -32.90 55.25 -35.97
C THR H 235 -32.80 55.41 -34.48
N GLN H 236 -33.49 56.41 -33.97
CA GLN H 236 -33.65 56.65 -32.54
C GLN H 236 -35.02 57.25 -32.30
N ALA H 237 -35.48 57.16 -31.06
CA ALA H 237 -36.76 57.74 -30.70
C ALA H 237 -36.69 59.26 -30.84
N PRO H 238 -37.82 59.91 -31.15
CA PRO H 238 -37.84 61.37 -31.18
C PRO H 238 -37.51 61.94 -29.82
N SER H 239 -36.99 63.16 -29.82
CA SER H 239 -36.47 63.77 -28.60
C SER H 239 -37.52 63.80 -27.51
N GLY H 240 -37.14 63.34 -26.32
CA GLY H 240 -38.05 63.41 -25.19
C GLY H 240 -38.44 64.82 -24.82
N PHE H 241 -37.54 65.77 -25.00
CA PHE H 241 -37.90 67.17 -24.78
C PHE H 241 -38.70 67.75 -25.94
N GLU H 242 -38.64 67.14 -27.13
CA GLU H 242 -39.48 67.59 -28.22
C GLU H 242 -40.96 67.44 -27.86
N ARG H 243 -41.33 66.26 -27.37
CA ARG H 243 -42.61 66.15 -26.69
C ARG H 243 -42.49 66.75 -25.30
N TRP H 244 -43.64 66.94 -24.66
CA TRP H 244 -43.77 67.72 -23.42
C TRP H 244 -43.61 69.20 -23.74
N LYS H 245 -43.23 69.51 -24.97
CA LYS H 245 -43.35 70.87 -25.49
C LYS H 245 -44.64 71.06 -26.27
N ARG H 246 -45.24 69.96 -26.73
CA ARG H 246 -46.52 69.99 -27.42
C ARG H 246 -47.61 69.27 -26.65
N ASP H 247 -47.28 68.62 -25.53
CA ASP H 247 -48.24 67.85 -24.75
C ASP H 247 -48.10 68.15 -23.26
N LYS H 248 -47.50 69.28 -22.91
CA LYS H 248 -47.39 69.64 -21.51
C LYS H 248 -48.76 70.02 -20.96
N GLY H 249 -48.93 69.80 -19.67
CA GLY H 249 -50.18 70.11 -19.01
C GLY H 249 -50.33 71.61 -18.77
N ALA H 250 -51.35 71.94 -18.02
CA ALA H 250 -51.61 73.33 -17.68
C ALA H 250 -50.52 73.84 -16.74
N PRO H 251 -49.86 74.94 -17.06
CA PRO H 251 -48.82 75.47 -16.16
C PRO H 251 -49.41 75.88 -14.82
N LEU H 252 -48.57 75.80 -13.78
CA LEU H 252 -49.02 76.13 -12.44
C LEU H 252 -49.44 77.59 -12.32
N ASN H 253 -48.98 78.46 -13.22
CA ASN H 253 -49.38 79.85 -13.25
C ASN H 253 -50.89 79.97 -13.49
N ASP H 254 -51.52 78.92 -14.04
CA ASP H 254 -52.92 78.89 -14.44
C ASP H 254 -53.78 77.87 -13.67
N VAL H 255 -53.26 77.17 -12.68
CA VAL H 255 -54.03 76.20 -11.92
C VAL H 255 -53.77 76.37 -10.44
N ALA H 256 -52.97 77.36 -10.08
CA ALA H 256 -52.70 77.62 -8.67
C ALA H 256 -53.93 78.26 -8.03
N PRO H 257 -54.50 77.66 -6.99
CA PRO H 257 -55.66 78.27 -6.34
C PRO H 257 -55.28 79.52 -5.57
N PHE H 258 -56.29 80.21 -5.01
CA PHE H 258 -56.10 81.40 -4.19
C PHE H 258 -55.43 82.55 -4.95
N GLY H 259 -55.43 82.52 -6.28
CA GLY H 259 -54.91 83.63 -7.10
C GLY H 259 -53.39 83.83 -7.09
N CYS H 260 -52.60 82.88 -6.60
CA CYS H 260 -51.15 83.03 -6.46
C CYS H 260 -50.43 83.09 -7.82
N SER H 261 -49.37 83.85 -7.95
CA SER H 261 -48.53 83.83 -9.14
C SER H 261 -47.08 83.57 -8.77
N ILE H 262 -46.31 82.99 -9.69
CA ILE H 262 -44.91 82.64 -9.48
C ILE H 262 -44.07 83.35 -10.54
N ALA H 263 -42.75 83.15 -10.47
CA ALA H 263 -41.82 83.82 -11.36
C ALA H 263 -40.54 83.02 -11.49
N LEU H 264 -39.82 83.24 -12.60
CA LEU H 264 -38.51 82.64 -12.79
C LEU H 264 -37.53 83.35 -11.85
N GLU H 265 -37.35 82.78 -10.68
CA GLU H 265 -36.90 83.47 -9.48
C GLU H 265 -36.52 82.40 -8.45
N PRO H 266 -36.20 82.77 -7.21
CA PRO H 266 -36.18 81.77 -6.14
C PRO H 266 -37.49 81.00 -5.99
N LEU H 267 -38.48 81.29 -6.84
CA LEU H 267 -39.75 80.57 -6.95
C LEU H 267 -40.72 80.95 -5.83
N ARG H 268 -40.76 82.23 -5.49
CA ARG H 268 -41.78 82.74 -4.60
C ARG H 268 -43.17 82.49 -5.19
N ALA H 269 -44.18 82.63 -4.36
CA ALA H 269 -45.58 82.55 -4.79
C ALA H 269 -46.27 83.81 -4.28
N GLU H 270 -46.30 84.85 -5.11
CA GLU H 270 -46.77 86.15 -4.69
C GLU H 270 -48.28 86.16 -4.50
N ASN H 271 -48.77 87.02 -3.61
CA ASN H 271 -50.18 87.26 -3.40
C ASN H 271 -50.99 86.00 -3.02
N CYS H 272 -50.38 84.99 -2.37
CA CYS H 272 -51.08 83.74 -2.11
C CYS H 272 -52.00 83.94 -0.89
N ALA H 273 -53.20 84.46 -1.14
CA ALA H 273 -54.15 84.84 -0.11
C ALA H 273 -54.82 83.62 0.55
N VAL H 274 -54.37 83.22 1.74
CA VAL H 274 -54.94 82.09 2.44
C VAL H 274 -54.60 82.22 3.92
N GLY H 275 -55.58 81.91 4.77
CA GLY H 275 -55.35 81.91 6.21
C GLY H 275 -55.26 83.32 6.79
N SER H 276 -54.76 83.37 8.02
CA SER H 276 -54.64 84.60 8.77
C SER H 276 -53.23 84.71 9.35
N ILE H 277 -52.82 85.89 9.78
CA ILE H 277 -51.49 86.19 10.25
C ILE H 277 -51.64 86.80 11.64
N PRO H 278 -50.96 86.29 12.67
CA PRO H 278 -50.96 86.93 13.99
C PRO H 278 -50.01 88.11 14.05
N ILE H 279 -50.46 89.27 13.61
CA ILE H 279 -49.61 90.45 13.53
C ILE H 279 -49.44 91.04 14.91
N SER H 280 -48.19 91.27 15.32
CA SER H 280 -47.87 91.94 16.57
C SER H 280 -46.85 93.03 16.29
N ILE H 281 -47.13 94.23 16.80
CA ILE H 281 -46.28 95.40 16.55
C ILE H 281 -46.10 96.17 17.85
N ASP H 282 -44.89 96.68 18.07
CA ASP H 282 -44.57 97.48 19.25
C ASP H 282 -44.28 98.90 18.78
N ILE H 283 -45.29 99.77 18.84
CA ILE H 283 -45.13 101.16 18.40
C ILE H 283 -44.22 101.89 19.38
N PRO H 284 -43.41 102.84 18.93
CA PRO H 284 -42.55 103.59 19.85
C PRO H 284 -43.38 104.45 20.78
N ASP H 285 -42.86 104.65 22.00
CA ASP H 285 -43.56 105.45 23.00
C ASP H 285 -43.67 106.91 22.60
N ALA H 286 -42.69 107.45 21.88
CA ALA H 286 -42.73 108.86 21.52
C ALA H 286 -43.91 109.19 20.62
N ALA H 287 -44.39 108.22 19.85
CA ALA H 287 -45.54 108.45 18.99
C ALA H 287 -46.82 108.71 19.79
N PHE H 288 -46.88 108.25 21.03
CA PHE H 288 -48.05 108.47 21.86
C PHE H 288 -48.19 109.94 22.22
N THR H 289 -49.45 110.35 22.43
CA THR H 289 -49.77 111.70 22.88
C THR H 289 -50.69 111.61 24.08
N ARG H 290 -50.42 112.42 25.11
CA ARG H 290 -51.23 112.39 26.30
C ARG H 290 -52.65 112.84 25.99
N ILE H 291 -53.62 112.17 26.62
CA ILE H 291 -55.03 112.34 26.27
C ILE H 291 -55.53 113.75 26.54
N SER H 292 -54.85 114.51 27.39
CA SER H 292 -55.33 115.84 27.76
C SER H 292 -55.20 116.85 26.63
N GLU H 293 -54.82 116.45 25.42
CA GLU H 293 -54.72 117.39 24.30
C GLU H 293 -55.70 117.08 23.18
N THR H 294 -55.91 115.82 22.86
CA THR H 294 -56.91 115.51 21.84
C THR H 294 -58.31 115.65 22.41
N PRO H 295 -59.26 116.16 21.62
CA PRO H 295 -60.60 116.41 22.15
C PRO H 295 -61.36 115.11 22.42
N THR H 296 -62.31 115.20 23.34
CA THR H 296 -63.26 114.13 23.58
C THR H 296 -64.59 114.48 22.92
N VAL H 297 -65.32 113.45 22.49
CA VAL H 297 -66.49 113.65 21.63
C VAL H 297 -67.75 113.08 22.28
N SER H 298 -67.83 113.14 23.60
CA SER H 298 -69.00 112.62 24.30
C SER H 298 -70.27 113.32 23.85
N ASP H 299 -71.41 112.69 24.15
CA ASP H 299 -72.73 113.18 23.77
C ASP H 299 -72.85 113.31 22.26
N LEU H 300 -72.81 112.15 21.59
CA LEU H 300 -72.90 112.05 20.15
C LEU H 300 -73.86 110.92 19.76
N GLU H 301 -74.20 110.90 18.47
CA GLU H 301 -75.06 109.84 17.94
C GLU H 301 -74.71 109.66 16.45
N CYS H 302 -75.09 108.51 15.91
CA CYS H 302 -74.77 108.15 14.54
C CYS H 302 -76.03 107.95 13.73
N LYS H 303 -75.98 108.34 12.46
CA LYS H 303 -77.11 108.24 11.55
C LYS H 303 -76.60 108.08 10.13
N ILE H 304 -76.98 107.00 9.45
CA ILE H 304 -76.64 106.77 8.03
C ILE H 304 -77.45 107.68 7.11
N THR H 305 -76.99 107.85 5.87
CA THR H 305 -77.74 108.60 4.84
C THR H 305 -78.38 107.64 3.86
N GLU H 306 -77.61 107.11 2.91
CA GLU H 306 -78.03 106.06 1.99
C GLU H 306 -76.92 105.00 1.97
N CYS H 307 -77.28 103.73 2.04
CA CYS H 307 -76.34 102.62 2.08
C CYS H 307 -76.62 101.60 0.98
N THR H 308 -75.58 101.07 0.36
CA THR H 308 -75.62 99.96 -0.61
C THR H 308 -74.57 98.93 -0.24
N TYR H 309 -74.93 97.65 -0.13
CA TYR H 309 -73.95 96.61 0.15
C TYR H 309 -73.29 96.15 -1.15
N ALA H 310 -71.99 96.36 -1.26
CA ALA H 310 -71.21 96.21 -2.49
C ALA H 310 -69.73 96.06 -2.18
N SER H 311 -68.90 95.76 -3.16
CA SER H 311 -67.45 95.68 -2.95
C SER H 311 -66.83 97.03 -2.58
N ASP H 312 -67.44 98.12 -3.03
CA ASP H 312 -66.95 99.48 -2.85
C ASP H 312 -67.48 100.15 -1.56
N PHE H 313 -67.05 101.37 -1.25
CA PHE H 313 -67.59 102.20 -0.18
C PHE H 313 -68.98 102.76 -0.52
N GLY H 314 -69.97 101.87 -0.62
CA GLY H 314 -71.36 102.19 -0.91
C GLY H 314 -72.19 102.65 0.28
N GLY H 315 -71.58 102.85 1.45
CA GLY H 315 -72.27 103.34 2.65
C GLY H 315 -71.81 104.74 3.03
N ILE H 316 -72.74 105.66 3.25
CA ILE H 316 -72.43 107.00 3.75
C ILE H 316 -73.18 107.23 5.06
N ALA H 317 -72.49 107.75 6.07
CA ALA H 317 -73.10 108.04 7.35
C ALA H 317 -72.57 109.35 7.94
N THR H 318 -73.33 109.86 8.90
CA THR H 318 -73.12 111.16 9.54
C THR H 318 -73.16 111.00 11.06
N VAL H 319 -72.36 111.78 11.76
CA VAL H 319 -72.34 111.80 13.23
C VAL H 319 -72.37 113.24 13.70
N ALA H 320 -73.27 113.57 14.63
CA ALA H 320 -73.28 114.90 15.26
C ALA H 320 -72.63 114.74 16.63
N TYR H 321 -71.54 115.48 16.83
CA TYR H 321 -70.75 115.34 18.05
C TYR H 321 -70.78 116.62 18.87
N LYS H 322 -70.68 116.46 20.19
CA LYS H 322 -70.56 117.58 21.13
C LYS H 322 -69.18 117.46 21.78
N SER H 323 -68.18 118.02 21.13
CA SER H 323 -66.81 117.89 21.58
C SER H 323 -66.44 119.06 22.48
N SER H 324 -65.40 118.86 23.30
CA SER H 324 -64.91 119.87 24.21
C SER H 324 -63.79 120.71 23.58
N LYS H 325 -62.71 120.06 23.19
CA LYS H 325 -61.59 120.75 22.58
C LYS H 325 -61.78 120.73 21.05
N ALA H 326 -60.81 121.25 20.30
CA ALA H 326 -60.87 121.28 18.85
C ALA H 326 -59.61 120.66 18.30
N GLY H 327 -59.76 119.76 17.34
CA GLY H 327 -58.62 119.12 16.71
C GLY H 327 -59.05 117.86 15.98
N ASN H 328 -58.04 117.10 15.58
CA ASN H 328 -58.28 115.85 14.87
C ASN H 328 -58.31 114.67 15.83
N CYS H 329 -58.97 113.59 15.38
CA CYS H 329 -59.06 112.39 16.21
C CYS H 329 -59.31 111.17 15.33
N PRO H 330 -58.55 110.09 15.53
CA PRO H 330 -58.76 108.90 14.69
C PRO H 330 -60.13 108.29 14.89
N ILE H 331 -60.66 107.70 13.83
CA ILE H 331 -61.96 107.06 13.77
C ILE H 331 -61.76 105.62 13.34
N HIS H 332 -62.35 104.68 14.05
CA HIS H 332 -62.21 103.27 13.70
C HIS H 332 -63.37 102.49 14.27
N SER H 333 -63.73 101.40 13.59
CA SER H 333 -64.77 100.50 14.05
C SER H 333 -64.17 99.14 14.36
N PRO H 334 -64.00 98.79 15.64
CA PRO H 334 -63.40 97.48 15.95
C PRO H 334 -64.20 96.32 15.42
N SER H 335 -65.52 96.44 15.36
CA SER H 335 -66.33 95.37 14.81
C SER H 335 -66.04 95.17 13.34
N GLY H 336 -66.10 93.93 12.88
CA GLY H 336 -65.77 93.55 11.50
C GLY H 336 -66.88 93.80 10.47
N VAL H 337 -68.10 94.12 10.89
CA VAL H 337 -69.27 94.24 10.01
C VAL H 337 -69.16 95.40 9.01
N ALA H 338 -68.26 96.34 9.24
CA ALA H 338 -68.04 97.47 8.35
C ALA H 338 -66.54 97.83 8.25
N VAL H 339 -66.18 98.49 7.16
CA VAL H 339 -64.84 99.04 6.94
C VAL H 339 -64.93 100.53 6.70
N ILE H 340 -64.17 101.32 7.45
CA ILE H 340 -64.20 102.78 7.38
C ILE H 340 -63.16 103.26 6.36
N LYS H 341 -63.57 104.04 5.34
CA LYS H 341 -62.63 104.59 4.36
C LYS H 341 -61.73 105.64 4.99
N GLU H 342 -62.30 106.55 5.74
CA GLU H 342 -61.59 107.65 6.38
C GLU H 342 -60.70 107.14 7.53
N ASN H 343 -59.41 107.46 7.49
CA ASN H 343 -58.48 107.09 8.56
C ASN H 343 -58.56 108.04 9.73
N ASP H 344 -58.82 109.32 9.46
CA ASP H 344 -58.87 110.34 10.51
C ASP H 344 -59.84 111.43 10.08
N VAL H 345 -60.46 112.13 11.02
CA VAL H 345 -61.41 113.24 10.84
C VAL H 345 -61.06 114.43 11.75
N THR H 346 -61.13 115.64 11.19
CA THR H 346 -60.94 116.87 11.94
C THR H 346 -62.27 117.32 12.54
N LEU H 347 -62.24 117.70 13.81
CA LEU H 347 -63.44 118.04 14.56
C LEU H 347 -63.44 119.52 14.91
N ALA H 348 -64.57 120.18 14.68
CA ALA H 348 -64.76 121.56 15.10
C ALA H 348 -65.34 121.56 16.53
N GLU H 349 -65.76 122.72 16.99
CA GLU H 349 -66.30 122.86 18.35
C GLU H 349 -67.75 122.41 18.35
N SER H 350 -67.94 121.12 18.67
CA SER H 350 -69.27 120.53 18.83
C SER H 350 -70.13 120.72 17.58
N GLY H 351 -69.67 120.10 16.49
CA GLY H 351 -70.40 120.15 15.24
C GLY H 351 -70.84 118.79 14.75
N SER H 352 -70.76 118.57 13.45
CA SER H 352 -71.14 117.29 12.86
C SER H 352 -70.34 117.09 11.58
N PHE H 353 -69.83 115.88 11.39
CA PHE H 353 -69.03 115.53 10.23
C PHE H 353 -69.50 114.18 9.67
N THR H 354 -69.19 113.90 8.41
CA THR H 354 -69.62 112.69 7.68
C THR H 354 -68.42 111.96 7.12
N PHE H 355 -68.60 110.66 6.92
CA PHE H 355 -67.60 109.75 6.42
C PHE H 355 -68.25 108.65 5.57
N HIS H 356 -67.36 107.88 4.92
CA HIS H 356 -67.84 106.78 4.05
C HIS H 356 -67.37 105.44 4.58
N PHE H 357 -68.14 104.38 4.31
CA PHE H 357 -67.84 103.02 4.73
C PHE H 357 -68.34 102.01 3.70
N SER H 358 -67.93 100.77 3.89
CA SER H 358 -68.40 99.61 3.15
C SER H 358 -68.83 98.52 4.11
N THR H 359 -69.80 97.68 3.72
CA THR H 359 -70.28 96.55 4.51
C THR H 359 -70.76 95.45 3.59
N ALA H 360 -70.81 94.21 4.06
CA ALA H 360 -71.36 93.10 3.30
C ALA H 360 -72.85 92.86 3.60
N ASN H 361 -73.41 93.41 4.67
CA ASN H 361 -74.63 92.87 5.28
C ASN H 361 -75.77 93.88 5.33
N ILE H 362 -77.02 93.40 5.19
CA ILE H 362 -78.17 94.22 4.81
C ILE H 362 -78.60 95.20 5.92
N HIS H 363 -78.47 94.79 7.17
CA HIS H 363 -78.82 95.57 8.36
C HIS H 363 -77.56 95.83 9.19
N PRO H 364 -76.65 96.73 8.79
CA PRO H 364 -75.33 96.76 9.39
C PRO H 364 -75.31 97.44 10.76
N ALA H 365 -75.65 96.71 11.82
CA ALA H 365 -75.55 97.20 13.19
C ALA H 365 -74.10 97.15 13.71
N PHE H 366 -73.24 98.09 13.30
CA PHE H 366 -71.84 98.13 13.70
C PHE H 366 -71.56 99.29 14.68
N LYS H 367 -70.78 99.07 15.75
CA LYS H 367 -70.37 100.16 16.63
C LYS H 367 -69.23 100.93 15.99
N LEU H 368 -69.05 102.17 16.35
CA LEU H 368 -67.99 103.03 15.85
C LEU H 368 -67.29 103.68 17.03
N GLN H 369 -65.97 103.69 17.01
CA GLN H 369 -65.15 104.31 18.02
C GLN H 369 -64.59 105.63 17.49
N VAL H 370 -64.70 106.68 18.29
CA VAL H 370 -64.13 107.97 17.97
C VAL H 370 -63.55 108.55 19.27
N CYS H 371 -62.23 108.69 19.32
CA CYS H 371 -61.52 109.28 20.46
C CYS H 371 -62.04 108.75 21.79
N THR H 372 -62.05 107.42 21.93
CA THR H 372 -62.54 106.76 23.13
C THR H 372 -63.99 107.12 23.41
N SER H 373 -64.86 106.79 22.45
CA SER H 373 -66.29 107.01 22.60
C SER H 373 -67.01 106.11 21.60
N ALA H 374 -67.83 105.20 22.11
CA ALA H 374 -68.56 104.29 21.25
C ALA H 374 -69.89 104.88 20.82
N VAL H 375 -70.42 104.37 19.71
CA VAL H 375 -71.73 104.78 19.19
C VAL H 375 -72.21 103.72 18.21
N THR H 376 -73.51 103.48 18.17
CA THR H 376 -74.10 102.43 17.34
C THR H 376 -74.65 103.03 16.06
N CYS H 377 -74.13 102.63 14.90
CA CYS H 377 -74.56 103.14 13.59
C CYS H 377 -75.53 102.19 12.90
N LYS H 378 -76.68 101.91 13.53
CA LYS H 378 -77.67 101.02 12.93
C LYS H 378 -78.22 101.65 11.65
N GLY H 379 -78.65 100.80 10.73
CA GLY H 379 -79.19 101.29 9.48
C GLY H 379 -79.56 100.16 8.55
N ASP H 380 -79.96 100.53 7.33
CA ASP H 380 -80.36 99.56 6.31
C ASP H 380 -79.67 99.91 5.00
N CYS H 381 -79.55 98.92 4.11
CA CYS H 381 -78.87 99.04 2.82
C CYS H 381 -79.67 98.39 1.68
N LYS H 382 -79.43 98.86 0.46
CA LYS H 382 -80.00 98.31 -0.78
C LYS H 382 -79.01 97.38 -1.49
N PRO H 383 -79.50 96.46 -2.34
CA PRO H 383 -78.64 95.64 -3.18
C PRO H 383 -77.97 96.46 -4.30
N PRO H 384 -76.85 96.02 -4.86
CA PRO H 384 -76.22 96.63 -6.02
C PRO H 384 -76.94 96.21 -7.31
N LYS H 385 -76.63 96.88 -8.43
CA LYS H 385 -77.45 96.82 -9.66
C LYS H 385 -76.72 96.18 -10.85
N ASP H 386 -75.47 95.77 -10.63
CA ASP H 386 -74.60 95.11 -11.63
C ASP H 386 -73.44 94.58 -10.78
N HIS H 387 -72.19 95.02 -10.98
CA HIS H 387 -71.06 94.67 -10.07
C HIS H 387 -69.78 95.40 -10.48
N ILE H 388 -68.84 95.56 -9.55
CA ILE H 388 -67.53 96.23 -9.82
C ILE H 388 -66.53 95.15 -10.25
N VAL H 389 -65.29 95.54 -10.60
CA VAL H 389 -64.22 94.58 -11.02
C VAL H 389 -63.00 94.80 -10.13
N ASP H 390 -63.13 94.55 -8.82
CA ASP H 390 -62.01 94.70 -7.85
C ASP H 390 -62.31 93.82 -6.63
N TYR H 391 -61.35 93.66 -5.71
CA TYR H 391 -61.58 92.87 -4.51
C TYR H 391 -62.75 93.45 -3.68
N PRO H 392 -63.62 92.63 -3.09
CA PRO H 392 -64.54 93.08 -2.05
C PRO H 392 -63.78 93.69 -0.87
N ALA H 393 -63.93 95.01 -0.65
CA ALA H 393 -63.07 95.71 0.30
C ALA H 393 -63.30 95.34 1.78
N GLN H 394 -64.31 94.52 2.08
CA GLN H 394 -64.71 94.09 3.42
C GLN H 394 -64.75 92.57 3.63
N HIS H 395 -64.97 91.80 2.57
CA HIS H 395 -64.87 90.32 2.50
C HIS H 395 -65.32 89.58 3.77
N THR H 396 -66.58 89.72 4.14
CA THR H 396 -67.11 89.17 5.40
C THR H 396 -68.58 88.77 5.30
N GLU H 397 -68.94 88.08 4.22
CA GLU H 397 -70.29 87.51 4.09
C GLU H 397 -70.59 86.60 5.29
N SER H 398 -71.76 86.81 5.93
CA SER H 398 -72.15 86.06 7.17
C SER H 398 -73.68 85.88 7.32
N PHE H 399 -74.32 86.25 8.47
CA PHE H 399 -75.76 85.98 8.78
C PHE H 399 -76.66 87.17 8.41
N THR H 400 -77.75 86.96 7.67
CA THR H 400 -78.53 88.06 7.07
C THR H 400 -80.04 87.85 7.21
N TYR I 1 -125.09 79.35 -63.85
CA TYR I 1 -124.52 80.45 -64.62
C TYR I 1 -123.26 80.98 -63.96
N GLU I 2 -123.42 81.69 -62.85
CA GLU I 2 -122.28 82.16 -62.07
C GLU I 2 -121.69 80.99 -61.30
N HIS I 3 -120.83 80.22 -61.95
CA HIS I 3 -120.32 78.96 -61.42
C HIS I 3 -119.35 79.22 -60.26
N THR I 4 -119.89 79.43 -59.07
CA THR I 4 -119.07 79.55 -57.87
C THR I 4 -118.58 78.17 -57.44
N ALA I 5 -117.28 78.06 -57.21
CA ALA I 5 -116.70 76.77 -56.83
C ALA I 5 -115.34 76.99 -56.17
N VAL I 6 -115.08 76.22 -55.13
CA VAL I 6 -113.77 76.23 -54.47
C VAL I 6 -112.90 75.15 -55.09
N MET I 7 -111.70 75.51 -55.50
CA MET I 7 -110.76 74.59 -56.13
C MET I 7 -109.43 74.61 -55.39
N PRO I 8 -108.76 73.46 -55.26
CA PRO I 8 -107.49 73.42 -54.51
C PRO I 8 -106.43 74.30 -55.17
N ASN I 9 -105.58 74.89 -54.34
CA ASN I 9 -104.50 75.75 -54.82
C ASN I 9 -103.35 74.87 -55.29
N LYS I 10 -103.38 74.49 -56.57
CA LYS I 10 -102.32 73.70 -57.17
C LYS I 10 -101.99 74.30 -58.53
N VAL I 11 -100.90 73.83 -59.13
CA VAL I 11 -100.44 74.39 -60.39
C VAL I 11 -100.84 73.48 -61.55
N GLY I 12 -100.45 72.21 -61.49
CA GLY I 12 -100.68 71.30 -62.60
C GLY I 12 -101.95 70.49 -62.49
N ILE I 13 -103.10 71.12 -62.60
CA ILE I 13 -104.39 70.42 -62.54
C ILE I 13 -105.52 71.20 -63.20
N PRO I 14 -106.23 70.61 -64.16
CA PRO I 14 -107.38 71.26 -64.77
C PRO I 14 -108.60 71.26 -63.83
N TYR I 15 -109.32 72.37 -63.72
CA TYR I 15 -110.57 72.39 -62.91
C TYR I 15 -111.75 72.17 -63.86
N LYS I 16 -111.90 70.94 -64.36
CA LYS I 16 -112.98 70.65 -65.33
C LYS I 16 -114.35 70.75 -64.64
N ALA I 17 -114.99 71.92 -64.74
CA ALA I 17 -116.34 72.13 -64.14
C ALA I 17 -117.39 72.30 -65.22
N LEU I 18 -118.59 71.75 -65.00
CA LEU I 18 -119.69 71.87 -65.99
C LEU I 18 -120.62 73.03 -65.59
N VAL I 19 -121.14 73.77 -66.57
CA VAL I 19 -122.12 74.87 -66.29
C VAL I 19 -123.51 74.38 -66.71
N GLU I 20 -124.33 73.95 -65.76
CA GLU I 20 -125.65 73.40 -66.08
C GLU I 20 -126.76 74.46 -65.98
N ARG I 21 -126.71 75.46 -66.86
CA ARG I 21 -127.76 76.47 -66.89
C ARG I 21 -129.00 75.92 -67.62
N PRO I 22 -130.15 75.86 -66.92
CA PRO I 22 -131.31 75.27 -67.61
C PRO I 22 -131.67 76.05 -68.87
N GLY I 23 -132.21 75.34 -69.86
CA GLY I 23 -132.61 75.87 -71.17
C GLY I 23 -131.54 75.77 -72.26
N TYR I 24 -130.29 75.47 -71.90
CA TYR I 24 -129.16 75.39 -72.81
C TYR I 24 -128.30 74.18 -72.47
N ALA I 25 -127.48 73.75 -73.43
CA ALA I 25 -126.58 72.63 -73.26
C ALA I 25 -125.50 72.94 -72.21
N PRO I 26 -125.24 72.05 -71.26
CA PRO I 26 -124.13 72.22 -70.34
C PRO I 26 -122.80 72.38 -71.07
N VAL I 27 -121.91 73.22 -70.53
CA VAL I 27 -120.57 73.46 -71.08
C VAL I 27 -119.53 73.18 -70.02
N HIS I 28 -118.37 72.69 -70.42
CA HIS I 28 -117.25 72.45 -69.52
C HIS I 28 -116.29 73.64 -69.45
N LEU I 29 -115.64 73.80 -68.30
CA LEU I 29 -114.65 74.89 -68.13
C LEU I 29 -113.35 74.26 -67.62
N GLN I 30 -112.19 74.72 -68.11
CA GLN I 30 -110.89 74.20 -67.60
C GLN I 30 -110.09 75.36 -66.98
N ILE I 31 -109.69 75.22 -65.72
CA ILE I 31 -108.92 76.30 -65.02
C ILE I 31 -107.60 75.70 -64.50
N GLN I 32 -106.48 76.37 -64.80
CA GLN I 32 -105.14 75.90 -64.34
C GLN I 32 -104.38 77.14 -63.84
N LEU I 33 -103.59 77.00 -62.77
CA LEU I 33 -102.84 78.11 -62.17
C LEU I 33 -101.37 78.01 -62.55
N VAL I 34 -100.94 78.76 -63.55
CA VAL I 34 -99.55 78.71 -63.99
C VAL I 34 -98.63 79.31 -62.94
N ASN I 35 -99.05 80.41 -62.31
CA ASN I 35 -98.23 81.11 -61.33
C ASN I 35 -99.06 81.34 -60.08
N THR I 36 -98.38 81.39 -58.93
CA THR I 36 -99.03 81.63 -57.65
C THR I 36 -98.19 82.60 -56.82
N ARG I 37 -97.72 83.67 -57.45
CA ARG I 37 -96.88 84.64 -56.77
C ARG I 37 -97.64 85.31 -55.62
N ILE I 38 -96.97 85.46 -54.49
CA ILE I 38 -97.58 86.05 -53.30
C ILE I 38 -97.29 87.53 -53.20
N ILE I 39 -96.03 87.93 -53.37
CA ILE I 39 -95.60 89.32 -53.34
C ILE I 39 -96.07 89.99 -52.05
N PRO I 40 -95.51 89.67 -50.90
CA PRO I 40 -95.86 90.37 -49.67
C PRO I 40 -95.29 91.77 -49.65
N SER I 41 -95.94 92.64 -48.89
CA SER I 41 -95.44 94.01 -48.73
C SER I 41 -94.12 93.99 -47.97
N THR I 42 -93.23 94.90 -48.35
CA THR I 42 -91.89 94.94 -47.80
C THR I 42 -91.49 96.37 -47.45
N ASN I 43 -90.49 96.49 -46.60
CA ASN I 43 -89.95 97.79 -46.22
C ASN I 43 -88.47 97.62 -45.90
N LEU I 44 -87.62 98.37 -46.59
CA LEU I 44 -86.18 98.25 -46.41
C LEU I 44 -85.78 98.77 -45.04
N GLU I 45 -84.97 97.98 -44.32
CA GLU I 45 -84.46 98.42 -43.02
C GLU I 45 -83.07 99.04 -43.15
N TYR I 46 -82.10 98.26 -43.62
CA TYR I 46 -80.74 98.77 -43.80
C TYR I 46 -79.95 97.77 -44.62
N ILE I 47 -78.69 98.12 -44.87
CA ILE I 47 -77.79 97.34 -45.72
C ILE I 47 -76.50 97.09 -44.96
N THR I 48 -76.03 95.84 -44.98
CA THR I 48 -74.80 95.45 -44.33
C THR I 48 -73.83 94.85 -45.33
N CYS I 49 -72.54 95.02 -45.05
CA CYS I 49 -71.47 94.53 -45.91
C CYS I 49 -70.18 94.55 -45.10
N LYS I 50 -69.13 93.96 -45.68
CA LYS I 50 -67.82 94.06 -45.06
C LYS I 50 -67.33 95.49 -45.12
N TYR I 51 -66.65 95.92 -44.06
CA TYR I 51 -66.23 97.31 -43.95
C TYR I 51 -64.76 97.45 -44.29
N LYS I 52 -64.33 98.72 -44.44
CA LYS I 52 -62.93 99.05 -44.64
C LYS I 52 -62.55 100.09 -43.60
N THR I 53 -61.46 99.85 -42.87
CA THR I 53 -61.01 100.75 -41.81
C THR I 53 -60.05 101.76 -42.44
N LYS I 54 -60.60 102.86 -42.93
CA LYS I 54 -59.81 103.87 -43.63
C LYS I 54 -58.98 104.64 -42.61
N VAL I 55 -57.68 104.36 -42.57
CA VAL I 55 -56.78 105.03 -41.63
C VAL I 55 -56.13 106.23 -42.32
N PRO I 56 -56.40 107.45 -41.88
CA PRO I 56 -55.72 108.61 -42.45
C PRO I 56 -54.29 108.70 -41.98
N SER I 57 -53.53 109.57 -42.64
CA SER I 57 -52.13 109.73 -42.32
C SER I 57 -51.98 110.35 -40.93
N PRO I 58 -51.25 109.71 -40.02
CA PRO I 58 -51.05 110.29 -38.69
C PRO I 58 -50.16 111.52 -38.74
N VAL I 59 -50.33 112.38 -37.74
CA VAL I 59 -49.56 113.59 -37.57
C VAL I 59 -48.63 113.39 -36.40
N VAL I 60 -47.34 113.62 -36.62
CA VAL I 60 -46.32 113.44 -35.60
C VAL I 60 -45.67 114.79 -35.35
N LYS I 61 -45.73 115.29 -34.11
CA LYS I 61 -45.02 116.51 -33.72
C LYS I 61 -43.71 116.09 -33.07
N CYS I 62 -42.61 116.66 -33.53
CA CYS I 62 -41.30 116.24 -33.03
C CYS I 62 -41.05 116.60 -31.57
N CYS I 63 -41.56 117.73 -31.11
CA CYS I 63 -41.40 118.18 -29.74
C CYS I 63 -42.67 118.91 -29.31
N GLY I 64 -43.49 118.27 -28.49
CA GLY I 64 -44.70 118.85 -27.91
C GLY I 64 -45.99 118.13 -28.31
N ALA I 65 -46.80 117.78 -27.32
CA ALA I 65 -48.06 117.07 -27.48
C ALA I 65 -49.13 117.84 -28.30
N THR I 66 -50.14 117.11 -28.76
CA THR I 66 -51.23 117.66 -29.59
C THR I 66 -52.55 117.03 -29.21
N GLN I 67 -53.48 117.83 -28.66
CA GLN I 67 -54.80 117.35 -28.32
C GLN I 67 -55.59 117.05 -29.58
N CYS I 68 -56.39 115.99 -29.54
CA CYS I 68 -57.16 115.57 -30.70
C CYS I 68 -58.55 116.20 -30.70
N THR I 69 -59.19 116.14 -31.86
CA THR I 69 -60.52 116.69 -32.07
C THR I 69 -61.48 115.56 -32.42
N SER I 70 -62.64 115.55 -31.76
CA SER I 70 -63.63 114.50 -31.97
C SER I 70 -64.28 114.70 -33.33
N LYS I 71 -63.80 113.96 -34.33
CA LYS I 71 -64.35 114.06 -35.67
C LYS I 71 -65.73 113.44 -35.73
N PRO I 72 -66.57 113.88 -36.67
CA PRO I 72 -67.91 113.31 -36.82
C PRO I 72 -67.96 112.00 -37.60
N HIS I 73 -66.81 111.41 -37.92
CA HIS I 73 -66.80 110.15 -38.66
C HIS I 73 -67.40 109.04 -37.81
N PRO I 74 -68.00 108.02 -38.45
CA PRO I 74 -68.58 106.92 -37.67
C PRO I 74 -67.50 106.11 -36.98
N ASP I 75 -67.69 105.90 -35.67
CA ASP I 75 -66.76 105.12 -34.85
C ASP I 75 -65.34 105.68 -34.96
N TYR I 76 -65.22 106.99 -34.94
CA TYR I 76 -63.92 107.66 -35.06
C TYR I 76 -63.17 107.50 -33.75
N GLN I 77 -62.03 106.81 -33.81
CA GLN I 77 -61.17 106.60 -32.64
C GLN I 77 -59.91 107.42 -32.80
N CYS I 78 -59.59 108.22 -31.79
CA CYS I 78 -58.40 109.07 -31.81
C CYS I 78 -57.65 108.92 -30.50
N GLN I 79 -56.33 108.81 -30.59
CA GLN I 79 -55.48 108.76 -29.41
C GLN I 79 -54.12 109.35 -29.75
N VAL I 80 -53.44 109.85 -28.74
CA VAL I 80 -52.10 110.40 -28.88
C VAL I 80 -51.16 109.64 -27.97
N PHE I 81 -50.01 109.23 -28.51
CA PHE I 81 -49.06 108.41 -27.79
C PHE I 81 -47.77 109.20 -27.54
N THR I 82 -47.21 109.01 -26.36
CA THR I 82 -46.00 109.70 -25.95
C THR I 82 -44.82 108.74 -25.99
N GLY I 83 -43.62 109.29 -25.87
CA GLY I 83 -42.42 108.49 -25.92
C GLY I 83 -42.21 107.82 -27.26
N VAL I 84 -42.41 108.56 -28.34
CA VAL I 84 -42.23 108.04 -29.68
C VAL I 84 -40.87 108.46 -30.21
N TYR I 85 -40.27 107.65 -31.07
CA TYR I 85 -38.97 107.98 -31.67
C TYR I 85 -38.83 107.37 -33.07
N PRO I 86 -39.57 107.86 -34.06
CA PRO I 86 -39.69 107.19 -35.34
C PRO I 86 -38.42 107.25 -36.18
N PHE I 87 -37.99 106.11 -36.73
CA PHE I 87 -37.01 106.06 -37.81
C PHE I 87 -37.74 105.87 -39.13
N MET I 88 -37.38 106.63 -40.16
CA MET I 88 -38.09 106.61 -41.44
C MET I 88 -37.12 106.77 -42.59
N TRP I 89 -36.40 105.71 -42.94
CA TRP I 89 -35.47 105.60 -44.07
C TRP I 89 -34.23 106.50 -44.05
N GLY I 90 -34.30 107.67 -43.43
CA GLY I 90 -33.17 108.56 -43.16
C GLY I 90 -32.80 108.63 -41.68
N GLY I 91 -32.82 107.51 -40.97
CA GLY I 91 -32.65 107.49 -39.52
C GLY I 91 -33.83 108.12 -38.78
N ALA I 92 -33.60 108.52 -37.53
CA ALA I 92 -34.56 109.30 -36.76
C ALA I 92 -34.71 110.69 -37.38
N TYR I 93 -35.79 111.39 -37.03
CA TYR I 93 -36.01 112.75 -37.53
C TYR I 93 -36.45 113.79 -36.50
N CYS I 94 -36.73 113.37 -35.27
CA CYS I 94 -36.96 114.29 -34.18
C CYS I 94 -35.76 114.24 -33.24
N PHE I 95 -35.17 115.40 -32.94
CA PHE I 95 -34.03 115.46 -32.03
C PHE I 95 -34.42 115.35 -30.56
N CYS I 96 -35.66 115.65 -30.21
CA CYS I 96 -36.18 115.39 -28.86
C CYS I 96 -36.18 113.86 -28.57
N ASP I 97 -36.09 113.47 -27.30
CA ASP I 97 -36.09 112.06 -26.88
C ASP I 97 -37.34 111.63 -26.10
N THR I 98 -38.23 112.56 -25.78
CA THR I 98 -39.36 112.30 -24.87
C THR I 98 -40.64 113.04 -25.26
N GLU I 99 -40.55 114.31 -25.66
CA GLU I 99 -41.73 115.12 -26.00
C GLU I 99 -42.32 114.82 -27.38
N ASN I 100 -41.70 113.84 -28.06
CA ASN I 100 -42.16 113.44 -29.42
C ASN I 100 -43.49 112.69 -29.27
N THR I 101 -44.52 113.14 -29.97
CA THR I 101 -45.84 112.53 -29.86
C THR I 101 -46.44 112.29 -31.22
N GLN I 102 -47.04 111.12 -31.39
CA GLN I 102 -47.81 110.79 -32.57
C GLN I 102 -49.29 110.86 -32.24
N MET I 103 -50.07 111.53 -33.06
CA MET I 103 -51.52 111.46 -33.06
C MET I 103 -51.96 110.53 -34.16
N SER I 104 -52.60 109.42 -33.77
CA SER I 104 -53.16 108.46 -34.70
C SER I 104 -54.67 108.45 -34.59
N GLU I 105 -55.33 108.25 -35.73
CA GLU I 105 -56.78 108.23 -35.77
C GLU I 105 -57.24 107.27 -36.87
N ALA I 106 -58.48 106.79 -36.73
CA ALA I 106 -59.03 105.83 -37.67
C ALA I 106 -60.54 105.89 -37.59
N TYR I 107 -61.19 105.45 -38.67
CA TYR I 107 -62.64 105.38 -38.72
C TYR I 107 -63.06 104.32 -39.73
N VAL I 108 -64.32 103.90 -39.64
CA VAL I 108 -64.87 102.83 -40.44
C VAL I 108 -65.56 103.41 -41.66
N GLU I 109 -65.27 102.85 -42.83
CA GLU I 109 -65.87 103.29 -44.07
C GLU I 109 -66.38 102.07 -44.83
N ARG I 110 -67.50 102.24 -45.52
CA ARG I 110 -68.06 101.15 -46.32
C ARG I 110 -67.10 100.75 -47.43
N SER I 111 -66.94 99.45 -47.62
CA SER I 111 -66.05 98.95 -48.66
C SER I 111 -66.67 99.17 -50.03
N GLU I 112 -65.82 99.13 -51.05
CA GLU I 112 -66.30 99.24 -52.43
C GLU I 112 -67.21 98.06 -52.77
N GLU I 113 -66.98 96.92 -52.13
CA GLU I 113 -67.78 95.72 -52.38
C GLU I 113 -69.23 95.87 -51.95
N CYS I 114 -69.54 96.87 -51.12
CA CYS I 114 -70.93 97.08 -50.72
C CYS I 114 -71.81 97.43 -51.90
N SER I 115 -71.22 97.92 -52.99
CA SER I 115 -72.01 98.29 -54.16
C SER I 115 -72.71 97.08 -54.77
N ILE I 116 -72.01 95.96 -54.90
CA ILE I 116 -72.57 94.79 -55.55
C ILE I 116 -72.73 93.62 -54.61
N ASP I 117 -72.06 93.63 -53.47
CA ASP I 117 -72.14 92.56 -52.48
C ASP I 117 -72.58 93.16 -51.15
N HIS I 118 -73.84 92.95 -50.80
CA HIS I 118 -74.40 93.56 -49.61
C HIS I 118 -75.70 92.86 -49.24
N ALA I 119 -75.84 92.54 -47.97
CA ALA I 119 -77.08 91.96 -47.47
C ALA I 119 -78.14 93.03 -47.32
N LYS I 120 -79.39 92.61 -47.34
CA LYS I 120 -80.53 93.52 -47.22
C LYS I 120 -81.47 92.99 -46.15
N ALA I 121 -81.94 93.89 -45.29
CA ALA I 121 -82.93 93.54 -44.29
C ALA I 121 -84.29 94.13 -44.66
N TYR I 122 -85.34 93.40 -44.31
CA TYR I 122 -86.70 93.82 -44.65
C TYR I 122 -87.64 93.43 -43.53
N LYS I 123 -88.77 94.14 -43.46
CA LYS I 123 -89.90 93.76 -42.63
C LYS I 123 -91.07 93.44 -43.55
N VAL I 124 -91.83 92.40 -43.22
CA VAL I 124 -92.81 91.82 -44.11
C VAL I 124 -94.21 92.10 -43.59
N HIS I 125 -95.08 92.58 -44.46
CA HIS I 125 -96.50 92.75 -44.18
C HIS I 125 -97.29 91.67 -44.94
N THR I 126 -98.61 91.77 -44.88
CA THR I 126 -99.46 90.73 -45.47
C THR I 126 -99.32 90.71 -46.99
N GLY I 127 -99.45 91.87 -47.63
CA GLY I 127 -99.40 91.92 -49.08
C GLY I 127 -100.65 91.33 -49.71
N THR I 128 -100.54 91.11 -51.03
CA THR I 128 -101.65 90.57 -51.80
C THR I 128 -101.10 89.67 -52.91
N VAL I 129 -101.70 88.51 -53.09
CA VAL I 129 -101.17 87.49 -53.99
C VAL I 129 -101.81 87.63 -55.36
N GLN I 130 -101.04 87.27 -56.39
CA GLN I 130 -101.50 87.26 -57.77
C GLN I 130 -101.35 85.85 -58.33
N ALA I 131 -101.89 85.64 -59.52
CA ALA I 131 -101.85 84.32 -60.14
C ALA I 131 -102.04 84.45 -61.65
N MET I 132 -101.54 83.47 -62.38
CA MET I 132 -101.71 83.42 -63.84
C MET I 132 -102.68 82.29 -64.20
N VAL I 133 -103.95 82.62 -64.31
CA VAL I 133 -104.99 81.65 -64.65
C VAL I 133 -105.00 81.42 -66.14
N ASN I 134 -105.16 80.13 -66.52
CA ASN I 134 -105.29 79.71 -67.93
C ASN I 134 -106.68 79.11 -68.12
N ILE I 135 -107.52 79.70 -68.98
CA ILE I 135 -108.91 79.26 -69.19
C ILE I 135 -109.04 78.55 -70.53
N THR I 136 -109.67 77.38 -70.50
CA THR I 136 -109.93 76.57 -71.71
C THR I 136 -111.36 76.04 -71.66
N TYR I 137 -112.33 76.88 -72.03
CA TYR I 137 -113.76 76.55 -71.92
C TYR I 137 -114.47 76.65 -73.28
N GLY I 138 -115.54 75.89 -73.45
CA GLY I 138 -116.37 75.93 -74.67
C GLY I 138 -115.54 75.64 -75.91
N SER I 139 -115.31 76.68 -76.72
CA SER I 139 -114.52 76.59 -77.95
C SER I 139 -113.38 77.60 -77.99
N VAL I 140 -113.25 78.47 -76.98
CA VAL I 140 -112.16 79.43 -76.95
C VAL I 140 -110.81 78.71 -76.86
N SER I 141 -110.70 77.77 -75.93
CA SER I 141 -109.58 76.83 -75.79
C SER I 141 -108.26 77.50 -75.44
N TRP I 142 -108.24 78.83 -75.26
CA TRP I 142 -106.99 79.51 -74.97
C TRP I 142 -107.28 80.88 -74.39
N ARG I 143 -106.79 81.14 -73.18
CA ARG I 143 -106.96 82.45 -72.56
C ARG I 143 -105.94 82.57 -71.44
N SER I 144 -105.03 83.52 -71.55
CA SER I 144 -104.00 83.77 -70.54
C SER I 144 -104.39 85.02 -69.77
N ALA I 145 -104.66 84.87 -68.47
CA ALA I 145 -105.11 85.97 -67.64
C ALA I 145 -104.27 86.05 -66.38
N ASP I 146 -103.80 87.25 -66.05
CA ASP I 146 -103.14 87.53 -64.79
C ASP I 146 -104.12 88.26 -63.90
N VAL I 147 -104.41 87.67 -62.74
CA VAL I 147 -105.46 88.16 -61.86
C VAL I 147 -104.90 88.35 -60.46
N TYR I 148 -105.66 89.03 -59.62
CA TYR I 148 -105.37 89.19 -58.21
C TYR I 148 -106.08 88.10 -57.44
N VAL I 149 -105.98 88.16 -56.11
CA VAL I 149 -106.60 87.16 -55.24
C VAL I 149 -107.74 87.73 -54.41
N ASN I 150 -107.87 89.06 -54.31
CA ASN I 150 -108.96 89.64 -53.54
C ASN I 150 -110.30 89.25 -54.16
N GLY I 151 -111.28 89.00 -53.31
CA GLY I 151 -112.59 88.59 -53.78
C GLY I 151 -113.44 89.74 -54.28
N GLU I 152 -112.77 90.79 -54.79
CA GLU I 152 -113.50 91.96 -55.29
C GLU I 152 -113.06 92.41 -56.67
N THR I 153 -111.82 92.17 -57.09
CA THR I 153 -111.37 92.60 -58.41
C THR I 153 -111.81 91.59 -59.45
N PRO I 154 -112.61 91.98 -60.43
CA PRO I 154 -113.05 91.04 -61.46
C PRO I 154 -111.94 90.79 -62.47
N ALA I 155 -112.22 89.89 -63.41
CA ALA I 155 -111.30 89.59 -64.50
C ALA I 155 -112.15 89.45 -65.77
N LYS I 156 -112.39 90.59 -66.43
CA LYS I 156 -113.16 90.61 -67.68
C LYS I 156 -112.21 90.33 -68.84
N ILE I 157 -111.70 89.12 -68.86
CA ILE I 157 -110.68 88.71 -69.82
C ILE I 157 -111.36 88.24 -71.09
N GLY I 158 -111.08 88.94 -72.20
CA GLY I 158 -111.76 88.68 -73.44
C GLY I 158 -113.26 88.89 -73.32
N ASP I 159 -114.01 87.80 -73.33
CA ASP I 159 -115.45 87.85 -73.10
C ASP I 159 -115.87 87.27 -71.76
N ALA I 160 -115.10 86.36 -71.17
CA ALA I 160 -115.44 85.78 -69.88
C ALA I 160 -115.11 86.75 -68.75
N LYS I 161 -115.89 86.66 -67.68
CA LYS I 161 -115.73 87.49 -66.50
C LYS I 161 -115.46 86.59 -65.31
N LEU I 162 -114.37 86.82 -64.60
CA LEU I 162 -113.90 85.95 -63.54
C LEU I 162 -113.68 86.72 -62.25
N ILE I 163 -114.01 86.14 -61.14
CA ILE I 163 -113.68 86.64 -59.80
C ILE I 163 -113.06 85.49 -59.02
N ILE I 164 -111.90 85.75 -58.41
CA ILE I 164 -111.09 84.70 -57.79
C ILE I 164 -110.71 85.14 -56.38
N GLY I 165 -110.85 84.22 -55.42
CA GLY I 165 -110.44 84.48 -54.06
C GLY I 165 -111.56 85.07 -53.22
N PRO I 166 -111.22 85.55 -52.01
CA PRO I 166 -109.89 85.62 -51.39
C PRO I 166 -109.37 84.27 -50.94
N LEU I 167 -108.05 84.12 -50.87
CA LEU I 167 -107.45 82.84 -50.52
C LEU I 167 -107.87 82.41 -49.12
N SER I 168 -108.19 81.13 -48.98
CA SER I 168 -108.68 80.60 -47.71
C SER I 168 -107.62 80.59 -46.62
N SER I 169 -106.35 80.37 -46.97
CA SER I 169 -105.28 80.30 -45.99
C SER I 169 -104.36 81.52 -46.18
N ALA I 170 -104.09 82.22 -45.09
CA ALA I 170 -103.17 83.36 -45.11
C ALA I 170 -101.75 82.95 -44.83
N TRP I 171 -101.39 81.69 -45.10
CA TRP I 171 -100.04 81.20 -44.84
C TRP I 171 -99.02 81.97 -45.67
N SER I 172 -97.93 82.36 -45.03
CA SER I 172 -96.83 83.02 -45.71
C SER I 172 -95.51 82.42 -45.25
N PRO I 173 -94.71 81.83 -46.13
CA PRO I 173 -93.41 81.32 -45.71
C PRO I 173 -92.50 82.40 -45.14
N PHE I 174 -92.60 83.62 -45.65
CA PHE I 174 -91.84 84.72 -45.09
C PHE I 174 -92.33 85.04 -43.68
N ASP I 175 -91.40 85.24 -42.76
CA ASP I 175 -91.72 85.70 -41.43
C ASP I 175 -91.53 87.21 -41.34
N ASN I 176 -91.59 87.75 -40.13
CA ASN I 176 -91.47 89.20 -39.96
C ASN I 176 -90.09 89.69 -40.37
N LYS I 177 -89.04 88.96 -40.02
CA LYS I 177 -87.68 89.33 -40.33
C LYS I 177 -87.16 88.47 -41.48
N VAL I 178 -86.69 89.12 -42.55
CA VAL I 178 -86.10 88.42 -43.68
C VAL I 178 -84.82 89.15 -44.08
N VAL I 179 -83.83 88.38 -44.48
CA VAL I 179 -82.54 88.91 -44.94
C VAL I 179 -82.31 88.41 -46.36
N VAL I 180 -82.00 89.34 -47.26
CA VAL I 180 -81.76 89.03 -48.67
C VAL I 180 -80.29 89.28 -48.96
N TYR I 181 -79.61 88.24 -49.46
CA TYR I 181 -78.20 88.32 -49.79
C TYR I 181 -78.04 87.96 -51.27
N GLY I 182 -78.17 88.97 -52.12
CA GLY I 182 -77.90 88.81 -53.53
C GLY I 182 -78.97 88.03 -54.26
N HIS I 183 -79.03 86.73 -53.99
CA HIS I 183 -79.98 85.86 -54.68
C HIS I 183 -80.74 84.99 -53.69
N GLU I 184 -80.13 84.70 -52.55
CA GLU I 184 -80.74 83.85 -51.54
C GLU I 184 -81.37 84.70 -50.45
N VAL I 185 -82.50 84.23 -49.92
CA VAL I 185 -83.23 84.93 -48.88
C VAL I 185 -83.22 84.07 -47.62
N TYR I 186 -82.78 84.66 -46.51
CA TYR I 186 -82.70 83.98 -45.23
C TYR I 186 -83.68 84.64 -44.27
N ASN I 187 -84.35 83.82 -43.45
CA ASN I 187 -85.29 84.34 -42.47
C ASN I 187 -84.58 84.57 -41.13
N TYR I 188 -83.49 85.33 -41.20
CA TYR I 188 -82.69 85.66 -40.04
C TYR I 188 -83.30 86.86 -39.32
N ASP I 189 -83.04 86.94 -38.01
CA ASP I 189 -83.60 88.00 -37.19
C ASP I 189 -82.53 89.05 -36.94
N PHE I 190 -82.39 89.96 -37.90
CA PHE I 190 -81.53 91.12 -37.71
C PHE I 190 -82.08 91.96 -36.55
N PRO I 191 -81.22 92.41 -35.63
CA PRO I 191 -81.73 92.98 -34.38
C PRO I 191 -82.59 94.23 -34.55
N GLU I 192 -82.00 95.30 -35.09
CA GLU I 192 -82.68 96.57 -35.34
C GLU I 192 -81.62 97.50 -35.92
N TYR I 193 -82.05 98.65 -36.41
CA TYR I 193 -81.11 99.65 -36.86
C TYR I 193 -80.37 100.27 -35.67
N GLY I 194 -79.09 100.53 -35.86
CA GLY I 194 -78.31 101.24 -34.86
C GLY I 194 -78.03 100.49 -33.59
N THR I 195 -78.21 99.17 -33.56
CA THR I 195 -77.99 98.39 -32.35
C THR I 195 -77.08 97.19 -32.59
N GLY I 196 -76.44 97.10 -33.75
CA GLY I 196 -75.56 95.97 -34.04
C GLY I 196 -74.37 95.87 -33.12
N LYS I 197 -74.15 94.70 -32.54
CA LYS I 197 -72.96 94.45 -31.73
C LYS I 197 -71.78 94.09 -32.63
N ALA I 198 -70.57 94.49 -32.25
CA ALA I 198 -69.40 94.16 -33.03
C ALA I 198 -69.25 92.65 -33.22
N GLY I 199 -68.68 92.23 -34.35
CA GLY I 199 -68.41 90.84 -34.65
C GLY I 199 -69.62 90.00 -35.03
N SER I 200 -70.81 90.27 -34.49
CA SER I 200 -72.03 89.61 -34.94
C SER I 200 -72.48 90.18 -36.27
N PHE I 201 -73.63 89.72 -36.74
CA PHE I 201 -74.20 90.26 -37.97
C PHE I 201 -74.56 91.73 -37.79
N GLY I 202 -74.40 92.49 -38.86
CA GLY I 202 -74.69 93.92 -38.79
C GLY I 202 -73.77 94.69 -37.88
N ASP I 203 -72.46 94.42 -37.96
CA ASP I 203 -71.50 95.21 -37.21
C ASP I 203 -71.56 96.68 -37.64
N LEU I 204 -71.69 96.92 -38.93
CA LEU I 204 -72.01 98.24 -39.46
C LEU I 204 -73.29 98.15 -40.27
N GLN I 205 -74.18 99.12 -40.10
CA GLN I 205 -75.45 99.15 -40.78
C GLN I 205 -75.64 100.49 -41.47
N SER I 206 -76.02 100.46 -42.73
CA SER I 206 -76.27 101.66 -43.52
C SER I 206 -77.69 101.64 -44.04
N ARG I 207 -78.36 102.79 -43.98
CA ARG I 207 -79.77 102.86 -44.36
C ARG I 207 -79.95 102.47 -45.83
N THR I 208 -79.13 103.04 -46.71
CA THR I 208 -79.14 102.68 -48.12
C THR I 208 -77.71 102.66 -48.62
N SER I 209 -77.51 102.09 -49.81
CA SER I 209 -76.20 102.09 -50.42
C SER I 209 -75.69 103.51 -50.66
N THR I 210 -76.59 104.43 -50.95
CA THR I 210 -76.21 105.82 -51.18
C THR I 210 -76.24 106.65 -49.90
N SER I 211 -76.68 106.08 -48.79
CA SER I 211 -76.76 106.83 -47.54
C SER I 211 -75.37 107.20 -47.06
N ASN I 212 -75.12 108.50 -46.89
CA ASN I 212 -73.81 108.94 -46.42
C ASN I 212 -73.60 108.55 -44.96
N ASP I 213 -74.59 108.83 -44.10
CA ASP I 213 -74.48 108.50 -42.69
C ASP I 213 -74.68 107.00 -42.48
N LEU I 214 -74.06 106.48 -41.43
CA LEU I 214 -74.14 105.05 -41.12
C LEU I 214 -73.90 104.86 -39.64
N TYR I 215 -73.84 103.60 -39.22
CA TYR I 215 -73.63 103.21 -37.84
C TYR I 215 -72.73 101.99 -37.82
N ALA I 216 -71.57 102.10 -37.18
CA ALA I 216 -70.55 101.04 -37.20
C ALA I 216 -70.02 100.83 -35.78
N ASN I 217 -70.62 99.90 -35.05
CA ASN I 217 -70.10 99.47 -33.76
C ASN I 217 -69.17 98.31 -34.03
N THR I 218 -67.87 98.59 -34.09
CA THR I 218 -66.87 97.59 -34.44
C THR I 218 -65.85 97.36 -33.34
N ASN I 219 -65.98 98.02 -32.19
CA ASN I 219 -65.04 97.93 -31.10
C ASN I 219 -63.60 98.25 -31.55
N LEU I 220 -63.47 99.27 -32.41
CA LEU I 220 -62.16 99.65 -32.93
C LEU I 220 -61.26 100.14 -31.81
N LYS I 221 -60.00 99.75 -31.84
CA LYS I 221 -59.03 100.13 -30.81
C LYS I 221 -57.68 100.38 -31.45
N LEU I 222 -57.06 101.50 -31.06
CA LEU I 222 -55.73 101.82 -31.51
C LEU I 222 -54.69 101.29 -30.52
N GLN I 223 -53.45 101.16 -31.01
CA GLN I 223 -52.35 100.69 -30.19
C GLN I 223 -51.09 101.50 -30.50
N ARG I 224 -50.20 101.54 -29.52
CA ARG I 224 -48.98 102.33 -29.68
C ARG I 224 -48.05 101.68 -30.70
N PRO I 225 -47.50 102.45 -31.65
CA PRO I 225 -46.44 101.92 -32.50
C PRO I 225 -45.24 101.50 -31.66
N GLN I 226 -44.58 100.43 -32.10
CA GLN I 226 -43.47 99.87 -31.36
C GLN I 226 -42.15 100.14 -32.07
N ALA I 227 -41.09 100.30 -31.28
CA ALA I 227 -39.73 100.46 -31.79
C ALA I 227 -39.61 101.66 -32.73
N GLY I 228 -40.49 102.64 -32.52
CA GLY I 228 -40.45 103.87 -33.31
C GLY I 228 -40.56 103.65 -34.81
N ILE I 229 -41.71 103.19 -35.27
CA ILE I 229 -41.98 103.02 -36.69
C ILE I 229 -43.32 103.68 -36.99
N VAL I 230 -43.35 104.58 -37.97
CA VAL I 230 -44.54 105.36 -38.30
C VAL I 230 -45.62 104.48 -38.92
N HIS I 231 -46.60 104.07 -38.13
CA HIS I 231 -47.80 103.42 -38.62
C HIS I 231 -48.89 103.57 -37.57
N THR I 232 -50.07 103.02 -37.87
CA THR I 232 -51.24 103.11 -36.99
C THR I 232 -51.74 101.71 -36.71
N PRO I 233 -51.08 100.97 -35.84
CA PRO I 233 -51.57 99.63 -35.48
C PRO I 233 -52.89 99.70 -34.75
N PHE I 234 -53.93 99.20 -35.40
CA PHE I 234 -55.29 99.20 -34.84
C PHE I 234 -55.77 97.77 -34.70
N THR I 235 -56.35 97.45 -33.56
CA THR I 235 -56.94 96.15 -33.31
C THR I 235 -58.46 96.29 -33.28
N GLN I 236 -59.15 95.37 -33.95
CA GLN I 236 -60.60 95.44 -34.05
C GLN I 236 -61.14 94.04 -34.22
N ALA I 237 -62.43 93.87 -33.92
CA ALA I 237 -63.11 92.61 -34.16
C ALA I 237 -63.12 92.34 -35.66
N PRO I 238 -63.02 91.10 -36.12
CA PRO I 238 -63.13 90.76 -37.54
C PRO I 238 -64.50 91.13 -38.08
N SER I 239 -64.54 91.43 -39.37
CA SER I 239 -65.77 91.92 -40.00
C SER I 239 -66.94 91.00 -39.72
N GLY I 240 -67.95 91.55 -39.05
CA GLY I 240 -69.11 90.77 -38.67
C GLY I 240 -69.92 90.25 -39.83
N PHE I 241 -69.75 90.83 -41.02
CA PHE I 241 -70.42 90.30 -42.20
C PHE I 241 -69.67 89.11 -42.80
N GLU I 242 -68.34 89.09 -42.69
CA GLU I 242 -67.60 87.90 -43.09
C GLU I 242 -68.00 86.71 -42.22
N ARG I 243 -68.13 86.93 -40.92
CA ARG I 243 -68.82 85.97 -40.08
C ARG I 243 -70.29 85.92 -40.49
N TRP I 244 -70.89 84.74 -40.38
CA TRP I 244 -72.26 84.45 -40.77
C TRP I 244 -72.38 84.40 -42.30
N LYS I 245 -71.34 84.81 -43.01
CA LYS I 245 -71.27 84.54 -44.43
C LYS I 245 -70.86 83.11 -44.71
N ARG I 246 -70.05 82.53 -43.82
CA ARG I 246 -69.74 81.11 -43.85
C ARG I 246 -70.59 80.33 -42.87
N ASP I 247 -71.38 81.00 -42.04
CA ASP I 247 -72.15 80.35 -40.99
C ASP I 247 -73.64 80.56 -41.15
N LYS I 248 -74.10 81.09 -42.29
CA LYS I 248 -75.53 81.25 -42.60
C LYS I 248 -76.21 79.90 -42.68
N GLY I 249 -77.42 79.82 -42.15
CA GLY I 249 -78.18 78.59 -42.18
C GLY I 249 -78.67 78.27 -43.58
N ALA I 250 -79.49 77.24 -43.68
CA ALA I 250 -80.07 76.81 -44.94
C ALA I 250 -80.99 77.93 -45.49
N PRO I 251 -80.92 78.26 -46.80
CA PRO I 251 -81.75 79.29 -47.36
C PRO I 251 -83.24 79.03 -47.25
N LEU I 252 -84.07 80.07 -47.15
CA LEU I 252 -85.52 79.88 -47.15
C LEU I 252 -85.99 79.20 -48.42
N ASN I 253 -85.18 79.29 -49.49
CA ASN I 253 -85.52 78.64 -50.75
C ASN I 253 -85.57 77.13 -50.62
N ASP I 254 -84.97 76.56 -49.58
CA ASP I 254 -84.87 75.11 -49.36
C ASP I 254 -85.43 74.68 -48.00
N VAL I 255 -86.16 75.53 -47.27
CA VAL I 255 -86.77 75.12 -46.01
C VAL I 255 -88.23 75.52 -46.00
N ALA I 256 -88.65 76.29 -46.98
CA ALA I 256 -90.04 76.71 -47.07
C ALA I 256 -90.91 75.50 -47.40
N PRO I 257 -91.93 75.20 -46.60
CA PRO I 257 -92.78 74.05 -46.90
C PRO I 257 -93.70 74.31 -48.09
N PHE I 258 -94.49 73.29 -48.45
CA PHE I 258 -95.42 73.36 -49.58
C PHE I 258 -94.73 73.63 -50.90
N GLY I 259 -93.43 73.37 -50.99
CA GLY I 259 -92.70 73.51 -52.22
C GLY I 259 -92.72 74.91 -52.81
N CYS I 260 -92.53 75.92 -51.97
CA CYS I 260 -92.49 77.30 -52.44
C CYS I 260 -91.22 77.57 -53.25
N SER I 261 -91.21 78.71 -53.92
CA SER I 261 -90.05 79.13 -54.69
C SER I 261 -89.93 80.65 -54.63
N ILE I 262 -88.70 81.13 -54.51
CA ILE I 262 -88.40 82.54 -54.35
C ILE I 262 -87.36 82.93 -55.38
N ALA I 263 -87.30 84.23 -55.70
CA ALA I 263 -86.38 84.69 -56.72
C ALA I 263 -86.06 86.17 -56.51
N LEU I 264 -85.12 86.66 -57.33
CA LEU I 264 -84.73 88.06 -57.33
C LEU I 264 -85.86 88.89 -57.92
N GLU I 265 -86.70 89.42 -57.05
CA GLU I 265 -88.03 89.88 -57.43
C GLU I 265 -88.60 90.73 -56.31
N PRO I 266 -89.85 91.20 -56.42
CA PRO I 266 -90.51 91.84 -55.26
C PRO I 266 -90.66 90.91 -54.06
N LEU I 267 -90.01 89.74 -54.10
CA LEU I 267 -90.00 88.72 -53.06
C LEU I 267 -91.29 87.92 -53.05
N ARG I 268 -91.82 87.63 -54.24
CA ARG I 268 -92.93 86.71 -54.37
C ARG I 268 -92.52 85.32 -53.87
N ALA I 269 -93.53 84.48 -53.64
CA ALA I 269 -93.35 83.09 -53.22
C ALA I 269 -94.13 82.24 -54.21
N GLU I 270 -93.47 81.88 -55.31
CA GLU I 270 -94.17 81.23 -56.42
C GLU I 270 -94.58 79.81 -56.06
N ASN I 271 -95.77 79.43 -56.53
CA ASN I 271 -96.25 78.05 -56.52
C ASN I 271 -96.30 77.46 -55.11
N CYS I 272 -96.67 78.25 -54.11
CA CYS I 272 -96.88 77.71 -52.78
C CYS I 272 -98.22 76.97 -52.75
N ALA I 273 -98.20 75.69 -53.07
CA ALA I 273 -99.42 74.89 -53.18
C ALA I 273 -99.97 74.63 -51.78
N VAL I 274 -100.99 75.39 -51.39
CA VAL I 274 -101.62 75.23 -50.09
C VAL I 274 -102.99 75.89 -50.13
N GLY I 275 -103.97 75.21 -49.55
CA GLY I 275 -105.30 75.77 -49.44
C GLY I 275 -106.13 75.63 -50.70
N SER I 276 -107.27 76.33 -50.69
CA SER I 276 -108.21 76.32 -51.81
C SER I 276 -108.64 77.74 -52.11
N ILE I 277 -109.15 77.93 -53.32
CA ILE I 277 -109.50 79.25 -53.83
C ILE I 277 -110.99 79.27 -54.15
N PRO I 278 -111.78 80.20 -53.61
CA PRO I 278 -113.20 80.28 -53.95
C PRO I 278 -113.43 81.00 -55.27
N ILE I 279 -113.25 80.31 -56.39
CA ILE I 279 -113.43 80.86 -57.73
C ILE I 279 -114.91 81.00 -58.06
N SER I 280 -115.33 82.15 -58.53
CA SER I 280 -116.66 82.38 -59.10
C SER I 280 -116.50 83.05 -60.46
N ILE I 281 -117.10 82.45 -61.48
CA ILE I 281 -116.95 82.87 -62.87
C ILE I 281 -118.30 83.08 -63.52
N ASP I 282 -118.45 84.17 -64.27
CA ASP I 282 -119.64 84.46 -65.06
C ASP I 282 -119.27 84.29 -66.52
N ILE I 283 -119.70 83.19 -67.12
CA ILE I 283 -119.39 82.92 -68.53
C ILE I 283 -120.22 83.82 -69.44
N PRO I 284 -119.80 84.07 -70.68
CA PRO I 284 -120.64 84.77 -71.64
C PRO I 284 -121.85 83.94 -72.03
N ASP I 285 -122.97 84.62 -72.28
CA ASP I 285 -124.18 83.94 -72.70
C ASP I 285 -124.14 83.52 -74.16
N ALA I 286 -123.28 84.13 -74.96
CA ALA I 286 -123.24 83.82 -76.39
C ALA I 286 -122.80 82.39 -76.65
N ALA I 287 -121.84 81.88 -75.88
CA ALA I 287 -121.29 80.55 -76.09
C ALA I 287 -122.28 79.42 -75.77
N PHE I 288 -123.35 79.70 -75.02
CA PHE I 288 -124.40 78.72 -74.79
C PHE I 288 -125.16 78.37 -76.07
N THR I 289 -125.61 77.11 -76.15
CA THR I 289 -126.38 76.57 -77.28
C THR I 289 -127.64 75.90 -76.75
N ARG I 290 -128.77 76.03 -77.44
CA ARG I 290 -130.06 75.56 -76.90
C ARG I 290 -130.04 74.05 -76.63
N ILE I 291 -130.61 73.62 -75.51
CA ILE I 291 -130.65 72.21 -75.14
C ILE I 291 -131.35 71.36 -76.20
N SER I 292 -132.36 71.93 -76.85
CA SER I 292 -133.16 71.22 -77.85
C SER I 292 -132.40 70.92 -79.11
N GLU I 293 -131.25 71.54 -79.36
CA GLU I 293 -130.47 71.31 -80.57
C GLU I 293 -129.45 70.20 -80.41
N THR I 294 -128.86 70.06 -79.23
CA THR I 294 -127.87 69.02 -78.98
C THR I 294 -128.50 67.63 -79.05
N PRO I 295 -127.77 66.62 -79.52
CA PRO I 295 -128.32 65.27 -79.63
C PRO I 295 -128.60 64.64 -78.26
N THR I 296 -129.54 63.70 -78.26
CA THR I 296 -129.84 62.91 -77.07
C THR I 296 -129.01 61.63 -77.11
N VAL I 297 -128.33 61.34 -76.00
CA VAL I 297 -127.38 60.23 -75.96
C VAL I 297 -127.81 59.21 -74.91
N SER I 298 -129.11 59.03 -74.74
CA SER I 298 -129.62 58.07 -73.77
C SER I 298 -129.28 56.64 -74.20
N ASP I 299 -129.64 55.69 -73.33
CA ASP I 299 -129.42 54.27 -73.56
C ASP I 299 -127.95 53.96 -73.83
N LEU I 300 -127.08 54.54 -73.02
CA LEU I 300 -125.65 54.33 -73.14
C LEU I 300 -125.19 53.28 -72.15
N GLU I 301 -123.93 52.87 -72.28
CA GLU I 301 -123.35 51.87 -71.40
C GLU I 301 -121.86 52.14 -71.25
N CYS I 302 -121.37 51.95 -70.03
CA CYS I 302 -119.97 52.18 -69.70
C CYS I 302 -119.35 50.91 -69.12
N LYS I 303 -118.13 50.61 -69.54
CA LYS I 303 -117.37 49.50 -68.98
C LYS I 303 -115.90 49.79 -69.17
N ILE I 304 -115.07 49.55 -68.15
CA ILE I 304 -113.61 49.77 -68.23
C ILE I 304 -112.91 48.67 -69.04
N THR I 305 -111.72 48.97 -69.59
CA THR I 305 -110.82 47.97 -70.18
C THR I 305 -109.74 47.56 -69.18
N GLU I 306 -108.97 48.52 -68.69
CA GLU I 306 -108.02 48.36 -67.58
C GLU I 306 -107.92 49.67 -66.79
N CYS I 307 -107.65 49.55 -65.49
CA CYS I 307 -107.42 50.68 -64.60
C CYS I 307 -106.20 50.37 -63.76
N THR I 308 -105.31 51.34 -63.53
CA THR I 308 -104.23 51.19 -62.55
C THR I 308 -104.31 52.24 -61.45
N TYR I 309 -104.03 51.78 -60.24
CA TYR I 309 -104.07 52.50 -58.97
C TYR I 309 -102.87 53.45 -58.87
N ALA I 310 -102.75 54.35 -59.84
CA ALA I 310 -101.50 55.06 -60.17
C ALA I 310 -101.68 56.57 -60.29
N SER I 311 -100.60 57.31 -60.11
CA SER I 311 -100.56 58.77 -60.23
C SER I 311 -100.76 59.29 -61.66
N ASP I 312 -100.49 58.45 -62.64
CA ASP I 312 -100.60 58.72 -64.07
C ASP I 312 -102.04 58.52 -64.59
N PHE I 313 -102.30 58.80 -65.87
CA PHE I 313 -103.50 58.37 -66.58
C PHE I 313 -103.54 56.85 -66.81
N GLY I 314 -103.62 56.10 -65.72
CA GLY I 314 -103.59 54.64 -65.72
C GLY I 314 -104.88 53.96 -66.14
N GLY I 315 -105.93 54.72 -66.41
CA GLY I 315 -107.26 54.20 -66.71
C GLY I 315 -107.64 54.32 -68.18
N ILE I 316 -108.05 53.21 -68.79
CA ILE I 316 -108.63 53.17 -70.12
C ILE I 316 -110.01 52.53 -70.08
N ALA I 317 -111.00 53.23 -70.61
CA ALA I 317 -112.38 52.79 -70.58
C ALA I 317 -113.11 53.14 -71.88
N THR I 318 -114.15 52.37 -72.16
CA THR I 318 -114.94 52.50 -73.38
C THR I 318 -116.41 52.66 -73.03
N VAL I 319 -117.10 53.48 -73.81
CA VAL I 319 -118.50 53.82 -73.58
C VAL I 319 -119.29 53.47 -74.83
N ALA I 320 -120.41 52.79 -74.65
CA ALA I 320 -121.29 52.41 -75.75
C ALA I 320 -122.32 53.52 -75.94
N TYR I 321 -121.96 54.53 -76.73
CA TYR I 321 -122.83 55.67 -76.98
C TYR I 321 -124.02 55.27 -77.85
N LYS I 322 -125.17 55.84 -77.55
CA LYS I 322 -126.39 55.69 -78.34
C LYS I 322 -126.98 57.09 -78.54
N SER I 323 -126.49 57.78 -79.55
CA SER I 323 -126.86 59.17 -79.80
C SER I 323 -128.01 59.24 -80.80
N SER I 324 -128.51 60.46 -81.01
CA SER I 324 -129.51 60.75 -82.01
C SER I 324 -128.95 61.52 -83.20
N LYS I 325 -128.36 62.68 -82.95
CA LYS I 325 -127.64 63.42 -83.97
C LYS I 325 -126.15 63.08 -83.88
N ALA I 326 -125.33 63.82 -84.63
CA ALA I 326 -123.89 63.62 -84.61
C ALA I 326 -123.22 64.96 -84.32
N GLY I 327 -122.23 64.96 -83.44
CA GLY I 327 -121.49 66.17 -83.10
C GLY I 327 -120.64 65.99 -81.86
N ASN I 328 -119.99 67.05 -81.47
CA ASN I 328 -119.20 67.10 -80.24
C ASN I 328 -120.11 67.20 -79.00
N CYS I 329 -119.67 66.63 -77.89
CA CYS I 329 -120.27 66.84 -76.60
C CYS I 329 -119.22 66.69 -75.50
N PRO I 330 -119.16 67.63 -74.54
CA PRO I 330 -118.20 67.55 -73.44
C PRO I 330 -118.61 66.46 -72.44
N ILE I 331 -117.61 65.89 -71.79
CA ILE I 331 -117.78 64.83 -70.78
C ILE I 331 -117.06 65.18 -69.48
N HIS I 332 -117.62 64.74 -68.37
CA HIS I 332 -117.06 65.00 -67.04
C HIS I 332 -117.63 64.02 -66.04
N SER I 333 -116.86 63.73 -65.00
CA SER I 333 -117.37 62.98 -63.85
C SER I 333 -117.51 63.94 -62.67
N PRO I 334 -118.72 64.22 -62.17
CA PRO I 334 -118.85 65.12 -61.02
C PRO I 334 -118.19 64.60 -59.76
N SER I 335 -118.18 63.29 -59.56
CA SER I 335 -117.51 62.71 -58.40
C SER I 335 -116.00 62.92 -58.51
N GLY I 336 -115.36 63.12 -57.37
CA GLY I 336 -113.93 63.31 -57.34
C GLY I 336 -113.10 62.04 -57.36
N VAL I 337 -113.74 60.89 -57.55
CA VAL I 337 -113.01 59.62 -57.55
C VAL I 337 -112.01 59.58 -58.69
N ALA I 338 -112.39 60.01 -59.89
CA ALA I 338 -111.56 59.95 -61.08
C ALA I 338 -111.56 61.27 -61.82
N VAL I 339 -110.51 61.48 -62.60
CA VAL I 339 -110.36 62.64 -63.49
C VAL I 339 -110.24 62.14 -64.92
N ILE I 340 -110.84 62.86 -65.86
CA ILE I 340 -110.92 62.46 -67.26
C ILE I 340 -109.94 63.30 -68.08
N LYS I 341 -109.09 62.67 -68.89
CA LYS I 341 -108.11 63.37 -69.71
C LYS I 341 -108.77 64.12 -70.86
N GLU I 342 -109.79 63.52 -71.46
CA GLU I 342 -110.53 64.04 -72.59
C GLU I 342 -111.45 65.19 -72.20
N ASN I 343 -111.61 66.20 -73.08
CA ASN I 343 -112.47 67.41 -72.80
C ASN I 343 -113.80 67.29 -73.54
N ASP I 344 -113.78 66.89 -74.82
CA ASP I 344 -114.95 66.67 -75.65
C ASP I 344 -114.66 65.52 -76.60
N VAL I 345 -115.70 64.80 -76.98
CA VAL I 345 -115.66 63.68 -77.90
C VAL I 345 -116.69 63.88 -79.00
N THR I 346 -116.26 63.68 -80.24
CA THR I 346 -117.20 63.62 -81.38
C THR I 346 -117.97 62.30 -81.33
N LEU I 347 -119.29 62.37 -81.44
CA LEU I 347 -120.17 61.22 -81.51
C LEU I 347 -120.74 61.03 -82.91
N ALA I 348 -120.57 59.84 -83.47
CA ALA I 348 -121.38 59.35 -84.58
C ALA I 348 -122.75 58.86 -84.10
N GLU I 349 -123.61 58.41 -85.01
CA GLU I 349 -124.94 57.91 -84.69
C GLU I 349 -124.80 56.60 -83.93
N SER I 350 -124.92 56.69 -82.60
CA SER I 350 -124.76 55.54 -81.71
C SER I 350 -123.38 54.90 -81.88
N GLY I 351 -122.36 55.68 -81.59
CA GLY I 351 -120.98 55.25 -81.72
C GLY I 351 -120.43 54.64 -80.44
N SER I 352 -119.13 54.40 -80.44
CA SER I 352 -118.45 53.84 -79.29
C SER I 352 -117.03 54.38 -79.26
N PHE I 353 -116.70 55.10 -78.21
CA PHE I 353 -115.42 55.80 -78.07
C PHE I 353 -114.82 55.52 -76.69
N THR I 354 -113.49 55.60 -76.68
CA THR I 354 -112.61 55.44 -75.52
C THR I 354 -112.46 56.74 -74.76
N PHE I 355 -112.15 56.69 -73.47
CA PHE I 355 -111.57 57.79 -72.74
C PHE I 355 -110.43 57.31 -71.83
N HIS I 356 -109.52 58.24 -71.55
CA HIS I 356 -108.41 57.98 -70.60
C HIS I 356 -108.84 58.63 -69.29
N PHE I 357 -108.44 58.07 -68.16
CA PHE I 357 -108.71 58.59 -66.84
C PHE I 357 -107.62 58.21 -65.85
N SER I 358 -107.71 58.75 -64.64
CA SER I 358 -106.89 58.34 -63.51
C SER I 358 -107.72 58.31 -62.25
N THR I 359 -107.40 57.43 -61.31
CA THR I 359 -108.04 57.38 -60.01
C THR I 359 -107.11 56.82 -58.94
N ALA I 360 -107.29 57.27 -57.71
CA ALA I 360 -106.64 56.73 -56.54
C ALA I 360 -107.42 55.59 -55.87
N ASN I 361 -108.59 55.17 -56.39
CA ASN I 361 -109.43 54.22 -55.71
C ASN I 361 -109.39 52.89 -56.45
N ILE I 362 -109.31 51.80 -55.69
CA ILE I 362 -109.17 50.48 -56.29
C ILE I 362 -110.42 50.11 -57.08
N HIS I 363 -111.59 50.49 -56.57
CA HIS I 363 -112.87 50.21 -57.24
C HIS I 363 -113.59 51.52 -57.48
N PRO I 364 -113.40 52.12 -58.66
CA PRO I 364 -114.01 53.43 -58.93
C PRO I 364 -115.50 53.34 -59.23
N ALA I 365 -116.33 53.79 -58.28
CA ALA I 365 -117.77 53.85 -58.48
C ALA I 365 -118.15 55.31 -58.67
N PHE I 366 -117.99 55.78 -59.91
CA PHE I 366 -118.13 57.19 -60.26
C PHE I 366 -119.16 57.36 -61.36
N LYS I 367 -120.02 58.38 -61.22
CA LYS I 367 -120.93 58.73 -62.29
C LYS I 367 -120.18 59.41 -63.43
N LEU I 368 -120.68 59.33 -64.65
CA LEU I 368 -120.12 59.99 -65.82
C LEU I 368 -121.26 60.74 -66.48
N GLN I 369 -121.07 62.07 -66.58
CA GLN I 369 -122.11 62.94 -67.18
C GLN I 369 -121.70 63.25 -68.63
N VAL I 370 -122.56 62.90 -69.58
CA VAL I 370 -122.28 63.10 -71.00
C VAL I 370 -123.43 63.81 -71.66
N CYS I 371 -123.40 65.12 -71.83
CA CYS I 371 -124.54 65.85 -72.42
C CYS I 371 -125.90 65.44 -71.81
N THR I 372 -126.06 65.61 -70.49
CA THR I 372 -127.28 65.26 -69.75
C THR I 372 -127.61 63.76 -69.78
N SER I 373 -126.64 62.92 -69.45
CA SER I 373 -126.86 61.47 -69.41
C SER I 373 -125.90 60.88 -68.40
N ALA I 374 -126.44 60.32 -67.33
CA ALA I 374 -125.64 59.76 -66.26
C ALA I 374 -125.40 58.27 -66.48
N VAL I 375 -124.22 57.81 -66.06
CA VAL I 375 -123.86 56.41 -66.16
C VAL I 375 -122.72 56.12 -65.18
N THR I 376 -122.77 54.96 -64.53
CA THR I 376 -121.77 54.59 -63.54
C THR I 376 -120.82 53.56 -64.14
N CYS I 377 -119.53 53.88 -64.12
CA CYS I 377 -118.51 52.97 -64.65
C CYS I 377 -117.87 52.20 -63.50
N LYS I 378 -118.66 51.28 -62.94
CA LYS I 378 -118.17 50.43 -61.86
C LYS I 378 -117.10 49.49 -62.39
N GLY I 379 -116.04 49.30 -61.61
CA GLY I 379 -114.97 48.43 -62.03
C GLY I 379 -113.91 48.28 -60.96
N ASP I 380 -112.79 47.70 -61.37
CA ASP I 380 -111.67 47.43 -60.47
C ASP I 380 -110.38 47.96 -61.10
N CYS I 381 -109.39 48.21 -60.26
CA CYS I 381 -108.13 48.80 -60.68
C CYS I 381 -106.98 47.89 -60.26
N LYS I 382 -105.77 48.12 -60.77
CA LYS I 382 -104.61 47.22 -60.62
C LYS I 382 -103.41 47.97 -60.04
N PRO I 383 -102.62 47.40 -59.13
CA PRO I 383 -101.51 48.14 -58.52
C PRO I 383 -100.41 48.42 -59.56
N PRO I 384 -99.82 49.64 -59.57
CA PRO I 384 -98.65 49.95 -60.39
C PRO I 384 -97.41 49.28 -59.82
N LYS I 385 -96.28 49.41 -60.52
CA LYS I 385 -95.03 48.77 -60.16
C LYS I 385 -93.85 49.72 -60.01
N ASP I 386 -93.88 50.89 -60.64
CA ASP I 386 -92.75 51.82 -60.62
C ASP I 386 -93.00 52.89 -59.57
N HIS I 387 -91.94 53.41 -58.98
CA HIS I 387 -92.04 54.41 -57.92
C HIS I 387 -91.42 55.75 -58.34
N ILE I 388 -91.13 55.91 -59.63
CA ILE I 388 -90.43 57.11 -60.12
C ILE I 388 -91.23 57.65 -61.30
N VAL I 389 -91.96 58.75 -61.05
CA VAL I 389 -92.40 59.75 -62.03
C VAL I 389 -92.38 61.14 -61.36
N ASP I 390 -92.73 62.18 -62.11
CA ASP I 390 -93.14 63.48 -61.57
C ASP I 390 -94.39 63.34 -60.66
N TYR I 391 -94.68 64.38 -59.87
CA TYR I 391 -95.90 64.41 -59.04
C TYR I 391 -97.17 64.18 -59.90
N PRO I 392 -98.27 63.68 -59.30
CA PRO I 392 -99.40 63.11 -60.05
C PRO I 392 -100.12 64.06 -61.01
N ALA I 393 -100.88 63.47 -61.94
CA ALA I 393 -101.78 64.18 -62.86
C ALA I 393 -103.26 63.98 -62.45
N GLN I 394 -103.49 63.75 -61.16
CA GLN I 394 -104.80 63.38 -60.62
C GLN I 394 -104.93 63.76 -59.15
N HIS I 395 -104.05 63.24 -58.28
CA HIS I 395 -103.83 63.71 -56.90
C HIS I 395 -105.08 64.16 -56.14
N THR I 396 -106.11 63.32 -56.08
CA THR I 396 -107.31 63.59 -55.29
C THR I 396 -107.63 62.40 -54.40
N GLU I 397 -106.62 61.90 -53.70
CA GLU I 397 -106.77 60.67 -52.92
C GLU I 397 -107.79 60.85 -51.81
N SER I 398 -108.58 59.81 -51.59
CA SER I 398 -109.54 59.73 -50.49
C SER I 398 -109.50 58.32 -49.93
N PHE I 399 -110.48 57.99 -49.10
CA PHE I 399 -110.55 56.65 -48.53
C PHE I 399 -110.81 55.62 -49.62
N THR I 400 -110.10 54.50 -49.53
CA THR I 400 -110.22 53.43 -50.52
C THR I 400 -110.11 52.06 -49.87
N TYR J 1 -40.10 -0.96 -38.73
CA TYR J 1 -39.85 -0.14 -39.90
C TYR J 1 -40.96 0.90 -40.10
N GLU J 2 -42.18 0.41 -40.30
CA GLU J 2 -43.34 1.30 -40.50
C GLU J 2 -43.69 1.91 -39.15
N HIS J 3 -42.91 2.91 -38.76
CA HIS J 3 -43.10 3.59 -37.48
C HIS J 3 -44.13 4.70 -37.67
N THR J 4 -45.41 4.32 -37.55
CA THR J 4 -46.47 5.31 -37.61
C THR J 4 -46.55 6.09 -36.31
N ALA J 5 -46.96 7.35 -36.42
CA ALA J 5 -47.05 8.22 -35.26
C ALA J 5 -47.90 9.43 -35.62
N VAL J 6 -48.54 10.02 -34.62
CA VAL J 6 -49.35 11.22 -34.78
C VAL J 6 -48.61 12.37 -34.13
N MET J 7 -48.38 13.44 -34.90
CA MET J 7 -47.65 14.60 -34.41
C MET J 7 -48.47 15.86 -34.64
N PRO J 8 -48.39 16.83 -33.74
CA PRO J 8 -49.15 18.07 -33.92
C PRO J 8 -48.64 18.85 -35.13
N ASN J 9 -49.53 19.64 -35.71
CA ASN J 9 -49.17 20.49 -36.84
C ASN J 9 -48.53 21.76 -36.29
N LYS J 10 -47.29 21.62 -35.87
CA LYS J 10 -46.52 22.72 -35.30
C LYS J 10 -45.24 22.90 -36.11
N VAL J 11 -44.91 24.15 -36.42
CA VAL J 11 -43.79 24.41 -37.33
C VAL J 11 -42.45 24.21 -36.61
N GLY J 12 -42.20 24.99 -35.57
CA GLY J 12 -40.90 24.96 -34.93
C GLY J 12 -40.81 24.02 -33.74
N ILE J 13 -41.32 22.79 -33.89
CA ILE J 13 -41.34 21.83 -32.81
C ILE J 13 -40.86 20.47 -33.30
N PRO J 14 -39.76 19.93 -32.78
CA PRO J 14 -39.32 18.59 -33.18
C PRO J 14 -40.22 17.51 -32.60
N TYR J 15 -40.07 16.31 -33.13
CA TYR J 15 -40.92 15.16 -32.81
C TYR J 15 -40.06 13.96 -32.44
N LYS J 16 -39.16 14.16 -31.48
CA LYS J 16 -38.13 13.17 -31.17
C LYS J 16 -38.77 11.91 -30.59
N ALA J 17 -38.97 10.91 -31.43
CA ALA J 17 -39.48 9.61 -31.01
C ALA J 17 -38.38 8.56 -31.08
N LEU J 18 -38.63 7.43 -30.44
CA LEU J 18 -37.68 6.31 -30.39
C LEU J 18 -38.31 5.11 -31.08
N VAL J 19 -37.63 4.59 -32.09
CA VAL J 19 -38.09 3.39 -32.80
C VAL J 19 -37.59 2.17 -32.02
N GLU J 20 -38.53 1.44 -31.42
CA GLU J 20 -38.19 0.20 -30.70
C GLU J 20 -38.30 -0.97 -31.66
N ARG J 21 -37.34 -1.04 -32.57
CA ARG J 21 -37.31 -2.11 -33.56
C ARG J 21 -36.90 -3.42 -32.90
N PRO J 22 -37.72 -4.46 -32.95
CA PRO J 22 -37.34 -5.73 -32.32
C PRO J 22 -36.09 -6.30 -32.95
N GLY J 23 -35.25 -6.91 -32.12
CA GLY J 23 -34.02 -7.52 -32.58
C GLY J 23 -32.91 -6.55 -32.89
N TYR J 24 -33.16 -5.25 -32.76
CA TYR J 24 -32.16 -4.23 -33.05
C TYR J 24 -32.18 -3.19 -31.95
N ALA J 25 -31.06 -2.47 -31.83
CA ALA J 25 -30.97 -1.41 -30.85
C ALA J 25 -31.90 -0.26 -31.24
N PRO J 26 -32.53 0.41 -30.28
CA PRO J 26 -33.39 1.54 -30.62
C PRO J 26 -32.62 2.66 -31.30
N VAL J 27 -33.29 3.32 -32.25
CA VAL J 27 -32.71 4.42 -33.01
C VAL J 27 -33.55 5.67 -32.75
N HIS J 28 -32.86 6.79 -32.52
CA HIS J 28 -33.52 8.05 -32.22
C HIS J 28 -33.67 8.87 -33.50
N LEU J 29 -34.90 9.28 -33.78
CA LEU J 29 -35.20 10.11 -34.93
C LEU J 29 -35.67 11.47 -34.47
N GLN J 30 -35.85 12.36 -35.45
CA GLN J 30 -36.31 13.72 -35.16
C GLN J 30 -36.84 14.31 -36.45
N ILE J 31 -38.09 14.78 -36.43
CA ILE J 31 -38.75 15.33 -37.61
C ILE J 31 -39.32 16.69 -37.25
N GLN J 32 -39.02 17.70 -38.06
CA GLN J 32 -39.49 19.06 -37.84
C GLN J 32 -39.90 19.66 -39.17
N LEU J 33 -41.06 20.32 -39.19
CA LEU J 33 -41.60 20.88 -40.43
C LEU J 33 -41.17 22.33 -40.58
N VAL J 34 -40.48 22.64 -41.68
CA VAL J 34 -40.04 24.01 -41.90
C VAL J 34 -41.22 24.89 -42.33
N ASN J 35 -42.04 24.40 -43.27
CA ASN J 35 -43.19 25.15 -43.73
C ASN J 35 -44.32 24.19 -44.06
N THR J 36 -45.54 24.73 -44.09
CA THR J 36 -46.76 23.94 -44.21
C THR J 36 -47.69 24.55 -45.25
N ARG J 37 -47.16 24.80 -46.44
CA ARG J 37 -47.93 25.46 -47.50
C ARG J 37 -49.21 24.67 -47.81
N ILE J 38 -50.30 25.40 -48.02
CA ILE J 38 -51.60 24.80 -48.28
C ILE J 38 -51.94 24.77 -49.77
N ILE J 39 -51.65 25.86 -50.48
CA ILE J 39 -51.80 25.94 -51.93
C ILE J 39 -53.21 25.61 -52.37
N PRO J 40 -54.20 26.46 -52.11
CA PRO J 40 -55.53 26.23 -52.67
C PRO J 40 -55.54 26.41 -54.18
N SER J 41 -56.44 25.69 -54.83
CA SER J 41 -56.63 25.86 -56.27
C SER J 41 -57.26 27.22 -56.55
N THR J 42 -56.98 27.75 -57.75
CA THR J 42 -57.46 29.08 -58.11
C THR J 42 -57.85 29.10 -59.58
N ASN J 43 -58.76 30.02 -59.91
CA ASN J 43 -59.10 30.33 -61.28
C ASN J 43 -59.41 31.81 -61.37
N LEU J 44 -58.76 32.49 -62.31
CA LEU J 44 -58.88 33.94 -62.41
C LEU J 44 -60.26 34.30 -62.93
N GLU J 45 -61.07 34.95 -62.09
CA GLU J 45 -62.38 35.41 -62.53
C GLU J 45 -62.25 36.61 -63.47
N TYR J 46 -61.68 37.71 -62.97
CA TYR J 46 -61.45 38.91 -63.77
C TYR J 46 -60.56 39.85 -62.99
N ILE J 47 -59.77 40.63 -63.73
CA ILE J 47 -58.90 41.63 -63.13
C ILE J 47 -59.53 43.00 -63.33
N THR J 48 -59.19 43.94 -62.45
CA THR J 48 -59.72 45.29 -62.52
C THR J 48 -58.62 46.29 -62.25
N CYS J 49 -58.80 47.49 -62.78
CA CYS J 49 -57.82 48.56 -62.63
C CYS J 49 -58.51 49.90 -62.86
N LYS J 50 -57.81 50.96 -62.49
CA LYS J 50 -58.32 52.30 -62.73
C LYS J 50 -58.49 52.54 -64.23
N TYR J 51 -59.62 53.13 -64.60
CA TYR J 51 -59.92 53.33 -66.00
C TYR J 51 -59.32 54.64 -66.50
N LYS J 52 -59.40 54.85 -67.81
CA LYS J 52 -58.95 56.07 -68.45
C LYS J 52 -59.94 56.45 -69.54
N THR J 53 -60.45 57.68 -69.47
CA THR J 53 -61.45 58.14 -70.43
C THR J 53 -60.73 58.67 -71.67
N LYS J 54 -60.57 57.80 -72.66
CA LYS J 54 -59.87 58.16 -73.90
C LYS J 54 -60.86 58.87 -74.81
N VAL J 55 -60.85 60.20 -74.77
CA VAL J 55 -61.74 61.00 -75.59
C VAL J 55 -61.14 61.18 -76.98
N PRO J 56 -61.81 60.75 -78.04
CA PRO J 56 -61.34 61.03 -79.40
C PRO J 56 -61.62 62.47 -79.78
N SER J 57 -61.06 62.85 -80.92
CA SER J 57 -61.21 64.22 -81.38
C SER J 57 -62.66 64.51 -81.73
N PRO J 58 -63.24 65.60 -81.22
CA PRO J 58 -64.63 65.93 -81.54
C PRO J 58 -64.76 66.39 -82.99
N VAL J 59 -65.98 66.27 -83.49
CA VAL J 59 -66.32 66.68 -84.85
C VAL J 59 -67.28 67.87 -84.76
N VAL J 60 -66.94 68.96 -85.45
CA VAL J 60 -67.76 70.15 -85.50
C VAL J 60 -68.18 70.38 -86.95
N LYS J 61 -69.48 70.44 -87.19
CA LYS J 61 -70.02 70.76 -88.50
C LYS J 61 -70.42 72.23 -88.52
N CYS J 62 -69.81 73.01 -89.40
CA CYS J 62 -70.05 74.45 -89.40
C CYS J 62 -71.48 74.82 -89.77
N CYS J 63 -72.07 74.15 -90.75
CA CYS J 63 -73.46 74.40 -91.11
C CYS J 63 -74.13 73.07 -91.38
N GLY J 64 -75.13 72.73 -90.58
CA GLY J 64 -75.85 71.48 -90.75
C GLY J 64 -75.52 70.49 -89.65
N ALA J 65 -76.53 69.76 -89.19
CA ALA J 65 -76.34 68.81 -88.11
C ALA J 65 -75.62 67.56 -88.61
N THR J 66 -75.17 66.74 -87.67
CA THR J 66 -74.48 65.49 -87.98
C THR J 66 -74.87 64.46 -86.91
N GLN J 67 -75.75 63.54 -87.28
CA GLN J 67 -76.18 62.50 -86.35
C GLN J 67 -75.01 61.58 -86.01
N CYS J 68 -74.98 61.11 -84.77
CA CYS J 68 -73.93 60.21 -84.33
C CYS J 68 -74.35 58.76 -84.49
N THR J 69 -73.36 57.87 -84.51
CA THR J 69 -73.58 56.44 -84.68
C THR J 69 -73.20 55.70 -83.41
N SER J 70 -73.83 54.54 -83.22
CA SER J 70 -73.61 53.74 -82.01
C SER J 70 -72.36 52.88 -82.21
N LYS J 71 -71.23 53.35 -81.71
CA LYS J 71 -70.00 52.58 -81.78
C LYS J 71 -70.08 51.40 -80.80
N PRO J 72 -69.35 50.32 -81.08
CA PRO J 72 -69.36 49.17 -80.17
C PRO J 72 -68.37 49.25 -79.03
N HIS J 73 -67.72 50.40 -78.83
CA HIS J 73 -66.76 50.53 -77.74
C HIS J 73 -67.48 50.45 -76.39
N PRO J 74 -66.79 49.97 -75.36
CA PRO J 74 -67.44 49.81 -74.05
C PRO J 74 -67.80 51.17 -73.44
N ASP J 75 -69.04 51.26 -72.96
CA ASP J 75 -69.56 52.47 -72.33
C ASP J 75 -69.39 53.68 -73.25
N TYR J 76 -69.67 53.47 -74.54
CA TYR J 76 -69.50 54.51 -75.54
C TYR J 76 -70.66 55.48 -75.46
N GLN J 77 -70.37 56.73 -75.11
CA GLN J 77 -71.37 57.79 -75.02
C GLN J 77 -71.10 58.82 -76.10
N CYS J 78 -72.09 59.06 -76.95
CA CYS J 78 -72.01 60.08 -77.98
C CYS J 78 -73.27 60.94 -77.94
N GLN J 79 -73.07 62.24 -78.04
CA GLN J 79 -74.20 63.17 -78.03
C GLN J 79 -73.82 64.41 -78.80
N VAL J 80 -74.76 64.94 -79.58
CA VAL J 80 -74.53 66.13 -80.37
C VAL J 80 -74.97 67.35 -79.58
N PHE J 81 -74.42 68.50 -79.95
CA PHE J 81 -74.82 69.77 -79.38
C PHE J 81 -74.99 70.80 -80.49
N THR J 82 -76.02 71.61 -80.39
CA THR J 82 -76.35 72.58 -81.41
C THR J 82 -76.10 74.00 -80.91
N GLY J 83 -75.97 74.92 -81.86
CA GLY J 83 -75.76 76.32 -81.54
C GLY J 83 -74.45 76.57 -80.83
N VAL J 84 -73.33 76.37 -81.51
CA VAL J 84 -72.01 76.59 -80.95
C VAL J 84 -71.27 77.59 -81.83
N TYR J 85 -70.19 78.15 -81.29
CA TYR J 85 -69.40 79.17 -81.98
C TYR J 85 -67.96 79.11 -81.49
N PRO J 86 -67.22 78.07 -81.85
CA PRO J 86 -65.89 77.87 -81.27
C PRO J 86 -64.85 78.80 -81.88
N PHE J 87 -64.00 79.37 -81.04
CA PHE J 87 -62.83 80.10 -81.48
C PHE J 87 -61.61 79.20 -81.33
N MET J 88 -60.69 79.20 -82.29
CA MET J 88 -59.44 78.45 -82.18
C MET J 88 -58.27 79.27 -82.66
N TRP J 89 -57.81 80.20 -81.82
CA TRP J 89 -56.68 81.10 -82.05
C TRP J 89 -56.72 81.89 -83.35
N GLY J 90 -57.76 81.77 -84.17
CA GLY J 90 -57.79 82.51 -85.45
C GLY J 90 -58.94 83.49 -85.40
N GLY J 91 -59.97 83.17 -84.63
CA GLY J 91 -61.18 84.01 -84.59
C GLY J 91 -62.36 83.08 -84.79
N ALA J 92 -63.37 83.45 -85.56
CA ALA J 92 -64.52 82.59 -85.81
C ALA J 92 -64.13 81.35 -86.62
N TYR J 93 -64.64 80.18 -86.22
CA TYR J 93 -64.29 78.92 -86.92
C TYR J 93 -65.36 78.59 -87.96
N CYS J 94 -66.59 79.07 -87.74
CA CYS J 94 -67.70 78.76 -88.68
C CYS J 94 -68.42 80.05 -89.08
N PHE J 95 -69.07 80.08 -90.24
CA PHE J 95 -69.83 81.28 -90.57
C PHE J 95 -71.21 81.26 -89.93
N CYS J 96 -71.90 80.12 -90.10
CA CYS J 96 -73.24 79.94 -89.52
C CYS J 96 -73.20 80.17 -88.02
N ASP J 97 -74.32 80.64 -87.48
CA ASP J 97 -74.44 80.93 -86.05
C ASP J 97 -75.51 80.12 -85.35
N THR J 98 -76.30 79.33 -86.09
CA THR J 98 -77.30 78.47 -85.46
C THR J 98 -77.16 77.05 -86.00
N GLU J 99 -76.71 76.91 -87.23
CA GLU J 99 -76.56 75.61 -87.86
C GLU J 99 -75.36 74.83 -87.36
N ASN J 100 -74.48 75.46 -86.59
CA ASN J 100 -73.26 74.80 -86.13
C ASN J 100 -73.59 73.72 -85.11
N THR J 101 -73.02 72.55 -85.30
CA THR J 101 -73.25 71.41 -84.42
C THR J 101 -71.94 70.73 -84.08
N GLN J 102 -71.81 70.31 -82.83
CA GLN J 102 -70.66 69.55 -82.36
C GLN J 102 -71.12 68.23 -81.78
N MET J 103 -70.52 67.14 -82.23
CA MET J 103 -70.84 65.80 -81.75
C MET J 103 -69.61 65.22 -81.08
N SER J 104 -69.60 65.20 -79.75
CA SER J 104 -68.50 64.64 -78.99
C SER J 104 -68.79 63.20 -78.62
N GLU J 105 -67.74 62.40 -78.56
CA GLU J 105 -67.85 60.99 -78.21
C GLU J 105 -66.74 60.65 -77.24
N ALA J 106 -66.99 59.65 -76.39
CA ALA J 106 -66.01 59.21 -75.42
C ALA J 106 -66.29 57.75 -75.05
N TYR J 107 -65.23 57.04 -74.71
CA TYR J 107 -65.37 55.65 -74.29
C TYR J 107 -64.31 55.33 -73.25
N VAL J 108 -64.59 54.29 -72.46
CA VAL J 108 -63.72 53.90 -71.37
C VAL J 108 -62.62 52.99 -71.89
N GLU J 109 -61.40 53.23 -71.44
CA GLU J 109 -60.25 52.41 -71.81
C GLU J 109 -59.44 52.08 -70.57
N ARG J 110 -58.95 50.84 -70.50
CA ARG J 110 -58.11 50.44 -69.38
C ARG J 110 -56.82 51.22 -69.38
N SER J 111 -56.42 51.71 -68.21
CA SER J 111 -55.27 52.60 -68.12
C SER J 111 -53.97 51.82 -68.38
N GLU J 112 -52.90 52.59 -68.59
CA GLU J 112 -51.59 51.98 -68.76
C GLU J 112 -51.15 51.26 -67.48
N GLU J 113 -51.68 51.69 -66.32
CA GLU J 113 -51.31 51.07 -65.06
C GLU J 113 -51.78 49.64 -64.97
N CYS J 114 -52.77 49.24 -65.77
CA CYS J 114 -53.28 47.88 -65.70
C CYS J 114 -52.22 46.84 -66.00
N SER J 115 -51.16 47.22 -66.73
CA SER J 115 -50.07 46.29 -66.99
C SER J 115 -49.33 45.92 -65.72
N ILE J 116 -49.32 46.81 -64.72
CA ILE J 116 -48.58 46.58 -63.49
C ILE J 116 -49.53 46.59 -62.29
N ASP J 117 -50.23 47.71 -62.09
CA ASP J 117 -51.14 47.88 -60.96
C ASP J 117 -52.52 47.41 -61.37
N HIS J 118 -52.97 46.30 -60.80
CA HIS J 118 -54.27 45.73 -61.14
C HIS J 118 -54.68 44.74 -60.08
N ALA J 119 -55.88 44.91 -59.53
CA ALA J 119 -56.41 43.96 -58.58
C ALA J 119 -56.94 42.73 -59.32
N LYS J 120 -56.68 41.55 -58.75
CA LYS J 120 -57.06 40.29 -59.35
C LYS J 120 -58.06 39.58 -58.46
N ALA J 121 -59.15 39.10 -59.05
CA ALA J 121 -60.18 38.36 -58.34
C ALA J 121 -60.06 36.88 -58.65
N TYR J 122 -60.30 36.04 -57.64
CA TYR J 122 -60.15 34.61 -57.80
C TYR J 122 -61.26 33.88 -57.05
N LYS J 123 -61.52 32.66 -57.47
CA LYS J 123 -62.26 31.68 -56.70
C LYS J 123 -61.31 30.54 -56.33
N VAL J 124 -61.52 29.95 -55.16
CA VAL J 124 -60.55 29.01 -54.62
C VAL J 124 -61.24 27.68 -54.32
N HIS J 125 -60.48 26.60 -54.50
CA HIS J 125 -60.92 25.25 -54.17
C HIS J 125 -60.07 24.72 -53.02
N THR J 126 -60.27 23.44 -52.69
CA THR J 126 -59.56 22.86 -51.55
C THR J 126 -58.06 22.76 -51.81
N GLY J 127 -57.67 22.32 -52.99
CA GLY J 127 -56.25 22.23 -53.31
C GLY J 127 -55.55 21.10 -52.57
N THR J 128 -54.22 21.11 -52.69
CA THR J 128 -53.37 20.09 -52.08
C THR J 128 -52.25 20.79 -51.33
N VAL J 129 -51.98 20.34 -50.11
CA VAL J 129 -51.02 20.99 -49.23
C VAL J 129 -49.69 20.27 -49.31
N GLN J 130 -48.61 21.04 -49.28
CA GLN J 130 -47.24 20.52 -49.26
C GLN J 130 -46.57 20.86 -47.94
N ALA J 131 -45.34 20.40 -47.79
CA ALA J 131 -44.54 20.69 -46.60
C ALA J 131 -43.09 20.31 -46.88
N MET J 132 -42.16 21.11 -46.39
CA MET J 132 -40.74 20.86 -46.55
C MET J 132 -40.15 20.52 -45.18
N VAL J 133 -40.09 19.22 -44.90
CA VAL J 133 -39.63 18.75 -43.61
C VAL J 133 -38.17 18.35 -43.58
N ASN J 134 -37.59 18.27 -42.39
CA ASN J 134 -36.21 17.90 -42.25
C ASN J 134 -36.08 16.70 -41.35
N ILE J 135 -35.46 15.63 -41.82
CA ILE J 135 -35.34 14.42 -41.05
C ILE J 135 -33.93 14.24 -40.52
N THR J 136 -33.80 14.15 -39.20
CA THR J 136 -32.50 13.95 -38.56
C THR J 136 -32.59 12.73 -37.67
N TYR J 137 -32.21 11.57 -38.22
CA TYR J 137 -32.22 10.31 -37.50
C TYR J 137 -30.83 9.67 -37.58
N GLY J 138 -30.51 8.87 -36.58
CA GLY J 138 -29.26 8.13 -36.60
C GLY J 138 -28.05 9.03 -36.61
N SER J 139 -27.39 9.12 -37.78
CA SER J 139 -26.19 9.93 -37.92
C SER J 139 -26.23 10.89 -39.10
N VAL J 140 -27.21 10.80 -40.00
CA VAL J 140 -27.23 11.69 -41.17
C VAL J 140 -27.45 13.14 -40.73
N SER J 141 -28.26 13.33 -39.70
CA SER J 141 -28.44 14.68 -39.10
C SER J 141 -29.28 15.68 -39.87
N TRP J 142 -29.42 15.49 -41.16
CA TRP J 142 -30.14 16.45 -41.97
C TRP J 142 -30.48 15.87 -43.33
N ARG J 143 -31.76 15.88 -43.69
CA ARG J 143 -32.18 15.51 -45.04
C ARG J 143 -33.57 16.09 -45.23
N SER J 144 -33.68 17.12 -46.06
CA SER J 144 -34.92 17.87 -46.21
C SER J 144 -35.30 17.93 -47.69
N ALA J 145 -36.50 17.45 -48.00
CA ALA J 145 -37.06 17.56 -49.34
C ALA J 145 -38.54 17.87 -49.22
N ASP J 146 -39.07 18.58 -50.21
CA ASP J 146 -40.47 18.96 -50.20
C ASP J 146 -41.34 17.73 -50.41
N VAL J 147 -42.36 17.56 -49.57
CA VAL J 147 -43.25 16.41 -49.62
C VAL J 147 -44.68 16.92 -49.77
N TYR J 148 -45.57 16.01 -50.14
CA TYR J 148 -46.99 16.29 -50.21
C TYR J 148 -47.65 15.78 -48.93
N VAL J 149 -48.98 15.92 -48.87
CA VAL J 149 -49.74 15.52 -47.69
C VAL J 149 -50.72 14.39 -47.97
N ASN J 150 -51.01 14.10 -49.24
CA ASN J 150 -51.86 12.98 -49.56
C ASN J 150 -51.24 11.68 -49.06
N GLY J 151 -52.08 10.77 -48.57
CA GLY J 151 -51.57 9.53 -48.03
C GLY J 151 -51.03 8.57 -49.08
N GLU J 152 -51.26 8.87 -50.36
CA GLU J 152 -50.79 8.01 -51.44
C GLU J 152 -49.43 8.43 -52.00
N THR J 153 -48.88 9.56 -51.55
CA THR J 153 -47.63 10.05 -52.12
C THR J 153 -46.49 9.84 -51.13
N PRO J 154 -45.59 8.90 -51.39
CA PRO J 154 -44.41 8.74 -50.53
C PRO J 154 -43.34 9.77 -50.88
N ALA J 155 -42.37 9.90 -49.97
CA ALA J 155 -41.23 10.81 -50.16
C ALA J 155 -39.95 10.02 -49.86
N LYS J 156 -39.45 9.31 -50.87
CA LYS J 156 -38.26 8.47 -50.71
C LYS J 156 -37.03 9.37 -50.74
N ILE J 157 -36.69 9.94 -49.58
CA ILE J 157 -35.59 10.88 -49.47
C ILE J 157 -34.37 10.14 -48.97
N GLY J 158 -33.27 10.25 -49.71
CA GLY J 158 -32.04 9.56 -49.35
C GLY J 158 -32.23 8.06 -49.23
N ASP J 159 -32.19 7.56 -48.00
CA ASP J 159 -32.40 6.14 -47.73
C ASP J 159 -33.79 5.85 -47.17
N ALA J 160 -34.34 6.73 -46.35
CA ALA J 160 -35.63 6.49 -45.71
C ALA J 160 -36.77 7.00 -46.56
N LYS J 161 -37.90 6.30 -46.49
CA LYS J 161 -39.11 6.69 -47.20
C LYS J 161 -40.12 7.23 -46.20
N LEU J 162 -40.76 8.34 -46.54
CA LEU J 162 -41.67 9.04 -45.65
C LEU J 162 -43.02 9.22 -46.32
N ILE J 163 -44.09 8.86 -45.61
CA ILE J 163 -45.46 9.13 -46.01
C ILE J 163 -46.13 9.91 -44.89
N ILE J 164 -46.67 11.08 -45.21
CA ILE J 164 -47.20 11.98 -44.21
C ILE J 164 -48.62 12.37 -44.62
N GLY J 165 -49.38 12.85 -43.64
CA GLY J 165 -50.75 13.25 -43.88
C GLY J 165 -51.70 12.08 -43.96
N PRO J 166 -52.97 12.33 -44.32
CA PRO J 166 -53.57 13.62 -44.67
C PRO J 166 -53.78 14.51 -43.46
N LEU J 167 -53.93 15.82 -43.68
CA LEU J 167 -54.05 16.76 -42.59
C LEU J 167 -55.33 16.53 -41.80
N SER J 168 -55.25 16.72 -40.47
CA SER J 168 -56.39 16.42 -39.61
C SER J 168 -57.57 17.35 -39.89
N SER J 169 -57.31 18.64 -40.05
CA SER J 169 -58.36 19.63 -40.22
C SER J 169 -58.34 20.19 -41.63
N ALA J 170 -59.54 20.36 -42.20
CA ALA J 170 -59.70 20.95 -43.52
C ALA J 170 -59.80 22.47 -43.48
N TRP J 171 -59.26 23.09 -42.44
CA TRP J 171 -59.38 24.53 -42.27
C TRP J 171 -58.57 25.26 -43.33
N SER J 172 -59.28 26.04 -44.16
CA SER J 172 -58.64 26.91 -45.14
C SER J 172 -59.03 28.34 -44.84
N PRO J 173 -58.07 29.23 -44.54
CA PRO J 173 -58.44 30.61 -44.19
C PRO J 173 -59.20 31.34 -45.27
N PHE J 174 -58.96 31.01 -46.53
CA PHE J 174 -59.62 31.71 -47.63
C PHE J 174 -61.11 31.42 -47.66
N ASP J 175 -61.90 32.43 -48.00
CA ASP J 175 -63.33 32.26 -48.17
C ASP J 175 -63.62 31.75 -49.58
N ASN J 176 -64.89 31.72 -49.97
CA ASN J 176 -65.22 31.28 -51.32
C ASN J 176 -64.71 32.25 -52.37
N LYS J 177 -64.83 33.56 -52.10
CA LYS J 177 -64.40 34.60 -53.03
C LYS J 177 -63.20 35.33 -52.44
N VAL J 178 -62.14 35.45 -53.23
CA VAL J 178 -60.89 36.05 -52.78
C VAL J 178 -60.37 36.97 -53.87
N VAL J 179 -59.95 38.18 -53.49
CA VAL J 179 -59.38 39.16 -54.40
C VAL J 179 -57.94 39.42 -53.98
N VAL J 180 -57.04 39.40 -54.95
CA VAL J 180 -55.60 39.55 -54.71
C VAL J 180 -55.14 40.86 -55.33
N TYR J 181 -54.33 41.61 -54.58
CA TYR J 181 -53.83 42.90 -55.04
C TYR J 181 -52.33 42.98 -54.74
N GLY J 182 -51.51 42.55 -55.69
CA GLY J 182 -50.09 42.80 -55.62
C GLY J 182 -49.38 41.98 -54.57
N HIS J 183 -49.64 42.30 -53.31
CA HIS J 183 -49.00 41.60 -52.19
C HIS J 183 -49.95 41.21 -51.07
N GLU J 184 -51.13 41.81 -50.97
CA GLU J 184 -52.07 41.54 -49.89
C GLU J 184 -53.30 40.83 -50.46
N VAL J 185 -53.81 39.86 -49.70
CA VAL J 185 -54.95 39.06 -50.10
C VAL J 185 -56.13 39.42 -49.23
N TYR J 186 -57.23 39.83 -49.85
CA TYR J 186 -58.44 40.22 -49.16
C TYR J 186 -59.55 39.24 -49.51
N ASN J 187 -60.31 38.82 -48.49
CA ASN J 187 -61.46 37.93 -48.72
C ASN J 187 -62.73 38.74 -48.97
N TYR J 188 -62.64 39.64 -49.96
CA TYR J 188 -63.75 40.48 -50.35
C TYR J 188 -64.50 39.82 -51.49
N ASP J 189 -65.81 39.64 -51.32
CA ASP J 189 -66.63 38.97 -52.32
C ASP J 189 -66.96 39.96 -53.43
N PHE J 190 -66.25 39.83 -54.56
CA PHE J 190 -66.57 40.63 -55.73
C PHE J 190 -67.95 40.25 -56.24
N PRO J 191 -68.76 41.22 -56.68
CA PRO J 191 -70.17 40.93 -56.95
C PRO J 191 -70.42 39.88 -58.02
N GLU J 192 -69.97 40.14 -59.25
CA GLU J 192 -70.17 39.28 -60.40
C GLU J 192 -69.51 39.96 -61.59
N TYR J 193 -69.20 39.18 -62.61
CA TYR J 193 -68.69 39.76 -63.84
C TYR J 193 -69.77 40.63 -64.49
N GLY J 194 -69.38 41.81 -64.95
CA GLY J 194 -70.31 42.67 -65.66
C GLY J 194 -71.42 43.25 -64.82
N THR J 195 -71.23 43.38 -63.51
CA THR J 195 -72.25 43.92 -62.63
C THR J 195 -71.72 45.01 -61.69
N GLY J 196 -70.51 45.50 -61.93
CA GLY J 196 -69.93 46.50 -61.06
C GLY J 196 -70.68 47.81 -61.03
N LYS J 197 -71.14 48.21 -59.85
CA LYS J 197 -71.78 49.51 -59.71
C LYS J 197 -70.74 50.62 -59.81
N ALA J 198 -71.13 51.73 -60.43
CA ALA J 198 -70.20 52.83 -60.65
C ALA J 198 -69.67 53.37 -59.33
N GLY J 199 -68.38 53.67 -59.29
CA GLY J 199 -67.73 54.18 -58.12
C GLY J 199 -67.34 53.14 -57.11
N SER J 200 -68.06 52.02 -57.06
CA SER J 200 -67.76 50.94 -56.14
C SER J 200 -66.61 50.11 -56.70
N PHE J 201 -66.34 48.97 -56.07
CA PHE J 201 -65.28 48.09 -56.55
C PHE J 201 -65.63 47.53 -57.92
N GLY J 202 -64.63 47.46 -58.79
CA GLY J 202 -64.81 46.85 -60.09
C GLY J 202 -65.81 47.56 -60.98
N ASP J 203 -65.80 48.89 -60.98
CA ASP J 203 -66.60 49.61 -61.97
C ASP J 203 -66.10 49.32 -63.37
N LEU J 204 -64.81 49.07 -63.51
CA LEU J 204 -64.22 48.56 -64.74
C LEU J 204 -63.68 47.16 -64.46
N GLN J 205 -64.09 46.19 -65.26
CA GLN J 205 -63.71 44.80 -65.02
C GLN J 205 -63.52 44.11 -66.37
N SER J 206 -62.31 43.60 -66.60
CA SER J 206 -61.98 42.85 -67.80
C SER J 206 -61.61 41.42 -67.40
N ARG J 207 -61.96 40.47 -68.27
CA ARG J 207 -61.71 39.07 -67.96
C ARG J 207 -60.22 38.77 -67.87
N THR J 208 -59.42 39.41 -68.71
CA THR J 208 -57.98 39.29 -68.62
C THR J 208 -57.35 40.55 -69.21
N SER J 209 -56.04 40.70 -69.00
CA SER J 209 -55.36 41.91 -69.42
C SER J 209 -55.41 42.09 -70.93
N THR J 210 -55.25 40.99 -71.68
CA THR J 210 -55.26 41.07 -73.14
C THR J 210 -56.67 41.05 -73.73
N SER J 211 -57.71 40.89 -72.90
CA SER J 211 -59.06 40.81 -73.43
C SER J 211 -59.48 42.14 -74.04
N ASN J 212 -59.80 42.11 -75.34
CA ASN J 212 -60.30 43.30 -76.00
C ASN J 212 -61.65 43.72 -75.44
N ASP J 213 -62.53 42.76 -75.17
CA ASP J 213 -63.84 43.07 -74.61
C ASP J 213 -63.74 43.22 -73.09
N LEU J 214 -64.54 44.13 -72.56
CA LEU J 214 -64.55 44.40 -71.12
C LEU J 214 -65.90 45.02 -70.75
N TYR J 215 -66.08 45.26 -69.47
CA TYR J 215 -67.28 45.86 -68.93
C TYR J 215 -66.90 47.07 -68.10
N ALA J 216 -67.52 48.21 -68.41
CA ALA J 216 -67.19 49.47 -67.73
C ALA J 216 -68.48 50.23 -67.46
N ASN J 217 -69.07 50.00 -66.28
CA ASN J 217 -70.23 50.76 -65.83
C ASN J 217 -69.74 51.96 -65.01
N THR J 218 -69.19 52.94 -65.72
CA THR J 218 -68.60 54.11 -65.09
C THR J 218 -69.53 55.30 -65.05
N ASN J 219 -70.75 55.17 -65.56
CA ASN J 219 -71.70 56.29 -65.63
C ASN J 219 -71.09 57.48 -66.35
N LEU J 220 -70.39 57.22 -67.44
CA LEU J 220 -69.80 58.29 -68.22
C LEU J 220 -70.90 59.11 -68.90
N LYS J 221 -70.80 60.42 -68.78
CA LYS J 221 -71.81 61.31 -69.33
C LYS J 221 -71.13 62.54 -69.93
N LEU J 222 -71.72 63.05 -71.01
CA LEU J 222 -71.18 64.21 -71.71
C LEU J 222 -72.02 65.45 -71.41
N GLN J 223 -71.39 66.60 -71.58
CA GLN J 223 -72.05 67.88 -71.33
C GLN J 223 -71.69 68.85 -72.45
N ARG J 224 -72.55 69.85 -72.63
CA ARG J 224 -72.35 70.81 -73.70
C ARG J 224 -71.12 71.67 -73.42
N PRO J 225 -70.18 71.75 -74.36
CA PRO J 225 -69.08 72.72 -74.21
C PRO J 225 -69.62 74.13 -74.21
N GLN J 226 -69.05 74.98 -73.34
CA GLN J 226 -69.59 76.29 -73.07
C GLN J 226 -68.75 77.39 -73.71
N ALA J 227 -69.40 78.50 -74.03
CA ALA J 227 -68.75 79.71 -74.53
C ALA J 227 -67.99 79.47 -75.82
N GLY J 228 -68.39 78.45 -76.59
CA GLY J 228 -67.74 78.17 -77.86
C GLY J 228 -66.26 77.91 -77.74
N ILE J 229 -65.89 76.80 -77.14
CA ILE J 229 -64.52 76.29 -77.12
C ILE J 229 -64.55 74.86 -77.62
N VAL J 230 -63.57 74.44 -78.42
CA VAL J 230 -63.45 73.02 -78.76
C VAL J 230 -62.87 72.24 -77.60
N HIS J 231 -63.72 71.63 -76.80
CA HIS J 231 -63.33 70.67 -75.78
C HIS J 231 -64.44 69.67 -75.57
N THR J 232 -64.14 68.61 -74.83
CA THR J 232 -65.09 67.52 -74.58
C THR J 232 -65.27 67.38 -73.08
N PRO J 233 -66.18 68.15 -72.48
CA PRO J 233 -66.40 68.06 -71.03
C PRO J 233 -67.24 66.84 -70.69
N PHE J 234 -66.65 65.91 -69.94
CA PHE J 234 -67.34 64.70 -69.52
C PHE J 234 -67.28 64.60 -68.00
N THR J 235 -68.39 64.19 -67.40
CA THR J 235 -68.47 64.00 -65.96
C THR J 235 -68.86 62.57 -65.66
N GLN J 236 -68.20 61.98 -64.66
CA GLN J 236 -68.42 60.59 -64.31
C GLN J 236 -67.99 60.38 -62.86
N ALA J 237 -68.41 59.25 -62.32
CA ALA J 237 -67.99 58.90 -60.97
C ALA J 237 -66.48 58.69 -60.95
N PRO J 238 -65.80 59.03 -59.84
CA PRO J 238 -64.37 58.78 -59.68
C PRO J 238 -64.03 57.31 -59.88
N SER J 239 -62.75 57.04 -60.10
CA SER J 239 -62.27 55.69 -60.34
C SER J 239 -62.67 54.75 -59.21
N GLY J 240 -63.47 53.74 -59.53
CA GLY J 240 -63.90 52.80 -58.52
C GLY J 240 -62.75 52.05 -57.89
N PHE J 241 -61.71 51.75 -58.68
CA PHE J 241 -60.53 51.08 -58.13
C PHE J 241 -59.69 52.04 -57.30
N GLU J 242 -59.72 53.33 -57.60
CA GLU J 242 -59.10 54.30 -56.71
C GLU J 242 -59.76 54.26 -55.34
N ARG J 243 -61.08 54.19 -55.32
CA ARG J 243 -61.78 53.84 -54.09
C ARG J 243 -61.46 52.40 -53.72
N TRP J 244 -61.56 52.09 -52.43
CA TRP J 244 -61.25 50.79 -51.86
C TRP J 244 -59.74 50.55 -51.87
N LYS J 245 -58.99 51.42 -52.53
CA LYS J 245 -57.54 51.40 -52.37
C LYS J 245 -57.09 52.23 -51.18
N ARG J 246 -57.91 53.19 -50.77
CA ARG J 246 -57.71 53.91 -49.53
C ARG J 246 -58.75 53.55 -48.48
N ASP J 247 -59.68 52.65 -48.80
CA ASP J 247 -60.74 52.25 -47.87
C ASP J 247 -60.77 50.75 -47.62
N LYS J 248 -59.78 50.01 -48.10
CA LYS J 248 -59.76 48.57 -47.90
C LYS J 248 -59.55 48.23 -46.43
N GLY J 249 -60.17 47.13 -46.01
CA GLY J 249 -60.00 46.65 -44.66
C GLY J 249 -58.68 45.93 -44.48
N ALA J 250 -58.56 45.25 -43.35
CA ALA J 250 -57.34 44.53 -43.06
C ALA J 250 -57.21 43.32 -43.98
N PRO J 251 -56.08 43.14 -44.65
CA PRO J 251 -55.88 41.94 -45.47
C PRO J 251 -55.79 40.69 -44.61
N LEU J 252 -55.88 39.54 -45.28
CA LEU J 252 -55.78 38.27 -44.57
C LEU J 252 -54.42 38.10 -43.90
N ASN J 253 -53.41 38.86 -44.33
CA ASN J 253 -52.09 38.77 -43.72
C ASN J 253 -52.08 39.24 -42.27
N ASP J 254 -53.13 39.91 -41.81
CA ASP J 254 -53.20 40.40 -40.44
C ASP J 254 -54.44 39.94 -39.70
N VAL J 255 -55.31 39.13 -40.31
CA VAL J 255 -56.52 38.67 -39.65
C VAL J 255 -56.66 37.16 -39.72
N ALA J 256 -55.79 36.50 -40.46
CA ALA J 256 -55.86 35.04 -40.53
C ALA J 256 -55.43 34.45 -39.19
N PRO J 257 -56.26 33.63 -38.55
CA PRO J 257 -55.85 33.02 -37.28
C PRO J 257 -54.77 31.96 -37.47
N PHE J 258 -54.30 31.41 -36.36
CA PHE J 258 -53.32 30.34 -36.34
C PHE J 258 -52.00 30.74 -36.97
N GLY J 259 -51.72 32.04 -37.05
CA GLY J 259 -50.44 32.51 -37.54
C GLY J 259 -50.16 32.16 -38.99
N CYS J 260 -51.16 32.28 -39.86
CA CYS J 260 -50.95 32.02 -41.27
C CYS J 260 -50.16 33.16 -41.92
N SER J 261 -49.69 32.90 -43.13
CA SER J 261 -49.01 33.92 -43.93
C SER J 261 -49.19 33.59 -45.39
N ILE J 262 -49.25 34.64 -46.22
CA ILE J 262 -49.55 34.50 -47.64
C ILE J 262 -48.48 35.23 -48.44
N ALA J 263 -48.42 34.94 -49.73
CA ALA J 263 -47.42 35.56 -50.59
C ALA J 263 -47.91 35.64 -52.03
N LEU J 264 -47.30 36.55 -52.79
CA LEU J 264 -47.53 36.65 -54.22
C LEU J 264 -46.81 35.48 -54.88
N GLU J 265 -47.53 34.38 -55.03
CA GLU J 265 -46.98 33.05 -55.18
C GLU J 265 -48.10 32.14 -55.66
N PRO J 266 -47.87 30.82 -55.76
CA PRO J 266 -48.99 29.90 -55.98
C PRO J 266 -50.11 30.01 -54.94
N LEU J 267 -50.03 31.02 -54.06
CA LEU J 267 -51.08 31.40 -53.14
C LEU J 267 -51.17 30.45 -51.95
N ARG J 268 -50.03 30.01 -51.47
CA ARG J 268 -49.98 29.15 -50.30
C ARG J 268 -50.45 29.91 -49.06
N ALA J 269 -50.92 29.16 -48.07
CA ALA J 269 -51.26 29.68 -46.75
C ALA J 269 -50.22 29.11 -45.78
N GLU J 270 -49.09 29.80 -45.68
CA GLU J 270 -47.93 29.23 -45.03
C GLU J 270 -48.07 29.22 -43.51
N ASN J 271 -47.59 28.14 -42.88
CA ASN J 271 -47.43 28.03 -41.44
C ASN J 271 -48.76 28.13 -40.69
N CYS J 272 -49.84 27.67 -41.31
CA CYS J 272 -51.13 27.63 -40.62
C CYS J 272 -51.11 26.47 -39.64
N ALA J 273 -50.82 26.77 -38.37
CA ALA J 273 -50.68 25.73 -37.35
C ALA J 273 -52.06 25.36 -36.81
N VAL J 274 -52.54 24.18 -37.20
CA VAL J 274 -53.83 23.68 -36.73
C VAL J 274 -53.87 22.17 -36.94
N GLY J 275 -54.40 21.46 -35.95
CA GLY J 275 -54.59 20.03 -36.06
C GLY J 275 -53.32 19.23 -35.85
N SER J 276 -53.39 17.96 -36.26
CA SER J 276 -52.29 17.02 -36.11
C SER J 276 -52.01 16.36 -37.45
N ILE J 277 -50.82 15.78 -37.57
CA ILE J 277 -50.38 15.19 -38.82
C ILE J 277 -49.98 13.74 -38.57
N PRO J 278 -50.59 12.77 -39.24
CA PRO J 278 -50.21 11.35 -39.05
C PRO J 278 -48.98 10.95 -39.87
N ILE J 279 -47.81 11.21 -39.31
CA ILE J 279 -46.54 10.94 -40.00
C ILE J 279 -46.27 9.45 -39.97
N SER J 280 -45.75 8.93 -41.08
CA SER J 280 -45.32 7.54 -41.17
C SER J 280 -44.03 7.45 -41.95
N ILE J 281 -43.04 6.73 -41.41
CA ILE J 281 -41.75 6.57 -42.04
C ILE J 281 -41.38 5.10 -42.05
N ASP J 282 -40.43 4.76 -42.92
CA ASP J 282 -39.91 3.39 -43.05
C ASP J 282 -38.38 3.49 -43.10
N ILE J 283 -37.76 3.47 -41.94
CA ILE J 283 -36.29 3.58 -41.83
C ILE J 283 -35.65 2.34 -42.44
N PRO J 284 -34.61 2.48 -43.26
CA PRO J 284 -33.94 1.29 -43.80
C PRO J 284 -33.30 0.46 -42.69
N ASP J 285 -33.32 -0.86 -42.88
CA ASP J 285 -32.78 -1.76 -41.87
C ASP J 285 -31.27 -1.60 -41.70
N ALA J 286 -30.59 -1.02 -42.69
CA ALA J 286 -29.14 -0.86 -42.59
C ALA J 286 -28.75 0.03 -41.43
N ALA J 287 -29.53 1.09 -41.19
CA ALA J 287 -29.23 2.02 -40.10
C ALA J 287 -29.34 1.35 -38.74
N PHE J 288 -30.08 0.25 -38.62
CA PHE J 288 -30.19 -0.45 -37.35
C PHE J 288 -28.88 -1.15 -36.99
N THR J 289 -28.75 -1.49 -35.71
CA THR J 289 -27.60 -2.21 -35.20
C THR J 289 -28.08 -3.33 -34.30
N ARG J 290 -27.23 -4.34 -34.15
CA ARG J 290 -27.58 -5.51 -33.33
C ARG J 290 -27.84 -5.10 -31.89
N ILE J 291 -28.94 -5.63 -31.33
CA ILE J 291 -29.30 -5.30 -29.96
C ILE J 291 -28.28 -5.83 -28.96
N SER J 292 -27.56 -6.90 -29.32
CA SER J 292 -26.54 -7.46 -28.45
C SER J 292 -25.22 -6.69 -28.53
N GLU J 293 -25.18 -5.59 -29.26
CA GLU J 293 -23.97 -4.79 -29.41
C GLU J 293 -23.96 -3.54 -28.53
N THR J 294 -25.12 -2.91 -28.32
CA THR J 294 -25.18 -1.73 -27.49
C THR J 294 -24.91 -2.08 -26.03
N PRO J 295 -24.27 -1.19 -25.29
CA PRO J 295 -23.99 -1.47 -23.87
C PRO J 295 -25.26 -1.51 -23.04
N THR J 296 -25.20 -2.27 -21.95
CA THR J 296 -26.27 -2.32 -20.97
C THR J 296 -26.01 -1.28 -19.88
N VAL J 297 -27.03 -0.47 -19.59
CA VAL J 297 -26.86 0.69 -18.73
C VAL J 297 -27.77 0.61 -17.51
N SER J 298 -28.02 -0.60 -17.02
CA SER J 298 -28.89 -0.79 -15.87
C SER J 298 -28.24 -0.20 -14.61
N ASP J 299 -29.02 -0.20 -13.53
CA ASP J 299 -28.58 0.29 -12.21
C ASP J 299 -28.22 1.77 -12.26
N LEU J 300 -29.17 2.59 -12.71
CA LEU J 300 -28.95 4.02 -12.86
C LEU J 300 -29.96 4.79 -12.01
N GLU J 301 -29.61 6.03 -11.69
CA GLU J 301 -30.46 6.91 -10.92
C GLU J 301 -30.50 8.29 -11.57
N CYS J 302 -31.60 9.00 -11.33
CA CYS J 302 -31.81 10.33 -11.87
C CYS J 302 -32.10 11.31 -10.74
N LYS J 303 -31.49 12.49 -10.83
CA LYS J 303 -31.70 13.54 -9.84
C LYS J 303 -31.89 14.86 -10.56
N ILE J 304 -33.03 15.51 -10.34
CA ILE J 304 -33.26 16.84 -10.89
C ILE J 304 -32.46 17.85 -10.08
N THR J 305 -31.81 18.79 -10.78
CA THR J 305 -30.98 19.80 -10.15
C THR J 305 -31.70 21.13 -9.99
N GLU J 306 -32.24 21.67 -11.08
CA GLU J 306 -32.96 22.94 -11.02
C GLU J 306 -33.94 22.97 -12.18
N CYS J 307 -35.21 22.74 -11.90
CA CYS J 307 -36.27 22.76 -12.91
C CYS J 307 -36.98 24.11 -12.87
N THR J 308 -37.13 24.71 -14.04
CA THR J 308 -37.84 25.98 -14.18
C THR J 308 -39.13 25.75 -14.96
N TYR J 309 -40.25 26.16 -14.37
CA TYR J 309 -41.57 26.03 -14.99
C TYR J 309 -41.71 27.12 -16.07
N ALA J 310 -40.94 26.96 -17.13
CA ALA J 310 -40.93 27.96 -18.20
C ALA J 310 -41.04 27.30 -19.56
N SER J 311 -40.87 28.09 -20.63
CA SER J 311 -41.00 27.60 -22.00
C SER J 311 -39.69 27.03 -22.53
N ASP J 312 -38.59 27.73 -22.32
CA ASP J 312 -37.30 27.24 -22.78
C ASP J 312 -36.82 26.10 -21.88
N PHE J 313 -35.72 25.48 -22.29
CA PHE J 313 -35.20 24.33 -21.56
C PHE J 313 -34.57 24.77 -20.25
N GLY J 314 -35.40 25.15 -19.28
CA GLY J 314 -34.92 25.61 -18.00
C GLY J 314 -34.61 24.52 -17.01
N GLY J 315 -34.98 23.28 -17.31
CA GLY J 315 -34.73 22.17 -16.40
C GLY J 315 -33.43 21.46 -16.72
N ILE J 316 -32.65 21.19 -15.67
CA ILE J 316 -31.40 20.46 -15.79
C ILE J 316 -31.37 19.37 -14.73
N ALA J 317 -31.01 18.16 -15.13
CA ALA J 317 -31.00 17.01 -14.24
C ALA J 317 -29.77 16.17 -14.50
N THR J 318 -29.24 15.56 -13.44
CA THR J 318 -28.08 14.70 -13.54
C THR J 318 -28.50 13.24 -13.46
N VAL J 319 -27.77 12.40 -14.20
CA VAL J 319 -28.04 10.97 -14.27
C VAL J 319 -26.76 10.21 -13.93
N ALA J 320 -26.87 9.21 -13.06
CA ALA J 320 -25.73 8.39 -12.67
C ALA J 320 -25.70 7.16 -13.58
N TYR J 321 -25.00 7.29 -14.70
CA TYR J 321 -24.93 6.20 -15.66
C TYR J 321 -24.12 5.04 -15.11
N LYS J 322 -24.60 3.82 -15.36
CA LYS J 322 -23.92 2.60 -14.95
C LYS J 322 -23.92 1.66 -16.14
N SER J 323 -22.93 1.79 -17.01
CA SER J 323 -22.88 1.06 -18.26
C SER J 323 -21.91 -0.13 -18.16
N SER J 324 -21.86 -0.89 -19.25
CA SER J 324 -20.94 -2.01 -19.38
C SER J 324 -19.87 -1.74 -20.43
N LYS J 325 -20.27 -1.37 -21.64
CA LYS J 325 -19.34 -0.96 -22.69
C LYS J 325 -19.23 0.56 -22.70
N ALA J 326 -18.62 1.09 -23.75
CA ALA J 326 -18.49 2.53 -23.94
C ALA J 326 -19.01 2.90 -25.33
N GLY J 327 -19.68 4.04 -25.41
CA GLY J 327 -20.20 4.52 -26.67
C GLY J 327 -21.37 5.47 -26.46
N ASN J 328 -22.06 5.75 -27.56
CA ASN J 328 -23.22 6.62 -27.53
C ASN J 328 -24.50 5.81 -27.26
N CYS J 329 -25.54 6.54 -26.83
CA CYS J 329 -26.82 5.91 -26.58
C CYS J 329 -27.94 6.95 -26.65
N PRO J 330 -28.99 6.67 -27.43
CA PRO J 330 -30.10 7.62 -27.53
C PRO J 330 -30.82 7.77 -26.19
N ILE J 331 -31.29 8.98 -25.92
CA ILE J 331 -32.01 9.30 -24.70
C ILE J 331 -33.31 9.99 -25.07
N HIS J 332 -34.42 9.50 -24.52
CA HIS J 332 -35.73 10.05 -24.84
C HIS J 332 -36.70 9.73 -23.71
N SER J 333 -37.67 10.61 -23.52
CA SER J 333 -38.72 10.40 -22.51
C SER J 333 -40.04 10.12 -23.23
N PRO J 334 -40.53 8.89 -23.21
CA PRO J 334 -41.78 8.60 -23.93
C PRO J 334 -42.97 9.39 -23.43
N SER J 335 -43.01 9.72 -22.15
CA SER J 335 -44.10 10.55 -21.63
C SER J 335 -44.06 11.93 -22.24
N GLY J 336 -45.23 12.46 -22.59
CA GLY J 336 -45.32 13.77 -23.18
C GLY J 336 -45.22 14.93 -22.22
N VAL J 337 -45.10 14.64 -20.92
CA VAL J 337 -44.99 15.72 -19.93
C VAL J 337 -43.72 16.52 -20.13
N ALA J 338 -42.61 15.83 -20.38
CA ALA J 338 -41.30 16.46 -20.48
C ALA J 338 -40.73 16.26 -21.88
N VAL J 339 -39.95 17.23 -22.32
CA VAL J 339 -39.24 17.17 -23.60
C VAL J 339 -37.75 17.31 -23.32
N ILE J 340 -36.96 16.37 -23.85
CA ILE J 340 -35.54 16.34 -23.62
C ILE J 340 -34.82 17.06 -24.75
N LYS J 341 -33.95 18.01 -24.39
CA LYS J 341 -33.26 18.80 -25.41
C LYS J 341 -32.17 17.99 -26.10
N GLU J 342 -31.44 17.17 -25.36
CA GLU J 342 -30.34 16.41 -25.93
C GLU J 342 -30.87 15.19 -26.68
N ASN J 343 -30.59 15.12 -27.98
CA ASN J 343 -31.06 14.00 -28.79
C ASN J 343 -30.41 12.69 -28.35
N ASP J 344 -29.12 12.72 -28.07
CA ASP J 344 -28.39 11.53 -27.60
C ASP J 344 -27.22 11.98 -26.75
N VAL J 345 -26.75 11.07 -25.91
CA VAL J 345 -25.69 11.37 -24.95
C VAL J 345 -24.65 10.26 -25.00
N THR J 346 -23.38 10.64 -25.00
CA THR J 346 -22.28 9.69 -24.96
C THR J 346 -21.86 9.47 -23.50
N LEU J 347 -21.74 8.20 -23.12
CA LEU J 347 -21.41 7.85 -21.73
C LEU J 347 -20.22 6.91 -21.71
N ALA J 348 -19.38 7.09 -20.69
CA ALA J 348 -18.21 6.24 -20.49
C ALA J 348 -18.61 5.03 -19.65
N GLU J 349 -17.63 4.28 -19.18
CA GLU J 349 -17.89 3.09 -18.38
C GLU J 349 -18.37 3.53 -17.00
N SER J 350 -19.70 3.55 -16.82
CA SER J 350 -20.33 3.89 -15.55
C SER J 350 -19.93 5.28 -15.07
N GLY J 351 -20.29 6.28 -15.89
CA GLY J 351 -20.06 7.67 -15.58
C GLY J 351 -21.31 8.38 -15.10
N SER J 352 -21.29 9.70 -15.23
CA SER J 352 -22.45 10.52 -14.90
C SER J 352 -22.44 11.76 -15.76
N PHE J 353 -23.58 12.07 -16.37
CA PHE J 353 -23.70 13.20 -17.27
C PHE J 353 -25.07 13.82 -17.12
N THR J 354 -25.16 15.11 -17.47
CA THR J 354 -26.37 15.89 -17.31
C THR J 354 -27.00 16.19 -18.66
N PHE J 355 -28.27 16.58 -18.63
CA PHE J 355 -29.01 16.93 -19.83
C PHE J 355 -29.98 18.04 -19.50
N HIS J 356 -30.49 18.70 -20.54
CA HIS J 356 -31.43 19.80 -20.40
C HIS J 356 -32.81 19.37 -20.88
N PHE J 357 -33.83 19.90 -20.22
CA PHE J 357 -35.20 19.56 -20.54
C PHE J 357 -36.10 20.73 -20.13
N SER J 358 -37.34 20.69 -20.63
CA SER J 358 -38.34 21.68 -20.28
C SER J 358 -39.66 20.96 -20.02
N THR J 359 -40.43 21.48 -19.07
CA THR J 359 -41.68 20.86 -18.64
C THR J 359 -42.77 21.92 -18.54
N ALA J 360 -43.97 21.45 -18.17
CA ALA J 360 -45.11 22.35 -17.99
C ALA J 360 -45.91 22.00 -16.74
N ASN J 361 -45.43 21.11 -15.89
CA ASN J 361 -46.12 20.74 -14.66
C ASN J 361 -45.19 20.97 -13.47
N ILE J 362 -45.80 21.32 -12.34
CA ILE J 362 -45.03 21.65 -11.14
C ILE J 362 -44.22 20.44 -10.66
N HIS J 363 -44.80 19.25 -10.78
CA HIS J 363 -44.16 18.01 -10.31
C HIS J 363 -44.01 17.08 -11.50
N PRO J 364 -42.91 17.18 -12.24
CA PRO J 364 -42.74 16.33 -13.42
C PRO J 364 -42.40 14.89 -13.06
N ALA J 365 -43.39 14.00 -13.19
CA ALA J 365 -43.19 12.57 -12.98
C ALA J 365 -43.12 11.90 -14.35
N PHE J 366 -41.96 12.01 -14.98
CA PHE J 366 -41.73 11.44 -16.31
C PHE J 366 -40.58 10.46 -16.26
N LYS J 367 -40.77 9.30 -16.88
CA LYS J 367 -39.70 8.32 -16.98
C LYS J 367 -38.81 8.65 -18.19
N LEU J 368 -37.58 8.15 -18.13
CA LEU J 368 -36.58 8.40 -19.15
C LEU J 368 -36.09 7.07 -19.72
N GLN J 369 -36.17 6.93 -21.04
CA GLN J 369 -35.67 5.73 -21.70
C GLN J 369 -34.23 5.98 -22.14
N VAL J 370 -33.31 5.14 -21.66
CA VAL J 370 -31.87 5.24 -22.09
C VAL J 370 -31.35 3.82 -22.33
N CYS J 371 -31.01 3.47 -23.57
CA CYS J 371 -30.54 2.09 -23.90
C CYS J 371 -31.48 1.05 -23.26
N THR J 372 -32.75 1.02 -23.70
CA THR J 372 -33.73 0.06 -23.15
C THR J 372 -33.60 0.00 -21.64
N SER J 373 -33.69 1.16 -20.98
CA SER J 373 -33.58 1.22 -19.53
C SER J 373 -34.36 2.42 -19.03
N ALA J 374 -35.30 2.20 -18.12
CA ALA J 374 -36.20 3.25 -17.65
C ALA J 374 -35.72 3.81 -16.31
N VAL J 375 -36.01 5.09 -16.11
CA VAL J 375 -35.72 5.77 -14.85
C VAL J 375 -36.60 7.01 -14.79
N THR J 376 -37.19 7.26 -13.62
CA THR J 376 -38.13 8.35 -13.43
C THR J 376 -37.45 9.51 -12.71
N CYS J 377 -37.46 10.68 -13.35
CA CYS J 377 -36.85 11.87 -12.77
C CYS J 377 -37.92 12.74 -12.11
N LYS J 378 -38.46 12.22 -11.01
CA LYS J 378 -39.46 12.97 -10.27
C LYS J 378 -38.81 14.11 -9.50
N GLY J 379 -39.51 15.23 -9.42
CA GLY J 379 -38.97 16.40 -8.75
C GLY J 379 -39.96 17.54 -8.74
N ASP J 380 -39.44 18.75 -8.52
CA ASP J 380 -40.25 19.94 -8.39
C ASP J 380 -39.65 21.06 -9.23
N CYS J 381 -40.51 22.02 -9.61
CA CYS J 381 -40.12 23.10 -10.49
C CYS J 381 -40.59 24.44 -9.92
N LYS J 382 -39.91 25.50 -10.33
CA LYS J 382 -40.24 26.85 -9.92
C LYS J 382 -40.55 27.72 -11.15
N PRO J 383 -41.65 28.46 -11.14
CA PRO J 383 -42.01 29.27 -12.31
C PRO J 383 -41.29 30.61 -12.29
N PRO J 384 -40.94 31.14 -13.45
CA PRO J 384 -40.39 32.51 -13.50
C PRO J 384 -41.51 33.54 -13.63
N LYS J 385 -41.14 34.82 -13.73
CA LYS J 385 -42.14 35.88 -13.89
C LYS J 385 -41.71 36.93 -14.90
N ASP J 386 -40.97 36.53 -15.93
CA ASP J 386 -40.48 37.43 -16.96
C ASP J 386 -40.77 36.86 -18.34
N HIS J 387 -42.01 36.41 -18.53
CA HIS J 387 -42.36 35.59 -19.70
C HIS J 387 -42.98 36.45 -20.80
N ILE J 388 -42.11 37.06 -21.61
CA ILE J 388 -42.47 37.50 -22.95
C ILE J 388 -41.30 37.08 -23.85
N VAL J 389 -41.38 35.87 -24.42
CA VAL J 389 -40.25 35.24 -25.08
C VAL J 389 -40.73 34.48 -26.31
N ASP J 390 -39.79 33.78 -26.96
CA ASP J 390 -40.10 32.93 -28.09
C ASP J 390 -41.10 31.85 -27.68
N TYR J 391 -41.65 31.18 -28.69
CA TYR J 391 -42.74 30.25 -28.45
C TYR J 391 -42.27 29.01 -27.69
N PRO J 392 -43.13 28.45 -26.85
CA PRO J 392 -42.72 27.34 -25.99
C PRO J 392 -42.46 26.06 -26.76
N ALA J 393 -41.78 25.13 -26.08
CA ALA J 393 -41.47 23.83 -26.64
C ALA J 393 -42.22 22.70 -25.94
N GLN J 394 -43.10 22.99 -25.00
CA GLN J 394 -43.85 21.94 -24.30
C GLN J 394 -45.21 21.70 -24.96
N HIS J 395 -46.08 22.71 -24.92
CA HIS J 395 -47.45 22.60 -25.42
C HIS J 395 -48.13 21.32 -24.92
N THR J 396 -48.00 21.07 -23.63
CA THR J 396 -48.52 19.84 -23.03
C THR J 396 -49.25 20.14 -21.73
N GLU J 397 -50.00 21.23 -21.68
CA GLU J 397 -50.73 21.58 -20.47
C GLU J 397 -51.81 20.55 -20.18
N SER J 398 -51.92 20.19 -18.90
CA SER J 398 -52.91 19.23 -18.45
C SER J 398 -53.27 19.59 -17.01
N PHE J 399 -53.90 18.66 -16.30
CA PHE J 399 -54.19 18.86 -14.89
C PHE J 399 -52.91 19.14 -14.12
N THR J 400 -52.94 20.17 -13.28
CA THR J 400 -51.75 20.61 -12.56
C THR J 400 -52.12 21.26 -11.24
N ASP K 1 55.12 -82.62 14.08
CA ASP K 1 55.79 -82.91 15.35
C ASP K 1 55.82 -81.67 16.24
N LEU K 2 56.65 -81.62 17.29
CA LEU K 2 56.72 -80.47 18.19
C LEU K 2 57.01 -79.17 17.42
N ASP K 3 57.89 -79.21 16.41
CA ASP K 3 58.33 -77.98 15.68
C ASP K 3 57.33 -77.52 14.62
N THR K 4 56.14 -78.13 14.52
CA THR K 4 55.10 -77.72 13.58
C THR K 4 54.16 -76.68 14.18
N HIS K 5 54.67 -75.82 15.07
CA HIS K 5 53.91 -74.77 15.77
C HIS K 5 54.66 -73.43 15.79
N PHE K 6 55.40 -73.17 14.71
CA PHE K 6 56.27 -72.00 14.56
C PHE K 6 55.55 -70.66 14.75
N THR K 7 54.26 -70.56 14.49
CA THR K 7 53.56 -69.28 14.61
C THR K 7 53.63 -68.74 16.03
N GLN K 8 53.36 -69.59 17.02
CA GLN K 8 53.49 -69.16 18.41
C GLN K 8 54.92 -69.34 18.91
N TYR K 9 55.64 -70.35 18.43
CA TYR K 9 57.00 -70.64 18.90
C TYR K 9 58.04 -69.60 18.47
N LYS K 10 58.00 -69.13 17.23
CA LYS K 10 58.96 -68.14 16.73
C LYS K 10 58.55 -66.71 17.05
N LEU K 11 57.30 -66.35 16.77
CA LEU K 11 56.91 -64.95 16.69
C LEU K 11 56.57 -64.36 18.05
N ALA K 12 56.08 -65.17 18.98
CA ALA K 12 55.61 -64.64 20.25
C ALA K 12 56.78 -64.15 21.11
N ARG K 13 56.49 -63.22 22.02
CA ARG K 13 57.47 -62.66 22.96
C ARG K 13 56.92 -62.70 24.37
N PRO K 14 57.66 -63.17 25.37
CA PRO K 14 57.23 -63.12 26.76
C PRO K 14 57.03 -61.66 27.19
N TYR K 15 55.81 -61.27 27.54
CA TYR K 15 55.54 -59.91 27.98
C TYR K 15 55.40 -59.87 29.51
N ILE K 16 55.44 -58.66 30.05
CA ILE K 16 55.38 -58.44 31.48
C ILE K 16 54.26 -57.44 31.77
N ALA K 17 53.41 -57.76 32.74
CA ALA K 17 52.23 -56.97 33.04
C ALA K 17 52.18 -56.78 34.56
N ASP K 18 51.03 -56.34 35.08
CA ASP K 18 50.89 -55.90 36.46
C ASP K 18 50.17 -56.97 37.30
N CYS K 19 50.92 -57.95 37.84
CA CYS K 19 50.33 -58.95 38.72
C CYS K 19 49.70 -58.26 39.93
N PRO K 20 48.49 -58.66 40.33
CA PRO K 20 47.84 -57.98 41.45
C PRO K 20 48.46 -58.27 42.80
N ASN K 21 49.02 -59.46 42.99
CA ASN K 21 49.52 -59.90 44.29
C ASN K 21 50.93 -60.45 44.18
N CYS K 22 51.80 -59.70 43.51
CA CYS K 22 53.18 -60.14 43.26
C CYS K 22 53.95 -60.12 44.57
N GLY K 23 53.86 -61.22 45.30
CA GLY K 23 54.63 -61.41 46.51
C GLY K 23 54.07 -60.69 47.72
N HIS K 24 54.28 -59.38 47.78
CA HIS K 24 53.76 -58.55 48.87
C HIS K 24 52.69 -57.59 48.39
N SER K 25 52.94 -56.91 47.28
CA SER K 25 51.97 -55.99 46.69
C SER K 25 51.97 -56.23 45.19
N ARG K 26 51.35 -55.33 44.44
CA ARG K 26 51.26 -55.48 42.99
C ARG K 26 52.50 -54.94 42.29
N CYS K 27 53.45 -55.81 41.98
CA CYS K 27 54.61 -55.44 41.20
C CYS K 27 54.32 -55.68 39.72
N ASP K 28 55.34 -55.59 38.88
CA ASP K 28 55.24 -55.96 37.48
C ASP K 28 55.98 -57.28 37.30
N SER K 29 55.28 -58.41 37.46
CA SER K 29 55.93 -59.71 37.36
C SER K 29 55.97 -60.19 35.91
N PRO K 30 57.01 -60.94 35.51
CA PRO K 30 57.07 -61.53 34.18
C PRO K 30 56.08 -62.67 33.99
N ILE K 31 55.46 -63.13 35.08
CA ILE K 31 54.47 -64.22 35.07
C ILE K 31 53.10 -63.69 35.46
N ALA K 32 52.73 -62.50 34.99
CA ALA K 32 51.43 -61.93 35.29
C ALA K 32 50.32 -62.82 34.75
N ILE K 33 49.50 -63.35 35.64
CA ILE K 33 48.48 -64.33 35.30
C ILE K 33 47.32 -63.62 34.62
N GLU K 34 46.73 -64.30 33.63
CA GLU K 34 45.59 -63.78 32.91
C GLU K 34 44.71 -64.93 32.44
N GLU K 35 43.39 -64.71 32.54
CA GLU K 35 42.39 -65.63 31.98
C GLU K 35 42.54 -67.05 32.55
N VAL K 36 42.29 -67.15 33.85
CA VAL K 36 42.19 -68.45 34.48
C VAL K 36 40.85 -69.08 34.10
N ARG K 37 40.90 -70.27 33.54
CA ARG K 37 39.72 -70.93 32.97
C ARG K 37 39.51 -72.28 33.66
N GLY K 38 38.94 -72.25 34.85
CA GLY K 38 38.62 -73.47 35.57
C GLY K 38 37.21 -73.95 35.31
N ASP K 39 36.87 -74.19 34.05
CA ASP K 39 35.51 -74.56 33.66
C ASP K 39 35.38 -76.04 33.32
N ALA K 40 36.39 -76.84 33.61
CA ALA K 40 36.34 -78.27 33.33
C ALA K 40 35.58 -78.98 34.45
N HIS K 41 35.61 -80.31 34.43
CA HIS K 41 34.91 -81.11 35.42
C HIS K 41 35.83 -81.75 36.44
N ALA K 42 36.83 -82.53 35.99
CA ALA K 42 37.64 -83.32 36.88
C ALA K 42 38.67 -82.50 37.64
N GLY K 43 38.70 -81.19 37.45
CA GLY K 43 39.62 -80.36 38.19
C GLY K 43 40.90 -80.01 37.46
N VAL K 44 40.85 -79.90 36.15
CA VAL K 44 42.01 -79.50 35.36
C VAL K 44 41.86 -78.04 34.98
N ILE K 45 42.93 -77.27 35.16
CA ILE K 45 42.90 -75.82 35.03
C ILE K 45 43.82 -75.40 33.90
N ARG K 46 43.37 -74.46 33.08
CA ARG K 46 44.18 -73.87 32.04
C ARG K 46 44.50 -72.43 32.43
N ILE K 47 45.78 -72.10 32.50
CA ILE K 47 46.24 -70.79 32.94
C ILE K 47 47.04 -70.15 31.81
N GLN K 48 46.69 -68.91 31.47
CA GLN K 48 47.39 -68.17 30.43
C GLN K 48 48.32 -67.17 31.12
N THR K 49 49.54 -67.59 31.40
CA THR K 49 50.53 -66.73 32.03
C THR K 49 51.10 -65.73 31.03
N SER K 50 51.86 -64.76 31.54
CA SER K 50 52.58 -63.80 30.71
C SER K 50 53.93 -64.33 30.27
N ALA K 51 54.48 -65.36 30.90
CA ALA K 51 55.73 -65.96 30.46
C ALA K 51 55.48 -66.89 29.28
N MET K 52 56.50 -67.20 28.48
CA MET K 52 56.37 -68.13 27.37
C MET K 52 57.09 -69.42 27.69
N PHE K 53 56.38 -70.46 28.07
CA PHE K 53 56.97 -71.76 28.41
C PHE K 53 57.38 -72.59 27.20
N GLY K 54 58.27 -73.56 27.41
CA GLY K 54 58.68 -74.56 26.43
C GLY K 54 59.89 -74.13 25.61
N LEU K 55 59.77 -73.03 24.87
CA LEU K 55 60.73 -72.72 23.83
C LEU K 55 61.88 -71.86 24.34
N LYS K 56 63.08 -72.44 24.32
CA LYS K 56 64.36 -71.75 24.33
C LYS K 56 64.39 -70.68 23.21
N THR K 57 65.21 -69.65 23.35
CA THR K 57 65.42 -68.62 22.31
C THR K 57 65.86 -69.18 20.96
N ASP K 58 66.46 -70.37 20.97
CA ASP K 58 67.19 -70.97 19.86
C ASP K 58 66.27 -71.86 19.01
N GLY K 59 65.15 -71.31 18.57
CA GLY K 59 64.11 -72.02 17.83
C GLY K 59 63.06 -72.64 18.73
N VAL K 60 63.27 -73.87 19.20
CA VAL K 60 62.29 -74.65 20.00
C VAL K 60 62.97 -75.55 21.04
N ASP K 61 62.24 -75.92 22.09
CA ASP K 61 62.60 -76.94 23.09
C ASP K 61 61.31 -77.34 23.83
N LEU K 62 61.43 -78.02 24.98
CA LEU K 62 60.34 -78.19 25.94
C LEU K 62 60.86 -78.14 27.38
N ALA K 63 62.09 -78.57 27.65
CA ALA K 63 62.69 -78.50 28.99
C ALA K 63 63.12 -77.08 29.42
N TYR K 64 62.76 -76.05 28.66
CA TYR K 64 63.18 -74.66 28.87
C TYR K 64 61.97 -73.73 28.95
N MET K 65 62.20 -72.53 29.44
CA MET K 65 61.20 -71.50 29.66
C MET K 65 61.78 -70.17 29.22
N SER K 66 60.96 -69.33 28.60
CA SER K 66 61.37 -67.99 28.22
C SER K 66 60.53 -66.99 28.98
N PHE K 67 61.18 -66.24 29.86
CA PHE K 67 60.56 -65.15 30.59
C PHE K 67 61.41 -63.91 30.39
N MET K 68 60.78 -62.76 30.44
CA MET K 68 61.45 -61.50 30.15
C MET K 68 61.87 -60.76 31.42
N ASN K 69 63.17 -60.72 31.71
CA ASN K 69 63.75 -59.84 32.72
C ASN K 69 64.44 -58.69 32.03
N GLY K 70 64.05 -57.46 32.33
CA GLY K 70 64.64 -56.34 31.64
C GLY K 70 64.14 -56.25 30.21
N LYS K 71 64.98 -55.73 29.33
CA LYS K 71 64.69 -55.59 27.91
C LYS K 71 64.99 -56.87 27.12
N THR K 72 65.51 -57.90 27.77
CA THR K 72 65.97 -59.13 27.11
C THR K 72 65.25 -60.34 27.66
N GLN K 73 65.09 -61.39 26.84
CA GLN K 73 64.44 -62.65 27.21
C GLN K 73 65.43 -63.63 27.85
N LYS K 74 65.66 -63.54 29.15
CA LYS K 74 66.62 -64.38 29.89
C LYS K 74 66.13 -65.83 30.05
N SER K 75 66.03 -66.59 28.97
CA SER K 75 65.54 -67.96 29.00
C SER K 75 66.40 -68.91 29.85
N ILE K 76 65.76 -69.87 30.53
CA ILE K 76 66.39 -70.84 31.46
C ILE K 76 65.73 -72.22 31.37
N LYS K 77 66.36 -73.25 31.95
CA LYS K 77 65.68 -74.53 32.17
C LYS K 77 64.53 -74.37 33.16
N ILE K 78 63.32 -74.78 32.78
CA ILE K 78 62.21 -74.87 33.73
C ILE K 78 62.47 -76.03 34.70
N ASP K 79 62.35 -75.76 36.00
CA ASP K 79 63.00 -76.57 37.03
C ASP K 79 62.17 -76.77 38.31
N ASN K 80 61.44 -75.75 38.75
CA ASN K 80 60.67 -75.79 40.01
C ASN K 80 59.35 -75.02 39.94
N LEU K 81 58.78 -74.92 38.73
CA LEU K 81 57.53 -74.22 38.42
C LEU K 81 56.37 -74.68 39.32
N HIS K 82 55.95 -73.82 40.24
CA HIS K 82 54.84 -74.14 41.16
C HIS K 82 53.51 -73.71 40.53
N VAL K 83 52.42 -74.41 40.82
CA VAL K 83 51.05 -74.02 40.38
C VAL K 83 50.26 -74.26 41.66
N ARG K 84 49.88 -73.25 42.43
CA ARG K 84 49.33 -73.45 43.76
C ARG K 84 47.86 -73.09 43.83
N THR K 85 47.20 -73.74 44.78
CA THR K 85 45.81 -73.47 45.15
C THR K 85 45.77 -73.59 46.67
N SER K 86 44.57 -73.75 47.24
CA SER K 86 44.44 -74.05 48.66
C SER K 86 45.44 -75.11 49.11
N ALA K 87 45.72 -76.06 48.22
CA ALA K 87 46.83 -76.99 48.35
C ALA K 87 47.63 -76.97 47.05
N PRO K 88 48.93 -77.24 47.12
CA PRO K 88 49.76 -77.18 45.90
C PRO K 88 49.27 -78.17 44.85
N CYS K 89 49.33 -77.75 43.60
CA CYS K 89 48.78 -78.53 42.50
C CYS K 89 49.86 -79.43 41.90
N SER K 90 49.54 -80.05 40.75
CA SER K 90 50.48 -80.87 40.00
C SER K 90 50.26 -80.57 38.53
N LEU K 91 51.16 -79.80 37.92
CA LEU K 91 51.01 -79.40 36.54
C LEU K 91 51.09 -80.59 35.58
N VAL K 92 50.34 -80.50 34.49
CA VAL K 92 50.23 -81.57 33.51
C VAL K 92 51.11 -81.28 32.32
N SER K 93 50.94 -80.13 31.67
CA SER K 93 51.78 -79.76 30.52
C SER K 93 51.80 -78.25 30.31
N HIS K 94 52.84 -77.73 29.65
CA HIS K 94 52.96 -76.27 29.39
C HIS K 94 53.31 -75.98 27.93
N HIS K 95 52.66 -74.99 27.32
CA HIS K 95 52.88 -74.65 25.92
C HIS K 95 52.80 -73.14 25.75
N GLY K 96 53.96 -72.49 25.61
CA GLY K 96 54.01 -71.06 25.41
C GLY K 96 53.30 -70.27 26.50
N TYR K 97 52.38 -69.38 26.14
CA TYR K 97 51.65 -68.61 27.14
C TYR K 97 50.84 -69.45 28.11
N TYR K 98 50.39 -70.64 27.71
CA TYR K 98 49.46 -71.41 28.50
C TYR K 98 50.14 -72.56 29.24
N ILE K 99 49.62 -72.88 30.44
CA ILE K 99 50.12 -74.02 31.27
C ILE K 99 48.92 -74.75 31.88
N LEU K 100 48.73 -76.03 31.55
CA LEU K 100 47.59 -76.83 32.00
C LEU K 100 47.99 -77.58 33.26
N ALA K 101 47.20 -77.44 34.32
CA ALA K 101 47.51 -78.07 35.59
C ALA K 101 46.24 -78.59 36.22
N GLN K 102 46.41 -79.57 37.11
CA GLN K 102 45.33 -80.14 37.89
C GLN K 102 45.49 -79.71 39.35
N CYS K 103 44.45 -79.15 39.92
CA CYS K 103 44.50 -78.51 41.23
C CYS K 103 43.43 -79.09 42.14
N PRO K 104 43.63 -79.02 43.44
CA PRO K 104 42.54 -79.29 44.38
C PRO K 104 41.69 -78.05 44.58
N PRO K 105 40.50 -78.19 45.17
CA PRO K 105 39.63 -77.03 45.32
C PRO K 105 40.27 -75.93 46.15
N GLY K 106 39.94 -74.69 45.80
CA GLY K 106 40.51 -73.54 46.49
C GLY K 106 39.93 -72.28 45.90
N ASP K 107 40.36 -71.15 46.49
CA ASP K 107 39.86 -69.85 46.10
C ASP K 107 40.92 -68.95 45.47
N THR K 108 42.20 -69.35 45.50
CA THR K 108 43.26 -68.57 44.89
C THR K 108 44.14 -69.47 44.05
N VAL K 109 44.64 -68.92 42.94
CA VAL K 109 45.58 -69.61 42.07
C VAL K 109 46.85 -68.77 41.97
N THR K 110 47.98 -69.40 42.27
CA THR K 110 49.27 -68.73 42.21
C THR K 110 50.21 -69.49 41.29
N VAL K 111 51.02 -68.83 40.50
CA VAL K 111 52.02 -69.46 39.63
C VAL K 111 53.38 -68.93 40.01
N GLY K 112 54.41 -69.76 39.96
CA GLY K 112 55.76 -69.26 40.07
C GLY K 112 56.81 -70.35 39.99
N PHE K 113 57.71 -70.24 39.03
CA PHE K 113 59.04 -70.81 39.19
C PHE K 113 59.81 -70.08 40.29
N HIS K 114 61.08 -70.49 40.49
CA HIS K 114 62.02 -69.91 41.50
C HIS K 114 63.43 -69.94 40.88
N ASP K 115 63.73 -69.01 39.98
CA ASP K 115 64.99 -68.93 39.20
C ASP K 115 66.26 -69.09 40.06
N GLY K 116 66.13 -68.92 41.37
CA GLY K 116 67.10 -69.37 42.38
C GLY K 116 67.54 -68.21 43.25
N PRO K 117 68.21 -67.21 42.66
CA PRO K 117 68.52 -65.96 43.38
C PRO K 117 67.26 -65.14 43.63
N ASN K 118 66.18 -65.45 42.92
CA ASN K 118 64.94 -64.71 43.04
C ASN K 118 63.78 -65.65 42.73
N ARG K 119 62.59 -65.28 43.21
CA ARG K 119 61.43 -66.16 43.08
C ARG K 119 60.59 -65.82 41.86
N HIS K 120 60.13 -64.57 41.77
CA HIS K 120 59.33 -64.11 40.59
C HIS K 120 58.03 -64.93 40.48
N THR K 121 57.19 -64.87 41.52
CA THR K 121 55.91 -65.55 41.51
C THR K 121 54.79 -64.54 41.27
N CYS K 122 53.56 -65.06 41.13
CA CYS K 122 52.40 -64.21 40.92
C CYS K 122 51.15 -65.00 41.26
N THR K 123 50.16 -64.32 41.83
CA THR K 123 48.88 -64.91 42.18
C THR K 123 47.76 -64.01 41.68
N VAL K 124 46.53 -64.49 41.85
CA VAL K 124 45.35 -63.75 41.43
C VAL K 124 44.12 -64.32 42.13
N ALA K 125 43.18 -63.46 42.49
CA ALA K 125 41.99 -63.89 43.22
C ALA K 125 40.98 -64.47 42.24
N HIS K 126 40.74 -65.77 42.34
CA HIS K 126 39.77 -66.44 41.48
C HIS K 126 39.36 -67.78 42.06
N LYS K 127 38.08 -67.92 42.42
CA LYS K 127 37.62 -69.16 43.03
C LYS K 127 37.70 -70.31 42.03
N VAL K 128 38.05 -71.49 42.54
CA VAL K 128 38.15 -72.71 41.73
C VAL K 128 37.33 -73.79 42.40
N GLU K 129 36.26 -74.21 41.76
CA GLU K 129 35.37 -75.24 42.31
C GLU K 129 35.32 -76.40 41.33
N PHE K 130 35.23 -77.61 41.87
CA PHE K 130 35.40 -78.84 41.08
C PHE K 130 34.18 -79.73 41.29
N ARG K 131 33.21 -79.66 40.38
CA ARG K 131 32.06 -80.53 40.48
C ARG K 131 32.36 -81.80 39.68
N PRO K 132 32.46 -82.95 40.32
CA PRO K 132 32.66 -84.20 39.57
C PRO K 132 31.44 -84.52 38.73
N VAL K 133 31.70 -85.13 37.57
CA VAL K 133 30.62 -85.49 36.67
C VAL K 133 29.83 -86.65 37.27
N GLY K 134 28.52 -86.48 37.36
CA GLY K 134 27.69 -87.54 37.88
C GLY K 134 26.71 -87.07 38.93
N ARG K 135 26.10 -88.02 39.64
CA ARG K 135 25.10 -87.71 40.65
C ARG K 135 25.68 -87.62 42.05
N GLU K 136 26.96 -87.92 42.23
CA GLU K 136 27.58 -87.96 43.56
C GLU K 136 28.55 -86.79 43.68
N LYS K 137 28.30 -85.92 44.66
CA LYS K 137 29.14 -84.74 44.89
C LYS K 137 30.42 -85.18 45.60
N TYR K 138 31.30 -85.80 44.81
CA TYR K 138 32.56 -86.29 45.34
C TYR K 138 33.58 -85.16 45.39
N ARG K 139 34.82 -85.49 45.72
CA ARG K 139 35.90 -84.50 45.77
C ARG K 139 37.08 -84.86 44.88
N HIS K 140 37.48 -86.13 44.81
CA HIS K 140 38.65 -86.51 44.05
C HIS K 140 38.28 -87.67 43.15
N PRO K 141 38.87 -87.77 41.96
CA PRO K 141 38.58 -88.91 41.08
C PRO K 141 38.97 -90.22 41.75
N PRO K 142 38.02 -91.12 41.94
CA PRO K 142 38.32 -92.35 42.68
C PRO K 142 39.08 -93.37 41.84
N GLU K 143 39.53 -94.44 42.49
CA GLU K 143 40.28 -95.47 41.78
C GLU K 143 39.41 -96.22 40.80
N HIS K 144 38.15 -96.46 41.15
CA HIS K 144 37.26 -97.30 40.36
C HIS K 144 35.91 -96.61 40.26
N GLY K 145 34.93 -97.34 39.74
CA GLY K 145 33.60 -96.81 39.54
C GLY K 145 33.24 -96.71 38.07
N VAL K 146 31.99 -96.34 37.82
CA VAL K 146 31.51 -96.21 36.45
C VAL K 146 32.11 -94.96 35.81
N GLU K 147 31.96 -94.87 34.49
CA GLU K 147 32.47 -93.74 33.72
C GLU K 147 31.32 -93.00 33.05
N LEU K 148 31.50 -91.70 32.86
CA LEU K 148 30.45 -90.85 32.34
C LEU K 148 31.07 -89.88 31.34
N PRO K 149 30.29 -89.35 30.41
CA PRO K 149 30.84 -88.43 29.41
C PRO K 149 31.12 -87.05 29.97
N CYS K 150 32.29 -86.88 30.59
CA CYS K 150 32.70 -85.60 31.14
C CYS K 150 33.22 -84.70 30.05
N ASN K 151 33.61 -83.48 30.43
CA ASN K 151 34.24 -82.52 29.53
C ASN K 151 35.44 -81.91 30.24
N ARG K 152 36.57 -81.83 29.53
CA ARG K 152 37.80 -81.33 30.11
C ARG K 152 38.72 -80.89 28.99
N TYR K 153 39.93 -80.49 29.36
CA TYR K 153 40.93 -80.00 28.43
C TYR K 153 41.92 -81.10 28.07
N THR K 154 42.18 -81.25 26.77
CA THR K 154 43.12 -82.27 26.33
C THR K 154 44.55 -81.87 26.68
N HIS K 155 45.37 -82.87 26.99
CA HIS K 155 46.79 -82.61 27.20
C HIS K 155 47.50 -82.37 25.88
N LYS K 156 46.88 -82.76 24.76
CA LYS K 156 47.45 -82.52 23.45
C LYS K 156 47.48 -81.03 23.13
N ARG K 157 48.47 -80.67 22.31
CA ARG K 157 48.83 -79.28 21.97
C ARG K 157 48.61 -78.93 20.50
N ALA K 158 48.72 -79.91 19.61
CA ALA K 158 48.62 -79.68 18.18
C ALA K 158 47.17 -79.60 17.73
N ASP K 159 46.46 -78.57 18.19
CA ASP K 159 45.06 -78.36 17.83
C ASP K 159 44.88 -76.92 17.37
N GLN K 160 43.85 -76.72 16.54
CA GLN K 160 43.50 -75.40 16.05
C GLN K 160 42.00 -75.16 16.15
N GLY K 161 41.38 -75.62 17.22
CA GLY K 161 39.97 -75.39 17.41
C GLY K 161 39.64 -73.91 17.58
N HIS K 162 40.50 -73.18 18.27
CA HIS K 162 40.26 -71.77 18.53
C HIS K 162 41.57 -70.99 18.36
N TYR K 163 41.43 -69.69 18.17
CA TYR K 163 42.58 -68.83 17.92
C TYR K 163 42.48 -67.59 18.81
N VAL K 164 43.62 -66.94 19.01
CA VAL K 164 43.67 -65.70 19.77
C VAL K 164 44.52 -64.69 18.99
N GLU K 165 44.27 -63.42 19.26
CA GLU K 165 44.94 -62.35 18.53
C GLU K 165 46.36 -62.14 19.05
N MET K 166 47.21 -61.60 18.18
CA MET K 166 48.59 -61.28 18.56
C MET K 166 49.08 -60.19 17.61
N HIS K 167 49.23 -58.97 18.13
CA HIS K 167 49.62 -57.78 17.32
C HIS K 167 50.89 -57.13 17.86
N GLN K 168 51.36 -56.06 17.21
CA GLN K 168 52.61 -55.34 17.61
C GLN K 168 52.56 -54.91 19.08
N PRO K 169 53.66 -55.07 19.86
CA PRO K 169 53.67 -54.56 21.24
C PRO K 169 53.59 -53.03 21.26
N GLY K 170 53.05 -52.51 22.36
CA GLY K 170 52.99 -51.07 22.59
C GLY K 170 54.34 -50.48 22.96
N LEU K 171 54.34 -49.16 23.16
CA LEU K 171 55.52 -48.37 23.56
C LEU K 171 55.86 -48.64 25.03
N VAL K 172 56.62 -49.69 25.32
CA VAL K 172 57.08 -50.01 26.67
C VAL K 172 57.98 -48.88 27.19
N ALA K 173 57.72 -48.37 28.39
CA ALA K 173 58.59 -47.38 29.00
C ALA K 173 59.81 -48.02 29.66
N ASP K 174 60.97 -47.37 29.63
CA ASP K 174 62.15 -47.82 30.36
C ASP K 174 62.99 -46.63 30.84
N HIS K 175 62.81 -46.26 32.12
CA HIS K 175 63.53 -45.08 32.66
C HIS K 175 65.05 -45.27 32.56
N SER K 176 65.55 -46.51 32.66
CA SER K 176 67.00 -46.71 32.70
C SER K 176 67.73 -46.21 31.45
N LEU K 177 67.02 -45.91 30.36
CA LEU K 177 67.62 -45.37 29.13
C LEU K 177 68.05 -43.90 29.24
N LEU K 178 67.44 -43.10 30.13
CA LEU K 178 67.77 -41.68 30.28
C LEU K 178 69.04 -41.48 31.11
N SER K 179 70.18 -41.93 30.60
CA SER K 179 71.49 -41.58 31.17
C SER K 179 71.85 -40.10 30.92
N ILE K 180 72.92 -39.61 31.51
CA ILE K 180 73.42 -38.24 31.31
C ILE K 180 74.92 -38.26 31.04
N HIS K 181 75.40 -37.23 30.33
CA HIS K 181 76.82 -37.06 30.03
C HIS K 181 77.41 -35.84 30.74
N SER K 182 76.87 -35.52 31.92
CA SER K 182 77.35 -34.43 32.79
C SER K 182 77.09 -33.06 32.17
N ALA K 183 76.58 -32.97 30.94
CA ALA K 183 76.21 -31.72 30.26
C ALA K 183 74.77 -31.78 29.74
N LYS K 184 74.41 -32.92 29.16
CA LYS K 184 73.09 -33.23 28.60
C LYS K 184 72.77 -34.71 28.77
N VAL K 185 71.50 -35.07 28.64
CA VAL K 185 71.03 -36.47 28.73
C VAL K 185 71.37 -37.26 27.47
N LYS K 186 71.85 -38.48 27.64
CA LYS K 186 72.21 -39.40 26.55
C LYS K 186 71.22 -40.54 26.53
N ILE K 187 70.64 -40.74 25.36
CA ILE K 187 69.79 -41.88 25.08
C ILE K 187 70.67 -43.02 24.57
N THR K 188 70.21 -44.24 24.66
CA THR K 188 70.94 -45.42 24.18
C THR K 188 69.98 -46.41 23.56
N VAL K 189 70.46 -47.26 22.65
CA VAL K 189 69.69 -48.39 22.11
C VAL K 189 70.56 -49.64 22.20
N PRO K 190 70.05 -50.77 22.70
CA PRO K 190 70.85 -51.99 22.80
C PRO K 190 71.23 -52.55 21.43
N SER K 191 70.23 -52.92 20.61
CA SER K 191 70.45 -53.51 19.30
C SER K 191 69.19 -53.41 18.44
N GLY K 192 69.27 -52.70 17.31
CA GLY K 192 68.17 -52.60 16.33
C GLY K 192 66.93 -51.85 16.83
N ALA K 193 66.88 -51.49 18.12
CA ALA K 193 65.80 -50.72 18.73
C ALA K 193 65.73 -49.30 18.17
N GLN K 194 64.57 -48.66 18.34
CA GLN K 194 64.31 -47.30 17.87
C GLN K 194 63.47 -46.53 18.91
N VAL K 195 64.15 -46.06 19.95
CA VAL K 195 63.56 -45.39 21.10
C VAL K 195 62.91 -44.05 20.73
N LYS K 196 62.04 -43.53 21.60
CA LYS K 196 61.43 -42.20 21.49
C LYS K 196 61.90 -41.26 22.60
N TYR K 197 62.36 -40.08 22.21
CA TYR K 197 62.82 -39.01 23.09
C TYR K 197 61.70 -38.00 23.32
N TYR K 198 61.36 -37.79 24.58
CA TYR K 198 60.42 -36.76 25.02
C TYR K 198 60.96 -36.09 26.30
N CYS K 199 60.93 -34.77 26.42
CA CYS K 199 61.35 -34.05 27.65
C CYS K 199 60.49 -32.81 27.90
N LYS K 200 60.43 -32.39 29.16
CA LYS K 200 59.55 -31.33 29.64
C LYS K 200 59.99 -29.96 29.14
N CYS K 201 61.30 -29.72 29.04
CA CYS K 201 61.85 -28.49 28.49
C CYS K 201 61.32 -28.24 27.06
N PRO K 202 61.12 -26.98 26.66
CA PRO K 202 60.66 -26.66 25.31
C PRO K 202 61.74 -26.99 24.27
N ASP K 203 61.55 -28.11 23.58
CA ASP K 203 62.52 -28.77 22.69
C ASP K 203 61.76 -29.67 21.69
N VAL K 204 62.48 -30.39 20.82
CA VAL K 204 61.90 -31.44 19.98
C VAL K 204 61.19 -32.49 20.85
N ARG K 205 59.87 -32.55 20.74
CA ARG K 205 59.00 -33.41 21.57
C ARG K 205 58.88 -34.83 21.02
N GLU K 206 59.07 -35.00 19.73
CA GLU K 206 58.91 -36.27 19.02
C GLU K 206 60.09 -37.23 19.20
N GLY K 207 61.32 -36.78 18.91
CA GLY K 207 62.55 -37.48 19.25
C GLY K 207 62.67 -38.93 18.80
N ILE K 208 61.97 -39.38 17.76
CA ILE K 208 62.12 -40.77 17.29
C ILE K 208 63.53 -40.92 16.76
N THR K 209 64.32 -41.81 17.33
CA THR K 209 65.73 -41.94 16.91
C THR K 209 66.37 -43.27 17.33
N SER K 210 67.38 -43.73 16.61
CA SER K 210 68.44 -44.61 17.14
C SER K 210 69.37 -43.86 18.12
N SER K 211 70.54 -44.42 18.46
CA SER K 211 71.47 -43.86 19.45
C SER K 211 71.77 -42.38 19.19
N ASP K 212 71.43 -41.52 20.15
CA ASP K 212 71.39 -40.06 19.98
C ASP K 212 71.33 -39.36 21.36
N HIS K 213 71.15 -38.05 21.38
CA HIS K 213 71.15 -37.24 22.58
C HIS K 213 70.19 -36.06 22.52
N THR K 214 69.79 -35.60 23.70
CA THR K 214 68.86 -34.47 23.86
C THR K 214 69.44 -33.17 23.29
N THR K 215 68.57 -32.25 22.90
CA THR K 215 68.94 -30.92 22.39
C THR K 215 69.38 -29.96 23.49
N THR K 216 68.54 -29.77 24.51
CA THR K 216 68.75 -28.75 25.55
C THR K 216 68.43 -29.29 26.94
N CYS K 217 67.32 -30.03 27.11
CA CYS K 217 66.90 -30.50 28.43
C CYS K 217 67.96 -31.35 29.14
N THR K 218 68.00 -31.26 30.46
CA THR K 218 69.06 -31.82 31.30
C THR K 218 68.54 -32.69 32.45
N ASP K 219 67.37 -32.36 33.01
CA ASP K 219 66.79 -33.12 34.12
C ASP K 219 66.22 -34.46 33.67
N VAL K 220 66.84 -35.57 34.09
CA VAL K 220 66.37 -36.93 33.79
C VAL K 220 64.91 -37.14 34.21
N LYS K 221 64.55 -36.69 35.41
CA LYS K 221 63.16 -36.74 35.91
C LYS K 221 62.17 -35.90 35.10
N GLN K 222 62.65 -35.03 34.22
CA GLN K 222 61.83 -34.24 33.31
C GLN K 222 61.83 -34.81 31.89
N CYS K 223 62.06 -36.11 31.72
CA CYS K 223 62.05 -36.75 30.40
C CYS K 223 61.33 -38.10 30.40
N ARG K 224 61.13 -38.65 29.20
CA ARG K 224 60.55 -39.98 28.96
C ARG K 224 61.41 -40.74 27.96
N ALA K 225 61.61 -42.01 28.24
CA ALA K 225 62.30 -42.94 27.38
C ALA K 225 61.31 -44.05 27.02
N TYR K 226 60.71 -43.98 25.85
CA TYR K 226 59.88 -45.07 25.34
C TYR K 226 60.69 -45.95 24.40
N LEU K 227 60.52 -47.26 24.51
CA LEU K 227 61.26 -48.24 23.76
C LEU K 227 60.35 -48.93 22.74
N ILE K 228 60.85 -49.14 21.52
CA ILE K 228 60.15 -49.83 20.44
C ILE K 228 60.90 -51.12 20.10
N ASP K 229 60.21 -52.25 20.10
CA ASP K 229 60.78 -53.59 19.83
C ASP K 229 59.89 -54.40 18.89
N ASN K 230 59.41 -53.75 17.84
CA ASN K 230 58.42 -54.30 16.92
C ASN K 230 58.90 -55.56 16.17
N LYS K 231 60.13 -56.04 16.44
CA LYS K 231 60.61 -57.26 15.78
C LYS K 231 59.80 -58.48 16.21
N LYS K 232 59.33 -58.53 17.45
CA LYS K 232 58.47 -59.62 17.94
C LYS K 232 57.07 -59.09 18.23
N TRP K 233 56.16 -59.98 18.55
CA TRP K 233 54.77 -59.66 18.82
C TRP K 233 54.33 -60.33 20.11
N VAL K 234 53.32 -59.73 20.75
CA VAL K 234 52.86 -60.17 22.05
C VAL K 234 51.35 -60.38 22.01
N TYR K 235 50.86 -61.07 23.02
CA TYR K 235 49.43 -61.34 23.16
C TYR K 235 48.67 -60.04 23.45
N ASN K 236 47.42 -60.01 23.00
CA ASN K 236 46.53 -58.86 23.24
C ASN K 236 46.03 -58.92 24.68
N SER K 237 46.91 -58.52 25.59
CA SER K 237 46.56 -58.54 27.00
C SER K 237 45.93 -57.22 27.43
N GLY K 238 45.02 -57.32 28.39
CA GLY K 238 44.34 -56.15 28.91
C GLY K 238 45.10 -55.35 29.94
N ARG K 239 46.31 -55.78 30.28
CA ARG K 239 47.16 -55.06 31.23
C ARG K 239 48.36 -54.43 30.56
N LEU K 240 48.35 -54.33 29.23
CA LEU K 240 49.47 -53.80 28.48
C LEU K 240 48.98 -52.70 27.55
N PRO K 241 49.66 -51.54 27.48
CA PRO K 241 49.21 -50.41 26.68
C PRO K 241 49.24 -50.74 25.19
N ARG K 242 48.14 -50.44 24.48
CA ARG K 242 47.98 -50.73 23.05
C ARG K 242 49.04 -49.99 22.24
N GLY K 243 49.60 -50.65 21.22
CA GLY K 243 50.38 -49.95 20.20
C GLY K 243 49.51 -48.98 19.40
N GLU K 244 50.04 -47.82 19.02
CA GLU K 244 49.25 -46.74 18.38
C GLU K 244 48.90 -47.02 16.91
N GLY K 245 49.30 -48.17 16.37
CA GLY K 245 49.27 -48.46 14.94
C GLY K 245 48.16 -49.42 14.53
N ASP K 246 48.51 -50.45 13.80
CA ASP K 246 47.60 -51.46 13.30
C ASP K 246 47.60 -52.71 14.18
N THR K 247 46.46 -53.38 14.25
CA THR K 247 46.31 -54.70 14.83
C THR K 247 46.96 -55.75 13.95
N PHE K 248 48.25 -55.98 14.13
CA PHE K 248 48.95 -57.00 13.38
C PHE K 248 48.29 -58.36 13.60
N LYS K 249 48.17 -59.12 12.52
CA LYS K 249 47.43 -60.37 12.56
C LYS K 249 48.34 -61.51 13.01
N GLY K 250 47.89 -62.74 12.82
CA GLY K 250 48.61 -63.89 13.31
C GLY K 250 47.84 -64.57 14.42
N LYS K 251 47.15 -65.65 14.10
CA LYS K 251 46.27 -66.32 15.03
C LYS K 251 47.06 -67.41 15.75
N LEU K 252 47.35 -67.17 17.03
CA LEU K 252 47.99 -68.19 17.85
C LEU K 252 46.95 -69.22 18.28
N HIS K 253 47.13 -70.46 17.86
CA HIS K 253 46.21 -71.51 18.25
C HIS K 253 46.27 -71.74 19.75
N VAL K 254 45.12 -72.01 20.34
CA VAL K 254 45.01 -72.27 21.78
C VAL K 254 45.49 -73.70 22.02
N PRO K 255 46.54 -73.90 22.82
CA PRO K 255 47.12 -75.25 22.94
C PRO K 255 46.19 -76.28 23.54
N PHE K 256 45.31 -75.88 24.46
CA PHE K 256 44.48 -76.83 25.19
C PHE K 256 43.03 -76.40 25.09
N VAL K 257 42.33 -76.94 24.09
CA VAL K 257 40.90 -76.67 23.90
C VAL K 257 40.09 -77.71 24.65
N PRO K 258 38.88 -77.39 25.09
CA PRO K 258 38.05 -78.41 25.75
C PRO K 258 37.66 -79.51 24.78
N VAL K 259 37.53 -80.73 25.32
CA VAL K 259 37.12 -81.89 24.54
C VAL K 259 36.19 -82.74 25.40
N LYS K 260 35.46 -83.64 24.75
CA LYS K 260 34.46 -84.47 25.41
C LYS K 260 35.08 -85.84 25.70
N ALA K 261 35.81 -85.92 26.80
CA ALA K 261 36.48 -87.14 27.20
C ALA K 261 35.59 -87.97 28.13
N LYS K 262 36.18 -88.99 28.75
CA LYS K 262 35.48 -89.88 29.67
C LYS K 262 36.24 -89.90 30.99
N CYS K 263 35.61 -89.39 32.05
CA CYS K 263 36.21 -89.41 33.38
C CYS K 263 35.62 -90.55 34.21
N ILE K 264 36.43 -91.08 35.12
CA ILE K 264 35.97 -92.11 36.03
C ILE K 264 35.15 -91.45 37.15
N ALA K 265 33.92 -91.90 37.31
CA ALA K 265 33.03 -91.36 38.33
C ALA K 265 32.88 -92.36 39.47
N THR K 266 32.56 -91.83 40.64
CA THR K 266 32.44 -92.67 41.82
C THR K 266 31.19 -93.55 41.74
N LEU K 267 31.16 -94.57 42.58
CA LEU K 267 30.08 -95.56 42.58
C LEU K 267 29.61 -95.73 44.02
N ALA K 268 28.40 -95.24 44.30
CA ALA K 268 27.89 -95.29 45.65
C ALA K 268 27.62 -96.74 46.07
N PRO K 269 27.70 -97.03 47.37
CA PRO K 269 27.42 -98.39 47.83
C PRO K 269 25.99 -98.80 47.53
N GLU K 270 25.81 -100.10 47.28
CA GLU K 270 24.50 -100.60 46.91
C GLU K 270 23.53 -100.43 48.07
N PRO K 271 22.31 -99.96 47.82
CA PRO K 271 21.31 -99.88 48.89
C PRO K 271 20.86 -101.27 49.33
N LEU K 272 20.46 -101.36 50.59
CA LEU K 272 19.91 -102.58 51.16
C LEU K 272 18.39 -102.49 51.09
N VAL K 273 17.75 -103.19 50.15
CA VAL K 273 16.29 -103.18 50.08
C VAL K 273 15.67 -104.01 51.20
N GLU K 274 14.50 -103.61 51.69
CA GLU K 274 13.69 -104.41 52.59
C GLU K 274 12.22 -104.23 52.22
N HIS K 275 11.61 -105.22 51.57
CA HIS K 275 10.21 -105.08 51.13
C HIS K 275 9.23 -105.09 52.31
N LYS K 276 8.11 -104.39 52.12
CA LYS K 276 7.05 -104.16 53.10
C LYS K 276 5.72 -103.97 52.32
N HIS K 277 4.57 -104.18 52.94
CA HIS K 277 3.31 -104.19 52.19
C HIS K 277 3.00 -102.85 51.50
N ARG K 278 3.05 -102.81 50.16
CA ARG K 278 2.93 -101.58 49.36
C ARG K 278 3.89 -100.48 49.77
N THR K 279 5.07 -100.86 50.27
CA THR K 279 6.03 -99.92 50.84
C THR K 279 7.43 -100.46 50.61
N LEU K 280 8.34 -99.59 50.16
CA LEU K 280 9.71 -99.97 49.84
C LEU K 280 10.63 -99.33 50.86
N ILE K 281 10.97 -100.07 51.91
CA ILE K 281 11.97 -99.60 52.86
C ILE K 281 13.34 -99.69 52.21
N LEU K 282 14.07 -98.58 52.19
CA LEU K 282 15.35 -98.50 51.50
C LEU K 282 16.42 -98.08 52.51
N HIS K 283 17.35 -98.99 52.78
CA HIS K 283 18.49 -98.66 53.63
C HIS K 283 19.62 -98.08 52.77
N LEU K 284 20.12 -96.92 53.18
CA LEU K 284 21.13 -96.21 52.41
C LEU K 284 22.34 -95.91 53.29
N HIS K 285 23.53 -96.14 52.74
CA HIS K 285 24.78 -95.86 53.44
C HIS K 285 25.71 -95.11 52.49
N PRO K 286 25.41 -93.85 52.20
CA PRO K 286 26.24 -93.09 51.28
C PRO K 286 27.63 -92.85 51.84
N ASP K 287 28.62 -92.82 50.94
CA ASP K 287 29.97 -92.42 51.29
C ASP K 287 30.19 -90.93 51.11
N HIS K 288 29.61 -90.34 50.08
CA HIS K 288 29.67 -88.92 49.81
C HIS K 288 28.29 -88.45 49.40
N PRO K 289 27.98 -87.16 49.58
CA PRO K 289 26.64 -86.66 49.23
C PRO K 289 26.25 -87.00 47.81
N THR K 290 25.21 -87.85 47.68
CA THR K 290 24.78 -88.36 46.40
C THR K 290 23.30 -88.06 46.17
N LEU K 291 22.96 -87.73 44.93
CA LEU K 291 21.58 -87.43 44.57
C LEU K 291 20.76 -88.71 44.58
N LEU K 292 19.54 -88.63 45.06
CA LEU K 292 18.57 -89.71 44.98
C LEU K 292 17.30 -89.21 44.31
N THR K 293 16.93 -89.84 43.20
CA THR K 293 15.75 -89.44 42.43
C THR K 293 14.83 -90.63 42.25
N THR K 294 13.55 -90.44 42.54
CA THR K 294 12.54 -91.45 42.33
C THR K 294 11.28 -90.81 41.75
N ARG K 295 10.53 -91.60 41.01
CA ARG K 295 9.33 -91.11 40.34
C ARG K 295 8.35 -92.26 40.19
N SER K 296 7.07 -92.00 40.43
CA SER K 296 6.05 -93.01 40.21
C SER K 296 5.87 -93.27 38.73
N LEU K 297 5.58 -94.52 38.37
CA LEU K 297 5.41 -94.92 36.98
C LEU K 297 3.98 -94.74 36.47
N GLY K 298 3.03 -94.29 37.31
CA GLY K 298 1.65 -94.19 36.94
C GLY K 298 1.35 -92.92 36.17
N SER K 299 0.06 -92.55 36.17
CA SER K 299 -0.36 -91.34 35.47
C SER K 299 0.25 -90.10 36.09
N ASP K 300 0.30 -90.02 37.42
CA ASP K 300 0.90 -88.90 38.11
C ASP K 300 2.35 -89.25 38.44
N ALA K 301 3.28 -88.40 37.99
CA ALA K 301 4.69 -88.70 38.16
C ALA K 301 5.07 -88.75 39.64
N ASN K 302 4.58 -87.80 40.42
CA ASN K 302 4.91 -87.67 41.84
C ASN K 302 6.43 -87.70 42.05
N PRO K 303 7.16 -86.73 41.50
CA PRO K 303 8.63 -86.78 41.60
C PRO K 303 9.10 -86.56 43.03
N THR K 304 10.30 -87.10 43.30
CA THR K 304 10.96 -86.89 44.57
C THR K 304 12.46 -86.90 44.34
N ARG K 305 13.12 -85.81 44.73
CA ARG K 305 14.55 -85.64 44.51
C ARG K 305 15.13 -84.90 45.70
N GLN K 306 16.09 -85.53 46.37
CA GLN K 306 16.67 -84.92 47.57
C GLN K 306 18.06 -85.50 47.80
N TRP K 307 19.04 -84.63 47.99
CA TRP K 307 20.39 -85.08 48.31
C TRP K 307 20.41 -85.75 49.68
N ILE K 308 21.15 -86.87 49.76
CA ILE K 308 21.31 -87.60 51.01
C ILE K 308 22.79 -87.80 51.27
N GLU K 309 23.23 -87.39 52.47
CA GLU K 309 24.62 -87.53 52.86
C GLU K 309 24.81 -88.43 54.07
N ARG K 310 24.16 -88.12 55.18
CA ARG K 310 24.23 -88.98 56.34
C ARG K 310 23.37 -90.23 56.11
N PRO K 311 23.87 -91.41 56.48
CA PRO K 311 23.10 -92.63 56.25
C PRO K 311 21.75 -92.57 56.94
N THR K 312 20.70 -92.87 56.18
CA THR K 312 19.33 -92.79 56.66
C THR K 312 18.49 -93.81 55.90
N THR K 313 17.32 -94.12 56.45
CA THR K 313 16.37 -95.03 55.83
C THR K 313 15.16 -94.24 55.36
N VAL K 314 14.87 -94.36 54.07
CA VAL K 314 13.76 -93.64 53.52
C VAL K 314 12.80 -94.66 53.01
N ASN K 315 11.52 -94.31 52.95
CA ASN K 315 10.53 -95.26 52.49
C ASN K 315 9.65 -94.63 51.43
N PHE K 316 9.18 -95.46 50.52
CA PHE K 316 8.33 -94.97 49.45
C PHE K 316 7.09 -95.85 49.30
N THR K 317 5.99 -95.27 48.85
CA THR K 317 4.74 -96.01 48.68
C THR K 317 4.68 -96.56 47.26
N VAL K 318 5.09 -97.81 47.09
CA VAL K 318 5.08 -98.45 45.77
C VAL K 318 3.69 -99.01 45.53
N THR K 319 2.92 -98.35 44.67
CA THR K 319 1.59 -98.82 44.34
C THR K 319 1.65 -99.92 43.29
N GLY K 320 0.50 -100.46 42.90
CA GLY K 320 0.42 -101.44 41.81
C GLY K 320 0.82 -100.86 40.45
N GLU K 321 0.77 -99.54 40.28
CA GLU K 321 1.24 -98.89 39.05
C GLU K 321 2.73 -99.09 38.84
N GLY K 322 3.49 -99.19 39.93
CA GLY K 322 4.93 -99.31 39.90
C GLY K 322 5.68 -98.02 40.24
N LEU K 323 6.95 -98.19 40.60
CA LEU K 323 7.82 -97.12 41.07
C LEU K 323 9.22 -97.36 40.54
N GLU K 324 9.94 -96.29 40.29
CA GLU K 324 11.30 -96.27 39.77
C GLU K 324 12.16 -95.36 40.63
N TYR K 325 13.38 -95.79 40.91
CA TYR K 325 14.30 -95.02 41.73
C TYR K 325 15.71 -95.18 41.18
N THR K 326 16.45 -94.09 41.14
CA THR K 326 17.82 -94.07 40.62
C THR K 326 18.74 -93.63 41.76
N TRP K 327 19.39 -94.57 42.40
CA TRP K 327 20.29 -94.28 43.52
C TRP K 327 21.70 -94.06 42.97
N GLY K 328 22.19 -92.83 43.09
CA GLY K 328 23.53 -92.54 42.63
C GLY K 328 23.67 -92.72 41.13
N ASN K 329 24.82 -93.27 40.72
CA ASN K 329 25.07 -93.56 39.32
C ASN K 329 24.62 -94.95 38.89
N HIS K 330 23.97 -95.70 39.78
CA HIS K 330 23.48 -97.01 39.42
C HIS K 330 22.40 -96.89 38.34
N PRO K 331 22.26 -97.89 37.48
CA PRO K 331 21.19 -97.86 36.50
C PRO K 331 19.84 -97.90 37.17
N PRO K 332 18.82 -97.29 36.57
CA PRO K 332 17.50 -97.28 37.20
C PRO K 332 16.89 -98.67 37.30
N LYS K 333 16.05 -98.85 38.30
CA LYS K 333 15.33 -100.10 38.52
C LYS K 333 13.85 -99.82 38.75
N ARG K 334 13.03 -100.86 38.76
CA ARG K 334 11.58 -100.80 38.92
C ARG K 334 11.07 -101.84 39.92
N VAL K 335 9.86 -101.65 40.42
CA VAL K 335 9.22 -102.51 41.43
C VAL K 335 7.68 -102.61 41.27
N TRP K 336 7.05 -103.69 41.73
CA TRP K 336 5.59 -103.90 41.79
C TRP K 336 5.00 -103.76 43.21
N ALA K 337 3.72 -104.11 43.40
CA ALA K 337 3.18 -104.60 44.67
C ALA K 337 2.05 -105.64 44.48
N GLN K 338 1.68 -106.33 45.57
CA GLN K 338 0.62 -107.38 45.53
C GLN K 338 -0.71 -106.78 46.03
N ASP L 1 69.95 -101.75 68.35
CA ASP L 1 69.10 -102.92 68.48
C ASP L 1 68.11 -103.00 67.32
N LEU L 2 68.39 -102.23 66.26
CA LEU L 2 67.53 -102.17 65.09
C LEU L 2 67.80 -103.29 64.10
N ASP L 3 68.63 -104.25 64.46
CA ASP L 3 69.00 -105.35 63.58
C ASP L 3 68.24 -106.63 63.89
N THR L 4 67.18 -106.53 64.69
CA THR L 4 66.36 -107.68 65.05
C THR L 4 65.08 -107.75 64.23
N HIS L 5 65.08 -107.17 63.03
CA HIS L 5 63.92 -107.17 62.15
C HIS L 5 64.31 -107.55 60.73
N PHE L 6 65.29 -108.44 60.58
CA PHE L 6 65.80 -108.78 59.26
C PHE L 6 64.77 -109.53 58.41
N THR L 7 63.76 -110.12 59.04
CA THR L 7 62.71 -110.77 58.25
C THR L 7 62.02 -109.76 57.34
N GLN L 8 61.72 -108.58 57.88
CA GLN L 8 61.23 -107.49 57.04
C GLN L 8 62.35 -106.95 56.17
N TYR L 9 63.56 -106.81 56.72
CA TYR L 9 64.63 -106.11 56.01
C TYR L 9 65.16 -106.94 54.84
N LYS L 10 65.43 -108.24 55.08
CA LYS L 10 66.12 -109.02 54.07
C LYS L 10 65.17 -109.81 53.18
N LEU L 11 64.17 -110.46 53.78
CA LEU L 11 63.29 -111.34 53.03
C LEU L 11 62.33 -110.58 52.11
N ALA L 12 62.20 -109.27 52.28
CA ALA L 12 61.31 -108.46 51.47
C ALA L 12 62.11 -107.60 50.49
N ARG L 13 61.47 -107.25 49.39
CA ARG L 13 62.09 -106.45 48.35
C ARG L 13 61.16 -105.31 47.95
N PRO L 14 61.70 -104.25 47.35
CA PRO L 14 60.83 -103.16 46.89
C PRO L 14 59.81 -103.65 45.88
N TYR L 15 58.72 -102.93 45.73
CA TYR L 15 57.56 -103.33 44.94
C TYR L 15 56.92 -102.13 44.21
N ILE L 16 56.28 -102.36 43.06
CA ILE L 16 55.69 -101.34 42.17
C ILE L 16 54.27 -101.69 41.76
N ALA L 17 53.39 -100.71 41.54
CA ALA L 17 51.98 -100.97 41.33
C ALA L 17 51.21 -99.80 40.70
N ASP L 18 49.97 -100.05 40.31
CA ASP L 18 49.04 -99.04 39.80
C ASP L 18 48.75 -97.96 40.85
N CYS L 19 49.42 -96.81 40.81
CA CYS L 19 48.89 -95.65 41.51
C CYS L 19 47.71 -95.06 40.73
N PRO L 20 46.55 -94.89 41.39
CA PRO L 20 45.38 -94.38 40.66
C PRO L 20 45.57 -92.99 40.08
N ASN L 21 46.33 -92.13 40.75
CA ASN L 21 46.50 -90.75 40.32
C ASN L 21 47.96 -90.35 40.38
N CYS L 22 48.82 -91.16 39.76
CA CYS L 22 50.26 -90.90 39.70
C CYS L 22 50.50 -89.68 38.81
N GLY L 23 50.76 -88.53 39.44
CA GLY L 23 50.98 -87.31 38.69
C GLY L 23 49.72 -86.81 38.02
N HIS L 24 49.72 -86.80 36.70
CA HIS L 24 48.58 -86.32 35.94
C HIS L 24 47.62 -87.43 35.52
N SER L 25 48.01 -88.68 35.66
CA SER L 25 47.20 -89.81 35.23
C SER L 25 47.45 -90.98 36.16
N ARG L 26 47.07 -92.18 35.71
CA ARG L 26 47.31 -93.40 36.48
C ARG L 26 48.49 -94.14 35.86
N CYS L 27 49.69 -93.76 36.27
CA CYS L 27 50.90 -94.47 35.86
C CYS L 27 51.08 -95.68 36.79
N ASP L 28 52.26 -96.30 36.76
CA ASP L 28 52.61 -97.42 37.68
C ASP L 28 53.77 -96.94 38.55
N SER L 29 53.48 -96.19 39.61
CA SER L 29 54.53 -95.60 40.44
C SER L 29 55.16 -96.65 41.34
N PRO L 30 56.42 -96.43 41.77
CA PRO L 30 57.03 -97.34 42.74
C PRO L 30 56.56 -97.12 44.16
N ILE L 31 55.76 -96.09 44.43
CA ILE L 31 55.31 -95.81 45.79
C ILE L 31 53.79 -95.82 45.86
N ALA L 32 53.16 -96.67 45.07
CA ALA L 32 51.70 -96.79 45.12
C ALA L 32 51.25 -97.15 46.52
N ILE L 33 50.28 -96.43 47.04
CA ILE L 33 49.85 -96.57 48.42
C ILE L 33 48.63 -97.47 48.50
N GLU L 34 48.41 -98.03 49.68
CA GLU L 34 47.27 -98.89 49.91
C GLU L 34 47.06 -99.06 51.41
N GLU L 35 45.79 -99.12 51.81
CA GLU L 35 45.39 -99.33 53.21
C GLU L 35 45.96 -98.25 54.12
N VAL L 36 45.51 -97.02 53.92
CA VAL L 36 45.81 -95.93 54.84
C VAL L 36 44.87 -96.05 56.03
N ARG L 37 45.43 -96.07 57.24
CA ARG L 37 44.66 -96.34 58.45
C ARG L 37 44.57 -95.04 59.25
N GLY L 38 43.66 -94.17 58.84
CA GLY L 38 43.44 -92.92 59.54
C GLY L 38 42.35 -93.03 60.59
N ASP L 39 42.55 -93.87 61.60
CA ASP L 39 41.53 -94.09 62.63
C ASP L 39 42.00 -93.73 64.03
N ALA L 40 43.14 -93.04 64.16
CA ALA L 40 43.60 -92.61 65.48
C ALA L 40 42.91 -91.31 65.87
N HIS L 41 43.38 -90.67 66.94
CA HIS L 41 42.79 -89.43 67.42
C HIS L 41 43.72 -88.22 67.29
N ALA L 42 45.02 -88.42 67.49
CA ALA L 42 45.97 -87.31 67.56
C ALA L 42 46.42 -86.83 66.19
N GLY L 43 45.69 -87.19 65.13
CA GLY L 43 46.04 -86.73 63.80
C GLY L 43 47.09 -87.53 63.08
N VAL L 44 47.42 -88.72 63.57
CA VAL L 44 48.48 -89.54 62.99
C VAL L 44 47.86 -90.54 62.03
N ILE L 45 48.58 -90.84 60.94
CA ILE L 45 48.11 -91.71 59.88
C ILE L 45 49.19 -92.73 59.56
N ARG L 46 48.81 -94.00 59.44
CA ARG L 46 49.71 -95.05 59.00
C ARG L 46 49.43 -95.36 57.54
N ILE L 47 50.48 -95.33 56.72
CA ILE L 47 50.37 -95.50 55.28
C ILE L 47 51.26 -96.66 54.85
N GLN L 48 50.71 -97.57 54.06
CA GLN L 48 51.46 -98.73 53.55
C GLN L 48 51.79 -98.46 52.08
N THR L 49 53.00 -97.99 51.83
CA THR L 49 53.43 -97.71 50.47
C THR L 49 54.02 -98.97 49.83
N SER L 50 53.94 -99.03 48.50
CA SER L 50 54.51 -100.15 47.77
C SER L 50 56.02 -100.20 47.93
N ALA L 51 56.68 -99.05 47.89
CA ALA L 51 58.11 -98.99 48.15
C ALA L 51 58.39 -99.34 49.61
N MET L 52 59.45 -100.11 49.82
CA MET L 52 59.81 -100.62 51.14
C MET L 52 61.10 -99.95 51.58
N PHE L 53 60.96 -98.85 52.33
CA PHE L 53 62.13 -98.17 52.88
C PHE L 53 62.51 -98.78 54.22
N GLY L 54 63.79 -98.62 54.56
CA GLY L 54 64.35 -99.25 55.73
C GLY L 54 65.86 -99.25 55.66
N LEU L 55 66.49 -100.40 55.89
CA LEU L 55 67.93 -100.48 55.72
C LEU L 55 68.30 -100.45 54.23
N LYS L 56 69.58 -100.30 53.97
CA LYS L 56 70.10 -100.24 52.61
C LYS L 56 70.15 -101.64 52.04
N THR L 57 70.87 -101.80 50.92
CA THR L 57 70.88 -103.07 50.20
C THR L 57 71.23 -104.24 51.10
N ASP L 58 72.25 -104.09 51.94
CA ASP L 58 72.63 -105.23 52.77
C ASP L 58 72.14 -105.14 54.21
N GLY L 59 72.65 -104.19 54.99
CA GLY L 59 72.25 -104.11 56.39
C GLY L 59 72.28 -102.76 57.06
N VAL L 60 72.54 -101.68 56.32
CA VAL L 60 72.89 -100.41 56.92
C VAL L 60 71.96 -99.32 56.39
N ASP L 61 72.24 -98.09 56.81
CA ASP L 61 71.59 -96.88 56.30
C ASP L 61 70.06 -96.93 56.52
N LEU L 62 69.70 -96.90 57.80
CA LEU L 62 68.30 -96.78 58.18
C LEU L 62 67.67 -95.54 57.53
N ALA L 63 68.46 -94.50 57.34
CA ALA L 63 67.98 -93.25 56.74
C ALA L 63 67.94 -93.30 55.22
N TYR L 64 67.92 -94.47 54.62
CA TYR L 64 67.80 -94.62 53.18
C TYR L 64 66.54 -95.38 52.81
N MET L 65 66.03 -95.10 51.61
CA MET L 65 64.87 -95.77 51.07
C MET L 65 65.28 -96.59 49.85
N SER L 66 64.57 -97.69 49.62
CA SER L 66 64.85 -98.59 48.51
C SER L 66 63.55 -98.85 47.75
N PHE L 67 63.42 -98.26 46.57
CA PHE L 67 62.32 -98.53 45.68
C PHE L 67 62.81 -99.35 44.51
N MET L 68 61.87 -99.85 43.70
CA MET L 68 62.17 -100.61 42.49
C MET L 68 61.95 -99.77 41.25
N ASN L 69 62.99 -99.66 40.43
CA ASN L 69 62.91 -98.96 39.16
C ASN L 69 63.20 -99.96 38.04
N GLY L 70 62.26 -100.15 37.12
CA GLY L 70 62.40 -101.15 36.06
C GLY L 70 62.57 -102.56 36.64
N LYS L 71 63.51 -103.35 36.10
CA LYS L 71 63.80 -104.73 36.56
C LYS L 71 64.46 -104.80 37.94
N THR L 72 65.04 -103.70 38.43
CA THR L 72 65.98 -103.73 39.53
C THR L 72 65.56 -102.76 40.62
N GLN L 73 66.09 -102.99 41.83
CA GLN L 73 65.89 -102.07 42.92
C GLN L 73 66.99 -101.01 42.91
N LYS L 74 66.80 -99.97 43.72
CA LYS L 74 67.78 -98.88 43.77
C LYS L 74 67.65 -98.21 45.14
N SER L 75 68.66 -98.41 45.99
CA SER L 75 68.68 -97.81 47.32
C SER L 75 69.35 -96.44 47.22
N ILE L 76 68.61 -95.39 47.55
CA ILE L 76 69.09 -94.02 47.46
C ILE L 76 68.74 -93.29 48.75
N LYS L 77 69.01 -91.99 48.75
CA LYS L 77 68.72 -91.16 49.91
C LYS L 77 67.21 -90.95 50.06
N ILE L 78 66.81 -90.47 51.23
CA ILE L 78 65.42 -90.22 51.55
C ILE L 78 65.13 -88.73 51.62
N ASP L 79 65.88 -87.92 50.87
CA ASP L 79 65.95 -86.47 51.09
C ASP L 79 64.59 -85.79 51.16
N ASN L 80 63.70 -86.07 50.20
CA ASN L 80 62.46 -85.32 50.07
C ASN L 80 61.26 -86.24 50.07
N LEU L 81 61.21 -87.15 51.04
CA LEU L 81 60.02 -87.98 51.23
C LEU L 81 58.87 -87.09 51.72
N HIS L 82 57.90 -86.85 50.85
CA HIS L 82 56.83 -85.90 51.12
C HIS L 82 55.52 -86.65 51.26
N VAL L 83 54.79 -86.37 52.33
CA VAL L 83 53.43 -86.85 52.53
C VAL L 83 52.52 -85.64 52.65
N ARG L 84 51.46 -85.61 51.84
CA ARG L 84 50.64 -84.41 51.76
C ARG L 84 49.17 -84.76 51.89
N THR L 85 48.42 -83.76 52.33
CA THR L 85 46.97 -83.78 52.38
C THR L 85 46.52 -82.39 51.94
N SER L 86 45.28 -82.02 52.26
CA SER L 86 44.82 -80.65 52.06
C SER L 86 45.86 -79.64 52.49
N ALA L 87 46.63 -79.97 53.52
CA ALA L 87 47.81 -79.24 53.93
C ALA L 87 48.99 -80.19 54.01
N PRO L 88 50.21 -79.68 53.85
CA PRO L 88 51.39 -80.57 53.96
C PRO L 88 51.50 -81.18 55.34
N CYS L 89 51.91 -82.44 55.38
CA CYS L 89 52.04 -83.18 56.62
C CYS L 89 53.46 -83.08 57.16
N SER L 90 53.77 -83.88 58.18
CA SER L 90 55.10 -83.96 58.75
C SER L 90 55.41 -85.41 59.07
N LEU L 91 56.55 -85.90 58.58
CA LEU L 91 56.92 -87.28 58.81
C LEU L 91 57.24 -87.52 60.28
N VAL L 92 57.04 -88.75 60.72
CA VAL L 92 57.37 -89.19 62.08
C VAL L 92 58.36 -90.34 62.06
N SER L 93 57.99 -91.47 61.46
CA SER L 93 58.88 -92.61 61.38
C SER L 93 58.46 -93.48 60.20
N HIS L 94 59.39 -94.32 59.76
CA HIS L 94 59.16 -95.20 58.64
C HIS L 94 59.90 -96.51 58.85
N HIS L 95 59.30 -97.60 58.40
CA HIS L 95 59.89 -98.93 58.58
C HIS L 95 59.22 -99.89 57.61
N GLY L 96 60.01 -100.52 56.76
CA GLY L 96 59.45 -101.44 55.78
C GLY L 96 58.51 -100.73 54.84
N TYR L 97 57.40 -101.39 54.50
CA TYR L 97 56.41 -100.81 53.61
C TYR L 97 55.66 -99.65 54.27
N TYR L 98 55.69 -99.55 55.58
CA TYR L 98 54.81 -98.66 56.32
C TYR L 98 55.56 -97.42 56.78
N ILE L 99 54.92 -96.27 56.60
CA ILE L 99 55.45 -94.98 57.04
C ILE L 99 54.40 -94.30 57.90
N LEU L 100 54.81 -93.87 59.09
CA LEU L 100 53.91 -93.25 60.05
C LEU L 100 54.09 -91.74 59.98
N ALA L 101 53.00 -91.03 59.69
CA ALA L 101 53.02 -89.58 59.60
C ALA L 101 51.71 -89.02 60.12
N GLN L 102 51.72 -87.74 60.50
CA GLN L 102 50.54 -87.05 60.98
C GLN L 102 50.16 -85.97 59.98
N CYS L 103 48.88 -85.89 59.65
CA CYS L 103 48.39 -84.99 58.62
C CYS L 103 47.22 -84.17 59.13
N PRO L 104 47.05 -82.95 58.62
CA PRO L 104 45.81 -82.21 58.85
C PRO L 104 44.67 -82.84 58.07
N PRO L 105 43.43 -82.59 58.47
CA PRO L 105 42.30 -83.21 57.76
C PRO L 105 42.25 -82.79 56.30
N GLY L 106 41.84 -83.72 55.45
CA GLY L 106 41.78 -83.47 54.03
C GLY L 106 41.08 -84.61 53.32
N ASP L 107 40.82 -84.39 52.03
CA ASP L 107 40.08 -85.37 51.24
C ASP L 107 40.98 -86.36 50.52
N THR L 108 42.25 -86.04 50.34
CA THR L 108 43.17 -86.93 49.64
C THR L 108 44.52 -86.95 50.34
N VAL L 109 45.22 -88.07 50.18
CA VAL L 109 46.54 -88.25 50.77
C VAL L 109 47.51 -88.56 49.64
N THR L 110 48.63 -87.83 49.60
CA THR L 110 49.64 -87.98 48.56
C THR L 110 50.97 -88.33 49.20
N VAL L 111 51.74 -89.16 48.51
CA VAL L 111 53.08 -89.54 48.95
C VAL L 111 54.03 -89.32 47.78
N GLY L 112 55.18 -88.72 48.08
CA GLY L 112 56.18 -88.50 47.05
C GLY L 112 57.59 -88.34 47.58
N PHE L 113 58.53 -89.08 47.01
CA PHE L 113 59.94 -88.93 47.34
C PHE L 113 60.62 -88.11 46.24
N HIS L 114 61.94 -88.08 46.25
CA HIS L 114 62.70 -87.36 45.22
C HIS L 114 63.94 -88.17 44.85
N ASP L 115 63.94 -88.73 43.64
CA ASP L 115 65.16 -89.33 43.10
C ASP L 115 66.20 -88.27 42.79
N GLY L 116 65.77 -87.06 42.47
CA GLY L 116 66.65 -85.96 42.18
C GLY L 116 66.47 -85.41 40.79
N PRO L 117 66.41 -86.28 39.79
CA PRO L 117 66.01 -85.83 38.45
C PRO L 117 64.52 -86.05 38.21
N ASN L 118 63.83 -86.67 39.16
CA ASN L 118 62.44 -87.07 38.94
C ASN L 118 61.59 -86.70 40.14
N ARG L 119 60.30 -86.51 39.88
CA ARG L 119 59.34 -86.19 40.94
C ARG L 119 58.88 -87.45 41.66
N HIS L 120 58.24 -88.37 40.93
CA HIS L 120 57.82 -89.66 41.45
C HIS L 120 56.90 -89.51 42.67
N THR L 121 55.72 -88.96 42.38
CA THR L 121 54.69 -88.78 43.39
C THR L 121 53.52 -89.73 43.12
N CYS L 122 52.72 -89.95 44.16
CA CYS L 122 51.53 -90.78 44.05
C CYS L 122 50.53 -90.35 45.11
N THR L 123 49.24 -90.45 44.79
CA THR L 123 48.18 -90.06 45.69
C THR L 123 46.98 -90.99 45.53
N VAL L 124 45.98 -90.80 46.38
CA VAL L 124 44.75 -91.57 46.34
C VAL L 124 43.66 -90.79 47.05
N ALA L 125 42.40 -91.06 46.69
CA ALA L 125 41.28 -90.40 47.33
C ALA L 125 40.91 -91.15 48.61
N HIS L 126 40.88 -90.44 49.73
CA HIS L 126 40.58 -91.05 51.01
C HIS L 126 40.23 -90.00 52.06
N LYS L 127 39.05 -90.10 52.65
CA LYS L 127 38.64 -89.15 53.68
C LYS L 127 39.57 -89.23 54.89
N VAL L 128 40.01 -88.06 55.36
CA VAL L 128 40.86 -87.98 56.55
C VAL L 128 40.27 -86.92 57.47
N GLU L 129 39.89 -87.33 58.68
CA GLU L 129 39.39 -86.43 59.69
C GLU L 129 39.92 -86.88 61.05
N PHE L 130 39.97 -85.95 62.00
CA PHE L 130 40.51 -86.28 63.32
C PHE L 130 39.73 -85.48 64.37
N ARG L 131 38.85 -86.17 65.08
CA ARG L 131 38.13 -85.62 66.22
C ARG L 131 38.92 -85.91 67.49
N PRO L 132 39.29 -84.89 68.25
CA PRO L 132 40.06 -85.14 69.47
C PRO L 132 39.24 -85.87 70.52
N VAL L 133 39.92 -86.62 71.36
CA VAL L 133 39.25 -87.33 72.45
C VAL L 133 38.79 -86.32 73.48
N GLY L 134 37.51 -86.39 73.83
CA GLY L 134 36.90 -85.50 74.79
C GLY L 134 35.62 -84.89 74.25
N ARG L 135 35.06 -84.00 75.06
CA ARG L 135 33.80 -83.35 74.70
C ARG L 135 33.99 -82.07 73.91
N GLU L 136 35.23 -81.60 73.77
CA GLU L 136 35.50 -80.36 73.05
C GLU L 136 36.00 -80.70 71.65
N LYS L 137 35.10 -80.60 70.67
CA LYS L 137 35.41 -80.97 69.29
C LYS L 137 36.35 -79.91 68.71
N TYR L 138 37.61 -79.95 69.10
CA TYR L 138 38.63 -79.05 68.57
C TYR L 138 39.11 -79.50 67.19
N ARG L 139 40.23 -78.96 66.71
CA ARG L 139 40.80 -79.34 65.42
C ARG L 139 42.32 -79.27 65.33
N HIS L 140 43.00 -79.05 66.46
CA HIS L 140 44.50 -79.08 66.48
C HIS L 140 44.97 -79.37 67.91
N PRO L 141 45.93 -80.28 68.16
CA PRO L 141 46.32 -80.64 69.52
C PRO L 141 46.81 -79.40 70.28
N PRO L 142 46.16 -79.01 71.37
CA PRO L 142 46.44 -77.78 72.08
C PRO L 142 47.70 -77.89 72.92
N GLU L 143 48.21 -76.74 73.34
CA GLU L 143 49.40 -76.65 74.18
C GLU L 143 49.21 -77.23 75.57
N HIS L 144 48.02 -77.04 76.13
CA HIS L 144 47.77 -77.49 77.52
C HIS L 144 46.36 -78.03 77.67
N GLY L 145 46.02 -78.48 78.88
CA GLY L 145 44.68 -78.98 79.15
C GLY L 145 44.65 -80.10 80.18
N VAL L 146 43.86 -81.12 79.90
CA VAL L 146 43.79 -82.36 80.68
C VAL L 146 44.05 -83.53 79.74
N GLU L 147 44.62 -84.62 80.26
CA GLU L 147 44.93 -85.80 79.46
C GLU L 147 43.78 -86.81 79.47
N LEU L 148 43.57 -87.55 78.38
CA LEU L 148 42.52 -88.56 78.30
C LEU L 148 43.06 -89.76 77.55
N PRO L 149 42.51 -90.95 77.79
CA PRO L 149 43.02 -92.15 77.11
C PRO L 149 42.60 -92.24 75.65
N CYS L 150 43.39 -91.63 74.77
CA CYS L 150 43.10 -91.66 73.34
C CYS L 150 43.54 -92.98 72.71
N ASN L 151 43.27 -93.11 71.42
CA ASN L 151 43.77 -94.21 70.60
C ASN L 151 44.74 -93.64 69.58
N ARG L 152 45.98 -94.12 69.59
CA ARG L 152 47.01 -93.60 68.72
C ARG L 152 47.94 -94.72 68.30
N TYR L 153 48.56 -94.56 67.15
CA TYR L 153 49.49 -95.56 66.66
C TYR L 153 50.83 -95.45 67.38
N THR L 154 51.41 -96.61 67.68
CA THR L 154 52.62 -96.64 68.49
C THR L 154 53.77 -95.94 67.76
N HIS L 155 54.49 -95.09 68.49
CA HIS L 155 55.65 -94.42 67.96
C HIS L 155 56.79 -95.38 67.64
N LYS L 156 56.82 -96.53 68.32
CA LYS L 156 57.89 -97.50 68.14
C LYS L 156 57.61 -98.39 66.94
N ARG L 157 58.55 -99.30 66.67
CA ARG L 157 58.43 -100.23 65.56
C ARG L 157 58.65 -101.68 65.95
N ALA L 158 59.38 -101.94 67.03
CA ALA L 158 59.70 -103.31 67.43
C ALA L 158 58.54 -103.95 68.19
N ASP L 159 57.42 -104.16 67.50
CA ASP L 159 56.25 -104.78 68.11
C ASP L 159 55.76 -105.90 67.20
N GLN L 160 55.06 -106.86 67.80
CA GLN L 160 54.55 -108.01 67.07
C GLN L 160 53.10 -108.30 67.45
N GLY L 161 52.31 -107.26 67.69
CA GLY L 161 50.91 -107.47 68.02
C GLY L 161 50.13 -108.08 66.87
N HIS L 162 50.41 -107.64 65.64
CA HIS L 162 49.71 -108.14 64.47
C HIS L 162 50.72 -108.44 63.38
N TYR L 163 50.30 -109.24 62.40
CA TYR L 163 51.18 -109.72 61.35
C TYR L 163 50.54 -109.53 59.99
N VAL L 164 51.40 -109.41 58.97
CA VAL L 164 50.98 -109.29 57.58
C VAL L 164 51.76 -110.30 56.77
N GLU L 165 51.06 -111.07 55.94
CA GLU L 165 51.68 -112.17 55.20
C GLU L 165 52.44 -111.64 53.98
N MET L 166 53.64 -112.16 53.78
CA MET L 166 54.48 -111.87 52.62
C MET L 166 54.76 -113.18 51.91
N HIS L 167 54.02 -113.44 50.83
CA HIS L 167 54.21 -114.71 50.06
C HIS L 167 55.14 -114.43 48.89
N GLN L 168 55.32 -115.42 48.00
CA GLN L 168 56.14 -115.15 46.79
C GLN L 168 55.33 -114.21 45.89
N PRO L 169 55.94 -113.18 45.26
CA PRO L 169 55.23 -112.35 44.29
C PRO L 169 54.84 -113.14 43.05
N GLY L 170 54.01 -112.54 42.19
CA GLY L 170 53.66 -113.20 40.90
C GLY L 170 54.44 -112.57 39.77
N LEU L 171 54.61 -113.30 38.66
CA LEU L 171 55.44 -112.78 37.54
C LEU L 171 54.90 -111.41 37.10
N VAL L 172 55.87 -110.52 36.86
CA VAL L 172 55.74 -109.20 36.24
C VAL L 172 56.21 -109.29 34.80
N ALA L 173 55.50 -108.68 33.86
CA ALA L 173 56.01 -108.53 32.50
C ALA L 173 57.12 -107.46 32.46
N ASP L 174 58.02 -107.54 31.48
CA ASP L 174 58.84 -106.42 31.01
C ASP L 174 59.33 -106.65 29.57
N HIS L 175 58.65 -106.04 28.59
CA HIS L 175 58.97 -106.19 27.14
C HIS L 175 60.34 -105.63 26.78
N SER L 176 61.03 -104.91 27.67
CA SER L 176 62.40 -104.47 27.41
C SER L 176 63.42 -105.62 27.54
N LEU L 177 63.06 -106.75 28.14
CA LEU L 177 63.82 -107.99 28.06
C LEU L 177 63.89 -108.54 26.63
N LEU L 178 62.89 -108.23 25.80
CA LEU L 178 62.77 -108.71 24.42
C LEU L 178 63.59 -107.84 23.46
N SER L 179 64.91 -108.02 23.53
CA SER L 179 65.84 -107.44 22.57
C SER L 179 65.64 -108.02 21.16
N ILE L 180 66.25 -107.42 20.15
CA ILE L 180 66.15 -107.87 18.75
C ILE L 180 67.47 -108.51 18.30
N HIS L 181 67.38 -109.74 17.74
CA HIS L 181 68.54 -110.54 17.22
C HIS L 181 68.55 -110.45 15.69
N SER L 182 68.61 -109.25 15.11
CA SER L 182 68.54 -108.87 13.69
C SER L 182 67.21 -109.09 12.95
N ALA L 183 66.54 -110.24 13.13
CA ALA L 183 65.28 -110.60 12.48
C ALA L 183 64.31 -111.41 13.38
N LYS L 184 64.68 -111.66 14.64
CA LYS L 184 63.93 -112.48 15.63
C LYS L 184 63.99 -111.81 17.02
N VAL L 185 63.06 -112.15 17.90
CA VAL L 185 63.01 -111.62 19.28
C VAL L 185 63.82 -112.48 20.25
N LYS L 186 64.67 -111.83 21.07
CA LYS L 186 65.71 -112.41 21.95
C LYS L 186 65.50 -111.93 23.38
N ILE L 187 64.94 -112.78 24.23
CA ILE L 187 64.74 -112.48 25.66
C ILE L 187 66.07 -112.57 26.40
N THR L 188 66.36 -111.73 27.37
CA THR L 188 67.57 -111.81 28.22
C THR L 188 67.25 -111.72 29.70
N VAL L 189 68.09 -112.31 30.56
CA VAL L 189 67.71 -112.46 32.01
C VAL L 189 68.33 -111.40 32.91
N PRO L 190 67.76 -111.15 34.12
CA PRO L 190 68.31 -110.18 35.06
C PRO L 190 69.49 -110.77 35.81
N SER L 191 69.38 -111.97 36.41
CA SER L 191 70.55 -112.53 37.06
C SER L 191 70.52 -114.05 37.01
N GLY L 192 69.86 -114.60 36.01
CA GLY L 192 69.42 -115.98 36.05
C GLY L 192 68.04 -116.16 36.63
N ALA L 193 67.29 -115.08 36.81
CA ALA L 193 65.91 -115.17 37.26
C ALA L 193 65.04 -115.96 36.26
N GLN L 194 63.95 -116.53 36.78
CA GLN L 194 63.06 -117.35 35.91
C GLN L 194 62.28 -116.41 34.98
N VAL L 195 62.21 -116.77 33.70
CA VAL L 195 61.48 -116.01 32.69
C VAL L 195 60.42 -116.88 32.04
N LYS L 196 59.23 -117.01 32.65
CA LYS L 196 58.10 -117.73 31.99
C LYS L 196 58.01 -117.14 30.58
N TYR L 197 58.06 -117.96 29.52
CA TYR L 197 58.13 -117.39 28.17
C TYR L 197 57.29 -118.15 27.15
N TYR L 198 56.61 -117.45 26.22
CA TYR L 198 55.82 -118.08 25.12
C TYR L 198 55.23 -116.93 24.28
N CYS L 199 54.96 -117.16 23.00
CA CYS L 199 54.32 -116.13 22.18
C CYS L 199 53.01 -116.66 21.57
N LYS L 200 52.21 -115.80 20.93
CA LYS L 200 50.96 -116.23 20.28
C LYS L 200 51.21 -117.31 19.22
N CYS L 201 52.30 -117.21 18.46
CA CYS L 201 52.79 -118.27 17.58
C CYS L 201 53.38 -119.45 18.39
N PRO L 202 53.33 -120.69 17.88
CA PRO L 202 53.89 -121.84 18.58
C PRO L 202 55.42 -121.84 18.66
N ASP L 203 55.98 -121.72 19.87
CA ASP L 203 57.43 -121.78 20.17
C ASP L 203 57.67 -122.33 21.60
N VAL L 204 58.83 -122.08 22.24
CA VAL L 204 59.12 -122.44 23.65
C VAL L 204 57.99 -122.03 24.60
N ARG L 205 57.33 -123.00 25.23
CA ARG L 205 56.04 -122.82 25.91
C ARG L 205 56.11 -122.55 27.41
N GLU L 206 57.19 -122.92 28.11
CA GLU L 206 57.33 -122.61 29.53
C GLU L 206 58.23 -121.41 29.80
N GLY L 207 59.50 -121.49 29.42
CA GLY L 207 60.51 -120.54 29.86
C GLY L 207 60.91 -120.69 31.33
N ILE L 208 61.94 -121.49 31.61
CA ILE L 208 62.67 -121.56 32.90
C ILE L 208 64.18 -121.66 32.56
N THR L 209 64.80 -120.53 32.23
CA THR L 209 65.99 -120.47 31.35
C THR L 209 66.96 -119.32 31.66
N SER L 210 68.14 -119.33 31.04
CA SER L 210 68.92 -118.12 30.75
C SER L 210 68.37 -117.39 29.50
N SER L 211 69.11 -116.47 28.90
CA SER L 211 68.68 -115.71 27.72
C SER L 211 68.39 -116.59 26.50
N ASP L 212 67.11 -116.85 26.24
CA ASP L 212 66.61 -117.53 25.05
C ASP L 212 66.39 -116.59 23.86
N HIS L 213 66.34 -117.19 22.66
CA HIS L 213 65.78 -116.60 21.45
C HIS L 213 64.45 -117.25 21.06
N THR L 214 63.66 -116.56 20.25
CA THR L 214 62.34 -116.99 19.78
C THR L 214 62.47 -117.46 18.34
N THR L 215 62.17 -118.72 18.06
CA THR L 215 62.21 -119.22 16.69
C THR L 215 61.03 -118.70 15.86
N THR L 216 59.82 -118.62 16.42
CA THR L 216 58.59 -118.49 15.62
C THR L 216 58.16 -117.02 15.47
N CYS L 217 57.64 -116.41 16.52
CA CYS L 217 57.17 -115.02 16.49
C CYS L 217 58.31 -114.01 16.32
N THR L 218 57.97 -112.82 15.81
CA THR L 218 58.93 -111.79 15.40
C THR L 218 58.70 -110.47 16.13
N ASP L 219 57.45 -110.00 16.17
CA ASP L 219 57.03 -108.83 16.91
C ASP L 219 57.05 -109.09 18.42
N VAL L 220 57.76 -108.25 19.15
CA VAL L 220 57.84 -108.31 20.61
C VAL L 220 56.47 -108.16 21.30
N LYS L 221 55.47 -107.53 20.66
CA LYS L 221 54.17 -107.20 21.30
C LYS L 221 53.24 -108.41 21.55
N GLN L 222 53.60 -109.58 21.03
CA GLN L 222 52.82 -110.85 21.12
C GLN L 222 53.64 -111.94 21.87
N CYS L 223 54.38 -111.56 22.90
CA CYS L 223 55.28 -112.45 23.64
C CYS L 223 55.29 -112.14 25.14
N ARG L 224 55.46 -113.17 25.95
CA ARG L 224 55.36 -113.14 27.42
C ARG L 224 56.71 -112.79 28.06
N ALA L 225 57.00 -111.51 28.25
CA ALA L 225 58.29 -111.09 28.75
C ALA L 225 58.35 -111.19 30.29
N TYR L 226 57.95 -112.32 30.87
CA TYR L 226 57.65 -112.41 32.31
C TYR L 226 58.91 -112.64 33.14
N LEU L 227 58.94 -112.13 34.37
CA LEU L 227 59.96 -112.43 35.38
C LEU L 227 59.33 -112.96 36.67
N ILE L 228 59.58 -114.23 36.95
CA ILE L 228 59.40 -114.90 38.24
C ILE L 228 60.68 -114.60 39.03
N ASP L 229 60.60 -113.76 40.06
CA ASP L 229 61.80 -113.32 40.77
C ASP L 229 61.56 -113.39 42.26
N ASN L 230 61.08 -114.53 42.69
CA ASN L 230 60.72 -114.72 44.08
C ASN L 230 61.94 -115.09 44.96
N LYS L 231 63.16 -114.63 44.61
CA LYS L 231 64.32 -114.70 45.51
C LYS L 231 64.14 -113.82 46.73
N LYS L 232 63.34 -112.78 46.61
CA LYS L 232 62.95 -111.93 47.74
C LYS L 232 61.45 -111.72 47.67
N TRP L 233 60.73 -112.22 48.67
CA TRP L 233 59.28 -112.23 48.61
C TRP L 233 58.71 -110.83 48.87
N VAL L 234 57.43 -110.67 48.52
CA VAL L 234 56.71 -109.41 48.65
C VAL L 234 55.38 -109.65 49.35
N TYR L 235 54.73 -108.55 49.71
CA TYR L 235 53.41 -108.61 50.31
C TYR L 235 52.35 -108.91 49.25
N ASN L 236 51.34 -109.68 49.65
CA ASN L 236 50.26 -110.08 48.74
C ASN L 236 49.36 -108.88 48.48
N SER L 237 49.88 -107.92 47.73
CA SER L 237 49.11 -106.74 47.40
C SER L 237 48.02 -107.07 46.40
N GLY L 238 46.97 -106.23 46.39
CA GLY L 238 45.88 -106.42 45.48
C GLY L 238 46.15 -105.98 44.06
N ARG L 239 47.25 -105.24 43.87
CA ARG L 239 47.70 -104.70 42.60
C ARG L 239 48.71 -105.60 41.91
N LEU L 240 49.25 -106.61 42.60
CA LEU L 240 50.17 -107.59 42.03
C LEU L 240 49.44 -108.90 41.77
N PRO L 241 49.56 -109.52 40.60
CA PRO L 241 48.91 -110.80 40.31
C PRO L 241 49.56 -111.96 41.08
N ARG L 242 48.82 -113.05 41.30
CA ARG L 242 49.21 -114.10 42.24
C ARG L 242 50.14 -115.10 41.58
N GLY L 243 51.11 -115.59 42.35
CA GLY L 243 51.94 -116.69 41.90
C GLY L 243 51.22 -118.01 42.02
N GLU L 244 51.03 -118.70 40.90
CA GLU L 244 50.23 -119.92 40.84
C GLU L 244 50.79 -121.04 41.70
N GLY L 245 52.07 -120.98 42.06
CA GLY L 245 52.69 -122.08 42.78
C GLY L 245 52.17 -122.25 44.19
N ASP L 246 52.46 -121.30 45.07
CA ASP L 246 52.07 -121.39 46.47
C ASP L 246 52.28 -120.04 47.13
N THR L 247 51.65 -119.85 48.28
CA THR L 247 51.85 -118.67 49.11
C THR L 247 52.95 -119.00 50.12
N PHE L 248 54.15 -118.49 49.87
CA PHE L 248 55.28 -118.82 50.71
C PHE L 248 55.12 -118.20 52.10
N LYS L 249 55.98 -118.63 53.02
CA LYS L 249 56.00 -118.10 54.37
C LYS L 249 56.64 -116.70 54.34
N GLY L 250 56.85 -116.12 55.50
CA GLY L 250 57.30 -114.74 55.58
C GLY L 250 56.31 -113.89 56.34
N LYS L 251 55.59 -114.49 57.28
CA LYS L 251 54.67 -113.77 58.13
C LYS L 251 55.39 -112.62 58.82
N LEU L 252 55.00 -111.39 58.50
CA LEU L 252 55.72 -110.19 58.88
C LEU L 252 54.89 -109.35 59.82
N HIS L 253 55.49 -108.92 60.92
CA HIS L 253 54.79 -108.14 61.93
C HIS L 253 54.43 -106.75 61.41
N VAL L 254 53.29 -106.25 61.84
CA VAL L 254 52.85 -104.91 61.52
C VAL L 254 53.77 -103.93 62.24
N PRO L 255 54.38 -102.97 61.54
CA PRO L 255 55.37 -102.10 62.21
C PRO L 255 54.78 -101.23 63.31
N PHE L 256 53.72 -100.51 63.01
CA PHE L 256 53.14 -99.53 63.94
C PHE L 256 51.75 -100.02 64.35
N VAL L 257 51.70 -100.69 65.50
CA VAL L 257 50.45 -101.22 66.03
C VAL L 257 49.76 -100.13 66.85
N PRO L 258 48.49 -99.86 66.60
CA PRO L 258 47.78 -98.87 67.43
C PRO L 258 47.74 -99.30 68.89
N VAL L 259 47.89 -98.32 69.78
CA VAL L 259 47.91 -98.56 71.22
C VAL L 259 47.12 -97.46 71.90
N LYS L 260 46.67 -97.74 73.12
CA LYS L 260 45.85 -96.78 73.87
C LYS L 260 46.74 -95.89 74.72
N ALA L 261 47.27 -94.85 74.08
CA ALA L 261 48.09 -93.86 74.76
C ALA L 261 47.20 -92.78 75.37
N LYS L 262 47.83 -91.74 75.90
CA LYS L 262 47.12 -90.63 76.55
C LYS L 262 47.47 -89.34 75.83
N CYS L 263 46.56 -88.86 74.98
CA CYS L 263 46.74 -87.58 74.31
C CYS L 263 46.34 -86.44 75.22
N ILE L 264 46.86 -85.26 74.95
CA ILE L 264 46.48 -84.05 75.68
C ILE L 264 45.32 -83.38 74.96
N ALA L 265 44.24 -83.12 75.67
CA ALA L 265 43.03 -82.56 75.10
C ALA L 265 42.81 -81.15 75.61
N THR L 266 41.99 -80.41 74.88
CA THR L 266 41.72 -79.02 75.21
C THR L 266 40.79 -78.92 76.42
N LEU L 267 40.77 -77.75 77.07
CA LEU L 267 39.88 -77.44 78.18
C LEU L 267 39.17 -76.11 77.94
N ALA L 268 37.83 -76.11 77.91
CA ALA L 268 37.06 -74.90 77.68
C ALA L 268 37.15 -73.97 78.89
N PRO L 269 37.01 -72.66 78.66
CA PRO L 269 37.04 -71.72 79.79
C PRO L 269 35.90 -71.99 80.75
N GLU L 270 36.18 -71.77 82.03
CA GLU L 270 35.19 -72.06 83.06
C GLU L 270 34.00 -71.13 82.92
N PRO L 271 32.78 -71.64 83.05
CA PRO L 271 31.60 -70.78 82.92
C PRO L 271 31.46 -69.83 84.09
N LEU L 272 30.79 -68.72 83.83
CA LEU L 272 30.45 -67.76 84.86
C LEU L 272 29.10 -68.14 85.44
N VAL L 273 29.10 -68.58 86.70
CA VAL L 273 27.88 -69.10 87.31
C VAL L 273 27.12 -67.96 87.97
N GLU L 274 25.83 -67.85 87.66
CA GLU L 274 24.95 -66.88 88.28
C GLU L 274 23.76 -67.62 88.86
N HIS L 275 23.43 -67.32 90.12
CA HIS L 275 22.40 -68.03 90.85
C HIS L 275 21.12 -67.18 90.95
N LYS L 276 19.98 -67.85 90.80
CA LYS L 276 18.69 -67.23 91.04
C LYS L 276 17.89 -68.11 92.01
N HIS L 277 16.63 -67.77 92.23
CA HIS L 277 15.80 -68.54 93.14
C HIS L 277 15.36 -69.84 92.46
N ARG L 278 15.93 -70.96 92.90
CA ARG L 278 15.56 -72.29 92.41
C ARG L 278 15.74 -72.42 90.90
N THR L 279 16.76 -71.75 90.35
CA THR L 279 17.12 -71.91 88.95
C THR L 279 18.58 -71.51 88.77
N LEU L 280 19.28 -72.30 87.94
CA LEU L 280 20.72 -72.12 87.72
C LEU L 280 20.90 -71.49 86.35
N ILE L 281 21.56 -70.33 86.32
CA ILE L 281 21.89 -69.67 85.06
C ILE L 281 23.38 -69.84 84.79
N LEU L 282 23.70 -70.44 83.66
CA LEU L 282 25.08 -70.70 83.26
C LEU L 282 25.47 -69.69 82.19
N HIS L 283 26.20 -68.63 82.59
CA HIS L 283 26.73 -67.67 81.65
C HIS L 283 28.09 -68.18 81.19
N LEU L 284 28.20 -68.59 79.93
CA LEU L 284 29.40 -69.25 79.46
C LEU L 284 29.73 -68.77 78.04
N HIS L 285 31.00 -68.92 77.67
CA HIS L 285 31.48 -68.54 76.34
C HIS L 285 32.41 -69.63 75.84
N PRO L 286 31.94 -70.49 74.92
CA PRO L 286 32.80 -71.55 74.41
C PRO L 286 33.74 -71.06 73.33
N ASP L 287 34.99 -71.50 73.43
CA ASP L 287 35.98 -71.20 72.40
C ASP L 287 35.80 -72.09 71.18
N HIS L 288 35.48 -73.35 71.41
CA HIS L 288 35.23 -74.30 70.28
C HIS L 288 33.98 -75.10 70.61
N PRO L 289 33.27 -75.65 69.61
CA PRO L 289 32.03 -76.40 69.85
C PRO L 289 32.19 -77.46 70.93
N THR L 290 31.53 -77.27 72.06
CA THR L 290 31.55 -78.21 73.17
C THR L 290 30.13 -78.54 73.57
N LEU L 291 29.89 -79.81 73.89
CA LEU L 291 28.58 -80.23 74.37
C LEU L 291 28.57 -80.26 75.90
N LEU L 292 27.50 -79.73 76.47
CA LEU L 292 27.29 -79.78 77.91
C LEU L 292 26.09 -80.68 78.21
N THR L 293 26.18 -81.43 79.29
CA THR L 293 25.13 -82.38 79.65
C THR L 293 24.63 -82.05 81.05
N THR L 294 23.31 -82.11 81.22
CA THR L 294 22.68 -81.88 82.50
C THR L 294 21.80 -83.07 82.84
N ARG L 295 21.74 -83.39 84.12
CA ARG L 295 21.05 -84.60 84.57
C ARG L 295 20.53 -84.37 85.98
N SER L 296 19.22 -84.42 86.14
CA SER L 296 18.62 -84.25 87.46
C SER L 296 18.88 -85.47 88.32
N LEU L 297 19.09 -85.24 89.61
CA LEU L 297 19.36 -86.33 90.54
C LEU L 297 18.09 -86.97 91.09
N GLY L 298 16.92 -86.51 90.67
CA GLY L 298 15.67 -87.06 91.12
C GLY L 298 15.33 -88.35 90.39
N SER L 299 14.07 -88.77 90.56
CA SER L 299 13.61 -89.99 89.91
C SER L 299 13.63 -89.85 88.39
N ASP L 300 13.21 -88.70 87.88
CA ASP L 300 13.20 -88.45 86.45
C ASP L 300 14.47 -87.70 86.05
N ALA L 301 15.25 -88.30 85.16
CA ALA L 301 16.53 -87.71 84.80
C ALA L 301 16.36 -86.37 84.09
N ASN L 302 15.46 -86.31 83.12
CA ASN L 302 15.29 -85.16 82.25
C ASN L 302 16.62 -84.68 81.66
N PRO L 303 17.35 -85.55 80.98
CA PRO L 303 18.67 -85.16 80.48
C PRO L 303 18.58 -84.21 79.30
N THR L 304 19.68 -83.52 79.06
CA THR L 304 19.76 -82.61 77.93
C THR L 304 21.21 -82.52 77.46
N ARG L 305 21.43 -82.88 76.20
CA ARG L 305 22.73 -82.76 75.57
C ARG L 305 22.62 -81.74 74.45
N GLN L 306 23.56 -80.81 74.41
CA GLN L 306 23.46 -79.71 73.44
C GLN L 306 24.85 -79.17 73.15
N TRP L 307 25.35 -79.42 71.94
CA TRP L 307 26.55 -78.74 71.49
C TRP L 307 26.27 -77.26 71.30
N ILE L 308 27.21 -76.42 71.74
CA ILE L 308 27.08 -74.98 71.59
C ILE L 308 28.39 -74.43 71.06
N GLU L 309 28.31 -73.53 70.08
CA GLU L 309 29.49 -72.90 69.49
C GLU L 309 29.56 -71.41 69.80
N ARG L 310 28.51 -70.66 69.48
CA ARG L 310 28.50 -69.24 69.80
C ARG L 310 28.30 -69.06 71.31
N PRO L 311 28.76 -67.95 71.87
CA PRO L 311 28.47 -67.67 73.28
C PRO L 311 26.96 -67.58 73.50
N THR L 312 26.50 -68.22 74.57
CA THR L 312 25.08 -68.29 74.85
C THR L 312 24.85 -68.28 76.35
N THR L 313 23.63 -67.96 76.74
CA THR L 313 23.19 -68.02 78.13
C THR L 313 22.08 -69.07 78.24
N VAL L 314 22.26 -69.97 79.20
CA VAL L 314 21.30 -71.05 79.38
C VAL L 314 20.77 -71.03 80.79
N ASN L 315 19.66 -71.73 81.02
CA ASN L 315 19.05 -71.74 82.33
C ASN L 315 18.75 -73.19 82.70
N PHE L 316 18.53 -73.42 83.98
CA PHE L 316 18.21 -74.77 84.43
C PHE L 316 17.37 -74.75 85.70
N THR L 317 16.26 -75.48 85.72
CA THR L 317 15.41 -75.50 86.90
C THR L 317 16.00 -76.49 87.89
N VAL L 318 16.71 -75.99 88.90
CA VAL L 318 17.32 -76.85 89.90
C VAL L 318 16.27 -77.19 90.97
N THR L 319 15.84 -78.44 90.99
CA THR L 319 14.84 -78.89 91.93
C THR L 319 15.48 -79.25 93.26
N GLY L 320 14.63 -79.45 94.28
CA GLY L 320 15.13 -79.82 95.59
C GLY L 320 15.95 -81.09 95.59
N GLU L 321 15.69 -81.98 94.64
CA GLU L 321 16.52 -83.17 94.49
C GLU L 321 17.96 -82.77 94.16
N GLY L 322 18.12 -81.82 93.26
CA GLY L 322 19.43 -81.34 92.85
C GLY L 322 19.68 -81.55 91.37
N LEU L 323 20.72 -80.86 90.89
CA LEU L 323 21.10 -80.89 89.48
C LEU L 323 22.61 -81.03 89.38
N GLU L 324 23.05 -81.73 88.33
CA GLU L 324 24.47 -81.82 88.02
C GLU L 324 24.67 -81.54 86.54
N TYR L 325 25.81 -80.92 86.22
CA TYR L 325 26.11 -80.52 84.86
C TYR L 325 27.58 -80.77 84.58
N THR L 326 27.89 -81.06 83.31
CA THR L 326 29.25 -81.34 82.85
C THR L 326 29.53 -80.41 81.67
N TRP L 327 30.26 -79.33 81.92
CA TRP L 327 30.61 -78.38 80.87
C TRP L 327 31.93 -78.81 80.24
N GLY L 328 31.88 -79.23 78.99
CA GLY L 328 33.10 -79.67 78.35
C GLY L 328 33.65 -80.92 79.01
N ASN L 329 34.97 -81.05 78.97
CA ASN L 329 35.66 -82.16 79.61
C ASN L 329 36.05 -81.85 81.06
N HIS L 330 35.57 -80.75 81.63
CA HIS L 330 35.75 -80.49 83.05
C HIS L 330 35.13 -81.60 83.89
N PRO L 331 35.59 -81.81 85.12
CA PRO L 331 34.97 -82.78 86.02
C PRO L 331 33.54 -82.37 86.31
N PRO L 332 32.64 -83.34 86.46
CA PRO L 332 31.23 -83.02 86.72
C PRO L 332 31.06 -82.29 88.04
N LYS L 333 30.05 -81.42 88.09
CA LYS L 333 29.71 -80.68 89.28
C LYS L 333 28.22 -80.79 89.54
N ARG L 334 27.86 -80.93 90.81
CA ARG L 334 26.47 -81.03 91.24
C ARG L 334 26.07 -79.72 91.93
N VAL L 335 24.78 -79.59 92.23
CA VAL L 335 24.28 -78.36 92.82
C VAL L 335 23.02 -78.65 93.62
N TRP L 336 22.75 -77.78 94.60
CA TRP L 336 21.63 -77.90 95.51
C TRP L 336 20.44 -77.10 95.02
N ALA L 337 19.45 -76.94 95.91
CA ALA L 337 18.32 -76.02 95.73
C ALA L 337 17.89 -75.57 97.12
N GLN L 338 18.27 -74.35 97.48
CA GLN L 338 18.06 -73.82 98.83
C GLN L 338 18.61 -74.78 99.89
N ASP M 1 70.77 -45.69 58.32
CA ASP M 1 69.32 -45.65 58.54
C ASP M 1 68.86 -46.91 59.27
N LEU M 2 69.10 -48.06 58.65
CA LEU M 2 68.70 -49.34 59.22
C LEU M 2 69.48 -49.71 60.47
N ASP M 3 70.60 -49.03 60.74
CA ASP M 3 71.41 -49.29 61.92
C ASP M 3 71.12 -48.28 63.03
N THR M 4 69.92 -47.70 63.02
CA THR M 4 69.51 -46.74 64.04
C THR M 4 68.56 -47.34 65.07
N HIS M 5 68.62 -48.66 65.25
CA HIS M 5 67.77 -49.37 66.19
C HIS M 5 68.57 -50.38 67.00
N PHE M 6 69.76 -49.98 67.45
CA PHE M 6 70.66 -50.90 68.13
C PHE M 6 70.19 -51.29 69.53
N THR M 7 69.14 -50.63 70.05
CA THR M 7 68.57 -51.06 71.32
C THR M 7 68.18 -52.53 71.27
N GLN M 8 67.57 -52.94 70.15
CA GLN M 8 67.22 -54.35 69.98
C GLN M 8 68.40 -55.14 69.40
N TYR M 9 69.17 -54.52 68.51
CA TYR M 9 70.15 -55.26 67.71
C TYR M 9 71.20 -55.92 68.58
N LYS M 10 71.99 -55.12 69.28
CA LYS M 10 73.13 -55.67 70.02
C LYS M 10 72.71 -56.16 71.39
N LEU M 11 71.81 -55.45 72.06
CA LEU M 11 71.52 -55.72 73.46
C LEU M 11 70.66 -56.96 73.67
N ALA M 12 70.04 -57.51 72.63
CA ALA M 12 69.18 -58.67 72.76
C ALA M 12 69.77 -59.85 72.01
N ARG M 13 69.52 -61.06 72.53
CA ARG M 13 70.03 -62.28 71.92
C ARG M 13 68.97 -63.37 71.99
N PRO M 14 68.73 -64.07 70.88
CA PRO M 14 67.66 -65.08 70.84
C PRO M 14 67.97 -66.27 71.74
N TYR M 15 66.94 -66.87 72.31
CA TYR M 15 67.07 -68.06 73.14
C TYR M 15 66.11 -69.14 72.66
N ILE M 16 66.11 -70.26 73.35
CA ILE M 16 65.37 -71.49 73.07
C ILE M 16 64.23 -71.64 74.08
N ALA M 17 63.07 -72.10 73.63
CA ALA M 17 61.89 -72.31 74.46
C ALA M 17 61.08 -73.50 73.96
N ASP M 18 59.99 -73.79 74.67
CA ASP M 18 59.29 -75.05 74.58
C ASP M 18 58.19 -75.00 73.53
N CYS M 19 58.47 -75.34 72.28
CA CYS M 19 57.44 -75.30 71.24
C CYS M 19 56.37 -76.39 71.46
N PRO M 20 55.07 -76.08 71.32
CA PRO M 20 54.00 -77.06 71.56
C PRO M 20 54.06 -78.30 70.68
N ASN M 21 54.41 -78.15 69.40
CA ASN M 21 54.41 -79.24 68.42
C ASN M 21 55.65 -79.18 67.54
N CYS M 22 56.82 -79.10 68.17
CA CYS M 22 58.08 -79.01 67.43
C CYS M 22 58.32 -80.30 66.64
N GLY M 23 58.19 -80.21 65.33
CA GLY M 23 58.51 -81.31 64.43
C GLY M 23 57.42 -82.36 64.41
N HIS M 24 57.34 -83.14 65.48
CA HIS M 24 56.32 -84.15 65.66
C HIS M 24 55.87 -84.29 67.10
N SER M 25 56.61 -83.74 68.06
CA SER M 25 56.29 -83.85 69.47
C SER M 25 56.59 -82.50 70.13
N ARG M 26 56.52 -82.44 71.46
CA ARG M 26 56.85 -81.24 72.23
C ARG M 26 58.35 -81.21 72.54
N CYS M 27 59.16 -80.75 71.60
CA CYS M 27 60.59 -80.59 71.82
C CYS M 27 60.85 -79.16 72.32
N ASP M 28 62.12 -78.78 72.45
CA ASP M 28 62.54 -77.42 72.75
C ASP M 28 63.22 -76.81 71.51
N SER M 29 62.44 -76.27 70.58
CA SER M 29 62.97 -75.73 69.34
C SER M 29 63.52 -74.33 69.56
N PRO M 30 64.50 -73.92 68.75
CA PRO M 30 64.99 -72.54 68.83
C PRO M 30 64.06 -71.53 68.18
N ILE M 31 63.00 -71.95 67.51
CA ILE M 31 62.09 -71.02 66.84
C ILE M 31 60.73 -71.01 67.53
N ALA M 32 60.70 -71.19 68.85
CA ALA M 32 59.46 -71.29 69.60
C ALA M 32 58.56 -70.07 69.33
N ILE M 33 57.27 -70.29 69.17
CA ILE M 33 56.34 -69.26 68.71
C ILE M 33 55.64 -68.66 69.91
N GLU M 34 55.57 -67.34 69.97
CA GLU M 34 54.84 -66.58 70.96
C GLU M 34 53.92 -65.56 70.29
N GLU M 35 52.79 -65.25 70.94
CA GLU M 35 51.98 -64.08 70.62
C GLU M 35 51.62 -63.94 69.13
N VAL M 36 51.05 -64.97 68.52
CA VAL M 36 50.50 -64.85 67.17
C VAL M 36 49.41 -63.78 67.15
N ARG M 37 49.65 -62.71 66.41
CA ARG M 37 48.73 -61.58 66.38
C ARG M 37 47.97 -61.52 65.07
N GLY M 38 46.83 -62.19 65.01
CA GLY M 38 45.99 -62.16 63.80
C GLY M 38 44.84 -61.20 63.98
N ASP M 39 45.11 -59.89 63.87
CA ASP M 39 44.04 -58.89 64.13
C ASP M 39 43.94 -57.92 62.95
N ALA M 40 44.90 -57.96 62.01
CA ALA M 40 44.75 -57.11 60.83
C ALA M 40 43.53 -57.48 59.98
N HIS M 41 43.10 -56.57 59.11
CA HIS M 41 42.02 -56.86 58.17
C HIS M 41 42.42 -57.72 56.98
N ALA M 42 43.46 -57.38 56.24
CA ALA M 42 43.79 -58.07 54.98
C ALA M 42 44.45 -59.45 55.15
N GLY M 43 44.28 -60.10 56.30
CA GLY M 43 44.89 -61.39 56.60
C GLY M 43 46.38 -61.34 56.90
N VAL M 44 46.92 -60.17 57.22
CA VAL M 44 48.32 -60.01 57.61
C VAL M 44 48.53 -60.48 59.04
N ILE M 45 49.60 -61.21 59.30
CA ILE M 45 49.90 -61.82 60.60
C ILE M 45 51.23 -61.31 61.10
N ARG M 46 51.33 -61.01 62.39
CA ARG M 46 52.60 -60.81 63.08
C ARG M 46 52.84 -62.00 63.97
N ILE M 47 54.05 -62.55 63.94
CA ILE M 47 54.46 -63.67 64.78
C ILE M 47 55.66 -63.25 65.59
N GLN M 48 55.72 -63.52 66.89
CA GLN M 48 56.90 -63.27 67.70
C GLN M 48 57.62 -64.58 68.04
N THR M 49 58.61 -64.98 67.27
CA THR M 49 59.37 -66.18 67.58
C THR M 49 60.46 -65.91 68.60
N SER M 50 60.91 -66.91 69.34
CA SER M 50 62.08 -66.75 70.20
C SER M 50 63.40 -66.60 69.43
N ALA M 51 63.45 -66.87 68.13
CA ALA M 51 64.66 -66.63 67.37
C ALA M 51 64.68 -65.21 66.83
N MET M 52 65.88 -64.63 66.77
CA MET M 52 66.05 -63.23 66.42
C MET M 52 66.38 -63.13 64.93
N PHE M 53 65.44 -62.62 64.15
CA PHE M 53 65.65 -62.38 62.73
C PHE M 53 66.03 -60.92 62.51
N GLY M 54 66.88 -60.70 61.51
CA GLY M 54 67.36 -59.36 61.24
C GLY M 54 68.85 -59.29 60.98
N LEU M 55 69.56 -58.59 61.85
CA LEU M 55 70.97 -58.29 61.60
C LEU M 55 71.87 -59.46 62.02
N LYS M 56 73.12 -59.38 61.59
CA LYS M 56 74.15 -60.35 61.94
C LYS M 56 74.66 -60.05 63.34
N THR M 57 75.82 -60.63 63.69
CA THR M 57 76.34 -60.52 65.05
C THR M 57 76.41 -59.07 65.53
N ASP M 58 76.97 -58.18 64.72
CA ASP M 58 77.13 -56.78 65.14
C ASP M 58 76.09 -55.86 64.52
N GLY M 59 76.09 -55.67 63.21
CA GLY M 59 75.17 -54.70 62.63
C GLY M 59 74.70 -54.93 61.21
N VAL M 60 75.03 -56.06 60.60
CA VAL M 60 74.93 -56.22 59.16
C VAL M 60 74.07 -57.42 58.83
N ASP M 61 73.98 -57.71 57.52
CA ASP M 61 73.34 -58.91 56.99
C ASP M 61 71.85 -58.97 57.35
N LEU M 62 71.10 -58.03 56.78
CA LEU M 62 69.66 -58.09 56.86
C LEU M 62 69.13 -59.44 56.37
N ALA M 63 69.80 -60.01 55.37
CA ALA M 63 69.44 -61.31 54.82
C ALA M 63 69.96 -62.47 55.65
N TYR M 64 70.30 -62.26 56.91
CA TYR M 64 70.74 -63.31 57.80
C TYR M 64 69.80 -63.42 58.99
N MET M 65 69.92 -64.54 59.70
CA MET M 65 69.12 -64.80 60.89
C MET M 65 70.03 -65.36 61.97
N SER M 66 69.60 -65.22 63.22
CA SER M 66 70.38 -65.67 64.36
C SER M 66 69.46 -66.46 65.29
N PHE M 67 69.76 -67.73 65.47
CA PHE M 67 69.10 -68.57 66.44
C PHE M 67 70.13 -69.09 67.45
N MET M 68 69.65 -69.73 68.51
CA MET M 68 70.51 -70.28 69.55
C MET M 68 70.56 -71.80 69.50
N ASN M 69 71.73 -72.36 69.25
CA ASN M 69 71.95 -73.80 69.15
C ASN M 69 72.66 -74.26 70.41
N GLY M 70 71.92 -74.81 71.37
CA GLY M 70 72.47 -75.17 72.66
C GLY M 70 72.89 -73.91 73.42
N LYS M 71 74.02 -73.97 74.13
CA LYS M 71 74.53 -72.83 74.93
C LYS M 71 75.09 -71.66 74.11
N THR M 72 75.23 -71.78 72.79
CA THR M 72 75.81 -70.74 71.95
C THR M 72 74.95 -70.54 70.72
N GLN M 73 75.01 -69.33 70.18
CA GLN M 73 74.29 -69.02 68.95
C GLN M 73 75.19 -69.18 67.74
N LYS M 74 74.56 -69.23 66.57
CA LYS M 74 75.31 -69.33 65.31
C LYS M 74 74.47 -68.67 64.21
N SER M 75 74.82 -67.43 63.87
CA SER M 75 74.10 -66.70 62.84
C SER M 75 74.36 -67.32 61.48
N ILE M 76 73.28 -67.56 60.72
CA ILE M 76 73.37 -68.11 59.38
C ILE M 76 72.49 -67.27 58.45
N LYS M 77 72.41 -67.71 57.20
CA LYS M 77 71.59 -67.02 56.22
C LYS M 77 70.10 -67.27 56.46
N ILE M 78 69.27 -66.56 55.70
CA ILE M 78 67.83 -66.65 55.80
C ILE M 78 67.33 -67.54 54.67
N ASP M 79 68.21 -68.43 54.20
CA ASP M 79 68.03 -69.15 52.95
C ASP M 79 66.62 -69.66 52.69
N ASN M 80 66.05 -70.41 53.62
CA ASN M 80 64.77 -71.06 53.39
C ASN M 80 63.82 -70.88 54.58
N LEU M 81 63.73 -69.65 55.08
CA LEU M 81 62.71 -69.36 56.08
C LEU M 81 61.33 -69.41 55.44
N HIS M 82 60.40 -70.07 56.12
CA HIS M 82 59.04 -70.21 55.59
C HIS M 82 58.05 -70.23 56.75
N VAL M 83 57.00 -69.44 56.63
CA VAL M 83 55.88 -69.42 57.58
C VAL M 83 54.69 -70.01 56.88
N ARG M 84 54.01 -70.95 57.52
CA ARG M 84 53.02 -71.77 56.82
C ARG M 84 51.77 -71.90 57.67
N THR M 85 50.62 -72.04 57.03
CA THR M 85 49.33 -72.32 57.67
C THR M 85 48.65 -73.45 56.88
N SER M 86 47.33 -73.52 56.83
CA SER M 86 46.55 -74.42 55.99
C SER M 86 47.08 -74.44 54.56
N ALA M 87 47.49 -73.28 54.06
CA ALA M 87 48.24 -73.16 52.83
C ALA M 87 49.50 -72.35 53.09
N PRO M 88 50.56 -72.58 52.33
CA PRO M 88 51.81 -71.84 52.57
C PRO M 88 51.60 -70.34 52.42
N CYS M 89 52.23 -69.59 53.32
CA CYS M 89 52.07 -68.14 53.34
C CYS M 89 53.14 -67.47 52.49
N SER M 90 53.20 -66.15 52.57
CA SER M 90 54.22 -65.35 51.89
C SER M 90 54.77 -64.33 52.86
N LEU M 91 56.02 -64.50 53.25
CA LEU M 91 56.64 -63.59 54.21
C LEU M 91 56.84 -62.21 53.58
N VAL M 92 56.72 -61.16 54.40
CA VAL M 92 56.82 -59.75 53.99
C VAL M 92 58.05 -59.10 54.56
N SER M 93 58.25 -59.18 55.87
CA SER M 93 59.43 -58.60 56.49
C SER M 93 59.70 -59.30 57.81
N HIS M 94 60.98 -59.38 58.16
CA HIS M 94 61.42 -59.97 59.42
C HIS M 94 62.33 -58.99 60.13
N HIS M 95 62.16 -58.88 61.44
CA HIS M 95 62.93 -57.93 62.23
C HIS M 95 62.90 -58.30 63.71
N GLY M 96 64.07 -58.46 64.31
CA GLY M 96 64.13 -58.84 65.71
C GLY M 96 63.47 -60.19 65.92
N TYR M 97 62.61 -60.27 66.94
CA TYR M 97 61.86 -61.49 67.21
C TYR M 97 60.61 -61.62 66.36
N TYR M 98 60.28 -60.63 65.54
CA TYR M 98 59.00 -60.56 64.87
C TYR M 98 59.10 -60.85 63.38
N ILE M 99 58.09 -61.52 62.85
CA ILE M 99 57.94 -61.79 61.43
C ILE M 99 56.57 -61.28 61.01
N LEU M 100 56.51 -60.60 59.88
CA LEU M 100 55.28 -60.17 59.24
C LEU M 100 55.06 -60.98 57.99
N ALA M 101 53.88 -61.55 57.81
CA ALA M 101 53.55 -62.29 56.61
C ALA M 101 52.08 -62.13 56.24
N GLN M 102 51.73 -62.57 55.02
CA GLN M 102 50.30 -62.59 54.60
C GLN M 102 49.89 -64.06 54.44
N CYS M 103 49.09 -64.61 55.35
CA CYS M 103 48.70 -66.01 55.33
C CYS M 103 47.28 -66.16 54.80
N PRO M 104 47.00 -67.22 54.02
CA PRO M 104 45.65 -67.70 53.80
C PRO M 104 44.94 -67.98 55.12
N PRO M 105 43.60 -68.04 55.14
CA PRO M 105 42.87 -68.45 56.32
C PRO M 105 43.18 -69.89 56.68
N GLY M 106 43.20 -70.20 57.97
CA GLY M 106 43.49 -71.55 58.44
C GLY M 106 43.54 -71.65 59.96
N ASP M 107 43.60 -72.86 60.48
CA ASP M 107 43.44 -73.11 61.91
C ASP M 107 44.74 -73.21 62.70
N THR M 108 45.83 -73.55 62.02
CA THR M 108 47.15 -73.71 62.61
C THR M 108 48.17 -72.82 61.91
N VAL M 109 49.15 -72.34 62.66
CA VAL M 109 50.25 -71.54 62.17
C VAL M 109 51.56 -72.21 62.53
N THR M 110 52.46 -72.26 61.56
CA THR M 110 53.76 -72.90 61.63
C THR M 110 54.80 -71.90 61.22
N VAL M 111 55.95 -71.94 61.85
CA VAL M 111 57.11 -71.18 61.44
C VAL M 111 58.27 -72.13 61.35
N GLY M 112 59.03 -72.03 60.29
CA GLY M 112 60.20 -72.88 60.16
C GLY M 112 61.22 -72.41 59.15
N PHE M 113 62.47 -72.34 59.57
CA PHE M 113 63.58 -72.07 58.66
C PHE M 113 64.12 -73.40 58.16
N HIS M 114 65.28 -73.38 57.51
CA HIS M 114 65.91 -74.60 57.03
C HIS M 114 67.42 -74.42 57.13
N ASP M 115 68.02 -75.08 58.13
CA ASP M 115 69.46 -74.95 58.32
C ASP M 115 70.25 -75.58 57.19
N GLY M 116 69.66 -76.53 56.48
CA GLY M 116 70.29 -77.20 55.37
C GLY M 116 70.46 -78.69 55.57
N PRO M 117 70.91 -79.12 56.76
CA PRO M 117 70.82 -80.54 57.11
C PRO M 117 69.63 -80.90 57.98
N ASN M 118 68.85 -79.91 58.43
CA ASN M 118 67.70 -80.16 59.27
C ASN M 118 66.69 -79.04 59.08
N ARG M 119 65.43 -79.32 59.44
CA ARG M 119 64.36 -78.35 59.24
C ARG M 119 64.25 -77.40 60.43
N HIS M 120 64.05 -77.94 61.62
CA HIS M 120 63.94 -77.15 62.85
C HIS M 120 62.78 -76.15 62.75
N THR M 121 61.58 -76.69 62.66
CA THR M 121 60.36 -75.90 62.55
C THR M 121 59.58 -75.98 63.86
N CYS M 122 58.56 -75.14 64.05
CA CYS M 122 57.66 -75.13 65.19
C CYS M 122 56.26 -74.75 64.73
N THR M 123 55.22 -75.15 65.44
CA THR M 123 53.83 -74.79 65.14
C THR M 123 52.99 -74.74 66.40
N VAL M 124 51.94 -73.92 66.39
CA VAL M 124 51.03 -73.73 67.51
C VAL M 124 49.61 -73.69 67.00
N ALA M 125 48.68 -74.27 67.75
CA ALA M 125 47.27 -74.20 67.43
C ALA M 125 46.76 -72.80 67.72
N HIS M 126 46.46 -72.05 66.65
CA HIS M 126 45.94 -70.67 66.79
C HIS M 126 45.26 -70.29 65.47
N LYS M 127 43.92 -70.19 65.47
CA LYS M 127 43.20 -69.92 64.23
C LYS M 127 43.48 -68.52 63.70
N VAL M 128 43.54 -68.38 62.38
CA VAL M 128 43.68 -67.10 61.70
C VAL M 128 42.63 -66.97 60.63
N GLU M 129 41.69 -66.07 60.84
CA GLU M 129 40.59 -65.81 59.94
C GLU M 129 40.88 -64.65 59.01
N PHE M 130 40.06 -64.53 57.97
CA PHE M 130 40.05 -63.40 57.06
C PHE M 130 38.82 -62.54 57.37
N ARG M 131 38.99 -61.23 57.52
CA ARG M 131 37.90 -60.28 57.79
C ARG M 131 37.97 -59.17 56.76
N PRO M 132 37.17 -59.31 55.66
CA PRO M 132 37.22 -58.37 54.57
C PRO M 132 36.69 -57.03 55.01
N VAL M 133 37.40 -55.99 54.61
CA VAL M 133 37.02 -54.64 54.96
C VAL M 133 35.67 -54.35 54.32
N GLY M 134 34.73 -53.74 55.03
CA GLY M 134 33.43 -53.40 54.46
C GLY M 134 32.34 -54.43 54.72
N ARG M 135 31.42 -54.61 53.78
CA ARG M 135 30.18 -55.37 53.93
C ARG M 135 30.13 -56.56 52.97
N GLU M 136 31.25 -56.92 52.35
CA GLU M 136 31.34 -57.89 51.28
C GLU M 136 32.28 -59.00 51.71
N LYS M 137 31.73 -60.15 52.12
CA LYS M 137 32.46 -61.19 52.86
C LYS M 137 33.28 -62.07 51.91
N TYR M 138 34.20 -61.44 51.19
CA TYR M 138 35.15 -62.08 50.30
C TYR M 138 36.13 -63.01 51.01
N ARG M 139 37.04 -63.62 50.25
CA ARG M 139 38.10 -64.47 50.80
C ARG M 139 39.52 -64.10 50.42
N HIS M 140 39.75 -63.27 49.42
CA HIS M 140 41.09 -62.81 49.05
C HIS M 140 41.05 -61.39 48.47
N PRO M 141 42.06 -60.53 48.66
CA PRO M 141 42.04 -59.17 48.13
C PRO M 141 41.90 -59.17 46.60
N PRO M 142 40.88 -58.55 46.02
CA PRO M 142 40.69 -58.52 44.57
C PRO M 142 41.65 -57.54 43.91
N GLU M 143 41.76 -57.67 42.58
CA GLU M 143 42.67 -56.81 41.84
C GLU M 143 42.13 -55.41 41.65
N HIS M 144 40.82 -55.20 41.80
CA HIS M 144 40.23 -53.88 41.65
C HIS M 144 39.17 -53.70 42.71
N GLY M 145 38.40 -52.62 42.59
CA GLY M 145 37.34 -52.29 43.52
C GLY M 145 37.61 -50.97 44.22
N VAL M 146 36.65 -50.58 45.05
CA VAL M 146 36.75 -49.34 45.80
C VAL M 146 37.53 -49.60 47.09
N GLU M 147 38.40 -48.66 47.44
CA GLU M 147 39.22 -48.77 48.64
C GLU M 147 38.47 -48.26 49.86
N LEU M 148 38.81 -48.79 51.03
CA LEU M 148 38.18 -48.46 52.31
C LEU M 148 39.22 -48.30 53.41
N PRO M 149 38.91 -47.56 54.49
CA PRO M 149 39.82 -47.35 55.61
C PRO M 149 39.91 -48.61 56.46
N CYS M 150 40.73 -49.55 56.02
CA CYS M 150 41.05 -50.76 56.76
C CYS M 150 41.99 -50.49 57.92
N ASN M 151 42.30 -51.51 58.71
CA ASN M 151 43.38 -51.47 59.69
C ASN M 151 44.34 -52.62 59.41
N ARG M 152 45.64 -52.34 59.35
CA ARG M 152 46.64 -53.31 58.89
C ARG M 152 48.00 -53.01 59.49
N TYR M 153 48.83 -54.03 59.67
CA TYR M 153 50.19 -53.81 60.13
C TYR M 153 51.04 -53.21 59.02
N THR M 154 51.93 -52.30 59.38
CA THR M 154 52.80 -51.63 58.45
C THR M 154 54.10 -52.42 58.27
N HIS M 155 54.59 -52.46 57.03
CA HIS M 155 55.85 -53.14 56.76
C HIS M 155 57.04 -52.42 57.36
N LYS M 156 56.90 -51.16 57.73
CA LYS M 156 58.00 -50.42 58.31
C LYS M 156 58.31 -50.95 59.70
N ARG M 157 59.56 -50.76 60.12
CA ARG M 157 60.01 -51.20 61.43
C ARG M 157 60.56 -50.08 62.30
N ALA M 158 61.07 -49.00 61.69
CA ALA M 158 61.64 -47.89 62.44
C ALA M 158 60.50 -47.08 63.06
N ASP M 159 59.87 -47.66 64.07
CA ASP M 159 58.80 -47.01 64.81
C ASP M 159 59.04 -47.20 66.30
N GLN M 160 58.46 -46.29 67.09
CA GLN M 160 58.60 -46.33 68.54
C GLN M 160 57.25 -46.28 69.24
N GLY M 161 56.18 -46.72 68.57
CA GLY M 161 54.85 -46.61 69.15
C GLY M 161 54.69 -47.42 70.43
N HIS M 162 55.25 -48.62 70.48
CA HIS M 162 55.05 -49.52 71.60
C HIS M 162 56.37 -50.17 71.97
N TYR M 163 56.44 -50.68 73.20
CA TYR M 163 57.65 -51.30 73.71
C TYR M 163 57.29 -52.57 74.46
N VAL M 164 58.28 -53.46 74.57
CA VAL M 164 58.15 -54.70 75.34
C VAL M 164 59.40 -54.87 76.19
N GLU M 165 59.20 -55.29 77.44
CA GLU M 165 60.30 -55.37 78.39
C GLU M 165 61.27 -56.48 77.99
N MET M 166 62.57 -56.20 78.15
CA MET M 166 63.65 -57.14 77.82
C MET M 166 64.57 -57.23 79.04
N HIS M 167 64.23 -58.13 79.95
CA HIS M 167 65.00 -58.21 81.22
C HIS M 167 66.13 -59.23 81.08
N GLN M 168 67.03 -59.27 82.06
CA GLN M 168 68.05 -60.34 82.02
C GLN M 168 67.27 -61.65 81.94
N PRO M 169 67.56 -62.55 80.99
CA PRO M 169 66.89 -63.83 80.94
C PRO M 169 67.16 -64.56 82.25
N GLY M 170 66.30 -65.49 82.62
CA GLY M 170 66.71 -66.50 83.58
C GLY M 170 67.85 -67.37 83.06
N LEU M 171 68.48 -68.04 84.01
CA LEU M 171 69.52 -69.00 83.76
C LEU M 171 68.99 -70.23 83.01
N VAL M 172 69.87 -70.91 82.30
CA VAL M 172 69.53 -72.12 81.55
C VAL M 172 70.36 -73.29 82.03
N ALA M 173 69.77 -74.48 82.13
CA ALA M 173 70.55 -75.68 82.38
C ALA M 173 71.28 -76.14 81.12
N ASP M 174 72.49 -76.66 81.26
CA ASP M 174 73.20 -77.38 80.21
C ASP M 174 73.96 -78.56 80.81
N HIS M 175 73.33 -79.74 80.84
CA HIS M 175 73.97 -80.96 81.31
C HIS M 175 75.26 -81.30 80.55
N SER M 176 75.50 -80.76 79.35
CA SER M 176 76.76 -81.01 78.63
C SER M 176 77.94 -80.26 79.23
N LEU M 177 77.70 -79.28 80.10
CA LEU M 177 78.75 -78.76 80.96
C LEU M 177 79.27 -79.82 81.92
N LEU M 178 78.40 -80.71 82.39
CA LEU M 178 78.71 -81.72 83.40
C LEU M 178 79.42 -82.93 82.78
N SER M 179 80.63 -82.68 82.32
CA SER M 179 81.62 -83.71 81.98
C SER M 179 82.05 -84.51 83.22
N ILE M 180 82.93 -85.49 83.04
CA ILE M 180 83.49 -86.31 84.14
C ILE M 180 84.99 -86.08 84.27
N HIS M 181 85.47 -85.72 85.47
CA HIS M 181 86.89 -85.65 85.87
C HIS M 181 87.40 -87.03 86.31
N SER M 182 87.28 -88.02 85.42
CA SER M 182 87.53 -89.47 85.60
C SER M 182 86.68 -90.18 86.66
N ALA M 183 86.32 -89.56 87.78
CA ALA M 183 85.52 -90.15 88.86
C ALA M 183 84.49 -89.20 89.51
N LYS M 184 84.60 -87.89 89.29
CA LYS M 184 83.71 -86.83 89.81
C LYS M 184 83.05 -86.08 88.66
N VAL M 185 81.84 -85.55 88.87
CA VAL M 185 81.21 -84.65 87.87
C VAL M 185 81.91 -83.28 87.82
N LYS M 186 82.17 -82.77 86.62
CA LYS M 186 83.07 -81.64 86.32
C LYS M 186 82.40 -80.65 85.40
N ILE M 187 82.44 -79.36 85.75
CA ILE M 187 81.71 -78.30 85.05
C ILE M 187 82.67 -77.37 84.34
N THR M 188 82.53 -77.15 83.05
CA THR M 188 83.29 -76.13 82.29
C THR M 188 82.60 -74.76 82.30
N VAL M 189 83.07 -73.77 81.55
CA VAL M 189 82.36 -72.50 81.34
C VAL M 189 82.35 -72.07 79.86
N PRO M 190 81.26 -71.49 79.34
CA PRO M 190 81.18 -70.99 77.97
C PRO M 190 82.20 -69.88 77.69
N SER M 191 82.21 -68.77 78.45
CA SER M 191 83.24 -67.76 78.17
C SER M 191 83.65 -67.06 79.45
N GLY M 192 83.52 -67.74 80.58
CA GLY M 192 83.49 -67.07 81.86
C GLY M 192 82.10 -66.68 82.32
N ALA M 193 81.07 -67.16 81.64
CA ALA M 193 79.73 -66.93 82.08
C ALA M 193 79.49 -67.51 83.49
N GLN M 194 78.49 -66.92 84.17
CA GLN M 194 78.19 -67.35 85.56
C GLN M 194 77.49 -68.70 85.54
N VAL M 195 78.12 -69.71 86.15
CA VAL M 195 77.63 -71.07 86.25
C VAL M 195 77.01 -71.34 87.62
N LYS M 196 75.71 -71.07 87.82
CA LYS M 196 75.10 -71.39 89.14
C LYS M 196 75.31 -72.90 89.37
N TYR M 197 75.73 -73.37 90.53
CA TYR M 197 76.12 -74.78 90.66
C TYR M 197 75.91 -75.34 92.06
N TYR M 198 75.44 -76.59 92.17
CA TYR M 198 75.23 -77.27 93.48
C TYR M 198 74.62 -78.64 93.14
N CYS M 199 74.75 -79.62 94.00
CA CYS M 199 74.20 -80.95 93.78
C CYS M 199 73.25 -81.33 94.91
N LYS M 200 72.57 -82.47 94.81
CA LYS M 200 71.80 -82.96 95.98
C LYS M 200 72.71 -83.11 97.21
N CYS M 201 73.83 -83.80 97.03
CA CYS M 201 74.84 -83.95 98.06
C CYS M 201 75.44 -82.58 98.45
N PRO M 202 75.93 -82.40 99.68
CA PRO M 202 76.56 -81.15 100.08
C PRO M 202 77.93 -80.89 99.43
N ASP M 203 78.04 -79.84 98.61
CA ASP M 203 79.28 -79.38 97.94
C ASP M 203 79.22 -77.85 97.71
N VAL M 204 79.96 -77.29 96.74
CA VAL M 204 79.90 -75.86 96.35
C VAL M 204 78.47 -75.40 96.07
N ARG M 205 77.97 -74.47 96.89
CA ARG M 205 76.53 -74.14 97.00
C ARG M 205 76.03 -73.00 96.14
N GLU M 206 76.88 -72.05 95.73
CA GLU M 206 76.48 -70.97 94.82
C GLU M 206 76.87 -71.24 93.38
N GLY M 207 78.17 -71.33 93.10
CA GLY M 207 78.68 -71.33 91.73
C GLY M 207 78.63 -69.93 91.08
N ILE M 208 79.70 -69.15 91.24
CA ILE M 208 80.01 -67.93 90.46
C ILE M 208 81.50 -67.97 90.10
N THR M 209 81.85 -68.72 89.04
CA THR M 209 83.18 -69.32 88.87
C THR M 209 83.62 -69.49 87.42
N SER M 210 84.91 -69.82 87.21
CA SER M 210 85.38 -70.57 86.02
C SER M 210 85.05 -72.07 86.16
N SER M 211 85.67 -72.95 85.38
CA SER M 211 85.43 -74.39 85.40
C SER M 211 85.80 -75.04 86.74
N ASP M 212 84.78 -75.29 87.56
CA ASP M 212 84.88 -76.07 88.80
C ASP M 212 84.84 -77.59 88.58
N HIS M 213 85.24 -78.32 89.62
CA HIS M 213 85.01 -79.75 89.82
C HIS M 213 84.13 -80.01 91.06
N THR M 214 83.43 -81.13 91.08
CA THR M 214 82.64 -81.59 92.23
C THR M 214 83.53 -82.36 93.20
N THR M 215 83.45 -82.07 94.49
CA THR M 215 84.06 -82.88 95.53
C THR M 215 83.15 -84.03 95.96
N THR M 216 81.85 -83.79 96.10
CA THR M 216 80.94 -84.75 96.76
C THR M 216 80.21 -85.67 95.78
N CYS M 217 79.18 -85.19 95.09
CA CYS M 217 78.32 -86.01 94.23
C CYS M 217 79.08 -86.67 93.07
N THR M 218 78.44 -87.68 92.47
CA THR M 218 78.97 -88.47 91.36
C THR M 218 78.10 -88.43 90.10
N ASP M 219 76.78 -88.42 90.19
CA ASP M 219 75.91 -88.49 89.01
C ASP M 219 75.65 -87.12 88.38
N VAL M 220 75.81 -87.02 87.07
CA VAL M 220 75.46 -85.84 86.28
C VAL M 220 73.95 -85.51 86.34
N LYS M 221 73.09 -86.47 86.73
CA LYS M 221 71.62 -86.25 86.89
C LYS M 221 71.27 -85.94 88.36
N GLN M 222 72.22 -85.40 89.12
CA GLN M 222 72.05 -85.01 90.52
C GLN M 222 72.78 -83.70 90.87
N CYS M 223 73.05 -82.88 89.84
CA CYS M 223 73.65 -81.56 89.94
C CYS M 223 72.94 -80.52 89.07
N ARG M 224 73.09 -79.27 89.54
CA ARG M 224 72.50 -78.14 88.85
C ARG M 224 73.53 -77.68 87.87
N ALA M 225 73.17 -77.70 86.61
CA ALA M 225 74.11 -77.39 85.53
C ALA M 225 73.91 -76.00 84.90
N TYR M 226 73.77 -74.91 85.64
CA TYR M 226 73.14 -73.70 85.10
C TYR M 226 74.09 -72.68 84.47
N LEU M 227 73.57 -71.78 83.63
CA LEU M 227 74.26 -70.66 82.99
C LEU M 227 73.45 -69.37 83.06
N ILE M 228 73.82 -68.52 84.00
CA ILE M 228 73.46 -67.09 84.06
C ILE M 228 74.32 -66.41 82.98
N ASP M 229 73.72 -65.97 81.87
CA ASP M 229 74.46 -65.43 80.73
C ASP M 229 73.86 -64.10 80.26
N ASN M 230 73.41 -63.30 81.21
CA ASN M 230 72.73 -62.04 80.94
C ASN M 230 73.70 -60.92 80.51
N LYS M 231 74.87 -61.25 79.94
CA LYS M 231 75.68 -60.30 79.17
C LYS M 231 74.89 -59.90 77.94
N LYS M 232 73.94 -60.74 77.58
CA LYS M 232 73.02 -60.49 76.49
C LYS M 232 71.62 -60.76 76.98
N TRP M 233 70.69 -59.86 76.67
CA TRP M 233 69.38 -59.90 77.28
C TRP M 233 68.38 -60.64 76.38
N VAL M 234 67.30 -61.10 77.00
CA VAL M 234 66.28 -61.91 76.33
C VAL M 234 64.91 -61.33 76.59
N TYR M 235 63.95 -61.69 75.74
CA TYR M 235 62.58 -61.25 75.90
C TYR M 235 61.94 -61.80 77.16
N ASN M 236 60.96 -61.07 77.66
CA ASN M 236 60.22 -61.46 78.86
C ASN M 236 59.19 -62.55 78.50
N SER M 237 59.68 -63.67 78.01
CA SER M 237 58.86 -64.78 77.57
C SER M 237 58.26 -65.54 78.75
N GLY M 238 57.03 -66.01 78.61
CA GLY M 238 56.39 -66.88 79.59
C GLY M 238 56.87 -68.32 79.59
N ARG M 239 57.81 -68.70 78.71
CA ARG M 239 58.37 -70.05 78.64
C ARG M 239 59.75 -70.20 79.24
N LEU M 240 60.38 -69.12 79.70
CA LEU M 240 61.69 -69.19 80.37
C LEU M 240 61.53 -68.91 81.86
N PRO M 241 62.29 -69.57 82.74
CA PRO M 241 62.32 -69.20 84.14
C PRO M 241 62.85 -67.78 84.27
N ARG M 242 62.48 -67.10 85.34
CA ARG M 242 62.92 -65.75 85.63
C ARG M 242 63.95 -65.76 86.76
N GLY M 243 65.11 -65.17 86.50
CA GLY M 243 66.15 -65.06 87.52
C GLY M 243 65.68 -64.24 88.70
N GLU M 244 65.78 -64.82 89.90
CA GLU M 244 65.26 -64.16 91.10
C GLU M 244 66.09 -62.96 91.53
N GLY M 245 67.25 -62.75 90.93
CA GLY M 245 68.08 -61.61 91.28
C GLY M 245 67.35 -60.29 91.14
N ASP M 246 67.01 -59.91 89.92
CA ASP M 246 66.24 -58.72 89.65
C ASP M 246 65.78 -58.76 88.20
N THR M 247 64.79 -57.92 87.88
CA THR M 247 64.25 -57.83 86.53
C THR M 247 64.85 -56.62 85.85
N PHE M 248 65.66 -56.85 84.81
CA PHE M 248 66.28 -55.75 84.10
C PHE M 248 65.24 -55.00 83.27
N LYS M 249 65.56 -53.75 82.99
CA LYS M 249 64.82 -52.97 82.01
C LYS M 249 65.52 -53.09 80.66
N GLY M 250 65.21 -52.18 79.74
CA GLY M 250 65.79 -52.25 78.42
C GLY M 250 64.75 -52.50 77.35
N LYS M 251 63.54 -51.99 77.58
CA LYS M 251 62.43 -52.18 76.65
C LYS M 251 62.78 -51.67 75.26
N LEU M 252 62.48 -52.46 74.24
CA LEU M 252 62.78 -52.10 72.86
C LEU M 252 61.48 -51.97 72.08
N HIS M 253 61.53 -51.19 71.01
CA HIS M 253 60.33 -50.88 70.24
C HIS M 253 59.80 -52.10 69.52
N VAL M 254 58.48 -52.17 69.41
CA VAL M 254 57.79 -53.20 68.67
C VAL M 254 57.95 -52.91 67.18
N PRO M 255 58.34 -53.89 66.37
CA PRO M 255 58.63 -53.58 64.95
C PRO M 255 57.45 -53.06 64.17
N PHE M 256 56.33 -53.77 64.18
CA PHE M 256 55.22 -53.51 63.25
C PHE M 256 54.00 -53.02 64.04
N VAL M 257 53.89 -51.70 64.17
CA VAL M 257 52.73 -51.11 64.84
C VAL M 257 51.54 -51.14 63.87
N PRO M 258 50.34 -51.50 64.33
CA PRO M 258 49.16 -51.38 63.46
C PRO M 258 48.93 -49.93 63.07
N VAL M 259 48.48 -49.74 61.82
CA VAL M 259 48.20 -48.42 61.28
C VAL M 259 46.88 -48.47 60.53
N LYS M 260 46.30 -47.29 60.32
CA LYS M 260 45.00 -47.16 59.64
C LYS M 260 45.24 -46.90 58.16
N ALA M 261 45.64 -47.94 57.45
CA ALA M 261 45.95 -47.85 56.04
C ALA M 261 44.67 -47.90 55.21
N LYS M 262 44.81 -48.05 53.90
CA LYS M 262 43.67 -48.13 52.98
C LYS M 262 43.88 -49.33 52.05
N CYS M 263 43.10 -50.38 52.29
CA CYS M 263 43.11 -51.60 51.51
C CYS M 263 42.09 -51.50 50.37
N ILE M 264 42.35 -52.15 49.24
CA ILE M 264 41.35 -52.29 48.18
C ILE M 264 40.29 -53.25 48.71
N ALA M 265 39.01 -52.95 48.47
CA ALA M 265 37.90 -53.82 48.80
C ALA M 265 37.12 -54.20 47.56
N THR M 266 36.55 -55.39 47.54
CA THR M 266 35.75 -55.88 46.42
C THR M 266 34.50 -55.05 46.16
N LEU M 267 34.03 -55.00 44.93
CA LEU M 267 32.81 -54.34 44.56
C LEU M 267 31.84 -55.33 43.93
N ALA M 268 30.69 -55.58 44.55
CA ALA M 268 29.74 -56.57 44.07
C ALA M 268 29.13 -56.16 42.74
N PRO M 269 28.71 -57.08 41.86
CA PRO M 269 28.06 -56.71 40.60
C PRO M 269 26.81 -55.88 40.85
N GLU M 270 26.59 -54.88 40.00
CA GLU M 270 25.47 -53.97 40.21
C GLU M 270 24.12 -54.66 40.01
N PRO M 271 23.07 -54.30 40.77
CA PRO M 271 21.76 -54.90 40.65
C PRO M 271 21.07 -54.54 39.34
N LEU M 272 20.17 -55.41 38.86
CA LEU M 272 19.29 -55.12 37.74
C LEU M 272 17.98 -54.61 38.33
N VAL M 273 17.62 -53.36 38.06
CA VAL M 273 16.45 -52.72 38.65
C VAL M 273 15.23 -52.91 37.77
N GLU M 274 14.10 -53.24 38.36
CA GLU M 274 12.82 -53.39 37.69
C GLU M 274 11.73 -52.84 38.62
N HIS M 275 10.60 -52.38 38.08
CA HIS M 275 9.61 -51.73 38.94
C HIS M 275 8.16 -51.92 38.50
N LYS M 276 7.28 -51.84 39.50
CA LYS M 276 5.82 -51.94 39.44
C LYS M 276 5.23 -50.87 40.34
N HIS M 277 3.94 -50.61 40.26
CA HIS M 277 3.29 -49.54 41.04
C HIS M 277 3.69 -49.56 42.51
N ARG M 278 4.30 -48.47 43.00
CA ARG M 278 4.78 -48.33 44.39
C ARG M 278 5.64 -49.51 44.87
N THR M 279 6.36 -50.15 43.95
CA THR M 279 7.04 -51.43 44.20
C THR M 279 8.33 -51.54 43.42
N LEU M 280 9.46 -51.42 44.12
CA LEU M 280 10.76 -51.77 43.57
C LEU M 280 10.90 -53.29 43.54
N ILE M 281 11.32 -53.87 42.42
CA ILE M 281 11.80 -55.24 42.33
C ILE M 281 13.29 -55.18 42.08
N LEU M 282 14.06 -55.95 42.83
CA LEU M 282 15.50 -55.86 42.77
C LEU M 282 16.07 -57.21 42.39
N HIS M 283 16.85 -57.25 41.31
CA HIS M 283 17.52 -58.48 40.91
C HIS M 283 18.97 -58.44 41.35
N LEU M 284 19.40 -59.48 42.06
CA LEU M 284 20.74 -59.54 42.62
C LEU M 284 21.44 -60.79 42.13
N HIS M 285 22.70 -60.62 41.73
CA HIS M 285 23.53 -61.74 41.27
C HIS M 285 24.89 -61.66 41.94
N PRO M 286 24.94 -61.88 43.25
CA PRO M 286 26.22 -61.79 43.95
C PRO M 286 27.14 -62.93 43.57
N ASP M 287 28.44 -62.65 43.59
CA ASP M 287 29.44 -63.70 43.47
C ASP M 287 29.89 -64.21 44.83
N HIS M 288 29.93 -63.38 45.87
CA HIS M 288 30.29 -63.73 47.25
C HIS M 288 29.24 -63.15 48.18
N PRO M 289 29.04 -63.65 49.40
CA PRO M 289 28.04 -63.13 50.30
C PRO M 289 28.26 -61.64 50.54
N THR M 290 27.28 -60.80 50.23
CA THR M 290 27.36 -59.36 50.46
C THR M 290 26.13 -58.88 51.17
N LEU M 291 26.31 -58.09 52.20
CA LEU M 291 25.19 -57.58 52.97
C LEU M 291 24.42 -56.55 52.14
N LEU M 292 23.11 -56.72 52.05
CA LEU M 292 22.17 -55.71 51.56
C LEU M 292 21.45 -55.11 52.73
N THR M 293 21.32 -53.79 52.78
CA THR M 293 20.52 -53.07 53.76
C THR M 293 19.54 -52.16 53.05
N THR M 294 18.38 -51.94 53.64
CA THR M 294 17.38 -51.02 53.11
C THR M 294 16.82 -50.20 54.25
N ARG M 295 16.30 -49.01 53.94
CA ARG M 295 15.84 -48.05 54.92
C ARG M 295 14.80 -47.15 54.31
N SER M 296 13.60 -47.14 54.84
CA SER M 296 12.56 -46.23 54.38
C SER M 296 12.77 -44.86 55.00
N LEU M 297 12.60 -43.80 54.21
CA LEU M 297 12.85 -42.42 54.64
C LEU M 297 11.63 -41.79 55.32
N GLY M 298 10.55 -42.54 55.54
CA GLY M 298 9.39 -42.00 56.22
C GLY M 298 9.61 -41.88 57.72
N SER M 299 8.51 -41.63 58.43
CA SER M 299 8.59 -41.53 59.88
C SER M 299 9.03 -42.84 60.50
N ASP M 300 8.51 -43.96 60.00
CA ASP M 300 8.91 -45.29 60.46
C ASP M 300 10.08 -45.75 59.60
N ALA M 301 11.23 -45.98 60.24
CA ALA M 301 12.41 -46.41 59.50
C ALA M 301 12.17 -47.75 58.82
N ASN M 302 11.61 -48.70 59.55
CA ASN M 302 11.33 -50.04 59.04
C ASN M 302 12.55 -50.66 58.35
N PRO M 303 13.65 -50.84 59.07
CA PRO M 303 14.87 -51.33 58.44
C PRO M 303 14.77 -52.80 58.08
N THR M 304 15.63 -53.21 57.16
CA THR M 304 15.70 -54.60 56.72
C THR M 304 17.06 -54.85 56.10
N ARG M 305 17.78 -55.82 56.65
CA ARG M 305 19.09 -56.21 56.16
C ARG M 305 19.25 -57.71 56.19
N GLN M 306 19.92 -58.27 55.20
CA GLN M 306 20.08 -59.72 55.13
C GLN M 306 21.29 -60.05 54.28
N TRP M 307 22.10 -61.01 54.72
CA TRP M 307 23.17 -61.53 53.90
C TRP M 307 22.55 -62.40 52.81
N ILE M 308 22.96 -62.19 51.57
CA ILE M 308 22.45 -62.92 50.42
C ILE M 308 23.64 -63.57 49.72
N GLU M 309 23.56 -64.88 49.50
CA GLU M 309 24.65 -65.62 48.88
C GLU M 309 24.25 -66.15 47.52
N ARG M 310 23.17 -66.93 47.48
CA ARG M 310 22.65 -67.41 46.22
C ARG M 310 21.99 -66.26 45.45
N PRO M 311 22.04 -66.26 44.13
CA PRO M 311 21.32 -65.24 43.36
C PRO M 311 19.85 -65.27 43.70
N THR M 312 19.27 -64.09 43.88
CA THR M 312 17.89 -63.97 44.33
C THR M 312 17.28 -62.69 43.78
N THR M 313 15.96 -62.65 43.74
CA THR M 313 15.22 -61.46 43.40
C THR M 313 14.31 -61.09 44.57
N VAL M 314 14.44 -59.85 45.03
CA VAL M 314 13.68 -59.40 46.18
C VAL M 314 12.83 -58.22 45.81
N ASN M 315 11.93 -57.81 46.71
CA ASN M 315 11.05 -56.69 46.42
C ASN M 315 11.05 -55.71 47.58
N PHE M 316 10.48 -54.53 47.34
CA PHE M 316 10.39 -53.53 48.38
C PHE M 316 9.20 -52.60 48.14
N THR M 317 8.35 -52.41 49.14
CA THR M 317 7.19 -51.55 49.02
C THR M 317 7.67 -50.11 49.15
N VAL M 318 7.75 -49.37 48.04
CA VAL M 318 8.25 -47.98 48.00
C VAL M 318 7.12 -46.98 48.20
N THR M 319 7.00 -46.39 49.39
CA THR M 319 6.01 -45.33 49.67
C THR M 319 6.46 -43.98 49.11
N GLY M 320 5.55 -43.03 48.94
CA GLY M 320 5.90 -41.69 48.44
C GLY M 320 6.91 -40.93 49.31
N GLU M 321 7.09 -41.31 50.58
CA GLU M 321 8.17 -40.81 51.42
C GLU M 321 9.56 -41.24 50.91
N GLY M 322 9.65 -42.29 50.10
CA GLY M 322 10.89 -42.77 49.49
C GLY M 322 11.64 -43.84 50.29
N LEU M 323 12.57 -44.49 49.61
CA LEU M 323 13.27 -45.69 50.07
C LEU M 323 14.75 -45.62 49.69
N GLU M 324 15.65 -46.00 50.59
CA GLU M 324 17.09 -46.10 50.35
C GLU M 324 17.55 -47.55 50.44
N TYR M 325 18.57 -47.90 49.67
CA TYR M 325 19.14 -49.25 49.73
C TYR M 325 20.62 -49.21 49.38
N THR M 326 21.40 -50.11 49.94
CA THR M 326 22.86 -50.07 49.87
C THR M 326 23.39 -51.45 49.57
N TRP M 327 23.30 -51.85 48.32
CA TRP M 327 23.81 -53.14 47.87
C TRP M 327 25.33 -53.16 47.89
N GLY M 328 25.92 -54.05 48.69
CA GLY M 328 27.37 -54.09 48.84
C GLY M 328 27.90 -52.81 49.47
N ASN M 329 29.01 -52.33 48.94
CA ASN M 329 29.66 -51.08 49.27
C ASN M 329 29.50 -50.07 48.14
N HIS M 330 28.49 -50.28 47.30
CA HIS M 330 28.19 -49.23 46.27
C HIS M 330 27.56 -48.05 47.01
N PRO M 331 27.82 -46.78 46.63
CA PRO M 331 27.13 -45.64 47.22
C PRO M 331 25.63 -45.92 47.38
N PRO M 332 24.99 -45.57 48.50
CA PRO M 332 23.54 -45.70 48.67
C PRO M 332 22.75 -44.99 47.58
N LYS M 333 21.62 -45.56 47.15
CA LYS M 333 20.70 -44.95 46.19
C LYS M 333 19.36 -44.68 46.83
N ARG M 334 18.57 -43.73 46.32
CA ARG M 334 17.22 -43.44 46.85
C ARG M 334 16.20 -43.10 45.78
N VAL M 335 14.90 -43.30 46.07
CA VAL M 335 13.83 -43.26 45.05
C VAL M 335 12.51 -42.63 45.55
N TRP M 336 11.66 -42.15 44.64
CA TRP M 336 10.23 -41.80 44.90
C TRP M 336 9.28 -42.84 44.27
N ALA M 337 7.96 -42.69 44.42
CA ALA M 337 6.98 -43.46 43.66
C ALA M 337 5.66 -42.72 43.36
N GLN M 338 5.03 -43.08 42.22
CA GLN M 338 3.81 -42.48 41.60
C GLN M 338 2.58 -42.27 42.50
N ASP N 1 -11.59 93.14 -38.25
CA ASP N 1 -12.69 93.26 -39.18
C ASP N 1 -13.38 91.92 -39.38
N LEU N 2 -13.98 91.72 -40.55
CA LEU N 2 -14.67 90.48 -40.85
C LEU N 2 -13.72 89.31 -41.03
N ASP N 3 -12.41 89.55 -41.12
CA ASP N 3 -11.44 88.50 -41.36
C ASP N 3 -10.78 88.01 -40.07
N THR N 4 -11.49 88.12 -38.94
CA THR N 4 -11.01 87.61 -37.67
C THR N 4 -11.47 86.18 -37.41
N HIS N 5 -11.73 85.43 -38.48
CA HIS N 5 -12.21 84.05 -38.37
C HIS N 5 -11.40 83.15 -39.28
N PHE N 6 -10.08 83.35 -39.30
CA PHE N 6 -9.22 82.61 -40.21
C PHE N 6 -9.15 81.14 -39.87
N THR N 7 -9.49 80.76 -38.63
CA THR N 7 -9.43 79.36 -38.24
C THR N 7 -10.34 78.50 -39.12
N GLN N 8 -11.55 79.01 -39.39
CA GLN N 8 -12.45 78.32 -40.30
C GLN N 8 -12.21 78.73 -41.75
N TYR N 9 -11.80 79.98 -41.97
CA TYR N 9 -11.66 80.50 -43.32
C TYR N 9 -10.60 79.73 -44.11
N LYS N 10 -9.34 79.83 -43.67
CA LYS N 10 -8.25 79.31 -44.49
C LYS N 10 -8.17 77.80 -44.46
N LEU N 11 -8.31 77.20 -43.27
CA LEU N 11 -8.03 75.77 -43.08
C LEU N 11 -9.07 74.89 -43.76
N ALA N 12 -10.35 75.24 -43.67
CA ALA N 12 -11.40 74.40 -44.22
C ALA N 12 -11.50 74.56 -45.73
N ARG N 13 -12.03 73.54 -46.38
CA ARG N 13 -12.31 73.53 -47.80
C ARG N 13 -13.71 72.98 -48.03
N PRO N 14 -14.37 73.40 -49.10
CA PRO N 14 -15.65 72.77 -49.46
C PRO N 14 -15.46 71.31 -49.84
N TYR N 15 -16.41 70.44 -49.53
CA TYR N 15 -16.32 69.02 -49.84
C TYR N 15 -17.58 68.58 -50.55
N ILE N 16 -17.55 67.38 -51.09
CA ILE N 16 -18.68 66.80 -51.80
C ILE N 16 -19.10 65.51 -51.13
N ALA N 17 -20.40 65.30 -51.06
CA ALA N 17 -21.04 64.16 -50.42
C ALA N 17 -22.31 63.84 -51.18
N ASP N 18 -23.04 62.81 -50.71
CA ASP N 18 -24.27 62.36 -51.36
C ASP N 18 -25.46 63.21 -50.92
N CYS N 19 -26.26 63.66 -51.87
CA CYS N 19 -27.55 64.25 -51.57
C CYS N 19 -28.65 63.20 -51.74
N PRO N 20 -29.54 63.06 -50.76
CA PRO N 20 -30.57 62.01 -50.87
C PRO N 20 -31.41 62.11 -52.12
N ASN N 21 -31.78 63.34 -52.53
CA ASN N 21 -32.63 63.54 -53.69
C ASN N 21 -32.09 64.68 -54.54
N CYS N 22 -30.80 64.61 -54.87
CA CYS N 22 -30.16 65.59 -55.74
C CYS N 22 -30.84 65.63 -57.10
N GLY N 23 -31.53 66.73 -57.40
CA GLY N 23 -32.25 66.82 -58.65
C GLY N 23 -33.40 65.83 -58.73
N HIS N 24 -33.24 64.79 -59.53
CA HIS N 24 -34.25 63.76 -59.69
C HIS N 24 -33.85 62.43 -59.07
N SER N 25 -32.57 62.22 -58.77
CA SER N 25 -32.09 60.94 -58.28
C SER N 25 -31.13 61.20 -57.13
N ARG N 26 -30.43 60.16 -56.64
CA ARG N 26 -29.40 60.28 -55.60
C ARG N 26 -28.03 60.48 -56.23
N CYS N 27 -27.67 61.73 -56.52
CA CYS N 27 -26.37 62.08 -57.03
C CYS N 27 -25.45 62.49 -55.87
N ASP N 28 -24.28 63.03 -56.19
CA ASP N 28 -23.32 63.51 -55.20
C ASP N 28 -23.08 64.99 -55.48
N SER N 29 -23.94 65.84 -54.94
CA SER N 29 -23.88 67.26 -55.22
C SER N 29 -22.89 67.95 -54.29
N PRO N 30 -22.28 69.04 -54.74
CA PRO N 30 -21.32 69.76 -53.89
C PRO N 30 -21.95 70.55 -52.75
N ILE N 31 -23.29 70.66 -52.72
CA ILE N 31 -23.96 71.42 -51.68
C ILE N 31 -24.81 70.49 -50.83
N ALA N 32 -24.35 69.26 -50.65
CA ALA N 32 -25.07 68.30 -49.82
C ALA N 32 -25.26 68.86 -48.42
N ILE N 33 -26.48 68.73 -47.91
CA ILE N 33 -26.84 69.31 -46.63
C ILE N 33 -26.97 68.21 -45.60
N GLU N 34 -26.58 68.54 -44.36
CA GLU N 34 -26.72 67.62 -43.24
C GLU N 34 -26.85 68.45 -41.97
N GLU N 35 -27.58 67.90 -41.00
CA GLU N 35 -27.79 68.54 -39.70
C GLU N 35 -28.44 69.92 -39.86
N VAL N 36 -29.65 69.91 -40.41
CA VAL N 36 -30.46 71.11 -40.50
C VAL N 36 -31.13 71.35 -39.15
N ARG N 37 -30.88 72.53 -38.57
CA ARG N 37 -31.41 72.88 -37.25
C ARG N 37 -32.45 73.98 -37.44
N GLY N 38 -33.71 73.63 -37.25
CA GLY N 38 -34.80 74.58 -37.37
C GLY N 38 -35.67 74.66 -36.14
N ASP N 39 -35.03 74.58 -34.97
CA ASP N 39 -35.73 74.52 -33.69
C ASP N 39 -35.94 75.90 -33.08
N ALA N 40 -36.03 76.94 -33.89
CA ALA N 40 -36.27 78.29 -33.39
C ALA N 40 -37.77 78.51 -33.27
N HIS N 41 -38.17 79.76 -33.05
CA HIS N 41 -39.58 80.09 -32.83
C HIS N 41 -40.17 80.96 -33.93
N ALA N 42 -39.59 82.13 -34.17
CA ALA N 42 -40.22 83.13 -35.03
C ALA N 42 -40.20 82.77 -36.50
N GLY N 43 -39.52 81.70 -36.87
CA GLY N 43 -39.47 81.28 -38.25
C GLY N 43 -38.12 81.34 -38.94
N VAL N 44 -37.03 81.06 -38.23
CA VAL N 44 -35.71 81.00 -38.82
C VAL N 44 -35.18 79.58 -38.68
N ILE N 45 -34.22 79.24 -39.54
CA ILE N 45 -33.71 77.88 -39.61
C ILE N 45 -32.27 77.93 -40.11
N ARG N 46 -31.41 77.10 -39.50
CA ARG N 46 -30.01 77.03 -39.84
C ARG N 46 -29.71 75.71 -40.53
N ILE N 47 -28.98 75.79 -41.65
CA ILE N 47 -28.63 74.61 -42.44
C ILE N 47 -27.11 74.57 -42.60
N GLN N 48 -26.53 73.40 -42.36
CA GLN N 48 -25.10 73.19 -42.53
C GLN N 48 -24.86 72.55 -43.89
N THR N 49 -24.29 73.31 -44.82
CA THR N 49 -24.10 72.89 -46.19
C THR N 49 -22.67 72.41 -46.41
N SER N 50 -22.50 71.62 -47.48
CA SER N 50 -21.17 71.12 -47.84
C SER N 50 -20.30 72.21 -48.45
N ALA N 51 -20.88 73.10 -49.23
CA ALA N 51 -20.11 74.20 -49.80
C ALA N 51 -19.72 75.20 -48.71
N MET N 52 -18.58 75.85 -48.92
CA MET N 52 -18.03 76.79 -47.96
C MET N 52 -18.30 78.20 -48.45
N PHE N 53 -19.15 78.92 -47.72
CA PHE N 53 -19.48 80.29 -48.09
C PHE N 53 -18.53 81.27 -47.42
N GLY N 54 -18.59 82.52 -47.87
CA GLY N 54 -17.74 83.55 -47.32
C GLY N 54 -16.88 84.24 -48.36
N LEU N 55 -15.58 84.31 -48.11
CA LEU N 55 -14.68 84.96 -49.06
C LEU N 55 -14.25 83.96 -50.14
N LYS N 56 -13.47 84.45 -51.09
CA LYS N 56 -13.04 83.65 -52.23
C LYS N 56 -11.89 82.73 -51.85
N THR N 57 -11.20 82.18 -52.85
CA THR N 57 -10.16 81.19 -52.62
C THR N 57 -9.13 81.68 -51.60
N ASP N 58 -8.69 82.94 -51.73
CA ASP N 58 -7.65 83.40 -50.83
C ASP N 58 -8.17 84.27 -49.69
N GLY N 59 -8.68 85.45 -50.00
CA GLY N 59 -9.17 86.31 -48.94
C GLY N 59 -10.29 87.29 -49.24
N VAL N 60 -10.86 87.26 -50.44
CA VAL N 60 -11.68 88.37 -50.91
C VAL N 60 -13.08 87.92 -51.30
N ASP N 61 -13.94 88.88 -51.64
CA ASP N 61 -15.29 88.63 -52.15
C ASP N 61 -16.12 87.83 -51.14
N LEU N 62 -16.41 88.49 -50.02
CA LEU N 62 -17.37 87.94 -49.07
C LEU N 62 -18.71 87.63 -49.74
N ALA N 63 -19.05 88.40 -50.77
CA ALA N 63 -20.27 88.18 -51.54
C ALA N 63 -20.12 87.06 -52.57
N TYR N 64 -19.11 86.21 -52.43
CA TYR N 64 -18.90 85.07 -53.32
C TYR N 64 -19.04 83.77 -52.55
N MET N 65 -19.09 82.68 -53.31
CA MET N 65 -19.26 81.34 -52.74
C MET N 65 -18.23 80.41 -53.34
N SER N 66 -17.68 79.51 -52.52
CA SER N 66 -16.63 78.60 -52.93
C SER N 66 -17.09 77.17 -52.67
N PHE N 67 -17.35 76.43 -53.75
CA PHE N 67 -17.67 75.02 -53.67
C PHE N 67 -16.58 74.22 -54.38
N MET N 68 -16.69 72.90 -54.32
CA MET N 68 -15.73 72.00 -54.93
C MET N 68 -16.43 71.14 -55.97
N ASN N 69 -15.95 71.20 -57.20
CA ASN N 69 -16.42 70.33 -58.27
C ASN N 69 -15.25 69.49 -58.76
N GLY N 70 -15.49 68.19 -58.93
CA GLY N 70 -14.39 67.31 -59.25
C GLY N 70 -13.36 67.30 -58.15
N LYS N 71 -12.10 67.47 -58.53
CA LYS N 71 -10.94 67.52 -57.65
C LYS N 71 -10.45 68.93 -57.36
N THR N 72 -11.10 69.97 -57.89
CA THR N 72 -10.60 71.33 -57.80
C THR N 72 -11.67 72.25 -57.22
N GLN N 73 -11.25 73.07 -56.26
CA GLN N 73 -12.11 74.11 -55.72
C GLN N 73 -12.34 75.20 -56.77
N LYS N 74 -13.51 75.83 -56.71
CA LYS N 74 -13.89 76.79 -57.74
C LYS N 74 -14.82 77.82 -57.10
N SER N 75 -14.25 78.98 -56.77
CA SER N 75 -15.01 80.05 -56.11
C SER N 75 -15.75 80.88 -57.16
N ILE N 76 -17.07 80.97 -57.02
CA ILE N 76 -17.93 81.71 -57.93
C ILE N 76 -18.73 82.72 -57.11
N LYS N 77 -19.57 83.48 -57.79
CA LYS N 77 -20.46 84.43 -57.13
C LYS N 77 -21.59 83.71 -56.40
N ILE N 78 -22.41 84.49 -55.71
CA ILE N 78 -23.53 83.97 -54.95
C ILE N 78 -24.83 84.36 -55.67
N ASP N 79 -24.73 84.47 -57.00
CA ASP N 79 -25.79 85.05 -57.83
C ASP N 79 -27.20 84.56 -57.48
N ASN N 80 -27.43 83.25 -57.53
CA ASN N 80 -28.77 82.69 -57.42
C ASN N 80 -28.83 81.63 -56.33
N LEU N 81 -28.31 81.96 -55.15
CA LEU N 81 -28.42 81.06 -54.02
C LEU N 81 -29.87 80.97 -53.56
N HIS N 82 -30.46 79.79 -53.71
CA HIS N 82 -31.88 79.59 -53.42
C HIS N 82 -32.01 78.58 -52.30
N VAL N 83 -32.54 79.01 -51.16
CA VAL N 83 -32.96 78.13 -50.08
C VAL N 83 -34.47 78.05 -50.13
N ARG N 84 -35.01 76.83 -50.20
CA ARG N 84 -36.42 76.69 -50.52
C ARG N 84 -37.04 75.60 -49.66
N THR N 85 -38.35 75.72 -49.48
CA THR N 85 -39.19 74.78 -48.76
C THR N 85 -40.48 74.68 -49.56
N SER N 86 -41.58 74.26 -48.92
CA SER N 86 -42.91 74.24 -49.55
C SER N 86 -43.17 75.55 -50.30
N ALA N 87 -42.64 76.66 -49.78
CA ALA N 87 -42.57 77.91 -50.52
C ALA N 87 -41.16 78.47 -50.43
N PRO N 88 -40.74 79.26 -51.42
CA PRO N 88 -39.36 79.77 -51.41
C PRO N 88 -39.07 80.61 -50.18
N CYS N 89 -37.87 80.46 -49.64
CA CYS N 89 -37.46 81.16 -48.44
C CYS N 89 -36.75 82.46 -48.81
N SER N 90 -36.12 83.09 -47.82
CA SER N 90 -35.32 84.30 -48.04
C SER N 90 -34.17 84.26 -47.05
N LEU N 91 -32.96 84.02 -47.55
CA LEU N 91 -31.81 83.89 -46.66
C LEU N 91 -31.50 85.22 -45.98
N VAL N 92 -30.93 85.11 -44.79
CA VAL N 92 -30.53 86.28 -44.01
C VAL N 92 -29.04 86.55 -44.16
N SER N 93 -28.21 85.54 -43.92
CA SER N 93 -26.78 85.68 -44.08
C SER N 93 -26.17 84.30 -44.26
N HIS N 94 -24.95 84.28 -44.76
CA HIS N 94 -24.21 83.05 -45.01
C HIS N 94 -22.80 83.20 -44.49
N HIS N 95 -22.25 82.10 -43.97
CA HIS N 95 -20.89 82.12 -43.43
C HIS N 95 -20.37 80.70 -43.36
N GLY N 96 -19.31 80.43 -44.11
CA GLY N 96 -18.71 79.10 -44.07
C GLY N 96 -19.67 78.03 -44.53
N TYR N 97 -19.82 76.99 -43.71
CA TYR N 97 -20.67 75.86 -44.06
C TYR N 97 -22.15 76.13 -43.85
N TYR N 98 -22.51 77.21 -43.15
CA TYR N 98 -23.85 77.38 -42.62
C TYR N 98 -24.58 78.51 -43.32
N ILE N 99 -25.89 78.33 -43.51
CA ILE N 99 -26.76 79.34 -44.09
C ILE N 99 -27.92 79.58 -43.13
N LEU N 100 -28.25 80.84 -42.90
CA LEU N 100 -29.36 81.21 -42.03
C LEU N 100 -30.45 81.84 -42.89
N ALA N 101 -31.66 81.30 -42.80
CA ALA N 101 -32.76 81.74 -43.65
C ALA N 101 -34.08 81.64 -42.90
N GLN N 102 -35.07 82.37 -43.39
CA GLN N 102 -36.43 82.29 -42.89
C GLN N 102 -37.28 81.55 -43.92
N CYS N 103 -37.95 80.49 -43.48
CA CYS N 103 -38.75 79.66 -44.35
C CYS N 103 -40.16 79.53 -43.80
N PRO N 104 -41.14 79.34 -44.68
CA PRO N 104 -42.48 78.96 -44.22
C PRO N 104 -42.52 77.47 -43.90
N PRO N 105 -43.54 77.03 -43.18
CA PRO N 105 -43.63 75.60 -42.84
C PRO N 105 -43.74 74.73 -44.08
N GLY N 106 -43.17 73.54 -43.99
CA GLY N 106 -43.17 72.61 -45.11
C GLY N 106 -42.55 71.30 -44.69
N ASP N 107 -42.55 70.36 -45.62
CA ASP N 107 -42.05 69.02 -45.33
C ASP N 107 -40.63 68.79 -45.83
N THR N 108 -40.20 69.56 -46.83
CA THR N 108 -38.89 69.36 -47.44
C THR N 108 -38.06 70.64 -47.36
N VAL N 109 -36.76 70.47 -47.16
CA VAL N 109 -35.80 71.57 -47.12
C VAL N 109 -34.81 71.35 -48.25
N THR N 110 -34.68 72.34 -49.12
CA THR N 110 -33.78 72.25 -50.26
C THR N 110 -32.98 73.53 -50.43
N VAL N 111 -31.78 73.39 -50.99
CA VAL N 111 -30.90 74.52 -51.27
C VAL N 111 -30.34 74.35 -52.67
N GLY N 112 -30.11 75.46 -53.36
CA GLY N 112 -29.50 75.41 -54.66
C GLY N 112 -29.04 76.75 -55.20
N PHE N 113 -27.78 76.81 -55.61
CA PHE N 113 -27.25 77.99 -56.28
C PHE N 113 -27.41 77.81 -57.79
N HIS N 114 -26.74 78.66 -58.57
CA HIS N 114 -26.78 78.54 -60.03
C HIS N 114 -25.39 78.87 -60.57
N ASP N 115 -24.71 77.85 -61.09
CA ASP N 115 -23.43 78.07 -61.76
C ASP N 115 -23.61 78.88 -63.04
N GLY N 116 -24.72 78.67 -63.73
CA GLY N 116 -25.01 79.35 -64.98
C GLY N 116 -25.28 78.38 -66.12
N PRO N 117 -24.48 77.31 -66.21
CA PRO N 117 -24.88 76.18 -67.07
C PRO N 117 -25.42 74.98 -66.30
N ASN N 118 -25.37 75.01 -64.96
CA ASN N 118 -25.81 73.89 -64.14
C ASN N 118 -26.55 74.43 -62.94
N ARG N 119 -27.48 73.63 -62.43
CA ARG N 119 -28.23 74.02 -61.24
C ARG N 119 -27.46 73.69 -59.97
N HIS N 120 -27.10 72.41 -59.79
CA HIS N 120 -26.40 71.95 -58.59
C HIS N 120 -27.21 72.28 -57.33
N THR N 121 -28.38 71.67 -57.25
CA THR N 121 -29.28 71.82 -56.11
C THR N 121 -29.29 70.53 -55.30
N CYS N 122 -29.86 70.61 -54.09
CA CYS N 122 -29.96 69.46 -53.22
C CYS N 122 -31.08 69.69 -52.22
N THR N 123 -31.81 68.63 -51.89
CA THR N 123 -32.87 68.66 -50.91
C THR N 123 -32.63 67.59 -49.85
N VAL N 124 -33.52 67.54 -48.87
CA VAL N 124 -33.44 66.55 -47.80
C VAL N 124 -34.82 66.42 -47.17
N ALA N 125 -35.19 65.20 -46.78
CA ALA N 125 -36.50 64.95 -46.17
C ALA N 125 -36.43 65.34 -44.69
N HIS N 126 -36.99 66.51 -44.37
CA HIS N 126 -37.01 66.98 -42.99
C HIS N 126 -38.08 68.05 -42.82
N LYS N 127 -39.05 67.77 -41.95
CA LYS N 127 -40.15 68.71 -41.74
C LYS N 127 -39.69 69.90 -40.91
N VAL N 128 -40.21 71.08 -41.24
CA VAL N 128 -39.96 72.29 -40.46
C VAL N 128 -41.31 72.91 -40.12
N GLU N 129 -41.58 73.06 -38.82
CA GLU N 129 -42.82 73.66 -38.36
C GLU N 129 -42.49 74.81 -37.43
N PHE N 130 -43.04 75.97 -37.71
CA PHE N 130 -42.66 77.21 -37.03
C PHE N 130 -43.78 77.63 -36.09
N ARG N 131 -43.54 77.46 -34.79
CA ARG N 131 -44.52 77.76 -33.77
C ARG N 131 -44.24 79.13 -33.19
N PRO N 132 -45.13 80.10 -33.36
CA PRO N 132 -44.91 81.42 -32.76
C PRO N 132 -44.99 81.35 -31.25
N VAL N 133 -44.26 82.25 -30.62
CA VAL N 133 -44.30 82.39 -29.17
C VAL N 133 -45.64 83.00 -28.77
N GLY N 134 -46.11 82.67 -27.59
CA GLY N 134 -47.37 83.16 -27.09
C GLY N 134 -48.46 82.12 -27.20
N ARG N 135 -49.69 82.58 -26.95
CA ARG N 135 -50.85 81.70 -26.95
C ARG N 135 -51.63 81.77 -28.26
N GLU N 136 -51.11 82.43 -29.28
CA GLU N 136 -51.78 82.55 -30.58
C GLU N 136 -51.05 81.67 -31.57
N LYS N 137 -51.73 80.65 -32.08
CA LYS N 137 -51.14 79.75 -33.07
C LYS N 137 -51.09 80.42 -34.43
N TYR N 138 -50.24 81.43 -34.57
CA TYR N 138 -50.09 82.14 -35.83
C TYR N 138 -49.26 81.30 -36.79
N ARG N 139 -48.93 81.87 -37.95
CA ARG N 139 -48.01 81.24 -38.89
C ARG N 139 -46.91 82.19 -39.36
N HIS N 140 -47.18 83.49 -39.45
CA HIS N 140 -46.21 84.43 -39.93
C HIS N 140 -46.20 85.59 -38.95
N PRO N 141 -45.04 86.14 -38.61
CA PRO N 141 -44.97 87.23 -37.65
C PRO N 141 -45.80 88.42 -38.12
N PRO N 142 -46.55 89.05 -37.23
CA PRO N 142 -47.39 90.16 -37.65
C PRO N 142 -46.64 91.48 -37.64
N GLU N 143 -47.27 92.54 -38.16
CA GLU N 143 -46.64 93.85 -38.18
C GLU N 143 -46.59 94.48 -36.80
N HIS N 144 -47.59 94.25 -35.97
CA HIS N 144 -47.66 94.84 -34.64
C HIS N 144 -48.05 93.76 -33.63
N GLY N 145 -48.05 94.14 -32.36
CA GLY N 145 -48.40 93.24 -31.28
C GLY N 145 -47.47 93.38 -30.10
N VAL N 146 -47.73 92.57 -29.07
CA VAL N 146 -46.89 92.56 -27.87
C VAL N 146 -45.58 91.84 -28.16
N GLU N 147 -44.59 91.98 -27.32
CA GLU N 147 -43.29 91.35 -27.42
C GLU N 147 -43.13 90.28 -26.35
N LEU N 148 -42.36 89.25 -26.69
CA LEU N 148 -42.18 88.10 -25.81
C LEU N 148 -40.75 87.59 -25.97
N PRO N 149 -40.21 86.91 -24.95
CA PRO N 149 -38.85 86.39 -25.06
C PRO N 149 -38.75 85.13 -25.92
N CYS N 150 -38.64 85.32 -27.23
CA CYS N 150 -38.54 84.20 -28.16
C CYS N 150 -37.13 83.61 -28.14
N ASN N 151 -36.97 82.53 -28.90
CA ASN N 151 -35.67 81.91 -29.13
C ASN N 151 -35.35 81.97 -30.62
N ARG N 152 -34.21 82.57 -30.95
CA ARG N 152 -33.83 82.76 -32.34
C ARG N 152 -32.33 82.64 -32.48
N TYR N 153 -31.90 82.36 -33.71
CA TYR N 153 -30.48 82.34 -34.02
C TYR N 153 -30.00 83.74 -34.36
N THR N 154 -28.77 84.04 -33.96
CA THR N 154 -28.25 85.40 -34.05
C THR N 154 -28.00 85.79 -35.51
N HIS N 155 -27.91 87.09 -35.74
CA HIS N 155 -27.55 87.62 -37.05
C HIS N 155 -26.05 87.74 -37.24
N LYS N 156 -25.29 87.71 -36.16
CA LYS N 156 -23.85 87.90 -36.22
C LYS N 156 -23.17 86.56 -36.48
N ARG N 157 -21.85 86.61 -36.65
CA ARG N 157 -21.05 85.42 -36.90
C ARG N 157 -19.89 85.29 -35.94
N ALA N 158 -19.32 86.40 -35.49
CA ALA N 158 -18.15 86.36 -34.61
C ALA N 158 -18.55 85.97 -33.19
N ASP N 159 -19.04 84.75 -33.01
CA ASP N 159 -19.39 84.23 -31.70
C ASP N 159 -18.71 82.87 -31.52
N GLN N 160 -18.44 82.53 -30.27
CA GLN N 160 -17.79 81.28 -29.92
C GLN N 160 -18.57 80.55 -28.84
N GLY N 161 -19.89 80.50 -28.99
CA GLY N 161 -20.70 79.75 -28.05
C GLY N 161 -20.44 78.26 -28.11
N HIS N 162 -20.24 77.73 -29.32
CA HIS N 162 -20.03 76.31 -29.51
C HIS N 162 -19.00 76.10 -30.61
N TYR N 163 -18.42 74.90 -30.64
CA TYR N 163 -17.39 74.55 -31.61
C TYR N 163 -17.72 73.20 -32.23
N VAL N 164 -17.17 72.99 -33.43
CA VAL N 164 -17.31 71.74 -34.16
C VAL N 164 -15.94 71.23 -34.54
N GLU N 165 -15.82 69.91 -34.72
CA GLU N 165 -14.57 69.25 -35.08
C GLU N 165 -14.18 69.50 -36.54
N MET N 166 -12.94 69.19 -36.86
CA MET N 166 -12.34 69.33 -38.19
C MET N 166 -11.26 68.27 -38.35
N HIS N 167 -11.06 67.75 -39.55
CA HIS N 167 -10.28 66.52 -39.75
C HIS N 167 -9.44 66.58 -41.01
N GLN N 168 -8.37 65.78 -41.05
CA GLN N 168 -7.73 65.47 -42.32
C GLN N 168 -8.75 64.72 -43.18
N PRO N 169 -8.84 65.03 -44.48
CA PRO N 169 -9.82 64.40 -45.32
C PRO N 169 -9.55 62.91 -45.45
N GLY N 170 -10.61 62.15 -45.73
CA GLY N 170 -10.44 60.77 -46.15
C GLY N 170 -9.70 60.64 -47.47
N LEU N 171 -9.32 59.42 -47.78
CA LEU N 171 -8.90 59.00 -49.11
C LEU N 171 -10.04 59.26 -50.11
N VAL N 172 -9.75 59.88 -51.26
CA VAL N 172 -10.76 60.27 -52.26
C VAL N 172 -10.64 59.42 -53.52
N ALA N 173 -11.67 58.70 -53.94
CA ALA N 173 -11.57 57.74 -55.05
C ALA N 173 -11.66 58.37 -56.44
N ASP N 174 -10.80 59.32 -56.78
CA ASP N 174 -10.77 59.96 -58.10
C ASP N 174 -10.18 59.05 -59.18
N HIS N 175 -10.94 58.06 -59.64
CA HIS N 175 -10.39 57.06 -60.61
C HIS N 175 -9.93 57.73 -61.92
N SER N 176 -10.52 58.86 -62.29
CA SER N 176 -10.22 59.51 -63.58
C SER N 176 -8.72 59.78 -63.79
N LEU N 177 -7.91 59.69 -62.73
CA LEU N 177 -6.47 59.84 -62.81
C LEU N 177 -5.75 58.63 -63.43
N LEU N 178 -6.34 57.44 -63.44
CA LEU N 178 -5.73 56.25 -64.01
C LEU N 178 -5.79 56.29 -65.54
N SER N 179 -4.79 56.91 -66.17
CA SER N 179 -4.67 56.91 -67.62
C SER N 179 -3.59 55.93 -68.06
N ILE N 180 -3.56 55.65 -69.36
CA ILE N 180 -2.61 54.72 -69.96
C ILE N 180 -1.78 55.48 -70.99
N HIS N 181 -0.45 55.45 -70.82
CA HIS N 181 0.46 56.12 -71.74
C HIS N 181 0.95 55.19 -72.85
N SER N 182 0.00 54.54 -73.54
CA SER N 182 0.23 53.76 -74.74
C SER N 182 1.02 52.48 -74.47
N ALA N 183 1.34 52.13 -73.23
CA ALA N 183 1.97 50.84 -72.90
C ALA N 183 1.46 50.23 -71.59
N LYS N 184 1.29 51.04 -70.56
CA LYS N 184 0.81 50.61 -69.24
C LYS N 184 0.07 51.72 -68.51
N VAL N 185 -0.70 51.37 -67.49
CA VAL N 185 -1.37 52.37 -66.64
C VAL N 185 -0.35 53.20 -65.85
N LYS N 186 -0.55 54.52 -65.89
CA LYS N 186 0.31 55.55 -65.32
C LYS N 186 -0.55 56.55 -64.56
N ILE N 187 -0.49 56.48 -63.23
CA ILE N 187 -1.29 57.31 -62.35
C ILE N 187 -0.74 58.75 -62.37
N THR N 188 -1.39 59.65 -63.08
CA THR N 188 -1.01 61.07 -63.08
C THR N 188 -1.44 61.72 -61.76
N VAL N 189 -0.76 62.78 -61.33
CA VAL N 189 -1.16 63.58 -60.17
C VAL N 189 -1.06 65.06 -60.53
N PRO N 190 -1.98 65.93 -60.09
CA PRO N 190 -1.91 67.34 -60.48
C PRO N 190 -0.73 68.06 -59.80
N SER N 191 -0.67 68.02 -58.47
CA SER N 191 0.42 68.59 -57.70
C SER N 191 0.36 68.12 -56.25
N GLY N 192 1.47 67.58 -55.74
CA GLY N 192 1.70 67.31 -54.31
C GLY N 192 0.82 66.22 -53.70
N ALA N 193 -0.21 65.79 -54.43
CA ALA N 193 -1.14 64.78 -54.01
C ALA N 193 -0.54 63.39 -54.11
N GLN N 194 -0.10 62.79 -52.99
CA GLN N 194 0.33 61.39 -53.01
C GLN N 194 -0.89 60.50 -53.25
N VAL N 195 -0.92 59.80 -54.37
CA VAL N 195 -2.03 58.91 -54.68
C VAL N 195 -1.73 57.51 -54.17
N LYS N 196 -2.61 57.08 -53.26
CA LYS N 196 -2.68 55.73 -52.75
C LYS N 196 -3.26 54.76 -53.75
N TYR N 197 -2.60 54.60 -54.89
CA TYR N 197 -3.06 53.62 -55.87
C TYR N 197 -2.75 52.20 -55.41
N TYR N 198 -3.55 51.22 -55.85
CA TYR N 198 -3.23 49.79 -55.79
C TYR N 198 -4.03 49.06 -56.89
N CYS N 199 -3.72 47.80 -57.20
CA CYS N 199 -4.31 47.03 -58.31
C CYS N 199 -4.50 45.56 -57.96
N LYS N 200 -5.25 44.78 -58.77
CA LYS N 200 -5.51 43.35 -58.51
C LYS N 200 -4.24 42.54 -58.27
N CYS N 201 -3.21 42.82 -59.07
CA CYS N 201 -1.92 42.16 -59.07
C CYS N 201 -1.14 42.39 -57.76
N PRO N 202 -0.08 41.62 -57.51
CA PRO N 202 1.01 42.06 -56.65
C PRO N 202 1.55 43.41 -57.13
N ASP N 203 1.35 44.47 -56.34
CA ASP N 203 1.65 45.85 -56.73
C ASP N 203 1.64 46.80 -55.51
N VAL N 204 1.98 48.07 -55.71
CA VAL N 204 2.03 49.11 -54.66
C VAL N 204 0.76 49.14 -53.81
N ARG N 205 0.86 48.71 -52.55
CA ARG N 205 -0.29 48.83 -51.63
C ARG N 205 -0.05 50.03 -50.70
N GLU N 206 1.19 50.54 -50.65
CA GLU N 206 1.54 51.65 -49.74
C GLU N 206 0.78 52.93 -50.13
N GLY N 207 0.96 53.39 -51.37
CA GLY N 207 0.22 54.58 -51.85
C GLY N 207 1.06 55.84 -51.81
N ILE N 208 2.10 55.94 -50.98
CA ILE N 208 2.96 57.12 -50.99
C ILE N 208 3.56 57.19 -52.40
N THR N 209 2.95 57.95 -53.32
CA THR N 209 3.35 58.01 -54.72
C THR N 209 2.97 59.33 -55.38
N SER N 210 3.94 60.09 -55.89
CA SER N 210 3.71 61.05 -56.98
C SER N 210 3.74 60.31 -58.32
N SER N 211 3.73 61.04 -59.46
CA SER N 211 3.62 60.52 -60.82
C SER N 211 4.44 59.24 -61.09
N ASP N 212 3.78 58.14 -61.44
CA ASP N 212 4.33 56.78 -61.44
C ASP N 212 3.50 55.85 -62.34
N HIS N 213 4.01 54.66 -62.69
CA HIS N 213 3.33 53.70 -63.55
C HIS N 213 3.54 52.26 -63.11
N THR N 214 2.65 51.37 -63.53
CA THR N 214 2.77 49.93 -63.28
C THR N 214 2.41 49.12 -64.51
N THR N 215 3.21 48.10 -64.81
CA THR N 215 2.93 47.11 -65.87
C THR N 215 2.20 45.88 -65.34
N THR N 216 2.11 45.70 -64.02
CA THR N 216 1.74 44.40 -63.43
C THR N 216 0.31 44.01 -63.77
N CYS N 217 -0.61 44.96 -63.75
CA CYS N 217 -2.00 44.85 -64.21
C CYS N 217 -2.27 45.96 -65.26
N THR N 218 -3.12 45.67 -66.24
CA THR N 218 -3.21 46.42 -67.50
C THR N 218 -4.45 47.29 -67.65
N ASP N 219 -5.59 46.79 -67.21
CA ASP N 219 -6.91 47.37 -67.44
C ASP N 219 -7.25 48.38 -66.35
N VAL N 220 -7.84 49.51 -66.73
CA VAL N 220 -8.13 50.60 -65.77
C VAL N 220 -9.02 50.10 -64.64
N LYS N 221 -9.99 49.23 -64.97
CA LYS N 221 -10.89 48.56 -64.02
C LYS N 221 -10.22 47.52 -63.10
N GLN N 222 -8.89 47.53 -63.03
CA GLN N 222 -8.17 46.57 -62.14
C GLN N 222 -7.41 47.32 -61.03
N CYS N 223 -7.70 48.59 -60.79
CA CYS N 223 -6.95 49.46 -59.89
C CYS N 223 -7.84 50.41 -59.06
N ARG N 224 -7.24 51.03 -58.04
CA ARG N 224 -7.88 52.06 -57.19
C ARG N 224 -6.94 53.28 -57.30
N ALA N 225 -7.45 54.48 -57.07
CA ALA N 225 -6.72 55.73 -57.26
C ALA N 225 -6.95 56.74 -56.12
N TYR N 226 -6.90 56.27 -54.87
CA TYR N 226 -7.19 57.06 -53.69
C TYR N 226 -6.29 58.30 -53.57
N LEU N 227 -6.76 59.45 -53.99
CA LEU N 227 -6.03 60.70 -53.92
C LEU N 227 -5.97 61.21 -52.48
N ILE N 228 -4.80 61.70 -52.07
CA ILE N 228 -4.62 62.42 -50.81
C ILE N 228 -4.26 63.86 -51.13
N ASP N 229 -4.98 64.83 -50.56
CA ASP N 229 -4.69 66.26 -50.68
C ASP N 229 -4.93 66.96 -49.35
N ASN N 230 -4.39 66.38 -48.29
CA ASN N 230 -4.64 66.76 -46.90
C ASN N 230 -4.09 68.12 -46.49
N LYS N 231 -3.54 68.92 -47.40
CA LYS N 231 -3.06 70.27 -47.08
C LYS N 231 -4.18 71.23 -46.66
N LYS N 232 -5.46 70.88 -46.90
CA LYS N 232 -6.59 71.62 -46.33
C LYS N 232 -7.57 70.62 -45.74
N TRP N 233 -8.15 71.01 -44.63
CA TRP N 233 -8.98 70.16 -43.80
C TRP N 233 -10.47 70.31 -44.13
N VAL N 234 -11.28 69.40 -43.61
CA VAL N 234 -12.73 69.36 -43.83
C VAL N 234 -13.49 69.10 -42.52
N TYR N 235 -14.80 69.35 -42.53
CA TYR N 235 -15.66 68.96 -41.42
C TYR N 235 -15.77 67.43 -41.36
N ASN N 236 -15.97 66.82 -40.20
CA ASN N 236 -15.99 65.36 -40.08
C ASN N 236 -17.37 64.77 -40.38
N SER N 237 -17.95 65.13 -41.52
CA SER N 237 -19.30 64.74 -41.92
C SER N 237 -19.47 63.23 -41.90
N GLY N 238 -20.64 62.78 -41.47
CA GLY N 238 -21.01 61.35 -41.41
C GLY N 238 -21.27 60.70 -42.76
N ARG N 239 -21.02 61.42 -43.87
CA ARG N 239 -21.25 60.95 -45.24
C ARG N 239 -20.06 61.17 -46.17
N LEU N 240 -18.87 61.05 -45.62
CA LEU N 240 -17.62 60.81 -46.36
C LEU N 240 -16.72 59.94 -45.49
N PRO N 241 -15.83 59.11 -46.07
CA PRO N 241 -15.11 58.12 -45.30
C PRO N 241 -14.02 58.79 -44.48
N ARG N 242 -13.88 58.42 -43.21
CA ARG N 242 -12.77 58.88 -42.37
C ARG N 242 -11.48 58.36 -42.97
N GLY N 243 -10.47 59.21 -43.06
CA GLY N 243 -9.11 58.74 -43.33
C GLY N 243 -8.60 57.89 -42.16
N GLU N 244 -7.96 56.77 -42.44
CA GLU N 244 -7.08 56.14 -41.44
C GLU N 244 -5.97 57.16 -41.13
N GLY N 245 -5.94 57.64 -39.90
CA GLY N 245 -5.38 58.96 -39.62
C GLY N 245 -5.83 59.52 -38.28
N ASP N 246 -6.10 60.82 -38.21
CA ASP N 246 -6.34 61.51 -36.93
C ASP N 246 -7.19 62.78 -37.00
N THR N 247 -7.67 63.19 -35.82
CA THR N 247 -8.30 64.51 -35.58
C THR N 247 -7.35 65.63 -35.95
N PHE N 248 -7.85 66.71 -36.52
CA PHE N 248 -7.05 67.91 -36.73
C PHE N 248 -7.37 69.00 -35.72
N LYS N 249 -6.51 70.02 -35.70
CA LYS N 249 -6.71 71.26 -34.95
C LYS N 249 -7.91 72.03 -35.50
N GLY N 250 -8.26 73.13 -34.83
CA GLY N 250 -9.24 74.10 -35.30
C GLY N 250 -10.67 73.78 -34.88
N LYS N 251 -11.02 74.13 -33.64
CA LYS N 251 -12.41 74.22 -33.25
C LYS N 251 -13.07 75.34 -34.05
N LEU N 252 -13.98 74.98 -34.94
CA LEU N 252 -14.65 75.96 -35.77
C LEU N 252 -15.87 76.50 -35.02
N HIS N 253 -15.92 77.82 -34.85
CA HIS N 253 -17.06 78.43 -34.19
C HIS N 253 -18.28 78.41 -35.10
N VAL N 254 -19.40 77.96 -34.55
CA VAL N 254 -20.67 77.91 -35.29
C VAL N 254 -21.12 79.35 -35.51
N PRO N 255 -21.36 79.75 -36.76
CA PRO N 255 -21.63 81.18 -37.02
C PRO N 255 -22.87 81.72 -36.33
N PHE N 256 -23.88 80.89 -36.13
CA PHE N 256 -25.17 81.34 -35.61
C PHE N 256 -25.56 80.51 -34.40
N VAL N 257 -25.35 81.07 -33.22
CA VAL N 257 -25.72 80.43 -31.96
C VAL N 257 -27.07 80.98 -31.54
N PRO N 258 -28.01 80.13 -31.11
CA PRO N 258 -29.31 80.65 -30.66
C PRO N 258 -29.17 81.58 -29.47
N VAL N 259 -29.98 82.64 -29.47
CA VAL N 259 -29.99 83.63 -28.40
C VAL N 259 -31.44 83.97 -28.08
N LYS N 260 -31.64 84.58 -26.91
CA LYS N 260 -32.99 84.92 -26.44
C LYS N 260 -33.30 86.38 -26.76
N ALA N 261 -33.66 86.61 -28.02
CA ALA N 261 -34.07 87.93 -28.46
C ALA N 261 -35.56 88.15 -28.15
N LYS N 262 -36.12 89.23 -28.70
CA LYS N 262 -37.52 89.57 -28.51
C LYS N 262 -38.20 89.57 -29.87
N CYS N 263 -39.26 88.77 -30.00
CA CYS N 263 -40.06 88.73 -31.21
C CYS N 263 -41.46 89.25 -30.93
N ILE N 264 -42.01 90.00 -31.89
CA ILE N 264 -43.36 90.53 -31.74
C ILE N 264 -44.37 89.41 -32.00
N ALA N 265 -45.34 89.28 -31.10
CA ALA N 265 -46.40 88.30 -31.23
C ALA N 265 -47.74 89.01 -31.28
N THR N 266 -48.66 88.42 -32.04
CA THR N 266 -49.95 89.06 -32.25
C THR N 266 -50.79 88.99 -30.98
N LEU N 267 -51.81 89.84 -30.92
CA LEU N 267 -52.77 89.82 -29.83
C LEU N 267 -54.17 89.80 -30.41
N ALA N 268 -54.97 88.87 -29.92
CA ALA N 268 -56.33 88.66 -30.40
C ALA N 268 -57.20 89.87 -30.11
N PRO N 269 -58.23 90.09 -30.92
CA PRO N 269 -59.13 91.23 -30.68
C PRO N 269 -59.76 91.15 -29.30
N GLU N 270 -60.01 92.32 -28.72
CA GLU N 270 -60.53 92.42 -27.37
C GLU N 270 -61.91 91.77 -27.29
N PRO N 271 -62.20 90.99 -26.25
CA PRO N 271 -63.43 90.26 -26.13
C PRO N 271 -64.57 91.21 -25.74
N LEU N 272 -65.76 91.01 -26.27
CA LEU N 272 -66.93 91.77 -25.86
C LEU N 272 -67.53 91.10 -24.62
N VAL N 273 -67.18 91.60 -23.43
CA VAL N 273 -67.79 91.14 -22.18
C VAL N 273 -69.25 91.59 -22.07
N GLU N 274 -70.05 90.75 -21.41
CA GLU N 274 -71.49 91.08 -21.18
C GLU N 274 -71.81 90.68 -19.72
N HIS N 275 -71.79 91.60 -18.77
CA HIS N 275 -71.99 91.24 -17.36
C HIS N 275 -73.36 90.64 -17.12
N LYS N 276 -73.47 89.74 -16.15
CA LYS N 276 -74.72 89.02 -15.82
C LYS N 276 -74.62 88.49 -14.37
N HIS N 277 -75.75 88.17 -13.73
CA HIS N 277 -75.79 87.71 -12.30
C HIS N 277 -75.00 86.42 -12.06
N ARG N 278 -73.88 86.52 -11.33
CA ARG N 278 -72.99 85.37 -11.07
C ARG N 278 -72.53 84.64 -12.33
N THR N 279 -72.43 85.34 -13.45
CA THR N 279 -72.14 84.74 -14.75
C THR N 279 -71.37 85.70 -15.63
N LEU N 280 -70.16 85.32 -16.01
CA LEU N 280 -69.39 86.03 -17.01
C LEU N 280 -69.75 85.40 -18.35
N ILE N 281 -70.51 86.13 -19.17
CA ILE N 281 -70.68 85.82 -20.58
C ILE N 281 -69.77 86.78 -21.32
N LEU N 282 -68.91 86.28 -22.18
CA LEU N 282 -68.11 87.12 -23.05
C LEU N 282 -68.14 86.57 -24.48
N HIS N 283 -68.29 87.49 -25.44
CA HIS N 283 -68.29 87.11 -26.87
C HIS N 283 -66.87 87.23 -27.40
N LEU N 284 -66.37 86.18 -28.05
CA LEU N 284 -65.02 86.12 -28.59
C LEU N 284 -65.05 86.15 -30.10
N HIS N 285 -64.16 86.94 -30.69
CA HIS N 285 -64.03 86.95 -32.16
C HIS N 285 -62.54 86.76 -32.50
N PRO N 286 -61.97 85.55 -32.30
CA PRO N 286 -60.55 85.31 -32.58
C PRO N 286 -60.26 85.43 -34.06
N ASP N 287 -59.03 85.89 -34.35
CA ASP N 287 -58.54 85.91 -35.72
C ASP N 287 -57.71 84.68 -36.06
N HIS N 288 -57.06 84.08 -35.07
CA HIS N 288 -56.30 82.86 -35.22
C HIS N 288 -56.60 81.97 -34.02
N PRO N 289 -56.40 80.66 -34.15
CA PRO N 289 -56.62 79.77 -33.01
C PRO N 289 -55.78 80.20 -31.82
N THR N 290 -56.50 80.61 -30.76
CA THR N 290 -55.84 81.19 -29.59
C THR N 290 -56.27 80.44 -28.34
N LEU N 291 -55.34 80.40 -27.36
CA LEU N 291 -55.60 79.71 -26.10
C LEU N 291 -56.38 80.62 -25.15
N LEU N 292 -57.46 80.12 -24.58
CA LEU N 292 -58.21 80.79 -23.54
C LEU N 292 -58.08 79.99 -22.26
N THR N 293 -57.67 80.65 -21.20
CA THR N 293 -57.52 80.04 -19.88
C THR N 293 -58.44 80.71 -18.90
N THR N 294 -59.16 79.93 -18.10
CA THR N 294 -59.91 80.44 -16.96
C THR N 294 -59.49 79.73 -15.69
N ARG N 295 -59.64 80.39 -14.55
CA ARG N 295 -59.06 79.95 -13.28
C ARG N 295 -59.83 80.60 -12.14
N SER N 296 -60.54 79.84 -11.33
CA SER N 296 -61.21 80.40 -10.14
C SER N 296 -60.17 80.82 -9.11
N LEU N 297 -60.42 81.93 -8.42
CA LEU N 297 -59.53 82.48 -7.39
C LEU N 297 -59.78 81.87 -6.01
N GLY N 298 -60.81 81.04 -5.84
CA GLY N 298 -61.18 80.43 -4.56
C GLY N 298 -60.21 79.34 -4.10
N SER N 299 -60.64 78.53 -3.14
CA SER N 299 -59.90 77.35 -2.72
C SER N 299 -59.88 76.26 -3.79
N ASP N 300 -60.96 76.12 -4.57
CA ASP N 300 -60.98 75.19 -5.69
C ASP N 300 -60.56 75.93 -6.95
N ALA N 301 -59.43 75.51 -7.54
CA ALA N 301 -58.90 76.20 -8.71
C ALA N 301 -59.87 76.12 -9.88
N ASN N 302 -60.30 74.90 -10.23
CA ASN N 302 -61.21 74.64 -11.33
C ASN N 302 -60.71 75.30 -12.61
N PRO N 303 -59.62 74.83 -13.20
CA PRO N 303 -59.06 75.47 -14.39
C PRO N 303 -59.84 75.06 -15.63
N THR N 304 -59.59 75.73 -16.75
CA THR N 304 -60.13 75.35 -18.05
C THR N 304 -59.25 75.93 -19.13
N ARG N 305 -58.89 75.10 -20.09
CA ARG N 305 -58.14 75.50 -21.28
C ARG N 305 -58.86 74.98 -22.51
N GLN N 306 -58.99 75.83 -23.53
CA GLN N 306 -59.74 75.42 -24.75
C GLN N 306 -59.36 76.31 -25.94
N TRP N 307 -58.50 75.81 -26.85
CA TRP N 307 -58.22 76.58 -28.05
C TRP N 307 -59.51 76.80 -28.82
N ILE N 308 -59.73 78.05 -29.21
CA ILE N 308 -60.93 78.43 -29.95
C ILE N 308 -60.53 79.24 -31.17
N GLU N 309 -61.07 78.86 -32.32
CA GLU N 309 -60.80 79.56 -33.58
C GLU N 309 -62.04 80.24 -34.14
N ARG N 310 -63.12 79.50 -34.36
CA ARG N 310 -64.35 80.13 -34.81
C ARG N 310 -64.94 80.98 -33.69
N PRO N 311 -65.49 82.15 -34.02
CA PRO N 311 -66.06 83.01 -32.97
C PRO N 311 -67.12 82.27 -32.17
N THR N 312 -67.07 82.45 -30.85
CA THR N 312 -67.94 81.70 -29.96
C THR N 312 -68.26 82.55 -28.75
N THR N 313 -69.42 82.28 -28.17
CA THR N 313 -69.82 82.82 -26.88
C THR N 313 -69.62 81.75 -25.82
N VAL N 314 -68.89 82.06 -24.76
CA VAL N 314 -68.60 81.12 -23.67
C VAL N 314 -68.95 81.76 -22.33
N ASN N 315 -69.16 80.88 -21.35
CA ASN N 315 -69.73 81.25 -20.06
C ASN N 315 -68.81 80.76 -18.97
N PHE N 316 -68.71 81.51 -17.89
CA PHE N 316 -68.04 81.04 -16.70
C PHE N 316 -68.88 81.30 -15.47
N THR N 317 -69.01 80.29 -14.61
CA THR N 317 -69.81 80.38 -13.38
C THR N 317 -68.98 81.08 -12.32
N VAL N 318 -68.82 82.38 -12.48
CA VAL N 318 -68.02 83.21 -11.59
C VAL N 318 -68.70 83.44 -10.23
N THR N 319 -68.01 83.04 -9.17
CA THR N 319 -68.51 83.13 -7.79
C THR N 319 -68.22 84.49 -7.16
N GLY N 320 -68.47 84.63 -5.86
CA GLY N 320 -68.08 85.81 -5.07
C GLY N 320 -66.58 85.92 -4.78
N GLU N 321 -65.84 84.80 -4.73
CA GLU N 321 -64.38 84.78 -4.57
C GLU N 321 -63.66 85.33 -5.79
N GLY N 322 -64.28 85.25 -6.97
CA GLY N 322 -63.78 85.84 -8.20
C GLY N 322 -63.05 84.86 -9.13
N LEU N 323 -62.83 85.33 -10.35
CA LEU N 323 -62.34 84.56 -11.48
C LEU N 323 -61.23 85.33 -12.17
N GLU N 324 -60.19 84.64 -12.58
CA GLU N 324 -59.16 85.16 -13.45
C GLU N 324 -59.33 84.52 -14.83
N TYR N 325 -59.19 85.30 -15.89
CA TYR N 325 -59.13 84.74 -17.23
C TYR N 325 -58.06 85.45 -18.04
N THR N 326 -57.48 84.76 -19.02
CA THR N 326 -56.39 85.31 -19.83
C THR N 326 -56.70 85.06 -21.29
N TRP N 327 -57.25 86.06 -21.94
CA TRP N 327 -57.52 85.94 -23.36
C TRP N 327 -56.26 86.14 -24.17
N GLY N 328 -55.81 85.12 -24.88
CA GLY N 328 -54.63 85.28 -25.70
C GLY N 328 -53.42 85.64 -24.86
N ASN N 329 -52.61 86.55 -25.39
CA ASN N 329 -51.50 87.14 -24.66
C ASN N 329 -51.77 88.57 -24.19
N HIS N 330 -53.03 88.98 -24.07
CA HIS N 330 -53.33 90.14 -23.23
C HIS N 330 -52.91 89.88 -21.79
N PRO N 331 -52.69 90.92 -20.98
CA PRO N 331 -52.51 90.74 -19.55
C PRO N 331 -53.67 89.94 -18.96
N PRO N 332 -53.45 89.17 -17.89
CA PRO N 332 -54.53 88.50 -17.18
C PRO N 332 -55.50 89.53 -16.59
N LYS N 333 -56.79 89.19 -16.56
CA LYS N 333 -57.86 90.01 -15.99
C LYS N 333 -58.52 89.29 -14.83
N ARG N 334 -59.03 90.04 -13.85
CA ARG N 334 -59.76 89.50 -12.70
C ARG N 334 -61.15 90.12 -12.62
N VAL N 335 -62.12 89.39 -12.11
CA VAL N 335 -63.52 89.84 -12.00
C VAL N 335 -64.21 89.17 -10.80
N TRP N 336 -65.23 89.81 -10.23
CA TRP N 336 -65.99 89.36 -9.07
C TRP N 336 -67.49 89.64 -9.24
N ALA N 337 -68.38 89.02 -8.46
CA ALA N 337 -69.82 89.28 -8.56
C ALA N 337 -70.60 89.07 -7.26
N GLN N 338 -71.72 89.78 -7.09
CA GLN N 338 -72.58 89.64 -5.88
C GLN N 338 -74.02 89.33 -6.33
N ASP O 1 -57.14 106.95 -74.85
CA ASP O 1 -57.45 106.39 -73.54
C ASP O 1 -56.38 106.75 -72.52
N LEU O 2 -55.15 106.96 -73.01
CA LEU O 2 -54.03 107.24 -72.12
C LEU O 2 -54.21 108.56 -71.36
N ASP O 3 -54.98 109.48 -71.92
CA ASP O 3 -55.21 110.79 -71.30
C ASP O 3 -56.48 110.79 -70.46
N THR O 4 -57.10 109.63 -70.29
CA THR O 4 -58.33 109.50 -69.52
C THR O 4 -58.07 109.12 -68.08
N HIS O 5 -56.81 108.97 -67.68
CA HIS O 5 -56.45 108.67 -66.30
C HIS O 5 -55.27 109.51 -65.85
N PHE O 6 -55.15 110.73 -66.37
CA PHE O 6 -53.98 111.56 -66.12
C PHE O 6 -53.91 112.11 -64.70
N THR O 7 -55.00 111.99 -63.92
CA THR O 7 -54.94 112.44 -62.54
C THR O 7 -53.87 111.67 -61.76
N GLN O 8 -53.85 110.36 -61.92
CA GLN O 8 -52.84 109.55 -61.24
C GLN O 8 -51.48 109.67 -61.93
N TYR O 9 -51.49 109.82 -63.25
CA TYR O 9 -50.25 109.76 -64.02
C TYR O 9 -49.31 110.90 -63.65
N LYS O 10 -49.85 112.09 -63.43
CA LYS O 10 -48.99 113.23 -63.16
C LYS O 10 -48.96 113.60 -61.69
N LEU O 11 -50.13 113.70 -61.05
CA LEU O 11 -50.21 114.25 -59.70
C LEU O 11 -49.74 113.28 -58.62
N ALA O 12 -49.60 111.99 -58.93
CA ALA O 12 -49.18 111.02 -57.94
C ALA O 12 -47.66 110.94 -57.88
N ARG O 13 -47.14 110.33 -56.83
CA ARG O 13 -45.73 110.09 -56.66
C ARG O 13 -45.53 108.75 -55.97
N PRO O 14 -44.59 107.93 -56.39
CA PRO O 14 -44.26 106.71 -55.66
C PRO O 14 -43.58 107.03 -54.33
N TYR O 15 -44.24 106.70 -53.23
CA TYR O 15 -43.71 106.97 -51.91
C TYR O 15 -43.08 105.72 -51.31
N ILE O 16 -42.45 105.90 -50.16
CA ILE O 16 -41.74 104.83 -49.48
C ILE O 16 -42.28 104.70 -48.06
N ALA O 17 -42.48 103.47 -47.62
CA ALA O 17 -43.03 103.19 -46.29
C ALA O 17 -42.24 102.03 -45.70
N ASP O 18 -42.77 101.43 -44.63
CA ASP O 18 -42.12 100.35 -43.91
C ASP O 18 -42.76 99.02 -44.28
N CYS O 19 -41.94 98.06 -44.66
CA CYS O 19 -42.43 96.71 -44.89
C CYS O 19 -42.19 95.86 -43.64
N PRO O 20 -43.25 95.21 -43.13
CA PRO O 20 -43.08 94.45 -41.87
C PRO O 20 -42.04 93.34 -41.96
N ASN O 21 -41.92 92.68 -43.11
CA ASN O 21 -40.99 91.56 -43.28
C ASN O 21 -40.19 91.72 -44.56
N CYS O 22 -39.54 92.86 -44.71
CA CYS O 22 -38.76 93.18 -45.90
C CYS O 22 -37.48 92.37 -45.87
N GLY O 23 -37.57 91.16 -46.43
CA GLY O 23 -36.42 90.29 -46.57
C GLY O 23 -36.07 89.52 -45.32
N HIS O 24 -35.50 90.21 -44.35
CA HIS O 24 -35.14 89.59 -43.08
C HIS O 24 -35.80 90.27 -41.89
N SER O 25 -35.90 91.60 -41.91
CA SER O 25 -36.45 92.35 -40.80
C SER O 25 -37.17 93.58 -41.33
N ARG O 26 -37.43 94.53 -40.45
CA ARG O 26 -38.21 95.72 -40.78
C ARG O 26 -37.40 96.75 -41.53
N CYS O 27 -37.29 96.59 -42.86
CA CYS O 27 -36.64 97.61 -43.66
C CYS O 27 -37.68 98.64 -44.10
N ASP O 28 -37.30 99.53 -45.01
CA ASP O 28 -38.22 100.52 -45.57
C ASP O 28 -38.21 100.34 -47.09
N SER O 29 -39.01 99.40 -47.56
CA SER O 29 -39.05 99.08 -48.97
C SER O 29 -39.80 100.14 -49.76
N PRO O 30 -39.47 100.32 -51.03
CA PRO O 30 -40.25 101.22 -51.88
C PRO O 30 -41.57 100.63 -52.34
N ILE O 31 -41.83 99.35 -52.07
CA ILE O 31 -43.04 98.69 -52.52
C ILE O 31 -43.82 98.16 -51.33
N ALA O 32 -43.76 98.87 -50.20
CA ALA O 32 -44.46 98.42 -49.00
C ALA O 32 -45.94 98.21 -49.28
N ILE O 33 -46.44 97.07 -48.86
CA ILE O 33 -47.79 96.62 -49.24
C ILE O 33 -48.82 97.28 -48.35
N GLU O 34 -49.98 97.58 -48.94
CA GLU O 34 -51.07 98.20 -48.21
C GLU O 34 -52.40 97.71 -48.77
N GLU O 35 -53.33 97.37 -47.86
CA GLU O 35 -54.73 97.12 -48.19
C GLU O 35 -54.87 95.97 -49.19
N VAL O 36 -54.51 94.78 -48.73
CA VAL O 36 -54.78 93.57 -49.50
C VAL O 36 -56.24 93.20 -49.32
N ARG O 37 -56.99 93.19 -50.42
CA ARG O 37 -58.44 92.98 -50.37
C ARG O 37 -58.78 91.75 -51.21
N GLY O 38 -58.65 90.58 -50.61
CA GLY O 38 -58.97 89.33 -51.28
C GLY O 38 -60.39 88.85 -51.06
N ASP O 39 -61.38 89.60 -51.52
CA ASP O 39 -62.77 89.25 -51.29
C ASP O 39 -63.51 88.80 -52.54
N ALA O 40 -62.81 88.56 -53.64
CA ALA O 40 -63.47 88.05 -54.84
C ALA O 40 -63.71 86.55 -54.67
N HIS O 41 -64.27 85.93 -55.71
CA HIS O 41 -64.57 84.51 -55.69
C HIS O 41 -63.56 83.66 -56.44
N ALA O 42 -63.01 84.16 -57.55
CA ALA O 42 -62.05 83.40 -58.34
C ALA O 42 -60.66 83.40 -57.73
N GLY O 43 -60.52 83.83 -56.48
CA GLY O 43 -59.22 83.90 -55.85
C GLY O 43 -58.29 84.93 -56.46
N VAL O 44 -58.82 86.06 -56.88
CA VAL O 44 -58.02 87.17 -57.40
C VAL O 44 -57.82 88.17 -56.27
N ILE O 45 -56.70 88.89 -56.32
CA ILE O 45 -56.30 89.78 -55.25
C ILE O 45 -56.02 91.16 -55.82
N ARG O 46 -56.58 92.19 -55.20
CA ARG O 46 -56.23 93.57 -55.50
C ARG O 46 -55.42 94.11 -54.35
N ILE O 47 -54.19 94.56 -54.65
CA ILE O 47 -53.25 94.98 -53.62
C ILE O 47 -52.71 96.36 -53.98
N GLN O 48 -52.69 97.26 -52.99
CA GLN O 48 -52.21 98.62 -53.19
C GLN O 48 -50.76 98.69 -52.75
N THR O 49 -49.87 98.97 -53.69
CA THR O 49 -48.43 99.00 -53.43
C THR O 49 -47.95 100.43 -53.25
N SER O 50 -46.87 100.57 -52.47
CA SER O 50 -46.29 101.89 -52.25
C SER O 50 -45.67 102.43 -53.53
N ALA O 51 -45.24 101.57 -54.43
CA ALA O 51 -44.72 102.01 -55.72
C ALA O 51 -45.86 102.50 -56.60
N MET O 52 -45.51 103.29 -57.60
CA MET O 52 -46.47 103.87 -58.55
C MET O 52 -46.24 103.19 -59.90
N PHE O 53 -47.00 102.14 -60.17
CA PHE O 53 -46.86 101.41 -61.42
C PHE O 53 -47.48 102.20 -62.57
N GLY O 54 -47.51 101.59 -63.75
CA GLY O 54 -48.18 102.20 -64.88
C GLY O 54 -47.28 103.06 -65.73
N LEU O 55 -47.69 104.30 -65.96
CA LEU O 55 -46.99 105.17 -66.89
C LEU O 55 -45.66 105.61 -66.31
N LYS O 56 -44.75 106.00 -67.21
CA LYS O 56 -43.41 106.41 -66.84
C LYS O 56 -43.44 107.87 -66.35
N THR O 57 -42.27 108.49 -66.26
CA THR O 57 -42.16 109.82 -65.67
C THR O 57 -43.09 110.82 -66.33
N ASP O 58 -43.10 110.90 -67.66
CA ASP O 58 -43.92 111.92 -68.30
C ASP O 58 -45.21 111.38 -68.89
N GLY O 59 -45.13 110.52 -69.90
CA GLY O 59 -46.35 110.07 -70.55
C GLY O 59 -46.34 108.68 -71.16
N VAL O 60 -45.29 107.90 -70.95
CA VAL O 60 -45.07 106.71 -71.77
C VAL O 60 -44.77 105.49 -70.91
N ASP O 61 -44.41 104.38 -71.56
CA ASP O 61 -43.96 103.16 -70.90
C ASP O 61 -45.03 102.59 -69.98
N LEU O 62 -46.15 102.19 -70.60
CA LEU O 62 -47.18 101.45 -69.86
C LEU O 62 -46.61 100.18 -69.25
N ALA O 63 -45.70 99.51 -69.95
CA ALA O 63 -45.09 98.28 -69.47
C ALA O 63 -43.90 98.53 -68.56
N TYR O 64 -43.81 99.71 -67.94
CA TYR O 64 -42.74 100.03 -67.01
C TYR O 64 -43.31 100.34 -65.62
N MET O 65 -42.42 100.44 -64.65
CA MET O 65 -42.77 100.77 -63.29
C MET O 65 -41.90 101.93 -62.82
N SER O 66 -42.40 102.64 -61.81
CA SER O 66 -41.71 103.81 -61.27
C SER O 66 -41.77 103.75 -59.75
N PHE O 67 -40.67 103.34 -59.13
CA PHE O 67 -40.55 103.35 -57.68
C PHE O 67 -39.67 104.51 -57.26
N MET O 68 -39.46 104.67 -55.96
CA MET O 68 -38.61 105.72 -55.40
C MET O 68 -37.43 105.14 -54.64
N ASN O 69 -36.22 105.44 -55.08
CA ASN O 69 -34.99 105.00 -54.46
C ASN O 69 -34.29 106.20 -53.85
N GLY O 70 -34.06 106.16 -52.54
CA GLY O 70 -33.51 107.33 -51.89
C GLY O 70 -34.51 108.48 -51.92
N LYS O 71 -34.00 109.68 -52.17
CA LYS O 71 -34.79 110.92 -52.27
C LYS O 71 -35.39 111.18 -53.64
N THR O 72 -35.02 110.40 -54.66
CA THR O 72 -35.41 110.70 -56.03
C THR O 72 -36.02 109.47 -56.67
N GLN O 73 -36.91 109.72 -57.64
CA GLN O 73 -37.54 108.64 -58.38
C GLN O 73 -36.53 107.99 -59.33
N LYS O 74 -36.83 106.75 -59.72
CA LYS O 74 -35.98 106.05 -60.68
C LYS O 74 -36.88 105.05 -61.42
N SER O 75 -37.37 105.47 -62.58
CA SER O 75 -38.30 104.64 -63.34
C SER O 75 -37.52 103.64 -64.19
N ILE O 76 -37.79 102.35 -63.99
CA ILE O 76 -37.12 101.30 -64.72
C ILE O 76 -38.15 100.34 -65.30
N LYS O 77 -37.69 99.28 -65.95
CA LYS O 77 -38.58 98.30 -66.52
C LYS O 77 -39.23 97.45 -65.43
N ILE O 78 -40.23 96.68 -65.83
CA ILE O 78 -40.99 95.84 -64.91
C ILE O 78 -40.55 94.39 -64.98
N ASP O 79 -39.34 94.11 -65.47
CA ASP O 79 -38.90 92.80 -65.99
C ASP O 79 -39.31 91.54 -65.21
N ASN O 80 -39.28 91.52 -63.89
CA ASN O 80 -39.55 90.33 -63.08
C ASN O 80 -40.37 90.67 -61.82
N LEU O 81 -41.34 91.58 -61.94
CA LEU O 81 -42.32 91.81 -60.90
C LEU O 81 -43.13 90.54 -60.66
N HIS O 82 -43.22 90.12 -59.40
CA HIS O 82 -43.91 88.87 -59.07
C HIS O 82 -44.64 89.06 -57.76
N VAL O 83 -45.93 88.74 -57.75
CA VAL O 83 -46.73 88.67 -56.53
C VAL O 83 -46.75 87.23 -56.08
N ARG O 84 -46.50 87.00 -54.79
CA ARG O 84 -46.30 85.65 -54.31
C ARG O 84 -47.10 85.41 -53.04
N THR O 85 -47.48 84.15 -52.86
CA THR O 85 -48.21 83.67 -51.69
C THR O 85 -47.61 82.32 -51.33
N SER O 86 -48.38 81.40 -50.76
CA SER O 86 -47.97 80.00 -50.51
C SER O 86 -47.36 79.31 -51.73
N ALA O 87 -47.85 79.62 -52.93
CA ALA O 87 -47.19 79.29 -54.19
C ALA O 87 -47.11 80.55 -55.06
N PRO O 88 -46.29 80.59 -56.11
CA PRO O 88 -46.22 81.73 -57.02
C PRO O 88 -47.57 82.06 -57.64
N CYS O 89 -47.98 83.32 -57.61
CA CYS O 89 -49.23 83.77 -58.24
C CYS O 89 -49.01 84.00 -59.73
N SER O 90 -50.01 84.54 -60.42
CA SER O 90 -49.84 85.02 -61.78
C SER O 90 -50.29 86.46 -61.91
N LEU O 91 -49.50 87.31 -62.57
CA LEU O 91 -49.87 88.70 -62.70
C LEU O 91 -50.98 88.87 -63.73
N VAL O 92 -51.81 89.90 -63.52
CA VAL O 92 -52.92 90.16 -64.41
C VAL O 92 -52.78 91.56 -65.00
N SER O 93 -52.83 92.57 -64.16
CA SER O 93 -52.75 93.96 -64.62
C SER O 93 -52.24 94.84 -63.49
N HIS O 94 -51.67 95.97 -63.87
CA HIS O 94 -51.14 96.94 -62.93
C HIS O 94 -51.52 98.34 -63.40
N HIS O 95 -51.84 99.21 -62.45
CA HIS O 95 -52.27 100.57 -62.78
C HIS O 95 -51.97 101.48 -61.60
N GLY O 96 -50.89 102.24 -61.71
CA GLY O 96 -50.55 103.18 -60.65
C GLY O 96 -50.25 102.48 -59.34
N TYR O 97 -50.90 102.96 -58.27
CA TYR O 97 -50.67 102.40 -56.95
C TYR O 97 -51.14 100.94 -56.85
N TYR O 98 -52.20 100.59 -57.55
CA TYR O 98 -52.85 99.30 -57.39
C TYR O 98 -52.40 98.32 -58.45
N ILE O 99 -52.22 97.07 -58.04
CA ILE O 99 -51.81 95.98 -58.93
C ILE O 99 -52.75 94.81 -58.70
N LEU O 100 -53.30 94.27 -59.80
CA LEU O 100 -54.28 93.19 -59.73
C LEU O 100 -53.60 91.87 -60.08
N ALA O 101 -53.76 90.88 -59.21
CA ALA O 101 -53.14 89.58 -59.41
C ALA O 101 -54.08 88.49 -58.94
N GLN O 102 -53.84 87.28 -59.45
CA GLN O 102 -54.56 86.07 -59.13
C GLN O 102 -53.68 85.12 -58.34
N CYS O 103 -54.07 84.76 -57.11
CA CYS O 103 -53.20 83.99 -56.23
C CYS O 103 -53.92 82.75 -55.72
N PRO O 104 -53.16 81.68 -55.48
CA PRO O 104 -53.72 80.52 -54.77
C PRO O 104 -53.83 80.82 -53.29
N PRO O 105 -54.61 80.03 -52.54
CA PRO O 105 -54.77 80.32 -51.11
C PRO O 105 -53.45 80.23 -50.36
N GLY O 106 -53.32 81.08 -49.35
CA GLY O 106 -52.11 81.12 -48.55
C GLY O 106 -52.29 82.09 -47.40
N ASP O 107 -51.29 82.11 -46.53
CA ASP O 107 -51.34 82.94 -45.33
C ASP O 107 -50.51 84.22 -45.44
N THR O 108 -49.63 84.32 -46.43
CA THR O 108 -48.79 85.50 -46.59
C THR O 108 -48.89 86.01 -48.02
N VAL O 109 -48.74 87.32 -48.17
CA VAL O 109 -48.72 87.97 -49.47
C VAL O 109 -47.37 88.67 -49.62
N THR O 110 -46.66 88.38 -50.70
CA THR O 110 -45.34 88.95 -50.96
C THR O 110 -45.32 89.57 -52.34
N VAL O 111 -44.61 90.67 -52.48
CA VAL O 111 -44.45 91.36 -53.75
C VAL O 111 -42.98 91.69 -53.94
N GLY O 112 -42.44 91.39 -55.11
CA GLY O 112 -41.05 91.66 -55.39
C GLY O 112 -40.77 91.95 -56.85
N PHE O 113 -40.12 93.07 -57.12
CA PHE O 113 -39.66 93.42 -58.46
C PHE O 113 -38.17 93.11 -58.55
N HIS O 114 -37.52 93.55 -59.62
CA HIS O 114 -36.10 93.33 -59.80
C HIS O 114 -35.46 94.59 -60.37
N ASP O 115 -34.66 95.27 -59.54
CA ASP O 115 -33.86 96.39 -60.04
C ASP O 115 -32.76 95.89 -60.97
N GLY O 116 -32.27 94.68 -60.74
CA GLY O 116 -31.23 94.09 -61.56
C GLY O 116 -30.01 93.66 -60.78
N PRO O 117 -29.54 94.50 -59.85
CA PRO O 117 -28.52 94.04 -58.90
C PRO O 117 -29.11 93.67 -57.55
N ASN O 118 -30.40 93.95 -57.35
CA ASN O 118 -31.03 93.79 -56.04
C ASN O 118 -32.35 93.06 -56.18
N ARG O 119 -32.75 92.41 -55.10
CA ARG O 119 -34.07 91.76 -55.08
C ARG O 119 -35.16 92.78 -54.77
N HIS O 120 -35.05 93.46 -53.63
CA HIS O 120 -35.95 94.56 -53.26
C HIS O 120 -37.41 94.10 -53.24
N THR O 121 -37.69 93.18 -52.32
CA THR O 121 -39.03 92.61 -52.18
C THR O 121 -39.65 93.05 -50.86
N CYS O 122 -40.91 92.69 -50.68
CA CYS O 122 -41.66 93.00 -49.47
C CYS O 122 -42.78 91.97 -49.33
N THR O 123 -43.23 91.77 -48.09
CA THR O 123 -44.30 90.82 -47.82
C THR O 123 -45.06 91.26 -46.57
N VAL O 124 -46.27 90.74 -46.43
CA VAL O 124 -47.16 91.11 -45.33
C VAL O 124 -47.99 89.89 -44.93
N ALA O 125 -48.10 89.64 -43.63
CA ALA O 125 -48.92 88.55 -43.15
C ALA O 125 -50.39 88.90 -43.31
N HIS O 126 -51.10 88.10 -44.11
CA HIS O 126 -52.50 88.36 -44.40
C HIS O 126 -53.17 87.10 -44.93
N LYS O 127 -54.25 86.67 -44.28
CA LYS O 127 -54.92 85.44 -44.70
C LYS O 127 -55.57 85.63 -46.05
N VAL O 128 -55.31 84.70 -46.96
CA VAL O 128 -55.89 84.70 -48.30
C VAL O 128 -56.44 83.32 -48.57
N GLU O 129 -57.75 83.22 -48.77
CA GLU O 129 -58.41 81.95 -49.02
C GLU O 129 -59.11 82.00 -50.37
N PHE O 130 -59.30 80.81 -50.95
CA PHE O 130 -59.91 80.66 -52.26
C PHE O 130 -61.36 80.26 -52.03
N ARG O 131 -62.23 81.26 -51.92
CA ARG O 131 -63.64 81.02 -51.66
C ARG O 131 -64.39 80.69 -52.94
N PRO O 132 -64.78 79.43 -53.14
CA PRO O 132 -65.43 79.05 -54.39
C PRO O 132 -66.88 79.52 -54.45
N VAL O 133 -67.29 79.92 -55.65
CA VAL O 133 -68.67 80.35 -55.88
C VAL O 133 -69.53 79.13 -56.17
N GLY O 134 -70.62 78.99 -55.43
CA GLY O 134 -71.53 77.88 -55.60
C GLY O 134 -71.66 77.05 -54.36
N ARG O 135 -72.28 75.87 -54.50
CA ARG O 135 -72.64 74.95 -53.41
C ARG O 135 -71.62 73.81 -53.24
N GLU O 136 -70.50 73.87 -53.93
CA GLU O 136 -69.47 72.82 -53.99
C GLU O 136 -68.16 73.43 -53.55
N LYS O 137 -67.52 72.88 -52.53
CA LYS O 137 -66.39 73.49 -51.85
C LYS O 137 -65.10 73.15 -52.58
N TYR O 138 -65.10 73.44 -53.87
CA TYR O 138 -64.00 73.17 -54.78
C TYR O 138 -62.73 73.94 -54.46
N ARG O 139 -61.64 73.64 -55.17
CA ARG O 139 -60.32 74.22 -54.85
C ARG O 139 -59.69 75.04 -55.97
N HIS O 140 -60.17 75.03 -57.20
CA HIS O 140 -59.52 75.71 -58.34
C HIS O 140 -60.52 75.92 -59.48
N PRO O 141 -60.47 76.98 -60.30
CA PRO O 141 -61.46 77.17 -61.35
C PRO O 141 -61.37 76.04 -62.38
N PRO O 142 -62.40 75.21 -62.57
CA PRO O 142 -62.30 74.03 -63.43
C PRO O 142 -62.26 74.38 -64.91
N GLU O 143 -62.06 73.35 -65.75
CA GLU O 143 -62.08 73.54 -67.22
C GLU O 143 -63.53 73.72 -67.71
N HIS O 144 -64.52 73.11 -67.06
CA HIS O 144 -65.90 73.17 -67.52
C HIS O 144 -66.87 73.31 -66.36
N GLY O 145 -68.15 73.19 -66.64
CA GLY O 145 -69.17 73.29 -65.62
C GLY O 145 -70.19 74.36 -65.95
N VAL O 146 -71.07 74.60 -64.98
CA VAL O 146 -72.14 75.58 -65.12
C VAL O 146 -71.69 76.92 -64.54
N GLU O 147 -72.12 78.00 -65.18
CA GLU O 147 -71.80 79.35 -64.74
C GLU O 147 -72.72 79.77 -63.60
N LEU O 148 -72.26 80.76 -62.84
CA LEU O 148 -73.00 81.28 -61.70
C LEU O 148 -72.66 82.76 -61.55
N PRO O 149 -73.56 83.55 -60.98
CA PRO O 149 -73.27 84.99 -60.80
C PRO O 149 -72.33 85.25 -59.65
N CYS O 150 -71.04 85.14 -59.89
CA CYS O 150 -70.04 85.42 -58.87
C CYS O 150 -69.82 86.93 -58.74
N ASN O 151 -68.95 87.30 -57.81
CA ASN O 151 -68.50 88.68 -57.67
C ASN O 151 -66.98 88.70 -57.73
N ARG O 152 -66.43 89.57 -58.57
CA ARG O 152 -64.99 89.56 -58.83
C ARG O 152 -64.58 90.96 -59.26
N TYR O 153 -63.28 91.24 -59.13
CA TYR O 153 -62.73 92.52 -59.53
C TYR O 153 -62.63 92.59 -61.05
N THR O 154 -62.39 93.80 -61.54
CA THR O 154 -62.38 94.08 -62.97
C THR O 154 -60.96 94.33 -63.44
N HIS O 155 -60.59 93.68 -64.55
CA HIS O 155 -59.27 93.89 -65.12
C HIS O 155 -59.14 95.26 -65.77
N LYS O 156 -60.25 95.85 -66.19
CA LYS O 156 -60.23 97.17 -66.78
C LYS O 156 -59.97 98.24 -65.73
N ARG O 157 -59.37 99.35 -66.15
CA ARG O 157 -58.97 100.42 -65.26
C ARG O 157 -59.85 101.66 -65.35
N ALA O 158 -60.34 101.99 -66.54
CA ALA O 158 -61.06 103.25 -66.76
C ALA O 158 -62.43 103.16 -66.12
N ASP O 159 -62.46 103.29 -64.80
CA ASP O 159 -63.70 103.34 -64.04
C ASP O 159 -63.61 104.45 -63.00
N GLN O 160 -64.76 104.98 -62.62
CA GLN O 160 -64.87 106.04 -61.62
C GLN O 160 -65.90 105.71 -60.57
N GLY O 161 -66.10 104.42 -60.29
CA GLY O 161 -67.07 104.02 -59.28
C GLY O 161 -66.71 104.50 -57.90
N HIS O 162 -65.43 104.45 -57.55
CA HIS O 162 -64.97 104.83 -56.22
C HIS O 162 -63.74 105.71 -56.34
N TYR O 163 -63.50 106.52 -55.31
CA TYR O 163 -62.41 107.47 -55.31
C TYR O 163 -61.59 107.32 -54.03
N VAL O 164 -60.31 107.68 -54.13
CA VAL O 164 -59.39 107.62 -53.01
C VAL O 164 -58.69 108.97 -52.88
N GLU O 165 -58.70 109.53 -51.68
CA GLU O 165 -58.08 110.82 -51.45
C GLU O 165 -56.57 110.73 -51.62
N MET O 166 -56.00 111.77 -52.24
CA MET O 166 -54.53 111.82 -52.46
C MET O 166 -54.09 113.25 -52.13
N HIS O 167 -53.81 113.54 -50.85
CA HIS O 167 -53.47 114.91 -50.43
C HIS O 167 -51.97 115.16 -50.62
N GLN O 168 -51.52 116.36 -50.23
CA GLN O 168 -50.10 116.72 -50.44
C GLN O 168 -49.21 115.85 -49.54
N PRO O 169 -48.03 115.39 -50.02
CA PRO O 169 -47.17 114.52 -49.23
C PRO O 169 -46.60 115.17 -47.97
N GLY O 170 -46.65 114.47 -46.85
CA GLY O 170 -46.01 114.99 -45.62
C GLY O 170 -44.51 114.83 -45.75
N LEU O 171 -43.71 115.61 -45.02
CA LEU O 171 -42.29 115.55 -45.21
C LEU O 171 -41.72 114.14 -45.08
N VAL O 172 -40.56 113.89 -45.68
CA VAL O 172 -39.80 112.67 -45.47
C VAL O 172 -38.41 113.00 -44.93
N ALA O 173 -37.82 112.08 -44.16
CA ALA O 173 -36.41 112.16 -43.82
C ALA O 173 -35.53 112.04 -45.06
N ASP O 174 -34.36 112.69 -45.05
CA ASP O 174 -33.29 112.36 -45.99
C ASP O 174 -31.93 112.82 -45.45
N HIS O 175 -31.32 111.97 -44.63
CA HIS O 175 -29.98 112.29 -44.06
C HIS O 175 -28.99 112.62 -45.17
N SER O 176 -29.07 111.92 -46.31
CA SER O 176 -28.10 112.19 -47.36
C SER O 176 -27.93 113.69 -47.56
N LEU O 177 -28.94 114.49 -47.19
CA LEU O 177 -28.86 115.96 -47.40
C LEU O 177 -27.95 116.61 -46.33
N LEU O 178 -27.91 116.08 -45.11
CA LEU O 178 -27.17 116.66 -44.00
C LEU O 178 -25.71 116.27 -44.08
N SER O 179 -25.02 116.85 -45.06
CA SER O 179 -23.59 116.68 -45.17
C SER O 179 -22.91 117.57 -44.13
N ILE O 180 -21.60 117.77 -44.27
CA ILE O 180 -20.82 118.60 -43.35
C ILE O 180 -20.13 119.69 -44.15
N HIS O 181 -20.22 120.93 -43.66
CA HIS O 181 -19.50 122.08 -44.21
C HIS O 181 -18.13 122.24 -43.54
N SER O 182 -17.41 121.12 -43.47
CA SER O 182 -16.03 121.00 -42.99
C SER O 182 -15.88 121.26 -41.49
N ALA O 183 -16.86 121.90 -40.86
CA ALA O 183 -17.03 121.82 -39.41
C ALA O 183 -18.50 121.82 -39.00
N LYS O 184 -19.41 122.25 -39.86
CA LYS O 184 -20.82 122.43 -39.54
C LYS O 184 -21.63 121.46 -40.39
N VAL O 185 -22.77 121.00 -39.85
CA VAL O 185 -23.69 120.13 -40.60
C VAL O 185 -24.33 120.94 -41.71
N LYS O 186 -24.32 120.38 -42.93
CA LYS O 186 -24.67 121.10 -44.15
C LYS O 186 -25.85 120.42 -44.80
N ILE O 187 -26.98 121.11 -44.84
CA ILE O 187 -28.17 120.65 -45.55
C ILE O 187 -28.07 121.07 -47.01
N THR O 188 -28.71 120.34 -47.91
CA THR O 188 -28.88 120.78 -49.29
C THR O 188 -30.34 120.59 -49.69
N VAL O 189 -30.66 120.73 -50.97
CA VAL O 189 -31.99 120.63 -51.56
C VAL O 189 -32.00 119.75 -52.81
N PRO O 190 -33.07 118.99 -53.07
CA PRO O 190 -33.27 118.22 -54.29
C PRO O 190 -33.24 119.09 -55.54
N SER O 191 -34.17 120.05 -55.64
CA SER O 191 -34.33 120.85 -56.85
C SER O 191 -34.82 122.25 -56.51
N GLY O 192 -34.51 122.71 -55.31
CA GLY O 192 -35.22 123.83 -54.73
C GLY O 192 -36.42 123.42 -53.91
N ALA O 193 -36.54 122.15 -53.56
CA ALA O 193 -37.60 121.73 -52.69
C ALA O 193 -37.51 122.33 -51.28
N GLN O 194 -38.64 122.34 -50.58
CA GLN O 194 -38.68 122.94 -49.22
C GLN O 194 -38.00 121.98 -48.24
N VAL O 195 -37.16 122.51 -47.35
CA VAL O 195 -36.40 121.62 -46.41
C VAL O 195 -36.63 122.09 -44.97
N LYS O 196 -37.79 121.75 -44.39
CA LYS O 196 -38.04 122.08 -42.95
C LYS O 196 -36.75 121.73 -42.19
N TYR O 197 -36.14 122.69 -41.51
CA TYR O 197 -34.82 122.42 -40.87
C TYR O 197 -34.71 123.06 -39.49
N TYR O 198 -33.95 122.42 -38.60
CA TYR O 198 -33.70 122.95 -37.23
C TYR O 198 -32.89 121.86 -36.52
N CYS O 199 -32.11 122.20 -35.50
CA CYS O 199 -31.41 121.13 -34.76
C CYS O 199 -31.77 121.16 -33.27
N LYS O 200 -31.17 120.26 -32.46
CA LYS O 200 -31.30 120.34 -30.99
C LYS O 200 -30.83 121.68 -30.47
N CYS O 201 -29.70 122.19 -31.01
CA CYS O 201 -29.23 123.45 -30.62
C CYS O 201 -30.14 124.52 -31.20
N PRO O 202 -29.94 125.77 -30.81
CA PRO O 202 -30.63 126.87 -31.49
C PRO O 202 -29.94 127.38 -32.76
N ASP O 203 -30.59 127.20 -33.90
CA ASP O 203 -30.18 127.70 -35.22
C ASP O 203 -31.47 127.98 -36.01
N VAL O 204 -31.39 128.04 -37.34
CA VAL O 204 -32.52 128.33 -38.24
C VAL O 204 -33.69 127.41 -37.93
N ARG O 205 -34.82 127.99 -37.49
CA ARG O 205 -35.91 127.26 -36.83
C ARG O 205 -37.06 126.81 -37.73
N GLU O 206 -37.22 127.39 -38.92
CA GLU O 206 -38.21 126.91 -39.89
C GLU O 206 -37.57 126.06 -40.99
N GLY O 207 -36.68 126.64 -41.79
CA GLY O 207 -36.21 126.04 -43.02
C GLY O 207 -37.28 126.03 -44.12
N ILE O 208 -37.24 127.03 -45.00
CA ILE O 208 -37.95 127.05 -46.28
C ILE O 208 -36.93 127.62 -47.29
N THR O 209 -35.99 126.79 -47.79
CA THR O 209 -34.72 127.35 -48.21
C THR O 209 -34.14 126.56 -49.37
N SER O 210 -33.10 127.14 -49.96
CA SER O 210 -32.11 126.40 -50.74
C SER O 210 -31.13 125.75 -49.76
N SER O 211 -29.99 125.30 -50.26
CA SER O 211 -29.00 124.66 -49.41
C SER O 211 -28.52 125.60 -48.31
N ASP O 212 -28.89 125.31 -47.07
CA ASP O 212 -28.41 126.04 -45.91
C ASP O 212 -27.20 125.34 -45.29
N HIS O 213 -26.53 126.07 -44.42
CA HIS O 213 -25.59 125.52 -43.47
C HIS O 213 -26.26 125.47 -42.11
N THR O 214 -25.50 125.15 -41.06
CA THR O 214 -26.01 125.15 -39.68
C THR O 214 -24.98 125.79 -38.77
N THR O 215 -25.19 127.02 -38.35
CA THR O 215 -24.21 127.72 -37.51
C THR O 215 -23.95 126.95 -36.21
N THR O 216 -25.02 126.52 -35.54
CA THR O 216 -24.89 126.08 -34.14
C THR O 216 -24.46 124.62 -33.99
N CYS O 217 -25.36 123.68 -34.31
CA CYS O 217 -25.10 122.26 -34.14
C CYS O 217 -24.07 121.76 -35.17
N THR O 218 -23.45 120.62 -34.88
CA THR O 218 -22.44 119.98 -35.70
C THR O 218 -22.82 118.57 -36.11
N ASP O 219 -23.38 117.79 -35.18
CA ASP O 219 -23.70 116.38 -35.43
C ASP O 219 -24.89 116.25 -36.38
N VAL O 220 -24.71 115.46 -37.43
CA VAL O 220 -25.80 115.10 -38.36
C VAL O 220 -26.99 114.46 -37.65
N LYS O 221 -26.77 113.79 -36.50
CA LYS O 221 -27.80 112.99 -35.80
C LYS O 221 -28.82 113.82 -35.00
N GLN O 222 -28.56 115.11 -34.80
CA GLN O 222 -29.45 115.97 -33.97
C GLN O 222 -30.03 117.11 -34.83
N CYS O 223 -30.51 116.81 -36.04
CA CYS O 223 -31.04 117.81 -36.97
C CYS O 223 -32.18 117.30 -37.86
N ARG O 224 -32.97 118.23 -38.38
CA ARG O 224 -34.23 117.97 -39.09
C ARG O 224 -34.03 117.84 -40.60
N ALA O 225 -33.63 116.69 -41.10
CA ALA O 225 -33.40 116.48 -42.53
C ALA O 225 -34.68 116.32 -43.36
N TYR O 226 -35.56 117.32 -43.42
CA TYR O 226 -36.91 117.13 -43.96
C TYR O 226 -37.02 117.55 -45.41
N LEU O 227 -37.81 116.84 -46.20
CA LEU O 227 -38.23 117.23 -47.54
C LEU O 227 -39.72 117.52 -47.59
N ILE O 228 -40.14 118.78 -47.59
CA ILE O 228 -41.48 119.13 -48.09
C ILE O 228 -41.32 119.22 -49.62
N ASP O 229 -41.91 118.28 -50.35
CA ASP O 229 -41.74 118.12 -51.79
C ASP O 229 -43.06 117.88 -52.49
N ASN O 230 -44.09 118.64 -52.11
CA ASN O 230 -45.45 118.47 -52.61
C ASN O 230 -45.64 118.99 -54.07
N LYS O 231 -44.56 118.96 -54.88
CA LYS O 231 -44.63 119.07 -56.33
C LYS O 231 -45.50 117.98 -56.94
N LYS O 232 -45.37 116.75 -56.44
CA LYS O 232 -46.17 115.58 -56.83
C LYS O 232 -46.79 114.97 -55.58
N TRP O 233 -48.11 114.83 -55.56
CA TRP O 233 -48.84 114.44 -54.37
C TRP O 233 -48.79 112.93 -54.17
N VAL O 234 -49.17 112.49 -52.96
CA VAL O 234 -49.11 111.08 -52.59
C VAL O 234 -50.43 110.70 -51.92
N TYR O 235 -50.60 109.39 -51.74
CA TYR O 235 -51.80 108.86 -51.12
C TYR O 235 -51.75 109.01 -49.61
N ASN O 236 -52.90 109.26 -49.00
CA ASN O 236 -52.97 109.47 -47.56
C ASN O 236 -52.78 108.16 -46.81
N SER O 237 -51.58 107.56 -46.92
CA SER O 237 -51.32 106.30 -46.27
C SER O 237 -51.14 106.47 -44.77
N GLY O 238 -51.46 105.42 -44.03
CA GLY O 238 -51.28 105.43 -42.59
C GLY O 238 -49.85 105.24 -42.14
N ARG O 239 -48.94 104.91 -43.06
CA ARG O 239 -47.53 104.75 -42.73
C ARG O 239 -46.71 105.97 -43.09
N LEU O 240 -47.38 107.10 -43.33
CA LEU O 240 -46.67 108.33 -43.75
C LEU O 240 -47.06 109.51 -42.85
N PRO O 241 -46.11 110.28 -42.29
CA PRO O 241 -46.44 111.45 -41.49
C PRO O 241 -47.24 112.45 -42.30
N ARG O 242 -48.41 112.87 -41.78
CA ARG O 242 -49.25 113.85 -42.46
C ARG O 242 -48.61 115.23 -42.40
N GLY O 243 -48.60 115.92 -43.55
CA GLY O 243 -48.19 117.31 -43.59
C GLY O 243 -49.20 118.16 -42.83
N GLU O 244 -48.71 118.95 -41.89
CA GLU O 244 -49.52 119.78 -41.00
C GLU O 244 -50.28 120.89 -41.73
N GLY O 245 -49.91 121.21 -42.97
CA GLY O 245 -50.53 122.31 -43.68
C GLY O 245 -51.98 122.10 -44.00
N ASP O 246 -52.27 121.21 -44.94
CA ASP O 246 -53.64 120.99 -45.39
C ASP O 246 -53.72 119.71 -46.21
N THR O 247 -54.90 119.11 -46.23
CA THR O 247 -55.16 117.94 -47.05
C THR O 247 -55.69 118.39 -48.40
N PHE O 248 -54.85 118.31 -49.43
CA PHE O 248 -55.24 118.74 -50.76
C PHE O 248 -56.36 117.87 -51.32
N LYS O 249 -56.93 118.33 -52.42
CA LYS O 249 -57.89 117.53 -53.18
C LYS O 249 -57.13 116.55 -54.05
N GLY O 250 -57.81 115.92 -55.00
CA GLY O 250 -57.15 114.94 -55.82
C GLY O 250 -57.74 113.56 -55.73
N LYS O 251 -59.07 113.48 -55.63
CA LYS O 251 -59.77 112.20 -55.62
C LYS O 251 -59.27 111.30 -56.74
N LEU O 252 -58.69 110.16 -56.37
CA LEU O 252 -58.10 109.24 -57.33
C LEU O 252 -59.03 108.05 -57.51
N HIS O 253 -59.40 107.78 -58.76
CA HIS O 253 -60.29 106.68 -59.05
C HIS O 253 -59.60 105.35 -58.78
N VAL O 254 -60.34 104.42 -58.19
CA VAL O 254 -59.83 103.07 -57.92
C VAL O 254 -59.83 102.31 -59.23
N PRO O 255 -58.68 101.79 -59.67
CA PRO O 255 -58.63 101.20 -61.02
C PRO O 255 -59.43 99.93 -61.17
N PHE O 256 -59.36 99.01 -60.22
CA PHE O 256 -59.99 97.70 -60.34
C PHE O 256 -61.11 97.61 -59.29
N VAL O 257 -62.30 98.08 -59.67
CA VAL O 257 -63.46 98.02 -58.80
C VAL O 257 -64.07 96.62 -58.85
N PRO O 258 -64.70 96.15 -57.78
CA PRO O 258 -65.39 94.86 -57.84
C PRO O 258 -66.71 94.98 -58.57
N VAL O 259 -67.02 93.95 -59.38
CA VAL O 259 -68.27 93.88 -60.12
C VAL O 259 -68.80 92.45 -60.01
N LYS O 260 -70.01 92.25 -60.56
CA LYS O 260 -70.64 90.94 -60.57
C LYS O 260 -70.52 90.36 -61.97
N ALA O 261 -69.51 89.51 -62.15
CA ALA O 261 -69.30 88.80 -63.39
C ALA O 261 -69.78 87.35 -63.25
N LYS O 262 -69.52 86.55 -64.27
CA LYS O 262 -69.91 85.15 -64.29
C LYS O 262 -68.66 84.29 -64.24
N CYS O 263 -68.57 83.44 -63.21
CA CYS O 263 -67.44 82.52 -63.08
C CYS O 263 -67.87 81.12 -63.49
N ILE O 264 -66.90 80.34 -63.96
CA ILE O 264 -67.16 78.95 -64.31
C ILE O 264 -67.06 78.10 -63.04
N ALA O 265 -68.21 77.64 -62.56
CA ALA O 265 -68.27 76.82 -61.35
C ALA O 265 -68.27 75.36 -61.74
N THR O 266 -67.81 74.51 -60.82
CA THR O 266 -67.76 73.06 -61.00
C THR O 266 -69.14 72.45 -61.09
N LEU O 267 -69.20 71.18 -61.42
CA LEU O 267 -70.46 70.45 -61.52
C LEU O 267 -70.24 69.05 -60.99
N ALA O 268 -70.90 68.69 -59.91
CA ALA O 268 -70.68 67.40 -59.28
C ALA O 268 -71.10 66.25 -60.20
N PRO O 269 -70.45 65.08 -60.12
CA PRO O 269 -70.80 63.94 -60.93
C PRO O 269 -72.22 63.49 -60.66
N GLU O 270 -72.89 62.99 -61.70
CA GLU O 270 -74.30 62.63 -61.64
C GLU O 270 -74.50 61.51 -60.61
N PRO O 271 -75.50 61.65 -59.74
CA PRO O 271 -75.78 60.58 -58.77
C PRO O 271 -76.49 59.41 -59.43
N LEU O 272 -76.49 58.29 -58.71
CA LEU O 272 -77.13 57.06 -59.17
C LEU O 272 -78.43 56.89 -58.38
N VAL O 273 -79.55 57.00 -59.08
CA VAL O 273 -80.86 56.89 -58.44
C VAL O 273 -81.21 55.41 -58.27
N GLU O 274 -81.59 55.04 -57.05
CA GLU O 274 -81.99 53.68 -56.73
C GLU O 274 -83.29 53.74 -55.94
N HIS O 275 -84.41 53.45 -56.60
CA HIS O 275 -85.71 53.64 -55.99
C HIS O 275 -86.17 52.40 -55.24
N LYS O 276 -87.00 52.62 -54.22
CA LYS O 276 -87.63 51.56 -53.45
C LYS O 276 -89.06 51.98 -53.19
N HIS O 277 -89.73 51.27 -52.28
CA HIS O 277 -91.12 51.58 -51.94
C HIS O 277 -91.13 52.72 -50.92
N ARG O 278 -91.67 53.88 -51.33
CA ARG O 278 -91.76 55.05 -50.47
C ARG O 278 -90.41 55.49 -49.92
N THR O 279 -89.33 55.12 -50.61
CA THR O 279 -87.98 55.45 -50.17
C THR O 279 -87.12 55.70 -51.40
N LEU O 280 -86.22 56.67 -51.29
CA LEU O 280 -85.33 57.07 -52.37
C LEU O 280 -83.90 56.83 -51.90
N ILE O 281 -83.32 55.72 -52.31
CA ILE O 281 -81.91 55.46 -52.05
C ILE O 281 -81.09 56.17 -53.11
N LEU O 282 -80.24 57.10 -52.68
CA LEU O 282 -79.43 57.91 -53.57
C LEU O 282 -77.98 57.53 -53.36
N HIS O 283 -77.37 56.93 -54.37
CA HIS O 283 -75.93 56.71 -54.36
C HIS O 283 -75.19 57.99 -54.70
N LEU O 284 -74.11 58.31 -53.98
CA LEU O 284 -73.26 59.46 -54.25
C LEU O 284 -71.79 59.08 -54.27
N HIS O 285 -71.04 59.79 -55.11
CA HIS O 285 -69.59 59.68 -55.17
C HIS O 285 -69.00 60.96 -55.75
N PRO O 286 -68.89 62.00 -54.92
CA PRO O 286 -68.35 63.28 -55.36
C PRO O 286 -66.85 63.21 -55.52
N ASP O 287 -66.29 64.16 -56.28
CA ASP O 287 -64.81 64.27 -56.40
C ASP O 287 -64.34 65.31 -55.37
N HIS O 288 -65.17 66.33 -55.08
CA HIS O 288 -64.82 67.37 -54.08
C HIS O 288 -66.00 67.56 -53.12
N PRO O 289 -65.79 68.01 -51.86
CA PRO O 289 -66.85 68.16 -50.89
C PRO O 289 -67.98 69.05 -51.42
N THR O 290 -69.20 68.52 -51.50
CA THR O 290 -70.37 69.24 -52.04
C THR O 290 -71.50 69.22 -51.03
N LEU O 291 -72.30 70.28 -51.06
CA LEU O 291 -73.59 70.32 -50.40
C LEU O 291 -74.62 69.42 -51.07
N LEU O 292 -75.29 68.59 -50.28
CA LEU O 292 -76.53 67.91 -50.61
C LEU O 292 -77.62 68.48 -49.72
N THR O 293 -78.76 68.84 -50.30
CA THR O 293 -79.92 69.31 -49.52
C THR O 293 -81.19 68.65 -49.97
N THR O 294 -82.15 68.54 -49.06
CA THR O 294 -83.47 67.99 -49.31
C THR O 294 -84.54 68.67 -48.47
N ARG O 295 -85.77 68.76 -48.99
CA ARG O 295 -86.96 69.23 -48.25
C ARG O 295 -88.23 68.51 -48.68
N SER O 296 -89.16 68.30 -47.76
CA SER O 296 -90.45 67.73 -48.11
C SER O 296 -91.40 68.81 -48.58
N LEU O 297 -92.29 68.46 -49.51
CA LEU O 297 -93.25 69.42 -50.04
C LEU O 297 -94.56 69.42 -49.26
N GLY O 298 -94.67 68.66 -48.18
CA GLY O 298 -95.86 68.67 -47.37
C GLY O 298 -95.88 69.87 -46.43
N SER O 299 -96.80 69.78 -45.45
CA SER O 299 -96.88 70.84 -44.44
C SER O 299 -95.60 70.91 -43.62
N ASP O 300 -95.05 69.77 -43.25
CA ASP O 300 -93.80 69.72 -42.48
C ASP O 300 -92.63 69.66 -43.47
N ALA O 301 -91.76 70.67 -43.40
CA ALA O 301 -90.64 70.74 -44.34
C ALA O 301 -89.64 69.62 -44.09
N ASN O 302 -89.22 69.45 -42.83
CA ASN O 302 -88.16 68.53 -42.44
C ASN O 302 -86.91 68.73 -43.29
N PRO O 303 -86.34 69.94 -43.32
CA PRO O 303 -85.15 70.16 -44.15
C PRO O 303 -83.95 69.40 -43.63
N THR O 304 -83.04 69.07 -44.52
CA THR O 304 -81.79 68.37 -44.19
C THR O 304 -80.73 68.75 -45.20
N ARG O 305 -79.60 69.25 -44.71
CA ARG O 305 -78.41 69.48 -45.52
C ARG O 305 -77.21 68.74 -44.97
N GLN O 306 -76.33 68.29 -45.86
CA GLN O 306 -75.11 67.54 -45.43
C GLN O 306 -73.96 67.73 -46.42
N TRP O 307 -72.78 68.15 -45.94
CA TRP O 307 -71.62 68.23 -46.81
C TRP O 307 -71.08 66.82 -47.03
N ILE O 308 -71.13 66.33 -48.25
CA ILE O 308 -70.66 64.99 -48.61
C ILE O 308 -69.32 65.12 -49.28
N GLU O 309 -68.32 64.39 -48.80
CA GLU O 309 -66.95 64.48 -49.30
C GLU O 309 -66.43 63.12 -49.73
N ARG O 310 -66.57 62.11 -48.89
CA ARG O 310 -66.30 60.74 -49.27
C ARG O 310 -67.53 60.14 -49.94
N PRO O 311 -67.35 59.16 -50.83
CA PRO O 311 -68.52 58.52 -51.44
C PRO O 311 -69.35 57.80 -50.38
N THR O 312 -70.67 57.97 -50.49
CA THR O 312 -71.59 57.43 -49.50
C THR O 312 -72.92 57.15 -50.18
N THR O 313 -73.72 56.28 -49.55
CA THR O 313 -75.07 55.99 -49.98
C THR O 313 -76.05 56.49 -48.92
N VAL O 314 -76.96 57.35 -49.32
CA VAL O 314 -77.94 57.94 -48.42
C VAL O 314 -79.31 57.52 -48.88
N ASN O 315 -80.31 57.72 -48.04
CA ASN O 315 -81.68 57.37 -48.40
C ASN O 315 -82.64 58.39 -47.82
N PHE O 316 -83.80 58.55 -48.43
CA PHE O 316 -84.81 59.51 -47.99
C PHE O 316 -86.20 58.90 -48.03
N THR O 317 -87.02 59.16 -47.02
CA THR O 317 -88.38 58.65 -47.01
C THR O 317 -89.26 59.58 -47.84
N VAL O 318 -89.82 59.05 -48.92
CA VAL O 318 -90.64 59.85 -49.83
C VAL O 318 -92.11 59.58 -49.53
N THR O 319 -92.82 60.60 -49.08
CA THR O 319 -94.22 60.50 -48.75
C THR O 319 -95.07 60.73 -50.00
N GLY O 320 -96.39 60.63 -49.83
CA GLY O 320 -97.29 60.89 -50.92
C GLY O 320 -97.23 62.31 -51.43
N GLU O 321 -96.72 63.23 -50.61
CA GLU O 321 -96.57 64.60 -51.04
C GLU O 321 -95.41 64.74 -52.02
N GLY O 322 -94.20 64.40 -51.59
CA GLY O 322 -93.06 64.43 -52.47
C GLY O 322 -91.81 65.05 -51.86
N LEU O 323 -90.67 64.83 -52.50
CA LEU O 323 -89.39 65.32 -52.01
C LEU O 323 -88.71 66.18 -53.07
N GLU O 324 -87.96 67.16 -52.64
CA GLU O 324 -87.11 67.94 -53.52
C GLU O 324 -85.69 67.82 -53.02
N TYR O 325 -84.79 67.36 -53.88
CA TYR O 325 -83.38 67.23 -53.53
C TYR O 325 -82.52 67.97 -54.55
N THR O 326 -81.47 68.61 -54.06
CA THR O 326 -80.50 69.33 -54.87
C THR O 326 -79.13 68.81 -54.54
N TRP O 327 -78.46 68.23 -55.51
CA TRP O 327 -77.11 67.72 -55.39
C TRP O 327 -76.16 68.66 -56.11
N GLY O 328 -75.15 69.16 -55.41
CA GLY O 328 -74.32 70.22 -55.97
C GLY O 328 -75.17 71.41 -56.39
N ASN O 329 -74.90 71.91 -57.58
CA ASN O 329 -75.62 73.01 -58.21
C ASN O 329 -76.49 72.56 -59.38
N HIS O 330 -76.79 71.27 -59.47
CA HIS O 330 -77.76 70.81 -60.44
C HIS O 330 -79.13 71.39 -60.10
N PRO O 331 -79.98 71.62 -61.10
CA PRO O 331 -81.32 72.12 -60.82
C PRO O 331 -82.09 71.12 -59.98
N PRO O 332 -82.92 71.59 -59.06
CA PRO O 332 -83.65 70.67 -58.17
C PRO O 332 -84.65 69.83 -58.94
N LYS O 333 -84.94 68.65 -58.38
CA LYS O 333 -85.89 67.71 -58.96
C LYS O 333 -86.91 67.30 -57.91
N ARG O 334 -88.07 66.83 -58.42
CA ARG O 334 -89.17 66.38 -57.59
C ARG O 334 -89.35 64.88 -57.76
N VAL O 335 -90.08 64.30 -56.81
CA VAL O 335 -90.39 62.86 -56.87
C VAL O 335 -91.75 62.61 -56.24
N TRP O 336 -92.44 61.55 -56.68
CA TRP O 336 -93.71 61.09 -56.12
C TRP O 336 -93.52 59.83 -55.27
N ALA O 337 -94.61 59.26 -54.79
CA ALA O 337 -94.62 57.99 -54.07
C ALA O 337 -95.90 57.24 -54.38
N GLN O 338 -95.79 55.90 -54.48
CA GLN O 338 -96.96 55.03 -54.77
C GLN O 338 -97.60 54.60 -53.45
N ASP P 1 -27.58 55.17 -79.91
CA ASP P 1 -28.81 54.74 -80.62
C ASP P 1 -30.05 55.62 -80.34
N LEU P 2 -29.93 56.84 -79.81
CA LEU P 2 -31.10 57.64 -79.40
C LEU P 2 -32.08 57.89 -80.56
N ASP P 3 -31.57 57.98 -81.79
CA ASP P 3 -32.35 58.21 -82.99
C ASP P 3 -33.25 57.01 -83.39
N THR P 4 -33.14 55.85 -82.74
CA THR P 4 -34.00 54.70 -83.08
C THR P 4 -35.49 54.98 -82.86
N HIS P 5 -35.83 55.95 -82.00
CA HIS P 5 -37.21 56.39 -81.74
C HIS P 5 -37.73 57.43 -82.75
N PHE P 6 -37.06 57.62 -83.89
CA PHE P 6 -37.44 58.61 -84.89
C PHE P 6 -38.80 58.41 -85.54
N THR P 7 -39.46 57.26 -85.37
CA THR P 7 -40.82 57.09 -85.86
C THR P 7 -41.80 58.12 -85.30
N GLN P 8 -41.64 58.50 -84.04
CA GLN P 8 -42.36 59.64 -83.48
C GLN P 8 -41.83 60.95 -84.03
N TYR P 9 -40.52 61.18 -83.88
CA TYR P 9 -39.88 62.45 -84.28
C TYR P 9 -40.12 62.83 -85.75
N LYS P 10 -40.34 61.85 -86.63
CA LYS P 10 -40.66 62.03 -88.03
C LYS P 10 -42.05 62.64 -88.21
N LEU P 11 -43.10 61.89 -87.89
CA LEU P 11 -44.46 62.29 -88.22
C LEU P 11 -45.04 63.31 -87.24
N ALA P 12 -44.52 63.41 -86.02
CA ALA P 12 -45.08 64.31 -85.02
C ALA P 12 -45.10 65.77 -85.47
N ARG P 13 -46.01 66.55 -84.88
CA ARG P 13 -46.08 68.01 -85.15
C ARG P 13 -46.56 68.72 -83.87
N PRO P 14 -45.85 69.74 -83.33
CA PRO P 14 -46.34 70.47 -82.19
C PRO P 14 -47.76 70.92 -82.43
N TYR P 15 -48.54 71.03 -81.37
CA TYR P 15 -49.98 71.10 -81.45
C TYR P 15 -50.50 72.25 -80.59
N ILE P 16 -51.56 72.93 -81.03
CA ILE P 16 -52.06 74.17 -80.43
C ILE P 16 -53.52 74.02 -80.00
N ALA P 17 -53.86 74.35 -78.76
CA ALA P 17 -55.12 73.98 -78.15
C ALA P 17 -55.53 74.89 -76.99
N ASP P 18 -56.68 74.64 -76.40
CA ASP P 18 -57.32 75.50 -75.42
C ASP P 18 -56.99 75.11 -73.99
N CYS P 19 -55.97 75.76 -73.43
CA CYS P 19 -55.60 75.61 -72.04
C CYS P 19 -56.63 76.28 -71.12
N PRO P 20 -57.04 75.66 -70.02
CA PRO P 20 -58.11 76.22 -69.19
C PRO P 20 -57.78 77.55 -68.50
N ASN P 21 -56.56 77.75 -67.98
CA ASN P 21 -56.22 78.96 -67.21
C ASN P 21 -54.86 79.55 -67.56
N CYS P 22 -54.54 79.57 -68.83
CA CYS P 22 -53.34 80.20 -69.39
C CYS P 22 -53.11 81.62 -68.88
N GLY P 23 -52.08 81.82 -68.06
CA GLY P 23 -51.69 83.11 -67.50
C GLY P 23 -52.73 83.66 -66.51
N HIS P 24 -53.88 84.12 -67.02
CA HIS P 24 -55.00 84.58 -66.15
C HIS P 24 -56.36 84.46 -66.86
N SER P 25 -56.43 83.83 -68.05
CA SER P 25 -57.67 83.66 -68.80
C SER P 25 -57.64 82.41 -69.66
N ARG P 26 -58.75 82.19 -70.41
CA ARG P 26 -58.86 81.02 -71.30
C ARG P 26 -58.20 81.27 -72.65
N CYS P 27 -56.89 81.34 -72.65
CA CYS P 27 -56.10 81.53 -73.87
C CYS P 27 -55.87 80.19 -74.60
N ASP P 28 -55.30 80.27 -75.80
CA ASP P 28 -55.00 79.10 -76.63
C ASP P 28 -53.48 78.89 -76.64
N SER P 29 -52.98 78.04 -75.76
CA SER P 29 -51.57 77.97 -75.42
C SER P 29 -50.84 76.90 -76.22
N PRO P 30 -49.62 77.13 -76.70
CA PRO P 30 -48.90 76.16 -77.49
C PRO P 30 -48.33 74.98 -76.68
N ILE P 31 -48.36 75.02 -75.34
CA ILE P 31 -48.03 73.89 -74.44
C ILE P 31 -49.26 73.38 -73.69
N ALA P 32 -50.47 73.55 -74.22
CA ALA P 32 -51.71 73.16 -73.55
C ALA P 32 -51.65 71.76 -72.92
N ILE P 33 -52.00 71.67 -71.64
CA ILE P 33 -51.94 70.40 -70.91
C ILE P 33 -53.11 69.51 -71.30
N GLU P 34 -52.88 68.22 -71.35
CA GLU P 34 -53.91 67.22 -71.51
C GLU P 34 -53.56 65.97 -70.71
N GLU P 35 -54.50 65.37 -70.01
CA GLU P 35 -54.38 64.02 -69.45
C GLU P 35 -53.18 63.89 -68.52
N VAL P 36 -53.19 64.66 -67.43
CA VAL P 36 -52.25 64.49 -66.34
C VAL P 36 -52.52 63.15 -65.68
N ARG P 37 -51.49 62.33 -65.48
CA ARG P 37 -51.63 61.00 -64.87
C ARG P 37 -50.64 60.89 -63.71
N GLY P 38 -51.04 61.36 -62.54
CA GLY P 38 -50.23 61.25 -61.36
C GLY P 38 -50.58 60.03 -60.51
N ASP P 39 -50.40 58.84 -61.06
CA ASP P 39 -50.80 57.60 -60.38
C ASP P 39 -49.62 56.77 -59.91
N ALA P 40 -48.43 57.35 -59.82
CA ALA P 40 -47.26 56.63 -59.33
C ALA P 40 -47.27 56.63 -57.80
N HIS P 41 -46.15 56.24 -57.20
CA HIS P 41 -46.06 56.17 -55.74
C HIS P 41 -45.05 57.14 -55.16
N ALA P 42 -43.83 57.19 -55.70
CA ALA P 42 -42.74 57.91 -55.06
C ALA P 42 -42.72 59.39 -55.44
N GLY P 43 -43.86 59.95 -55.82
CA GLY P 43 -43.90 61.35 -56.17
C GLY P 43 -43.69 61.67 -57.62
N VAL P 44 -43.83 60.69 -58.51
CA VAL P 44 -43.57 60.87 -59.93
C VAL P 44 -44.89 61.11 -60.65
N ILE P 45 -44.91 62.09 -61.54
CA ILE P 45 -46.10 62.52 -62.26
C ILE P 45 -45.74 62.69 -63.72
N ARG P 46 -46.55 62.16 -64.62
CA ARG P 46 -46.36 62.33 -66.04
C ARG P 46 -47.38 63.31 -66.60
N ILE P 47 -46.95 64.23 -67.44
CA ILE P 47 -47.78 65.24 -68.07
C ILE P 47 -47.70 65.05 -69.58
N GLN P 48 -48.82 65.11 -70.29
CA GLN P 48 -48.89 65.08 -71.74
C GLN P 48 -49.29 66.47 -72.23
N THR P 49 -48.32 67.24 -72.66
CA THR P 49 -48.52 68.58 -73.19
C THR P 49 -48.66 68.57 -74.70
N SER P 50 -49.31 69.57 -75.28
CA SER P 50 -49.44 69.71 -76.72
C SER P 50 -48.14 70.11 -77.42
N ALA P 51 -47.13 70.66 -76.74
CA ALA P 51 -45.87 70.96 -77.41
C ALA P 51 -45.04 69.70 -77.65
N MET P 52 -44.22 69.67 -78.70
CA MET P 52 -43.40 68.51 -79.03
C MET P 52 -41.96 68.71 -78.54
N PHE P 53 -41.61 68.03 -77.45
CA PHE P 53 -40.28 68.00 -76.88
C PHE P 53 -39.38 66.98 -77.57
N GLY P 54 -38.08 67.00 -77.27
CA GLY P 54 -37.11 66.14 -77.94
C GLY P 54 -36.54 66.80 -79.19
N LEU P 55 -36.28 66.01 -80.23
CA LEU P 55 -35.41 66.39 -81.34
C LEU P 55 -35.84 67.67 -82.07
N LYS P 56 -34.88 68.48 -82.51
CA LYS P 56 -35.07 69.68 -83.34
C LYS P 56 -35.57 69.31 -84.74
N THR P 57 -35.93 70.33 -85.52
CA THR P 57 -36.65 70.23 -86.80
C THR P 57 -36.26 69.07 -87.72
N ASP P 58 -34.97 68.75 -87.86
CA ASP P 58 -34.59 67.66 -88.79
C ASP P 58 -34.33 66.34 -88.07
N GLY P 59 -33.42 66.28 -87.11
CA GLY P 59 -32.98 64.99 -86.56
C GLY P 59 -31.89 65.02 -85.49
N VAL P 60 -31.67 66.15 -84.82
CA VAL P 60 -30.64 66.31 -83.76
C VAL P 60 -31.17 67.03 -82.54
N ASP P 61 -30.31 67.44 -81.59
CA ASP P 61 -30.70 68.27 -80.45
C ASP P 61 -31.85 67.71 -79.62
N LEU P 62 -31.65 66.57 -78.97
CA LEU P 62 -32.63 66.08 -78.00
C LEU P 62 -32.85 67.03 -76.81
N ALA P 63 -31.97 68.02 -76.62
CA ALA P 63 -32.11 69.12 -75.66
C ALA P 63 -32.79 70.38 -76.25
N TYR P 64 -33.39 70.29 -77.44
CA TYR P 64 -34.27 71.32 -77.98
C TYR P 64 -35.74 70.97 -77.73
N MET P 65 -36.64 71.81 -78.23
CA MET P 65 -38.08 71.79 -78.06
C MET P 65 -38.73 72.37 -79.31
N SER P 66 -39.96 71.96 -79.64
CA SER P 66 -40.70 72.53 -80.76
C SER P 66 -42.15 72.86 -80.40
N PHE P 67 -42.62 74.04 -80.80
CA PHE P 67 -43.96 74.53 -80.52
C PHE P 67 -44.51 75.29 -81.72
N MET P 68 -45.81 75.57 -81.77
CA MET P 68 -46.45 76.05 -83.00
C MET P 68 -47.33 77.28 -82.78
N ASN P 69 -46.72 78.45 -82.58
CA ASN P 69 -47.46 79.71 -82.57
C ASN P 69 -47.86 80.13 -83.99
N GLY P 70 -49.13 80.46 -84.20
CA GLY P 70 -49.64 80.77 -85.54
C GLY P 70 -49.59 79.56 -86.48
N LYS P 71 -49.63 79.81 -87.79
CA LYS P 71 -49.51 78.74 -88.83
C LYS P 71 -48.15 78.06 -88.89
N THR P 72 -47.05 78.65 -88.41
CA THR P 72 -45.69 78.12 -88.64
C THR P 72 -45.04 77.62 -87.36
N GLN P 73 -44.57 76.36 -87.33
CA GLN P 73 -43.88 75.87 -86.15
C GLN P 73 -42.50 76.52 -85.97
N LYS P 74 -41.99 76.48 -84.75
CA LYS P 74 -40.69 77.01 -84.36
C LYS P 74 -39.97 76.00 -83.46
N SER P 75 -38.65 76.00 -83.48
CA SER P 75 -37.84 75.14 -82.61
C SER P 75 -36.83 75.97 -81.82
N ILE P 76 -36.55 75.59 -80.59
CA ILE P 76 -35.73 76.37 -79.67
C ILE P 76 -35.02 75.47 -78.65
N LYS P 77 -33.91 75.92 -78.06
CA LYS P 77 -33.30 75.25 -76.91
C LYS P 77 -34.29 75.18 -75.74
N ILE P 78 -34.20 74.16 -74.91
CA ILE P 78 -35.13 73.94 -73.79
C ILE P 78 -34.86 74.94 -72.65
N ASP P 79 -35.13 76.21 -72.91
CA ASP P 79 -34.43 77.33 -72.28
C ASP P 79 -34.54 77.39 -70.75
N ASN P 80 -35.77 77.37 -70.25
CA ASN P 80 -36.08 77.52 -68.83
C ASN P 80 -37.37 76.76 -68.53
N LEU P 81 -37.46 75.53 -69.04
CA LEU P 81 -38.69 74.73 -68.96
C LEU P 81 -39.12 74.50 -67.52
N HIS P 82 -40.32 74.91 -67.21
CA HIS P 82 -40.82 75.13 -65.87
C HIS P 82 -42.00 74.21 -65.65
N VAL P 83 -41.94 73.37 -64.64
CA VAL P 83 -43.05 72.49 -64.23
C VAL P 83 -43.36 72.75 -62.77
N ARG P 84 -44.62 72.88 -62.42
CA ARG P 84 -45.01 73.46 -61.13
C ARG P 84 -46.30 72.86 -60.63
N THR P 85 -46.46 72.78 -59.32
CA THR P 85 -47.73 72.54 -58.65
C THR P 85 -47.78 73.40 -57.40
N SER P 86 -47.97 72.85 -56.19
CA SER P 86 -47.86 73.63 -54.96
C SER P 86 -46.50 74.33 -54.83
N ALA P 87 -45.44 73.73 -55.37
CA ALA P 87 -44.13 74.35 -55.52
C ALA P 87 -43.51 73.96 -56.86
N PRO P 88 -42.40 74.56 -57.29
CA PRO P 88 -41.66 74.12 -58.46
C PRO P 88 -41.31 72.65 -58.38
N CYS P 89 -41.50 71.92 -59.46
CA CYS P 89 -41.16 70.52 -59.61
C CYS P 89 -39.72 70.36 -60.10
N SER P 90 -39.12 69.21 -59.82
CA SER P 90 -37.89 68.77 -60.46
C SER P 90 -38.25 67.99 -61.72
N LEU P 91 -38.10 68.56 -62.92
CA LEU P 91 -38.37 67.79 -64.13
C LEU P 91 -37.30 66.71 -64.33
N VAL P 92 -37.69 65.53 -64.81
CA VAL P 92 -36.78 64.40 -64.96
C VAL P 92 -36.38 64.20 -66.41
N SER P 93 -37.35 63.91 -67.28
CA SER P 93 -37.08 63.69 -68.69
C SER P 93 -38.28 64.14 -69.51
N HIS P 94 -38.01 64.45 -70.79
CA HIS P 94 -39.05 64.90 -71.73
C HIS P 94 -38.82 64.18 -73.06
N HIS P 95 -39.88 63.91 -73.82
CA HIS P 95 -39.81 63.22 -75.13
C HIS P 95 -41.15 63.37 -75.84
N GLY P 96 -41.14 63.89 -77.08
CA GLY P 96 -42.36 64.04 -77.84
C GLY P 96 -43.39 64.88 -77.10
N TYR P 97 -44.66 64.47 -77.11
CA TYR P 97 -45.70 65.16 -76.36
C TYR P 97 -45.60 65.02 -74.83
N TYR P 98 -44.81 64.08 -74.31
CA TYR P 98 -44.85 63.73 -72.89
C TYR P 98 -43.64 64.29 -72.15
N ILE P 99 -43.89 64.85 -70.97
CA ILE P 99 -42.86 65.29 -70.04
C ILE P 99 -43.05 64.60 -68.70
N LEU P 100 -41.98 64.00 -68.19
CA LEU P 100 -41.99 63.35 -66.89
C LEU P 100 -41.32 64.24 -65.86
N ALA P 101 -41.99 64.46 -64.75
CA ALA P 101 -41.52 65.33 -63.70
C ALA P 101 -41.77 64.73 -62.33
N GLN P 102 -41.08 65.27 -61.35
CA GLN P 102 -41.33 64.95 -59.96
C GLN P 102 -41.74 66.22 -59.23
N CYS P 103 -42.78 66.12 -58.41
CA CYS P 103 -43.37 67.24 -57.72
C CYS P 103 -43.67 66.94 -56.26
N PRO P 104 -43.88 67.96 -55.43
CA PRO P 104 -44.62 67.80 -54.18
C PRO P 104 -46.09 67.57 -54.50
N PRO P 105 -46.90 67.14 -53.52
CA PRO P 105 -48.34 67.07 -53.69
C PRO P 105 -48.94 68.47 -53.81
N GLY P 106 -50.14 68.57 -54.37
CA GLY P 106 -50.84 69.84 -54.60
C GLY P 106 -52.16 69.62 -55.32
N ASP P 107 -52.81 70.67 -55.80
CA ASP P 107 -54.14 70.58 -56.41
C ASP P 107 -54.28 71.18 -57.81
N THR P 108 -53.21 71.74 -58.34
CA THR P 108 -53.15 72.31 -59.69
C THR P 108 -51.78 72.08 -60.27
N VAL P 109 -51.66 71.85 -61.57
CA VAL P 109 -50.36 71.64 -62.22
C VAL P 109 -50.16 72.59 -63.36
N THR P 110 -48.90 72.89 -63.67
CA THR P 110 -48.55 73.84 -64.73
C THR P 110 -47.33 73.40 -65.49
N VAL P 111 -47.25 73.83 -66.74
CA VAL P 111 -46.02 73.85 -67.53
C VAL P 111 -45.82 75.27 -68.04
N GLY P 112 -44.59 75.73 -68.17
CA GLY P 112 -44.26 77.03 -68.74
C GLY P 112 -42.87 77.02 -69.36
N PHE P 113 -42.62 77.89 -70.32
CA PHE P 113 -41.30 77.99 -70.95
C PHE P 113 -41.10 79.38 -71.55
N HIS P 114 -39.83 79.74 -71.79
CA HIS P 114 -39.48 81.09 -72.29
C HIS P 114 -39.00 81.04 -73.74
N ASP P 115 -39.61 81.86 -74.59
CA ASP P 115 -39.16 82.06 -75.98
C ASP P 115 -38.20 83.26 -76.10
N GLY P 116 -37.66 83.75 -74.99
CA GLY P 116 -36.96 85.02 -74.88
C GLY P 116 -37.88 86.09 -74.27
N PRO P 117 -38.48 86.98 -75.06
CA PRO P 117 -39.38 88.01 -74.57
C PRO P 117 -40.79 87.49 -74.26
N ASN P 118 -41.09 86.22 -74.54
CA ASN P 118 -42.42 85.63 -74.32
C ASN P 118 -42.35 84.47 -73.33
N ARG P 119 -43.46 84.25 -72.62
CA ARG P 119 -43.49 83.61 -71.31
C ARG P 119 -44.58 82.55 -71.22
N HIS P 120 -44.84 81.84 -72.34
CA HIS P 120 -45.97 80.87 -72.46
C HIS P 120 -46.15 79.87 -71.33
N THR P 121 -47.26 79.92 -70.59
CA THR P 121 -47.59 78.93 -69.56
C THR P 121 -48.93 78.30 -69.85
N CYS P 122 -49.19 77.17 -69.24
CA CYS P 122 -50.52 76.60 -69.13
C CYS P 122 -50.66 75.87 -67.82
N THR P 123 -51.86 75.83 -67.26
CA THR P 123 -52.16 75.18 -66.00
C THR P 123 -53.56 74.61 -66.01
N VAL P 124 -53.81 73.54 -65.27
CA VAL P 124 -55.10 72.85 -65.24
C VAL P 124 -55.40 72.33 -63.85
N ALA P 125 -56.66 72.40 -63.44
CA ALA P 125 -57.11 71.87 -62.17
C ALA P 125 -56.94 70.36 -62.13
N HIS P 126 -56.08 69.85 -61.24
CA HIS P 126 -55.83 68.39 -61.11
C HIS P 126 -55.24 68.08 -59.74
N LYS P 127 -55.99 67.41 -58.86
CA LYS P 127 -55.44 66.99 -57.57
C LYS P 127 -54.27 66.05 -57.77
N VAL P 128 -53.12 66.31 -57.18
CA VAL P 128 -51.94 65.42 -57.19
C VAL P 128 -51.60 65.01 -55.78
N GLU P 129 -51.82 63.75 -55.44
CA GLU P 129 -51.51 63.20 -54.14
C GLU P 129 -50.53 62.04 -54.32
N PHE P 130 -49.56 61.92 -53.40
CA PHE P 130 -48.51 60.93 -53.50
C PHE P 130 -48.50 59.99 -52.32
N ARG P 131 -49.22 58.87 -52.47
CA ARG P 131 -49.31 57.87 -51.44
C ARG P 131 -47.98 57.11 -51.36
N PRO P 132 -47.31 57.12 -50.21
CA PRO P 132 -46.08 56.32 -50.08
C PRO P 132 -46.39 54.87 -49.81
N VAL P 133 -45.56 53.99 -50.36
CA VAL P 133 -45.73 52.56 -50.17
C VAL P 133 -45.30 52.18 -48.77
N GLY P 134 -46.15 51.43 -48.08
CA GLY P 134 -45.86 50.97 -46.73
C GLY P 134 -46.97 51.37 -45.77
N ARG P 135 -46.66 51.25 -44.49
CA ARG P 135 -47.60 51.58 -43.43
C ARG P 135 -47.33 52.93 -42.79
N GLU P 136 -46.42 53.72 -43.34
CA GLU P 136 -46.07 55.02 -42.79
C GLU P 136 -46.32 56.07 -43.86
N LYS P 137 -47.30 56.94 -43.64
CA LYS P 137 -47.68 57.96 -44.61
C LYS P 137 -46.69 59.13 -44.55
N TYR P 138 -45.46 58.85 -44.97
CA TYR P 138 -44.46 59.90 -45.06
C TYR P 138 -44.74 60.80 -46.25
N ARG P 139 -44.18 62.01 -46.22
CA ARG P 139 -44.40 62.98 -47.28
C ARG P 139 -43.28 63.00 -48.32
N HIS P 140 -42.03 62.84 -47.90
CA HIS P 140 -40.91 62.92 -48.82
C HIS P 140 -40.04 61.67 -48.67
N PRO P 141 -39.48 61.17 -49.77
CA PRO P 141 -38.69 59.93 -49.71
C PRO P 141 -37.47 60.10 -48.83
N PRO P 142 -37.37 59.34 -47.75
CA PRO P 142 -36.21 59.45 -46.87
C PRO P 142 -34.96 58.86 -47.51
N GLU P 143 -33.81 59.26 -46.97
CA GLU P 143 -32.49 58.85 -47.44
C GLU P 143 -32.11 57.43 -47.04
N HIS P 144 -32.85 56.81 -46.14
CA HIS P 144 -32.55 55.51 -45.57
C HIS P 144 -33.81 54.83 -45.08
N GLY P 145 -33.70 53.54 -44.78
CA GLY P 145 -34.82 52.69 -44.41
C GLY P 145 -35.02 51.58 -45.43
N VAL P 146 -35.98 50.70 -45.18
CA VAL P 146 -36.19 49.57 -46.06
C VAL P 146 -36.84 50.01 -47.36
N GLU P 147 -36.75 49.16 -48.38
CA GLU P 147 -37.34 49.42 -49.68
C GLU P 147 -38.48 48.44 -49.94
N LEU P 148 -39.43 48.88 -50.74
CA LEU P 148 -40.65 48.13 -51.01
C LEU P 148 -40.96 48.20 -52.50
N PRO P 149 -41.73 47.24 -53.02
CA PRO P 149 -42.05 47.24 -54.45
C PRO P 149 -43.07 48.30 -54.82
N CYS P 150 -42.60 49.54 -55.01
CA CYS P 150 -43.45 50.65 -55.38
C CYS P 150 -43.86 50.54 -56.85
N ASN P 151 -44.76 51.44 -57.26
CA ASN P 151 -45.13 51.62 -58.65
C ASN P 151 -44.61 52.98 -59.10
N ARG P 152 -43.82 52.99 -60.17
CA ARG P 152 -43.17 54.22 -60.61
C ARG P 152 -42.98 54.16 -62.11
N TYR P 153 -42.81 55.34 -62.71
CA TYR P 153 -42.63 55.47 -64.14
C TYR P 153 -41.16 55.41 -64.50
N THR P 154 -40.84 54.66 -65.56
CA THR P 154 -39.47 54.56 -66.01
C THR P 154 -39.02 55.88 -66.64
N HIS P 155 -37.74 56.20 -66.45
CA HIS P 155 -37.17 57.38 -67.07
C HIS P 155 -36.77 57.14 -68.52
N LYS P 156 -36.73 55.89 -68.96
CA LYS P 156 -36.30 55.57 -70.32
C LYS P 156 -37.46 55.64 -71.29
N ARG P 157 -37.14 55.92 -72.56
CA ARG P 157 -38.09 56.02 -73.68
C ARG P 157 -38.19 54.75 -74.53
N ALA P 158 -37.16 53.91 -74.51
CA ALA P 158 -37.02 52.73 -75.35
C ALA P 158 -37.94 51.60 -74.88
N ASP P 159 -39.24 51.81 -75.00
CA ASP P 159 -40.29 50.87 -74.64
C ASP P 159 -41.39 50.95 -75.69
N GLN P 160 -42.23 49.93 -75.74
CA GLN P 160 -43.34 49.87 -76.68
C GLN P 160 -44.53 49.12 -76.11
N GLY P 161 -44.66 49.06 -74.77
CA GLY P 161 -45.78 48.35 -74.17
C GLY P 161 -47.13 48.99 -74.42
N HIS P 162 -47.15 50.29 -74.74
CA HIS P 162 -48.40 50.99 -74.99
C HIS P 162 -48.22 51.87 -76.21
N TYR P 163 -49.34 52.26 -76.81
CA TYR P 163 -49.34 53.10 -78.00
C TYR P 163 -50.49 54.09 -77.93
N VAL P 164 -50.32 55.18 -78.67
CA VAL P 164 -51.35 56.22 -78.79
C VAL P 164 -51.53 56.55 -80.26
N GLU P 165 -52.79 56.60 -80.70
CA GLU P 165 -53.06 56.87 -82.10
C GLU P 165 -52.80 58.33 -82.44
N MET P 166 -52.24 58.58 -83.62
CA MET P 166 -51.98 59.92 -84.14
C MET P 166 -52.55 60.03 -85.54
N HIS P 167 -53.83 60.29 -85.64
CA HIS P 167 -54.47 60.38 -86.96
C HIS P 167 -54.12 61.71 -87.63
N GLN P 168 -54.59 61.90 -88.87
CA GLN P 168 -54.32 63.16 -89.59
C GLN P 168 -54.88 64.33 -88.76
N PRO P 169 -54.16 65.47 -88.60
CA PRO P 169 -54.67 66.58 -87.83
C PRO P 169 -55.93 67.20 -88.41
N GLY P 170 -56.81 67.72 -87.54
CA GLY P 170 -58.00 68.42 -88.03
C GLY P 170 -57.62 69.84 -88.41
N LEU P 171 -58.42 70.49 -89.26
CA LEU P 171 -58.05 71.84 -89.75
C LEU P 171 -58.03 72.85 -88.58
N VAL P 172 -57.08 73.77 -88.63
CA VAL P 172 -56.90 74.81 -87.63
C VAL P 172 -57.26 76.17 -88.20
N ALA P 173 -57.70 77.07 -87.34
CA ALA P 173 -57.98 78.43 -87.80
C ALA P 173 -56.68 79.16 -88.03
N ASP P 174 -56.63 80.02 -89.04
CA ASP P 174 -55.53 80.98 -89.11
C ASP P 174 -56.01 82.16 -89.95
N HIS P 175 -56.51 83.20 -89.26
CA HIS P 175 -57.03 84.39 -89.98
C HIS P 175 -55.86 85.20 -90.56
N SER P 176 -54.66 85.03 -90.01
CA SER P 176 -53.47 85.73 -90.57
C SER P 176 -53.39 85.50 -92.08
N LEU P 177 -54.16 84.53 -92.59
CA LEU P 177 -54.15 84.22 -94.05
C LEU P 177 -55.17 85.10 -94.78
N LEU P 178 -56.36 85.29 -94.20
CA LEU P 178 -57.41 86.05 -94.86
C LEU P 178 -57.10 87.55 -94.83
N SER P 179 -56.12 87.93 -95.64
CA SER P 179 -55.80 89.33 -95.86
C SER P 179 -56.87 89.92 -96.78
N ILE P 180 -56.59 91.11 -97.33
CA ILE P 180 -57.52 91.80 -98.22
C ILE P 180 -56.81 92.07 -99.54
N HIS P 181 -57.48 91.76 -100.64
CA HIS P 181 -57.02 92.08 -102.00
C HIS P 181 -57.53 93.46 -102.44
N SER P 182 -57.35 94.44 -101.55
CA SER P 182 -57.63 95.86 -101.74
C SER P 182 -59.12 96.18 -101.86
N ALA P 183 -59.96 95.18 -102.15
CA ALA P 183 -61.39 95.26 -101.86
C ALA P 183 -61.98 93.93 -101.43
N LYS P 184 -61.31 92.81 -101.70
CA LYS P 184 -61.83 91.47 -101.47
C LYS P 184 -60.96 90.80 -100.42
N VAL P 185 -61.57 89.89 -99.67
CA VAL P 185 -60.85 89.09 -98.69
C VAL P 185 -59.92 88.11 -99.38
N LYS P 186 -58.64 88.08 -98.98
CA LYS P 186 -57.59 87.39 -99.71
C LYS P 186 -57.00 86.31 -98.81
N ILE P 187 -57.15 85.08 -99.27
CA ILE P 187 -56.49 83.92 -98.69
C ILE P 187 -55.11 83.73 -99.34
N THR P 188 -54.18 83.15 -98.60
CA THR P 188 -52.88 82.69 -99.09
C THR P 188 -52.63 81.27 -98.62
N VAL P 189 -51.44 80.72 -98.83
CA VAL P 189 -51.10 79.36 -98.40
C VAL P 189 -49.75 79.32 -97.66
N PRO P 190 -49.59 78.47 -96.63
CA PRO P 190 -48.32 78.29 -95.92
C PRO P 190 -47.18 77.85 -96.82
N SER P 191 -47.35 76.71 -97.49
CA SER P 191 -46.30 76.18 -98.35
C SER P 191 -46.89 75.43 -99.53
N GLY P 192 -48.11 75.80 -99.93
CA GLY P 192 -48.93 74.94 -100.74
C GLY P 192 -49.83 74.02 -99.95
N ALA P 193 -49.97 74.23 -98.64
CA ALA P 193 -50.89 73.45 -97.86
C ALA P 193 -52.35 73.64 -98.35
N GLN P 194 -53.19 72.66 -98.02
CA GLN P 194 -54.61 72.72 -98.44
C GLN P 194 -55.36 73.76 -97.59
N VAL P 195 -56.11 74.65 -98.24
CA VAL P 195 -56.82 75.74 -97.49
C VAL P 195 -58.34 75.62 -97.72
N LYS P 196 -59.00 74.74 -96.96
CA LYS P 196 -60.49 74.63 -97.07
C LYS P 196 -61.06 76.05 -97.06
N TYR P 197 -61.81 76.46 -98.09
CA TYR P 197 -62.25 77.88 -98.10
C TYR P 197 -63.67 78.06 -98.64
N TYR P 198 -64.38 79.06 -98.12
CA TYR P 198 -65.76 79.40 -98.58
C TYR P 198 -66.23 80.53 -97.66
N CYS P 199 -67.15 81.39 -98.11
CA CYS P 199 -67.68 82.42 -97.20
C CYS P 199 -69.19 82.24 -96.97
N LYS P 200 -69.83 83.12 -96.19
CA LYS P 200 -71.31 83.22 -96.13
C LYS P 200 -71.89 83.29 -97.55
N CYS P 201 -71.42 84.25 -98.32
CA CYS P 201 -71.89 84.51 -99.67
C CYS P 201 -71.48 83.36 -100.60
N PRO P 202 -72.21 83.13 -101.71
CA PRO P 202 -71.82 82.12 -102.69
C PRO P 202 -70.53 82.47 -103.46
N ASP P 203 -69.45 81.73 -103.24
CA ASP P 203 -68.17 81.83 -103.97
C ASP P 203 -67.50 80.44 -104.05
N VAL P 204 -66.17 80.34 -104.23
CA VAL P 204 -65.41 79.07 -104.22
C VAL P 204 -65.71 78.23 -102.99
N ARG P 205 -66.33 77.06 -103.19
CA ARG P 205 -66.97 76.27 -102.12
C ARG P 205 -66.12 75.19 -101.46
N GLU P 206 -65.06 74.72 -102.11
CA GLU P 206 -64.15 73.74 -101.49
C GLU P 206 -62.86 74.39 -100.96
N GLY P 207 -62.05 74.97 -101.85
CA GLY P 207 -60.70 75.38 -101.51
C GLY P 207 -59.74 74.20 -101.36
N ILE P 208 -59.11 73.79 -102.47
CA ILE P 208 -57.92 72.92 -102.51
C ILE P 208 -56.94 73.53 -103.53
N THR P 209 -56.16 74.52 -103.09
CA THR P 209 -55.60 75.56 -103.97
C THR P 209 -54.26 76.13 -103.49
N SER P 210 -53.59 76.92 -104.34
CA SER P 210 -52.66 77.98 -103.91
C SER P 210 -53.43 79.23 -103.44
N SER P 211 -52.78 80.39 -103.29
CA SER P 211 -53.41 81.64 -102.87
C SER P 211 -54.55 82.09 -103.81
N ASP P 212 -55.80 81.90 -103.38
CA ASP P 212 -57.01 82.40 -104.04
C ASP P 212 -57.40 83.81 -103.58
N HIS P 213 -58.22 84.49 -104.37
CA HIS P 213 -59.06 85.61 -103.92
C HIS P 213 -60.52 85.14 -103.71
N THR P 214 -61.33 86.03 -103.15
CA THR P 214 -62.77 85.84 -103.00
C THR P 214 -63.47 86.85 -103.91
N THR P 215 -64.29 86.41 -104.85
CA THR P 215 -65.11 87.28 -105.67
C THR P 215 -66.26 87.90 -104.88
N THR P 216 -66.97 87.14 -104.04
CA THR P 216 -68.31 87.55 -103.58
C THR P 216 -68.28 88.35 -102.29
N CYS P 217 -67.89 87.71 -101.18
CA CYS P 217 -67.83 88.36 -99.87
C CYS P 217 -66.62 89.32 -99.74
N THR P 218 -66.68 90.23 -98.77
CA THR P 218 -65.63 91.22 -98.44
C THR P 218 -65.07 91.11 -97.03
N ASP P 219 -65.92 90.94 -96.01
CA ASP P 219 -65.47 90.87 -94.63
C ASP P 219 -64.62 89.63 -94.37
N VAL P 220 -63.49 89.81 -93.68
CA VAL P 220 -62.72 88.69 -93.13
C VAL P 220 -63.57 87.83 -92.18
N LYS P 221 -64.49 88.45 -91.43
CA LYS P 221 -65.27 87.80 -90.37
C LYS P 221 -66.44 86.95 -90.86
N GLN P 222 -66.44 86.53 -92.13
CA GLN P 222 -67.48 85.67 -92.71
C GLN P 222 -66.94 84.57 -93.65
N CYS P 223 -65.70 84.12 -93.43
CA CYS P 223 -64.99 83.21 -94.33
C CYS P 223 -64.17 82.13 -93.60
N ARG P 224 -63.91 81.05 -94.33
CA ARG P 224 -63.24 79.85 -93.73
C ARG P 224 -61.73 79.90 -93.91
N ALA P 225 -61.02 80.35 -92.87
CA ALA P 225 -59.55 80.37 -92.86
C ALA P 225 -58.92 79.06 -92.38
N TYR P 226 -59.06 77.98 -93.15
CA TYR P 226 -58.68 76.65 -92.68
C TYR P 226 -57.36 76.18 -93.24
N LEU P 227 -56.56 75.55 -92.39
CA LEU P 227 -55.36 74.81 -92.78
C LEU P 227 -55.59 73.32 -92.66
N ILE P 228 -55.76 72.60 -93.77
CA ILE P 228 -55.56 71.15 -93.79
C ILE P 228 -54.05 70.97 -93.98
N ASP P 229 -53.31 70.60 -92.94
CA ASP P 229 -51.85 70.56 -93.01
C ASP P 229 -51.35 69.24 -92.45
N ASN P 230 -51.94 68.15 -92.93
CA ASN P 230 -51.63 66.81 -92.37
C ASN P 230 -50.23 66.31 -92.77
N LYS P 231 -49.42 67.07 -93.54
CA LYS P 231 -48.02 66.74 -93.88
C LYS P 231 -47.23 66.20 -92.70
N LYS P 232 -47.54 66.72 -91.52
CA LYS P 232 -47.22 66.13 -90.23
C LYS P 232 -48.49 65.73 -89.50
N TRP P 233 -48.47 64.58 -88.84
CA TRP P 233 -49.60 64.06 -88.06
C TRP P 233 -49.59 64.58 -86.62
N VAL P 234 -50.75 64.52 -85.96
CA VAL P 234 -50.94 65.06 -84.60
C VAL P 234 -51.66 64.05 -83.73
N TYR P 235 -51.73 64.33 -82.44
CA TYR P 235 -52.39 63.45 -81.50
C TYR P 235 -53.90 63.64 -81.52
N ASN P 236 -54.63 62.56 -81.26
CA ASN P 236 -56.08 62.60 -81.26
C ASN P 236 -56.60 63.34 -80.03
N SER P 237 -56.32 64.62 -79.90
CA SER P 237 -56.73 65.40 -78.75
C SER P 237 -58.20 65.73 -78.81
N GLY P 238 -58.81 65.84 -77.64
CA GLY P 238 -60.20 66.23 -77.54
C GLY P 238 -60.45 67.70 -77.68
N ARG P 239 -59.37 68.46 -77.90
CA ARG P 239 -59.37 69.90 -78.04
C ARG P 239 -59.14 70.36 -79.48
N LEU P 240 -59.26 69.46 -80.44
CA LEU P 240 -59.05 69.77 -81.85
C LEU P 240 -60.16 69.15 -82.72
N PRO P 241 -60.73 69.87 -83.68
CA PRO P 241 -61.72 69.29 -84.60
C PRO P 241 -61.10 68.16 -85.40
N ARG P 242 -61.90 67.13 -85.64
CA ARG P 242 -61.42 65.96 -86.36
C ARG P 242 -61.65 66.13 -87.86
N GLY P 243 -60.61 65.88 -88.65
CA GLY P 243 -60.73 65.93 -90.09
C GLY P 243 -61.74 64.93 -90.62
N GLU P 244 -62.72 65.43 -91.36
CA GLU P 244 -63.82 64.60 -91.87
C GLU P 244 -63.35 63.56 -92.88
N GLY P 245 -62.14 63.70 -93.44
CA GLY P 245 -61.66 62.77 -94.43
C GLY P 245 -61.52 61.36 -93.90
N ASP P 246 -60.55 61.16 -93.01
CA ASP P 246 -60.32 59.86 -92.38
C ASP P 246 -59.32 60.04 -91.25
N THR P 247 -59.25 59.04 -90.38
CA THR P 247 -58.32 59.03 -89.25
C THR P 247 -57.23 58.01 -89.55
N PHE P 248 -56.00 58.49 -89.73
CA PHE P 248 -54.90 57.61 -90.05
C PHE P 248 -54.52 56.75 -88.84
N LYS P 249 -53.79 55.69 -89.12
CA LYS P 249 -53.06 54.95 -88.10
C LYS P 249 -51.75 55.67 -87.81
N GLY P 250 -50.82 55.01 -87.15
CA GLY P 250 -49.59 55.67 -86.74
C GLY P 250 -49.41 55.63 -85.24
N LYS P 251 -49.83 54.54 -84.62
CA LYS P 251 -49.69 54.36 -83.19
C LYS P 251 -48.25 54.60 -82.77
N LEU P 252 -48.03 55.53 -81.83
CA LEU P 252 -46.70 55.85 -81.32
C LEU P 252 -46.52 55.33 -79.92
N HIS P 253 -45.30 54.94 -79.56
CA HIS P 253 -45.03 54.36 -78.22
C HIS P 253 -45.04 55.45 -77.15
N VAL P 254 -45.75 55.21 -76.04
CA VAL P 254 -45.73 56.14 -74.92
C VAL P 254 -44.35 56.09 -74.28
N PRO P 255 -43.63 57.20 -74.12
CA PRO P 255 -42.24 57.15 -73.71
C PRO P 255 -42.08 56.58 -72.32
N PHE P 256 -42.79 57.10 -71.34
CA PHE P 256 -42.63 56.70 -69.95
C PHE P 256 -43.82 55.82 -69.57
N VAL P 257 -43.53 54.61 -69.10
CA VAL P 257 -44.56 53.64 -68.75
C VAL P 257 -44.35 53.17 -67.33
N PRO P 258 -45.40 52.77 -66.62
CA PRO P 258 -45.22 52.28 -65.25
C PRO P 258 -44.44 50.98 -65.20
N VAL P 259 -43.61 50.84 -64.17
CA VAL P 259 -42.89 49.61 -63.89
C VAL P 259 -42.93 49.37 -62.39
N LYS P 260 -42.67 48.13 -62.00
CA LYS P 260 -42.73 47.75 -60.58
C LYS P 260 -41.33 47.79 -59.98
N ALA P 261 -40.78 49.01 -59.92
CA ALA P 261 -39.47 49.22 -59.35
C ALA P 261 -39.56 49.23 -57.82
N LYS P 262 -38.43 49.48 -57.17
CA LYS P 262 -38.35 49.46 -55.70
C LYS P 262 -37.94 50.85 -55.22
N CYS P 263 -38.79 51.49 -54.43
CA CYS P 263 -38.48 52.77 -53.82
C CYS P 263 -38.09 52.59 -52.36
N ILE P 264 -37.27 53.50 -51.86
CA ILE P 264 -36.86 53.46 -50.46
C ILE P 264 -38.01 53.99 -49.60
N ALA P 265 -38.37 53.22 -48.58
CA ALA P 265 -39.44 53.60 -47.66
C ALA P 265 -38.86 53.87 -46.28
N THR P 266 -39.63 54.60 -45.48
CA THR P 266 -39.18 54.98 -44.15
C THR P 266 -39.31 53.82 -43.16
N LEU P 267 -38.60 53.95 -42.04
CA LEU P 267 -38.68 52.99 -40.95
C LEU P 267 -39.05 53.74 -39.69
N ALA P 268 -40.15 53.36 -39.08
CA ALA P 268 -40.60 54.02 -37.87
C ALA P 268 -39.63 53.75 -36.72
N PRO P 269 -39.50 54.68 -35.78
CA PRO P 269 -38.61 54.46 -34.64
C PRO P 269 -38.99 53.20 -33.86
N GLU P 270 -37.99 52.52 -33.35
CA GLU P 270 -38.20 51.26 -32.67
C GLU P 270 -39.00 51.49 -31.39
N PRO P 271 -40.06 50.72 -31.16
CA PRO P 271 -40.87 50.89 -29.96
C PRO P 271 -40.18 50.30 -28.74
N LEU P 272 -40.69 50.66 -27.58
CA LEU P 272 -40.17 50.20 -26.28
C LEU P 272 -41.13 49.16 -25.72
N VAL P 273 -40.61 47.98 -25.42
CA VAL P 273 -41.42 46.89 -24.91
C VAL P 273 -41.22 46.76 -23.40
N GLU P 274 -42.29 46.43 -22.69
CA GLU P 274 -42.25 46.23 -21.25
C GLU P 274 -43.04 44.98 -20.89
N HIS P 275 -42.43 44.11 -20.09
CA HIS P 275 -43.10 42.88 -19.67
C HIS P 275 -44.12 43.16 -18.58
N LYS P 276 -45.23 42.43 -18.64
CA LYS P 276 -46.20 42.39 -17.55
C LYS P 276 -46.94 41.07 -17.66
N HIS P 277 -47.43 40.58 -16.52
CA HIS P 277 -48.04 39.25 -16.47
C HIS P 277 -49.21 39.14 -17.43
N ARG P 278 -49.04 38.37 -18.50
CA ARG P 278 -50.06 38.14 -19.51
C ARG P 278 -50.58 39.45 -20.10
N THR P 279 -49.72 40.47 -20.12
CA THR P 279 -50.08 41.78 -20.65
C THR P 279 -48.85 42.41 -21.28
N LEU P 280 -49.02 42.94 -22.50
CA LEU P 280 -47.91 43.53 -23.26
C LEU P 280 -48.10 45.03 -23.30
N ILE P 281 -47.28 45.75 -22.54
CA ILE P 281 -47.26 47.21 -22.61
C ILE P 281 -46.33 47.63 -23.72
N LEU P 282 -46.87 48.37 -24.70
CA LEU P 282 -46.12 48.76 -25.89
C LEU P 282 -45.99 50.27 -25.91
N HIS P 283 -44.78 50.77 -25.69
CA HIS P 283 -44.51 52.20 -25.76
C HIS P 283 -44.14 52.57 -27.20
N LEU P 284 -44.95 53.41 -27.83
CA LEU P 284 -44.71 53.84 -29.19
C LEU P 284 -44.19 55.27 -29.20
N HIS P 285 -43.48 55.60 -30.28
CA HIS P 285 -43.00 56.97 -30.51
C HIS P 285 -42.96 57.22 -32.00
N PRO P 286 -44.13 57.32 -32.63
CA PRO P 286 -44.16 57.47 -34.08
C PRO P 286 -43.61 58.82 -34.51
N ASP P 287 -43.00 58.84 -35.68
CA ASP P 287 -42.55 60.07 -36.32
C ASP P 287 -43.56 60.57 -37.34
N HIS P 288 -44.20 59.65 -38.07
CA HIS P 288 -45.24 59.94 -39.02
C HIS P 288 -46.39 58.98 -38.78
N PRO P 289 -47.59 59.29 -39.26
CA PRO P 289 -48.73 58.38 -39.06
C PRO P 289 -48.40 56.96 -39.49
N THR P 290 -48.41 56.05 -38.52
CA THR P 290 -47.94 54.68 -38.71
C THR P 290 -49.08 53.71 -38.43
N LEU P 291 -49.19 52.69 -39.28
CA LEU P 291 -50.25 51.69 -39.17
C LEU P 291 -49.76 50.53 -38.31
N LEU P 292 -50.53 50.19 -37.29
CA LEU P 292 -50.20 49.12 -36.36
C LEU P 292 -51.30 48.06 -36.38
N THR P 293 -50.91 46.80 -36.50
CA THR P 293 -51.85 45.69 -36.54
C THR P 293 -51.39 44.59 -35.60
N THR P 294 -52.35 43.93 -34.96
CA THR P 294 -52.09 42.80 -34.08
C THR P 294 -53.10 41.70 -34.38
N ARG P 295 -52.71 40.47 -34.08
CA ARG P 295 -53.61 39.34 -34.26
C ARG P 295 -53.21 38.22 -33.31
N SER P 296 -54.16 37.77 -32.49
CA SER P 296 -53.92 36.63 -31.62
C SER P 296 -53.85 35.36 -32.47
N LEU P 297 -52.92 34.47 -32.11
CA LEU P 297 -52.70 33.28 -32.90
C LEU P 297 -53.58 32.11 -32.48
N GLY P 298 -54.45 32.29 -31.50
CA GLY P 298 -55.34 31.24 -31.08
C GLY P 298 -56.46 31.01 -32.07
N SER P 299 -57.53 30.38 -31.57
CA SER P 299 -58.69 30.13 -32.42
C SER P 299 -59.32 31.42 -32.90
N ASP P 300 -59.46 32.40 -32.01
CA ASP P 300 -60.04 33.69 -32.37
C ASP P 300 -58.92 34.66 -32.72
N ALA P 301 -58.95 35.18 -33.95
CA ALA P 301 -57.91 36.11 -34.37
C ALA P 301 -57.92 37.38 -33.54
N ASN P 302 -59.11 37.95 -33.33
CA ASN P 302 -59.31 39.19 -32.58
C ASN P 302 -58.37 40.28 -33.07
N PRO P 303 -58.42 40.64 -34.36
CA PRO P 303 -57.45 41.60 -34.89
C PRO P 303 -57.74 43.01 -34.42
N THR P 304 -56.68 43.82 -34.36
CA THR P 304 -56.78 45.24 -34.08
C THR P 304 -55.97 46.00 -35.11
N ARG P 305 -56.45 47.20 -35.44
CA ARG P 305 -55.77 48.02 -36.45
C ARG P 305 -56.12 49.48 -36.19
N GLN P 306 -55.11 50.29 -35.89
CA GLN P 306 -55.33 51.71 -35.64
C GLN P 306 -54.08 52.49 -36.01
N TRP P 307 -54.28 53.64 -36.65
CA TRP P 307 -53.18 54.55 -36.91
C TRP P 307 -52.86 55.33 -35.64
N ILE P 308 -51.56 55.53 -35.41
CA ILE P 308 -51.10 56.33 -34.29
C ILE P 308 -50.15 57.40 -34.84
N GLU P 309 -50.38 58.65 -34.41
CA GLU P 309 -49.54 59.76 -34.84
C GLU P 309 -48.86 60.48 -33.69
N ARG P 310 -49.57 60.70 -32.60
CA ARG P 310 -48.92 61.28 -31.44
C ARG P 310 -48.30 60.16 -30.58
N PRO P 311 -47.20 60.45 -29.88
CA PRO P 311 -46.58 59.43 -29.03
C PRO P 311 -47.54 58.95 -27.96
N THR P 312 -47.92 57.68 -28.04
CA THR P 312 -48.84 57.08 -27.09
C THR P 312 -48.36 55.69 -26.73
N THR P 313 -49.02 55.09 -25.75
CA THR P 313 -48.72 53.74 -25.28
C THR P 313 -49.95 52.87 -25.42
N VAL P 314 -49.76 51.64 -25.89
CA VAL P 314 -50.88 50.77 -26.12
C VAL P 314 -50.66 49.46 -25.39
N ASN P 315 -51.74 48.76 -25.07
CA ASN P 315 -51.62 47.50 -24.35
C ASN P 315 -52.15 46.35 -25.17
N PHE P 316 -51.79 45.13 -24.80
CA PHE P 316 -52.28 43.97 -25.52
C PHE P 316 -52.35 42.74 -24.61
N THR P 317 -53.47 42.04 -24.62
CA THR P 317 -53.65 40.86 -23.78
C THR P 317 -52.99 39.68 -24.46
N VAL P 318 -51.74 39.41 -24.11
CA VAL P 318 -51.01 38.28 -24.69
C VAL P 318 -51.30 37.05 -23.86
N THR P 319 -51.91 36.05 -24.48
CA THR P 319 -52.27 34.82 -23.80
C THR P 319 -51.22 33.74 -24.09
N GLY P 320 -51.51 32.51 -23.66
CA GLY P 320 -50.60 31.42 -23.90
C GLY P 320 -50.48 31.04 -25.37
N GLU P 321 -51.42 31.50 -26.19
CA GLU P 321 -51.34 31.22 -27.61
C GLU P 321 -50.21 32.01 -28.25
N GLY P 322 -50.26 33.34 -28.16
CA GLY P 322 -49.23 34.18 -28.73
C GLY P 322 -49.79 35.34 -29.52
N LEU P 323 -49.01 36.39 -29.70
CA LEU P 323 -49.46 37.60 -30.39
C LEU P 323 -48.41 38.03 -31.40
N GLU P 324 -48.88 38.51 -32.55
CA GLU P 324 -48.03 39.04 -33.60
C GLU P 324 -48.43 40.47 -33.89
N TYR P 325 -47.46 41.38 -33.82
CA TYR P 325 -47.71 42.80 -34.08
C TYR P 325 -46.73 43.31 -35.11
N THR P 326 -47.21 44.13 -36.03
CA THR P 326 -46.39 44.69 -37.12
C THR P 326 -46.38 46.20 -36.95
N TRP P 327 -45.37 46.71 -36.25
CA TRP P 327 -45.23 48.15 -36.06
C TRP P 327 -44.62 48.74 -37.33
N GLY P 328 -45.46 49.40 -38.13
CA GLY P 328 -44.97 49.96 -39.36
C GLY P 328 -44.58 48.89 -40.36
N ASN P 329 -43.61 49.23 -41.19
CA ASN P 329 -43.10 48.28 -42.17
C ASN P 329 -41.96 47.42 -41.64
N HIS P 330 -41.76 47.40 -40.32
CA HIS P 330 -40.81 46.46 -39.75
C HIS P 330 -41.31 45.04 -39.94
N PRO P 331 -40.42 44.05 -39.97
CA PRO P 331 -40.85 42.66 -40.05
C PRO P 331 -41.72 42.30 -38.86
N PRO P 332 -42.72 41.45 -39.05
CA PRO P 332 -43.62 41.11 -37.95
C PRO P 332 -42.88 40.49 -36.77
N LYS P 333 -43.29 40.86 -35.57
CA LYS P 333 -42.73 40.31 -34.34
C LYS P 333 -43.69 39.30 -33.73
N ARG P 334 -43.12 38.32 -33.04
CA ARG P 334 -43.89 37.25 -32.42
C ARG P 334 -43.55 37.20 -30.94
N VAL P 335 -44.56 37.01 -30.09
CA VAL P 335 -44.35 37.07 -28.65
C VAL P 335 -45.38 36.18 -27.96
N TRP P 336 -44.95 35.49 -26.92
CA TRP P 336 -45.81 34.66 -26.10
C TRP P 336 -45.77 35.19 -24.66
N ALA P 337 -46.69 34.69 -23.82
CA ALA P 337 -46.68 35.04 -22.41
C ALA P 337 -47.06 33.82 -21.58
N GLN P 338 -46.59 33.79 -20.34
CA GLN P 338 -46.87 32.69 -19.41
C GLN P 338 -48.36 32.42 -19.27
C1 NAG Q . 10.53 -111.70 18.64
C2 NAG Q . 12.04 -111.57 18.83
C3 NAG Q . 12.69 -112.94 18.99
C4 NAG Q . 11.96 -113.74 20.07
C5 NAG Q . 10.49 -113.84 19.70
C6 NAG Q . 9.67 -114.61 20.72
C7 NAG Q . 13.14 -109.62 17.86
C8 NAG Q . 13.91 -109.09 16.70
N2 NAG Q . 12.66 -110.85 17.74
O3 NAG Q . 14.06 -112.76 19.32
O4 NAG Q . 12.50 -115.06 20.15
O5 NAG Q . 9.94 -112.51 19.64
O6 NAG Q . 9.77 -114.02 22.01
O7 NAG Q . 12.98 -108.96 18.89
C1 NAG Q . 13.44 -115.35 21.13
C2 NAG Q . 13.78 -116.84 21.08
C3 NAG Q . 14.84 -117.19 22.11
C4 NAG Q . 16.03 -116.23 22.03
C5 NAG Q . 15.55 -114.79 22.06
C6 NAG Q . 16.67 -113.79 21.87
C7 NAG Q . 12.44 -118.92 21.02
C8 NAG Q . 11.17 -119.56 21.49
N2 NAG Q . 12.56 -117.61 21.26
O3 NAG Q . 15.24 -118.53 21.91
O4 NAG Q . 16.89 -116.42 23.16
O5 NAG Q . 14.62 -114.58 20.98
O6 NAG Q . 16.17 -112.45 21.90
O7 NAG Q . 13.32 -119.56 20.46
C1 BMA Q . 17.71 -117.54 23.25
C2 BMA Q . 18.68 -117.53 22.09
C3 BMA Q . 19.66 -118.68 22.18
C4 BMA Q . 20.32 -118.70 23.54
C5 BMA Q . 19.28 -118.69 24.65
C6 BMA Q . 19.89 -118.58 26.03
O2 BMA Q . 19.37 -116.29 22.03
O3 BMA Q . 20.63 -118.57 21.15
O4 BMA Q . 21.13 -119.88 23.68
O5 BMA Q . 18.43 -117.53 24.49
O6 BMA Q . 20.67 -117.39 26.16
C1 NAG R . 33.40 -92.57 109.63
C2 NAG R . 34.79 -92.09 109.22
C3 NAG R . 35.24 -90.91 110.08
C4 NAG R . 34.16 -89.84 110.15
C5 NAG R . 32.87 -90.47 110.64
C6 NAG R . 31.73 -89.49 110.74
C7 NAG R . 36.31 -93.74 108.24
C8 NAG R . 37.30 -94.83 108.52
N2 NAG R . 35.76 -93.16 109.32
O3 NAG R . 36.45 -90.41 109.54
O4 NAG R . 34.52 -88.79 111.04
O5 NAG R . 32.46 -91.50 109.72
O6 NAG R . 31.47 -88.87 109.48
O7 NAG R . 36.02 -93.40 107.11
C1 NAG R . 35.27 -87.72 110.59
C2 NAG R . 35.26 -86.62 111.66
C3 NAG R . 36.05 -85.42 111.17
C4 NAG R . 37.46 -85.81 110.72
C5 NAG R . 37.36 -86.96 109.72
C6 NAG R . 38.71 -87.55 109.35
C7 NAG R . 33.01 -85.64 111.26
C8 NAG R . 31.76 -85.19 111.94
N2 NAG R . 33.90 -86.26 112.03
O3 NAG R . 36.11 -84.44 112.20
O4 NAG R . 38.05 -84.67 110.12
O5 NAG R . 36.61 -88.05 110.31
O6 NAG R . 38.56 -88.62 108.42
O7 NAG R . 33.21 -85.44 110.06
C1 BMA R . 39.43 -84.52 110.08
C2 BMA R . 39.74 -83.18 109.44
C3 BMA R . 41.23 -82.88 109.48
C4 BMA R . 41.76 -83.05 110.90
C5 BMA R . 41.40 -84.42 111.44
C6 BMA R . 41.82 -84.61 112.89
O2 BMA R . 39.00 -82.16 110.08
O3 BMA R . 41.46 -81.55 109.02
O4 BMA R . 43.19 -82.90 110.89
O5 BMA R . 39.97 -84.58 111.40
O6 BMA R . 41.19 -83.65 113.74
C1 NAG S . 24.45 -23.07 45.30
C2 NAG S . 25.67 -23.93 44.97
C3 NAG S . 26.16 -23.56 43.57
C4 NAG S . 25.07 -23.73 42.54
C5 NAG S . 23.76 -23.08 43.01
C6 NAG S . 22.58 -23.49 42.17
C7 NAG S . 26.73 -24.14 47.22
C8 NAG S . 28.03 -24.01 47.95
N2 NAG S . 26.78 -23.86 45.91
O3 NAG S . 27.29 -24.40 43.29
O4 NAG S . 25.40 -23.12 41.29
O5 NAG S . 23.46 -23.47 44.36
O6 NAG S . 21.36 -23.06 42.75
O7 NAG S . 25.69 -24.49 47.77
C1 NAG S . 26.36 -23.65 40.43
C2 NAG S . 27.69 -22.88 40.56
C3 NAG S . 28.75 -23.55 39.69
C4 NAG S . 28.82 -25.05 39.94
C5 NAG S . 27.44 -25.67 39.74
C6 NAG S . 27.41 -27.14 40.03
C7 NAG S . 27.60 -20.49 41.04
C8 NAG S . 27.69 -19.12 40.45
N2 NAG S . 27.54 -21.50 40.17
O3 NAG S . 30.01 -22.94 39.98
O4 NAG S . 29.75 -25.63 39.02
O5 NAG S . 26.50 -25.04 40.65
O6 NAG S . 27.77 -27.41 41.38
O7 NAG S . 27.58 -20.68 42.26
C1 BMA S . 29.73 -25.28 37.68
C2 BMA S . 30.95 -25.86 37.02
C3 BMA S . 30.99 -25.53 35.54
C4 BMA S . 29.68 -25.91 34.87
C5 BMA S . 28.50 -25.31 35.62
C6 BMA S . 27.16 -25.74 35.07
O2 BMA S . 31.00 -27.27 37.22
O3 BMA S . 32.08 -26.20 34.91
O4 BMA S . 29.67 -25.45 33.52
O5 BMA S . 28.55 -25.73 36.99
O6 BMA S . 27.01 -25.36 33.71
C1 NAG T . -47.40 102.57 1.22
C2 NAG T . -46.79 102.59 -0.18
C3 NAG T . -46.73 104.01 -0.71
C4 NAG T . -48.10 104.68 -0.63
C5 NAG T . -48.63 104.57 0.79
C6 NAG T . -50.02 105.12 0.95
C7 NAG T . -45.25 100.79 -0.76
C8 NAG T . -43.83 100.30 -0.71
N2 NAG T . -45.48 101.98 -0.19
O3 NAG T . -46.26 103.96 -2.05
O4 NAG T . -48.03 106.07 -0.96
O5 NAG T . -48.68 103.19 1.19
O6 NAG T . -50.50 105.00 2.29
O7 NAG T . -46.15 100.14 -1.29
C1 NAG T . -48.01 106.49 -2.29
C2 NAG T . -48.28 108.00 -2.33
C3 NAG T . -48.29 108.49 -3.76
C4 NAG T . -47.03 108.05 -4.52
C5 NAG T . -46.83 106.55 -4.34
C6 NAG T . -45.53 106.07 -4.93
C7 NAG T . -50.75 108.03 -2.02
C8 NAG T . -51.84 108.67 -1.23
N2 NAG T . -49.50 108.34 -1.63
O3 NAG T . -48.41 109.91 -3.74
O4 NAG T . -47.16 108.29 -5.92
O5 NAG T . -46.78 106.23 -2.94
O6 NAG T . -45.36 104.66 -4.74
O7 NAG T . -50.97 107.28 -2.96
C1 BMA T . -47.07 109.56 -6.49
C2 BMA T . -46.99 109.37 -7.99
C3 BMA T . -46.97 110.71 -8.72
C4 BMA T . -48.12 111.58 -8.26
C5 BMA T . -48.11 111.70 -6.74
C6 BMA T . -49.29 112.47 -6.20
O2 BMA T . -48.08 108.56 -8.44
O3 BMA T . -47.04 110.48 -10.13
O4 BMA T . -48.00 112.88 -8.82
O5 BMA T . -48.18 110.38 -6.16
O6 BMA T . -49.29 112.50 -4.78
C1 NAG U . -102.95 77.56 -71.73
C2 NAG U . -101.45 77.67 -71.99
C3 NAG U . -101.16 77.50 -73.48
C4 NAG U . -101.87 76.27 -74.04
C5 NAG U . -103.35 76.30 -73.70
C6 NAG U . -104.08 75.07 -74.15
C7 NAG U . -101.13 80.13 -71.97
C8 NAG U . -100.15 81.19 -71.57
N2 NAG U . -100.89 78.90 -71.49
O3 NAG U . -99.76 77.43 -73.69
O4 NAG U . -101.75 76.25 -75.46
O5 NAG U . -103.51 76.37 -72.27
O6 NAG U . -105.47 75.16 -73.85
O7 NAG U . -102.09 80.37 -72.68
C1 NAG U . -100.78 75.48 -76.07
C2 NAG U . -100.89 75.67 -77.58
C3 NAG U . -99.85 74.83 -78.30
C4 NAG U . -98.46 75.07 -77.75
C5 NAG U . -98.46 74.95 -76.23
C6 NAG U . -97.15 75.32 -75.60
C7 NAG U . -103.07 76.31 -78.48
C8 NAG U . -104.44 75.84 -78.86
N2 NAG U . -102.23 75.36 -78.05
O3 NAG U . -99.93 75.13 -79.68
O4 NAG U . -97.53 74.11 -78.25
O5 NAG U . -99.46 75.83 -75.68
O6 NAG U . -96.09 74.49 -76.07
O7 NAG U . -102.74 77.48 -78.55
C1 BMA U . -97.00 74.14 -79.54
C2 BMA U . -95.88 73.14 -79.60
C3 BMA U . -95.30 73.03 -81.00
C4 BMA U . -96.41 72.79 -82.01
C5 BMA U . -97.50 73.86 -81.87
C6 BMA U . -98.68 73.62 -82.78
O2 BMA U . -96.34 71.87 -79.14
O3 BMA U . -94.35 71.97 -81.05
O4 BMA U . -95.87 72.86 -83.34
O5 BMA U . -98.00 73.83 -80.52
O6 BMA U . -99.69 74.60 -82.57
C1 NAG V . -31.76 20.17 -41.64
C2 NAG V . -31.37 21.47 -42.37
C3 NAG V . -29.96 21.91 -41.98
C4 NAG V . -29.67 21.78 -40.48
C5 NAG V . -29.96 20.35 -40.06
C6 NAG V . -29.73 20.09 -38.59
C7 NAG V . -31.20 20.43 -44.66
C8 NAG V . -30.64 20.78 -46.00
N2 NAG V . -31.35 21.45 -43.81
O3 NAG V . -29.78 23.27 -42.40
O4 NAG V . -28.29 22.07 -40.30
O5 NAG V . -31.37 20.10 -40.29
O6 NAG V . -30.55 20.92 -37.77
O7 NAG V . -31.49 19.27 -44.37
C1 NAG V . -27.83 22.61 -39.09
C2 NAG V . -26.31 22.48 -39.08
C3 NAG V . -25.72 23.16 -37.84
C4 NAG V . -26.28 24.57 -37.66
C5 NAG V . -27.81 24.54 -37.71
C6 NAG V . -28.42 25.91 -37.64
C7 NAG V . -25.33 20.54 -40.21
C8 NAG V . -25.09 21.45 -41.37
N2 NAG V . -25.90 21.10 -39.14
O3 NAG V . -24.31 23.17 -37.97
O4 NAG V . -25.91 25.09 -36.39
O5 NAG V . -28.22 23.96 -38.96
O6 NAG V . -29.84 25.84 -37.68
O7 NAG V . -25.03 19.36 -40.24
C1 BMA V . -24.60 25.48 -36.13
C2 BMA V . -24.22 26.61 -37.06
C3 BMA V . -22.83 27.14 -36.76
C4 BMA V . -22.71 27.48 -35.29
C5 BMA V . -23.12 26.31 -34.41
C6 BMA V . -23.14 26.63 -32.94
O2 BMA V . -25.19 27.66 -36.98
O3 BMA V . -22.57 28.27 -37.56
O4 BMA V . -21.36 27.83 -34.97
O5 BMA V . -24.47 25.91 -34.76
O6 BMA V . -24.04 27.70 -32.66
C1 NAG W . 8.97 -94.52 57.19
C2 NAG W . 10.28 -94.15 57.90
C3 NAG W . 9.97 -93.57 59.28
C4 NAG W . 8.96 -92.43 59.16
C5 NAG W . 7.71 -92.93 58.44
C6 NAG W . 6.69 -91.83 58.22
C7 NAG W . 11.03 -96.38 58.71
C8 NAG W . 12.21 -97.30 58.78
N2 NAG W . 11.19 -95.28 57.97
O3 NAG W . 11.18 -93.13 59.88
O4 NAG W . 8.60 -92.00 60.47
O5 NAG W . 8.09 -93.41 57.14
O6 NAG W . 7.23 -90.76 57.44
O7 NAG W . 9.97 -96.64 59.28
C1 NAG X . 17.26 -67.27 81.36
C2 NAG X . 16.03 -67.04 80.49
C3 NAG X . 16.04 -65.64 79.90
C4 NAG X . 16.27 -64.60 80.98
C5 NAG X . 17.55 -64.93 81.74
C6 NAG X . 17.83 -63.97 82.88
C7 NAG X . 15.02 -69.00 79.42
C8 NAG X . 15.09 -69.95 78.26
N2 NAG X . 15.95 -68.04 79.44
O3 NAG X . 14.82 -65.40 79.22
O4 NAG X . 16.42 -63.32 80.38
O5 NAG X . 17.42 -66.24 82.33
O6 NAG X . 17.98 -62.64 82.41
O7 NAG X . 14.19 -69.11 80.32
C1 NAG Y . 8.04 -60.48 45.16
C2 NAG Y . 8.61 -60.97 43.83
C3 NAG Y . 8.44 -62.48 43.66
C4 NAG Y . 8.82 -63.22 44.93
C5 NAG Y . 7.97 -62.69 46.08
C6 NAG Y . 8.23 -63.41 47.39
C7 NAG Y . 6.90 -59.58 42.74
C8 NAG Y . 5.64 -60.29 42.34
N2 NAG Y . 8.02 -60.31 42.68
O3 NAG Y . 9.24 -62.92 42.56
O4 NAG Y . 8.57 -64.61 44.77
O5 NAG Y . 8.29 -61.30 46.29
O6 NAG Y . 7.42 -62.87 48.44
O7 NAG Y . 6.90 -58.41 43.08
C1 NAG Z . -73.58 79.90 -23.35
C2 NAG Z . -74.58 78.80 -23.04
C3 NAG Z . -75.49 78.74 -24.27
C4 NAG Z . -76.20 80.12 -24.38
C5 NAG Z . -75.26 81.33 -24.35
C6 NAG Z . -76.01 82.67 -24.15
C7 NAG Z . -72.92 76.96 -23.26
C8 NAG Z . -72.36 75.71 -22.60
N2 NAG Z . -73.97 77.52 -22.67
O3 NAG Z . -76.51 77.70 -24.14
O4 NAG Z . -76.80 80.16 -25.67
O5 NAG Z . -74.31 81.18 -23.26
O6 NAG Z . -76.68 82.65 -22.88
O7 NAG Z . -72.43 77.44 -24.29
C1 NAG AA . -80.39 53.62 -45.37
C2 NAG AA . -78.90 53.43 -45.66
C3 NAG AA . -78.21 52.74 -44.47
C4 NAG AA . -78.57 53.42 -43.16
C5 NAG AA . -80.09 53.45 -43.00
C6 NAG AA . -80.54 54.12 -41.74
C7 NAG AA . -79.39 51.91 -47.59
C8 NAG AA . -79.10 51.88 -49.06
N2 NAG AA . -78.58 52.68 -46.86
O3 NAG AA . -76.81 52.75 -44.68
O4 NAG AA . -78.01 52.69 -42.08
O5 NAG AA . -80.65 54.19 -44.10
O6 NAG AA . -81.97 54.11 -41.63
O7 NAG AA . -80.28 51.24 -47.09
C1 NAG BA . -52.57 50.21 -20.29
C2 NAG BA . -53.83 51.05 -20.12
C3 NAG BA . -53.58 52.19 -19.15
C4 NAG BA . -52.96 51.69 -17.85
C5 NAG BA . -51.70 50.90 -18.18
C6 NAG BA . -51.04 50.31 -16.95
C7 NAG BA . -55.40 51.11 -21.99
C8 NAG BA . -55.73 51.72 -23.32
N2 NAG BA . -54.30 51.56 -21.39
O3 NAG BA . -54.81 52.87 -18.89
O4 NAG BA . -52.62 52.80 -17.02
O5 NAG BA . -52.04 49.80 -19.03
O6 NAG BA . -51.91 49.41 -16.28
O7 NAG BA . -56.11 50.24 -21.49
#